data_2JIZ
#
_entry.id   2JIZ
#
_cell.length_a   106.776
_cell.length_b   277.368
_cell.length_c   137.827
_cell.angle_alpha   90.00
_cell.angle_beta   90.19
_cell.angle_gamma   90.00
#
_symmetry.space_group_name_H-M   'P 1 21 1'
#
loop_
_entity.id
_entity.type
_entity.pdbx_description
1 polymer 'ATP SYNTHASE SUBUNIT ALPHA HEART ISOFORM'
2 polymer 'ATP SYNTHASE SUBUNIT BETA'
3 polymer 'ATP SYNTHASE GAMMA CHAIN'
4 non-polymer 'PHOSPHOAMINOPHOSPHONIC ACID-ADENYLATE ESTER'
5 non-polymer 'MAGNESIUM ION'
6 non-polymer GLYCEROL
7 non-polymer "ADENOSINE-5'-DIPHOSPHATE"
8 non-polymer 'AZIDE ION'
9 non-polymer 'PHOSPHATE ION'
10 non-polymer RESVERATROL
11 water water
#
loop_
_entity_poly.entity_id
_entity_poly.type
_entity_poly.pdbx_seq_one_letter_code
_entity_poly.pdbx_strand_id
1 'polypeptide(L)'
;EKTGTAEVSSILEERILGADTSVDLEETGRVLSIGDGIARVHGLRNVQAEEMVEFSSGLKGMSLNLEPDNVGVVVFGNDK
LIKEGDIVKRTGAIVDVPVGEELLGRVVDALGNAIDGKGPIGSKARRRVGLKAPGIIPRISVREPMQTGIKAVDSLVPIG
RGQRELIIGDRQTGKTSIAIDTIINQKRFNDGTDEKKKLYCIYVAIGQKRSTVAQLVKRLTDADAMKYTIVVSATASDAA
PLQYLAPYSGCSMGEYFRDNGKHALIIYDDLSKQAVAYRQMSLLLRRPPGREAYPGDVFYLHSRLLERAAKMNDAFGGGS
LTALPVIETQAGDVSAYIPTNVISITDGQIFLETELFYKGIRPAINVGLSVSRVGSAAQTRAMKQVAGTMKLELAQYREV
AAFAQFGSDLDAATQQLLSRGVRLTELLKQGQYSPMAIEEQVAVIYAGVRGYLDKLEPSKITKFENAFLSHVISQHQALL
SKIRTDGKISEESDAKLKEIVTNFLAGFEA
;
A,B,C,H,I,J
2 'polypeptide(L)'
;AAQASPSPKAGATTGRIVAVIGAVVDVQFDEGLPPILNALEVQGRETRLVLEVAQHLGESTVRTIAMDGTEGLVRGQKVL
DSGAPIRIPVGPETLGRIMNVIGEPIDERGPIKTKQFAAIHAEAPEFVEMSVEQEILVTGIKVVDLLAPYAKGGKIGLFG
GAGVGKTVLIMELINNVAKAHGGYSVFAGVGERTREGNDLYHEMIESGVINLKDATSKVALVYGQMNEPPGARARVALTG
LTVAEYFRDQEGQDVLLFIDNIFRFTQAGSEVSALLGRIPSAVGYQPTLATDMGTMQERITTTKKGSITSVQAIYVPADD
LTDPAPATTFAHLDATTVLSRAIAELGIYPAVDPLDSTSRIMDPNIVGSEHYDVARGVQKILQDYKSLQDIIAILGMDEL
SEEDKLTVSRARKIQRFLSQPFQVAEVFTGHLGKLVPLKETIKGFQQILAGEYDHLPEQAFYMVGPIEEAVAKADKLAEE
HS
;
D,E,F,K,L,M
3 'polypeptide(L)'
;ATLKDITRRLKSIKNIQKITKSMKMVAAAKYARAERELKPARVYGVGSLALYEKADIKTPEDKKKHLIIGVSSDRGLCGA
IHSSVAKQMKSEAANLAAAGKEVKIIGVGDKIRSILHRTHSDQFLVTFKEVGRRPPTFGDASVIALELLNSGYEFDEGSI
IFNRFRSVISYKTEEKPIFSLDTISSAESMSIYDDIDADVLRNYQEYSLANIIYYSLKESTTSEQSARMTAMDNASKNAS
EMIDKLTLTFNRTRQAVITKELIEIISGAAAL
;
G,N
#
# COMPACT_ATOMS: atom_id res chain seq x y z
N ASP A 24 -49.56 16.50 -47.93
CA ASP A 24 -49.95 15.56 -46.84
C ASP A 24 -48.98 14.39 -46.71
N LEU A 25 -48.16 14.43 -45.66
CA LEU A 25 -47.17 13.40 -45.41
C LEU A 25 -47.70 12.33 -44.45
N GLU A 26 -49.01 12.34 -44.23
CA GLU A 26 -49.68 11.28 -43.48
C GLU A 26 -50.17 10.15 -44.40
N GLU A 27 -50.68 10.52 -45.56
CA GLU A 27 -51.24 9.54 -46.49
C GLU A 27 -50.40 9.36 -47.74
N THR A 28 -49.51 10.31 -47.99
CA THR A 28 -48.55 10.20 -49.09
C THR A 28 -47.13 10.37 -48.58
N GLY A 29 -46.15 9.94 -49.38
CA GLY A 29 -44.74 10.15 -49.05
C GLY A 29 -43.92 10.54 -50.28
N ARG A 30 -42.64 10.84 -50.04
CA ARG A 30 -41.70 11.19 -51.12
C ARG A 30 -40.47 10.28 -51.08
N VAL A 31 -40.12 9.69 -52.23
CA VAL A 31 -38.91 8.87 -52.28
C VAL A 31 -37.66 9.71 -51.95
N LEU A 32 -36.99 9.32 -50.86
CA LEU A 32 -35.69 9.88 -50.47
C LEU A 32 -34.57 9.29 -51.32
N SER A 33 -34.59 7.97 -51.45
CA SER A 33 -33.56 7.22 -52.17
C SER A 33 -34.18 5.95 -52.74
N ILE A 34 -33.58 5.43 -53.81
CA ILE A 34 -34.06 4.21 -54.47
C ILE A 34 -32.88 3.49 -55.09
N GLY A 35 -32.80 2.19 -54.83
CA GLY A 35 -31.80 1.34 -55.42
C GLY A 35 -31.97 -0.06 -54.91
N ASP A 36 -31.68 -1.05 -55.75
CA ASP A 36 -31.67 -2.45 -55.34
C ASP A 36 -33.01 -2.91 -54.78
N GLY A 37 -34.10 -2.45 -55.40
CA GLY A 37 -35.47 -2.83 -55.03
C GLY A 37 -35.93 -2.30 -53.68
N ILE A 38 -35.22 -1.31 -53.15
CA ILE A 38 -35.59 -0.67 -51.88
C ILE A 38 -35.73 0.83 -52.14
N ALA A 39 -36.93 1.34 -51.85
CA ALA A 39 -37.19 2.76 -51.83
C ALA A 39 -37.29 3.24 -50.38
N ARG A 40 -36.48 4.24 -50.04
CA ARG A 40 -36.61 4.90 -48.76
C ARG A 40 -37.53 6.09 -48.93
N VAL A 41 -38.64 6.11 -48.20
CA VAL A 41 -39.68 7.10 -48.41
C VAL A 41 -39.85 8.00 -47.19
N HIS A 42 -39.74 9.32 -47.40
CA HIS A 42 -40.16 10.32 -46.43
C HIS A 42 -41.68 10.40 -46.33
N GLY A 43 -42.19 10.57 -45.11
CA GLY A 43 -43.61 10.69 -44.88
C GLY A 43 -44.31 9.35 -44.73
N LEU A 44 -45.49 9.25 -45.34
CA LEU A 44 -46.40 8.11 -45.11
C LEU A 44 -46.52 7.82 -43.61
N ARG A 45 -46.74 8.86 -42.83
CA ARG A 45 -46.85 8.77 -41.37
C ARG A 45 -47.89 7.76 -40.91
N ASN A 46 -48.94 7.57 -41.71
CA ASN A 46 -50.02 6.66 -41.33
C ASN A 46 -49.96 5.26 -41.98
N VAL A 47 -48.87 4.91 -42.68
CA VAL A 47 -48.75 3.53 -43.20
C VAL A 47 -48.72 2.53 -42.08
N GLN A 48 -49.38 1.42 -42.35
CA GLN A 48 -49.32 0.24 -41.50
C GLN A 48 -48.13 -0.57 -41.95
N ALA A 49 -47.59 -1.38 -41.05
CA ALA A 49 -46.50 -2.28 -41.37
C ALA A 49 -47.01 -3.36 -42.33
N GLU A 50 -46.27 -3.56 -43.41
CA GLU A 50 -46.60 -4.52 -44.47
C GLU A 50 -47.76 -4.07 -45.39
N GLU A 51 -48.06 -2.77 -45.38
CA GLU A 51 -49.08 -2.23 -46.27
C GLU A 51 -48.57 -2.01 -47.69
N MET A 52 -49.42 -2.33 -48.68
CA MET A 52 -49.12 -2.04 -50.07
C MET A 52 -49.35 -0.58 -50.40
N VAL A 53 -48.31 0.08 -50.88
CA VAL A 53 -48.38 1.47 -51.31
C VAL A 53 -48.08 1.57 -52.80
N GLU A 54 -48.21 2.77 -53.36
CA GLU A 54 -48.11 2.93 -54.80
C GLU A 54 -47.27 4.12 -55.18
N PHE A 55 -46.31 3.87 -56.08
CA PHE A 55 -45.45 4.91 -56.62
C PHE A 55 -46.13 5.60 -57.78
N SER A 56 -45.67 6.80 -58.12
CA SER A 56 -46.33 7.61 -59.17
C SER A 56 -46.42 6.89 -60.52
N SER A 57 -45.36 6.16 -60.86
CA SER A 57 -45.33 5.32 -62.06
C SER A 57 -46.37 4.20 -62.09
N GLY A 58 -46.94 3.87 -60.93
CA GLY A 58 -47.94 2.80 -60.83
C GLY A 58 -47.39 1.49 -60.26
N LEU A 59 -46.07 1.40 -60.10
CA LEU A 59 -45.48 0.26 -59.42
C LEU A 59 -45.96 0.22 -57.97
N LYS A 60 -46.07 -1.00 -57.44
CA LYS A 60 -46.46 -1.22 -56.07
C LYS A 60 -45.22 -1.47 -55.24
N GLY A 61 -45.35 -1.27 -53.95
CA GLY A 61 -44.29 -1.59 -53.01
C GLY A 61 -44.94 -1.96 -51.70
N MET A 62 -44.23 -2.76 -50.90
CA MET A 62 -44.73 -3.17 -49.59
C MET A 62 -43.85 -2.58 -48.51
N SER A 63 -44.51 -1.99 -47.50
CA SER A 63 -43.84 -1.30 -46.41
C SER A 63 -43.30 -2.25 -45.33
N LEU A 64 -42.07 -2.73 -45.53
CA LEU A 64 -41.47 -3.68 -44.58
C LEU A 64 -40.76 -3.05 -43.37
N ASN A 65 -40.09 -1.91 -43.58
CA ASN A 65 -39.46 -1.21 -42.46
C ASN A 65 -40.17 0.12 -42.18
N LEU A 66 -40.75 0.24 -40.99
CA LEU A 66 -41.26 1.52 -40.53
C LEU A 66 -40.23 2.05 -39.57
N GLU A 67 -39.55 3.13 -39.97
CA GLU A 67 -38.48 3.72 -39.18
C GLU A 67 -38.87 5.16 -38.84
N PRO A 68 -38.23 5.74 -37.80
CA PRO A 68 -38.61 7.10 -37.37
C PRO A 68 -38.68 8.15 -38.48
N ASP A 69 -37.75 8.10 -39.43
CA ASP A 69 -37.61 9.15 -40.44
C ASP A 69 -37.80 8.66 -41.88
N ASN A 70 -38.22 7.41 -42.04
CA ASN A 70 -38.42 6.82 -43.35
C ASN A 70 -39.17 5.50 -43.30
N VAL A 71 -39.80 5.17 -44.43
CA VAL A 71 -40.35 3.84 -44.62
C VAL A 71 -39.49 3.09 -45.66
N GLY A 72 -39.03 1.89 -45.29
CA GLY A 72 -38.36 1.01 -46.24
C GLY A 72 -39.36 0.22 -47.07
N VAL A 73 -39.50 0.60 -48.34
CA VAL A 73 -40.49 0.00 -49.24
C VAL A 73 -39.82 -0.90 -50.27
N VAL A 74 -40.28 -2.14 -50.29
CA VAL A 74 -39.79 -3.18 -51.16
C VAL A 74 -40.56 -3.10 -52.49
N VAL A 75 -39.82 -3.01 -53.61
CA VAL A 75 -40.37 -2.67 -54.93
C VAL A 75 -40.78 -3.89 -55.77
N PHE A 76 -42.03 -3.87 -56.25
CA PHE A 76 -42.63 -4.94 -57.06
C PHE A 76 -42.44 -4.60 -58.53
N GLY A 77 -41.19 -4.64 -58.98
CA GLY A 77 -40.87 -4.37 -60.37
C GLY A 77 -39.51 -3.73 -60.53
N ASN A 78 -39.34 -3.04 -61.64
CA ASN A 78 -38.07 -2.45 -62.02
C ASN A 78 -37.82 -1.11 -61.32
N ASP A 79 -36.62 -0.95 -60.78
CA ASP A 79 -36.22 0.31 -60.16
C ASP A 79 -36.20 1.50 -61.11
N LYS A 80 -35.97 1.25 -62.40
CA LYS A 80 -35.82 2.34 -63.37
C LYS A 80 -36.98 3.35 -63.29
N LEU A 81 -38.16 2.88 -62.89
CA LEU A 81 -39.37 3.69 -62.89
C LEU A 81 -39.57 4.52 -61.63
N ILE A 82 -38.66 4.36 -60.66
CA ILE A 82 -38.73 5.14 -59.42
C ILE A 82 -37.52 6.06 -59.30
N LYS A 83 -37.78 7.35 -59.08
CA LYS A 83 -36.73 8.35 -58.97
C LYS A 83 -36.88 9.12 -57.67
N GLU A 84 -35.78 9.71 -57.21
CA GLU A 84 -35.79 10.56 -56.01
C GLU A 84 -36.90 11.58 -56.15
N GLY A 85 -37.76 11.66 -55.14
CA GLY A 85 -38.80 12.69 -55.11
C GLY A 85 -40.15 12.23 -55.61
N ASP A 86 -40.21 11.03 -56.17
CA ASP A 86 -41.49 10.44 -56.61
C ASP A 86 -42.49 10.33 -55.45
N ILE A 87 -43.74 10.67 -55.75
CA ILE A 87 -44.81 10.61 -54.77
C ILE A 87 -45.24 9.16 -54.56
N VAL A 88 -45.41 8.78 -53.30
CA VAL A 88 -45.81 7.42 -52.91
C VAL A 88 -47.11 7.55 -52.12
N LYS A 89 -48.10 6.71 -52.45
CA LYS A 89 -49.42 6.84 -51.83
C LYS A 89 -49.89 5.59 -51.11
N ARG A 90 -50.59 5.79 -49.99
CA ARG A 90 -51.53 4.79 -49.48
C ARG A 90 -52.78 4.83 -50.38
N THR A 91 -53.38 3.68 -50.67
CA THR A 91 -54.59 3.63 -51.51
C THR A 91 -55.80 2.89 -50.89
N GLY A 92 -55.62 2.37 -49.68
CA GLY A 92 -56.61 1.49 -49.07
C GLY A 92 -56.41 0.08 -49.60
N ALA A 93 -55.21 -0.17 -50.11
CA ALA A 93 -54.80 -1.47 -50.65
C ALA A 93 -54.73 -2.54 -49.56
N ILE A 94 -55.09 -3.75 -49.97
CA ILE A 94 -55.02 -4.90 -49.11
C ILE A 94 -54.37 -6.03 -49.93
N VAL A 95 -53.35 -6.67 -49.35
CA VAL A 95 -52.61 -7.71 -50.06
C VAL A 95 -53.39 -9.01 -50.05
N ASP A 96 -54.27 -9.12 -51.05
CA ASP A 96 -55.13 -10.27 -51.16
C ASP A 96 -55.02 -10.83 -52.56
N VAL A 97 -55.56 -12.03 -52.75
CA VAL A 97 -55.54 -12.70 -54.04
C VAL A 97 -56.93 -13.19 -54.38
N PRO A 98 -57.21 -13.36 -55.69
CA PRO A 98 -58.41 -14.03 -56.12
C PRO A 98 -58.34 -15.48 -55.65
N VAL A 99 -59.51 -16.07 -55.43
CA VAL A 99 -59.65 -17.36 -54.77
C VAL A 99 -60.94 -18.00 -55.31
N GLY A 100 -60.96 -19.33 -55.41
CA GLY A 100 -62.11 -20.07 -55.92
C GLY A 100 -61.75 -21.03 -57.04
N GLU A 101 -62.76 -21.77 -57.51
CA GLU A 101 -62.62 -22.77 -58.59
C GLU A 101 -62.32 -22.14 -59.95
N GLU A 102 -62.55 -20.84 -60.06
CA GLU A 102 -62.28 -20.11 -61.30
C GLU A 102 -60.79 -19.98 -61.60
N LEU A 103 -59.96 -20.32 -60.62
CA LEU A 103 -58.51 -20.37 -60.82
C LEU A 103 -58.06 -21.71 -61.41
N LEU A 104 -58.89 -22.74 -61.30
CA LEU A 104 -58.54 -24.08 -61.81
C LEU A 104 -58.29 -24.02 -63.30
N GLY A 105 -57.22 -24.69 -63.75
CA GLY A 105 -56.83 -24.67 -65.16
C GLY A 105 -56.08 -23.42 -65.58
N ARG A 106 -55.86 -22.49 -64.67
CA ARG A 106 -55.20 -21.24 -65.03
C ARG A 106 -53.76 -21.14 -64.47
N VAL A 107 -52.93 -20.43 -65.22
CA VAL A 107 -51.61 -20.09 -64.75
C VAL A 107 -51.64 -18.61 -64.37
N VAL A 108 -51.34 -18.31 -63.11
CA VAL A 108 -51.31 -16.92 -62.62
C VAL A 108 -49.93 -16.54 -62.06
N ASP A 109 -49.70 -15.24 -61.87
CA ASP A 109 -48.48 -14.77 -61.17
C ASP A 109 -48.68 -14.78 -59.66
N ALA A 110 -47.71 -14.21 -58.92
CA ALA A 110 -47.78 -14.19 -57.45
C ALA A 110 -49.01 -13.45 -56.88
N LEU A 111 -49.61 -12.54 -57.65
CA LEU A 111 -50.75 -11.75 -57.16
C LEU A 111 -52.07 -12.22 -57.74
N GLY A 112 -52.03 -13.36 -58.44
CA GLY A 112 -53.23 -13.96 -59.01
C GLY A 112 -53.60 -13.46 -60.39
N ASN A 113 -52.77 -12.59 -60.98
CA ASN A 113 -53.01 -12.15 -62.37
C ASN A 113 -52.75 -13.28 -63.35
N ALA A 114 -53.68 -13.47 -64.28
CA ALA A 114 -53.52 -14.43 -65.36
C ALA A 114 -52.28 -14.13 -66.19
N ILE A 115 -51.47 -15.15 -66.43
CA ILE A 115 -50.27 -15.02 -67.26
C ILE A 115 -50.28 -16.06 -68.39
N ASP A 116 -51.38 -16.78 -68.51
CA ASP A 116 -51.58 -17.77 -69.58
C ASP A 116 -52.21 -17.19 -70.85
N GLY A 117 -52.49 -15.89 -70.86
CA GLY A 117 -53.10 -15.21 -71.99
C GLY A 117 -54.53 -15.65 -72.30
N LYS A 118 -55.26 -16.13 -71.29
CA LYS A 118 -56.63 -16.61 -71.50
C LYS A 118 -57.69 -15.72 -70.86
N GLY A 119 -57.36 -14.46 -70.64
CA GLY A 119 -58.31 -13.49 -70.13
C GLY A 119 -58.38 -13.42 -68.61
N PRO A 120 -59.28 -12.58 -68.09
CA PRO A 120 -59.36 -12.41 -66.65
C PRO A 120 -59.87 -13.67 -65.96
N ILE A 121 -59.42 -13.87 -64.71
CA ILE A 121 -59.99 -14.88 -63.83
C ILE A 121 -61.41 -14.42 -63.50
N GLY A 122 -62.36 -15.35 -63.50
CA GLY A 122 -63.76 -14.98 -63.25
C GLY A 122 -64.11 -14.92 -61.77
N SER A 123 -63.10 -14.67 -60.95
CA SER A 123 -63.17 -14.82 -59.49
C SER A 123 -64.28 -14.02 -58.82
N LYS A 124 -65.00 -14.68 -57.94
CA LYS A 124 -66.12 -14.06 -57.23
C LYS A 124 -65.78 -13.78 -55.76
N ALA A 125 -64.62 -14.27 -55.32
CA ALA A 125 -64.16 -14.08 -53.95
C ALA A 125 -62.67 -13.82 -53.91
N ARG A 126 -62.21 -13.20 -52.82
CA ARG A 126 -60.80 -12.89 -52.58
C ARG A 126 -60.40 -13.29 -51.15
N ARG A 127 -59.10 -13.35 -50.90
CA ARG A 127 -58.59 -13.75 -49.60
C ARG A 127 -57.20 -13.15 -49.40
N ARG A 128 -56.94 -12.62 -48.20
CA ARG A 128 -55.62 -12.10 -47.86
C ARG A 128 -54.58 -13.21 -47.98
N VAL A 129 -53.39 -12.86 -48.46
CA VAL A 129 -52.29 -13.84 -48.54
C VAL A 129 -51.73 -14.10 -47.15
N GLY A 130 -51.86 -13.10 -46.27
CA GLY A 130 -51.29 -13.18 -44.94
C GLY A 130 -52.40 -13.36 -43.92
N LEU A 131 -52.62 -14.62 -43.54
CA LEU A 131 -53.60 -14.98 -42.52
C LEU A 131 -53.04 -16.05 -41.60
N LYS A 132 -53.58 -16.11 -40.38
CA LYS A 132 -53.13 -17.07 -39.38
C LYS A 132 -53.61 -18.48 -39.72
N ALA A 133 -52.78 -19.46 -39.39
CA ALA A 133 -53.12 -20.88 -39.53
C ALA A 133 -54.21 -21.26 -38.53
N PRO A 134 -55.05 -22.25 -38.88
CA PRO A 134 -55.99 -22.70 -37.86
C PRO A 134 -55.22 -23.12 -36.61
N GLY A 135 -55.76 -22.78 -35.44
CA GLY A 135 -55.16 -23.16 -34.17
C GLY A 135 -55.32 -24.63 -33.88
N ILE A 136 -55.04 -25.00 -32.64
CA ILE A 136 -55.05 -26.39 -32.18
C ILE A 136 -56.46 -27.02 -32.18
N ILE A 137 -57.47 -26.27 -31.75
CA ILE A 137 -58.83 -26.81 -31.55
C ILE A 137 -59.57 -27.24 -32.84
N PRO A 138 -59.59 -26.39 -33.88
CA PRO A 138 -60.39 -26.70 -35.09
C PRO A 138 -59.92 -27.91 -35.90
N ARG A 139 -58.85 -28.56 -35.45
CA ARG A 139 -58.26 -29.67 -36.22
C ARG A 139 -58.66 -31.06 -35.70
N ILE A 140 -58.48 -32.06 -36.56
CA ILE A 140 -58.58 -33.45 -36.15
C ILE A 140 -57.39 -34.23 -36.73
N SER A 141 -57.02 -35.35 -36.10
CA SER A 141 -55.95 -36.23 -36.60
C SER A 141 -55.99 -36.52 -38.09
N VAL A 142 -54.83 -36.44 -38.73
CA VAL A 142 -54.67 -36.77 -40.15
C VAL A 142 -54.92 -38.27 -40.36
N ARG A 143 -55.89 -38.57 -41.24
CA ARG A 143 -56.48 -39.91 -41.35
C ARG A 143 -56.63 -40.37 -42.79
N GLU A 144 -57.01 -39.45 -43.66
CA GLU A 144 -57.36 -39.77 -45.04
C GLU A 144 -56.11 -39.90 -45.92
N PRO A 145 -56.00 -41.00 -46.69
CA PRO A 145 -54.86 -41.11 -47.58
C PRO A 145 -54.79 -39.97 -48.58
N MET A 146 -53.58 -39.46 -48.79
CA MET A 146 -53.27 -38.59 -49.92
C MET A 146 -52.36 -39.42 -50.82
N GLN A 147 -52.96 -40.06 -51.81
CA GLN A 147 -52.28 -41.04 -52.65
C GLN A 147 -51.44 -40.39 -53.77
N THR A 148 -50.12 -40.62 -53.71
CA THR A 148 -49.20 -40.12 -54.74
C THR A 148 -49.26 -40.94 -56.01
N GLY A 149 -49.61 -42.23 -55.87
CA GLY A 149 -49.54 -43.17 -56.97
C GLY A 149 -48.15 -43.74 -57.17
N ILE A 150 -47.19 -43.25 -56.37
CA ILE A 150 -45.79 -43.69 -56.42
C ILE A 150 -45.60 -44.75 -55.34
N LYS A 151 -45.25 -45.97 -55.78
CA LYS A 151 -45.22 -47.15 -54.91
C LYS A 151 -44.42 -46.94 -53.64
N ALA A 152 -43.19 -46.48 -53.81
CA ALA A 152 -42.24 -46.22 -52.73
C ALA A 152 -42.82 -45.32 -51.66
N VAL A 153 -43.55 -44.29 -52.10
CA VAL A 153 -44.09 -43.29 -51.18
C VAL A 153 -45.31 -43.87 -50.47
N ASP A 154 -46.32 -44.26 -51.26
CA ASP A 154 -47.61 -44.69 -50.72
C ASP A 154 -47.44 -45.87 -49.77
N SER A 155 -46.45 -46.70 -50.04
CA SER A 155 -46.16 -47.86 -49.19
C SER A 155 -45.33 -47.50 -47.96
N LEU A 156 -44.17 -46.88 -48.17
CA LEU A 156 -43.17 -46.69 -47.09
C LEU A 156 -43.02 -45.27 -46.57
N VAL A 157 -43.63 -44.30 -47.25
CA VAL A 157 -43.61 -42.92 -46.74
C VAL A 157 -44.98 -42.28 -46.92
N PRO A 158 -46.05 -42.94 -46.41
CA PRO A 158 -47.42 -42.57 -46.76
C PRO A 158 -47.83 -41.19 -46.26
N ILE A 159 -48.58 -40.49 -47.09
CA ILE A 159 -48.97 -39.11 -46.81
C ILE A 159 -50.48 -39.04 -46.59
N GLY A 160 -50.89 -38.33 -45.54
CA GLY A 160 -52.31 -38.12 -45.26
C GLY A 160 -52.78 -36.70 -45.53
N ARG A 161 -54.09 -36.54 -45.73
CA ARG A 161 -54.69 -35.24 -46.02
C ARG A 161 -54.54 -34.29 -44.83
N GLY A 162 -53.83 -33.19 -45.05
CA GLY A 162 -53.52 -32.23 -43.98
C GLY A 162 -52.08 -32.27 -43.54
N GLN A 163 -51.35 -33.26 -44.03
CA GLN A 163 -49.95 -33.43 -43.67
C GLN A 163 -49.06 -32.40 -44.39
N ARG A 164 -47.89 -32.17 -43.81
CA ARG A 164 -46.82 -31.46 -44.51
C ARG A 164 -45.67 -32.46 -44.65
N GLU A 165 -45.37 -32.81 -45.90
CA GLU A 165 -44.34 -33.79 -46.19
C GLU A 165 -43.35 -33.19 -47.18
N LEU A 166 -42.10 -33.10 -46.74
CA LEU A 166 -41.05 -32.41 -47.50
C LEU A 166 -40.43 -33.30 -48.56
N ILE A 167 -40.19 -32.71 -49.72
CA ILE A 167 -39.42 -33.35 -50.76
C ILE A 167 -38.03 -32.66 -50.80
N ILE A 168 -36.99 -33.43 -50.53
CA ILE A 168 -35.68 -32.84 -50.30
C ILE A 168 -34.58 -33.69 -50.97
N GLY A 169 -33.61 -33.00 -51.57
CA GLY A 169 -32.44 -33.64 -52.14
C GLY A 169 -31.71 -32.64 -52.99
N ASP A 170 -30.51 -33.01 -53.43
CA ASP A 170 -29.69 -32.16 -54.29
C ASP A 170 -30.41 -31.84 -55.59
N ARG A 171 -29.85 -30.89 -56.35
CA ARG A 171 -30.32 -30.56 -57.68
C ARG A 171 -30.48 -31.83 -58.54
N GLN A 172 -31.53 -31.87 -59.35
CA GLN A 172 -31.60 -32.84 -60.45
C GLN A 172 -31.70 -34.30 -59.94
N THR A 173 -32.39 -34.50 -58.82
CA THR A 173 -32.52 -35.84 -58.18
C THR A 173 -33.93 -36.41 -58.33
N GLY A 174 -34.85 -35.60 -58.84
CA GLY A 174 -36.19 -36.07 -59.16
C GLY A 174 -37.29 -35.44 -58.33
N LYS A 175 -37.01 -34.30 -57.72
CA LYS A 175 -37.93 -33.74 -56.72
C LYS A 175 -39.24 -33.27 -57.32
N THR A 176 -39.16 -32.43 -58.35
CA THR A 176 -40.37 -31.94 -59.01
C THR A 176 -41.26 -33.08 -59.55
N SER A 177 -40.62 -34.16 -60.00
CA SER A 177 -41.33 -35.29 -60.60
C SER A 177 -42.22 -36.00 -59.59
N ILE A 178 -41.75 -36.10 -58.34
CA ILE A 178 -42.58 -36.67 -57.26
C ILE A 178 -43.92 -35.94 -57.21
N ALA A 179 -43.84 -34.60 -57.17
CA ALA A 179 -45.00 -33.72 -57.09
C ALA A 179 -45.88 -33.81 -58.32
N ILE A 180 -45.27 -33.76 -59.50
CA ILE A 180 -46.02 -33.80 -60.75
C ILE A 180 -46.80 -35.10 -60.87
N ASP A 181 -46.16 -36.23 -60.55
CA ASP A 181 -46.84 -37.53 -60.57
C ASP A 181 -47.97 -37.59 -59.53
N THR A 182 -47.77 -36.92 -58.39
CA THR A 182 -48.82 -36.85 -57.37
C THR A 182 -50.07 -36.09 -57.89
N ILE A 183 -49.82 -34.95 -58.53
CA ILE A 183 -50.89 -34.13 -59.14
C ILE A 183 -51.60 -34.93 -60.25
N ILE A 184 -50.83 -35.56 -61.13
CA ILE A 184 -51.39 -36.40 -62.20
C ILE A 184 -52.28 -37.50 -61.64
N ASN A 185 -51.89 -38.06 -60.50
CA ASN A 185 -52.60 -39.21 -59.91
C ASN A 185 -54.03 -38.90 -59.53
N GLN A 186 -54.31 -37.65 -59.22
CA GLN A 186 -55.60 -37.28 -58.64
C GLN A 186 -56.75 -37.38 -59.64
N LYS A 187 -56.42 -37.40 -60.92
CA LYS A 187 -57.41 -37.49 -61.99
C LYS A 187 -58.35 -38.68 -61.77
N ARG A 188 -57.80 -39.80 -61.31
CA ARG A 188 -58.60 -41.00 -61.06
C ARG A 188 -59.73 -40.76 -60.05
N PHE A 189 -59.53 -39.82 -59.11
CA PHE A 189 -60.54 -39.50 -58.10
C PHE A 189 -61.42 -38.33 -58.53
N ASN A 190 -60.79 -37.32 -59.13
CA ASN A 190 -61.51 -36.13 -59.59
C ASN A 190 -62.47 -36.46 -60.76
N ASP A 191 -62.15 -37.50 -61.52
CA ASP A 191 -63.06 -38.03 -62.55
C ASP A 191 -64.16 -38.91 -61.95
N GLY A 192 -63.89 -39.51 -60.80
CA GLY A 192 -64.85 -40.40 -60.14
C GLY A 192 -66.08 -39.73 -59.58
N THR A 193 -66.84 -40.49 -58.79
CA THR A 193 -68.14 -40.03 -58.28
C THR A 193 -68.12 -39.79 -56.76
N ASP A 194 -66.99 -40.14 -56.13
CA ASP A 194 -66.81 -39.93 -54.69
C ASP A 194 -66.19 -38.56 -54.42
N GLU A 195 -67.00 -37.64 -53.92
CA GLU A 195 -66.58 -36.25 -53.68
C GLU A 195 -65.55 -36.11 -52.56
N LYS A 196 -65.65 -36.99 -51.58
CA LYS A 196 -64.71 -37.09 -50.46
C LYS A 196 -63.27 -37.28 -50.92
N LYS A 197 -63.10 -38.11 -51.95
CA LYS A 197 -61.78 -38.53 -52.43
C LYS A 197 -61.12 -37.53 -53.38
N LYS A 198 -61.86 -36.49 -53.77
CA LYS A 198 -61.36 -35.49 -54.73
C LYS A 198 -60.33 -34.56 -54.11
N LEU A 199 -59.36 -34.15 -54.94
CA LEU A 199 -58.22 -33.37 -54.47
C LEU A 199 -57.74 -32.33 -55.48
N TYR A 200 -57.97 -31.06 -55.15
CA TYR A 200 -57.58 -29.94 -55.99
C TYR A 200 -56.13 -29.59 -55.77
N CYS A 201 -55.44 -29.30 -56.86
CA CYS A 201 -53.98 -29.18 -56.83
C CYS A 201 -53.51 -27.77 -57.13
N ILE A 202 -52.47 -27.37 -56.43
CA ILE A 202 -51.84 -26.07 -56.61
C ILE A 202 -50.34 -26.29 -56.68
N TYR A 203 -49.76 -25.87 -57.79
CA TYR A 203 -48.33 -25.90 -57.96
C TYR A 203 -47.80 -24.47 -57.92
N VAL A 204 -46.99 -24.18 -56.90
CA VAL A 204 -46.31 -22.88 -56.78
C VAL A 204 -44.87 -23.02 -57.26
N ALA A 205 -44.55 -22.29 -58.33
CA ALA A 205 -43.19 -22.19 -58.84
C ALA A 205 -42.57 -20.91 -58.32
N ILE A 206 -41.45 -21.05 -57.61
CA ILE A 206 -40.70 -19.93 -57.08
C ILE A 206 -39.28 -19.95 -57.65
N GLY A 207 -38.93 -18.90 -58.38
CA GLY A 207 -37.58 -18.67 -58.88
C GLY A 207 -37.09 -19.54 -60.02
N GLN A 208 -38.01 -20.33 -60.60
CA GLN A 208 -37.73 -21.16 -61.76
C GLN A 208 -37.69 -20.27 -63.02
N LYS A 209 -37.19 -20.82 -64.13
CA LYS A 209 -37.25 -20.10 -65.40
C LYS A 209 -38.55 -20.41 -66.12
N ARG A 210 -39.05 -19.40 -66.84
CA ARG A 210 -40.36 -19.47 -67.49
C ARG A 210 -40.59 -20.69 -68.37
N SER A 211 -39.59 -21.06 -69.18
CA SER A 211 -39.73 -22.21 -70.10
C SER A 211 -39.84 -23.52 -69.33
N THR A 212 -39.17 -23.61 -68.19
CA THR A 212 -39.35 -24.75 -67.29
C THR A 212 -40.79 -24.87 -66.81
N VAL A 213 -41.38 -23.75 -66.38
CA VAL A 213 -42.77 -23.76 -65.94
C VAL A 213 -43.67 -24.14 -67.14
N ALA A 214 -43.30 -23.66 -68.33
CA ALA A 214 -44.07 -23.94 -69.56
C ALA A 214 -44.08 -25.44 -69.93
N GLN A 215 -42.94 -26.11 -69.73
CA GLN A 215 -42.83 -27.56 -69.95
C GLN A 215 -43.70 -28.31 -68.97
N LEU A 216 -43.61 -27.87 -67.72
CA LEU A 216 -44.41 -28.36 -66.61
C LEU A 216 -45.91 -28.31 -66.92
N VAL A 217 -46.45 -27.13 -67.26
CA VAL A 217 -47.91 -27.08 -67.50
C VAL A 217 -48.34 -27.87 -68.74
N LYS A 218 -47.43 -28.00 -69.71
CA LYS A 218 -47.68 -28.79 -70.90
C LYS A 218 -47.84 -30.25 -70.51
N ARG A 219 -46.98 -30.68 -69.59
CA ARG A 219 -47.04 -32.02 -69.06
C ARG A 219 -48.40 -32.31 -68.41
N LEU A 220 -48.82 -31.40 -67.53
CA LEU A 220 -50.10 -31.54 -66.83
C LEU A 220 -51.28 -31.41 -67.80
N THR A 221 -51.12 -30.59 -68.83
CA THR A 221 -52.15 -30.41 -69.85
C THR A 221 -52.34 -31.72 -70.61
N ASP A 222 -51.24 -32.25 -71.14
CA ASP A 222 -51.23 -33.56 -71.79
C ASP A 222 -51.80 -34.67 -70.92
N ALA A 223 -51.44 -34.66 -69.64
CA ALA A 223 -51.98 -35.63 -68.68
C ALA A 223 -53.43 -35.36 -68.31
N ASP A 224 -53.98 -34.23 -68.77
CA ASP A 224 -55.36 -33.81 -68.47
C ASP A 224 -55.55 -33.54 -66.97
N ALA A 225 -54.47 -33.07 -66.33
CA ALA A 225 -54.48 -32.72 -64.92
C ALA A 225 -54.69 -31.22 -64.68
N MET A 226 -54.51 -30.41 -65.74
CA MET A 226 -54.62 -28.95 -65.61
C MET A 226 -56.01 -28.52 -65.16
N LYS A 227 -57.03 -29.24 -65.61
CA LYS A 227 -58.41 -28.88 -65.29
C LYS A 227 -58.71 -28.75 -63.78
N TYR A 228 -57.91 -29.43 -62.94
CA TYR A 228 -58.08 -29.37 -61.48
C TYR A 228 -56.83 -28.78 -60.77
N THR A 229 -55.98 -28.11 -61.53
CA THR A 229 -54.74 -27.53 -61.00
C THR A 229 -54.66 -26.02 -61.21
N ILE A 230 -54.21 -25.30 -60.18
CA ILE A 230 -53.85 -23.90 -60.31
C ILE A 230 -52.33 -23.83 -60.30
N VAL A 231 -51.76 -23.12 -61.26
CA VAL A 231 -50.33 -22.87 -61.26
C VAL A 231 -50.03 -21.42 -60.85
N VAL A 232 -49.43 -21.26 -59.67
CA VAL A 232 -48.96 -19.95 -59.24
C VAL A 232 -47.47 -19.88 -59.55
N SER A 233 -47.08 -18.91 -60.35
CA SER A 233 -45.71 -18.84 -60.83
C SER A 233 -45.05 -17.48 -60.61
N ALA A 234 -43.98 -17.46 -59.82
CA ALA A 234 -43.13 -16.28 -59.66
C ALA A 234 -41.72 -16.70 -60.04
N THR A 235 -41.38 -16.45 -61.30
CA THR A 235 -40.15 -16.94 -61.89
C THR A 235 -38.95 -16.02 -61.66
N ALA A 236 -37.80 -16.43 -62.20
CA ALA A 236 -36.49 -15.89 -61.87
C ALA A 236 -36.29 -14.41 -62.18
N SER A 237 -37.07 -13.85 -63.09
CA SER A 237 -36.96 -12.42 -63.38
C SER A 237 -38.05 -11.60 -62.69
N ASP A 238 -38.98 -12.26 -61.99
CA ASP A 238 -39.90 -11.54 -61.12
C ASP A 238 -39.10 -11.01 -59.94
N ALA A 239 -39.50 -9.83 -59.46
CA ALA A 239 -38.80 -9.16 -58.38
C ALA A 239 -38.95 -9.98 -57.10
N ALA A 240 -37.96 -9.86 -56.21
CA ALA A 240 -37.92 -10.65 -54.98
C ALA A 240 -39.21 -10.64 -54.12
N PRO A 241 -39.84 -9.47 -53.89
CA PRO A 241 -41.09 -9.51 -53.10
C PRO A 241 -42.18 -10.43 -53.69
N LEU A 242 -42.21 -10.57 -55.01
CA LEU A 242 -43.22 -11.39 -55.67
C LEU A 242 -42.98 -12.86 -55.43
N GLN A 243 -41.71 -13.26 -55.52
CA GLN A 243 -41.26 -14.61 -55.17
C GLN A 243 -41.49 -14.95 -53.71
N TYR A 244 -41.34 -13.94 -52.86
CA TYR A 244 -41.62 -14.00 -51.43
C TYR A 244 -43.10 -14.24 -51.12
N LEU A 245 -44.00 -13.57 -51.85
CA LEU A 245 -45.43 -13.71 -51.63
C LEU A 245 -46.06 -14.97 -52.21
N ALA A 246 -45.49 -15.46 -53.31
CA ALA A 246 -46.14 -16.52 -54.12
C ALA A 246 -46.57 -17.74 -53.33
N PRO A 247 -45.68 -18.30 -52.47
CA PRO A 247 -46.12 -19.42 -51.66
C PRO A 247 -47.37 -19.10 -50.84
N TYR A 248 -47.41 -17.92 -50.21
CA TYR A 248 -48.57 -17.53 -49.38
C TYR A 248 -49.83 -17.32 -50.22
N SER A 249 -49.65 -16.77 -51.42
CA SER A 249 -50.73 -16.58 -52.37
C SER A 249 -51.39 -17.92 -52.73
N GLY A 250 -50.57 -18.88 -53.18
CA GLY A 250 -51.04 -20.21 -53.52
C GLY A 250 -51.68 -20.84 -52.29
N CYS A 251 -51.06 -20.61 -51.13
CA CYS A 251 -51.58 -21.15 -49.88
C CYS A 251 -53.00 -20.66 -49.58
N SER A 252 -53.26 -19.37 -49.77
CA SER A 252 -54.60 -18.84 -49.58
C SER A 252 -55.62 -19.43 -50.55
N MET A 253 -55.20 -19.65 -51.80
CA MET A 253 -56.07 -20.25 -52.82
C MET A 253 -56.44 -21.68 -52.43
N GLY A 254 -55.50 -22.35 -51.75
CA GLY A 254 -55.74 -23.70 -51.23
C GLY A 254 -56.64 -23.72 -50.01
N GLU A 255 -56.58 -22.66 -49.22
CA GLU A 255 -57.40 -22.53 -48.01
C GLU A 255 -58.88 -22.36 -48.32
N TYR A 256 -59.19 -21.73 -49.46
CA TYR A 256 -60.56 -21.73 -49.98
C TYR A 256 -61.18 -23.13 -50.00
N PHE A 257 -60.41 -24.11 -50.46
CA PHE A 257 -60.87 -25.52 -50.50
C PHE A 257 -60.94 -26.12 -49.10
N ARG A 258 -59.87 -25.94 -48.33
CA ARG A 258 -59.79 -26.41 -46.94
C ARG A 258 -61.01 -25.97 -46.13
N ASP A 259 -61.37 -24.68 -46.25
CA ASP A 259 -62.39 -24.05 -45.41
C ASP A 259 -63.84 -24.24 -45.89
N ASN A 260 -64.03 -24.84 -47.06
CA ASN A 260 -65.36 -25.14 -47.59
C ASN A 260 -65.57 -26.64 -47.85
N GLY A 261 -65.09 -27.47 -46.91
CA GLY A 261 -65.35 -28.91 -46.95
C GLY A 261 -64.67 -29.68 -48.06
N LYS A 262 -63.69 -29.07 -48.71
CA LYS A 262 -62.97 -29.74 -49.79
C LYS A 262 -61.50 -29.92 -49.44
N HIS A 263 -60.77 -30.57 -50.33
CA HIS A 263 -59.40 -30.92 -50.06
C HIS A 263 -58.50 -30.40 -51.16
N ALA A 264 -57.39 -29.78 -50.76
CA ALA A 264 -56.41 -29.25 -51.68
C ALA A 264 -55.02 -29.79 -51.32
N LEU A 265 -54.18 -29.89 -52.35
CA LEU A 265 -52.79 -30.25 -52.24
C LEU A 265 -52.03 -29.08 -52.85
N ILE A 266 -51.03 -28.58 -52.13
CA ILE A 266 -50.18 -27.51 -52.62
C ILE A 266 -48.71 -27.94 -52.65
N ILE A 267 -48.04 -27.62 -53.76
CA ILE A 267 -46.62 -27.86 -53.88
C ILE A 267 -45.92 -26.51 -53.92
N TYR A 268 -44.94 -26.32 -53.01
CA TYR A 268 -44.08 -25.14 -53.04
C TYR A 268 -42.73 -25.51 -53.64
N ASP A 269 -42.57 -25.21 -54.94
CA ASP A 269 -41.38 -25.58 -55.70
C ASP A 269 -40.61 -24.33 -56.19
N ASP A 270 -39.65 -23.85 -55.41
CA ASP A 270 -39.26 -24.43 -54.14
C ASP A 270 -38.97 -23.38 -53.06
N LEU A 271 -38.85 -23.84 -51.83
CA LEU A 271 -38.70 -22.96 -50.69
C LEU A 271 -37.27 -22.44 -50.47
N SER A 272 -36.27 -23.13 -51.03
CA SER A 272 -34.89 -22.64 -50.99
C SER A 272 -34.84 -21.32 -51.74
N LYS A 273 -35.46 -21.31 -52.92
CA LYS A 273 -35.54 -20.10 -53.74
C LYS A 273 -36.35 -18.95 -53.08
N GLN A 274 -37.47 -19.28 -52.44
CA GLN A 274 -38.24 -18.26 -51.72
C GLN A 274 -37.41 -17.62 -50.60
N ALA A 275 -36.68 -18.44 -49.85
CA ALA A 275 -35.82 -17.94 -48.75
C ALA A 275 -34.67 -17.07 -49.24
N VAL A 276 -34.08 -17.45 -50.37
CA VAL A 276 -33.08 -16.60 -51.04
C VAL A 276 -33.67 -15.24 -51.37
N ALA A 277 -34.88 -15.21 -51.95
CA ALA A 277 -35.54 -13.95 -52.30
C ALA A 277 -35.74 -13.08 -51.06
N TYR A 278 -36.22 -13.68 -49.98
CA TYR A 278 -36.43 -12.94 -48.71
C TYR A 278 -35.14 -12.41 -48.09
N ARG A 279 -34.07 -13.18 -48.23
CA ARG A 279 -32.75 -12.78 -47.74
C ARG A 279 -32.23 -11.55 -48.46
N GLN A 280 -32.50 -11.49 -49.77
CA GLN A 280 -32.12 -10.33 -50.55
C GLN A 280 -32.79 -9.10 -49.95
N MET A 281 -34.11 -9.18 -49.75
CA MET A 281 -34.87 -8.06 -49.18
C MET A 281 -34.37 -7.69 -47.78
N SER A 282 -34.13 -8.69 -46.95
CA SER A 282 -33.75 -8.42 -45.57
C SER A 282 -32.36 -7.80 -45.50
N LEU A 283 -31.41 -8.34 -46.25
CA LEU A 283 -30.06 -7.78 -46.31
C LEU A 283 -30.06 -6.35 -46.85
N LEU A 284 -30.89 -6.10 -47.86
CA LEU A 284 -30.93 -4.78 -48.47
C LEU A 284 -31.65 -3.74 -47.60
N LEU A 285 -32.59 -4.21 -46.77
CA LEU A 285 -33.18 -3.36 -45.75
C LEU A 285 -32.23 -3.16 -44.58
N ARG A 286 -31.07 -3.81 -44.64
CA ARG A 286 -30.04 -3.73 -43.59
C ARG A 286 -30.50 -4.34 -42.28
N ARG A 287 -31.39 -5.32 -42.38
CA ARG A 287 -31.75 -6.12 -41.24
C ARG A 287 -30.55 -7.02 -40.93
N PRO A 288 -30.35 -7.38 -39.66
CA PRO A 288 -29.15 -8.13 -39.30
C PRO A 288 -29.05 -9.50 -39.98
N PRO A 289 -27.83 -9.88 -40.46
CA PRO A 289 -27.56 -11.20 -41.04
C PRO A 289 -27.08 -12.20 -39.99
N GLY A 290 -27.56 -13.43 -40.12
CA GLY A 290 -27.12 -14.53 -39.28
C GLY A 290 -26.50 -15.62 -40.12
N ARG A 291 -26.77 -16.87 -39.75
CA ARG A 291 -26.14 -18.02 -40.42
C ARG A 291 -26.42 -17.97 -41.91
N GLU A 292 -25.39 -18.16 -42.73
CA GLU A 292 -25.56 -18.14 -44.19
C GLU A 292 -26.21 -16.82 -44.67
N ALA A 293 -25.97 -15.73 -43.92
CA ALA A 293 -26.57 -14.40 -44.15
C ALA A 293 -28.12 -14.30 -44.10
N TYR A 294 -28.81 -15.36 -43.67
CA TYR A 294 -30.28 -15.27 -43.42
C TYR A 294 -30.63 -14.49 -42.13
N PRO A 295 -31.81 -13.84 -42.14
CA PRO A 295 -32.21 -13.11 -40.95
C PRO A 295 -32.81 -14.06 -39.91
N GLY A 296 -32.91 -13.59 -38.66
CA GLY A 296 -33.53 -14.34 -37.58
C GLY A 296 -35.01 -14.69 -37.71
N ASP A 297 -35.70 -14.19 -38.72
CA ASP A 297 -37.11 -14.56 -38.96
C ASP A 297 -37.37 -15.49 -40.15
N VAL A 298 -36.31 -16.06 -40.73
CA VAL A 298 -36.48 -16.97 -41.88
C VAL A 298 -37.11 -18.30 -41.46
N PHE A 299 -36.84 -18.75 -40.23
CA PHE A 299 -37.55 -19.94 -39.73
C PHE A 299 -39.05 -19.62 -39.69
N TYR A 300 -39.37 -18.50 -39.03
CA TYR A 300 -40.72 -17.95 -38.90
C TYR A 300 -41.38 -17.81 -40.28
N LEU A 301 -40.63 -17.30 -41.26
CA LEU A 301 -41.10 -17.24 -42.66
C LEU A 301 -41.80 -18.55 -43.09
N HIS A 302 -41.07 -19.66 -42.93
CA HIS A 302 -41.51 -20.95 -43.42
C HIS A 302 -42.49 -21.65 -42.49
N SER A 303 -42.33 -21.44 -41.18
CA SER A 303 -43.21 -22.10 -40.22
C SER A 303 -44.66 -21.60 -40.31
N ARG A 304 -44.85 -20.29 -40.52
CA ARG A 304 -46.21 -19.76 -40.64
C ARG A 304 -46.89 -20.20 -41.94
N LEU A 305 -46.09 -20.37 -43.00
CA LEU A 305 -46.62 -20.93 -44.25
C LEU A 305 -47.04 -22.37 -44.07
N LEU A 306 -46.16 -23.19 -43.51
CA LEU A 306 -46.42 -24.64 -43.43
C LEU A 306 -47.46 -25.08 -42.38
N GLU A 307 -47.67 -24.27 -41.35
CA GLU A 307 -48.74 -24.56 -40.38
C GLU A 307 -50.16 -24.31 -40.95
N ARG A 308 -50.24 -23.61 -42.08
CA ARG A 308 -51.54 -23.35 -42.71
C ARG A 308 -52.11 -24.58 -43.44
N ALA A 309 -51.25 -25.54 -43.75
CA ALA A 309 -51.71 -26.89 -44.06
C ALA A 309 -52.32 -27.52 -42.81
N ALA A 310 -53.54 -28.02 -42.94
CA ALA A 310 -54.29 -28.50 -41.79
C ALA A 310 -55.36 -29.50 -42.21
N LYS A 311 -55.71 -30.38 -41.30
CA LYS A 311 -56.94 -31.16 -41.44
C LYS A 311 -58.00 -30.58 -40.49
N MET A 312 -59.11 -30.15 -41.06
CA MET A 312 -60.18 -29.50 -40.30
C MET A 312 -61.12 -30.54 -39.71
N ASN A 313 -61.60 -30.28 -38.49
CA ASN A 313 -62.60 -31.16 -37.88
C ASN A 313 -63.95 -31.04 -38.58
N ASP A 314 -64.91 -31.90 -38.21
CA ASP A 314 -66.21 -31.91 -38.87
C ASP A 314 -66.99 -30.62 -38.69
N ALA A 315 -66.89 -30.03 -37.49
CA ALA A 315 -67.52 -28.76 -37.18
C ALA A 315 -67.01 -27.62 -38.07
N PHE A 316 -65.82 -27.79 -38.65
CA PHE A 316 -65.27 -26.83 -39.60
C PHE A 316 -65.35 -27.29 -41.06
N GLY A 317 -66.15 -28.33 -41.31
CA GLY A 317 -66.46 -28.76 -42.67
C GLY A 317 -65.71 -30.00 -43.13
N GLY A 318 -64.68 -30.37 -42.37
CA GLY A 318 -63.91 -31.58 -42.65
C GLY A 318 -62.93 -31.47 -43.81
N GLY A 319 -62.68 -30.26 -44.27
CA GLY A 319 -61.75 -30.06 -45.37
C GLY A 319 -60.30 -30.16 -44.92
N SER A 320 -59.38 -30.01 -45.86
CA SER A 320 -57.96 -30.18 -45.59
C SER A 320 -57.10 -29.49 -46.63
N LEU A 321 -55.88 -29.16 -46.20
CA LEU A 321 -54.86 -28.67 -47.12
C LEU A 321 -53.59 -29.44 -46.79
N THR A 322 -53.11 -30.18 -47.78
CA THR A 322 -51.88 -30.95 -47.67
C THR A 322 -50.81 -30.15 -48.41
N ALA A 323 -49.61 -30.09 -47.84
CA ALA A 323 -48.50 -29.37 -48.47
C ALA A 323 -47.32 -30.26 -48.74
N LEU A 324 -46.76 -30.15 -49.95
CA LEU A 324 -45.50 -30.77 -50.30
C LEU A 324 -44.48 -29.67 -50.64
N PRO A 325 -43.81 -29.10 -49.62
CA PRO A 325 -42.72 -28.15 -49.86
C PRO A 325 -41.54 -28.87 -50.47
N VAL A 326 -40.81 -28.16 -51.31
CA VAL A 326 -39.60 -28.72 -51.90
C VAL A 326 -38.40 -27.94 -51.36
N ILE A 327 -37.34 -28.67 -51.03
CA ILE A 327 -36.06 -28.09 -50.61
C ILE A 327 -34.90 -28.68 -51.42
N GLU A 328 -34.05 -27.80 -51.92
CA GLU A 328 -32.82 -28.22 -52.57
C GLU A 328 -31.65 -28.17 -51.57
N THR A 329 -30.98 -29.31 -51.38
CA THR A 329 -29.76 -29.35 -50.58
C THR A 329 -28.56 -29.17 -51.51
N GLN A 330 -27.42 -28.88 -50.89
CA GLN A 330 -26.16 -28.70 -51.58
C GLN A 330 -25.26 -29.80 -51.08
N ALA A 331 -24.82 -30.66 -52.01
CA ALA A 331 -23.95 -31.80 -51.69
C ALA A 331 -24.47 -32.64 -50.48
N GLY A 332 -25.78 -32.85 -50.42
CA GLY A 332 -26.37 -33.70 -49.39
C GLY A 332 -26.39 -33.14 -47.98
N ASP A 333 -26.16 -31.84 -47.84
CA ASP A 333 -26.13 -31.22 -46.53
C ASP A 333 -27.53 -30.90 -45.99
N VAL A 334 -28.17 -31.93 -45.42
CA VAL A 334 -29.48 -31.79 -44.74
C VAL A 334 -29.42 -30.93 -43.45
N SER A 335 -28.20 -30.61 -43.00
CA SER A 335 -28.00 -29.78 -41.80
C SER A 335 -27.69 -28.30 -42.06
N ALA A 336 -27.77 -27.90 -43.33
CA ALA A 336 -27.60 -26.50 -43.67
C ALA A 336 -28.82 -25.77 -43.12
N TYR A 337 -28.76 -24.44 -43.08
CA TYR A 337 -29.74 -23.67 -42.34
C TYR A 337 -31.19 -23.89 -42.76
N ILE A 338 -31.51 -23.63 -44.03
CA ILE A 338 -32.89 -23.72 -44.51
C ILE A 338 -33.45 -25.17 -44.56
N PRO A 339 -32.64 -26.17 -44.99
CA PRO A 339 -33.12 -27.55 -44.86
C PRO A 339 -33.39 -27.93 -43.41
N THR A 340 -32.53 -27.46 -42.50
CA THR A 340 -32.72 -27.72 -41.06
C THR A 340 -34.09 -27.19 -40.60
N ASN A 341 -34.38 -25.94 -40.95
CA ASN A 341 -35.64 -25.32 -40.60
C ASN A 341 -36.82 -26.12 -41.13
N VAL A 342 -36.81 -26.45 -42.41
CA VAL A 342 -37.98 -27.03 -43.07
C VAL A 342 -38.17 -28.52 -42.75
N ILE A 343 -37.07 -29.23 -42.58
CA ILE A 343 -37.12 -30.60 -42.03
C ILE A 343 -37.81 -30.54 -40.65
N SER A 344 -37.34 -29.63 -39.81
CA SER A 344 -37.90 -29.48 -38.46
C SER A 344 -39.40 -29.11 -38.43
N ILE A 345 -39.82 -28.24 -39.33
CA ILE A 345 -41.22 -27.81 -39.38
C ILE A 345 -42.18 -28.94 -39.82
N THR A 346 -41.72 -29.77 -40.76
CA THR A 346 -42.61 -30.70 -41.46
C THR A 346 -42.91 -31.99 -40.68
N ASP A 347 -43.84 -32.79 -41.22
CA ASP A 347 -44.27 -34.02 -40.57
C ASP A 347 -43.41 -35.19 -40.98
N GLY A 348 -42.50 -34.96 -41.92
CA GLY A 348 -41.68 -36.03 -42.45
C GLY A 348 -41.06 -35.60 -43.74
N GLN A 349 -40.17 -36.43 -44.26
CA GLN A 349 -39.36 -36.05 -45.42
C GLN A 349 -39.18 -37.24 -46.35
N ILE A 350 -39.21 -36.94 -47.65
CA ILE A 350 -38.83 -37.86 -48.70
C ILE A 350 -37.48 -37.39 -49.24
N PHE A 351 -36.43 -38.11 -48.86
CA PHE A 351 -35.06 -37.80 -49.22
C PHE A 351 -34.70 -38.45 -50.57
N LEU A 352 -34.29 -37.65 -51.53
CA LEU A 352 -33.79 -38.16 -52.81
C LEU A 352 -32.28 -38.04 -52.91
N GLU A 353 -31.65 -39.02 -53.55
CA GLU A 353 -30.20 -39.05 -53.61
C GLU A 353 -29.67 -39.29 -55.01
N THR A 354 -28.59 -38.58 -55.36
CA THR A 354 -27.94 -38.73 -56.67
C THR A 354 -27.48 -40.15 -56.98
N GLU A 355 -26.83 -40.79 -56.01
CA GLU A 355 -26.17 -42.06 -56.28
C GLU A 355 -27.18 -43.16 -56.48
N LEU A 356 -28.31 -43.07 -55.77
CA LEU A 356 -29.41 -43.97 -55.97
C LEU A 356 -29.93 -43.82 -57.40
N PHE A 357 -30.06 -42.57 -57.86
CA PHE A 357 -30.55 -42.25 -59.20
C PHE A 357 -29.74 -43.00 -60.26
N TYR A 358 -28.42 -42.77 -60.28
CA TYR A 358 -27.57 -43.37 -61.29
C TYR A 358 -27.38 -44.88 -61.15
N LYS A 359 -27.60 -45.41 -59.94
CA LYS A 359 -27.66 -46.86 -59.71
C LYS A 359 -28.86 -47.52 -60.40
N GLY A 360 -29.85 -46.71 -60.77
CA GLY A 360 -31.07 -47.22 -61.39
C GLY A 360 -32.27 -47.21 -60.46
N ILE A 361 -32.05 -46.74 -59.21
CA ILE A 361 -33.14 -46.58 -58.26
C ILE A 361 -33.87 -45.28 -58.54
N ARG A 362 -34.92 -45.40 -59.35
CA ARG A 362 -35.74 -44.26 -59.76
C ARG A 362 -37.21 -44.65 -59.59
N PRO A 363 -37.97 -43.88 -58.78
CA PRO A 363 -37.59 -42.68 -58.01
C PRO A 363 -36.44 -42.94 -57.03
N ALA A 364 -35.53 -41.96 -56.94
CA ALA A 364 -34.31 -42.06 -56.12
C ALA A 364 -34.53 -41.85 -54.62
N ILE A 365 -35.57 -42.51 -54.10
CA ILE A 365 -35.99 -42.32 -52.71
C ILE A 365 -35.14 -43.18 -51.78
N ASN A 366 -34.48 -42.53 -50.81
CA ASN A 366 -33.79 -43.26 -49.75
C ASN A 366 -34.83 -43.72 -48.76
N VAL A 367 -35.09 -45.01 -48.80
CA VAL A 367 -36.21 -45.58 -48.08
C VAL A 367 -35.84 -45.85 -46.62
N GLY A 368 -34.55 -45.83 -46.32
CA GLY A 368 -34.09 -45.95 -44.93
C GLY A 368 -34.24 -44.65 -44.17
N LEU A 369 -33.86 -43.54 -44.81
CA LEU A 369 -33.95 -42.23 -44.15
C LEU A 369 -35.33 -41.59 -44.22
N SER A 370 -36.03 -41.76 -45.34
CA SER A 370 -37.33 -41.11 -45.55
C SER A 370 -38.30 -41.48 -44.45
N VAL A 371 -39.08 -40.50 -44.00
CA VAL A 371 -39.99 -40.73 -42.89
C VAL A 371 -41.36 -40.04 -43.06
N SER A 372 -42.39 -40.68 -42.53
CA SER A 372 -43.70 -40.07 -42.38
C SER A 372 -44.18 -40.38 -40.98
N ARG A 373 -44.24 -39.35 -40.15
CA ARG A 373 -44.67 -39.52 -38.77
C ARG A 373 -46.16 -39.78 -38.64
N VAL A 374 -46.93 -39.39 -39.66
CA VAL A 374 -48.32 -39.76 -39.76
C VAL A 374 -48.41 -41.29 -39.99
N GLY A 375 -47.62 -41.80 -40.93
CA GLY A 375 -47.44 -43.24 -41.13
C GLY A 375 -48.70 -44.00 -41.48
N SER A 376 -48.91 -45.12 -40.80
CA SER A 376 -50.06 -46.03 -41.02
C SER A 376 -51.43 -45.34 -41.00
N ALA A 377 -51.60 -44.37 -40.11
CA ALA A 377 -52.87 -43.65 -39.98
C ALA A 377 -53.35 -43.09 -41.33
N ALA A 378 -52.41 -42.92 -42.25
CA ALA A 378 -52.68 -42.39 -43.57
C ALA A 378 -52.75 -43.47 -44.66
N GLN A 379 -52.78 -44.75 -44.28
CA GLN A 379 -52.81 -45.85 -45.25
C GLN A 379 -54.11 -46.66 -45.21
N THR A 380 -54.54 -47.13 -46.37
CA THR A 380 -55.66 -48.04 -46.47
C THR A 380 -55.20 -49.42 -45.98
N ARG A 381 -56.14 -50.21 -45.46
CA ARG A 381 -55.83 -51.52 -44.88
C ARG A 381 -54.98 -52.39 -45.80
N ALA A 382 -55.37 -52.49 -47.08
CA ALA A 382 -54.67 -53.31 -48.06
C ALA A 382 -53.19 -52.94 -48.18
N MET A 383 -52.91 -51.65 -48.37
CA MET A 383 -51.53 -51.19 -48.41
C MET A 383 -50.82 -51.44 -47.08
N LYS A 384 -51.48 -51.14 -45.97
CA LYS A 384 -50.89 -51.28 -44.62
C LYS A 384 -50.30 -52.68 -44.42
N GLN A 385 -51.06 -53.70 -44.81
CA GLN A 385 -50.66 -55.10 -44.77
C GLN A 385 -49.26 -55.33 -45.39
N VAL A 386 -49.19 -55.23 -46.71
CA VAL A 386 -47.98 -55.56 -47.47
C VAL A 386 -46.81 -54.60 -47.26
N ALA A 387 -47.13 -53.32 -47.04
CA ALA A 387 -46.12 -52.29 -46.80
C ALA A 387 -45.33 -52.56 -45.52
N GLY A 388 -46.03 -53.02 -44.48
CA GLY A 388 -45.42 -53.40 -43.21
C GLY A 388 -44.42 -54.54 -43.37
N THR A 389 -44.82 -55.57 -44.11
CA THR A 389 -43.96 -56.71 -44.40
C THR A 389 -42.73 -56.26 -45.20
N MET A 390 -42.96 -55.41 -46.20
CA MET A 390 -41.91 -54.90 -47.07
C MET A 390 -40.92 -54.02 -46.32
N LYS A 391 -41.44 -53.14 -45.46
CA LYS A 391 -40.61 -52.27 -44.61
C LYS A 391 -39.62 -53.09 -43.81
N LEU A 392 -40.14 -54.14 -43.16
CA LEU A 392 -39.32 -55.01 -42.32
C LEU A 392 -38.24 -55.77 -43.10
N GLU A 393 -38.65 -56.38 -44.21
CA GLU A 393 -37.73 -57.13 -45.07
C GLU A 393 -36.68 -56.28 -45.78
N LEU A 394 -37.03 -55.02 -46.06
CA LEU A 394 -36.05 -54.07 -46.60
C LEU A 394 -35.04 -53.63 -45.54
N ALA A 395 -35.48 -53.53 -44.29
CA ALA A 395 -34.59 -53.20 -43.18
C ALA A 395 -33.62 -54.35 -42.91
N GLN A 396 -34.12 -55.58 -42.99
CA GLN A 396 -33.29 -56.77 -42.76
C GLN A 396 -32.24 -56.88 -43.86
N TYR A 397 -32.66 -56.57 -45.08
CA TYR A 397 -31.78 -56.48 -46.23
C TYR A 397 -30.66 -55.44 -46.05
N ARG A 398 -31.04 -54.25 -45.60
CA ARG A 398 -30.11 -53.13 -45.40
C ARG A 398 -28.98 -53.43 -44.40
N GLU A 399 -29.29 -54.25 -43.40
CA GLU A 399 -28.31 -54.68 -42.40
C GLU A 399 -27.22 -55.52 -43.03
N VAL A 400 -27.61 -56.31 -44.03
CA VAL A 400 -26.74 -57.28 -44.68
C VAL A 400 -26.23 -56.80 -46.04
N ALA A 401 -26.72 -55.65 -46.50
CA ALA A 401 -26.52 -55.19 -47.88
C ALA A 401 -25.06 -55.15 -48.36
N ALA A 402 -24.15 -54.70 -47.50
CA ALA A 402 -22.73 -54.56 -47.87
C ALA A 402 -22.01 -55.92 -48.03
N PHE A 403 -22.66 -56.99 -47.58
CA PHE A 403 -22.09 -58.34 -47.68
C PHE A 403 -22.65 -59.09 -48.89
N ALA A 404 -23.25 -58.35 -49.82
CA ALA A 404 -23.85 -58.93 -51.03
C ALA A 404 -22.79 -59.22 -52.09
N GLN A 405 -22.09 -58.17 -52.51
CA GLN A 405 -21.08 -58.25 -53.56
C GLN A 405 -19.73 -58.74 -53.00
N PHE A 406 -19.73 -59.14 -51.74
CA PHE A 406 -18.56 -59.71 -51.09
C PHE A 406 -18.95 -60.97 -50.29
N GLY A 407 -20.05 -61.59 -50.72
CA GLY A 407 -20.60 -62.75 -50.03
C GLY A 407 -20.57 -64.00 -50.88
N SER A 408 -19.54 -64.82 -50.67
CA SER A 408 -19.39 -66.10 -51.37
C SER A 408 -19.95 -67.24 -50.52
N ASP A 409 -19.53 -67.26 -49.25
CA ASP A 409 -19.86 -68.35 -48.32
C ASP A 409 -20.79 -67.88 -47.19
N LEU A 410 -21.95 -67.32 -47.57
CA LEU A 410 -22.96 -66.92 -46.60
C LEU A 410 -23.93 -68.07 -46.36
N ASP A 411 -24.48 -68.14 -45.15
CA ASP A 411 -25.48 -69.14 -44.80
C ASP A 411 -26.78 -68.90 -45.56
N ALA A 412 -27.61 -69.93 -45.65
CA ALA A 412 -28.87 -69.88 -46.38
C ALA A 412 -29.75 -68.68 -45.99
N ALA A 413 -29.83 -68.39 -44.70
CA ALA A 413 -30.67 -67.32 -44.17
C ALA A 413 -30.30 -65.95 -44.75
N THR A 414 -29.02 -65.60 -44.66
CA THR A 414 -28.51 -64.32 -45.14
C THR A 414 -28.56 -64.22 -46.67
N GLN A 415 -28.37 -65.36 -47.33
CA GLN A 415 -28.55 -65.47 -48.80
C GLN A 415 -29.98 -65.07 -49.21
N GLN A 416 -30.95 -65.43 -48.38
CA GLN A 416 -32.35 -65.16 -48.66
C GLN A 416 -32.72 -63.69 -48.44
N LEU A 417 -32.19 -63.11 -47.35
CA LEU A 417 -32.44 -61.70 -47.02
C LEU A 417 -32.01 -60.79 -48.16
N LEU A 418 -30.88 -61.15 -48.77
CA LEU A 418 -30.37 -60.43 -49.93
C LEU A 418 -31.28 -60.61 -51.12
N SER A 419 -31.61 -61.86 -51.42
CA SER A 419 -32.51 -62.20 -52.53
C SER A 419 -33.83 -61.44 -52.46
N ARG A 420 -34.47 -61.47 -51.29
CA ARG A 420 -35.72 -60.76 -51.09
C ARG A 420 -35.52 -59.24 -51.22
N GLY A 421 -34.47 -58.72 -50.60
CA GLY A 421 -34.15 -57.31 -50.66
C GLY A 421 -33.99 -56.76 -52.08
N VAL A 422 -33.17 -57.42 -52.89
CA VAL A 422 -32.91 -56.93 -54.26
C VAL A 422 -34.19 -56.90 -55.10
N ARG A 423 -35.08 -57.85 -54.83
CA ARG A 423 -36.33 -57.98 -55.55
C ARG A 423 -37.36 -56.94 -55.10
N LEU A 424 -37.51 -56.74 -53.80
CA LEU A 424 -38.35 -55.67 -53.28
C LEU A 424 -37.86 -54.30 -53.78
N THR A 425 -36.55 -54.09 -53.76
CA THR A 425 -35.95 -52.85 -54.27
C THR A 425 -36.33 -52.62 -55.73
N GLU A 426 -36.22 -53.65 -56.56
CA GLU A 426 -36.61 -53.55 -57.97
C GLU A 426 -38.10 -53.19 -58.13
N LEU A 427 -38.93 -53.66 -57.20
CA LEU A 427 -40.37 -53.39 -57.24
C LEU A 427 -40.72 -51.97 -56.79
N LEU A 428 -39.77 -51.32 -56.11
CA LEU A 428 -39.92 -49.90 -55.74
C LEU A 428 -39.49 -48.94 -56.84
N LYS A 429 -38.84 -49.46 -57.89
CA LYS A 429 -38.58 -48.68 -59.09
C LYS A 429 -39.90 -48.35 -59.79
N GLN A 430 -39.99 -47.15 -60.37
CA GLN A 430 -41.20 -46.75 -61.09
C GLN A 430 -40.88 -45.73 -62.18
N GLY A 431 -41.52 -45.92 -63.34
CA GLY A 431 -41.39 -45.00 -64.45
C GLY A 431 -42.07 -43.70 -64.09
N GLN A 432 -41.70 -42.64 -64.79
CA GLN A 432 -42.27 -41.31 -64.62
C GLN A 432 -43.62 -41.23 -65.33
N TYR A 433 -44.49 -40.36 -64.81
CA TYR A 433 -45.78 -40.02 -65.44
C TYR A 433 -46.80 -41.17 -65.45
N SER A 434 -46.52 -42.22 -64.69
CA SER A 434 -47.44 -43.34 -64.62
C SER A 434 -47.74 -43.75 -63.17
N PRO A 435 -48.47 -42.88 -62.43
CA PRO A 435 -48.88 -43.18 -61.06
C PRO A 435 -49.93 -44.29 -61.02
N MET A 436 -49.91 -45.09 -59.95
CA MET A 436 -50.72 -46.30 -59.87
C MET A 436 -51.85 -46.22 -58.84
N ALA A 437 -52.99 -46.78 -59.21
CA ALA A 437 -54.08 -47.06 -58.27
C ALA A 437 -53.52 -47.90 -57.14
N ILE A 438 -54.05 -47.69 -55.93
CA ILE A 438 -53.47 -48.34 -54.73
C ILE A 438 -53.53 -49.87 -54.80
N GLU A 439 -54.59 -50.41 -55.43
CA GLU A 439 -54.77 -51.85 -55.54
C GLU A 439 -53.81 -52.49 -56.55
N GLU A 440 -53.44 -51.74 -57.59
CA GLU A 440 -52.40 -52.15 -58.49
C GLU A 440 -51.06 -52.18 -57.74
N GLN A 441 -50.81 -51.15 -56.90
CA GLN A 441 -49.61 -51.12 -56.07
C GLN A 441 -49.52 -52.34 -55.14
N VAL A 442 -50.61 -52.64 -54.42
CA VAL A 442 -50.56 -53.78 -53.49
C VAL A 442 -50.35 -55.12 -54.21
N ALA A 443 -50.89 -55.25 -55.43
CA ALA A 443 -50.80 -56.53 -56.16
C ALA A 443 -49.37 -56.79 -56.61
N VAL A 444 -48.69 -55.72 -57.04
CA VAL A 444 -47.27 -55.75 -57.37
C VAL A 444 -46.40 -56.09 -56.16
N ILE A 445 -46.64 -55.42 -55.05
CA ILE A 445 -45.87 -55.63 -53.81
C ILE A 445 -46.09 -57.03 -53.24
N TYR A 446 -47.33 -57.52 -53.36
CA TYR A 446 -47.69 -58.89 -53.00
C TYR A 446 -46.76 -59.92 -53.65
N ALA A 447 -46.58 -59.81 -54.95
CA ALA A 447 -45.74 -60.75 -55.69
C ALA A 447 -44.34 -60.85 -55.08
N GLY A 448 -43.84 -59.72 -54.61
CA GLY A 448 -42.52 -59.65 -53.99
C GLY A 448 -42.50 -60.18 -52.56
N VAL A 449 -43.41 -59.69 -51.73
CA VAL A 449 -43.38 -60.04 -50.30
C VAL A 449 -43.80 -61.48 -50.05
N ARG A 450 -44.50 -62.08 -51.01
CA ARG A 450 -44.91 -63.48 -50.89
C ARG A 450 -43.92 -64.44 -51.55
N GLY A 451 -42.80 -63.91 -52.01
CA GLY A 451 -41.68 -64.73 -52.46
C GLY A 451 -41.71 -65.21 -53.89
N TYR A 452 -42.75 -64.83 -54.63
CA TYR A 452 -42.95 -65.37 -55.99
C TYR A 452 -41.84 -65.02 -56.97
N LEU A 453 -41.16 -63.91 -56.73
CA LEU A 453 -40.09 -63.44 -57.62
C LEU A 453 -38.69 -63.77 -57.13
N ASP A 454 -38.59 -64.52 -56.02
CA ASP A 454 -37.30 -64.82 -55.37
C ASP A 454 -36.29 -65.56 -56.25
N LYS A 455 -36.80 -66.29 -57.24
CA LYS A 455 -35.95 -67.05 -58.16
C LYS A 455 -35.88 -66.41 -59.56
N LEU A 456 -36.53 -65.25 -59.70
CA LEU A 456 -36.45 -64.47 -60.92
C LEU A 456 -35.19 -63.61 -60.89
N GLU A 457 -34.45 -63.60 -62.00
CA GLU A 457 -33.25 -62.78 -62.13
C GLU A 457 -33.65 -61.30 -62.02
N PRO A 458 -32.98 -60.55 -61.12
CA PRO A 458 -33.39 -59.21 -60.75
C PRO A 458 -33.51 -58.22 -61.90
N SER A 459 -32.68 -58.40 -62.93
CA SER A 459 -32.69 -57.50 -64.09
C SER A 459 -34.00 -57.57 -64.88
N LYS A 460 -34.78 -58.62 -64.64
CA LYS A 460 -36.02 -58.90 -65.35
C LYS A 460 -37.26 -58.41 -64.63
N ILE A 461 -37.10 -57.97 -63.37
CA ILE A 461 -38.23 -57.61 -62.52
C ILE A 461 -39.11 -56.50 -63.12
N THR A 462 -38.49 -55.39 -63.55
CA THR A 462 -39.27 -54.26 -64.10
C THR A 462 -40.07 -54.71 -65.31
N LYS A 463 -39.49 -55.59 -66.11
CA LYS A 463 -40.17 -56.19 -67.27
C LYS A 463 -41.32 -57.08 -66.83
N PHE A 464 -41.09 -57.87 -65.78
CA PHE A 464 -42.13 -58.75 -65.24
C PHE A 464 -43.31 -57.94 -64.74
N GLU A 465 -43.03 -56.91 -63.94
CA GLU A 465 -44.06 -56.07 -63.35
C GLU A 465 -44.94 -55.40 -64.40
N ASN A 466 -44.30 -54.79 -65.38
CA ASN A 466 -45.02 -54.05 -66.42
C ASN A 466 -46.00 -54.95 -67.15
N ALA A 467 -45.54 -56.15 -67.50
CA ALA A 467 -46.35 -57.14 -68.18
C ALA A 467 -47.41 -57.76 -67.27
N PHE A 468 -47.01 -58.08 -66.05
CA PHE A 468 -47.90 -58.63 -65.03
C PHE A 468 -49.06 -57.69 -64.75
N LEU A 469 -48.74 -56.42 -64.55
CA LEU A 469 -49.72 -55.37 -64.28
C LEU A 469 -50.66 -55.18 -65.46
N SER A 470 -50.10 -55.13 -66.68
CA SER A 470 -50.91 -55.05 -67.89
C SER A 470 -51.92 -56.18 -67.92
N HIS A 471 -51.49 -57.36 -67.51
CA HIS A 471 -52.35 -58.54 -67.56
C HIS A 471 -53.45 -58.51 -66.53
N VAL A 472 -53.12 -58.18 -65.28
CA VAL A 472 -54.16 -58.14 -64.24
C VAL A 472 -55.18 -57.03 -64.51
N ILE A 473 -54.70 -55.88 -65.01
CA ILE A 473 -55.60 -54.78 -65.41
C ILE A 473 -56.58 -55.23 -66.52
N SER A 474 -56.06 -55.97 -67.49
CA SER A 474 -56.85 -56.40 -68.62
C SER A 474 -57.81 -57.54 -68.27
N GLN A 475 -57.25 -58.63 -67.75
CA GLN A 475 -58.03 -59.85 -67.54
C GLN A 475 -58.63 -59.98 -66.13
N HIS A 476 -58.10 -59.21 -65.17
CA HIS A 476 -58.51 -59.39 -63.78
C HIS A 476 -58.95 -58.11 -63.08
N GLN A 477 -59.85 -57.38 -63.73
CA GLN A 477 -60.41 -56.16 -63.15
C GLN A 477 -61.17 -56.49 -61.87
N ALA A 478 -61.91 -57.61 -61.90
CA ALA A 478 -62.69 -58.09 -60.74
C ALA A 478 -61.83 -58.30 -59.50
N LEU A 479 -60.64 -58.86 -59.69
CA LEU A 479 -59.72 -59.12 -58.60
C LEU A 479 -59.24 -57.81 -57.99
N LEU A 480 -58.87 -56.86 -58.85
CA LEU A 480 -58.39 -55.57 -58.41
C LEU A 480 -59.49 -54.82 -57.67
N SER A 481 -60.70 -54.88 -58.22
CA SER A 481 -61.91 -54.38 -57.57
C SER A 481 -62.02 -54.88 -56.14
N LYS A 482 -61.87 -56.18 -55.94
CA LYS A 482 -62.04 -56.79 -54.62
C LYS A 482 -60.96 -56.40 -53.62
N ILE A 483 -59.73 -56.22 -54.10
CA ILE A 483 -58.64 -55.73 -53.25
C ILE A 483 -58.94 -54.30 -52.74
N ARG A 484 -59.57 -53.51 -53.59
CA ARG A 484 -59.96 -52.15 -53.25
C ARG A 484 -61.15 -52.13 -52.29
N THR A 485 -62.20 -52.88 -52.61
CA THR A 485 -63.45 -52.88 -51.87
C THR A 485 -63.35 -53.53 -50.49
N ASP A 486 -62.74 -54.72 -50.43
CA ASP A 486 -62.65 -55.52 -49.20
C ASP A 486 -61.80 -54.85 -48.13
N GLY A 487 -61.07 -53.81 -48.52
CA GLY A 487 -60.21 -53.07 -47.61
C GLY A 487 -58.84 -53.72 -47.52
N LYS A 488 -58.84 -55.05 -47.47
CA LYS A 488 -57.63 -55.86 -47.32
C LYS A 488 -57.46 -56.86 -48.49
N ILE A 489 -56.67 -57.91 -48.25
CA ILE A 489 -56.54 -59.05 -49.17
C ILE A 489 -57.13 -60.29 -48.49
N SER A 490 -58.27 -60.73 -48.97
CA SER A 490 -58.98 -61.88 -48.37
C SER A 490 -58.33 -63.23 -48.73
N GLU A 491 -58.87 -64.31 -48.17
CA GLU A 491 -58.41 -65.67 -48.49
C GLU A 491 -58.63 -65.98 -49.97
N GLU A 492 -59.71 -65.45 -50.52
CA GLU A 492 -60.06 -65.63 -51.93
C GLU A 492 -59.10 -64.87 -52.87
N SER A 493 -58.92 -63.58 -52.63
CA SER A 493 -57.96 -62.74 -53.38
C SER A 493 -56.56 -63.33 -53.32
N ASP A 494 -56.21 -63.89 -52.17
CA ASP A 494 -54.92 -64.53 -51.96
C ASP A 494 -54.78 -65.79 -52.83
N ALA A 495 -55.85 -66.58 -52.91
CA ALA A 495 -55.83 -67.78 -53.73
C ALA A 495 -55.81 -67.46 -55.24
N LYS A 496 -56.41 -66.34 -55.61
CA LYS A 496 -56.49 -65.90 -56.99
C LYS A 496 -55.11 -65.48 -57.49
N LEU A 497 -54.48 -64.60 -56.70
CA LEU A 497 -53.17 -64.05 -56.97
C LEU A 497 -52.11 -65.14 -57.02
N LYS A 498 -52.18 -66.09 -56.09
CA LYS A 498 -51.25 -67.22 -56.10
C LYS A 498 -51.24 -67.89 -57.48
N GLU A 499 -52.42 -68.10 -58.04
CA GLU A 499 -52.55 -68.84 -59.28
C GLU A 499 -52.29 -67.99 -60.53
N ILE A 500 -52.68 -66.71 -60.49
CA ILE A 500 -52.28 -65.77 -61.55
C ILE A 500 -50.76 -65.66 -61.60
N VAL A 501 -50.13 -65.42 -60.45
CA VAL A 501 -48.68 -65.14 -60.39
C VAL A 501 -47.83 -66.31 -60.83
N THR A 502 -48.08 -67.48 -60.25
CA THR A 502 -47.26 -68.68 -60.52
C THR A 502 -47.34 -69.15 -61.97
N ASN A 503 -48.54 -69.06 -62.54
CA ASN A 503 -48.78 -69.44 -63.92
C ASN A 503 -48.19 -68.41 -64.88
N PHE A 504 -48.39 -67.13 -64.57
CA PHE A 504 -47.86 -66.02 -65.37
C PHE A 504 -46.34 -66.06 -65.36
N LEU A 505 -45.77 -66.34 -64.20
CA LEU A 505 -44.32 -66.34 -64.01
C LEU A 505 -43.64 -67.44 -64.83
N ALA A 506 -44.24 -68.62 -64.84
CA ALA A 506 -43.72 -69.75 -65.59
C ALA A 506 -43.82 -69.47 -67.09
N GLY A 507 -44.85 -68.74 -67.49
CA GLY A 507 -44.99 -68.29 -68.89
C GLY A 507 -43.93 -67.27 -69.24
N PHE A 508 -43.66 -66.37 -68.30
CA PHE A 508 -42.67 -65.30 -68.44
C PHE A 508 -41.27 -65.86 -68.65
N GLU A 509 -40.94 -66.90 -67.89
CA GLU A 509 -39.63 -67.54 -67.94
C GLU A 509 -39.53 -68.67 -68.97
N ALA A 510 -40.60 -68.90 -69.72
CA ALA A 510 -40.65 -69.99 -70.70
C ALA A 510 -39.70 -69.76 -71.90
N VAL B 23 -26.79 16.89 -10.50
CA VAL B 23 -26.15 18.24 -10.41
C VAL B 23 -24.61 18.19 -10.38
N ASP B 24 -24.05 17.02 -10.10
CA ASP B 24 -22.60 16.86 -10.03
C ASP B 24 -22.09 15.83 -11.05
N LEU B 25 -21.83 16.26 -12.27
CA LEU B 25 -21.42 15.37 -13.33
C LEU B 25 -19.92 14.98 -13.27
N GLU B 26 -19.25 15.46 -12.23
CA GLU B 26 -17.85 15.08 -11.99
C GLU B 26 -17.73 13.79 -11.19
N GLU B 27 -18.51 13.68 -10.10
CA GLU B 27 -18.51 12.49 -9.25
C GLU B 27 -19.72 11.57 -9.52
N THR B 28 -20.57 11.99 -10.44
CA THR B 28 -21.87 11.38 -10.64
C THR B 28 -22.20 11.38 -12.12
N GLY B 29 -22.98 10.39 -12.55
CA GLY B 29 -23.48 10.33 -13.90
C GLY B 29 -24.93 9.87 -13.96
N ARG B 30 -25.47 9.85 -15.17
CA ARG B 30 -26.83 9.36 -15.43
C ARG B 30 -26.78 8.40 -16.61
N VAL B 31 -27.56 7.33 -16.55
CA VAL B 31 -27.54 6.33 -17.62
C VAL B 31 -28.17 6.88 -18.90
N LEU B 32 -27.39 6.86 -19.98
CA LEU B 32 -27.86 7.24 -21.31
C LEU B 32 -28.61 6.11 -22.01
N SER B 33 -28.06 4.90 -21.94
CA SER B 33 -28.66 3.71 -22.54
C SER B 33 -28.11 2.44 -21.90
N ILE B 34 -28.88 1.35 -22.03
CA ILE B 34 -28.59 0.07 -21.42
C ILE B 34 -29.35 -1.03 -22.17
N GLY B 35 -28.65 -2.12 -22.50
CA GLY B 35 -29.34 -3.26 -23.11
C GLY B 35 -28.52 -4.27 -23.88
N ASP B 36 -27.22 -4.00 -23.99
CA ASP B 36 -26.26 -4.97 -24.51
C ASP B 36 -25.32 -5.44 -23.40
N GLY B 37 -25.80 -5.37 -22.16
CA GLY B 37 -24.96 -5.70 -21.01
C GLY B 37 -23.97 -4.59 -20.67
N ILE B 38 -24.03 -3.52 -21.46
CA ILE B 38 -23.20 -2.33 -21.24
C ILE B 38 -24.07 -1.12 -20.99
N ALA B 39 -23.74 -0.38 -19.93
CA ALA B 39 -24.45 0.84 -19.62
C ALA B 39 -23.63 2.01 -20.12
N ARG B 40 -24.24 2.86 -20.94
CA ARG B 40 -23.60 4.09 -21.39
C ARG B 40 -24.01 5.20 -20.44
N VAL B 41 -23.02 5.89 -19.89
CA VAL B 41 -23.25 6.85 -18.82
C VAL B 41 -22.68 8.21 -19.14
N HIS B 42 -23.56 9.21 -19.10
CA HIS B 42 -23.21 10.62 -19.22
C HIS B 42 -22.62 11.11 -17.91
N GLY B 43 -21.63 11.98 -18.01
CA GLY B 43 -20.97 12.57 -16.84
C GLY B 43 -19.85 11.70 -16.31
N LEU B 44 -19.82 11.54 -14.98
CA LEU B 44 -18.75 10.80 -14.31
C LEU B 44 -17.38 11.31 -14.79
N ARG B 45 -17.24 12.64 -14.86
CA ARG B 45 -16.10 13.26 -15.51
C ARG B 45 -14.78 12.91 -14.84
N ASN B 46 -14.83 12.64 -13.54
CA ASN B 46 -13.63 12.35 -12.76
C ASN B 46 -13.33 10.86 -12.54
N VAL B 47 -14.13 9.93 -13.11
CA VAL B 47 -13.82 8.49 -12.96
C VAL B 47 -12.51 8.11 -13.55
N GLN B 48 -11.93 7.08 -12.96
CA GLN B 48 -10.74 6.46 -13.46
C GLN B 48 -11.17 5.28 -14.31
N ALA B 49 -10.31 4.91 -15.27
CA ALA B 49 -10.44 3.63 -15.96
C ALA B 49 -10.36 2.50 -14.94
N GLU B 50 -11.31 1.56 -15.05
CA GLU B 50 -11.40 0.37 -14.17
C GLU B 50 -11.79 0.70 -12.71
N GLU B 51 -12.32 1.90 -12.49
CA GLU B 51 -12.89 2.27 -11.21
C GLU B 51 -14.25 1.61 -11.04
N MET B 52 -14.53 1.10 -9.85
CA MET B 52 -15.87 0.60 -9.55
C MET B 52 -16.83 1.79 -9.40
N VAL B 53 -18.02 1.64 -9.98
CA VAL B 53 -19.09 2.60 -9.81
C VAL B 53 -20.31 1.91 -9.21
N GLU B 54 -21.26 2.69 -8.71
CA GLU B 54 -22.44 2.15 -8.05
C GLU B 54 -23.72 2.71 -8.67
N PHE B 55 -24.63 1.82 -9.05
CA PHE B 55 -25.92 2.21 -9.59
C PHE B 55 -26.93 2.45 -8.48
N SER B 56 -27.91 3.33 -8.73
CA SER B 56 -28.93 3.69 -7.73
C SER B 56 -29.67 2.47 -7.18
N SER B 57 -29.82 1.44 -8.00
CA SER B 57 -30.45 0.19 -7.58
C SER B 57 -29.52 -0.72 -6.74
N GLY B 58 -28.33 -0.23 -6.42
CA GLY B 58 -27.37 -0.96 -5.59
C GLY B 58 -26.37 -1.81 -6.36
N LEU B 59 -26.64 -2.01 -7.66
CA LEU B 59 -25.71 -2.72 -8.55
C LEU B 59 -24.38 -2.02 -8.68
N LYS B 60 -23.31 -2.81 -8.77
CA LYS B 60 -21.98 -2.30 -9.04
C LYS B 60 -21.61 -2.52 -10.50
N GLY B 61 -20.77 -1.63 -11.01
CA GLY B 61 -20.22 -1.75 -12.35
C GLY B 61 -18.78 -1.27 -12.40
N MET B 62 -18.09 -1.59 -13.50
CA MET B 62 -16.72 -1.15 -13.74
C MET B 62 -16.67 -0.23 -14.95
N SER B 63 -16.06 0.95 -14.74
CA SER B 63 -15.70 1.88 -15.80
C SER B 63 -14.74 1.21 -16.77
N LEU B 64 -15.22 0.89 -17.96
CA LEU B 64 -14.39 0.22 -18.94
C LEU B 64 -13.86 1.19 -19.99
N ASN B 65 -14.80 1.86 -20.66
CA ASN B 65 -14.55 2.73 -21.79
C ASN B 65 -14.72 4.18 -21.34
N LEU B 66 -13.62 4.92 -21.26
CA LEU B 66 -13.71 6.37 -21.00
C LEU B 66 -13.72 7.11 -22.33
N GLU B 67 -14.90 7.56 -22.74
CA GLU B 67 -15.03 8.24 -24.02
C GLU B 67 -15.32 9.75 -23.83
N PRO B 68 -15.05 10.58 -24.86
CA PRO B 68 -15.22 12.03 -24.67
C PRO B 68 -16.61 12.47 -24.20
N ASP B 69 -17.66 11.70 -24.50
CA ASP B 69 -19.04 12.07 -24.17
C ASP B 69 -19.85 11.03 -23.38
N ASN B 70 -19.22 9.90 -23.07
CA ASN B 70 -19.82 8.88 -22.22
C ASN B 70 -18.77 8.03 -21.48
N VAL B 71 -19.23 7.29 -20.47
CA VAL B 71 -18.47 6.22 -19.86
C VAL B 71 -19.22 4.90 -20.12
N GLY B 72 -18.51 3.88 -20.58
CA GLY B 72 -19.07 2.55 -20.79
C GLY B 72 -18.81 1.69 -19.56
N VAL B 73 -19.87 1.19 -18.93
CA VAL B 73 -19.76 0.47 -17.67
C VAL B 73 -20.18 -1.00 -17.82
N VAL B 74 -19.27 -1.90 -17.49
CA VAL B 74 -19.58 -3.32 -17.37
C VAL B 74 -20.36 -3.52 -16.05
N VAL B 75 -21.48 -4.23 -16.14
CA VAL B 75 -22.41 -4.37 -15.01
C VAL B 75 -22.22 -5.70 -14.32
N PHE B 76 -21.97 -5.65 -13.02
CA PHE B 76 -21.73 -6.88 -12.26
C PHE B 76 -23.04 -7.38 -11.63
N GLY B 77 -23.97 -7.76 -12.50
CA GLY B 77 -25.28 -8.27 -12.09
C GLY B 77 -26.26 -8.05 -13.23
N ASN B 78 -27.54 -8.14 -12.89
CA ASN B 78 -28.62 -8.07 -13.86
C ASN B 78 -28.87 -6.66 -14.41
N ASP B 79 -28.64 -6.44 -15.70
CA ASP B 79 -28.78 -5.08 -16.27
C ASP B 79 -30.21 -4.63 -16.52
N LYS B 80 -31.16 -5.55 -16.43
CA LYS B 80 -32.60 -5.22 -16.30
C LYS B 80 -32.89 -4.25 -15.15
N LEU B 81 -32.09 -4.35 -14.09
CA LEU B 81 -32.24 -3.50 -12.91
C LEU B 81 -31.78 -2.07 -13.14
N ILE B 82 -31.46 -1.73 -14.39
CA ILE B 82 -30.93 -0.40 -14.74
C ILE B 82 -31.76 0.25 -15.84
N LYS B 83 -32.11 1.52 -15.65
CA LYS B 83 -32.91 2.25 -16.64
C LYS B 83 -32.21 3.52 -17.12
N GLU B 84 -32.55 3.96 -18.33
CA GLU B 84 -32.17 5.30 -18.78
C GLU B 84 -32.55 6.32 -17.70
N GLY B 85 -31.61 7.17 -17.35
CA GLY B 85 -31.85 8.21 -16.36
C GLY B 85 -31.37 7.87 -14.96
N ASP B 86 -31.07 6.59 -14.72
CA ASP B 86 -30.56 6.14 -13.42
C ASP B 86 -29.28 6.87 -13.01
N ILE B 87 -29.18 7.20 -11.73
CA ILE B 87 -27.98 7.84 -11.18
C ILE B 87 -26.88 6.81 -10.93
N VAL B 88 -25.67 7.14 -11.37
CA VAL B 88 -24.46 6.32 -11.18
C VAL B 88 -23.46 7.17 -10.40
N LYS B 89 -22.85 6.59 -9.37
CA LYS B 89 -21.90 7.29 -8.50
C LYS B 89 -20.54 6.60 -8.50
N ARG B 90 -19.48 7.41 -8.39
CA ARG B 90 -18.13 6.94 -8.22
C ARG B 90 -17.91 6.30 -6.84
N THR B 91 -17.03 5.30 -6.78
CA THR B 91 -16.53 4.81 -5.49
C THR B 91 -15.15 5.39 -5.19
N GLY B 92 -14.45 5.84 -6.22
CA GLY B 92 -13.06 6.29 -6.08
C GLY B 92 -12.08 5.12 -6.15
N ALA B 93 -12.61 3.90 -6.20
CA ALA B 93 -11.79 2.69 -6.06
C ALA B 93 -11.73 1.83 -7.30
N ILE B 94 -10.51 1.61 -7.82
CA ILE B 94 -10.29 0.60 -8.86
C ILE B 94 -10.85 -0.74 -8.34
N VAL B 95 -11.56 -1.48 -9.19
CA VAL B 95 -12.20 -2.73 -8.76
C VAL B 95 -11.29 -3.52 -7.81
N ASP B 96 -11.79 -3.76 -6.60
CA ASP B 96 -11.07 -4.54 -5.61
C ASP B 96 -12.00 -5.49 -4.88
N VAL B 97 -11.43 -6.35 -4.03
CA VAL B 97 -12.24 -7.28 -3.22
C VAL B 97 -11.76 -7.35 -1.77
N PRO B 98 -12.65 -7.79 -0.86
CA PRO B 98 -12.19 -8.08 0.51
C PRO B 98 -11.23 -9.26 0.48
N VAL B 99 -10.26 -9.23 1.39
CA VAL B 99 -9.15 -10.17 1.39
C VAL B 99 -8.81 -10.42 2.86
N GLY B 100 -8.23 -11.59 3.17
CA GLY B 100 -7.85 -11.92 4.54
C GLY B 100 -8.46 -13.21 5.04
N GLU B 101 -8.11 -13.57 6.26
CA GLU B 101 -8.46 -14.90 6.80
C GLU B 101 -9.92 -15.02 7.20
N GLU B 102 -10.60 -13.88 7.34
CA GLU B 102 -12.03 -13.86 7.65
C GLU B 102 -12.90 -14.46 6.55
N LEU B 103 -12.35 -14.63 5.36
CA LEU B 103 -13.06 -15.26 4.25
C LEU B 103 -13.08 -16.78 4.38
N LEU B 104 -12.13 -17.32 5.15
CA LEU B 104 -12.03 -18.76 5.34
C LEU B 104 -13.32 -19.26 5.91
N GLY B 105 -13.80 -20.39 5.40
CA GLY B 105 -15.07 -20.95 5.85
C GLY B 105 -16.30 -20.30 5.25
N ARG B 106 -16.09 -19.27 4.44
CA ARG B 106 -17.22 -18.53 3.85
C ARG B 106 -17.43 -18.87 2.39
N VAL B 107 -18.66 -18.68 1.93
CA VAL B 107 -19.01 -18.74 0.51
C VAL B 107 -19.43 -17.32 0.13
N VAL B 108 -18.74 -16.76 -0.88
CA VAL B 108 -19.00 -15.41 -1.36
C VAL B 108 -19.33 -15.40 -2.88
N ASP B 109 -19.92 -14.32 -3.36
CA ASP B 109 -20.09 -14.11 -4.79
C ASP B 109 -18.81 -13.45 -5.35
N ALA B 110 -18.78 -13.16 -6.65
CA ALA B 110 -17.58 -12.62 -7.30
C ALA B 110 -17.10 -11.26 -6.76
N LEU B 111 -18.00 -10.52 -6.10
CA LEU B 111 -17.65 -9.23 -5.54
C LEU B 111 -17.21 -9.36 -4.08
N GLY B 112 -17.31 -10.58 -3.54
CA GLY B 112 -16.87 -10.87 -2.19
C GLY B 112 -17.96 -10.69 -1.14
N ASN B 113 -19.21 -10.54 -1.58
CA ASN B 113 -20.34 -10.49 -0.66
C ASN B 113 -20.71 -11.90 -0.26
N ALA B 114 -20.93 -12.12 1.04
CA ALA B 114 -21.42 -13.40 1.55
C ALA B 114 -22.75 -13.81 0.95
N ILE B 115 -22.84 -15.09 0.59
CA ILE B 115 -24.08 -15.64 0.05
C ILE B 115 -24.49 -16.89 0.83
N ASP B 116 -23.80 -17.11 1.95
CA ASP B 116 -24.04 -18.31 2.79
C ASP B 116 -24.99 -18.02 3.97
N GLY B 117 -25.49 -16.78 4.03
CA GLY B 117 -26.41 -16.38 5.10
C GLY B 117 -25.79 -16.30 6.50
N LYS B 118 -24.47 -16.34 6.58
CA LYS B 118 -23.78 -16.27 7.88
C LYS B 118 -23.33 -14.85 8.27
N GLY B 119 -24.00 -13.85 7.72
CA GLY B 119 -23.71 -12.46 8.04
C GLY B 119 -22.53 -11.88 7.28
N PRO B 120 -22.07 -10.69 7.69
CA PRO B 120 -20.98 -9.99 7.01
C PRO B 120 -19.63 -10.67 7.16
N ILE B 121 -18.81 -10.59 6.11
CA ILE B 121 -17.40 -10.93 6.21
C ILE B 121 -16.80 -9.83 7.09
N GLY B 122 -16.06 -10.21 8.11
CA GLY B 122 -15.46 -9.19 8.96
C GLY B 122 -14.09 -8.80 8.44
N SER B 123 -14.03 -8.51 7.14
CA SER B 123 -12.76 -8.25 6.47
C SER B 123 -12.22 -6.86 6.74
N LYS B 124 -10.90 -6.78 6.89
CA LYS B 124 -10.22 -5.55 7.25
C LYS B 124 -9.32 -5.03 6.13
N ALA B 125 -8.98 -5.91 5.19
CA ALA B 125 -8.15 -5.52 4.05
C ALA B 125 -8.91 -5.73 2.73
N ARG B 126 -8.45 -5.03 1.70
CA ARG B 126 -8.97 -5.18 0.36
C ARG B 126 -7.81 -5.24 -0.63
N ARG B 127 -8.08 -5.77 -1.81
CA ARG B 127 -7.03 -5.97 -2.79
C ARG B 127 -7.61 -5.86 -4.20
N ARG B 128 -6.96 -5.08 -5.07
CA ARG B 128 -7.39 -4.97 -6.47
C ARG B 128 -7.46 -6.31 -7.16
N VAL B 129 -8.50 -6.51 -7.97
CA VAL B 129 -8.67 -7.78 -8.70
C VAL B 129 -7.73 -7.90 -9.90
N GLY B 130 -7.12 -6.78 -10.29
CA GLY B 130 -6.34 -6.72 -11.53
C GLY B 130 -4.84 -6.50 -11.40
N LEU B 131 -4.31 -6.67 -10.20
CA LEU B 131 -2.88 -6.52 -9.95
C LEU B 131 -2.01 -7.46 -10.79
N LYS B 132 -0.89 -6.92 -11.28
CA LYS B 132 0.06 -7.63 -12.12
C LYS B 132 0.79 -8.69 -11.30
N ALA B 133 1.03 -9.84 -11.94
CA ALA B 133 1.78 -10.93 -11.34
C ALA B 133 3.17 -10.46 -10.93
N PRO B 134 3.73 -11.02 -9.85
CA PRO B 134 5.12 -10.68 -9.48
C PRO B 134 6.07 -10.90 -10.66
N GLY B 135 7.09 -10.05 -10.76
CA GLY B 135 8.10 -10.20 -11.79
C GLY B 135 9.12 -11.30 -11.53
N ILE B 136 10.28 -11.16 -12.16
CA ILE B 136 11.34 -12.17 -12.12
C ILE B 136 11.97 -12.32 -10.75
N ILE B 137 12.45 -11.22 -10.19
CA ILE B 137 13.30 -11.26 -9.00
C ILE B 137 12.66 -11.88 -7.73
N PRO B 138 11.37 -11.59 -7.44
CA PRO B 138 10.79 -12.06 -6.17
C PRO B 138 10.53 -13.56 -6.10
N ARG B 139 10.73 -14.29 -7.19
CA ARG B 139 10.38 -15.71 -7.27
C ARG B 139 11.55 -16.67 -7.06
N ILE B 140 11.21 -17.94 -6.85
CA ILE B 140 12.19 -19.03 -6.86
C ILE B 140 11.46 -20.27 -7.34
N SER B 141 12.18 -21.20 -7.97
CA SER B 141 11.57 -22.45 -8.44
C SER B 141 10.85 -23.17 -7.31
N VAL B 142 9.72 -23.79 -7.65
CA VAL B 142 8.90 -24.53 -6.69
C VAL B 142 9.71 -25.68 -6.10
N ARG B 143 9.51 -25.93 -4.82
CA ARG B 143 10.41 -26.80 -4.06
C ARG B 143 9.75 -27.49 -2.90
N GLU B 144 8.55 -27.04 -2.53
CA GLU B 144 7.76 -27.70 -1.49
C GLU B 144 6.60 -28.45 -2.15
N PRO B 145 6.33 -29.69 -1.70
CA PRO B 145 5.23 -30.49 -2.21
C PRO B 145 3.87 -29.84 -1.97
N MET B 146 3.04 -29.85 -3.00
CA MET B 146 1.62 -29.62 -2.84
C MET B 146 1.00 -31.01 -3.02
N GLN B 147 0.64 -31.64 -1.91
CA GLN B 147 0.18 -33.02 -1.92
C GLN B 147 -1.30 -33.09 -2.19
N THR B 148 -1.69 -33.87 -3.20
CA THR B 148 -3.10 -34.06 -3.54
C THR B 148 -3.70 -35.18 -2.71
N GLY B 149 -2.86 -36.11 -2.26
CA GLY B 149 -3.33 -37.32 -1.58
C GLY B 149 -3.80 -38.36 -2.59
N ILE B 150 -3.60 -38.06 -3.87
CA ILE B 150 -4.00 -38.94 -4.97
C ILE B 150 -2.77 -39.65 -5.53
N LYS B 151 -2.73 -40.97 -5.33
CA LYS B 151 -1.54 -41.78 -5.68
C LYS B 151 -0.97 -41.46 -7.07
N ALA B 152 -1.84 -41.46 -8.07
CA ALA B 152 -1.43 -41.27 -9.46
C ALA B 152 -0.86 -39.89 -9.73
N VAL B 153 -1.38 -38.86 -9.06
CA VAL B 153 -0.86 -37.49 -9.21
C VAL B 153 0.43 -37.30 -8.41
N ASP B 154 0.41 -37.63 -7.10
CA ASP B 154 1.60 -37.43 -6.27
C ASP B 154 2.83 -38.26 -6.68
N SER B 155 2.62 -39.42 -7.28
CA SER B 155 3.71 -40.23 -7.82
C SER B 155 4.14 -39.82 -9.25
N LEU B 156 3.18 -39.75 -10.16
CA LEU B 156 3.50 -39.57 -11.58
C LEU B 156 3.53 -38.13 -12.08
N VAL B 157 2.74 -37.26 -11.45
CA VAL B 157 2.60 -35.87 -11.88
C VAL B 157 2.72 -34.93 -10.69
N PRO B 158 3.87 -34.95 -9.97
CA PRO B 158 3.91 -34.25 -8.67
C PRO B 158 3.80 -32.73 -8.80
N ILE B 159 3.06 -32.12 -7.90
CA ILE B 159 2.82 -30.68 -7.95
C ILE B 159 3.59 -29.97 -6.83
N GLY B 160 4.28 -28.90 -7.19
CA GLY B 160 4.98 -28.08 -6.20
C GLY B 160 4.17 -26.85 -5.86
N ARG B 161 4.47 -26.27 -4.68
CA ARG B 161 3.78 -25.06 -4.22
C ARG B 161 4.29 -23.84 -4.99
N GLY B 162 3.35 -23.18 -5.69
CA GLY B 162 3.64 -22.03 -6.55
C GLY B 162 3.45 -22.36 -8.02
N GLN B 163 3.26 -23.64 -8.30
CA GLN B 163 3.11 -24.19 -9.67
C GLN B 163 1.70 -23.97 -10.19
N ARG B 164 1.59 -23.87 -11.51
CA ARG B 164 0.30 -23.92 -12.19
C ARG B 164 0.14 -25.27 -12.88
N GLU B 165 -0.87 -26.06 -12.50
CA GLU B 165 -1.04 -27.37 -13.12
C GLU B 165 -2.45 -27.55 -13.66
N LEU B 166 -2.55 -27.65 -14.98
CA LEU B 166 -3.85 -27.75 -15.63
C LEU B 166 -4.49 -29.12 -15.37
N ILE B 167 -5.80 -29.10 -15.11
CA ILE B 167 -6.62 -30.31 -15.11
C ILE B 167 -7.56 -30.19 -16.30
N ILE B 168 -7.41 -31.09 -17.27
CA ILE B 168 -8.07 -30.96 -18.54
C ILE B 168 -8.68 -32.30 -18.97
N GLY B 169 -9.88 -32.27 -19.51
CA GLY B 169 -10.54 -33.44 -20.09
C GLY B 169 -12.00 -33.16 -20.41
N ASP B 170 -12.66 -34.11 -21.07
CA ASP B 170 -14.08 -33.98 -21.43
C ASP B 170 -14.97 -33.81 -20.19
N ARG B 171 -16.22 -33.43 -20.41
CA ARG B 171 -17.22 -33.37 -19.34
C ARG B 171 -17.31 -34.71 -18.60
N GLN B 172 -17.52 -34.67 -17.29
CA GLN B 172 -17.72 -35.89 -16.47
C GLN B 172 -16.58 -36.90 -16.60
N THR B 173 -15.35 -36.42 -16.51
CA THR B 173 -14.19 -37.31 -16.51
C THR B 173 -13.47 -37.39 -15.15
N GLY B 174 -13.98 -36.68 -14.14
CA GLY B 174 -13.38 -36.66 -12.79
C GLY B 174 -12.54 -35.43 -12.42
N LYS B 175 -12.68 -34.35 -13.19
CA LYS B 175 -11.79 -33.18 -13.05
C LYS B 175 -11.94 -32.49 -11.70
N THR B 176 -13.17 -32.19 -11.32
CA THR B 176 -13.45 -31.49 -10.06
C THR B 176 -13.04 -32.33 -8.85
N SER B 177 -13.29 -33.64 -8.94
CA SER B 177 -12.91 -34.58 -7.89
C SER B 177 -11.42 -34.55 -7.53
N ILE B 178 -10.55 -34.41 -8.53
CA ILE B 178 -9.13 -34.21 -8.31
C ILE B 178 -8.96 -33.01 -7.38
N ALA B 179 -9.61 -31.90 -7.75
CA ALA B 179 -9.51 -30.66 -7.00
C ALA B 179 -10.08 -30.81 -5.59
N ILE B 180 -11.18 -31.55 -5.47
CA ILE B 180 -11.89 -31.70 -4.18
C ILE B 180 -11.14 -32.60 -3.20
N ASP B 181 -10.60 -33.71 -3.70
CA ASP B 181 -9.68 -34.53 -2.91
C ASP B 181 -8.41 -33.76 -2.47
N THR B 182 -7.86 -32.94 -3.35
CA THR B 182 -6.72 -32.09 -2.98
C THR B 182 -7.04 -31.18 -1.79
N ILE B 183 -8.21 -30.51 -1.85
CA ILE B 183 -8.62 -29.60 -0.78
C ILE B 183 -8.81 -30.36 0.53
N ILE B 184 -9.51 -31.49 0.45
CA ILE B 184 -9.78 -32.35 1.60
C ILE B 184 -8.48 -32.87 2.22
N ASN B 185 -7.52 -33.21 1.37
CA ASN B 185 -6.21 -33.67 1.83
C ASN B 185 -5.46 -32.71 2.77
N GLN B 186 -5.71 -31.40 2.66
CA GLN B 186 -4.94 -30.41 3.43
C GLN B 186 -5.27 -30.36 4.93
N LYS B 187 -6.34 -31.02 5.35
CA LYS B 187 -6.69 -31.08 6.76
C LYS B 187 -5.54 -31.59 7.64
N ARG B 188 -4.81 -32.61 7.15
CA ARG B 188 -3.72 -33.22 7.91
C ARG B 188 -2.66 -32.20 8.34
N PHE B 189 -2.32 -31.29 7.43
CA PHE B 189 -1.36 -30.22 7.70
C PHE B 189 -1.99 -29.07 8.49
N ASN B 190 -3.19 -28.66 8.09
CA ASN B 190 -3.85 -27.51 8.71
C ASN B 190 -4.25 -27.76 10.17
N ASP B 191 -4.52 -29.02 10.51
CA ASP B 191 -4.76 -29.43 11.89
C ASP B 191 -3.48 -29.58 12.73
N GLY B 192 -2.33 -29.26 12.14
CA GLY B 192 -1.05 -29.14 12.89
C GLY B 192 -0.83 -27.70 13.30
N THR B 193 0.39 -27.37 13.72
CA THR B 193 0.76 -25.98 14.07
C THR B 193 1.98 -25.48 13.28
N ASP B 194 2.66 -26.41 12.59
CA ASP B 194 3.71 -26.09 11.62
C ASP B 194 3.07 -25.30 10.49
N GLU B 195 3.20 -23.98 10.57
CA GLU B 195 2.51 -23.07 9.64
C GLU B 195 3.06 -23.09 8.20
N LYS B 196 4.24 -23.69 8.03
CA LYS B 196 4.91 -23.74 6.73
C LYS B 196 4.32 -24.85 5.86
N LYS B 197 3.74 -25.86 6.49
CA LYS B 197 3.14 -26.99 5.80
C LYS B 197 1.66 -26.74 5.52
N LYS B 198 1.12 -25.68 6.12
CA LYS B 198 -0.31 -25.39 5.97
C LYS B 198 -0.61 -24.91 4.56
N LEU B 199 -1.86 -25.14 4.13
CA LEU B 199 -2.30 -24.76 2.80
C LEU B 199 -3.77 -24.34 2.84
N TYR B 200 -4.00 -23.05 2.60
CA TYR B 200 -5.33 -22.48 2.57
C TYR B 200 -5.90 -22.61 1.17
N CYS B 201 -7.19 -22.94 1.08
CA CYS B 201 -7.77 -23.27 -0.21
C CYS B 201 -8.83 -22.28 -0.65
N ILE B 202 -8.90 -22.08 -1.97
CA ILE B 202 -9.87 -21.22 -2.62
C ILE B 202 -10.44 -22.02 -3.80
N TYR B 203 -11.75 -22.17 -3.83
CA TYR B 203 -12.43 -22.84 -4.92
C TYR B 203 -13.28 -21.80 -5.64
N VAL B 204 -12.93 -21.51 -6.89
CA VAL B 204 -13.74 -20.58 -7.69
C VAL B 204 -14.64 -21.38 -8.62
N ALA B 205 -15.95 -21.28 -8.39
CA ALA B 205 -16.94 -21.91 -9.26
C ALA B 205 -17.38 -20.90 -10.32
N ILE B 206 -17.14 -21.24 -11.59
CA ILE B 206 -17.56 -20.36 -12.70
C ILE B 206 -18.49 -21.10 -13.66
N GLY B 207 -19.73 -20.64 -13.70
CA GLY B 207 -20.70 -21.12 -14.67
C GLY B 207 -21.31 -22.48 -14.38
N GLN B 208 -20.97 -23.05 -13.22
CA GLN B 208 -21.56 -24.30 -12.72
C GLN B 208 -23.02 -24.11 -12.33
N LYS B 209 -23.72 -25.21 -12.08
CA LYS B 209 -24.99 -25.15 -11.36
C LYS B 209 -24.76 -24.74 -9.91
N ARG B 210 -25.66 -23.91 -9.40
CA ARG B 210 -25.62 -23.51 -8.00
C ARG B 210 -25.83 -24.67 -7.02
N SER B 211 -26.66 -25.66 -7.41
CA SER B 211 -26.85 -26.85 -6.57
C SER B 211 -25.57 -27.64 -6.40
N THR B 212 -24.76 -27.68 -7.46
CA THR B 212 -23.47 -28.37 -7.45
C THR B 212 -22.53 -27.74 -6.42
N VAL B 213 -22.49 -26.40 -6.41
CA VAL B 213 -21.66 -25.66 -5.47
C VAL B 213 -22.12 -25.88 -4.03
N ALA B 214 -23.43 -25.77 -3.81
CA ALA B 214 -24.04 -26.02 -2.49
C ALA B 214 -23.76 -27.43 -2.01
N GLN B 215 -23.87 -28.42 -2.90
CA GLN B 215 -23.57 -29.80 -2.54
C GLN B 215 -22.10 -29.96 -2.19
N LEU B 216 -21.27 -29.24 -2.92
CA LEU B 216 -19.84 -29.23 -2.74
C LEU B 216 -19.39 -28.63 -1.39
N VAL B 217 -19.98 -27.51 -0.94
CA VAL B 217 -19.58 -26.96 0.38
C VAL B 217 -20.11 -27.81 1.54
N LYS B 218 -21.24 -28.49 1.32
CA LYS B 218 -21.74 -29.50 2.26
C LYS B 218 -20.72 -30.64 2.41
N ARG B 219 -20.25 -31.13 1.27
CA ARG B 219 -19.18 -32.14 1.21
C ARG B 219 -17.93 -31.68 1.96
N LEU B 220 -17.53 -30.42 1.74
CA LEU B 220 -16.36 -29.86 2.41
C LEU B 220 -16.59 -29.64 3.91
N THR B 221 -17.79 -29.21 4.28
CA THR B 221 -18.14 -29.05 5.69
C THR B 221 -18.06 -30.41 6.39
N ASP B 222 -18.68 -31.42 5.79
CA ASP B 222 -18.64 -32.80 6.31
C ASP B 222 -17.21 -33.29 6.51
N ALA B 223 -16.35 -33.06 5.52
CA ALA B 223 -14.93 -33.44 5.62
C ALA B 223 -14.14 -32.57 6.61
N ASP B 224 -14.78 -31.53 7.14
CA ASP B 224 -14.16 -30.49 7.97
C ASP B 224 -13.04 -29.74 7.23
N ALA B 225 -13.24 -29.58 5.93
CA ALA B 225 -12.29 -28.86 5.07
C ALA B 225 -12.71 -27.42 4.82
N MET B 226 -13.98 -27.11 5.09
CA MET B 226 -14.52 -25.78 4.79
C MET B 226 -13.91 -24.67 5.64
N LYS B 227 -13.39 -25.04 6.82
CA LYS B 227 -12.79 -24.07 7.74
C LYS B 227 -11.56 -23.35 7.18
N TYR B 228 -10.89 -23.98 6.22
CA TYR B 228 -9.66 -23.43 5.63
C TYR B 228 -9.82 -23.18 4.13
N THR B 229 -11.08 -23.06 3.69
CA THR B 229 -11.42 -22.88 2.29
C THR B 229 -12.32 -21.65 2.09
N ILE B 230 -11.99 -20.87 1.07
CA ILE B 230 -12.87 -19.80 0.61
C ILE B 230 -13.48 -20.29 -0.70
N VAL B 231 -14.79 -20.14 -0.82
CA VAL B 231 -15.48 -20.53 -2.03
C VAL B 231 -16.03 -19.26 -2.69
N VAL B 232 -15.55 -18.96 -3.89
CA VAL B 232 -16.07 -17.85 -4.69
C VAL B 232 -17.03 -18.44 -5.73
N SER B 233 -18.24 -17.88 -5.85
CA SER B 233 -19.27 -18.51 -6.68
C SER B 233 -19.97 -17.55 -7.65
N ALA B 234 -19.76 -17.78 -8.94
CA ALA B 234 -20.48 -17.08 -10.00
C ALA B 234 -20.97 -18.15 -10.94
N THR B 235 -22.23 -18.51 -10.76
CA THR B 235 -22.78 -19.72 -11.34
C THR B 235 -23.60 -19.46 -12.61
N ALA B 236 -24.20 -20.53 -13.13
CA ALA B 236 -24.85 -20.52 -14.46
C ALA B 236 -25.88 -19.41 -14.69
N SER B 237 -26.55 -18.95 -13.63
CA SER B 237 -27.55 -17.85 -13.79
C SER B 237 -27.00 -16.48 -13.39
N ASP B 238 -25.73 -16.41 -13.00
CA ASP B 238 -25.07 -15.14 -12.73
C ASP B 238 -24.64 -14.51 -14.05
N ALA B 239 -24.85 -13.19 -14.14
CA ALA B 239 -24.45 -12.41 -15.32
C ALA B 239 -23.02 -12.74 -15.73
N ALA B 240 -22.78 -12.80 -17.04
CA ALA B 240 -21.44 -13.07 -17.60
C ALA B 240 -20.27 -12.30 -16.98
N PRO B 241 -20.41 -10.96 -16.77
CA PRO B 241 -19.37 -10.21 -16.05
C PRO B 241 -19.03 -10.72 -14.65
N LEU B 242 -19.99 -11.30 -13.94
CA LEU B 242 -19.67 -11.87 -12.63
C LEU B 242 -18.79 -13.13 -12.79
N GLN B 243 -19.14 -14.00 -13.74
CA GLN B 243 -18.34 -15.18 -14.09
C GLN B 243 -16.95 -14.79 -14.60
N TYR B 244 -16.91 -13.79 -15.48
CA TYR B 244 -15.67 -13.19 -15.91
C TYR B 244 -14.80 -12.78 -14.68
N LEU B 245 -15.40 -12.07 -13.75
CA LEU B 245 -14.68 -11.45 -12.63
C LEU B 245 -14.15 -12.45 -11.61
N ALA B 246 -14.95 -13.48 -11.37
CA ALA B 246 -14.77 -14.39 -10.23
C ALA B 246 -13.33 -14.96 -10.05
N PRO B 247 -12.68 -15.47 -11.12
CA PRO B 247 -11.30 -15.97 -11.00
C PRO B 247 -10.33 -14.95 -10.42
N TYR B 248 -10.39 -13.70 -10.94
CA TYR B 248 -9.56 -12.60 -10.44
C TYR B 248 -9.80 -12.24 -8.97
N SER B 249 -11.06 -12.18 -8.56
CA SER B 249 -11.42 -11.95 -7.16
C SER B 249 -10.82 -13.04 -6.27
N GLY B 250 -11.07 -14.30 -6.67
CA GLY B 250 -10.49 -15.46 -5.98
C GLY B 250 -8.98 -15.40 -5.93
N CYS B 251 -8.36 -15.03 -7.04
CA CYS B 251 -6.90 -14.90 -7.11
C CYS B 251 -6.37 -13.84 -6.13
N SER B 252 -7.01 -12.68 -6.06
CA SER B 252 -6.61 -11.65 -5.09
C SER B 252 -6.68 -12.16 -3.64
N MET B 253 -7.74 -12.91 -3.32
CA MET B 253 -7.88 -13.56 -2.01
C MET B 253 -6.78 -14.57 -1.77
N GLY B 254 -6.34 -15.25 -2.83
CA GLY B 254 -5.22 -16.19 -2.74
C GLY B 254 -3.89 -15.50 -2.51
N GLU B 255 -3.71 -14.34 -3.14
CA GLU B 255 -2.50 -13.55 -3.05
C GLU B 255 -2.25 -12.99 -1.66
N TYR B 256 -3.34 -12.82 -0.91
CA TYR B 256 -3.23 -12.39 0.48
C TYR B 256 -2.28 -13.32 1.23
N PHE B 257 -2.48 -14.62 1.06
CA PHE B 257 -1.60 -15.62 1.66
C PHE B 257 -0.26 -15.65 0.97
N ARG B 258 -0.27 -15.61 -0.37
CA ARG B 258 0.98 -15.66 -1.15
C ARG B 258 2.00 -14.66 -0.63
N ASP B 259 1.57 -13.44 -0.36
CA ASP B 259 2.47 -12.32 -0.01
C ASP B 259 2.73 -12.16 1.49
N ASN B 260 2.01 -12.89 2.32
CA ASN B 260 2.21 -12.82 3.77
C ASN B 260 2.87 -14.07 4.36
N GLY B 261 3.73 -14.70 3.56
CA GLY B 261 4.50 -15.84 4.03
C GLY B 261 3.73 -17.12 4.21
N LYS B 262 2.54 -17.21 3.61
CA LYS B 262 1.71 -18.40 3.73
C LYS B 262 1.45 -19.02 2.36
N HIS B 263 0.72 -20.13 2.35
CA HIS B 263 0.56 -20.89 1.14
C HIS B 263 -0.91 -21.11 0.84
N ALA B 264 -1.30 -20.79 -0.39
CA ALA B 264 -2.67 -20.96 -0.81
C ALA B 264 -2.75 -21.78 -2.10
N LEU B 265 -3.89 -22.45 -2.23
CA LEU B 265 -4.20 -23.22 -3.42
C LEU B 265 -5.50 -22.71 -3.99
N ILE B 266 -5.50 -22.40 -5.28
CA ILE B 266 -6.70 -21.93 -5.98
C ILE B 266 -7.14 -22.82 -7.16
N ILE B 267 -8.42 -23.13 -7.18
CA ILE B 267 -9.00 -23.92 -8.24
C ILE B 267 -9.90 -23.00 -9.01
N TYR B 268 -9.75 -23.01 -10.33
CA TYR B 268 -10.61 -22.26 -11.24
C TYR B 268 -11.49 -23.25 -12.00
N ASP B 269 -12.70 -23.42 -11.51
CA ASP B 269 -13.59 -24.46 -11.97
C ASP B 269 -14.84 -23.90 -12.62
N ASP B 270 -14.80 -23.60 -13.93
CA ASP B 270 -13.65 -23.89 -14.80
C ASP B 270 -13.37 -22.72 -15.75
N LEU B 271 -12.19 -22.72 -16.37
CA LEU B 271 -11.81 -21.60 -17.24
C LEU B 271 -12.45 -21.62 -18.64
N SER B 272 -13.00 -22.77 -19.05
CA SER B 272 -13.73 -22.84 -20.32
C SER B 272 -15.00 -22.01 -20.22
N LYS B 273 -15.68 -22.13 -19.09
CA LYS B 273 -16.92 -21.40 -18.85
C LYS B 273 -16.64 -19.91 -18.68
N GLN B 274 -15.45 -19.56 -18.18
CA GLN B 274 -15.09 -18.16 -17.98
C GLN B 274 -14.80 -17.50 -19.34
N ALA B 275 -14.14 -18.25 -20.22
CA ALA B 275 -13.88 -17.76 -21.59
C ALA B 275 -15.18 -17.63 -22.42
N VAL B 276 -16.12 -18.56 -22.25
CA VAL B 276 -17.44 -18.41 -22.87
C VAL B 276 -18.12 -17.09 -22.42
N ALA B 277 -18.04 -16.79 -21.11
CA ALA B 277 -18.63 -15.57 -20.54
C ALA B 277 -17.96 -14.33 -21.07
N TYR B 278 -16.63 -14.39 -21.25
CA TYR B 278 -15.86 -13.25 -21.78
C TYR B 278 -16.11 -13.06 -23.28
N ARG B 279 -16.30 -14.17 -24.00
CA ARG B 279 -16.75 -14.12 -25.39
C ARG B 279 -18.13 -13.45 -25.53
N GLN B 280 -19.08 -13.76 -24.65
CA GLN B 280 -20.39 -13.09 -24.67
C GLN B 280 -20.20 -11.59 -24.52
N MET B 281 -19.40 -11.19 -23.53
CA MET B 281 -19.10 -9.77 -23.27
C MET B 281 -18.47 -9.09 -24.47
N SER B 282 -17.56 -9.80 -25.14
CA SER B 282 -16.77 -9.20 -26.22
C SER B 282 -17.63 -8.99 -27.47
N LEU B 283 -18.44 -10.00 -27.79
CA LEU B 283 -19.30 -9.97 -28.95
C LEU B 283 -20.39 -8.91 -28.75
N LEU B 284 -20.91 -8.83 -27.53
CA LEU B 284 -21.85 -7.77 -27.20
C LEU B 284 -21.22 -6.38 -27.26
N LEU B 285 -19.91 -6.30 -26.97
CA LEU B 285 -19.16 -5.05 -27.19
C LEU B 285 -18.76 -4.83 -28.67
N ARG B 286 -19.08 -5.82 -29.51
CA ARG B 286 -18.81 -5.78 -30.96
C ARG B 286 -17.31 -5.78 -31.27
N ARG B 287 -16.56 -6.44 -30.40
CA ARG B 287 -15.16 -6.74 -30.67
C ARG B 287 -15.07 -7.77 -31.79
N PRO B 288 -14.09 -7.63 -32.68
CA PRO B 288 -13.98 -8.59 -33.81
C PRO B 288 -13.78 -10.03 -33.36
N PRO B 289 -14.66 -10.95 -33.81
CA PRO B 289 -14.52 -12.36 -33.49
C PRO B 289 -13.39 -13.05 -34.27
N GLY B 290 -12.70 -13.96 -33.60
CA GLY B 290 -11.62 -14.69 -34.27
C GLY B 290 -11.88 -16.18 -34.28
N ARG B 291 -10.83 -16.95 -34.04
CA ARG B 291 -10.92 -18.41 -34.02
C ARG B 291 -11.98 -18.85 -32.99
N GLU B 292 -12.90 -19.71 -33.41
CA GLU B 292 -14.09 -20.10 -32.61
C GLU B 292 -14.91 -18.91 -32.06
N ALA B 293 -14.85 -17.79 -32.78
CA ALA B 293 -15.51 -16.55 -32.40
C ALA B 293 -15.03 -15.92 -31.08
N TYR B 294 -13.87 -16.34 -30.61
CA TYR B 294 -13.25 -15.74 -29.43
C TYR B 294 -12.52 -14.44 -29.79
N PRO B 295 -12.41 -13.52 -28.84
CA PRO B 295 -11.63 -12.32 -29.14
C PRO B 295 -10.15 -12.62 -29.02
N GLY B 296 -9.31 -11.80 -29.65
CA GLY B 296 -7.86 -11.95 -29.66
C GLY B 296 -7.19 -11.88 -28.31
N ASP B 297 -7.89 -11.32 -27.33
CA ASP B 297 -7.32 -11.18 -25.97
C ASP B 297 -7.78 -12.30 -25.04
N VAL B 298 -8.36 -13.36 -25.60
CA VAL B 298 -8.82 -14.48 -24.80
C VAL B 298 -7.64 -15.27 -24.15
N PHE B 299 -6.49 -15.35 -24.83
CA PHE B 299 -5.28 -15.92 -24.21
C PHE B 299 -4.92 -15.08 -23.00
N TYR B 300 -4.74 -13.78 -23.23
CA TYR B 300 -4.36 -12.81 -22.20
C TYR B 300 -5.33 -12.86 -21.01
N LEU B 301 -6.63 -13.04 -21.29
CA LEU B 301 -7.60 -13.25 -20.21
C LEU B 301 -7.09 -14.28 -19.19
N HIS B 302 -6.52 -15.39 -19.69
CA HIS B 302 -6.09 -16.48 -18.82
C HIS B 302 -4.64 -16.37 -18.35
N SER B 303 -3.77 -15.83 -19.21
CA SER B 303 -2.35 -15.72 -18.91
C SER B 303 -2.08 -14.81 -17.74
N ARG B 304 -2.77 -13.66 -17.69
CA ARG B 304 -2.51 -12.70 -16.64
C ARG B 304 -2.98 -13.25 -15.31
N LEU B 305 -4.05 -14.06 -15.36
CA LEU B 305 -4.59 -14.69 -14.16
C LEU B 305 -3.65 -15.78 -13.64
N LEU B 306 -3.16 -16.64 -14.52
CA LEU B 306 -2.35 -17.75 -14.09
C LEU B 306 -0.92 -17.37 -13.72
N GLU B 307 -0.41 -16.28 -14.31
CA GLU B 307 0.89 -15.73 -13.92
C GLU B 307 0.97 -15.38 -12.42
N ARG B 308 -0.17 -15.17 -11.79
CA ARG B 308 -0.21 -14.69 -10.41
C ARG B 308 0.00 -15.78 -9.36
N ALA B 309 -0.32 -17.02 -9.71
CA ALA B 309 0.14 -18.18 -8.99
C ALA B 309 1.68 -18.19 -9.11
N ALA B 310 2.37 -18.24 -7.97
CA ALA B 310 3.82 -18.08 -7.94
C ALA B 310 4.41 -18.61 -6.66
N LYS B 311 5.68 -19.00 -6.72
CA LYS B 311 6.46 -19.29 -5.52
C LYS B 311 7.37 -18.09 -5.23
N MET B 312 7.21 -17.50 -4.04
CA MET B 312 8.05 -16.37 -3.64
C MET B 312 9.30 -16.87 -2.95
N ASN B 313 10.42 -16.18 -3.16
CA ASN B 313 11.64 -16.47 -2.41
C ASN B 313 11.54 -15.98 -0.94
N ASP B 314 12.51 -16.37 -0.10
CA ASP B 314 12.48 -15.99 1.31
C ASP B 314 12.48 -14.47 1.51
N ALA B 315 13.12 -13.72 0.62
CA ALA B 315 13.18 -12.25 0.74
C ALA B 315 11.80 -11.61 0.55
N PHE B 316 10.86 -12.38 0.01
CA PHE B 316 9.50 -11.90 -0.17
C PHE B 316 8.53 -12.70 0.70
N GLY B 317 9.07 -13.30 1.77
CA GLY B 317 8.25 -13.99 2.78
C GLY B 317 8.14 -15.50 2.59
N GLY B 318 8.55 -16.00 1.41
CA GLY B 318 8.57 -17.42 1.13
C GLY B 318 7.23 -18.07 0.82
N GLY B 319 6.17 -17.26 0.73
CA GLY B 319 4.82 -17.77 0.46
C GLY B 319 4.63 -18.28 -0.95
N SER B 320 3.47 -18.88 -1.21
CA SER B 320 3.16 -19.32 -2.57
C SER B 320 1.66 -19.32 -2.85
N LEU B 321 1.35 -19.29 -4.14
CA LEU B 321 -0.01 -19.52 -4.60
C LEU B 321 0.03 -20.55 -5.73
N THR B 322 -0.65 -21.67 -5.51
CA THR B 322 -0.70 -22.77 -6.46
C THR B 322 -2.06 -22.69 -7.16
N ALA B 323 -2.07 -22.85 -8.49
CA ALA B 323 -3.31 -22.76 -9.24
C ALA B 323 -3.64 -24.07 -9.94
N LEU B 324 -4.88 -24.53 -9.79
CA LEU B 324 -5.35 -25.68 -10.56
C LEU B 324 -6.52 -25.24 -11.44
N PRO B 325 -6.20 -24.66 -12.62
CA PRO B 325 -7.24 -24.32 -13.57
C PRO B 325 -7.85 -25.57 -14.18
N VAL B 326 -9.15 -25.51 -14.47
CA VAL B 326 -9.85 -26.59 -15.10
C VAL B 326 -10.29 -26.18 -16.53
N ILE B 327 -10.09 -27.06 -17.50
CA ILE B 327 -10.50 -26.83 -18.88
C ILE B 327 -11.26 -28.05 -19.37
N GLU B 328 -12.40 -27.82 -20.01
CA GLU B 328 -13.24 -28.89 -20.56
C GLU B 328 -12.96 -29.06 -22.04
N THR B 329 -12.53 -30.26 -22.44
CA THR B 329 -12.36 -30.52 -23.86
C THR B 329 -13.67 -31.03 -24.46
N GLN B 330 -13.78 -30.91 -25.78
CA GLN B 330 -14.86 -31.49 -26.53
C GLN B 330 -14.29 -32.70 -27.25
N ALA B 331 -14.80 -33.88 -26.87
CA ALA B 331 -14.39 -35.17 -27.44
C ALA B 331 -12.88 -35.33 -27.53
N GLY B 332 -12.18 -35.02 -26.46
CA GLY B 332 -10.73 -35.24 -26.36
C GLY B 332 -9.85 -34.33 -27.21
N ASP B 333 -10.40 -33.25 -27.76
CA ASP B 333 -9.61 -32.43 -28.67
C ASP B 333 -8.72 -31.42 -27.93
N VAL B 334 -7.49 -31.81 -27.67
CA VAL B 334 -6.58 -30.94 -26.93
C VAL B 334 -6.00 -29.81 -27.80
N SER B 335 -6.10 -29.99 -29.12
CA SER B 335 -5.61 -29.00 -30.09
C SER B 335 -6.50 -27.78 -30.28
N ALA B 336 -7.69 -27.78 -29.68
CA ALA B 336 -8.59 -26.64 -29.83
C ALA B 336 -7.97 -25.35 -29.27
N TYR B 337 -8.60 -24.23 -29.54
CA TYR B 337 -8.01 -22.91 -29.27
C TYR B 337 -7.79 -22.66 -27.77
N ILE B 338 -8.86 -22.76 -26.99
CA ILE B 338 -8.78 -22.52 -25.55
C ILE B 338 -7.92 -23.52 -24.78
N PRO B 339 -8.11 -24.84 -25.00
CA PRO B 339 -7.19 -25.83 -24.41
C PRO B 339 -5.72 -25.55 -24.70
N THR B 340 -5.35 -25.30 -25.96
CA THR B 340 -3.96 -24.97 -26.29
C THR B 340 -3.49 -23.67 -25.60
N ASN B 341 -4.31 -22.63 -25.62
CA ASN B 341 -4.00 -21.39 -24.87
C ASN B 341 -3.54 -21.71 -23.45
N VAL B 342 -4.35 -22.49 -22.72
CA VAL B 342 -4.03 -22.79 -21.31
C VAL B 342 -2.83 -23.74 -21.11
N ILE B 343 -2.73 -24.77 -21.93
CA ILE B 343 -1.52 -25.61 -21.91
C ILE B 343 -0.27 -24.70 -22.08
N SER B 344 -0.38 -23.71 -22.98
CA SER B 344 0.73 -22.78 -23.23
C SER B 344 0.99 -21.80 -22.08
N ILE B 345 0.20 -21.92 -21.01
CA ILE B 345 0.34 -21.04 -19.84
C ILE B 345 0.82 -21.77 -18.59
N THR B 346 0.20 -22.91 -18.32
CA THR B 346 0.43 -23.66 -17.08
C THR B 346 1.77 -24.42 -17.15
N ASP B 347 2.16 -25.06 -16.05
CA ASP B 347 3.44 -25.79 -15.97
C ASP B 347 3.21 -27.31 -16.10
N GLY B 348 2.35 -27.68 -17.04
CA GLY B 348 1.99 -29.08 -17.24
C GLY B 348 0.49 -29.23 -17.12
N GLN B 349 0.02 -30.44 -17.42
CA GLN B 349 -1.40 -30.79 -17.43
C GLN B 349 -1.58 -32.19 -16.91
N ILE B 350 -2.71 -32.38 -16.24
CA ILE B 350 -3.25 -33.69 -15.94
C ILE B 350 -4.39 -33.89 -16.93
N PHE B 351 -4.23 -34.85 -17.85
CA PHE B 351 -5.27 -35.15 -18.84
C PHE B 351 -6.11 -36.36 -18.46
N LEU B 352 -7.43 -36.15 -18.37
CA LEU B 352 -8.38 -37.21 -18.03
C LEU B 352 -9.14 -37.66 -19.26
N GLU B 353 -9.13 -38.98 -19.50
CA GLU B 353 -9.67 -39.59 -20.71
C GLU B 353 -11.05 -40.19 -20.48
N THR B 354 -12.01 -39.82 -21.33
CA THR B 354 -13.31 -40.47 -21.35
C THR B 354 -13.17 -42.00 -21.42
N GLU B 355 -12.29 -42.50 -22.30
CA GLU B 355 -12.12 -43.95 -22.45
C GLU B 355 -11.70 -44.67 -21.16
N LEU B 356 -10.77 -44.08 -20.41
CA LEU B 356 -10.30 -44.70 -19.17
C LEU B 356 -11.37 -44.65 -18.09
N PHE B 357 -11.99 -43.48 -17.94
CA PHE B 357 -13.07 -43.26 -16.99
C PHE B 357 -14.22 -44.23 -17.21
N TYR B 358 -14.63 -44.39 -18.47
CA TYR B 358 -15.68 -45.33 -18.83
C TYR B 358 -15.32 -46.78 -18.46
N LYS B 359 -14.06 -47.15 -18.68
CA LYS B 359 -13.55 -48.48 -18.29
C LYS B 359 -13.42 -48.65 -16.77
N GLY B 360 -13.69 -47.60 -16.00
CA GLY B 360 -13.56 -47.66 -14.53
C GLY B 360 -12.16 -47.43 -13.98
N ILE B 361 -11.22 -47.04 -14.85
CA ILE B 361 -9.89 -46.64 -14.42
C ILE B 361 -10.02 -45.21 -13.91
N ARG B 362 -9.98 -45.05 -12.58
CA ARG B 362 -10.31 -43.79 -11.92
C ARG B 362 -9.40 -43.55 -10.71
N PRO B 363 -8.71 -42.40 -10.66
CA PRO B 363 -8.74 -41.28 -11.61
C PRO B 363 -8.29 -41.65 -13.03
N ALA B 364 -9.01 -41.13 -14.02
CA ALA B 364 -8.84 -41.50 -15.42
C ALA B 364 -7.69 -40.75 -16.05
N ILE B 365 -6.53 -40.82 -15.41
CA ILE B 365 -5.37 -40.06 -15.88
C ILE B 365 -4.66 -40.76 -17.03
N ASN B 366 -4.55 -40.08 -18.16
CA ASN B 366 -3.70 -40.56 -19.25
C ASN B 366 -2.26 -40.16 -18.97
N VAL B 367 -1.45 -41.13 -18.58
CA VAL B 367 -0.12 -40.87 -18.04
C VAL B 367 0.79 -40.28 -19.12
N GLY B 368 0.77 -40.89 -20.30
CA GLY B 368 1.55 -40.40 -21.42
C GLY B 368 1.28 -38.95 -21.80
N LEU B 369 0.05 -38.50 -21.61
CA LEU B 369 -0.35 -37.14 -22.01
C LEU B 369 -0.24 -36.10 -20.86
N SER B 370 0.04 -36.59 -19.67
CA SER B 370 0.18 -35.75 -18.50
C SER B 370 1.64 -35.43 -18.23
N VAL B 371 1.88 -34.20 -17.75
CA VAL B 371 3.20 -33.75 -17.32
C VAL B 371 3.11 -32.81 -16.15
N SER B 372 4.17 -32.79 -15.37
CA SER B 372 4.44 -31.70 -14.47
C SER B 372 5.81 -31.14 -14.89
N ARG B 373 5.84 -29.89 -15.36
CA ARG B 373 7.11 -29.31 -15.86
C ARG B 373 8.12 -28.96 -14.77
N VAL B 374 7.65 -28.77 -13.53
CA VAL B 374 8.48 -28.21 -12.48
C VAL B 374 8.31 -28.92 -11.15
N GLY B 375 7.44 -29.92 -11.11
CA GLY B 375 7.03 -30.52 -9.84
C GLY B 375 8.00 -31.53 -9.25
N SER B 376 8.84 -32.13 -10.11
CA SER B 376 9.79 -33.15 -9.70
C SER B 376 10.67 -32.68 -8.53
N ALA B 377 11.23 -31.48 -8.63
CA ALA B 377 12.09 -30.96 -7.57
C ALA B 377 11.32 -30.75 -6.27
N ALA B 378 9.99 -30.83 -6.33
CA ALA B 378 9.16 -30.64 -5.15
C ALA B 378 8.49 -31.93 -4.69
N GLN B 379 8.96 -33.07 -5.19
CA GLN B 379 8.48 -34.38 -4.76
C GLN B 379 9.40 -34.92 -3.66
N THR B 380 8.80 -35.45 -2.58
CA THR B 380 9.58 -36.03 -1.48
C THR B 380 10.41 -37.20 -1.99
N ARG B 381 11.59 -37.36 -1.42
CA ARG B 381 12.53 -38.43 -1.79
C ARG B 381 11.89 -39.80 -1.61
N ALA B 382 11.09 -39.97 -0.56
CA ALA B 382 10.39 -41.22 -0.29
C ALA B 382 9.55 -41.59 -1.50
N MET B 383 8.82 -40.63 -2.06
CA MET B 383 8.03 -40.90 -3.24
C MET B 383 8.94 -41.16 -4.44
N LYS B 384 9.96 -40.32 -4.63
CA LYS B 384 10.95 -40.53 -5.71
C LYS B 384 11.53 -41.94 -5.72
N GLN B 385 11.71 -42.51 -4.53
CA GLN B 385 12.32 -43.83 -4.35
C GLN B 385 11.45 -45.00 -4.84
N VAL B 386 10.16 -44.79 -5.00
CA VAL B 386 9.29 -45.85 -5.54
C VAL B 386 8.65 -45.49 -6.88
N ALA B 387 8.49 -44.18 -7.12
CA ALA B 387 7.75 -43.65 -8.26
C ALA B 387 8.57 -43.60 -9.55
N GLY B 388 9.87 -43.34 -9.41
CA GLY B 388 10.78 -43.27 -10.56
C GLY B 388 10.84 -44.58 -11.32
N THR B 389 10.88 -45.69 -10.57
CA THR B 389 10.85 -47.03 -11.14
C THR B 389 9.44 -47.40 -11.65
N MET B 390 8.41 -46.85 -11.00
CA MET B 390 7.02 -47.06 -11.45
C MET B 390 6.68 -46.30 -12.72
N LYS B 391 7.14 -45.06 -12.80
CA LYS B 391 7.02 -44.29 -14.03
C LYS B 391 7.72 -45.08 -15.13
N LEU B 392 8.89 -45.62 -14.81
CA LEU B 392 9.69 -46.42 -15.74
C LEU B 392 8.97 -47.69 -16.19
N GLU B 393 8.41 -48.42 -15.23
CA GLU B 393 7.70 -49.67 -15.52
C GLU B 393 6.32 -49.47 -16.19
N LEU B 394 5.78 -48.25 -16.07
CA LEU B 394 4.53 -47.90 -16.76
C LEU B 394 4.78 -47.46 -18.20
N ALA B 395 5.96 -46.87 -18.43
CA ALA B 395 6.37 -46.46 -19.77
C ALA B 395 6.69 -47.67 -20.64
N GLN B 396 7.21 -48.73 -20.00
CA GLN B 396 7.47 -50.02 -20.63
C GLN B 396 6.16 -50.76 -20.89
N TYR B 397 5.18 -50.53 -20.02
CA TYR B 397 3.85 -51.15 -20.15
C TYR B 397 3.06 -50.60 -21.35
N ARG B 398 3.25 -49.32 -21.64
CA ARG B 398 2.57 -48.67 -22.77
C ARG B 398 3.08 -49.09 -24.15
N GLU B 399 4.33 -49.54 -24.21
CA GLU B 399 4.94 -49.96 -25.46
C GLU B 399 4.43 -51.34 -25.92
N VAL B 400 3.95 -52.15 -24.97
CA VAL B 400 3.56 -53.55 -25.26
C VAL B 400 2.08 -53.89 -25.00
N ALA B 401 1.28 -52.89 -24.65
CA ALA B 401 -0.14 -53.09 -24.30
C ALA B 401 -0.98 -53.69 -25.44
N LEU B 410 5.02 -63.68 -26.69
CA LEU B 410 4.77 -64.24 -25.37
C LEU B 410 6.05 -64.36 -24.52
N ASP B 411 7.18 -63.90 -25.07
CA ASP B 411 8.50 -64.07 -24.43
C ASP B 411 8.54 -63.55 -23.00
N ALA B 412 9.24 -64.28 -22.14
CA ALA B 412 9.29 -64.00 -20.69
C ALA B 412 9.80 -62.61 -20.34
N ALA B 413 10.49 -61.97 -21.29
CA ALA B 413 11.00 -60.61 -21.12
C ALA B 413 9.88 -59.57 -21.13
N THR B 414 9.08 -59.56 -22.21
CA THR B 414 7.99 -58.59 -22.36
C THR B 414 6.69 -59.05 -21.68
N GLN B 415 6.65 -60.31 -21.27
CA GLN B 415 5.52 -60.88 -20.53
C GLN B 415 5.48 -60.31 -19.11
N GLN B 416 6.66 -60.14 -18.51
CA GLN B 416 6.79 -59.54 -17.18
C GLN B 416 6.41 -58.06 -17.18
N LEU B 417 6.63 -57.39 -18.32
CA LEU B 417 6.32 -55.98 -18.46
C LEU B 417 4.80 -55.73 -18.51
N LEU B 418 4.07 -56.69 -19.09
CA LEU B 418 2.61 -56.63 -19.10
C LEU B 418 2.01 -57.04 -17.76
N SER B 419 2.61 -58.04 -17.11
CA SER B 419 2.16 -58.51 -15.81
C SER B 419 2.31 -57.41 -14.77
N ARG B 420 3.44 -56.73 -14.80
CA ARG B 420 3.72 -55.64 -13.86
C ARG B 420 2.82 -54.42 -14.14
N GLY B 421 2.65 -54.11 -15.41
CA GLY B 421 1.86 -52.96 -15.83
C GLY B 421 0.41 -52.98 -15.41
N VAL B 422 -0.27 -54.12 -15.61
CA VAL B 422 -1.69 -54.23 -15.26
C VAL B 422 -1.88 -54.11 -13.76
N ARG B 423 -0.87 -54.54 -13.02
CA ARG B 423 -0.93 -54.55 -11.56
C ARG B 423 -0.73 -53.16 -10.96
N LEU B 424 0.27 -52.43 -11.47
CA LEU B 424 0.48 -51.03 -11.09
C LEU B 424 -0.67 -50.14 -11.52
N THR B 425 -1.30 -50.49 -12.64
CA THR B 425 -2.51 -49.79 -13.11
C THR B 425 -3.63 -49.91 -12.07
N GLU B 426 -3.79 -51.11 -11.51
CA GLU B 426 -4.74 -51.37 -10.44
C GLU B 426 -4.37 -50.58 -9.19
N LEU B 427 -3.06 -50.55 -8.88
CA LEU B 427 -2.56 -49.80 -7.73
C LEU B 427 -2.92 -48.33 -7.73
N LEU B 428 -2.97 -47.72 -8.92
CA LEU B 428 -3.23 -46.29 -9.06
C LEU B 428 -4.73 -45.90 -9.12
N LYS B 429 -5.61 -46.91 -9.16
CA LYS B 429 -7.03 -46.69 -8.92
C LYS B 429 -7.22 -46.16 -7.51
N GLN B 430 -8.20 -45.28 -7.34
CA GLN B 430 -8.48 -44.67 -6.05
C GLN B 430 -9.90 -44.16 -6.03
N GLY B 431 -10.62 -44.45 -4.95
CA GLY B 431 -11.98 -43.91 -4.78
C GLY B 431 -11.92 -42.45 -4.37
N GLN B 432 -13.09 -41.80 -4.36
CA GLN B 432 -13.21 -40.40 -3.97
C GLN B 432 -13.17 -40.25 -2.45
N TYR B 433 -12.67 -39.10 -2.00
CA TYR B 433 -12.83 -38.61 -0.61
C TYR B 433 -11.97 -39.31 0.43
N SER B 434 -10.97 -40.05 -0.03
CA SER B 434 -10.02 -40.66 0.89
C SER B 434 -8.59 -40.34 0.45
N PRO B 435 -8.22 -39.05 0.42
CA PRO B 435 -6.85 -38.74 0.03
C PRO B 435 -5.88 -39.37 1.03
N MET B 436 -4.71 -39.79 0.55
CA MET B 436 -3.76 -40.53 1.38
C MET B 436 -2.52 -39.72 1.73
N ALA B 437 -2.10 -39.85 2.99
CA ALA B 437 -0.81 -39.31 3.45
C ALA B 437 0.31 -39.92 2.60
N ILE B 438 1.35 -39.11 2.34
CA ILE B 438 2.40 -39.49 1.41
C ILE B 438 3.07 -40.84 1.74
N GLU B 439 3.41 -41.07 3.01
CA GLU B 439 4.03 -42.32 3.43
C GLU B 439 3.15 -43.58 3.21
N GLU B 440 1.83 -43.42 3.25
CA GLU B 440 0.90 -44.52 2.96
C GLU B 440 0.89 -44.82 1.45
N GLN B 441 1.02 -43.76 0.64
CA GLN B 441 1.18 -43.90 -0.81
C GLN B 441 2.45 -44.68 -1.16
N VAL B 442 3.59 -44.26 -0.60
CA VAL B 442 4.85 -44.96 -0.91
C VAL B 442 4.84 -46.42 -0.42
N ALA B 443 4.25 -46.67 0.75
CA ALA B 443 4.11 -48.03 1.27
C ALA B 443 3.37 -48.93 0.29
N VAL B 444 2.24 -48.44 -0.22
CA VAL B 444 1.43 -49.17 -1.19
C VAL B 444 2.16 -49.38 -2.53
N ILE B 445 2.72 -48.30 -3.08
CA ILE B 445 3.45 -48.32 -4.35
C ILE B 445 4.67 -49.25 -4.27
N TYR B 446 5.33 -49.23 -3.11
CA TYR B 446 6.46 -50.12 -2.82
C TYR B 446 6.11 -51.58 -3.10
N ALA B 447 4.98 -52.02 -2.55
CA ALA B 447 4.51 -53.40 -2.74
C ALA B 447 4.47 -53.73 -4.22
N GLY B 448 3.95 -52.79 -5.01
CA GLY B 448 3.89 -52.92 -6.47
C GLY B 448 5.25 -53.02 -7.15
N VAL B 449 6.05 -51.96 -7.03
CA VAL B 449 7.31 -51.83 -7.77
C VAL B 449 8.44 -52.74 -7.29
N ARG B 450 8.24 -53.41 -6.16
CA ARG B 450 9.22 -54.36 -5.66
C ARG B 450 8.82 -55.81 -5.98
N GLY B 451 7.65 -55.97 -6.59
CA GLY B 451 7.24 -57.25 -7.17
C GLY B 451 6.21 -58.07 -6.43
N TYR B 452 5.82 -57.62 -5.24
CA TYR B 452 4.97 -58.43 -4.36
C TYR B 452 3.53 -58.68 -4.85
N LEU B 453 3.12 -58.00 -5.92
CA LEU B 453 1.77 -58.19 -6.46
C LEU B 453 1.73 -59.10 -7.69
N ASP B 454 2.92 -59.44 -8.19
CA ASP B 454 3.08 -60.16 -9.45
C ASP B 454 2.38 -61.53 -9.52
N LYS B 455 2.30 -62.23 -8.39
CA LYS B 455 1.69 -63.56 -8.36
C LYS B 455 0.21 -63.53 -7.97
N LEU B 456 -0.30 -62.33 -7.70
CA LEU B 456 -1.71 -62.09 -7.44
C LEU B 456 -2.47 -61.79 -8.73
N GLU B 457 -3.69 -62.32 -8.84
CA GLU B 457 -4.58 -61.98 -9.95
C GLU B 457 -4.90 -60.49 -9.91
N PRO B 458 -4.96 -59.83 -11.09
CA PRO B 458 -5.16 -58.37 -11.15
C PRO B 458 -6.47 -57.93 -10.48
N SER B 459 -7.49 -58.79 -10.52
CA SER B 459 -8.79 -58.52 -9.92
C SER B 459 -8.73 -58.48 -8.38
N LYS B 460 -7.61 -58.93 -7.82
CA LYS B 460 -7.41 -58.99 -6.38
C LYS B 460 -6.55 -57.85 -5.81
N ILE B 461 -5.93 -57.06 -6.69
CA ILE B 461 -4.96 -56.03 -6.27
C ILE B 461 -5.56 -54.94 -5.37
N THR B 462 -6.74 -54.43 -5.71
CA THR B 462 -7.36 -53.38 -4.89
C THR B 462 -7.68 -53.91 -3.50
N LYS B 463 -8.16 -55.14 -3.43
CA LYS B 463 -8.49 -55.80 -2.18
C LYS B 463 -7.25 -55.98 -1.31
N PHE B 464 -6.15 -56.41 -1.93
CA PHE B 464 -4.86 -56.52 -1.26
C PHE B 464 -4.41 -55.15 -0.71
N GLU B 465 -4.47 -54.14 -1.57
CA GLU B 465 -4.04 -52.79 -1.19
C GLU B 465 -4.74 -52.30 0.08
N ASN B 466 -6.07 -52.35 0.07
CA ASN B 466 -6.87 -51.90 1.21
C ASN B 466 -6.61 -52.68 2.48
N ALA B 467 -6.45 -54.01 2.34
CA ALA B 467 -6.14 -54.86 3.47
C ALA B 467 -4.72 -54.62 3.97
N PHE B 468 -3.80 -54.36 3.04
CA PHE B 468 -2.40 -54.11 3.38
C PHE B 468 -2.25 -52.79 4.10
N LEU B 469 -2.98 -51.79 3.63
CA LEU B 469 -2.91 -50.44 4.16
C LEU B 469 -3.44 -50.35 5.58
N SER B 470 -4.64 -50.86 5.81
CA SER B 470 -5.23 -50.82 7.15
C SER B 470 -4.39 -51.62 8.15
N HIS B 471 -3.61 -52.57 7.65
CA HIS B 471 -2.68 -53.35 8.47
C HIS B 471 -1.48 -52.51 8.93
N VAL B 472 -0.79 -51.86 7.99
CA VAL B 472 0.37 -51.01 8.35
C VAL B 472 -0.03 -49.80 9.20
N ILE B 473 -1.23 -49.27 8.96
CA ILE B 473 -1.76 -48.15 9.74
C ILE B 473 -2.10 -48.61 11.18
N SER B 474 -2.49 -49.87 11.30
CA SER B 474 -2.86 -50.44 12.60
C SER B 474 -1.63 -50.92 13.40
N GLN B 475 -0.81 -51.78 12.79
CA GLN B 475 0.28 -52.43 13.50
C GLN B 475 1.66 -51.81 13.30
N HIS B 476 1.79 -50.91 12.32
CA HIS B 476 3.10 -50.35 11.98
C HIS B 476 3.11 -48.82 11.80
N GLN B 477 2.38 -48.11 12.65
CA GLN B 477 2.39 -46.64 12.64
C GLN B 477 3.79 -46.06 12.79
N ALA B 478 4.65 -46.76 13.55
CA ALA B 478 6.02 -46.33 13.82
C ALA B 478 6.89 -46.29 12.55
N LEU B 479 6.65 -47.24 11.65
CA LEU B 479 7.38 -47.31 10.39
C LEU B 479 6.92 -46.23 9.43
N LEU B 480 5.60 -46.07 9.30
CA LEU B 480 5.02 -45.00 8.50
C LEU B 480 5.46 -43.63 9.04
N SER B 481 5.35 -43.46 10.36
CA SER B 481 5.79 -42.26 11.06
C SER B 481 7.24 -41.90 10.75
N LYS B 482 8.10 -42.92 10.74
CA LYS B 482 9.52 -42.78 10.44
C LYS B 482 9.79 -42.29 9.01
N ILE B 483 9.11 -42.89 8.04
CA ILE B 483 9.20 -42.49 6.64
C ILE B 483 8.75 -41.04 6.44
N ARG B 484 7.66 -40.67 7.11
CA ARG B 484 7.12 -39.31 7.09
C ARG B 484 8.12 -38.29 7.69
N THR B 485 8.77 -38.68 8.79
CA THR B 485 9.74 -37.82 9.47
C THR B 485 11.06 -37.66 8.71
N ASP B 486 11.62 -38.78 8.23
CA ASP B 486 12.83 -38.76 7.39
C ASP B 486 12.56 -38.17 5.99
N GLY B 487 11.32 -38.33 5.50
CA GLY B 487 10.96 -37.93 4.14
C GLY B 487 11.58 -38.85 3.10
N LYS B 488 12.07 -40.00 3.58
CA LYS B 488 12.88 -40.90 2.79
C LYS B 488 12.61 -42.33 3.27
N ILE B 489 12.84 -43.30 2.40
CA ILE B 489 12.95 -44.69 2.85
C ILE B 489 14.44 -44.95 3.10
N SER B 490 14.80 -45.08 4.37
CA SER B 490 16.18 -45.40 4.72
C SER B 490 16.44 -46.90 4.49
N GLU B 491 17.66 -47.33 4.74
CA GLU B 491 18.02 -48.75 4.63
C GLU B 491 17.28 -49.57 5.70
N GLU B 492 17.13 -48.97 6.87
CA GLU B 492 16.35 -49.50 8.00
C GLU B 492 14.87 -49.66 7.62
N SER B 493 14.29 -48.61 7.04
CA SER B 493 12.88 -48.62 6.65
C SER B 493 12.61 -49.56 5.48
N ASP B 494 13.60 -49.68 4.59
CA ASP B 494 13.48 -50.59 3.45
C ASP B 494 13.39 -52.03 3.91
N ALA B 495 14.31 -52.46 4.77
CA ALA B 495 14.32 -53.80 5.30
C ALA B 495 13.03 -54.11 6.06
N LYS B 496 12.63 -53.20 6.94
CA LYS B 496 11.42 -53.38 7.74
C LYS B 496 10.16 -53.46 6.86
N LEU B 497 10.16 -52.69 5.77
CA LEU B 497 9.07 -52.72 4.79
C LEU B 497 9.02 -54.07 4.07
N LYS B 498 10.18 -54.57 3.66
CA LYS B 498 10.33 -55.91 3.08
C LYS B 498 9.73 -57.01 3.98
N GLU B 499 10.11 -57.00 5.25
CA GLU B 499 9.58 -57.94 6.25
C GLU B 499 8.05 -57.91 6.29
N ILE B 500 7.49 -56.70 6.41
CA ILE B 500 6.04 -56.50 6.51
C ILE B 500 5.29 -57.00 5.25
N VAL B 501 5.75 -56.55 4.08
CA VAL B 501 5.08 -56.93 2.83
C VAL B 501 5.10 -58.44 2.61
N THR B 502 6.27 -59.05 2.82
CA THR B 502 6.46 -60.49 2.63
C THR B 502 5.61 -61.32 3.59
N ASN B 503 5.48 -60.82 4.83
CA ASN B 503 4.64 -61.45 5.85
C ASN B 503 3.15 -61.34 5.52
N PHE B 504 2.69 -60.11 5.25
CA PHE B 504 1.27 -59.87 4.97
C PHE B 504 0.77 -60.63 3.74
N LEU B 505 1.57 -60.62 2.68
CA LEU B 505 1.24 -61.32 1.43
C LEU B 505 1.11 -62.82 1.64
N ALA B 506 1.97 -63.40 2.47
CA ALA B 506 1.94 -64.83 2.76
C ALA B 506 0.67 -65.25 3.50
N GLY B 507 0.09 -64.32 4.26
CA GLY B 507 -1.14 -64.58 5.02
C GLY B 507 -2.41 -64.14 4.31
N PHE B 508 -2.24 -63.36 3.25
CA PHE B 508 -3.37 -62.86 2.45
C PHE B 508 -4.00 -63.99 1.63
N GLU B 509 -5.32 -64.07 1.66
CA GLU B 509 -6.04 -65.16 1.02
C GLU B 509 -6.80 -64.78 -0.26
N ILE C 16 0.22 47.79 -49.80
CA ILE C 16 -0.41 46.44 -49.80
C ILE C 16 0.42 45.46 -50.66
N LEU C 17 0.98 44.45 -49.98
CA LEU C 17 1.85 43.48 -50.63
C LEU C 17 1.04 42.31 -51.20
N GLY C 18 1.58 41.70 -52.25
CA GLY C 18 0.94 40.57 -52.91
C GLY C 18 0.79 39.35 -52.00
N ALA C 19 -0.41 38.78 -52.01
CA ALA C 19 -0.74 37.59 -51.24
C ALA C 19 0.03 36.36 -51.73
N ASP C 20 0.28 35.43 -50.81
CA ASP C 20 0.91 34.15 -51.14
C ASP C 20 -0.16 33.17 -51.58
N THR C 21 -0.16 32.86 -52.86
CA THR C 21 -1.14 31.97 -53.49
C THR C 21 -0.57 30.57 -53.69
N SER C 22 0.66 30.35 -53.24
CA SER C 22 1.35 29.07 -53.47
C SER C 22 0.63 27.86 -52.86
N VAL C 23 -0.32 28.12 -51.98
CA VAL C 23 -0.91 27.06 -51.18
C VAL C 23 -2.46 26.93 -51.28
N ASP C 24 -3.00 27.19 -52.47
CA ASP C 24 -4.45 27.10 -52.69
C ASP C 24 -4.97 25.67 -52.62
N LEU C 25 -6.25 25.51 -52.32
CA LEU C 25 -6.82 24.17 -52.05
C LEU C 25 -7.21 23.37 -53.32
N GLU C 26 -6.80 23.86 -54.49
CA GLU C 26 -7.01 23.15 -55.75
C GLU C 26 -5.81 22.28 -56.14
N GLU C 27 -4.62 22.84 -55.97
CA GLU C 27 -3.39 22.16 -56.35
C GLU C 27 -2.70 21.53 -55.16
N THR C 28 -3.11 21.94 -53.95
CA THR C 28 -2.50 21.43 -52.73
C THR C 28 -3.59 21.08 -51.72
N GLY C 29 -3.17 20.42 -50.65
CA GLY C 29 -4.07 20.08 -49.54
C GLY C 29 -3.33 20.04 -48.21
N ARG C 30 -4.07 19.71 -47.16
CA ARG C 30 -3.51 19.58 -45.83
C ARG C 30 -4.05 18.32 -45.18
N VAL C 31 -3.18 17.60 -44.49
CA VAL C 31 -3.51 16.31 -43.88
C VAL C 31 -4.52 16.53 -42.75
N LEU C 32 -5.64 15.81 -42.84
CA LEU C 32 -6.67 15.82 -41.82
C LEU C 32 -6.33 14.80 -40.75
N SER C 33 -5.93 13.62 -41.19
CA SER C 33 -5.55 12.53 -40.33
C SER C 33 -4.52 11.65 -41.05
N ILE C 34 -3.73 10.91 -40.27
CA ILE C 34 -2.76 9.99 -40.83
C ILE C 34 -2.55 8.84 -39.88
N GLY C 35 -2.71 7.63 -40.39
CA GLY C 35 -2.50 6.42 -39.63
C GLY C 35 -2.43 5.23 -40.57
N ASP C 36 -1.53 4.29 -40.24
CA ASP C 36 -1.38 3.04 -40.98
C ASP C 36 -1.23 3.25 -42.49
N GLY C 37 -0.48 4.29 -42.86
CA GLY C 37 -0.15 4.55 -44.25
C GLY C 37 -1.27 5.18 -45.06
N ILE C 38 -2.37 5.55 -44.39
CA ILE C 38 -3.49 6.25 -45.02
C ILE C 38 -3.52 7.70 -44.56
N ALA C 39 -3.30 8.63 -45.49
CA ALA C 39 -3.51 10.05 -45.19
C ALA C 39 -4.89 10.42 -45.73
N ARG C 40 -5.68 11.12 -44.93
CA ARG C 40 -6.92 11.72 -45.40
C ARG C 40 -6.63 13.20 -45.54
N VAL C 41 -6.87 13.73 -46.75
CA VAL C 41 -6.42 15.07 -47.10
C VAL C 41 -7.56 16.01 -47.49
N HIS C 42 -7.61 17.14 -46.78
CA HIS C 42 -8.52 18.22 -47.08
C HIS C 42 -7.98 18.96 -48.29
N GLY C 43 -8.87 19.44 -49.16
CA GLY C 43 -8.46 20.19 -50.34
C GLY C 43 -8.12 19.30 -51.53
N LEU C 44 -7.00 19.60 -52.18
CA LEU C 44 -6.62 18.93 -53.44
C LEU C 44 -7.78 18.82 -54.42
N ARG C 45 -8.58 19.87 -54.54
CA ARG C 45 -9.81 19.79 -55.36
C ARG C 45 -9.59 19.36 -56.84
N ASN C 46 -8.42 19.69 -57.41
CA ASN C 46 -8.08 19.32 -58.79
C ASN C 46 -7.39 17.94 -58.99
N VAL C 47 -7.11 17.18 -57.92
CA VAL C 47 -6.46 15.87 -58.11
C VAL C 47 -7.30 14.90 -58.92
N GLN C 48 -6.59 14.06 -59.66
CA GLN C 48 -7.17 12.99 -60.39
C GLN C 48 -7.16 11.75 -59.51
N ALA C 49 -8.08 10.83 -59.78
CA ALA C 49 -7.98 9.47 -59.29
C ALA C 49 -6.70 8.81 -59.80
N GLU C 50 -5.94 8.22 -58.89
CA GLU C 50 -4.71 7.48 -59.20
C GLU C 50 -3.50 8.35 -59.52
N GLU C 51 -3.63 9.64 -59.21
CA GLU C 51 -2.54 10.60 -59.32
C GLU C 51 -1.53 10.51 -58.17
N MET C 52 -0.27 10.72 -58.50
CA MET C 52 0.79 10.81 -57.50
C MET C 52 0.73 12.18 -56.85
N VAL C 53 0.78 12.18 -55.52
CA VAL C 53 0.91 13.40 -54.73
C VAL C 53 2.22 13.37 -53.91
N GLU C 54 2.61 14.54 -53.40
CA GLU C 54 3.86 14.69 -52.63
C GLU C 54 3.64 15.30 -51.27
N PHE C 55 4.25 14.70 -50.26
CA PHE C 55 4.19 15.23 -48.91
C PHE C 55 5.40 16.11 -48.67
N SER C 56 5.22 17.10 -47.79
CA SER C 56 6.27 18.06 -47.48
C SER C 56 7.58 17.41 -47.06
N SER C 57 7.48 16.18 -46.55
CA SER C 57 8.63 15.40 -46.14
C SER C 57 9.39 14.73 -47.30
N GLY C 58 8.82 14.74 -48.51
CA GLY C 58 9.43 14.09 -49.67
C GLY C 58 8.87 12.72 -50.01
N LEU C 59 7.99 12.22 -49.14
CA LEU C 59 7.24 11.01 -49.41
C LEU C 59 6.24 11.22 -50.53
N LYS C 60 6.07 10.18 -51.34
CA LYS C 60 5.04 10.19 -52.35
C LYS C 60 3.87 9.34 -51.91
N GLY C 61 2.72 9.56 -52.54
CA GLY C 61 1.51 8.80 -52.26
C GLY C 61 0.56 8.86 -53.43
N MET C 62 -0.41 7.95 -53.44
CA MET C 62 -1.34 7.82 -54.56
C MET C 62 -2.76 8.15 -54.12
N SER C 63 -3.45 8.96 -54.94
CA SER C 63 -4.85 9.33 -54.70
C SER C 63 -5.82 8.26 -55.15
N LEU C 64 -6.33 7.51 -54.19
CA LEU C 64 -7.18 6.35 -54.52
C LEU C 64 -8.66 6.58 -54.22
N ASN C 65 -8.94 7.30 -53.13
CA ASN C 65 -10.31 7.67 -52.77
C ASN C 65 -10.51 9.15 -52.96
N LEU C 66 -11.44 9.52 -53.84
CA LEU C 66 -11.86 10.91 -53.96
C LEU C 66 -13.26 11.01 -53.36
N GLU C 67 -13.36 11.67 -52.21
CA GLU C 67 -14.62 11.81 -51.50
C GLU C 67 -15.05 13.29 -51.45
N PRO C 68 -16.34 13.55 -51.19
CA PRO C 68 -16.78 14.95 -51.14
C PRO C 68 -15.89 15.86 -50.29
N ASP C 69 -15.46 15.40 -49.13
CA ASP C 69 -14.74 16.26 -48.19
C ASP C 69 -13.28 15.87 -47.91
N ASN C 70 -12.79 14.80 -48.56
CA ASN C 70 -11.39 14.39 -48.40
C ASN C 70 -10.86 13.52 -49.54
N VAL C 71 -9.55 13.50 -49.71
CA VAL C 71 -8.88 12.52 -50.57
C VAL C 71 -8.21 11.48 -49.67
N GLY C 72 -8.52 10.21 -49.92
CA GLY C 72 -7.85 9.10 -49.25
C GLY C 72 -6.61 8.77 -50.03
N VAL C 73 -5.46 9.08 -49.43
CA VAL C 73 -4.15 8.91 -50.04
C VAL C 73 -3.41 7.76 -49.37
N VAL C 74 -2.83 6.91 -50.21
CA VAL C 74 -2.08 5.73 -49.83
C VAL C 74 -0.57 6.05 -49.94
N VAL C 75 0.19 5.84 -48.86
CA VAL C 75 1.59 6.37 -48.72
C VAL C 75 2.70 5.40 -49.18
N PHE C 76 3.49 5.81 -50.18
CA PHE C 76 4.59 4.97 -50.72
C PHE C 76 5.88 5.02 -49.86
N GLY C 77 5.74 4.69 -48.59
CA GLY C 77 6.86 4.72 -47.65
C GLY C 77 6.34 4.75 -46.22
N ASN C 78 7.25 5.13 -45.32
CA ASN C 78 6.96 5.22 -43.88
C ASN C 78 6.13 6.47 -43.61
N ASP C 79 5.11 6.32 -42.76
CA ASP C 79 4.18 7.44 -42.53
C ASP C 79 4.54 8.30 -41.31
N LYS C 80 5.61 7.93 -40.61
CA LYS C 80 5.97 8.60 -39.35
C LYS C 80 6.29 10.08 -39.46
N LEU C 81 6.71 10.53 -40.65
CA LEU C 81 7.07 11.93 -40.83
C LEU C 81 5.84 12.74 -41.19
N ILE C 82 4.76 12.06 -41.58
CA ILE C 82 3.51 12.77 -41.86
C ILE C 82 2.77 13.13 -40.59
N LYS C 83 2.37 14.39 -40.51
CA LYS C 83 1.61 14.91 -39.40
C LYS C 83 0.35 15.59 -39.90
N GLU C 84 -0.68 15.61 -39.04
CA GLU C 84 -1.85 16.43 -39.28
C GLU C 84 -1.48 17.88 -39.65
N GLY C 85 -2.10 18.39 -40.72
CA GLY C 85 -1.84 19.74 -41.18
C GLY C 85 -0.72 19.89 -42.19
N ASP C 86 0.10 18.84 -42.36
CA ASP C 86 1.17 18.85 -43.36
C ASP C 86 0.61 19.19 -44.75
N ILE C 87 1.44 19.82 -45.58
CA ILE C 87 1.03 20.17 -46.94
C ILE C 87 1.22 19.00 -47.92
N VAL C 88 0.24 18.81 -48.79
CA VAL C 88 0.27 17.77 -49.82
C VAL C 88 0.11 18.43 -51.18
N LYS C 89 0.94 18.04 -52.15
CA LYS C 89 0.92 18.70 -53.45
C LYS C 89 0.59 17.73 -54.57
N ARG C 90 -0.22 18.20 -55.52
CA ARG C 90 -0.43 17.50 -56.79
C ARG C 90 0.89 17.38 -57.54
N THR C 91 1.07 16.27 -58.25
CA THR C 91 2.14 16.19 -59.26
C THR C 91 1.57 16.36 -60.67
N GLY C 92 0.25 16.18 -60.82
CA GLY C 92 -0.41 16.22 -62.12
C GLY C 92 -0.36 14.90 -62.91
N ALA C 93 0.36 13.92 -62.36
CA ALA C 93 0.71 12.73 -63.10
C ALA C 93 0.11 11.46 -62.49
N ILE C 94 -0.56 10.68 -63.33
CA ILE C 94 -0.95 9.33 -62.97
C ILE C 94 0.32 8.55 -62.67
N VAL C 95 0.33 7.82 -61.57
CA VAL C 95 1.51 7.06 -61.15
C VAL C 95 2.19 6.36 -62.34
N ASP C 96 3.49 6.60 -62.49
CA ASP C 96 4.34 5.97 -63.49
C ASP C 96 5.73 5.58 -62.95
N VAL C 97 6.51 4.85 -63.76
CA VAL C 97 7.84 4.36 -63.38
C VAL C 97 8.85 4.67 -64.49
N PRO C 98 10.15 4.75 -64.15
CA PRO C 98 11.13 4.77 -65.24
C PRO C 98 11.18 3.39 -65.93
N VAL C 99 11.60 3.40 -67.19
CA VAL C 99 11.44 2.29 -68.08
C VAL C 99 12.61 2.36 -69.06
N GLY C 100 13.03 1.21 -69.57
CA GLY C 100 14.10 1.14 -70.58
C GLY C 100 15.21 0.15 -70.28
N GLU C 101 16.14 0.03 -71.22
CA GLU C 101 17.33 -0.82 -71.11
C GLU C 101 18.31 -0.39 -70.03
N GLU C 102 18.24 0.87 -69.61
CA GLU C 102 19.08 1.37 -68.52
C GLU C 102 18.85 0.59 -67.22
N LEU C 103 17.71 -0.09 -67.13
CA LEU C 103 17.34 -0.86 -65.92
C LEU C 103 18.02 -2.23 -65.86
N LEU C 104 18.51 -2.71 -67.00
CA LEU C 104 19.14 -4.03 -67.07
C LEU C 104 20.39 -4.11 -66.20
N GLY C 105 20.47 -5.14 -65.36
CA GLY C 105 21.59 -5.33 -64.45
C GLY C 105 21.43 -4.56 -63.17
N ARG C 106 20.30 -3.87 -63.01
CA ARG C 106 20.04 -3.08 -61.81
C ARG C 106 18.96 -3.68 -60.90
N VAL C 107 19.07 -3.36 -59.62
CA VAL C 107 18.09 -3.71 -58.61
C VAL C 107 17.45 -2.40 -58.18
N VAL C 108 16.14 -2.36 -58.28
CA VAL C 108 15.38 -1.14 -58.02
C VAL C 108 14.22 -1.42 -57.05
N ASP C 109 13.67 -0.36 -56.45
CA ASP C 109 12.50 -0.54 -55.60
C ASP C 109 11.24 -0.49 -56.46
N ALA C 110 10.06 -0.53 -55.85
CA ALA C 110 8.79 -0.56 -56.58
C ALA C 110 8.54 0.71 -57.37
N LEU C 111 9.20 1.79 -56.98
CA LEU C 111 9.08 3.08 -57.67
C LEU C 111 10.14 3.30 -58.76
N GLY C 112 11.08 2.37 -58.88
CA GLY C 112 12.11 2.48 -59.93
C GLY C 112 13.43 3.09 -59.46
N ASN C 113 13.55 3.36 -58.16
CA ASN C 113 14.77 3.90 -57.60
C ASN C 113 15.81 2.80 -57.41
N ALA C 114 17.05 3.07 -57.82
CA ALA C 114 18.17 2.15 -57.58
C ALA C 114 18.33 1.82 -56.09
N ILE C 115 18.43 0.53 -55.78
CA ILE C 115 18.74 0.15 -54.40
C ILE C 115 20.00 -0.73 -54.29
N ASP C 116 20.70 -0.87 -55.42
CA ASP C 116 21.93 -1.67 -55.48
C ASP C 116 23.22 -0.88 -55.19
N GLY C 117 23.09 0.39 -54.85
CA GLY C 117 24.27 1.22 -54.51
C GLY C 117 25.13 1.61 -55.70
N LYS C 118 24.61 1.45 -56.92
CA LYS C 118 25.40 1.65 -58.12
C LYS C 118 25.05 2.94 -58.86
N GLY C 119 24.41 3.87 -58.15
CA GLY C 119 24.11 5.19 -58.68
C GLY C 119 22.76 5.28 -59.36
N PRO C 120 22.39 6.50 -59.81
CA PRO C 120 21.12 6.74 -60.50
C PRO C 120 20.99 5.94 -61.79
N ILE C 121 19.78 5.46 -62.07
CA ILE C 121 19.43 4.91 -63.38
C ILE C 121 19.29 6.07 -64.36
N GLY C 122 20.07 6.06 -65.43
CA GLY C 122 19.96 7.10 -66.44
C GLY C 122 18.85 6.84 -67.44
N SER C 123 17.67 6.48 -66.97
CA SER C 123 16.58 6.14 -67.89
C SER C 123 15.99 7.38 -68.54
N LYS C 124 15.59 7.24 -69.79
CA LYS C 124 15.19 8.35 -70.63
C LYS C 124 13.71 8.35 -70.94
N ALA C 125 13.02 7.28 -70.54
CA ALA C 125 11.58 7.16 -70.75
C ALA C 125 10.85 6.77 -69.47
N ARG C 126 9.56 7.11 -69.41
CA ARG C 126 8.68 6.71 -68.31
C ARG C 126 7.40 6.06 -68.82
N ARG C 127 6.74 5.28 -67.97
CA ARG C 127 5.53 4.57 -68.37
C ARG C 127 4.55 4.39 -67.20
N ARG C 128 3.28 4.70 -67.44
CA ARG C 128 2.20 4.48 -66.46
C ARG C 128 2.11 3.03 -66.00
N VAL C 129 1.95 2.83 -64.68
CA VAL C 129 1.90 1.48 -64.13
C VAL C 129 0.57 0.78 -64.41
N GLY C 130 -0.48 1.56 -64.67
CA GLY C 130 -1.84 1.02 -64.80
C GLY C 130 -2.41 0.90 -66.19
N LEU C 131 -1.57 1.01 -67.21
CA LEU C 131 -2.00 0.87 -68.59
C LEU C 131 -2.75 -0.43 -68.85
N LYS C 132 -3.83 -0.32 -69.61
CA LYS C 132 -4.61 -1.49 -69.97
C LYS C 132 -3.83 -2.40 -70.91
N ALA C 133 -3.97 -3.71 -70.67
CA ALA C 133 -3.48 -4.74 -71.57
C ALA C 133 -3.96 -4.49 -73.03
N PRO C 134 -3.10 -4.82 -74.01
CA PRO C 134 -3.54 -4.66 -75.41
C PRO C 134 -4.80 -5.47 -75.70
N GLY C 135 -5.65 -4.95 -76.58
CA GLY C 135 -6.88 -5.62 -76.95
C GLY C 135 -6.67 -6.77 -77.90
N ILE C 136 -7.72 -7.08 -78.65
CA ILE C 136 -7.73 -8.19 -79.59
C ILE C 136 -6.85 -7.99 -80.83
N ILE C 137 -6.93 -6.82 -81.44
CA ILE C 137 -6.30 -6.61 -82.75
C ILE C 137 -4.76 -6.57 -82.69
N PRO C 138 -4.16 -5.86 -81.71
CA PRO C 138 -2.68 -5.76 -81.64
C PRO C 138 -1.91 -7.09 -81.47
N ARG C 139 -2.62 -8.20 -81.27
CA ARG C 139 -1.98 -9.47 -80.91
C ARG C 139 -2.01 -10.47 -82.05
N ILE C 140 -1.19 -11.51 -81.93
CA ILE C 140 -1.28 -12.71 -82.75
C ILE C 140 -1.10 -13.92 -81.82
N SER C 141 -1.62 -15.09 -82.20
CA SER C 141 -1.42 -16.36 -81.44
C SER C 141 0.01 -16.61 -81.00
N VAL C 142 0.18 -17.05 -79.75
CA VAL C 142 1.49 -17.43 -79.21
C VAL C 142 2.05 -18.64 -79.99
N ARG C 143 3.24 -18.48 -80.57
CA ARG C 143 3.82 -19.49 -81.46
C ARG C 143 5.32 -19.72 -81.26
N GLU C 144 5.98 -18.85 -80.52
CA GLU C 144 7.41 -18.95 -80.35
C GLU C 144 7.72 -19.56 -78.99
N PRO C 145 8.65 -20.54 -78.95
CA PRO C 145 9.05 -21.17 -77.69
C PRO C 145 9.72 -20.22 -76.72
N MET C 146 9.32 -20.30 -75.46
CA MET C 146 10.05 -19.66 -74.40
C MET C 146 10.64 -20.82 -73.61
N GLN C 147 11.88 -21.19 -73.93
CA GLN C 147 12.49 -22.38 -73.35
C GLN C 147 12.95 -22.14 -71.90
N THR C 148 12.45 -22.97 -70.99
CA THR C 148 12.90 -22.96 -69.60
C THR C 148 14.20 -23.75 -69.45
N GLY C 149 14.42 -24.71 -70.34
CA GLY C 149 15.52 -25.65 -70.17
C GLY C 149 15.24 -26.74 -69.16
N ILE C 150 14.01 -26.76 -68.63
CA ILE C 150 13.57 -27.84 -67.72
C ILE C 150 12.75 -28.84 -68.52
N LYS C 151 13.27 -30.05 -68.64
CA LYS C 151 12.67 -31.10 -69.48
C LYS C 151 11.17 -31.25 -69.22
N ALA C 152 10.80 -31.39 -67.96
CA ALA C 152 9.40 -31.56 -67.56
C ALA C 152 8.49 -30.40 -68.00
N VAL C 153 8.99 -29.18 -67.97
CA VAL C 153 8.18 -28.03 -68.38
C VAL C 153 8.08 -27.98 -69.90
N ASP C 154 9.26 -28.04 -70.53
CA ASP C 154 9.38 -27.80 -71.95
C ASP C 154 8.69 -28.91 -72.78
N SER C 155 8.60 -30.12 -72.21
CA SER C 155 7.90 -31.23 -72.87
C SER C 155 6.39 -31.30 -72.56
N LEU C 156 6.03 -31.20 -71.29
CA LEU C 156 4.67 -31.49 -70.83
C LEU C 156 3.77 -30.26 -70.73
N VAL C 157 4.33 -29.14 -70.27
CA VAL C 157 3.55 -27.91 -70.06
C VAL C 157 4.29 -26.74 -70.72
N PRO C 158 4.51 -26.80 -72.05
CA PRO C 158 5.41 -25.89 -72.73
C PRO C 158 4.92 -24.44 -72.71
N ILE C 159 5.87 -23.52 -72.59
CA ILE C 159 5.57 -22.09 -72.50
C ILE C 159 6.02 -21.40 -73.79
N GLY C 160 5.18 -20.50 -74.28
CA GLY C 160 5.45 -19.74 -75.51
C GLY C 160 5.63 -18.26 -75.20
N ARG C 161 6.17 -17.50 -76.15
CA ARG C 161 6.41 -16.09 -75.93
C ARG C 161 5.12 -15.27 -76.02
N GLY C 162 4.78 -14.66 -74.88
CA GLY C 162 3.52 -13.93 -74.75
C GLY C 162 2.54 -14.63 -73.82
N GLN C 163 2.94 -15.81 -73.35
CA GLN C 163 2.11 -16.66 -72.53
C GLN C 163 2.20 -16.26 -71.05
N ARG C 164 1.15 -16.55 -70.28
CA ARG C 164 1.24 -16.52 -68.81
C ARG C 164 1.19 -17.94 -68.30
N GLU C 165 2.16 -18.34 -67.50
CA GLU C 165 2.16 -19.68 -66.93
C GLU C 165 2.42 -19.60 -65.42
N LEU C 166 1.48 -20.10 -64.64
CA LEU C 166 1.57 -20.01 -63.18
C LEU C 166 2.50 -21.05 -62.55
N ILE C 167 3.30 -20.63 -61.58
CA ILE C 167 4.05 -21.54 -60.70
C ILE C 167 3.37 -21.57 -59.31
N ILE C 168 2.94 -22.75 -58.87
CA ILE C 168 2.03 -22.84 -57.73
C ILE C 168 2.34 -24.09 -56.88
N GLY C 169 2.28 -23.92 -55.55
CA GLY C 169 2.57 -25.01 -54.62
C GLY C 169 2.90 -24.51 -53.20
N ASP C 170 2.93 -25.40 -52.24
CA ASP C 170 3.23 -25.05 -50.85
C ASP C 170 4.59 -24.37 -50.71
N ARG C 171 4.90 -23.86 -49.53
CA ARG C 171 6.25 -23.38 -49.24
C ARG C 171 7.31 -24.42 -49.58
N GLN C 172 8.47 -23.98 -50.06
CA GLN C 172 9.64 -24.86 -50.22
C GLN C 172 9.44 -26.12 -51.12
N THR C 173 8.63 -25.96 -52.17
CA THR C 173 8.42 -27.05 -53.12
C THR C 173 9.25 -26.89 -54.41
N GLY C 174 9.90 -25.73 -54.56
CA GLY C 174 10.75 -25.45 -55.72
C GLY C 174 10.24 -24.40 -56.68
N LYS C 175 9.33 -23.53 -56.22
CA LYS C 175 8.71 -22.54 -57.11
C LYS C 175 9.69 -21.53 -57.70
N THR C 176 10.37 -20.80 -56.84
CA THR C 176 11.40 -19.86 -57.26
C THR C 176 12.47 -20.51 -58.15
N SER C 177 12.87 -21.74 -57.85
CA SER C 177 13.92 -22.43 -58.64
C SER C 177 13.54 -22.66 -60.10
N ILE C 178 12.27 -22.95 -60.38
CA ILE C 178 11.77 -23.00 -61.76
C ILE C 178 12.10 -21.69 -62.47
N ALA C 179 11.73 -20.57 -61.85
CA ALA C 179 11.95 -19.23 -62.41
C ALA C 179 13.43 -18.93 -62.59
N ILE C 180 14.25 -19.24 -61.59
CA ILE C 180 15.68 -18.98 -61.66
C ILE C 180 16.33 -19.73 -62.81
N ASP C 181 16.04 -21.03 -62.92
CA ASP C 181 16.60 -21.83 -63.99
C ASP C 181 16.21 -21.30 -65.36
N THR C 182 14.99 -20.75 -65.45
CA THR C 182 14.45 -20.22 -66.71
C THR C 182 15.16 -18.95 -67.15
N ILE C 183 15.42 -18.06 -66.19
CA ILE C 183 16.21 -16.85 -66.42
C ILE C 183 17.63 -17.21 -66.88
N ILE C 184 18.29 -18.07 -66.11
CA ILE C 184 19.66 -18.52 -66.40
C ILE C 184 19.78 -19.14 -67.80
N ASN C 185 18.74 -19.88 -68.20
CA ASN C 185 18.70 -20.54 -69.51
C ASN C 185 18.81 -19.58 -70.70
N GLN C 186 18.41 -18.33 -70.52
CA GLN C 186 18.31 -17.40 -71.64
C GLN C 186 19.67 -16.89 -72.14
N LYS C 187 20.72 -17.11 -71.34
CA LYS C 187 22.08 -16.70 -71.66
C LYS C 187 22.55 -17.23 -73.01
N ARG C 188 22.11 -18.43 -73.40
CA ARG C 188 22.55 -18.98 -74.68
C ARG C 188 21.93 -18.24 -75.86
N PHE C 189 20.80 -17.59 -75.64
CA PHE C 189 20.20 -16.76 -76.67
C PHE C 189 20.77 -15.36 -76.59
N ASN C 190 20.94 -14.88 -75.36
CA ASN C 190 21.38 -13.51 -75.11
C ASN C 190 22.86 -13.23 -75.43
N ASP C 191 23.68 -14.29 -75.40
CA ASP C 191 25.08 -14.21 -75.81
C ASP C 191 25.23 -14.47 -77.31
N GLY C 192 24.11 -14.78 -77.95
CA GLY C 192 24.10 -15.19 -79.34
C GLY C 192 23.95 -14.02 -80.29
N THR C 193 23.73 -14.35 -81.56
CA THR C 193 23.68 -13.36 -82.63
C THR C 193 22.30 -13.25 -83.31
N ASP C 194 21.36 -14.11 -82.93
CA ASP C 194 19.98 -13.99 -83.40
C ASP C 194 19.19 -13.09 -82.43
N GLU C 195 19.11 -11.80 -82.77
CA GLU C 195 18.49 -10.79 -81.91
C GLU C 195 17.06 -11.14 -81.47
N LYS C 196 16.32 -11.77 -82.37
CA LYS C 196 14.92 -12.11 -82.17
C LYS C 196 14.68 -13.21 -81.13
N LYS C 197 15.70 -14.04 -80.92
CA LYS C 197 15.64 -15.12 -79.94
C LYS C 197 15.97 -14.68 -78.52
N LYS C 198 16.50 -13.46 -78.37
CA LYS C 198 16.87 -12.96 -77.06
C LYS C 198 15.66 -12.71 -76.14
N LEU C 199 15.87 -12.91 -74.85
CA LEU C 199 14.83 -12.73 -73.88
C LEU C 199 15.40 -12.00 -72.65
N TYR C 200 14.91 -10.78 -72.44
CA TYR C 200 15.28 -9.95 -71.30
C TYR C 200 14.38 -10.29 -70.12
N CYS C 201 14.97 -10.39 -68.93
CA CYS C 201 14.29 -10.93 -67.78
C CYS C 201 14.04 -9.89 -66.69
N ILE C 202 12.92 -10.09 -65.99
CA ILE C 202 12.52 -9.22 -64.91
C ILE C 202 12.05 -10.06 -63.72
N TYR C 203 12.68 -9.87 -62.57
CA TYR C 203 12.32 -10.62 -61.37
C TYR C 203 11.67 -9.63 -60.40
N VAL C 204 10.38 -9.82 -60.15
CA VAL C 204 9.71 -8.97 -59.16
C VAL C 204 9.61 -9.74 -57.86
N ALA C 205 10.25 -9.20 -56.82
CA ALA C 205 10.18 -9.78 -55.47
C ALA C 205 9.17 -9.01 -54.64
N ILE C 206 8.17 -9.71 -54.11
CA ILE C 206 7.15 -9.07 -53.26
C ILE C 206 7.03 -9.81 -51.92
N GLY C 207 7.24 -9.07 -50.83
CA GLY C 207 6.98 -9.60 -49.47
C GLY C 207 8.10 -10.43 -48.88
N GLN C 208 9.12 -10.69 -49.70
CA GLN C 208 10.25 -11.52 -49.29
C GLN C 208 11.17 -10.80 -48.32
N LYS C 209 12.03 -11.54 -47.64
CA LYS C 209 13.07 -10.90 -46.84
C LYS C 209 14.27 -10.46 -47.69
N ARG C 210 14.82 -9.30 -47.35
CA ARG C 210 15.86 -8.65 -48.14
C ARG C 210 17.07 -9.55 -48.40
N SER C 211 17.52 -10.26 -47.38
CA SER C 211 18.68 -11.16 -47.50
C SER C 211 18.43 -12.29 -48.50
N THR C 212 17.18 -12.74 -48.64
CA THR C 212 16.83 -13.76 -49.65
C THR C 212 16.93 -13.20 -51.08
N VAL C 213 16.49 -11.95 -51.27
CA VAL C 213 16.60 -11.30 -52.57
C VAL C 213 18.06 -11.09 -52.93
N ALA C 214 18.88 -10.73 -51.94
CA ALA C 214 20.32 -10.56 -52.14
C ALA C 214 21.04 -11.86 -52.56
N GLN C 215 20.70 -12.97 -51.91
CA GLN C 215 21.22 -14.30 -52.31
C GLN C 215 20.85 -14.62 -53.74
N LEU C 216 19.64 -14.21 -54.11
CA LEU C 216 19.09 -14.46 -55.43
C LEU C 216 19.89 -13.70 -56.49
N VAL C 217 20.06 -12.39 -56.33
CA VAL C 217 20.81 -11.63 -57.33
C VAL C 217 22.28 -12.09 -57.36
N LYS C 218 22.81 -12.51 -56.21
CA LYS C 218 24.16 -13.09 -56.14
C LYS C 218 24.26 -14.36 -57.01
N ARG C 219 23.20 -15.17 -57.00
CA ARG C 219 23.12 -16.37 -57.84
C ARG C 219 23.06 -16.02 -59.34
N LEU C 220 22.27 -15.00 -59.65
CA LEU C 220 22.11 -14.53 -61.03
C LEU C 220 23.37 -13.85 -61.55
N THR C 221 24.10 -13.18 -60.66
CA THR C 221 25.38 -12.56 -61.00
C THR C 221 26.43 -13.64 -61.30
N ASP C 222 26.62 -14.59 -60.38
CA ASP C 222 27.57 -15.68 -60.59
C ASP C 222 27.26 -16.46 -61.86
N ALA C 223 26.00 -16.41 -62.29
CA ALA C 223 25.57 -17.13 -63.49
C ALA C 223 25.69 -16.27 -64.75
N ASP C 224 26.15 -15.03 -64.58
CA ASP C 224 26.20 -13.99 -65.62
C ASP C 224 24.84 -13.72 -66.27
N ALA C 225 23.79 -13.69 -65.44
CA ALA C 225 22.41 -13.49 -65.90
C ALA C 225 21.82 -12.15 -65.45
N MET C 226 22.43 -11.51 -64.47
CA MET C 226 22.04 -10.16 -64.04
C MET C 226 22.06 -9.18 -65.21
N LYS C 227 23.04 -9.31 -66.09
CA LYS C 227 23.28 -8.34 -67.15
C LYS C 227 22.11 -8.14 -68.11
N TYR C 228 21.19 -9.10 -68.11
CA TYR C 228 19.97 -9.01 -68.91
C TYR C 228 18.72 -9.12 -68.06
N THR C 229 18.86 -8.81 -66.77
CA THR C 229 17.75 -8.92 -65.86
C THR C 229 17.55 -7.62 -65.10
N ILE C 230 16.30 -7.20 -64.93
CA ILE C 230 15.92 -6.16 -63.95
C ILE C 230 15.31 -6.84 -62.71
N VAL C 231 15.81 -6.49 -61.52
CA VAL C 231 15.21 -6.97 -60.27
C VAL C 231 14.42 -5.82 -59.62
N VAL C 232 13.10 -5.98 -59.54
CA VAL C 232 12.23 -5.02 -58.87
C VAL C 232 11.90 -5.59 -57.49
N SER C 233 12.31 -4.89 -56.43
CA SER C 233 12.19 -5.43 -55.08
C SER C 233 11.32 -4.59 -54.15
N ALA C 234 10.19 -5.17 -53.74
CA ALA C 234 9.39 -4.58 -52.69
C ALA C 234 9.25 -5.61 -51.58
N THR C 235 10.16 -5.53 -50.62
CA THR C 235 10.35 -6.60 -49.64
C THR C 235 9.47 -6.46 -48.38
N ALA C 236 9.67 -7.34 -47.39
CA ALA C 236 8.77 -7.42 -46.23
C ALA C 236 8.65 -6.17 -45.36
N SER C 237 9.70 -5.35 -45.31
CA SER C 237 9.63 -4.08 -44.55
C SER C 237 9.19 -2.86 -45.39
N ASP C 238 9.05 -3.02 -46.69
CA ASP C 238 8.43 -1.99 -47.53
C ASP C 238 6.93 -1.92 -47.23
N ALA C 239 6.40 -0.69 -47.21
CA ALA C 239 4.99 -0.39 -47.01
C ALA C 239 4.08 -1.10 -48.02
N ALA C 240 2.90 -1.50 -47.53
CA ALA C 240 1.91 -2.27 -48.31
C ALA C 240 1.68 -1.74 -49.71
N PRO C 241 1.47 -0.40 -49.88
CA PRO C 241 1.32 0.18 -51.22
C PRO C 241 2.48 -0.07 -52.17
N LEU C 242 3.70 -0.18 -51.62
CA LEU C 242 4.89 -0.45 -52.41
C LEU C 242 4.90 -1.89 -52.93
N GLN C 243 4.58 -2.83 -52.04
CA GLN C 243 4.44 -4.24 -52.39
C GLN C 243 3.27 -4.43 -53.38
N TYR C 244 2.20 -3.69 -53.15
CA TYR C 244 1.03 -3.72 -54.01
C TYR C 244 1.37 -3.26 -55.43
N LEU C 245 2.18 -2.22 -55.55
CA LEU C 245 2.55 -1.60 -56.82
C LEU C 245 3.61 -2.37 -57.61
N ALA C 246 4.52 -3.04 -56.88
CA ALA C 246 5.73 -3.63 -57.50
C ALA C 246 5.47 -4.45 -58.78
N PRO C 247 4.49 -5.36 -58.77
CA PRO C 247 4.17 -6.11 -59.99
C PRO C 247 3.79 -5.25 -61.17
N TYR C 248 2.95 -4.24 -60.94
CA TYR C 248 2.56 -3.29 -62.00
C TYR C 248 3.74 -2.45 -62.51
N SER C 249 4.66 -2.09 -61.61
CA SER C 249 5.88 -1.39 -61.99
C SER C 249 6.79 -2.24 -62.88
N GLY C 250 7.09 -3.45 -62.43
CA GLY C 250 7.83 -4.43 -63.23
C GLY C 250 7.17 -4.71 -64.57
N CYS C 251 5.84 -4.81 -64.57
CA CYS C 251 5.08 -5.07 -65.82
C CYS C 251 5.33 -4.01 -66.90
N SER C 252 5.26 -2.74 -66.51
CA SER C 252 5.56 -1.60 -67.40
C SER C 252 6.99 -1.64 -67.93
N MET C 253 7.93 -1.96 -67.06
CA MET C 253 9.33 -2.18 -67.44
C MET C 253 9.44 -3.26 -68.51
N GLY C 254 8.61 -4.28 -68.38
CA GLY C 254 8.53 -5.39 -69.34
C GLY C 254 7.82 -5.00 -70.62
N GLU C 255 6.79 -4.18 -70.50
CA GLU C 255 6.03 -3.69 -71.66
C GLU C 255 6.89 -2.83 -72.60
N TYR C 256 7.96 -2.22 -72.08
CA TYR C 256 8.87 -1.45 -72.90
C TYR C 256 9.52 -2.30 -74.00
N PHE C 257 9.90 -3.53 -73.66
CA PHE C 257 10.44 -4.47 -74.65
C PHE C 257 9.33 -4.98 -75.55
N ARG C 258 8.20 -5.29 -74.94
CA ARG C 258 7.05 -5.85 -75.62
C ARG C 258 6.62 -4.99 -76.80
N ASP C 259 6.66 -3.68 -76.61
CA ASP C 259 6.14 -2.73 -77.60
C ASP C 259 7.21 -2.22 -78.55
N ASN C 260 8.45 -2.63 -78.32
CA ASN C 260 9.57 -2.15 -79.12
C ASN C 260 10.32 -3.25 -79.85
N GLY C 261 9.59 -4.32 -80.19
CA GLY C 261 10.13 -5.37 -81.04
C GLY C 261 11.02 -6.39 -80.33
N LYS C 262 11.07 -6.32 -79.00
CA LYS C 262 11.88 -7.23 -78.17
C LYS C 262 11.00 -8.14 -77.32
N HIS C 263 11.62 -9.13 -76.69
CA HIS C 263 10.89 -10.10 -75.89
C HIS C 263 11.39 -10.06 -74.44
N ALA C 264 10.46 -9.99 -73.50
CA ALA C 264 10.78 -10.02 -72.06
C ALA C 264 10.05 -11.13 -71.32
N LEU C 265 10.65 -11.55 -70.21
CA LEU C 265 10.06 -12.49 -69.29
C LEU C 265 9.98 -11.84 -67.94
N ILE C 266 8.83 -11.95 -67.29
CA ILE C 266 8.64 -11.36 -65.96
C ILE C 266 8.20 -12.40 -64.94
N ILE C 267 8.85 -12.39 -63.78
CA ILE C 267 8.46 -13.30 -62.68
C ILE C 267 7.89 -12.47 -61.56
N TYR C 268 6.70 -12.85 -61.12
CA TYR C 268 6.06 -12.19 -59.98
C TYR C 268 6.13 -13.10 -58.77
N ASP C 269 7.10 -12.84 -57.90
CA ASP C 269 7.43 -13.73 -56.79
C ASP C 269 7.31 -13.03 -55.44
N ASP C 270 6.12 -13.08 -54.82
CA ASP C 270 4.99 -13.84 -55.34
C ASP C 270 3.71 -13.04 -55.24
N LEU C 271 2.64 -13.56 -55.85
CA LEU C 271 1.35 -12.84 -55.91
C LEU C 271 0.46 -13.13 -54.69
N SER C 272 0.83 -14.13 -53.91
CA SER C 272 0.14 -14.40 -52.64
C SER C 272 0.42 -13.25 -51.68
N LYS C 273 1.69 -12.87 -51.58
CA LYS C 273 2.13 -11.77 -50.73
C LYS C 273 1.64 -10.40 -51.23
N GLN C 274 1.55 -10.23 -52.55
CA GLN C 274 1.00 -9.00 -53.11
C GLN C 274 -0.50 -8.87 -52.76
N ALA C 275 -1.25 -9.96 -52.88
CA ALA C 275 -2.68 -9.94 -52.54
C ALA C 275 -2.94 -9.67 -51.06
N VAL C 276 -2.01 -10.11 -50.21
CA VAL C 276 -2.01 -9.77 -48.78
C VAL C 276 -1.78 -8.26 -48.54
N ALA C 277 -0.86 -7.66 -49.31
CA ALA C 277 -0.59 -6.22 -49.20
C ALA C 277 -1.77 -5.41 -49.71
N TYR C 278 -2.41 -5.89 -50.78
CA TYR C 278 -3.60 -5.23 -51.33
C TYR C 278 -4.72 -5.29 -50.31
N ARG C 279 -4.93 -6.47 -49.74
CA ARG C 279 -5.88 -6.64 -48.65
C ARG C 279 -5.66 -5.60 -47.56
N GLN C 280 -4.43 -5.52 -47.07
CA GLN C 280 -4.11 -4.57 -46.02
C GLN C 280 -4.55 -3.16 -46.42
N MET C 281 -4.09 -2.74 -47.59
CA MET C 281 -4.28 -1.39 -48.09
C MET C 281 -5.77 -1.10 -48.26
N SER C 282 -6.50 -2.06 -48.81
CA SER C 282 -7.95 -1.93 -49.00
C SER C 282 -8.71 -1.84 -47.68
N LEU C 283 -8.36 -2.69 -46.71
CA LEU C 283 -9.03 -2.59 -45.41
C LEU C 283 -8.82 -1.23 -44.72
N LEU C 284 -7.61 -0.70 -44.82
CA LEU C 284 -7.27 0.54 -44.14
C LEU C 284 -7.93 1.75 -44.80
N LEU C 285 -8.22 1.63 -46.11
CA LEU C 285 -9.05 2.58 -46.84
C LEU C 285 -10.54 2.49 -46.50
N ARG C 286 -10.89 1.53 -45.65
CA ARG C 286 -12.28 1.30 -45.18
C ARG C 286 -13.20 0.65 -46.23
N ARG C 287 -12.57 0.03 -47.23
CA ARG C 287 -13.29 -0.75 -48.23
C ARG C 287 -13.69 -2.09 -47.66
N PRO C 288 -15.01 -2.36 -47.56
CA PRO C 288 -15.48 -3.54 -46.86
C PRO C 288 -14.85 -4.83 -47.38
N PRO C 289 -14.45 -5.72 -46.45
CA PRO C 289 -13.87 -7.03 -46.80
C PRO C 289 -14.88 -7.99 -47.46
N GLY C 290 -14.36 -8.86 -48.32
CA GLY C 290 -15.13 -9.90 -48.96
C GLY C 290 -14.62 -11.25 -48.51
N ARG C 291 -14.71 -12.23 -49.40
CA ARG C 291 -14.32 -13.60 -49.08
C ARG C 291 -12.89 -13.66 -48.58
N GLU C 292 -12.66 -14.37 -47.46
CA GLU C 292 -11.32 -14.52 -46.85
C GLU C 292 -10.68 -13.20 -46.46
N ALA C 293 -11.53 -12.20 -46.29
CA ALA C 293 -11.17 -10.81 -45.93
C ALA C 293 -10.49 -10.03 -47.04
N TYR C 294 -10.23 -10.68 -48.17
CA TYR C 294 -9.69 -9.99 -49.34
C TYR C 294 -10.79 -9.13 -49.93
N PRO C 295 -10.43 -8.04 -50.63
CA PRO C 295 -11.47 -7.23 -51.31
C PRO C 295 -12.25 -8.10 -52.30
N GLY C 296 -13.44 -7.63 -52.70
CA GLY C 296 -14.27 -8.40 -53.63
C GLY C 296 -13.62 -8.58 -54.99
N ASP C 297 -12.70 -7.68 -55.33
CA ASP C 297 -12.09 -7.65 -56.67
C ASP C 297 -10.63 -8.14 -56.70
N VAL C 298 -10.28 -9.05 -55.80
CA VAL C 298 -8.94 -9.66 -55.77
C VAL C 298 -8.61 -10.47 -57.04
N PHE C 299 -9.62 -10.93 -57.79
CA PHE C 299 -9.35 -11.56 -59.08
C PHE C 299 -8.84 -10.53 -60.07
N TYR C 300 -9.54 -9.40 -60.13
CA TYR C 300 -9.20 -8.28 -61.02
C TYR C 300 -7.83 -7.68 -60.76
N LEU C 301 -7.44 -7.64 -59.49
CA LEU C 301 -6.10 -7.20 -59.11
C LEU C 301 -5.08 -7.92 -59.97
N HIS C 302 -5.19 -9.24 -60.01
CA HIS C 302 -4.28 -10.08 -60.78
C HIS C 302 -4.65 -10.23 -62.26
N SER C 303 -5.94 -10.12 -62.61
CA SER C 303 -6.33 -10.33 -63.98
C SER C 303 -5.78 -9.22 -64.86
N ARG C 304 -5.92 -7.97 -64.41
CA ARG C 304 -5.45 -6.83 -65.20
C ARG C 304 -3.94 -6.82 -65.31
N LEU C 305 -3.25 -7.32 -64.29
CA LEU C 305 -1.80 -7.47 -64.33
C LEU C 305 -1.34 -8.43 -65.42
N LEU C 306 -1.91 -9.65 -65.40
CA LEU C 306 -1.39 -10.74 -66.21
C LEU C 306 -1.85 -10.69 -67.66
N GLU C 307 -3.00 -10.04 -67.90
CA GLU C 307 -3.49 -9.75 -69.27
C GLU C 307 -2.44 -8.96 -70.05
N ARG C 308 -1.59 -8.24 -69.32
CA ARG C 308 -0.55 -7.39 -69.93
C ARG C 308 0.64 -8.20 -70.46
N ALA C 309 0.79 -9.45 -70.03
CA ALA C 309 1.69 -10.34 -70.72
C ALA C 309 0.96 -10.73 -72.01
N ALA C 310 1.61 -10.51 -73.15
CA ALA C 310 0.95 -10.70 -74.45
C ALA C 310 1.97 -10.82 -75.58
N LYS C 311 1.55 -11.46 -76.68
CA LYS C 311 2.33 -11.54 -77.90
C LYS C 311 1.76 -10.55 -78.93
N MET C 312 2.60 -9.63 -79.39
CA MET C 312 2.16 -8.61 -80.35
C MET C 312 2.30 -9.07 -81.80
N ASN C 313 1.38 -8.63 -82.66
CA ASN C 313 1.50 -8.90 -84.09
C ASN C 313 2.61 -8.05 -84.74
N ASP C 314 2.96 -8.41 -85.97
CA ASP C 314 4.07 -7.76 -86.66
C ASP C 314 3.87 -6.26 -86.86
N ALA C 315 2.62 -5.84 -87.03
CA ALA C 315 2.28 -4.43 -87.16
C ALA C 315 2.58 -3.62 -85.88
N PHE C 316 2.53 -4.30 -84.73
CA PHE C 316 2.88 -3.69 -83.43
C PHE C 316 4.32 -4.01 -82.99
N GLY C 317 5.09 -4.59 -83.90
CA GLY C 317 6.50 -4.82 -83.68
C GLY C 317 6.89 -6.26 -83.46
N GLY C 318 5.90 -7.13 -83.24
CA GLY C 318 6.17 -8.56 -83.06
C GLY C 318 6.77 -8.96 -81.72
N GLY C 319 6.95 -7.99 -80.82
CA GLY C 319 7.51 -8.24 -79.48
C GLY C 319 6.53 -8.96 -78.57
N SER C 320 6.97 -9.29 -77.36
CA SER C 320 6.14 -10.06 -76.41
C SER C 320 6.59 -9.83 -74.95
N LEU C 321 5.69 -10.17 -74.03
CA LEU C 321 6.03 -10.24 -72.61
C LEU C 321 5.40 -11.53 -72.09
N THR C 322 6.23 -12.35 -71.46
CA THR C 322 5.81 -13.63 -70.94
C THR C 322 5.81 -13.49 -69.44
N ALA C 323 4.83 -14.07 -68.77
CA ALA C 323 4.74 -13.95 -67.31
C ALA C 323 4.71 -15.28 -66.58
N LEU C 324 5.56 -15.40 -65.58
CA LEU C 324 5.47 -16.52 -64.65
C LEU C 324 5.14 -16.00 -63.27
N PRO C 325 3.83 -15.84 -62.98
CA PRO C 325 3.44 -15.45 -61.61
C PRO C 325 3.62 -16.64 -60.69
N VAL C 326 3.80 -16.38 -59.40
CA VAL C 326 3.99 -17.41 -58.40
C VAL C 326 2.88 -17.33 -57.34
N ILE C 327 2.31 -18.48 -56.97
CA ILE C 327 1.32 -18.52 -55.91
C ILE C 327 1.68 -19.59 -54.90
N GLU C 328 1.64 -19.25 -53.62
CA GLU C 328 1.88 -20.21 -52.55
C GLU C 328 0.55 -20.68 -52.02
N THR C 329 0.34 -22.00 -52.05
CA THR C 329 -0.83 -22.66 -51.49
C THR C 329 -0.55 -23.08 -50.05
N GLN C 330 -1.62 -23.41 -49.33
CA GLN C 330 -1.50 -23.90 -47.97
C GLN C 330 -1.93 -25.36 -47.98
N ALA C 331 -1.13 -26.22 -47.36
CA ALA C 331 -1.45 -27.64 -47.24
C ALA C 331 -1.85 -28.29 -48.56
N GLY C 332 -1.23 -27.83 -49.66
CA GLY C 332 -1.30 -28.54 -50.93
C GLY C 332 -2.58 -28.35 -51.70
N ASP C 333 -3.37 -27.36 -51.32
CA ASP C 333 -4.72 -27.23 -51.84
C ASP C 333 -4.79 -26.26 -53.03
N VAL C 334 -4.51 -26.76 -54.24
CA VAL C 334 -4.65 -25.95 -55.46
C VAL C 334 -6.07 -25.60 -55.82
N SER C 335 -7.03 -26.26 -55.17
CA SER C 335 -8.45 -26.01 -55.42
C SER C 335 -9.05 -24.85 -54.64
N ALA C 336 -8.26 -24.22 -53.76
CA ALA C 336 -8.77 -23.16 -52.93
C ALA C 336 -9.12 -21.90 -53.74
N TYR C 337 -9.81 -20.97 -53.07
CA TYR C 337 -10.30 -19.73 -53.69
C TYR C 337 -9.21 -18.94 -54.42
N ILE C 338 -8.20 -18.43 -53.70
CA ILE C 338 -7.17 -17.58 -54.36
C ILE C 338 -6.37 -18.29 -55.45
N PRO C 339 -5.91 -19.54 -55.18
CA PRO C 339 -5.21 -20.26 -56.24
C PRO C 339 -6.04 -20.42 -57.52
N THR C 340 -7.31 -20.78 -57.39
CA THR C 340 -8.12 -20.98 -58.58
C THR C 340 -8.36 -19.66 -59.29
N ASN C 341 -8.49 -18.57 -58.53
CA ASN C 341 -8.55 -17.24 -59.14
C ASN C 341 -7.42 -17.04 -60.14
N VAL C 342 -6.19 -17.31 -59.71
CA VAL C 342 -5.02 -17.09 -60.57
C VAL C 342 -4.89 -18.13 -61.68
N ILE C 343 -5.16 -19.40 -61.37
CA ILE C 343 -5.29 -20.42 -62.44
C ILE C 343 -6.30 -19.97 -63.49
N SER C 344 -7.41 -19.37 -63.06
CA SER C 344 -8.43 -18.90 -64.00
C SER C 344 -7.99 -17.67 -64.84
N ILE C 345 -6.76 -17.17 -64.59
CA ILE C 345 -6.19 -16.11 -65.40
C ILE C 345 -5.14 -16.61 -66.42
N THR C 346 -4.20 -17.41 -65.93
CA THR C 346 -3.04 -17.79 -66.72
C THR C 346 -3.31 -18.80 -67.84
N ASP C 347 -2.37 -18.88 -68.79
CA ASP C 347 -2.41 -19.90 -69.84
C ASP C 347 -1.76 -21.19 -69.38
N GLY C 348 -2.11 -21.62 -68.18
CA GLY C 348 -1.61 -22.87 -67.61
C GLY C 348 -0.92 -22.69 -66.27
N GLN C 349 -0.60 -23.81 -65.64
CA GLN C 349 0.03 -23.80 -64.33
C GLN C 349 0.95 -24.99 -64.15
N ILE C 350 2.04 -24.78 -63.41
CA ILE C 350 2.95 -25.84 -63.00
C ILE C 350 2.72 -26.01 -61.51
N PHE C 351 2.15 -27.16 -61.13
CA PHE C 351 1.84 -27.41 -59.72
C PHE C 351 2.90 -28.31 -59.09
N LEU C 352 3.48 -27.85 -57.99
CA LEU C 352 4.52 -28.58 -57.27
C LEU C 352 4.01 -29.10 -55.93
N GLU C 353 4.44 -30.30 -55.53
CA GLU C 353 4.04 -30.90 -54.25
C GLU C 353 5.21 -31.48 -53.43
N THR C 354 5.17 -31.24 -52.12
CA THR C 354 6.17 -31.76 -51.17
C THR C 354 6.34 -33.28 -51.28
N GLU C 355 5.21 -34.00 -51.37
CA GLU C 355 5.19 -35.47 -51.46
C GLU C 355 6.09 -35.92 -52.59
N LEU C 356 5.82 -35.41 -53.78
CA LEU C 356 6.65 -35.67 -54.95
C LEU C 356 8.10 -35.29 -54.65
N PHE C 357 8.31 -34.08 -54.15
CA PHE C 357 9.64 -33.57 -53.85
C PHE C 357 10.48 -34.54 -53.00
N TYR C 358 9.92 -34.99 -51.88
CA TYR C 358 10.63 -35.90 -50.99
C TYR C 358 10.76 -37.36 -51.49
N LYS C 359 9.85 -37.80 -52.34
CA LYS C 359 10.01 -39.10 -53.02
C LYS C 359 11.12 -39.07 -54.06
N GLY C 360 11.60 -37.87 -54.41
CA GLY C 360 12.66 -37.75 -55.39
C GLY C 360 12.24 -37.28 -56.78
N ILE C 361 10.93 -37.06 -56.98
CA ILE C 361 10.45 -36.36 -58.17
C ILE C 361 10.80 -34.88 -58.03
N ARG C 362 11.90 -34.48 -58.65
CA ARG C 362 12.36 -33.09 -58.64
C ARG C 362 12.84 -32.81 -60.08
N PRO C 363 12.27 -31.78 -60.73
CA PRO C 363 11.28 -30.84 -60.18
C PRO C 363 10.00 -31.58 -59.80
N ALA C 364 9.32 -31.09 -58.76
CA ALA C 364 8.23 -31.81 -58.11
C ALA C 364 6.89 -31.55 -58.76
N ILE C 365 6.86 -31.68 -60.09
CA ILE C 365 5.69 -31.37 -60.87
C ILE C 365 4.64 -32.49 -60.86
N ASN C 366 3.41 -32.14 -60.47
CA ASN C 366 2.26 -33.00 -60.63
C ASN C 366 1.76 -32.87 -62.07
N VAL C 367 1.92 -33.93 -62.86
CA VAL C 367 1.64 -33.91 -64.30
C VAL C 367 0.14 -33.75 -64.55
N GLY C 368 -0.66 -34.59 -63.89
CA GLY C 368 -2.11 -34.55 -64.05
C GLY C 368 -2.73 -33.19 -63.75
N LEU C 369 -2.20 -32.53 -62.72
CA LEU C 369 -2.73 -31.23 -62.28
C LEU C 369 -2.13 -30.02 -62.99
N SER C 370 -1.01 -30.20 -63.68
CA SER C 370 -0.40 -29.10 -64.43
C SER C 370 -0.96 -29.05 -65.86
N VAL C 371 -0.94 -27.88 -66.49
CA VAL C 371 -1.27 -27.74 -67.92
C VAL C 371 -0.57 -26.58 -68.57
N SER C 372 -0.40 -26.70 -69.87
CA SER C 372 -0.17 -25.57 -70.76
C SER C 372 -1.42 -25.40 -71.57
N ARG C 373 -1.86 -24.16 -71.72
CA ARG C 373 -3.03 -23.84 -72.55
C ARG C 373 -2.64 -23.40 -73.97
N VAL C 374 -1.33 -23.40 -74.24
CA VAL C 374 -0.82 -23.11 -75.60
C VAL C 374 -0.36 -24.41 -76.29
N GLY C 375 0.10 -25.36 -75.50
CA GLY C 375 0.54 -26.67 -76.02
C GLY C 375 1.65 -26.61 -77.07
N SER C 376 1.53 -27.49 -78.08
CA SER C 376 2.61 -27.73 -79.03
C SER C 376 2.89 -26.54 -79.94
N ALA C 377 1.92 -25.62 -80.02
CA ALA C 377 2.14 -24.32 -80.67
C ALA C 377 3.37 -23.60 -80.10
N ALA C 378 3.71 -23.90 -78.84
CA ALA C 378 4.86 -23.28 -78.16
C ALA C 378 6.11 -24.14 -78.19
N GLN C 379 6.05 -25.26 -78.90
CA GLN C 379 7.20 -26.19 -78.96
C GLN C 379 7.84 -26.18 -80.32
N THR C 380 9.15 -26.43 -80.37
CA THR C 380 9.80 -26.70 -81.65
C THR C 380 9.19 -28.00 -82.17
N ARG C 381 9.19 -28.17 -83.49
CA ARG C 381 8.70 -29.42 -84.09
C ARG C 381 9.39 -30.66 -83.49
N ALA C 382 10.69 -30.58 -83.24
CA ALA C 382 11.47 -31.70 -82.70
C ALA C 382 10.96 -32.16 -81.33
N MET C 383 10.69 -31.21 -80.44
CA MET C 383 10.12 -31.51 -79.13
C MET C 383 8.70 -32.07 -79.29
N LYS C 384 7.93 -31.47 -80.19
CA LYS C 384 6.58 -31.97 -80.44
C LYS C 384 6.66 -33.43 -80.92
N GLN C 385 7.68 -33.73 -81.73
CA GLN C 385 7.86 -35.07 -82.27
C GLN C 385 8.06 -36.11 -81.17
N VAL C 386 8.83 -35.74 -80.14
CA VAL C 386 9.10 -36.65 -79.01
C VAL C 386 8.09 -36.56 -77.85
N ALA C 387 7.45 -35.41 -77.68
CA ALA C 387 6.62 -35.15 -76.49
C ALA C 387 5.12 -35.02 -76.75
N GLY C 388 4.73 -35.05 -78.02
CA GLY C 388 3.34 -34.77 -78.43
C GLY C 388 2.16 -35.45 -77.72
N THR C 389 2.34 -36.71 -77.34
CA THR C 389 1.27 -37.48 -76.67
C THR C 389 1.62 -37.83 -75.22
N MET C 390 2.81 -37.44 -74.77
CA MET C 390 3.34 -37.86 -73.48
C MET C 390 2.49 -37.41 -72.30
N LYS C 391 1.92 -36.21 -72.36
CA LYS C 391 1.22 -35.69 -71.21
C LYS C 391 -0.04 -36.47 -70.87
N LEU C 392 -0.86 -36.79 -71.88
CA LEU C 392 -2.03 -37.64 -71.67
C LEU C 392 -1.61 -39.06 -71.26
N GLU C 393 -0.56 -39.53 -71.93
CA GLU C 393 0.01 -40.85 -71.67
C GLU C 393 0.46 -41.04 -70.21
N LEU C 394 1.06 -39.99 -69.64
CA LEU C 394 1.54 -40.05 -68.27
C LEU C 394 0.41 -39.98 -67.25
N ALA C 395 -0.66 -39.27 -67.62
CA ALA C 395 -1.87 -39.22 -66.80
C ALA C 395 -2.51 -40.60 -66.72
N GLN C 396 -2.70 -41.25 -67.86
CA GLN C 396 -3.23 -42.62 -67.87
C GLN C 396 -2.30 -43.58 -67.14
N TYR C 397 -0.99 -43.39 -67.27
CA TYR C 397 0.00 -44.24 -66.58
C TYR C 397 -0.18 -44.20 -65.05
N ARG C 398 -0.27 -43.00 -64.49
CA ARG C 398 -0.39 -42.84 -63.05
C ARG C 398 -1.67 -43.45 -62.50
N GLU C 399 -2.76 -43.31 -63.26
CA GLU C 399 -4.05 -43.92 -62.92
C GLU C 399 -3.94 -45.45 -62.87
N VAL C 400 -3.37 -46.04 -63.92
CA VAL C 400 -3.22 -47.49 -64.04
C VAL C 400 -2.26 -48.06 -62.99
N ALA C 401 -1.20 -47.32 -62.69
CA ALA C 401 -0.26 -47.69 -61.64
C ALA C 401 -0.90 -47.71 -60.25
N ALA C 402 -1.88 -46.84 -60.03
CA ALA C 402 -2.64 -46.86 -58.79
C ALA C 402 -3.65 -48.01 -58.76
N PHE C 403 -4.33 -48.25 -59.88
CA PHE C 403 -5.29 -49.35 -60.00
C PHE C 403 -4.63 -50.73 -59.95
N ALA C 404 -3.42 -50.84 -60.50
CA ALA C 404 -2.68 -52.11 -60.50
C ALA C 404 -2.02 -52.42 -59.16
N GLN C 405 -2.11 -51.49 -58.21
CA GLN C 405 -1.39 -51.53 -56.93
C GLN C 405 -1.30 -52.91 -56.28
N PHE C 406 -2.42 -53.63 -56.24
CA PHE C 406 -2.45 -55.01 -55.79
C PHE C 406 -1.92 -55.95 -56.88
N GLY C 407 -0.59 -56.08 -56.94
CA GLY C 407 0.10 -56.81 -58.03
C GLY C 407 -0.33 -58.24 -58.30
N SER C 408 -1.35 -58.39 -59.16
CA SER C 408 -1.79 -59.70 -59.65
C SER C 408 -2.19 -59.61 -61.12
N ASP C 409 -1.92 -60.70 -61.86
CA ASP C 409 -2.08 -60.79 -63.33
C ASP C 409 -2.51 -59.52 -64.09
N LEU C 410 -1.52 -58.89 -64.72
CA LEU C 410 -1.74 -57.73 -65.57
C LEU C 410 -1.51 -58.14 -67.02
N ASP C 411 -2.42 -57.75 -67.91
CA ASP C 411 -2.29 -58.03 -69.34
C ASP C 411 -1.04 -57.39 -69.96
N ALA C 412 -0.75 -57.74 -71.21
CA ALA C 412 0.44 -57.22 -71.91
C ALA C 412 0.43 -55.70 -72.05
N ALA C 413 -0.73 -55.12 -72.34
CA ALA C 413 -0.87 -53.68 -72.61
C ALA C 413 -0.55 -52.78 -71.41
N THR C 414 -1.12 -53.13 -70.25
CA THR C 414 -0.92 -52.33 -69.06
C THR C 414 0.50 -52.47 -68.50
N GLN C 415 1.06 -53.69 -68.59
CA GLN C 415 2.43 -53.92 -68.15
C GLN C 415 3.42 -53.07 -68.95
N GLN C 416 3.19 -52.99 -70.26
CA GLN C 416 3.93 -52.09 -71.14
C GLN C 416 3.75 -50.62 -70.78
N LEU C 417 2.49 -50.23 -70.53
CA LEU C 417 2.17 -48.86 -70.11
C LEU C 417 2.93 -48.51 -68.83
N LEU C 418 2.98 -49.47 -67.92
CA LEU C 418 3.68 -49.29 -66.64
C LEU C 418 5.19 -49.13 -66.81
N SER C 419 5.80 -50.02 -67.58
CA SER C 419 7.25 -50.00 -67.85
C SER C 419 7.69 -48.70 -68.51
N ARG C 420 6.91 -48.23 -69.47
CA ARG C 420 7.17 -46.95 -70.12
C ARG C 420 7.07 -45.81 -69.11
N GLY C 421 5.94 -45.76 -68.41
CA GLY C 421 5.65 -44.68 -67.47
C GLY C 421 6.71 -44.49 -66.40
N VAL C 422 7.14 -45.61 -65.78
CA VAL C 422 8.11 -45.54 -64.69
C VAL C 422 9.46 -45.02 -65.19
N ARG C 423 9.75 -45.26 -66.46
CA ARG C 423 11.02 -44.86 -67.04
C ARG C 423 11.01 -43.41 -67.51
N LEU C 424 9.90 -42.98 -68.11
CA LEU C 424 9.73 -41.56 -68.46
C LEU C 424 9.82 -40.64 -67.24
N THR C 425 9.22 -41.07 -66.13
CA THR C 425 9.28 -40.36 -64.87
C THR C 425 10.73 -40.10 -64.45
N GLU C 426 11.60 -41.08 -64.62
CA GLU C 426 13.02 -40.91 -64.34
C GLU C 426 13.68 -39.90 -65.29
N LEU C 427 13.24 -39.90 -66.55
CA LEU C 427 13.84 -39.00 -67.55
C LEU C 427 13.47 -37.53 -67.35
N LEU C 428 12.34 -37.28 -66.71
CA LEU C 428 11.88 -35.91 -66.44
C LEU C 428 12.38 -35.38 -65.09
N LYS C 429 13.15 -36.21 -64.38
CA LYS C 429 13.85 -35.74 -63.18
C LYS C 429 15.02 -34.90 -63.65
N GLN C 430 15.30 -33.83 -62.92
CA GLN C 430 16.36 -32.90 -63.31
C GLN C 430 16.88 -32.14 -62.10
N GLY C 431 18.20 -31.94 -62.08
CA GLY C 431 18.84 -31.14 -61.04
C GLY C 431 18.66 -29.67 -61.30
N GLN C 432 19.31 -28.85 -60.48
CA GLN C 432 19.20 -27.41 -60.55
C GLN C 432 20.38 -26.76 -61.25
N TYR C 433 20.15 -25.55 -61.75
CA TYR C 433 21.20 -24.63 -62.22
C TYR C 433 21.93 -25.03 -63.50
N SER C 434 21.49 -26.11 -64.15
CA SER C 434 21.99 -26.44 -65.48
C SER C 434 20.86 -26.63 -66.50
N PRO C 435 20.12 -25.55 -66.82
CA PRO C 435 19.03 -25.74 -67.78
C PRO C 435 19.54 -26.21 -69.14
N MET C 436 18.77 -27.09 -69.77
CA MET C 436 19.21 -27.87 -70.93
C MET C 436 18.84 -27.24 -72.26
N ALA C 437 19.76 -27.32 -73.21
CA ALA C 437 19.49 -26.88 -74.58
C ALA C 437 18.41 -27.80 -75.16
N ILE C 438 17.48 -27.23 -75.92
CA ILE C 438 16.33 -27.98 -76.46
C ILE C 438 16.69 -29.29 -77.16
N GLU C 439 17.76 -29.31 -77.95
CA GLU C 439 18.13 -30.49 -78.74
C GLU C 439 18.62 -31.64 -77.85
N GLU C 440 19.26 -31.27 -76.73
CA GLU C 440 19.67 -32.22 -75.70
C GLU C 440 18.45 -32.79 -74.98
N GLN C 441 17.45 -31.95 -74.72
CA GLN C 441 16.18 -32.42 -74.15
C GLN C 441 15.52 -33.41 -75.08
N VAL C 442 15.55 -33.13 -76.39
CA VAL C 442 14.90 -33.99 -77.37
C VAL C 442 15.60 -35.34 -77.52
N ALA C 443 16.93 -35.33 -77.55
CA ALA C 443 17.72 -36.56 -77.67
C ALA C 443 17.40 -37.51 -76.52
N VAL C 444 17.31 -36.94 -75.33
CA VAL C 444 17.11 -37.68 -74.09
C VAL C 444 15.69 -38.25 -74.00
N ILE C 445 14.69 -37.39 -74.18
CA ILE C 445 13.28 -37.84 -74.22
C ILE C 445 13.04 -38.87 -75.33
N TYR C 446 13.74 -38.70 -76.45
CA TYR C 446 13.67 -39.60 -77.59
C TYR C 446 13.97 -41.03 -77.20
N ALA C 447 15.06 -41.23 -76.48
CA ALA C 447 15.50 -42.58 -76.08
C ALA C 447 14.39 -43.32 -75.32
N GLY C 448 13.61 -42.57 -74.54
CA GLY C 448 12.55 -43.12 -73.72
C GLY C 448 11.23 -43.35 -74.43
N VAL C 449 10.75 -42.35 -75.15
CA VAL C 449 9.43 -42.44 -75.82
C VAL C 449 9.43 -43.40 -76.98
N ARG C 450 10.62 -43.68 -77.50
CA ARG C 450 10.82 -44.63 -78.58
C ARG C 450 11.05 -46.04 -78.05
N GLY C 451 11.11 -46.16 -76.73
CA GLY C 451 11.09 -47.47 -76.07
C GLY C 451 12.44 -48.17 -75.92
N TYR C 452 13.53 -47.49 -76.27
CA TYR C 452 14.86 -48.10 -76.26
C TYR C 452 15.38 -48.36 -74.85
N LEU C 453 14.66 -47.84 -73.87
CA LEU C 453 15.05 -47.95 -72.47
C LEU C 453 14.13 -48.88 -71.70
N ASP C 454 13.16 -49.46 -72.39
CA ASP C 454 12.10 -50.24 -71.74
C ASP C 454 12.59 -51.46 -70.93
N LYS C 455 13.78 -51.96 -71.27
CA LYS C 455 14.35 -53.08 -70.53
C LYS C 455 15.54 -52.69 -69.65
N LEU C 456 15.82 -51.39 -69.56
CA LEU C 456 16.82 -50.89 -68.63
C LEU C 456 16.21 -50.70 -67.26
N GLU C 457 16.92 -51.18 -66.23
CA GLU C 457 16.47 -51.03 -64.85
C GLU C 457 16.19 -49.55 -64.54
N PRO C 458 14.97 -49.25 -64.06
CA PRO C 458 14.59 -47.84 -63.87
C PRO C 458 15.56 -47.01 -63.02
N SER C 459 16.20 -47.62 -62.03
CA SER C 459 17.16 -46.91 -61.16
C SER C 459 18.44 -46.50 -61.88
N LYS C 460 18.66 -47.05 -63.07
CA LYS C 460 19.85 -46.73 -63.86
C LYS C 460 19.62 -45.60 -64.86
N ILE C 461 18.35 -45.26 -65.12
CA ILE C 461 17.99 -44.25 -66.13
C ILE C 461 18.77 -42.93 -65.99
N THR C 462 18.84 -42.38 -64.78
CA THR C 462 19.54 -41.12 -64.54
C THR C 462 21.05 -41.21 -64.84
N LYS C 463 21.67 -42.32 -64.42
CA LYS C 463 23.09 -42.57 -64.74
C LYS C 463 23.27 -42.68 -66.25
N PHE C 464 22.34 -43.39 -66.91
CA PHE C 464 22.34 -43.52 -68.38
C PHE C 464 22.21 -42.20 -69.12
N GLU C 465 21.25 -41.38 -68.72
CA GLU C 465 21.03 -40.09 -69.37
C GLU C 465 22.30 -39.25 -69.37
N ASN C 466 22.91 -39.07 -68.20
CA ASN C 466 24.09 -38.23 -68.09
C ASN C 466 25.28 -38.71 -68.92
N ALA C 467 25.45 -40.03 -68.97
CA ALA C 467 26.49 -40.64 -69.80
C ALA C 467 26.15 -40.52 -71.28
N PHE C 468 24.88 -40.74 -71.61
CA PHE C 468 24.40 -40.63 -73.00
C PHE C 468 24.59 -39.21 -73.51
N LEU C 469 24.21 -38.25 -72.67
CA LEU C 469 24.29 -36.84 -72.99
C LEU C 469 25.74 -36.42 -73.23
N SER C 470 26.63 -36.78 -72.30
CA SER C 470 28.04 -36.43 -72.48
C SER C 470 28.63 -37.06 -73.73
N HIS C 471 28.13 -38.25 -74.10
CA HIS C 471 28.53 -38.93 -75.33
C HIS C 471 28.08 -38.20 -76.60
N VAL C 472 26.78 -37.91 -76.73
CA VAL C 472 26.30 -37.18 -77.91
C VAL C 472 26.88 -35.78 -78.02
N ILE C 473 27.08 -35.11 -76.89
CA ILE C 473 27.68 -33.77 -76.89
C ILE C 473 29.10 -33.80 -77.45
N SER C 474 29.90 -34.77 -77.01
CA SER C 474 31.29 -34.87 -77.41
C SER C 474 31.46 -35.44 -78.82
N GLN C 475 30.64 -36.44 -79.14
CA GLN C 475 30.86 -37.27 -80.32
C GLN C 475 29.90 -36.94 -81.47
N HIS C 476 28.70 -36.44 -81.15
CA HIS C 476 27.70 -36.19 -82.20
C HIS C 476 27.15 -34.77 -82.18
N GLN C 477 28.08 -33.82 -82.12
CA GLN C 477 27.76 -32.38 -82.09
C GLN C 477 27.10 -31.95 -83.40
N ALA C 478 27.36 -32.70 -84.46
CA ALA C 478 26.76 -32.45 -85.76
C ALA C 478 25.28 -32.88 -85.83
N LEU C 479 24.94 -33.99 -85.19
CA LEU C 479 23.55 -34.46 -85.13
C LEU C 479 22.73 -33.47 -84.30
N LEU C 480 23.27 -33.12 -83.14
CA LEU C 480 22.67 -32.13 -82.24
C LEU C 480 22.56 -30.75 -82.90
N SER C 481 23.57 -30.37 -83.68
CA SER C 481 23.56 -29.13 -84.43
C SER C 481 22.41 -29.09 -85.43
N LYS C 482 22.24 -30.19 -86.16
CA LYS C 482 21.21 -30.30 -87.18
C LYS C 482 19.80 -30.22 -86.59
N ILE C 483 19.58 -30.89 -85.46
CA ILE C 483 18.28 -30.85 -84.78
C ILE C 483 17.96 -29.44 -84.27
N ARG C 484 18.96 -28.77 -83.69
CA ARG C 484 18.82 -27.40 -83.20
C ARG C 484 18.51 -26.42 -84.34
N THR C 485 19.27 -26.54 -85.43
CA THR C 485 19.14 -25.65 -86.59
C THR C 485 17.85 -25.94 -87.37
N ASP C 486 17.61 -27.21 -87.72
CA ASP C 486 16.40 -27.59 -88.47
C ASP C 486 15.10 -27.46 -87.65
N GLY C 487 15.23 -27.44 -86.33
CA GLY C 487 14.09 -27.35 -85.41
C GLY C 487 13.27 -28.63 -85.36
N LYS C 488 13.83 -29.71 -85.88
CA LYS C 488 13.12 -30.97 -86.07
C LYS C 488 14.04 -32.19 -86.13
N ILE C 489 13.45 -33.37 -85.99
CA ILE C 489 14.14 -34.64 -86.24
C ILE C 489 13.78 -35.15 -87.63
N SER C 490 14.71 -34.98 -88.58
CA SER C 490 14.54 -35.47 -89.94
C SER C 490 14.69 -36.99 -89.96
N GLU C 491 14.32 -37.61 -91.08
CA GLU C 491 14.41 -39.07 -91.23
C GLU C 491 15.84 -39.53 -91.07
N GLU C 492 16.77 -38.67 -91.49
CA GLU C 492 18.20 -38.90 -91.36
C GLU C 492 18.65 -38.79 -89.90
N SER C 493 18.20 -37.75 -89.21
CA SER C 493 18.51 -37.56 -87.79
C SER C 493 17.96 -38.69 -86.95
N ASP C 494 16.76 -39.16 -87.32
CA ASP C 494 16.10 -40.25 -86.63
C ASP C 494 16.93 -41.53 -86.74
N ALA C 495 17.35 -41.84 -87.95
CA ALA C 495 18.19 -43.01 -88.24
C ALA C 495 19.49 -42.97 -87.46
N LYS C 496 20.09 -41.79 -87.39
CA LYS C 496 21.33 -41.59 -86.64
C LYS C 496 21.16 -41.74 -85.13
N LEU C 497 20.06 -41.23 -84.59
CA LEU C 497 19.78 -41.31 -83.16
C LEU C 497 19.53 -42.74 -82.69
N LYS C 498 18.73 -43.47 -83.44
CA LYS C 498 18.44 -44.88 -83.18
C LYS C 498 19.74 -45.70 -83.04
N GLU C 499 20.67 -45.51 -83.97
CA GLU C 499 21.95 -46.22 -84.00
C GLU C 499 22.86 -45.87 -82.80
N ILE C 500 22.81 -44.62 -82.37
CA ILE C 500 23.53 -44.17 -81.19
C ILE C 500 22.96 -44.77 -79.89
N VAL C 501 21.65 -44.63 -79.65
CA VAL C 501 21.08 -45.09 -78.37
C VAL C 501 21.06 -46.62 -78.20
N THR C 502 20.76 -47.35 -79.27
CA THR C 502 20.73 -48.80 -79.14
C THR C 502 22.12 -49.39 -78.81
N ASN C 503 23.14 -49.00 -79.58
CA ASN C 503 24.51 -49.46 -79.38
C ASN C 503 25.19 -48.96 -78.09
N PHE C 504 25.02 -47.67 -77.79
CA PHE C 504 25.50 -47.09 -76.53
C PHE C 504 24.87 -47.76 -75.29
N LEU C 505 23.54 -47.92 -75.29
CA LEU C 505 22.82 -48.56 -74.17
C LEU C 505 23.42 -49.93 -73.92
N ALA C 506 23.67 -50.67 -75.01
CA ALA C 506 24.23 -52.01 -74.94
C ALA C 506 25.62 -51.99 -74.29
N GLY C 507 26.41 -50.98 -74.66
CA GLY C 507 27.71 -50.76 -74.02
C GLY C 507 27.51 -50.47 -72.54
N PHE C 508 26.60 -49.53 -72.26
CA PHE C 508 26.26 -49.10 -70.91
C PHE C 508 25.85 -50.27 -70.00
N GLU C 509 25.19 -51.26 -70.60
CA GLU C 509 24.66 -52.41 -69.87
C GLU C 509 25.61 -53.62 -69.76
N ALA C 510 26.83 -53.48 -70.29
CA ALA C 510 27.79 -54.60 -70.35
C ALA C 510 28.21 -55.11 -68.98
N THR D 13 -29.18 17.23 -69.57
CA THR D 13 -28.83 17.79 -68.22
C THR D 13 -27.40 17.45 -67.80
N THR D 14 -26.73 18.45 -67.23
CA THR D 14 -25.34 18.37 -66.79
C THR D 14 -25.24 18.04 -65.30
N GLY D 15 -24.35 17.11 -64.98
CA GLY D 15 -24.04 16.78 -63.59
C GLY D 15 -22.55 16.90 -63.34
N ARG D 16 -22.15 16.68 -62.09
CA ARG D 16 -20.75 16.81 -61.69
C ARG D 16 -20.34 15.63 -60.83
N ILE D 17 -19.12 15.16 -61.03
CA ILE D 17 -18.57 14.10 -60.20
C ILE D 17 -18.30 14.63 -58.79
N VAL D 18 -18.84 13.96 -57.77
CA VAL D 18 -18.58 14.31 -56.37
C VAL D 18 -17.76 13.26 -55.61
N ALA D 19 -17.73 12.03 -56.10
CA ALA D 19 -16.88 10.98 -55.51
C ALA D 19 -16.43 9.97 -56.55
N VAL D 20 -15.20 9.51 -56.40
CA VAL D 20 -14.68 8.36 -57.16
C VAL D 20 -13.95 7.40 -56.21
N ILE D 21 -14.41 6.15 -56.18
CA ILE D 21 -13.69 5.08 -55.52
C ILE D 21 -13.76 3.86 -56.44
N GLY D 22 -12.62 3.49 -57.01
CA GLY D 22 -12.57 2.39 -58.00
C GLY D 22 -13.56 2.62 -59.14
N ALA D 23 -14.34 1.57 -59.43
CA ALA D 23 -15.33 1.55 -60.52
C ALA D 23 -16.59 2.37 -60.24
N VAL D 24 -16.73 2.82 -58.99
CA VAL D 24 -17.97 3.46 -58.54
C VAL D 24 -17.79 4.98 -58.43
N VAL D 25 -18.60 5.70 -59.21
CA VAL D 25 -18.58 7.15 -59.28
C VAL D 25 -19.93 7.73 -58.86
N ASP D 26 -19.89 8.73 -58.00
CA ASP D 26 -21.08 9.47 -57.56
C ASP D 26 -21.15 10.79 -58.31
N VAL D 27 -22.34 11.11 -58.82
CA VAL D 27 -22.55 12.28 -59.67
C VAL D 27 -23.73 13.11 -59.17
N GLN D 28 -23.50 14.40 -58.93
CA GLN D 28 -24.61 15.28 -58.50
C GLN D 28 -25.21 16.05 -59.68
N PHE D 29 -26.54 16.09 -59.73
CA PHE D 29 -27.26 16.83 -60.74
C PHE D 29 -28.10 17.93 -60.10
N ASP D 30 -28.05 19.13 -60.67
CA ASP D 30 -28.82 20.24 -60.11
C ASP D 30 -30.25 20.31 -60.61
N GLU D 31 -30.51 19.73 -61.78
CA GLU D 31 -31.85 19.76 -62.35
C GLU D 31 -32.50 18.37 -62.34
N GLY D 32 -32.62 17.77 -63.52
CA GLY D 32 -33.27 16.47 -63.68
C GLY D 32 -32.37 15.27 -63.44
N LEU D 33 -32.70 14.48 -62.43
CA LEU D 33 -31.96 13.29 -62.09
C LEU D 33 -32.14 12.19 -63.15
N PRO D 34 -31.02 11.66 -63.69
CA PRO D 34 -31.15 10.54 -64.62
C PRO D 34 -31.74 9.31 -63.94
N PRO D 35 -32.76 8.67 -64.55
CA PRO D 35 -33.25 7.43 -63.97
C PRO D 35 -32.18 6.32 -63.86
N ILE D 36 -32.41 5.41 -62.94
CA ILE D 36 -31.58 4.22 -62.83
C ILE D 36 -31.52 3.51 -64.19
N LEU D 37 -30.31 3.04 -64.53
CA LEU D 37 -29.96 2.34 -65.78
C LEU D 37 -29.56 3.29 -66.91
N ASN D 38 -29.73 4.59 -66.70
CA ASN D 38 -29.33 5.56 -67.70
C ASN D 38 -27.83 5.56 -67.95
N ALA D 39 -27.45 5.68 -69.22
CA ALA D 39 -26.06 5.93 -69.58
C ALA D 39 -25.77 7.43 -69.45
N LEU D 40 -24.72 7.74 -68.69
CA LEU D 40 -24.17 9.07 -68.55
C LEU D 40 -22.83 9.13 -69.27
N GLU D 41 -22.54 10.27 -69.89
CA GLU D 41 -21.32 10.48 -70.67
C GLU D 41 -20.41 11.45 -69.93
N VAL D 42 -19.22 10.97 -69.53
CA VAL D 42 -18.25 11.82 -68.85
C VAL D 42 -17.55 12.74 -69.84
N GLN D 43 -17.57 14.04 -69.54
CA GLN D 43 -16.93 15.06 -70.37
C GLN D 43 -15.43 15.17 -70.07
N GLY D 44 -14.70 15.72 -71.04
CA GLY D 44 -13.25 15.89 -70.95
C GLY D 44 -12.41 14.62 -70.92
N ARG D 45 -12.84 13.59 -71.65
CA ARG D 45 -12.07 12.33 -71.76
C ARG D 45 -11.64 12.08 -73.20
N GLU D 46 -10.53 11.39 -73.38
CA GLU D 46 -10.02 11.10 -74.72
C GLU D 46 -10.89 10.06 -75.41
N THR D 47 -11.17 8.97 -74.70
CA THR D 47 -12.10 7.96 -75.20
C THR D 47 -13.40 7.98 -74.39
N ARG D 48 -14.49 7.64 -75.05
CA ARG D 48 -15.80 7.67 -74.43
C ARG D 48 -15.81 6.91 -73.10
N LEU D 49 -16.18 7.62 -72.02
CA LEU D 49 -16.36 7.02 -70.70
C LEU D 49 -17.83 7.12 -70.28
N VAL D 50 -18.47 5.96 -70.23
CA VAL D 50 -19.87 5.88 -69.84
C VAL D 50 -20.01 5.47 -68.37
N LEU D 51 -20.88 6.16 -67.65
CA LEU D 51 -21.30 5.73 -66.32
C LEU D 51 -22.77 5.27 -66.39
N GLU D 52 -23.06 4.12 -65.81
CA GLU D 52 -24.44 3.63 -65.73
C GLU D 52 -25.03 3.88 -64.36
N VAL D 53 -26.20 4.53 -64.32
CA VAL D 53 -26.85 4.84 -63.05
C VAL D 53 -27.32 3.57 -62.30
N ALA D 54 -26.82 3.39 -61.07
CA ALA D 54 -27.17 2.22 -60.25
C ALA D 54 -28.21 2.51 -59.15
N GLN D 55 -28.07 3.66 -58.48
CA GLN D 55 -28.92 4.04 -57.35
C GLN D 55 -29.07 5.56 -57.30
N HIS D 56 -30.25 6.01 -56.84
CA HIS D 56 -30.45 7.40 -56.42
C HIS D 56 -30.19 7.46 -54.92
N LEU D 57 -29.11 8.14 -54.52
CA LEU D 57 -28.66 8.19 -53.12
C LEU D 57 -29.42 9.20 -52.27
N GLY D 58 -30.22 10.04 -52.92
CA GLY D 58 -30.85 11.17 -52.24
C GLY D 58 -29.96 12.38 -52.42
N GLU D 59 -30.49 13.55 -52.09
CA GLU D 59 -29.77 14.83 -52.22
C GLU D 59 -29.25 15.08 -53.64
N SER D 60 -30.07 14.75 -54.65
CA SER D 60 -29.75 15.00 -56.05
C SER D 60 -28.47 14.30 -56.53
N THR D 61 -28.09 13.21 -55.86
CA THR D 61 -26.87 12.49 -56.20
C THR D 61 -27.20 11.08 -56.65
N VAL D 62 -26.59 10.64 -57.73
CA VAL D 62 -26.75 9.28 -58.20
C VAL D 62 -25.44 8.51 -58.05
N ARG D 63 -25.56 7.22 -57.78
CA ARG D 63 -24.41 6.33 -57.71
C ARG D 63 -24.34 5.57 -59.01
N THR D 64 -23.17 5.56 -59.63
CA THR D 64 -23.00 4.90 -60.93
C THR D 64 -21.87 3.87 -60.93
N ILE D 65 -21.97 2.90 -61.85
CA ILE D 65 -20.82 2.05 -62.20
C ILE D 65 -20.22 2.49 -63.54
N ALA D 66 -18.90 2.66 -63.57
CA ALA D 66 -18.18 3.08 -64.77
C ALA D 66 -18.01 1.91 -65.72
N MET D 67 -17.99 2.20 -67.02
CA MET D 67 -17.85 1.18 -68.07
C MET D 67 -16.41 1.05 -68.54
N ASP D 68 -15.56 1.94 -68.04
CA ASP D 68 -14.13 1.92 -68.31
C ASP D 68 -13.36 2.43 -67.08
N GLY D 69 -12.04 2.57 -67.18
CA GLY D 69 -11.23 3.00 -66.04
C GLY D 69 -11.60 4.39 -65.53
N THR D 70 -11.46 4.60 -64.22
CA THR D 70 -11.77 5.90 -63.64
C THR D 70 -10.54 6.75 -63.31
N GLU D 71 -9.35 6.22 -63.64
CA GLU D 71 -8.13 6.99 -63.51
C GLU D 71 -8.25 8.31 -64.28
N GLY D 72 -7.69 9.36 -63.72
CA GLY D 72 -7.77 10.68 -64.32
C GLY D 72 -9.02 11.47 -64.03
N LEU D 73 -10.01 10.88 -63.37
CA LEU D 73 -11.24 11.65 -63.07
C LEU D 73 -11.01 12.59 -61.89
N VAL D 74 -11.70 13.72 -61.94
CA VAL D 74 -11.49 14.82 -61.00
C VAL D 74 -12.84 15.19 -60.42
N ARG D 75 -12.87 15.45 -59.13
CA ARG D 75 -14.10 15.93 -58.49
C ARG D 75 -14.49 17.27 -59.11
N GLY D 76 -15.69 17.32 -59.66
CA GLY D 76 -16.19 18.53 -60.34
C GLY D 76 -16.33 18.37 -61.84
N GLN D 77 -15.71 17.33 -62.40
CA GLN D 77 -15.76 17.02 -63.83
C GLN D 77 -17.21 16.81 -64.28
N LYS D 78 -17.52 17.32 -65.46
CA LYS D 78 -18.90 17.35 -65.95
C LYS D 78 -19.32 16.02 -66.57
N VAL D 79 -20.60 15.73 -66.44
CA VAL D 79 -21.20 14.47 -66.89
C VAL D 79 -22.54 14.83 -67.53
N LEU D 80 -22.78 14.32 -68.73
CA LEU D 80 -24.06 14.54 -69.41
C LEU D 80 -24.91 13.29 -69.38
N ASP D 81 -26.18 13.48 -69.04
CA ASP D 81 -27.18 12.42 -69.14
C ASP D 81 -27.50 12.25 -70.63
N SER D 82 -27.38 11.02 -71.13
CA SER D 82 -27.71 10.73 -72.54
C SER D 82 -29.22 10.60 -72.81
N GLY D 83 -29.98 10.28 -71.76
CA GLY D 83 -31.43 10.17 -71.88
C GLY D 83 -31.98 8.74 -72.02
N ALA D 84 -31.09 7.75 -72.00
CA ALA D 84 -31.47 6.36 -72.16
C ALA D 84 -30.38 5.46 -71.58
N PRO D 85 -30.67 4.17 -71.42
CA PRO D 85 -29.63 3.20 -71.11
C PRO D 85 -28.62 3.05 -72.24
N ILE D 86 -27.51 2.34 -71.97
CA ILE D 86 -26.51 2.06 -72.99
C ILE D 86 -27.23 1.48 -74.20
N ARG D 87 -27.09 2.14 -75.35
CA ARG D 87 -27.70 1.69 -76.61
C ARG D 87 -26.63 1.28 -77.59
N ILE D 88 -26.81 0.12 -78.20
CA ILE D 88 -25.80 -0.43 -79.10
C ILE D 88 -26.32 -0.73 -80.51
N PRO D 89 -25.41 -0.83 -81.50
CA PRO D 89 -25.79 -1.23 -82.84
C PRO D 89 -26.23 -2.69 -82.87
N VAL D 90 -27.41 -2.93 -83.44
CA VAL D 90 -27.91 -4.28 -83.69
C VAL D 90 -28.27 -4.37 -85.18
N GLY D 91 -28.26 -5.59 -85.73
CA GLY D 91 -28.56 -5.79 -87.15
C GLY D 91 -27.45 -6.50 -87.91
N PRO D 92 -27.63 -6.68 -89.25
CA PRO D 92 -26.64 -7.39 -90.07
C PRO D 92 -25.27 -6.72 -90.12
N GLU D 93 -25.20 -5.41 -89.84
CA GLU D 93 -23.92 -4.69 -89.80
C GLU D 93 -23.01 -5.12 -88.65
N THR D 94 -23.57 -5.79 -87.63
CA THR D 94 -22.76 -6.32 -86.54
C THR D 94 -21.99 -7.58 -86.97
N LEU D 95 -22.44 -8.24 -88.04
CA LEU D 95 -21.84 -9.51 -88.50
C LEU D 95 -20.41 -9.36 -89.01
N GLY D 96 -19.51 -10.16 -88.45
CA GLY D 96 -18.08 -10.08 -88.78
C GLY D 96 -17.35 -8.94 -88.10
N ARG D 97 -18.06 -8.18 -87.26
CA ARG D 97 -17.47 -7.11 -86.46
C ARG D 97 -17.19 -7.54 -85.00
N ILE D 98 -16.22 -6.87 -84.36
CA ILE D 98 -16.06 -6.95 -82.92
C ILE D 98 -16.52 -5.64 -82.25
N MET D 99 -17.39 -5.77 -81.26
CA MET D 99 -17.90 -4.64 -80.48
C MET D 99 -17.51 -4.77 -79.01
N ASN D 100 -17.47 -3.64 -78.30
CA ASN D 100 -17.29 -3.66 -76.85
C ASN D 100 -18.62 -3.45 -76.09
N VAL D 101 -18.56 -3.34 -74.76
CA VAL D 101 -19.77 -3.23 -73.92
C VAL D 101 -20.72 -2.19 -74.46
N ILE D 102 -20.19 -1.05 -74.87
CA ILE D 102 -21.02 0.09 -75.24
C ILE D 102 -21.20 0.20 -76.78
N GLY D 103 -20.92 -0.88 -77.48
CA GLY D 103 -21.20 -0.97 -78.92
C GLY D 103 -20.26 -0.23 -79.84
N GLU D 104 -19.07 0.10 -79.35
CA GLU D 104 -18.03 0.69 -80.18
C GLU D 104 -17.29 -0.43 -80.89
N PRO D 105 -16.92 -0.23 -82.17
CA PRO D 105 -16.07 -1.21 -82.82
C PRO D 105 -14.68 -1.23 -82.19
N ILE D 106 -14.12 -2.42 -82.03
CA ILE D 106 -12.77 -2.63 -81.49
C ILE D 106 -11.93 -3.55 -82.39
N ASP D 107 -12.34 -3.66 -83.66
CA ASP D 107 -11.60 -4.42 -84.66
C ASP D 107 -10.83 -3.51 -85.65
N GLU D 108 -10.84 -2.20 -85.40
CA GLU D 108 -10.15 -1.20 -86.22
C GLU D 108 -10.63 -1.15 -87.68
N ARG D 109 -11.93 -1.35 -87.89
CA ARG D 109 -12.48 -1.40 -89.24
C ARG D 109 -13.55 -0.34 -89.46
N GLY D 110 -13.55 0.68 -88.61
CA GLY D 110 -14.42 1.84 -88.79
C GLY D 110 -15.84 1.66 -88.26
N PRO D 111 -16.72 2.64 -88.54
CA PRO D 111 -18.08 2.69 -87.98
C PRO D 111 -18.90 1.43 -88.23
N ILE D 112 -19.81 1.13 -87.32
CA ILE D 112 -20.80 0.07 -87.55
C ILE D 112 -22.05 0.80 -88.02
N LYS D 113 -22.34 0.68 -89.30
CA LYS D 113 -23.34 1.53 -89.96
C LYS D 113 -24.74 0.90 -89.97
N THR D 114 -25.27 0.66 -88.76
CA THR D 114 -26.62 0.10 -88.58
C THR D 114 -27.70 1.16 -88.74
N LYS D 115 -28.86 0.72 -89.19
CA LYS D 115 -30.05 1.57 -89.25
C LYS D 115 -30.67 1.71 -87.87
N GLN D 116 -30.39 0.77 -86.98
CA GLN D 116 -31.02 0.78 -85.66
C GLN D 116 -30.11 0.39 -84.50
N PHE D 117 -30.48 0.90 -83.33
CA PHE D 117 -29.79 0.65 -82.07
C PHE D 117 -30.76 0.02 -81.09
N ALA D 118 -30.24 -0.62 -80.05
CA ALA D 118 -31.08 -1.19 -79.00
C ALA D 118 -30.44 -0.99 -77.63
N ALA D 119 -31.28 -0.78 -76.61
CA ALA D 119 -30.83 -0.66 -75.23
C ALA D 119 -30.39 -2.03 -74.76
N ILE D 120 -29.29 -2.08 -74.01
CA ILE D 120 -28.80 -3.37 -73.49
C ILE D 120 -29.66 -3.91 -72.35
N HIS D 121 -30.49 -3.03 -71.78
CA HIS D 121 -31.48 -3.43 -70.77
C HIS D 121 -32.91 -3.60 -71.35
N ALA D 122 -33.49 -4.78 -71.17
CA ALA D 122 -34.81 -5.06 -71.71
C ALA D 122 -35.59 -6.02 -70.81
N GLU D 123 -36.91 -6.04 -70.95
CA GLU D 123 -37.75 -6.98 -70.21
C GLU D 123 -37.55 -8.37 -70.80
N ALA D 124 -37.74 -9.38 -69.97
CA ALA D 124 -37.60 -10.75 -70.42
C ALA D 124 -38.91 -11.16 -71.08
N PRO D 125 -38.85 -12.07 -72.09
CA PRO D 125 -40.07 -12.57 -72.71
C PRO D 125 -41.04 -13.12 -71.67
N GLU D 126 -42.34 -12.93 -71.93
CA GLU D 126 -43.39 -13.35 -71.02
C GLU D 126 -43.57 -14.85 -71.13
N PHE D 127 -44.23 -15.43 -70.11
CA PHE D 127 -44.57 -16.84 -70.06
C PHE D 127 -45.30 -17.33 -71.33
N VAL D 128 -46.24 -16.52 -71.83
CA VAL D 128 -47.01 -16.85 -73.04
C VAL D 128 -46.16 -16.84 -74.31
N GLU D 129 -44.92 -16.37 -74.18
CA GLU D 129 -44.03 -16.31 -75.34
C GLU D 129 -43.17 -17.58 -75.42
N MET D 130 -43.32 -18.48 -74.45
CA MET D 130 -42.45 -19.65 -74.37
C MET D 130 -42.79 -20.71 -75.41
N SER D 131 -41.76 -21.44 -75.83
CA SER D 131 -41.90 -22.62 -76.71
C SER D 131 -41.54 -23.87 -75.92
N VAL D 132 -42.20 -24.98 -76.25
CA VAL D 132 -41.94 -26.24 -75.55
C VAL D 132 -41.36 -27.30 -76.47
N GLU D 133 -41.06 -26.92 -77.72
CA GLU D 133 -40.49 -27.84 -78.68
C GLU D 133 -39.06 -28.10 -78.29
N GLN D 134 -38.65 -29.36 -78.38
CA GLN D 134 -37.29 -29.75 -78.05
C GLN D 134 -36.89 -30.96 -78.85
N GLU D 135 -35.94 -30.77 -79.77
CA GLU D 135 -35.40 -31.87 -80.53
C GLU D 135 -33.89 -31.90 -80.40
N ILE D 136 -33.32 -33.09 -80.45
CA ILE D 136 -31.89 -33.28 -80.31
C ILE D 136 -31.06 -32.43 -81.28
N LEU D 137 -30.01 -31.82 -80.75
CA LEU D 137 -28.96 -31.24 -81.57
C LEU D 137 -27.71 -32.11 -81.36
N VAL D 138 -27.40 -32.92 -82.36
CA VAL D 138 -26.26 -33.84 -82.30
C VAL D 138 -24.95 -33.05 -82.38
N THR D 139 -24.01 -33.35 -81.48
CA THR D 139 -22.74 -32.62 -81.41
C THR D 139 -21.55 -33.35 -82.04
N GLY D 140 -21.68 -34.67 -82.18
CA GLY D 140 -20.55 -35.52 -82.56
C GLY D 140 -19.59 -35.78 -81.41
N ILE D 141 -19.99 -35.33 -80.22
CA ILE D 141 -19.23 -35.60 -79.00
C ILE D 141 -19.96 -36.71 -78.26
N LYS D 142 -19.31 -37.86 -78.17
CA LYS D 142 -19.89 -39.08 -77.63
C LYS D 142 -20.57 -38.90 -76.28
N VAL D 143 -19.83 -38.36 -75.31
CA VAL D 143 -20.33 -38.31 -73.94
C VAL D 143 -21.53 -37.36 -73.82
N VAL D 144 -21.51 -36.28 -74.60
CA VAL D 144 -22.63 -35.33 -74.62
C VAL D 144 -23.83 -36.00 -75.27
N ASP D 145 -23.66 -36.47 -76.50
CA ASP D 145 -24.72 -37.10 -77.28
C ASP D 145 -25.35 -38.30 -76.57
N LEU D 146 -24.53 -39.15 -75.97
CA LEU D 146 -25.07 -40.36 -75.30
C LEU D 146 -25.83 -40.08 -74.00
N LEU D 147 -25.19 -39.34 -73.08
CA LEU D 147 -25.70 -39.24 -71.70
C LEU D 147 -26.55 -37.99 -71.41
N ALA D 148 -26.22 -36.88 -72.06
CA ALA D 148 -26.90 -35.62 -71.74
C ALA D 148 -26.97 -34.71 -72.97
N PRO D 149 -27.75 -35.11 -73.99
CA PRO D 149 -27.74 -34.44 -75.29
C PRO D 149 -28.30 -33.04 -75.24
N TYR D 150 -27.81 -32.18 -76.15
CA TYR D 150 -28.31 -30.83 -76.31
C TYR D 150 -29.58 -30.81 -77.17
N ALA D 151 -30.37 -29.75 -77.01
CA ALA D 151 -31.61 -29.57 -77.74
C ALA D 151 -31.49 -28.28 -78.53
N LYS D 152 -32.02 -28.29 -79.76
CA LYS D 152 -32.07 -27.10 -80.61
C LYS D 152 -32.99 -26.05 -79.97
N GLY D 153 -32.51 -24.82 -79.87
CA GLY D 153 -33.26 -23.76 -79.19
C GLY D 153 -33.21 -23.91 -77.68
N GLY D 154 -32.35 -24.79 -77.18
CA GLY D 154 -32.25 -25.05 -75.74
C GLY D 154 -31.19 -24.25 -75.02
N LYS D 155 -31.23 -24.29 -73.69
CA LYS D 155 -30.24 -23.59 -72.88
C LYS D 155 -29.19 -24.59 -72.37
N ILE D 156 -27.97 -24.47 -72.87
CA ILE D 156 -26.88 -25.40 -72.54
C ILE D 156 -25.86 -24.70 -71.65
N GLY D 157 -25.42 -25.36 -70.59
CA GLY D 157 -24.37 -24.86 -69.72
C GLY D 157 -23.22 -25.83 -69.56
N LEU D 158 -22.00 -25.31 -69.61
CA LEU D 158 -20.78 -26.09 -69.45
C LEU D 158 -20.09 -25.64 -68.16
N PHE D 159 -20.25 -26.42 -67.09
CA PHE D 159 -19.69 -26.05 -65.78
C PHE D 159 -18.30 -26.63 -65.65
N GLY D 160 -17.37 -25.84 -65.12
CA GLY D 160 -16.07 -26.41 -64.71
C GLY D 160 -15.21 -25.48 -63.89
N GLY D 161 -14.38 -26.06 -63.03
CA GLY D 161 -13.43 -25.25 -62.26
C GLY D 161 -12.36 -24.76 -63.21
N ALA D 162 -11.37 -24.04 -62.67
CA ALA D 162 -10.32 -23.45 -63.50
C ALA D 162 -9.49 -24.46 -64.27
N GLY D 163 -9.56 -24.39 -65.59
CA GLY D 163 -8.68 -25.16 -66.45
C GLY D 163 -9.06 -26.61 -66.62
N VAL D 164 -10.35 -26.90 -66.57
CA VAL D 164 -10.83 -28.27 -66.78
C VAL D 164 -11.30 -28.56 -68.22
N GLY D 165 -11.52 -27.52 -69.02
CA GLY D 165 -11.88 -27.73 -70.43
C GLY D 165 -13.17 -27.12 -70.96
N LYS D 166 -13.72 -26.14 -70.25
CA LYS D 166 -14.91 -25.40 -70.70
C LYS D 166 -14.73 -24.76 -72.07
N THR D 167 -13.66 -23.97 -72.21
CA THR D 167 -13.42 -23.18 -73.42
C THR D 167 -13.05 -24.04 -74.63
N VAL D 168 -12.22 -25.07 -74.41
CA VAL D 168 -11.94 -26.06 -75.45
C VAL D 168 -13.23 -26.75 -75.93
N LEU D 169 -14.09 -27.09 -74.99
CA LEU D 169 -15.42 -27.67 -75.34
C LEU D 169 -16.30 -26.69 -76.16
N ILE D 170 -16.45 -25.44 -75.70
CA ILE D 170 -17.24 -24.47 -76.44
C ILE D 170 -16.69 -24.26 -77.87
N MET D 171 -15.34 -24.28 -78.01
CA MET D 171 -14.70 -24.12 -79.33
C MET D 171 -14.91 -25.35 -80.21
N GLU D 172 -14.97 -26.53 -79.61
CA GLU D 172 -15.27 -27.74 -80.35
C GLU D 172 -16.73 -27.66 -80.84
N LEU D 173 -17.60 -27.11 -80.01
CA LEU D 173 -19.02 -26.94 -80.36
C LEU D 173 -19.21 -25.92 -81.48
N ILE D 174 -18.50 -24.80 -81.37
CA ILE D 174 -18.45 -23.80 -82.43
C ILE D 174 -17.95 -24.45 -83.73
N ASN D 175 -16.90 -25.26 -83.61
CA ASN D 175 -16.35 -26.02 -84.74
C ASN D 175 -17.32 -27.00 -85.37
N ASN D 176 -18.03 -27.78 -84.54
CA ASN D 176 -18.89 -28.85 -85.03
C ASN D 176 -20.29 -28.41 -85.45
N VAL D 177 -20.85 -27.41 -84.77
CA VAL D 177 -22.25 -27.03 -84.93
C VAL D 177 -22.43 -25.70 -85.66
N ALA D 178 -21.56 -24.73 -85.37
CA ALA D 178 -21.74 -23.36 -85.84
C ALA D 178 -21.15 -23.10 -87.22
N LYS D 179 -20.09 -23.82 -87.56
CA LYS D 179 -19.43 -23.68 -88.87
C LYS D 179 -20.40 -23.98 -90.02
N ALA D 180 -21.20 -25.03 -89.86
CA ALA D 180 -22.19 -25.44 -90.87
C ALA D 180 -23.64 -25.04 -90.52
N HIS D 181 -23.77 -24.08 -89.61
CA HIS D 181 -25.08 -23.51 -89.23
C HIS D 181 -25.61 -22.57 -90.32
N GLY D 182 -26.93 -22.64 -90.56
CA GLY D 182 -27.55 -21.85 -91.64
C GLY D 182 -27.86 -20.41 -91.26
N GLY D 183 -28.03 -20.16 -89.96
CA GLY D 183 -28.38 -18.83 -89.48
C GLY D 183 -27.17 -18.10 -88.92
N TYR D 184 -27.44 -17.14 -88.05
CA TYR D 184 -26.40 -16.33 -87.43
C TYR D 184 -25.98 -16.86 -86.06
N SER D 185 -24.78 -16.45 -85.64
CA SER D 185 -24.26 -16.75 -84.33
C SER D 185 -23.77 -15.46 -83.69
N VAL D 186 -23.84 -15.41 -82.36
CA VAL D 186 -23.20 -14.35 -81.58
C VAL D 186 -22.26 -15.04 -80.58
N PHE D 187 -21.03 -14.55 -80.48
CA PHE D 187 -20.13 -14.99 -79.41
C PHE D 187 -19.82 -13.83 -78.49
N ALA D 188 -20.19 -13.99 -77.21
CA ALA D 188 -19.90 -13.00 -76.19
C ALA D 188 -18.74 -13.45 -75.29
N GLY D 189 -17.58 -12.82 -75.46
CA GLY D 189 -16.47 -12.98 -74.55
C GLY D 189 -16.70 -12.10 -73.34
N VAL D 190 -16.86 -12.75 -72.18
CA VAL D 190 -17.21 -12.05 -70.92
C VAL D 190 -16.19 -12.38 -69.84
N GLY D 191 -15.34 -11.41 -69.51
CA GLY D 191 -14.36 -11.55 -68.42
C GLY D 191 -13.33 -12.67 -68.60
N GLU D 192 -13.02 -13.00 -69.86
CA GLU D 192 -12.06 -14.09 -70.13
C GLU D 192 -10.77 -13.58 -70.76
N ARG D 193 -9.99 -14.47 -71.38
CA ARG D 193 -8.66 -14.11 -71.86
C ARG D 193 -8.73 -13.37 -73.20
N THR D 194 -8.09 -12.20 -73.28
CA THR D 194 -8.00 -11.46 -74.56
C THR D 194 -7.32 -12.30 -75.64
N ARG D 195 -6.24 -12.99 -75.28
CA ARG D 195 -5.59 -13.96 -76.16
C ARG D 195 -6.60 -14.89 -76.86
N GLU D 196 -7.52 -15.46 -76.08
CA GLU D 196 -8.54 -16.36 -76.61
C GLU D 196 -9.45 -15.69 -77.64
N GLY D 197 -9.68 -14.39 -77.43
CA GLY D 197 -10.49 -13.59 -78.35
C GLY D 197 -9.79 -13.39 -79.68
N ASN D 198 -8.51 -13.01 -79.64
CA ASN D 198 -7.67 -12.95 -80.86
C ASN D 198 -7.54 -14.30 -81.55
N ASP D 199 -7.36 -15.39 -80.78
CA ASP D 199 -7.36 -16.74 -81.38
C ASP D 199 -8.64 -16.98 -82.14
N LEU D 200 -9.78 -16.82 -81.47
CA LEU D 200 -11.07 -17.15 -82.10
C LEU D 200 -11.33 -16.35 -83.37
N TYR D 201 -11.02 -15.07 -83.30
CA TYR D 201 -11.22 -14.14 -84.39
C TYR D 201 -10.50 -14.60 -85.66
N HIS D 202 -9.19 -14.80 -85.55
CA HIS D 202 -8.41 -15.21 -86.71
C HIS D 202 -8.74 -16.63 -87.16
N GLU D 203 -9.13 -17.50 -86.23
CA GLU D 203 -9.63 -18.82 -86.62
C GLU D 203 -10.88 -18.70 -87.49
N MET D 204 -11.82 -17.83 -87.09
CA MET D 204 -13.06 -17.62 -87.82
C MET D 204 -12.89 -16.89 -89.15
N ILE D 205 -11.85 -16.08 -89.26
CA ILE D 205 -11.48 -15.49 -90.54
C ILE D 205 -10.99 -16.61 -91.47
N GLU D 206 -10.18 -17.51 -90.90
CA GLU D 206 -9.60 -18.63 -91.63
C GLU D 206 -10.67 -19.61 -92.17
N SER D 207 -11.69 -19.88 -91.36
CA SER D 207 -12.76 -20.79 -91.77
C SER D 207 -13.80 -20.12 -92.66
N GLY D 208 -13.81 -18.79 -92.66
CA GLY D 208 -14.70 -18.04 -93.52
C GLY D 208 -16.05 -17.72 -92.91
N VAL D 209 -16.28 -18.07 -91.64
CA VAL D 209 -17.54 -17.70 -90.98
C VAL D 209 -17.52 -16.20 -90.63
N ILE D 210 -16.31 -15.64 -90.54
CA ILE D 210 -16.11 -14.21 -90.61
C ILE D 210 -15.40 -13.88 -91.92
N ASN D 211 -15.96 -12.92 -92.66
CA ASN D 211 -15.37 -12.47 -93.90
C ASN D 211 -15.16 -10.95 -93.94
N LEU D 212 -13.89 -10.54 -93.97
CA LEU D 212 -13.51 -9.13 -93.92
C LEU D 212 -13.60 -8.41 -95.25
N LYS D 213 -14.01 -9.12 -96.29
CA LYS D 213 -13.97 -8.61 -97.67
C LYS D 213 -15.36 -8.51 -98.31
N ASP D 214 -16.28 -9.37 -97.88
CA ASP D 214 -17.66 -9.28 -98.35
C ASP D 214 -18.66 -9.25 -97.19
N ALA D 215 -19.92 -9.54 -97.52
CA ALA D 215 -21.03 -9.46 -96.57
C ALA D 215 -21.51 -10.84 -96.11
N THR D 216 -20.69 -11.87 -96.29
CA THR D 216 -21.08 -13.24 -95.95
C THR D 216 -20.80 -13.68 -94.50
N SER D 217 -20.42 -12.76 -93.62
CA SER D 217 -20.12 -13.14 -92.22
C SER D 217 -21.36 -13.66 -91.51
N LYS D 218 -21.17 -14.72 -90.71
CA LYS D 218 -22.27 -15.36 -90.00
C LYS D 218 -22.24 -15.14 -88.48
N VAL D 219 -21.15 -14.58 -87.97
CA VAL D 219 -20.95 -14.39 -86.52
C VAL D 219 -20.69 -12.92 -86.15
N ALA D 220 -21.41 -12.44 -85.13
CA ALA D 220 -21.09 -11.17 -84.50
C ALA D 220 -20.29 -11.42 -83.22
N LEU D 221 -19.23 -10.64 -83.01
CA LEU D 221 -18.38 -10.77 -81.81
C LEU D 221 -18.55 -9.61 -80.86
N VAL D 222 -18.70 -9.91 -79.57
CA VAL D 222 -18.83 -8.90 -78.54
C VAL D 222 -17.91 -9.29 -77.39
N TYR D 223 -16.96 -8.42 -77.03
CA TYR D 223 -15.93 -8.79 -76.04
C TYR D 223 -15.71 -7.72 -74.98
N GLY D 224 -15.64 -8.16 -73.72
CA GLY D 224 -15.22 -7.32 -72.61
C GLY D 224 -14.54 -8.21 -71.59
N GLN D 225 -13.22 -8.31 -71.70
CA GLN D 225 -12.45 -9.40 -71.08
C GLN D 225 -11.83 -9.01 -69.75
N MET D 226 -11.01 -9.89 -69.18
CA MET D 226 -10.51 -9.66 -67.81
C MET D 226 -9.41 -8.57 -67.68
N ASN D 227 -9.08 -7.88 -68.78
CA ASN D 227 -8.32 -6.62 -68.72
C ASN D 227 -9.24 -5.41 -68.44
N GLU D 228 -10.54 -5.68 -68.39
CA GLU D 228 -11.56 -4.65 -68.21
C GLU D 228 -12.02 -4.51 -66.76
N PRO D 229 -12.34 -3.27 -66.34
CA PRO D 229 -12.87 -3.04 -65.00
C PRO D 229 -14.27 -3.64 -64.82
N PRO D 230 -14.72 -3.83 -63.58
CA PRO D 230 -15.95 -4.65 -63.33
C PRO D 230 -17.22 -4.17 -64.04
N GLY D 231 -17.38 -2.86 -64.24
CA GLY D 231 -18.54 -2.34 -64.95
C GLY D 231 -18.71 -2.89 -66.35
N ALA D 232 -17.61 -2.92 -67.10
CA ALA D 232 -17.61 -3.48 -68.44
C ALA D 232 -17.96 -4.97 -68.40
N ARG D 233 -17.39 -5.70 -67.45
CA ARG D 233 -17.63 -7.14 -67.35
C ARG D 233 -19.04 -7.50 -66.85
N ALA D 234 -19.67 -6.59 -66.12
CA ALA D 234 -21.03 -6.84 -65.59
C ALA D 234 -22.12 -6.52 -66.60
N ARG D 235 -21.75 -5.78 -67.65
CA ARG D 235 -22.70 -5.38 -68.68
C ARG D 235 -22.45 -6.01 -70.05
N VAL D 236 -21.22 -6.46 -70.32
CA VAL D 236 -20.86 -6.95 -71.67
C VAL D 236 -21.63 -8.20 -72.09
N ALA D 237 -22.09 -8.98 -71.12
CA ALA D 237 -22.98 -10.12 -71.41
C ALA D 237 -24.32 -9.65 -72.00
N LEU D 238 -24.85 -8.53 -71.50
CA LEU D 238 -26.11 -7.97 -71.99
C LEU D 238 -25.97 -7.43 -73.42
N THR D 239 -24.88 -6.70 -73.69
CA THR D 239 -24.50 -6.29 -75.04
C THR D 239 -24.57 -7.47 -76.02
N GLY D 240 -23.87 -8.56 -75.72
CA GLY D 240 -23.91 -9.80 -76.53
C GLY D 240 -25.31 -10.38 -76.71
N LEU D 241 -26.07 -10.41 -75.62
CA LEU D 241 -27.44 -10.90 -75.56
C LEU D 241 -28.41 -10.05 -76.38
N THR D 242 -28.24 -8.72 -76.31
CA THR D 242 -29.07 -7.77 -77.02
C THR D 242 -28.90 -7.95 -78.55
N VAL D 243 -27.67 -8.25 -78.96
CA VAL D 243 -27.38 -8.51 -80.38
C VAL D 243 -28.14 -9.75 -80.85
N ALA D 244 -28.09 -10.81 -80.04
CA ALA D 244 -28.77 -12.06 -80.38
C ALA D 244 -30.30 -11.89 -80.38
N GLU D 245 -30.82 -11.08 -79.46
CA GLU D 245 -32.27 -10.81 -79.41
C GLU D 245 -32.80 -10.20 -80.73
N TYR D 246 -32.07 -9.21 -81.26
CA TYR D 246 -32.42 -8.62 -82.55
C TYR D 246 -32.55 -9.70 -83.60
N PHE D 247 -31.51 -10.52 -83.75
CA PHE D 247 -31.50 -11.61 -84.73
C PHE D 247 -32.65 -12.57 -84.53
N ARG D 248 -32.90 -12.92 -83.27
CA ARG D 248 -34.02 -13.79 -82.90
C ARG D 248 -35.39 -13.24 -83.32
N ASP D 249 -35.61 -11.94 -83.09
CA ASP D 249 -36.93 -11.33 -83.20
C ASP D 249 -37.14 -10.59 -84.52
N GLN D 250 -36.18 -9.72 -84.87
CA GLN D 250 -36.30 -8.85 -86.05
C GLN D 250 -35.75 -9.52 -87.31
N GLU D 251 -35.69 -10.84 -87.25
CA GLU D 251 -35.42 -11.72 -88.38
C GLU D 251 -36.06 -13.08 -88.08
N GLY D 252 -36.59 -13.20 -86.86
CA GLY D 252 -37.25 -14.44 -86.39
C GLY D 252 -36.37 -15.68 -86.45
N GLN D 253 -35.06 -15.47 -86.59
CA GLN D 253 -34.15 -16.54 -87.06
C GLN D 253 -33.55 -17.49 -86.04
N ASP D 254 -32.90 -18.53 -86.57
CA ASP D 254 -32.19 -19.50 -85.75
C ASP D 254 -30.82 -18.93 -85.39
N VAL D 255 -30.68 -18.60 -84.11
CA VAL D 255 -29.50 -17.94 -83.60
C VAL D 255 -28.74 -18.87 -82.66
N LEU D 256 -27.42 -18.86 -82.79
CA LEU D 256 -26.58 -19.52 -81.82
C LEU D 256 -25.92 -18.46 -80.97
N LEU D 257 -26.01 -18.62 -79.65
CA LEU D 257 -25.36 -17.68 -78.76
C LEU D 257 -24.38 -18.46 -77.91
N PHE D 258 -23.10 -18.15 -78.07
CA PHE D 258 -22.04 -18.71 -77.23
C PHE D 258 -21.57 -17.66 -76.24
N ILE D 259 -21.56 -17.98 -74.95
CA ILE D 259 -21.04 -17.04 -73.95
C ILE D 259 -19.91 -17.68 -73.15
N ASP D 260 -18.74 -17.06 -73.15
CA ASP D 260 -17.63 -17.52 -72.33
C ASP D 260 -17.06 -16.28 -71.65
N ASN D 261 -17.24 -16.11 -70.34
CA ASN D 261 -17.84 -17.03 -69.40
C ASN D 261 -18.92 -16.28 -68.61
N ILE D 262 -20.14 -16.83 -68.52
CA ILE D 262 -21.24 -16.14 -67.83
C ILE D 262 -21.06 -15.95 -66.29
N PHE D 263 -20.21 -16.76 -65.67
CA PHE D 263 -19.86 -16.48 -64.26
C PHE D 263 -19.36 -15.03 -64.04
N ARG D 264 -18.67 -14.50 -65.04
CA ARG D 264 -17.90 -13.25 -64.89
C ARG D 264 -18.82 -12.04 -64.76
N PHE D 265 -20.08 -12.19 -65.20
CA PHE D 265 -21.16 -11.26 -64.92
C PHE D 265 -21.49 -11.22 -63.43
N THR D 266 -21.58 -12.39 -62.82
CA THR D 266 -21.88 -12.44 -61.37
C THR D 266 -20.71 -11.92 -60.55
N GLN D 267 -19.51 -12.39 -60.89
CA GLN D 267 -18.28 -11.94 -60.24
C GLN D 267 -18.07 -10.43 -60.33
N ALA D 268 -18.33 -9.86 -61.50
CA ALA D 268 -18.18 -8.41 -61.67
C ALA D 268 -19.09 -7.67 -60.71
N GLY D 269 -20.34 -8.12 -60.61
CA GLY D 269 -21.30 -7.59 -59.62
C GLY D 269 -20.79 -7.67 -58.19
N SER D 270 -20.03 -8.71 -57.86
CA SER D 270 -19.54 -8.88 -56.50
C SER D 270 -18.44 -7.89 -56.19
N GLU D 271 -17.76 -7.41 -57.24
CA GLU D 271 -16.59 -6.55 -57.06
C GLU D 271 -16.99 -5.14 -56.66
N VAL D 272 -18.15 -4.70 -57.14
CA VAL D 272 -18.65 -3.36 -56.86
C VAL D 272 -19.63 -3.33 -55.70
N SER D 273 -20.10 -4.50 -55.29
CA SER D 273 -21.22 -4.60 -54.35
C SER D 273 -21.05 -3.87 -53.03
N ALA D 274 -19.89 -4.01 -52.41
CA ALA D 274 -19.64 -3.30 -51.16
C ALA D 274 -19.66 -1.76 -51.36
N LEU D 275 -19.13 -1.30 -52.48
CA LEU D 275 -19.13 0.12 -52.80
C LEU D 275 -20.53 0.62 -53.15
N LEU D 276 -21.42 -0.30 -53.52
CA LEU D 276 -22.81 0.03 -53.70
C LEU D 276 -23.58 -0.04 -52.37
N GLY D 277 -22.89 -0.41 -51.30
CA GLY D 277 -23.45 -0.34 -49.94
C GLY D 277 -24.19 -1.55 -49.44
N ARG D 278 -24.01 -2.71 -50.09
CA ARG D 278 -24.67 -3.93 -49.64
C ARG D 278 -23.91 -4.61 -48.52
N ILE D 279 -24.66 -5.11 -47.53
CA ILE D 279 -24.19 -6.14 -46.63
C ILE D 279 -23.96 -7.39 -47.51
N PRO D 280 -22.83 -8.09 -47.33
CA PRO D 280 -22.66 -9.27 -48.19
C PRO D 280 -23.60 -10.41 -47.80
N SER D 281 -23.97 -11.23 -48.78
CA SER D 281 -24.63 -12.49 -48.50
C SER D 281 -23.51 -13.52 -48.23
N ALA D 282 -23.85 -14.80 -48.24
CA ALA D 282 -22.88 -15.86 -48.00
C ALA D 282 -21.83 -15.93 -49.09
N VAL D 283 -20.62 -16.32 -48.70
CA VAL D 283 -19.47 -16.58 -49.59
C VAL D 283 -19.04 -15.32 -50.34
N GLY D 284 -19.24 -14.16 -49.70
CA GLY D 284 -18.82 -12.86 -50.26
C GLY D 284 -19.60 -12.32 -51.44
N TYR D 285 -20.80 -12.86 -51.69
CA TYR D 285 -21.56 -12.44 -52.85
C TYR D 285 -22.61 -11.37 -52.55
N GLN D 286 -22.93 -10.57 -53.56
CA GLN D 286 -24.02 -9.61 -53.49
C GLN D 286 -25.35 -10.31 -53.12
N PRO D 287 -26.19 -9.65 -52.30
CA PRO D 287 -27.49 -10.21 -51.88
C PRO D 287 -28.42 -10.42 -53.07
N THR D 288 -28.16 -9.68 -54.14
CA THR D 288 -29.02 -9.65 -55.32
C THR D 288 -28.61 -10.66 -56.39
N LEU D 289 -27.65 -11.52 -56.06
CA LEU D 289 -27.09 -12.50 -57.00
C LEU D 289 -28.14 -13.18 -57.88
N ALA D 290 -29.18 -13.71 -57.25
CA ALA D 290 -30.16 -14.54 -57.94
C ALA D 290 -31.11 -13.76 -58.85
N THR D 291 -31.59 -12.60 -58.37
CA THR D 291 -32.46 -11.73 -59.18
C THR D 291 -31.66 -11.10 -60.31
N ASP D 292 -30.45 -10.62 -60.03
CA ASP D 292 -29.53 -10.18 -61.11
C ASP D 292 -29.38 -11.24 -62.19
N MET D 293 -29.10 -12.47 -61.79
CA MET D 293 -28.94 -13.57 -62.74
C MET D 293 -30.26 -13.84 -63.48
N GLY D 294 -31.37 -13.80 -62.74
CA GLY D 294 -32.70 -14.06 -63.29
C GLY D 294 -33.12 -13.11 -64.39
N THR D 295 -32.85 -11.82 -64.22
CA THR D 295 -33.36 -10.83 -65.20
C THR D 295 -32.54 -10.89 -66.48
N MET D 296 -31.27 -11.28 -66.32
CA MET D 296 -30.36 -11.50 -67.42
C MET D 296 -30.68 -12.84 -68.09
N GLN D 297 -30.69 -13.92 -67.31
CA GLN D 297 -30.90 -15.27 -67.88
C GLN D 297 -32.24 -15.47 -68.63
N GLU D 298 -33.29 -14.78 -68.18
CA GLU D 298 -34.61 -14.98 -68.75
C GLU D 298 -34.77 -14.31 -70.11
N ARG D 299 -33.81 -13.45 -70.48
CA ARG D 299 -33.73 -12.90 -71.84
C ARG D 299 -33.01 -13.85 -72.79
N ILE D 300 -32.15 -14.71 -72.23
CA ILE D 300 -31.41 -15.71 -73.01
C ILE D 300 -32.30 -16.92 -73.24
N THR D 301 -33.13 -16.83 -74.29
CA THR D 301 -34.18 -17.81 -74.47
C THR D 301 -34.73 -17.84 -75.89
N THR D 302 -35.13 -19.04 -76.32
CA THR D 302 -36.02 -19.23 -77.46
C THR D 302 -37.38 -18.69 -77.07
N THR D 303 -38.06 -18.10 -78.04
CA THR D 303 -39.47 -17.69 -77.88
C THR D 303 -40.30 -18.26 -79.04
N LYS D 304 -41.56 -17.86 -79.12
CA LYS D 304 -42.43 -18.18 -80.27
C LYS D 304 -41.96 -17.50 -81.56
N LYS D 305 -41.36 -16.31 -81.43
CA LYS D 305 -40.84 -15.56 -82.56
C LYS D 305 -39.60 -16.16 -83.21
N GLY D 306 -38.72 -16.76 -82.41
CA GLY D 306 -37.49 -17.30 -82.94
C GLY D 306 -36.69 -18.06 -81.89
N SER D 307 -35.72 -18.81 -82.36
CA SER D 307 -35.01 -19.75 -81.54
C SER D 307 -33.60 -19.24 -81.26
N ILE D 308 -33.17 -19.41 -80.01
CA ILE D 308 -31.77 -19.22 -79.64
C ILE D 308 -31.30 -20.52 -79.01
N THR D 309 -30.29 -21.14 -79.62
CA THR D 309 -29.56 -22.21 -78.95
C THR D 309 -28.42 -21.51 -78.22
N SER D 310 -28.49 -21.51 -76.90
CA SER D 310 -27.50 -20.83 -76.10
C SER D 310 -26.57 -21.81 -75.42
N VAL D 311 -25.27 -21.58 -75.57
CA VAL D 311 -24.23 -22.36 -74.91
C VAL D 311 -23.38 -21.42 -74.03
N GLN D 312 -23.37 -21.69 -72.73
CA GLN D 312 -22.73 -20.81 -71.79
C GLN D 312 -21.71 -21.57 -70.98
N ALA D 313 -20.46 -21.07 -70.96
CA ALA D 313 -19.42 -21.64 -70.11
C ALA D 313 -19.65 -21.04 -68.73
N ILE D 314 -19.64 -21.90 -67.72
CA ILE D 314 -19.93 -21.53 -66.35
C ILE D 314 -18.80 -21.90 -65.39
N TYR D 315 -18.04 -20.91 -64.97
CA TYR D 315 -16.93 -21.11 -64.05
C TYR D 315 -17.40 -21.52 -62.66
N VAL D 316 -16.63 -22.40 -62.03
CA VAL D 316 -16.95 -22.98 -60.71
C VAL D 316 -15.86 -22.65 -59.72
N PRO D 317 -16.05 -21.59 -58.92
CA PRO D 317 -14.97 -21.17 -58.04
C PRO D 317 -14.56 -22.24 -57.04
N ALA D 318 -13.23 -22.31 -56.78
CA ALA D 318 -12.66 -23.31 -55.85
C ALA D 318 -13.14 -24.74 -56.12
N ASP D 319 -13.53 -25.03 -57.36
CA ASP D 319 -14.04 -26.35 -57.76
C ASP D 319 -15.31 -26.77 -57.00
N ASP D 320 -15.98 -25.81 -56.37
CA ASP D 320 -17.12 -26.16 -55.54
C ASP D 320 -18.43 -25.85 -56.27
N LEU D 321 -19.09 -26.90 -56.76
CA LEU D 321 -20.35 -26.74 -57.49
C LEU D 321 -21.49 -26.16 -56.62
N THR D 322 -21.32 -26.19 -55.30
CA THR D 322 -22.31 -25.62 -54.37
C THR D 322 -22.11 -24.10 -54.15
N ASP D 323 -21.06 -23.54 -54.75
CA ASP D 323 -20.81 -22.10 -54.74
C ASP D 323 -22.05 -21.41 -55.31
N PRO D 324 -22.55 -20.36 -54.63
CA PRO D 324 -23.82 -19.70 -55.00
C PRO D 324 -23.94 -19.34 -56.47
N ALA D 325 -22.84 -18.93 -57.09
CA ALA D 325 -22.85 -18.52 -58.50
C ALA D 325 -23.21 -19.67 -59.46
N PRO D 326 -22.40 -20.76 -59.52
CA PRO D 326 -22.84 -21.90 -60.32
C PRO D 326 -24.10 -22.58 -59.78
N ALA D 327 -24.25 -22.70 -58.45
CA ALA D 327 -25.44 -23.34 -57.89
C ALA D 327 -26.73 -22.67 -58.34
N THR D 328 -26.77 -21.34 -58.36
CA THR D 328 -27.92 -20.60 -58.83
C THR D 328 -28.16 -20.73 -60.36
N THR D 329 -27.11 -21.09 -61.10
CA THR D 329 -27.18 -21.15 -62.58
C THR D 329 -27.91 -22.41 -63.09
N PHE D 330 -27.76 -23.54 -62.40
CA PHE D 330 -28.29 -24.81 -62.87
C PHE D 330 -29.75 -24.75 -63.34
N ALA D 331 -30.62 -24.16 -62.51
CA ALA D 331 -32.05 -24.07 -62.81
C ALA D 331 -32.37 -23.32 -64.12
N HIS D 332 -31.39 -22.62 -64.68
CA HIS D 332 -31.63 -21.84 -65.88
C HIS D 332 -31.37 -22.64 -67.16
N LEU D 333 -31.03 -23.92 -67.00
CA LEU D 333 -30.55 -24.74 -68.12
C LEU D 333 -31.46 -25.91 -68.52
N ASP D 334 -31.33 -26.32 -69.78
CA ASP D 334 -32.07 -27.46 -70.29
C ASP D 334 -31.17 -28.69 -70.42
N ALA D 335 -29.88 -28.43 -70.63
CA ALA D 335 -28.85 -29.46 -70.57
C ALA D 335 -27.64 -28.92 -69.80
N THR D 336 -27.04 -29.78 -68.99
CA THR D 336 -25.84 -29.39 -68.24
C THR D 336 -24.69 -30.35 -68.52
N THR D 337 -23.55 -29.82 -68.93
CA THR D 337 -22.33 -30.62 -69.06
C THR D 337 -21.38 -30.24 -67.92
N VAL D 338 -21.23 -31.11 -66.94
CA VAL D 338 -20.37 -30.82 -65.80
C VAL D 338 -19.01 -31.50 -65.97
N LEU D 339 -17.97 -30.68 -65.91
CA LEU D 339 -16.59 -31.10 -66.10
C LEU D 339 -15.91 -31.27 -64.73
N SER D 340 -14.97 -32.20 -64.64
CA SER D 340 -14.36 -32.54 -63.37
C SER D 340 -12.82 -32.56 -63.43
N ARG D 341 -12.17 -31.82 -62.52
CA ARG D 341 -10.72 -31.83 -62.42
C ARG D 341 -10.17 -33.25 -62.18
N ALA D 342 -10.86 -34.02 -61.34
CA ALA D 342 -10.50 -35.42 -61.03
C ALA D 342 -10.49 -36.32 -62.26
N ILE D 343 -11.38 -36.01 -63.20
CA ILE D 343 -11.44 -36.74 -64.46
C ILE D 343 -10.37 -36.24 -65.43
N ALA D 344 -10.21 -34.91 -65.55
CA ALA D 344 -9.15 -34.31 -66.37
C ALA D 344 -7.76 -34.81 -65.94
N GLU D 345 -7.58 -34.95 -64.63
CA GLU D 345 -6.29 -35.32 -64.04
C GLU D 345 -5.88 -36.73 -64.50
N LEU D 346 -6.86 -37.56 -64.86
CA LEU D 346 -6.61 -38.90 -65.37
C LEU D 346 -6.28 -38.91 -66.87
N GLY D 347 -6.38 -37.74 -67.50
CA GLY D 347 -6.15 -37.62 -68.93
C GLY D 347 -7.37 -37.95 -69.76
N ILE D 348 -8.52 -38.02 -69.10
CA ILE D 348 -9.79 -38.30 -69.77
C ILE D 348 -10.38 -36.97 -70.24
N TYR D 349 -10.26 -36.71 -71.53
CA TYR D 349 -10.84 -35.52 -72.11
C TYR D 349 -11.80 -35.91 -73.23
N PRO D 350 -12.93 -35.19 -73.37
CA PRO D 350 -13.39 -34.08 -72.50
C PRO D 350 -13.70 -34.61 -71.09
N ALA D 351 -13.45 -33.79 -70.07
CA ALA D 351 -13.48 -34.21 -68.67
C ALA D 351 -14.87 -34.26 -68.06
N VAL D 352 -15.83 -34.75 -68.85
CA VAL D 352 -17.23 -34.78 -68.46
C VAL D 352 -17.51 -35.83 -67.38
N ASP D 353 -18.12 -35.39 -66.29
CA ASP D 353 -18.58 -36.26 -65.25
C ASP D 353 -19.85 -36.90 -65.77
N PRO D 354 -19.78 -38.20 -66.10
CA PRO D 354 -20.91 -38.91 -66.69
C PRO D 354 -22.05 -39.14 -65.67
N LEU D 355 -21.76 -38.88 -64.39
CA LEU D 355 -22.74 -39.02 -63.30
C LEU D 355 -23.14 -37.69 -62.69
N ASP D 356 -22.96 -36.61 -63.44
CA ASP D 356 -23.38 -35.28 -62.97
C ASP D 356 -23.74 -34.38 -64.14
N SER D 357 -24.12 -34.98 -65.27
CA SER D 357 -24.47 -34.24 -66.48
C SER D 357 -25.88 -34.62 -66.86
N THR D 358 -26.70 -33.63 -67.16
CA THR D 358 -28.12 -33.91 -67.36
C THR D 358 -28.70 -33.26 -68.61
N SER D 359 -29.85 -33.75 -69.05
CA SER D 359 -30.55 -33.16 -70.17
C SER D 359 -32.04 -33.42 -70.08
N ARG D 360 -32.82 -32.35 -70.19
CA ARG D 360 -34.28 -32.40 -70.23
C ARG D 360 -34.84 -33.39 -71.30
N ILE D 361 -34.10 -33.59 -72.39
CA ILE D 361 -34.56 -34.51 -73.45
C ILE D 361 -34.11 -35.96 -73.26
N MET D 362 -33.39 -36.23 -72.17
CA MET D 362 -32.96 -37.60 -71.85
C MET D 362 -34.16 -38.38 -71.29
N ASP D 363 -34.94 -38.92 -72.23
CA ASP D 363 -36.29 -39.41 -71.99
C ASP D 363 -36.57 -40.36 -73.16
N PRO D 364 -37.07 -41.59 -72.88
CA PRO D 364 -37.28 -42.59 -73.92
C PRO D 364 -38.28 -42.16 -74.99
N ASN D 365 -39.23 -41.32 -74.59
CA ASN D 365 -40.22 -40.75 -75.50
C ASN D 365 -39.66 -39.68 -76.45
N ILE D 366 -38.48 -39.14 -76.15
CA ILE D 366 -37.87 -38.12 -77.01
C ILE D 366 -36.70 -38.68 -77.82
N VAL D 367 -35.69 -39.25 -77.15
CA VAL D 367 -34.52 -39.81 -77.83
C VAL D 367 -34.73 -41.25 -78.29
N GLY D 368 -35.85 -41.86 -77.89
CA GLY D 368 -36.13 -43.28 -78.18
C GLY D 368 -35.60 -44.18 -77.07
N SER D 369 -36.14 -45.40 -76.98
CA SER D 369 -35.81 -46.28 -75.87
C SER D 369 -34.40 -46.90 -75.93
N GLU D 370 -33.87 -47.12 -77.13
CA GLU D 370 -32.51 -47.64 -77.31
C GLU D 370 -31.45 -46.65 -76.82
N HIS D 371 -31.60 -45.38 -77.17
CA HIS D 371 -30.67 -44.33 -76.74
C HIS D 371 -30.78 -44.16 -75.23
N TYR D 372 -32.00 -44.06 -74.72
CA TYR D 372 -32.25 -43.95 -73.28
C TYR D 372 -31.63 -45.12 -72.51
N ASP D 373 -31.97 -46.34 -72.94
CA ASP D 373 -31.53 -47.56 -72.25
C ASP D 373 -30.03 -47.69 -72.18
N VAL D 374 -29.37 -47.43 -73.30
CA VAL D 374 -27.91 -47.46 -73.37
C VAL D 374 -27.27 -46.44 -72.42
N ALA D 375 -27.84 -45.23 -72.41
CA ALA D 375 -27.32 -44.14 -71.58
C ALA D 375 -27.42 -44.50 -70.10
N ARG D 376 -28.57 -45.03 -69.68
CA ARG D 376 -28.80 -45.38 -68.30
C ARG D 376 -27.95 -46.58 -67.88
N GLY D 377 -27.77 -47.53 -68.80
CA GLY D 377 -26.88 -48.67 -68.59
C GLY D 377 -25.44 -48.25 -68.39
N VAL D 378 -24.98 -47.31 -69.21
CA VAL D 378 -23.65 -46.73 -69.06
C VAL D 378 -23.52 -46.05 -67.70
N GLN D 379 -24.49 -45.24 -67.33
CA GLN D 379 -24.48 -44.54 -66.04
C GLN D 379 -24.55 -45.52 -64.85
N LYS D 380 -25.31 -46.59 -65.00
CA LYS D 380 -25.43 -47.59 -63.96
C LYS D 380 -24.11 -48.32 -63.69
N ILE D 381 -23.46 -48.82 -64.75
CA ILE D 381 -22.19 -49.54 -64.58
C ILE D 381 -21.07 -48.63 -63.99
N LEU D 382 -21.13 -47.35 -64.32
CA LEU D 382 -20.13 -46.39 -63.86
C LEU D 382 -20.35 -46.04 -62.40
N GLN D 383 -21.60 -45.96 -61.98
CA GLN D 383 -21.91 -45.73 -60.57
C GLN D 383 -21.55 -46.98 -59.77
N ASP D 384 -21.93 -48.16 -60.29
CA ASP D 384 -21.57 -49.43 -59.65
C ASP D 384 -20.05 -49.55 -59.44
N TYR D 385 -19.28 -49.24 -60.47
CA TYR D 385 -17.82 -49.19 -60.36
C TYR D 385 -17.35 -48.17 -59.31
N LYS D 386 -17.99 -47.01 -59.29
CA LYS D 386 -17.62 -45.92 -58.41
C LYS D 386 -17.74 -46.33 -56.93
N SER D 387 -18.84 -47.00 -56.61
CA SER D 387 -19.07 -47.49 -55.25
C SER D 387 -18.15 -48.64 -54.87
N LEU D 388 -17.58 -49.32 -55.88
CA LEU D 388 -16.62 -50.42 -55.65
C LEU D 388 -15.18 -49.97 -55.45
N GLN D 389 -14.79 -48.89 -56.13
CA GLN D 389 -13.41 -48.40 -56.13
C GLN D 389 -12.72 -48.47 -54.77
N ASP D 390 -13.05 -47.48 -53.92
CA ASP D 390 -12.42 -47.29 -52.61
C ASP D 390 -12.44 -48.55 -51.76
N ILE D 391 -13.48 -49.36 -51.95
CA ILE D 391 -13.62 -50.66 -51.30
C ILE D 391 -12.57 -51.66 -51.78
N ILE D 392 -12.39 -51.76 -53.10
CA ILE D 392 -11.44 -52.74 -53.67
C ILE D 392 -10.00 -52.23 -53.70
N ALA D 393 -9.83 -50.94 -53.46
CA ALA D 393 -8.51 -50.30 -53.37
C ALA D 393 -7.82 -50.65 -52.06
N ILE D 394 -8.58 -51.21 -51.13
CA ILE D 394 -8.03 -51.64 -49.84
C ILE D 394 -8.13 -53.15 -49.66
N LEU D 395 -9.28 -53.73 -50.03
CA LEU D 395 -9.51 -55.17 -49.82
C LEU D 395 -9.08 -56.05 -50.98
N GLY D 396 -8.69 -55.44 -52.09
CA GLY D 396 -8.12 -56.16 -53.22
C GLY D 396 -9.11 -56.58 -54.28
N MET D 397 -8.57 -56.84 -55.47
CA MET D 397 -9.35 -57.24 -56.64
C MET D 397 -9.82 -58.69 -56.53
N ASP D 398 -8.92 -59.57 -56.09
CA ASP D 398 -9.15 -61.02 -56.08
C ASP D 398 -10.30 -61.49 -55.18
N GLU D 399 -10.86 -60.56 -54.41
CA GLU D 399 -12.01 -60.85 -53.55
C GLU D 399 -13.34 -60.66 -54.29
N LEU D 400 -13.26 -60.18 -55.54
CA LEU D 400 -14.45 -59.94 -56.36
C LEU D 400 -14.98 -61.21 -57.00
N SER D 401 -16.29 -61.24 -57.23
CA SER D 401 -16.93 -62.30 -57.99
C SER D 401 -16.62 -62.13 -59.47
N GLU D 402 -16.63 -63.23 -60.22
CA GLU D 402 -16.24 -63.23 -61.63
C GLU D 402 -17.21 -62.46 -62.54
N GLU D 403 -18.27 -61.91 -61.95
CA GLU D 403 -19.21 -61.04 -62.65
C GLU D 403 -19.10 -59.60 -62.16
N ASP D 404 -18.66 -59.44 -60.91
CA ASP D 404 -18.39 -58.12 -60.35
C ASP D 404 -17.15 -57.51 -60.98
N LYS D 405 -16.12 -58.32 -61.19
CA LYS D 405 -14.90 -57.85 -61.83
C LYS D 405 -15.08 -57.64 -63.34
N LEU D 406 -16.18 -58.19 -63.87
CA LEU D 406 -16.55 -57.95 -65.26
C LEU D 406 -17.19 -56.58 -65.45
N THR D 407 -17.87 -56.07 -64.40
CA THR D 407 -18.38 -54.69 -64.45
C THR D 407 -17.24 -53.69 -64.31
N VAL D 408 -16.21 -54.08 -63.56
CA VAL D 408 -14.99 -53.27 -63.39
C VAL D 408 -14.26 -53.09 -64.74
N SER D 409 -13.92 -54.19 -65.39
CA SER D 409 -13.24 -54.14 -66.69
C SER D 409 -14.08 -53.40 -67.73
N ARG D 410 -15.36 -53.72 -67.79
CA ARG D 410 -16.26 -53.03 -68.73
C ARG D 410 -16.39 -51.53 -68.42
N ALA D 411 -16.51 -51.19 -67.13
CA ALA D 411 -16.65 -49.78 -66.70
C ALA D 411 -15.41 -48.96 -67.06
N ARG D 412 -14.24 -49.55 -66.83
CA ARG D 412 -12.96 -48.89 -67.09
C ARG D 412 -12.73 -48.71 -68.58
N LYS D 413 -13.29 -49.62 -69.38
CA LYS D 413 -13.31 -49.49 -70.84
C LYS D 413 -14.31 -48.42 -71.29
N ILE D 414 -15.43 -48.30 -70.58
CA ILE D 414 -16.47 -47.32 -70.87
C ILE D 414 -16.01 -45.90 -70.49
N GLN D 415 -15.24 -45.80 -69.40
CA GLN D 415 -14.66 -44.52 -68.99
C GLN D 415 -13.77 -43.95 -70.08
N ARG D 416 -13.06 -44.84 -70.76
CA ARG D 416 -12.07 -44.46 -71.77
C ARG D 416 -12.71 -44.18 -73.13
N PHE D 417 -13.72 -44.97 -73.48
CA PHE D 417 -14.45 -44.78 -74.72
C PHE D 417 -15.28 -43.50 -74.68
N LEU D 418 -15.50 -42.97 -73.47
CA LEU D 418 -16.09 -41.64 -73.32
C LEU D 418 -15.10 -40.51 -73.63
N SER D 419 -13.79 -40.80 -73.58
CA SER D 419 -12.80 -39.81 -74.00
C SER D 419 -12.81 -39.71 -75.52
N GLN D 420 -12.27 -38.63 -76.06
CA GLN D 420 -12.37 -38.35 -77.49
C GLN D 420 -11.40 -37.24 -77.90
N PRO D 421 -10.62 -37.49 -78.97
CA PRO D 421 -9.76 -36.43 -79.54
C PRO D 421 -10.59 -35.32 -80.21
N PHE D 422 -10.38 -34.08 -79.75
CA PHE D 422 -11.08 -32.94 -80.33
C PHE D 422 -10.25 -32.32 -81.45
N GLN D 423 -10.91 -31.80 -82.48
CA GLN D 423 -10.20 -31.13 -83.56
C GLN D 423 -9.46 -29.89 -83.05
N VAL D 424 -10.14 -29.15 -82.19
CA VAL D 424 -9.61 -27.94 -81.55
C VAL D 424 -8.50 -28.25 -80.52
N ALA D 425 -8.38 -29.52 -80.16
CA ALA D 425 -7.45 -29.93 -79.11
C ALA D 425 -6.20 -30.66 -79.61
N GLU D 426 -5.95 -30.60 -80.91
CA GLU D 426 -4.81 -31.30 -81.50
C GLU D 426 -3.48 -30.84 -80.93
N VAL D 427 -3.38 -29.54 -80.66
CA VAL D 427 -2.19 -28.92 -80.03
C VAL D 427 -1.95 -29.44 -78.61
N PHE D 428 -2.92 -30.18 -78.06
CA PHE D 428 -2.80 -30.74 -76.70
C PHE D 428 -2.70 -32.27 -76.70
N THR D 429 -3.35 -32.94 -77.65
CA THR D 429 -3.42 -34.40 -77.66
C THR D 429 -2.37 -35.09 -78.53
N GLY D 430 -1.92 -34.43 -79.59
CA GLY D 430 -1.10 -35.08 -80.60
C GLY D 430 -1.91 -36.03 -81.46
N HIS D 431 -3.21 -36.10 -81.22
CA HIS D 431 -4.10 -36.97 -82.00
C HIS D 431 -4.93 -36.11 -82.95
N LEU D 432 -5.37 -36.72 -84.05
CA LEU D 432 -6.26 -36.08 -85.00
C LEU D 432 -7.68 -36.02 -84.44
N GLY D 433 -8.37 -34.90 -84.67
CA GLY D 433 -9.73 -34.70 -84.16
C GLY D 433 -10.73 -35.69 -84.73
N LYS D 434 -11.63 -36.16 -83.86
CA LYS D 434 -12.67 -37.12 -84.24
C LYS D 434 -14.10 -36.62 -83.96
N LEU D 435 -15.01 -36.88 -84.89
CA LEU D 435 -16.43 -36.60 -84.71
C LEU D 435 -17.23 -37.91 -84.93
N VAL D 436 -18.08 -38.26 -83.96
CA VAL D 436 -18.75 -39.56 -83.97
C VAL D 436 -20.28 -39.39 -84.09
N PRO D 437 -20.87 -39.88 -85.19
CA PRO D 437 -22.33 -39.80 -85.37
C PRO D 437 -23.11 -40.46 -84.23
N LEU D 438 -24.28 -39.91 -83.91
CA LEU D 438 -25.12 -40.39 -82.80
C LEU D 438 -25.29 -41.91 -82.73
N LYS D 439 -25.71 -42.50 -83.85
CA LYS D 439 -25.93 -43.94 -83.93
C LYS D 439 -24.66 -44.76 -83.66
N GLU D 440 -23.50 -44.25 -84.08
CA GLU D 440 -22.24 -44.96 -83.83
C GLU D 440 -21.88 -44.95 -82.34
N THR D 441 -22.15 -43.83 -81.68
CA THR D 441 -21.98 -43.70 -80.22
C THR D 441 -22.82 -44.75 -79.50
N ILE D 442 -24.11 -44.79 -79.84
CA ILE D 442 -25.04 -45.73 -79.23
C ILE D 442 -24.55 -47.17 -79.41
N LYS D 443 -24.29 -47.54 -80.66
CA LYS D 443 -23.82 -48.89 -81.00
C LYS D 443 -22.61 -49.29 -80.17
N GLY D 444 -21.62 -48.40 -80.10
CA GLY D 444 -20.35 -48.65 -79.41
C GLY D 444 -20.49 -48.96 -77.93
N PHE D 445 -21.17 -48.09 -77.19
CA PHE D 445 -21.39 -48.30 -75.76
C PHE D 445 -22.35 -49.46 -75.51
N GLN D 446 -23.27 -49.68 -76.44
CA GLN D 446 -24.17 -50.82 -76.43
C GLN D 446 -23.41 -52.16 -76.56
N GLN D 447 -22.41 -52.20 -77.44
CA GLN D 447 -21.60 -53.40 -77.66
C GLN D 447 -20.67 -53.71 -76.48
N ILE D 448 -19.97 -52.69 -75.96
CA ILE D 448 -19.16 -52.88 -74.75
C ILE D 448 -20.00 -53.47 -73.60
N LEU D 449 -21.16 -52.87 -73.32
CA LEU D 449 -22.04 -53.31 -72.24
C LEU D 449 -22.47 -54.77 -72.40
N ALA D 450 -22.59 -55.20 -73.67
CA ALA D 450 -23.07 -56.54 -74.01
C ALA D 450 -21.97 -57.60 -73.90
N GLY D 451 -20.73 -57.14 -73.73
CA GLY D 451 -19.59 -58.01 -73.50
C GLY D 451 -18.81 -58.34 -74.75
N GLU D 452 -19.06 -57.61 -75.83
CA GLU D 452 -18.47 -57.89 -77.14
C GLU D 452 -16.97 -57.60 -77.23
N TYR D 453 -16.42 -56.90 -76.24
CA TYR D 453 -15.02 -56.48 -76.25
C TYR D 453 -14.29 -56.75 -74.94
N ASP D 454 -14.72 -57.77 -74.20
CA ASP D 454 -14.08 -58.14 -72.95
C ASP D 454 -12.62 -58.57 -73.15
N HIS D 455 -12.29 -58.98 -74.38
CA HIS D 455 -10.96 -59.51 -74.70
C HIS D 455 -9.95 -58.41 -75.05
N LEU D 456 -10.46 -57.28 -75.53
CA LEU D 456 -9.63 -56.12 -75.90
C LEU D 456 -9.12 -55.42 -74.66
N PRO D 457 -7.90 -54.84 -74.73
CA PRO D 457 -7.35 -54.16 -73.56
C PRO D 457 -7.96 -52.78 -73.36
N GLU D 458 -7.93 -52.34 -72.10
CA GLU D 458 -8.40 -51.03 -71.64
C GLU D 458 -7.97 -49.88 -72.56
N GLN D 459 -6.67 -49.82 -72.83
CA GLN D 459 -6.07 -48.72 -73.56
C GLN D 459 -6.55 -48.59 -75.01
N ALA D 460 -7.04 -49.69 -75.57
CA ALA D 460 -7.59 -49.66 -76.94
C ALA D 460 -8.76 -48.69 -77.05
N PHE D 461 -9.47 -48.50 -75.94
CA PHE D 461 -10.66 -47.64 -75.91
C PHE D 461 -10.32 -46.18 -75.57
N TYR D 462 -9.10 -45.92 -75.16
CA TYR D 462 -8.70 -44.58 -74.72
C TYR D 462 -8.36 -43.65 -75.89
N MET D 463 -9.07 -42.52 -75.96
CA MET D 463 -8.72 -41.41 -76.87
C MET D 463 -8.86 -41.80 -78.36
N VAL D 464 -10.04 -42.31 -78.72
CA VAL D 464 -10.37 -42.63 -80.11
C VAL D 464 -11.79 -42.13 -80.47
N GLY D 465 -12.16 -42.25 -81.75
CA GLY D 465 -13.49 -41.86 -82.22
C GLY D 465 -14.48 -43.01 -82.12
N PRO D 466 -14.90 -43.59 -83.27
CA PRO D 466 -15.89 -44.69 -83.26
C PRO D 466 -15.30 -46.01 -82.77
N ILE D 467 -16.16 -46.96 -82.44
CA ILE D 467 -15.73 -48.21 -81.81
C ILE D 467 -14.68 -48.96 -82.62
N GLU D 468 -14.81 -48.94 -83.94
CA GLU D 468 -13.89 -49.62 -84.85
C GLU D 468 -12.45 -49.17 -84.64
N GLU D 469 -12.29 -47.93 -84.19
CA GLU D 469 -10.96 -47.39 -83.92
C GLU D 469 -10.34 -48.02 -82.67
N ALA D 470 -11.18 -48.43 -81.72
CA ALA D 470 -10.73 -49.16 -80.55
C ALA D 470 -10.27 -50.57 -80.92
N VAL D 471 -10.95 -51.18 -81.88
CA VAL D 471 -10.57 -52.50 -82.41
C VAL D 471 -9.24 -52.44 -83.18
N ALA D 472 -9.10 -51.42 -84.03
CA ALA D 472 -7.86 -51.21 -84.77
C ALA D 472 -6.68 -50.89 -83.84
N LYS D 473 -6.91 -50.03 -82.86
CA LYS D 473 -5.87 -49.65 -81.89
C LYS D 473 -5.37 -50.87 -81.10
N ALA D 474 -6.30 -51.73 -80.67
CA ALA D 474 -5.95 -52.98 -80.00
C ALA D 474 -4.96 -53.81 -80.82
N ASP D 475 -5.12 -53.80 -82.14
CA ASP D 475 -4.17 -54.45 -83.05
C ASP D 475 -2.80 -53.77 -83.08
N LYS D 476 -2.79 -52.44 -83.24
CA LYS D 476 -1.54 -51.65 -83.19
C LYS D 476 -0.76 -51.98 -81.91
N LEU D 477 -1.48 -52.05 -80.79
CA LEU D 477 -0.90 -52.34 -79.48
C LEU D 477 -0.33 -53.75 -79.35
N ALA D 478 -0.88 -54.70 -80.13
CA ALA D 478 -0.42 -56.10 -80.09
C ALA D 478 1.06 -56.23 -80.46
N GLU D 479 1.51 -55.41 -81.41
CA GLU D 479 2.94 -55.17 -81.68
C GLU D 479 3.14 -54.12 -82.76
N THR E 13 -47.99 4.17 -17.59
CA THR E 13 -47.77 5.22 -18.65
C THR E 13 -47.95 4.71 -20.08
N THR E 14 -48.17 5.65 -21.00
CA THR E 14 -48.51 5.38 -22.39
C THR E 14 -47.39 5.84 -23.34
N GLY E 15 -46.94 4.93 -24.19
CA GLY E 15 -45.91 5.22 -25.17
C GLY E 15 -46.41 5.12 -26.59
N ARG E 16 -45.55 5.51 -27.54
CA ARG E 16 -45.90 5.53 -28.96
C ARG E 16 -44.91 4.69 -29.76
N ILE E 17 -45.41 3.88 -30.69
CA ILE E 17 -44.55 3.13 -31.59
C ILE E 17 -43.81 4.11 -32.50
N VAL E 18 -42.47 4.01 -32.52
CA VAL E 18 -41.67 4.86 -33.40
C VAL E 18 -41.01 4.09 -34.55
N ALA E 19 -40.95 2.77 -34.42
CA ALA E 19 -40.39 1.89 -35.47
C ALA E 19 -40.94 0.48 -35.36
N VAL E 20 -41.14 -0.14 -36.53
CA VAL E 20 -41.54 -1.54 -36.64
C VAL E 20 -40.69 -2.19 -37.72
N ILE E 21 -39.89 -3.16 -37.32
CA ILE E 21 -39.04 -3.88 -38.25
C ILE E 21 -39.17 -5.39 -37.98
N GLY E 22 -40.13 -6.01 -38.65
CA GLY E 22 -40.51 -7.39 -38.34
C GLY E 22 -40.99 -7.48 -36.90
N ALA E 23 -40.45 -8.44 -36.16
CA ALA E 23 -40.85 -8.65 -34.80
C ALA E 23 -40.12 -7.75 -33.80
N VAL E 24 -39.40 -6.75 -34.29
CA VAL E 24 -38.78 -5.77 -33.40
C VAL E 24 -39.52 -4.43 -33.47
N VAL E 25 -40.04 -3.99 -32.31
CA VAL E 25 -40.80 -2.75 -32.20
C VAL E 25 -40.17 -1.78 -31.20
N ASP E 26 -39.93 -0.55 -31.64
CA ASP E 26 -39.39 0.48 -30.76
C ASP E 26 -40.52 1.38 -30.34
N VAL E 27 -40.53 1.71 -29.05
CA VAL E 27 -41.60 2.49 -28.46
C VAL E 27 -40.98 3.61 -27.64
N GLN E 28 -41.49 4.82 -27.86
CA GLN E 28 -41.04 6.01 -27.14
C GLN E 28 -42.05 6.37 -26.05
N PHE E 29 -41.55 6.65 -24.86
CA PHE E 29 -42.36 7.07 -23.71
C PHE E 29 -41.95 8.48 -23.26
N ASP E 30 -42.93 9.29 -22.88
CA ASP E 30 -42.66 10.67 -22.50
C ASP E 30 -42.16 10.86 -21.05
N GLU E 31 -42.57 9.98 -20.15
CA GLU E 31 -42.12 10.06 -18.75
C GLU E 31 -41.21 8.87 -18.39
N GLY E 32 -41.54 8.16 -17.32
CA GLY E 32 -40.76 7.00 -16.89
C GLY E 32 -40.82 5.83 -17.85
N LEU E 33 -39.66 5.22 -18.09
CA LEU E 33 -39.56 4.11 -19.04
C LEU E 33 -39.85 2.77 -18.39
N PRO E 34 -40.49 1.84 -19.14
CA PRO E 34 -40.62 0.48 -18.66
C PRO E 34 -39.23 -0.12 -18.61
N PRO E 35 -38.86 -0.71 -17.47
CA PRO E 35 -37.59 -1.43 -17.39
C PRO E 35 -37.54 -2.63 -18.36
N ILE E 36 -36.33 -3.11 -18.62
CA ILE E 36 -36.12 -4.28 -19.46
C ILE E 36 -36.91 -5.47 -18.92
N LEU E 37 -37.46 -6.26 -19.82
CA LEU E 37 -38.28 -7.44 -19.52
C LEU E 37 -39.76 -7.13 -19.21
N ASN E 38 -40.09 -5.86 -19.07
CA ASN E 38 -41.50 -5.48 -18.89
C ASN E 38 -42.35 -5.85 -20.09
N ALA E 39 -43.61 -6.15 -19.82
CA ALA E 39 -44.61 -6.43 -20.84
C ALA E 39 -45.32 -5.14 -21.24
N LEU E 40 -45.43 -4.91 -22.54
CA LEU E 40 -46.20 -3.77 -23.04
C LEU E 40 -47.41 -4.29 -23.83
N GLU E 41 -48.54 -3.62 -23.65
CA GLU E 41 -49.80 -3.97 -24.31
C GLU E 41 -50.10 -2.97 -25.41
N VAL E 42 -49.99 -3.42 -26.66
CA VAL E 42 -50.28 -2.57 -27.82
C VAL E 42 -51.78 -2.31 -27.91
N GLN E 43 -52.13 -1.04 -28.06
CA GLN E 43 -53.51 -0.62 -28.09
C GLN E 43 -54.04 -0.64 -29.53
N GLY E 44 -55.37 -0.71 -29.65
CA GLY E 44 -56.04 -0.67 -30.94
C GLY E 44 -55.80 -1.90 -31.79
N ARG E 45 -55.85 -3.08 -31.18
CA ARG E 45 -55.71 -4.32 -31.95
C ARG E 45 -56.80 -5.34 -31.63
N GLU E 46 -57.10 -6.19 -32.63
CA GLU E 46 -58.16 -7.19 -32.51
C GLU E 46 -57.84 -8.26 -31.48
N THR E 47 -56.57 -8.66 -31.41
CA THR E 47 -56.11 -9.61 -30.40
C THR E 47 -54.90 -9.03 -29.65
N ARG E 48 -54.61 -9.60 -28.48
CA ARG E 48 -53.53 -9.11 -27.61
C ARG E 48 -52.17 -9.17 -28.28
N LEU E 49 -51.53 -8.01 -28.41
CA LEU E 49 -50.16 -7.96 -28.87
C LEU E 49 -49.26 -7.48 -27.74
N VAL E 50 -48.46 -8.42 -27.22
CA VAL E 50 -47.51 -8.11 -26.16
C VAL E 50 -46.13 -7.93 -26.73
N LEU E 51 -45.49 -6.82 -26.34
CA LEU E 51 -44.09 -6.59 -26.65
C LEU E 51 -43.30 -6.70 -25.36
N GLU E 52 -42.16 -7.37 -25.42
CA GLU E 52 -41.29 -7.46 -24.25
C GLU E 52 -40.11 -6.53 -24.42
N VAL E 53 -39.92 -5.63 -23.44
CA VAL E 53 -38.77 -4.72 -23.50
C VAL E 53 -37.45 -5.47 -23.47
N ALA E 54 -36.62 -5.23 -24.48
CA ALA E 54 -35.29 -5.84 -24.54
C ALA E 54 -34.16 -4.85 -24.21
N GLN E 55 -34.33 -3.59 -24.63
CA GLN E 55 -33.28 -2.58 -24.52
C GLN E 55 -33.82 -1.19 -24.25
N HIS E 56 -32.99 -0.38 -23.60
CA HIS E 56 -33.19 1.04 -23.50
C HIS E 56 -32.20 1.70 -24.45
N LEU E 57 -32.72 2.19 -25.57
CA LEU E 57 -31.87 2.73 -26.63
C LEU E 57 -31.34 4.13 -26.37
N GLY E 58 -31.82 4.77 -25.31
CA GLY E 58 -31.57 6.19 -25.09
C GLY E 58 -32.71 7.00 -25.66
N GLU E 59 -32.66 8.30 -25.43
CA GLU E 59 -33.67 9.23 -25.96
C GLU E 59 -35.13 8.79 -25.69
N SER E 60 -35.38 8.27 -24.47
CA SER E 60 -36.71 7.81 -24.04
C SER E 60 -37.32 6.64 -24.85
N THR E 61 -36.47 5.89 -25.53
CA THR E 61 -36.93 4.85 -26.43
C THR E 61 -36.46 3.45 -26.01
N VAL E 62 -37.42 2.53 -26.00
CA VAL E 62 -37.15 1.13 -25.71
C VAL E 62 -37.26 0.29 -26.99
N ARG E 63 -36.40 -0.72 -27.09
CA ARG E 63 -36.49 -1.72 -28.14
C ARG E 63 -37.11 -2.97 -27.54
N THR E 64 -38.13 -3.49 -28.22
CA THR E 64 -38.90 -4.63 -27.74
C THR E 64 -38.92 -5.76 -28.76
N ILE E 65 -39.28 -6.95 -28.29
CA ILE E 65 -39.50 -8.12 -29.16
C ILE E 65 -40.97 -8.54 -29.07
N ALA E 66 -41.60 -8.71 -30.24
CA ALA E 66 -43.05 -8.96 -30.32
C ALA E 66 -43.41 -10.40 -29.99
N MET E 67 -44.53 -10.59 -29.29
CA MET E 67 -45.01 -11.94 -28.95
C MET E 67 -46.01 -12.47 -29.97
N ASP E 68 -46.38 -11.64 -30.94
CA ASP E 68 -47.22 -12.06 -32.07
C ASP E 68 -46.83 -11.23 -33.31
N GLY E 69 -47.48 -11.50 -34.44
CA GLY E 69 -47.19 -10.79 -35.69
C GLY E 69 -47.44 -9.29 -35.58
N THR E 70 -46.68 -8.51 -36.35
CA THR E 70 -46.69 -7.06 -36.22
C THR E 70 -47.32 -6.36 -37.40
N GLU E 71 -47.84 -7.12 -38.37
CA GLU E 71 -48.57 -6.54 -39.49
C GLU E 71 -49.65 -5.57 -39.00
N GLY E 72 -49.79 -4.43 -39.67
CA GLY E 72 -50.87 -3.49 -39.35
C GLY E 72 -50.56 -2.41 -38.32
N LEU E 73 -49.39 -2.50 -37.67
CA LEU E 73 -48.96 -1.49 -36.72
C LEU E 73 -48.59 -0.19 -37.44
N VAL E 74 -48.96 0.93 -36.85
CA VAL E 74 -48.66 2.26 -37.37
C VAL E 74 -47.74 2.98 -36.38
N ARG E 75 -46.83 3.82 -36.89
CA ARG E 75 -46.01 4.68 -36.05
C ARG E 75 -46.88 5.74 -35.36
N GLY E 76 -46.77 5.84 -34.04
CA GLY E 76 -47.62 6.72 -33.25
C GLY E 76 -48.73 5.97 -32.53
N GLN E 77 -48.88 4.67 -32.85
CA GLN E 77 -49.86 3.82 -32.19
C GLN E 77 -49.50 3.72 -30.71
N LYS E 78 -50.54 3.71 -29.88
CA LYS E 78 -50.40 3.73 -28.42
C LYS E 78 -49.97 2.37 -27.86
N VAL E 79 -49.08 2.41 -26.88
CA VAL E 79 -48.60 1.22 -26.21
C VAL E 79 -48.59 1.48 -24.70
N LEU E 80 -49.30 0.63 -23.97
CA LEU E 80 -49.44 0.73 -22.51
C LEU E 80 -48.39 -0.15 -21.84
N ASP E 81 -47.60 0.45 -20.94
CA ASP E 81 -46.67 -0.29 -20.08
C ASP E 81 -47.47 -0.97 -18.96
N SER E 82 -47.36 -2.29 -18.84
CA SER E 82 -48.13 -3.03 -17.82
C SER E 82 -47.57 -2.86 -16.40
N GLY E 83 -46.31 -2.40 -16.31
CA GLY E 83 -45.64 -2.22 -15.03
C GLY E 83 -44.90 -3.45 -14.53
N ALA E 84 -44.93 -4.52 -15.32
CA ALA E 84 -44.33 -5.80 -14.91
C ALA E 84 -43.97 -6.64 -16.13
N PRO E 85 -43.09 -7.65 -15.96
CA PRO E 85 -42.93 -8.64 -17.02
C PRO E 85 -44.26 -9.35 -17.33
N ILE E 86 -44.27 -10.15 -18.39
CA ILE E 86 -45.41 -10.97 -18.74
C ILE E 86 -45.85 -11.73 -17.47
N ARG E 87 -47.12 -11.54 -17.08
CA ARG E 87 -47.70 -12.25 -15.93
C ARG E 87 -48.81 -13.17 -16.42
N ILE E 88 -48.81 -14.39 -15.90
CA ILE E 88 -49.67 -15.46 -16.41
C ILE E 88 -50.44 -16.12 -15.25
N PRO E 89 -51.60 -16.73 -15.53
CA PRO E 89 -52.36 -17.39 -14.46
C PRO E 89 -51.58 -18.56 -13.88
N VAL E 90 -51.51 -18.63 -12.55
CA VAL E 90 -50.87 -19.78 -11.88
C VAL E 90 -51.80 -20.36 -10.80
N GLY E 91 -51.75 -21.67 -10.66
CA GLY E 91 -52.53 -22.38 -9.66
C GLY E 91 -53.18 -23.63 -10.23
N PRO E 92 -54.01 -24.31 -9.42
CA PRO E 92 -54.71 -25.55 -9.80
C PRO E 92 -55.56 -25.37 -11.04
N GLU E 93 -56.02 -24.15 -11.29
CA GLU E 93 -56.93 -23.88 -12.41
C GLU E 93 -56.26 -24.01 -13.78
N THR E 94 -54.92 -24.14 -13.80
CA THR E 94 -54.16 -24.29 -15.05
C THR E 94 -54.11 -25.75 -15.50
N LEU E 95 -54.38 -26.65 -14.56
CA LEU E 95 -54.30 -28.07 -14.81
C LEU E 95 -55.41 -28.57 -15.76
N GLY E 96 -55.00 -29.20 -16.85
CA GLY E 96 -55.94 -29.66 -17.90
C GLY E 96 -56.18 -28.61 -18.96
N ARG E 97 -55.69 -27.39 -18.71
CA ARG E 97 -55.86 -26.27 -19.62
C ARG E 97 -54.61 -26.06 -20.48
N ILE E 98 -54.82 -25.44 -21.64
CA ILE E 98 -53.72 -25.09 -22.54
C ILE E 98 -53.61 -23.56 -22.61
N MET E 99 -52.46 -23.03 -22.24
CA MET E 99 -52.22 -21.60 -22.43
C MET E 99 -51.11 -21.36 -23.46
N ASN E 100 -51.01 -20.12 -23.91
CA ASN E 100 -49.89 -19.69 -24.72
C ASN E 100 -48.80 -19.04 -23.85
N VAL E 101 -47.89 -18.30 -24.49
CA VAL E 101 -46.78 -17.66 -23.79
C VAL E 101 -47.21 -16.52 -22.85
N ILE E 102 -48.32 -15.85 -23.19
CA ILE E 102 -48.77 -14.71 -22.38
C ILE E 102 -49.95 -15.09 -21.47
N GLY E 103 -50.22 -16.38 -21.37
CA GLY E 103 -51.15 -16.90 -20.37
C GLY E 103 -52.62 -16.92 -20.76
N GLU E 104 -52.93 -16.67 -22.04
CA GLU E 104 -54.29 -16.77 -22.56
C GLU E 104 -54.63 -18.24 -22.78
N PRO E 105 -55.89 -18.62 -22.53
CA PRO E 105 -56.29 -19.98 -22.86
C PRO E 105 -56.38 -20.16 -24.38
N ILE E 106 -55.87 -21.27 -24.89
CA ILE E 106 -55.96 -21.56 -26.32
C ILE E 106 -56.77 -22.84 -26.60
N ASP E 107 -57.45 -23.33 -25.57
CA ASP E 107 -58.26 -24.54 -25.68
C ASP E 107 -59.77 -24.27 -25.87
N GLU E 108 -60.12 -23.01 -26.04
CA GLU E 108 -61.50 -22.55 -26.23
C GLU E 108 -62.46 -22.91 -25.09
N ARG E 109 -61.92 -23.07 -23.88
CA ARG E 109 -62.72 -23.47 -22.73
C ARG E 109 -62.90 -22.33 -21.73
N GLY E 110 -62.81 -21.09 -22.22
CA GLY E 110 -63.08 -19.90 -21.42
C GLY E 110 -61.92 -19.49 -20.54
N PRO E 111 -62.13 -18.46 -19.70
CA PRO E 111 -61.09 -17.93 -18.81
C PRO E 111 -60.41 -18.96 -17.91
N ILE E 112 -59.14 -18.73 -17.60
CA ILE E 112 -58.44 -19.48 -16.54
C ILE E 112 -58.60 -18.73 -15.21
N LYS E 113 -59.55 -19.20 -14.40
CA LYS E 113 -59.98 -18.47 -13.18
C LYS E 113 -59.10 -18.71 -11.95
N THR E 114 -57.80 -18.40 -12.08
CA THR E 114 -56.86 -18.47 -10.95
C THR E 114 -57.00 -17.23 -10.09
N LYS E 115 -56.60 -17.34 -8.83
CA LYS E 115 -56.60 -16.19 -7.94
C LYS E 115 -55.23 -15.50 -7.90
N GLN E 116 -54.21 -16.21 -8.40
CA GLN E 116 -52.87 -15.65 -8.48
C GLN E 116 -52.38 -15.61 -9.92
N PHE E 117 -51.64 -14.54 -10.23
CA PHE E 117 -50.84 -14.44 -11.44
C PHE E 117 -49.37 -14.41 -11.03
N ALA E 118 -48.47 -14.76 -11.95
CA ALA E 118 -47.03 -14.69 -11.66
C ALA E 118 -46.21 -14.26 -12.89
N ALA E 119 -45.18 -13.46 -12.62
CA ALA E 119 -44.24 -13.01 -13.65
C ALA E 119 -43.41 -14.19 -14.19
N ILE E 120 -43.28 -14.27 -15.51
CA ILE E 120 -42.55 -15.39 -16.13
C ILE E 120 -41.03 -15.29 -15.98
N HIS E 121 -40.54 -14.08 -15.69
CA HIS E 121 -39.12 -13.86 -15.39
C HIS E 121 -38.92 -13.81 -13.89
N ALA E 122 -38.06 -14.69 -13.38
CA ALA E 122 -37.68 -14.69 -11.99
C ALA E 122 -36.23 -15.13 -11.89
N GLU E 123 -35.53 -14.63 -10.89
CA GLU E 123 -34.18 -15.09 -10.63
C GLU E 123 -34.25 -16.49 -10.05
N ALA E 124 -33.18 -17.27 -10.27
CA ALA E 124 -33.08 -18.61 -9.73
C ALA E 124 -33.04 -18.54 -8.18
N PRO E 125 -33.50 -19.61 -7.50
CA PRO E 125 -33.40 -19.69 -6.04
C PRO E 125 -31.98 -19.36 -5.54
N GLU E 126 -31.90 -18.56 -4.48
CA GLU E 126 -30.60 -18.16 -3.92
C GLU E 126 -29.81 -19.37 -3.38
N PHE E 127 -28.51 -19.17 -3.18
CA PHE E 127 -27.62 -20.20 -2.64
C PHE E 127 -28.15 -20.82 -1.34
N VAL E 128 -28.68 -19.99 -0.43
CA VAL E 128 -29.20 -20.47 0.85
C VAL E 128 -30.49 -21.28 0.70
N GLU E 129 -31.16 -21.14 -0.44
CA GLU E 129 -32.45 -21.80 -0.67
C GLU E 129 -32.28 -23.18 -1.28
N MET E 130 -31.03 -23.58 -1.51
CA MET E 130 -30.69 -24.83 -2.19
C MET E 130 -30.70 -26.03 -1.26
N SER E 131 -31.23 -27.15 -1.72
CA SER E 131 -31.05 -28.41 -1.01
C SER E 131 -29.63 -28.91 -1.27
N VAL E 132 -28.95 -29.34 -0.21
CA VAL E 132 -27.58 -29.81 -0.32
C VAL E 132 -27.57 -31.32 -0.45
N GLU E 133 -28.77 -31.90 -0.45
CA GLU E 133 -28.97 -33.34 -0.60
C GLU E 133 -29.27 -33.67 -2.05
N GLN E 134 -28.89 -34.88 -2.46
CA GLN E 134 -29.28 -35.44 -3.75
C GLN E 134 -30.09 -36.70 -3.48
N GLU E 135 -31.32 -36.73 -3.98
CA GLU E 135 -32.23 -37.86 -3.82
C GLU E 135 -32.79 -38.28 -5.17
N ILE E 136 -33.03 -39.58 -5.31
CA ILE E 136 -33.79 -40.10 -6.43
C ILE E 136 -35.21 -39.55 -6.37
N LEU E 137 -35.73 -39.17 -7.53
CA LEU E 137 -37.16 -39.04 -7.72
C LEU E 137 -37.58 -40.39 -8.28
N VAL E 138 -38.21 -41.21 -7.44
CA VAL E 138 -38.74 -42.53 -7.88
C VAL E 138 -39.83 -42.36 -8.95
N THR E 139 -39.67 -43.04 -10.08
CA THR E 139 -40.64 -42.92 -11.18
C THR E 139 -41.60 -44.10 -11.24
N GLY E 140 -41.22 -45.20 -10.61
CA GLY E 140 -41.98 -46.44 -10.66
C GLY E 140 -41.74 -47.21 -11.94
N ILE E 141 -40.77 -46.75 -12.73
CA ILE E 141 -40.44 -47.40 -13.99
C ILE E 141 -39.11 -48.13 -13.82
N LYS E 142 -39.14 -49.45 -13.90
CA LYS E 142 -37.99 -50.30 -13.54
C LYS E 142 -36.63 -49.95 -14.18
N VAL E 143 -36.58 -49.80 -15.51
CA VAL E 143 -35.33 -49.47 -16.23
C VAL E 143 -34.73 -48.19 -15.69
N VAL E 144 -35.56 -47.16 -15.63
CA VAL E 144 -35.16 -45.80 -15.27
C VAL E 144 -34.67 -45.79 -13.83
N ASP E 145 -35.51 -46.27 -12.90
CA ASP E 145 -35.21 -46.23 -11.47
C ASP E 145 -33.95 -47.02 -11.12
N LEU E 146 -33.81 -48.21 -11.71
CA LEU E 146 -32.64 -49.05 -11.46
C LEU E 146 -31.37 -48.52 -12.11
N LEU E 147 -31.41 -48.30 -13.43
CA LEU E 147 -30.18 -48.10 -14.21
C LEU E 147 -29.76 -46.64 -14.44
N ALA E 148 -30.74 -45.77 -14.66
CA ALA E 148 -30.45 -44.34 -14.85
C ALA E 148 -31.49 -43.47 -14.15
N PRO E 149 -31.51 -43.49 -12.79
CA PRO E 149 -32.61 -42.87 -12.07
C PRO E 149 -32.55 -41.35 -12.12
N TYR E 150 -33.73 -40.74 -11.99
CA TYR E 150 -33.88 -39.30 -12.01
C TYR E 150 -33.53 -38.71 -10.65
N ALA E 151 -32.77 -37.62 -10.68
CA ALA E 151 -32.48 -36.87 -9.46
C ALA E 151 -33.60 -35.86 -9.21
N LYS E 152 -34.07 -35.77 -7.97
CA LYS E 152 -35.04 -34.76 -7.59
C LYS E 152 -34.45 -33.37 -7.85
N GLY E 153 -35.15 -32.56 -8.63
CA GLY E 153 -34.66 -31.24 -9.00
C GLY E 153 -33.62 -31.25 -10.09
N GLY E 154 -33.49 -32.39 -10.79
CA GLY E 154 -32.50 -32.53 -11.85
C GLY E 154 -33.07 -32.34 -13.25
N LYS E 155 -32.20 -32.35 -14.24
CA LYS E 155 -32.61 -32.30 -15.66
C LYS E 155 -32.31 -33.62 -16.36
N ILE E 156 -33.27 -34.12 -17.12
CA ILE E 156 -33.10 -35.37 -17.84
C ILE E 156 -33.20 -35.13 -19.34
N GLY E 157 -32.16 -35.52 -20.07
CA GLY E 157 -32.20 -35.44 -21.53
C GLY E 157 -32.86 -36.67 -22.09
N LEU E 158 -34.03 -36.48 -22.71
CA LEU E 158 -34.76 -37.56 -23.34
C LEU E 158 -34.42 -37.63 -24.83
N PHE E 159 -33.85 -38.76 -25.24
CA PHE E 159 -33.49 -39.01 -26.65
C PHE E 159 -34.48 -39.99 -27.30
N GLY E 160 -34.78 -39.77 -28.57
CA GLY E 160 -35.62 -40.70 -29.31
C GLY E 160 -36.38 -40.13 -30.49
N GLY E 161 -37.38 -39.31 -30.21
CA GLY E 161 -38.27 -38.81 -31.25
C GLY E 161 -39.48 -39.72 -31.44
N ALA E 162 -39.83 -39.95 -32.71
CA ALA E 162 -41.07 -40.63 -33.06
C ALA E 162 -40.94 -42.15 -33.18
N GLY E 163 -42.06 -42.84 -32.90
CA GLY E 163 -42.15 -44.28 -33.06
C GLY E 163 -41.53 -45.12 -31.97
N VAL E 164 -41.25 -44.50 -30.81
CA VAL E 164 -40.53 -45.17 -29.71
C VAL E 164 -41.21 -45.01 -28.33
N GLY E 165 -42.51 -44.75 -28.35
CA GLY E 165 -43.31 -44.58 -27.13
C GLY E 165 -42.96 -43.39 -26.27
N LYS E 166 -42.60 -42.26 -26.89
CA LYS E 166 -42.24 -41.03 -26.18
C LYS E 166 -43.40 -40.38 -25.39
N THR E 167 -44.51 -40.12 -26.08
CA THR E 167 -45.70 -39.53 -25.48
C THR E 167 -46.23 -40.40 -24.33
N VAL E 168 -46.28 -41.71 -24.58
CA VAL E 168 -46.74 -42.68 -23.60
C VAL E 168 -45.86 -42.66 -22.33
N LEU E 169 -44.55 -42.55 -22.51
CA LEU E 169 -43.63 -42.40 -21.39
C LEU E 169 -43.86 -41.10 -20.63
N ILE E 170 -43.99 -40.00 -21.37
CA ILE E 170 -44.31 -38.68 -20.79
C ILE E 170 -45.59 -38.76 -19.98
N MET E 171 -46.65 -39.31 -20.58
CA MET E 171 -47.92 -39.46 -19.88
C MET E 171 -47.84 -40.38 -18.65
N GLU E 172 -47.04 -41.45 -18.74
CA GLU E 172 -46.86 -42.34 -17.59
C GLU E 172 -46.08 -41.66 -16.48
N LEU E 173 -45.09 -40.85 -16.86
CA LEU E 173 -44.34 -40.06 -15.89
C LEU E 173 -45.24 -39.12 -15.09
N ILE E 174 -46.11 -38.42 -15.80
CA ILE E 174 -47.11 -37.52 -15.19
C ILE E 174 -48.01 -38.29 -14.23
N ASN E 175 -48.48 -39.46 -14.70
CA ASN E 175 -49.33 -40.35 -13.91
C ASN E 175 -48.63 -40.82 -12.63
N ASN E 176 -47.40 -41.31 -12.78
CA ASN E 176 -46.67 -41.87 -11.65
C ASN E 176 -46.19 -40.88 -10.61
N VAL E 177 -45.78 -39.70 -11.07
CA VAL E 177 -45.33 -38.67 -10.14
C VAL E 177 -46.50 -38.13 -9.31
N ALA E 178 -47.68 -38.03 -9.92
CA ALA E 178 -48.87 -37.61 -9.20
C ALA E 178 -49.27 -38.67 -8.16
N LYS E 179 -49.33 -39.93 -8.61
CA LYS E 179 -49.66 -41.06 -7.75
C LYS E 179 -48.65 -41.25 -6.59
N ALA E 180 -47.37 -41.32 -6.92
CA ALA E 180 -46.33 -41.67 -5.94
C ALA E 180 -45.83 -40.51 -5.07
N HIS E 181 -45.93 -39.28 -5.57
CA HIS E 181 -45.33 -38.13 -4.86
C HIS E 181 -46.28 -36.96 -4.65
N GLY E 182 -47.53 -37.11 -5.09
CA GLY E 182 -48.50 -36.03 -4.99
C GLY E 182 -48.18 -34.80 -5.83
N GLY E 183 -47.23 -34.91 -6.77
CA GLY E 183 -46.78 -33.76 -7.58
C GLY E 183 -47.40 -33.64 -8.97
N TYR E 184 -47.82 -32.43 -9.32
CA TYR E 184 -48.41 -32.20 -10.64
C TYR E 184 -47.33 -32.02 -11.71
N SER E 185 -47.76 -31.90 -12.96
CA SER E 185 -46.82 -31.77 -14.07
C SER E 185 -47.13 -30.58 -14.97
N VAL E 186 -46.10 -30.06 -15.61
CA VAL E 186 -46.28 -29.02 -16.62
C VAL E 186 -45.62 -29.48 -17.91
N PHE E 187 -46.35 -29.39 -19.02
CA PHE E 187 -45.75 -29.67 -20.32
C PHE E 187 -45.59 -28.37 -21.09
N ALA E 188 -44.34 -28.05 -21.42
CA ALA E 188 -44.01 -26.87 -22.23
C ALA E 188 -43.62 -27.27 -23.65
N GLY E 189 -44.49 -26.94 -24.60
CA GLY E 189 -44.24 -27.24 -26.00
C GLY E 189 -43.55 -26.06 -26.60
N VAL E 190 -42.25 -26.19 -26.84
CA VAL E 190 -41.46 -25.09 -27.40
C VAL E 190 -41.27 -25.39 -28.88
N GLY E 191 -41.82 -24.52 -29.73
CA GLY E 191 -41.90 -24.84 -31.16
C GLY E 191 -42.79 -26.06 -31.41
N GLU E 192 -43.95 -26.10 -30.75
CA GLU E 192 -44.90 -27.19 -30.91
C GLU E 192 -45.48 -27.15 -32.32
N ARG E 193 -45.55 -28.31 -32.98
CA ARG E 193 -46.27 -28.40 -34.24
C ARG E 193 -47.75 -28.48 -33.92
N THR E 194 -48.51 -27.52 -34.45
CA THR E 194 -49.95 -27.44 -34.21
C THR E 194 -50.67 -28.81 -34.34
N ARG E 195 -50.36 -29.55 -35.40
CA ARG E 195 -50.96 -30.87 -35.58
C ARG E 195 -50.64 -31.81 -34.41
N GLU E 196 -49.37 -31.82 -34.02
CA GLU E 196 -48.92 -32.67 -32.91
C GLU E 196 -49.40 -32.19 -31.54
N GLY E 197 -49.52 -30.88 -31.37
CA GLY E 197 -50.04 -30.31 -30.11
C GLY E 197 -51.50 -30.65 -29.90
N ASN E 198 -52.26 -30.65 -31.00
CA ASN E 198 -53.63 -31.11 -30.99
C ASN E 198 -53.68 -32.58 -30.60
N ASP E 199 -52.86 -33.40 -31.25
CA ASP E 199 -52.88 -34.85 -31.00
C ASP E 199 -52.43 -35.20 -29.58
N LEU E 200 -51.39 -34.51 -29.10
CA LEU E 200 -50.91 -34.70 -27.73
C LEU E 200 -52.05 -34.46 -26.72
N TYR E 201 -52.76 -33.35 -26.90
CA TYR E 201 -53.88 -32.95 -26.07
C TYR E 201 -54.95 -34.04 -25.95
N HIS E 202 -55.39 -34.58 -27.08
CA HIS E 202 -56.43 -35.63 -27.06
C HIS E 202 -55.91 -36.98 -26.56
N GLU E 203 -54.63 -37.26 -26.82
CA GLU E 203 -53.97 -38.42 -26.22
C GLU E 203 -53.95 -38.33 -24.69
N MET E 204 -53.81 -37.11 -24.18
CA MET E 204 -53.75 -36.86 -22.74
C MET E 204 -55.15 -36.96 -22.13
N ILE E 205 -56.15 -36.57 -22.93
CA ILE E 205 -57.55 -36.74 -22.58
C ILE E 205 -57.88 -38.23 -22.54
N GLU E 206 -57.51 -38.95 -23.59
CA GLU E 206 -57.80 -40.40 -23.64
C GLU E 206 -57.10 -41.22 -22.55
N SER E 207 -55.89 -40.84 -22.19
CA SER E 207 -55.15 -41.56 -21.16
C SER E 207 -55.68 -41.24 -19.75
N GLY E 208 -56.27 -40.06 -19.62
CA GLY E 208 -56.86 -39.62 -18.36
C GLY E 208 -55.99 -38.70 -17.52
N VAL E 209 -54.77 -38.40 -17.97
CA VAL E 209 -53.89 -37.47 -17.27
C VAL E 209 -54.42 -36.03 -17.36
N ILE E 210 -55.28 -35.80 -18.36
CA ILE E 210 -56.13 -34.61 -18.44
C ILE E 210 -57.59 -35.05 -18.38
N ASN E 211 -58.38 -34.34 -17.57
CA ASN E 211 -59.80 -34.60 -17.48
C ASN E 211 -60.67 -33.36 -17.73
N LEU E 212 -61.53 -33.43 -18.74
CA LEU E 212 -62.37 -32.29 -19.08
C LEU E 212 -63.58 -32.13 -18.16
N LYS E 213 -63.99 -33.22 -17.51
CA LYS E 213 -65.27 -33.29 -16.76
C LYS E 213 -65.13 -32.95 -15.28
N ASP E 214 -63.97 -33.22 -14.70
CA ASP E 214 -63.74 -32.90 -13.29
C ASP E 214 -62.44 -32.12 -13.09
N ALA E 215 -61.96 -32.09 -11.85
CA ALA E 215 -60.77 -31.33 -11.49
C ALA E 215 -59.54 -32.23 -11.27
N THR E 216 -59.59 -33.46 -11.78
CA THR E 216 -58.49 -34.42 -11.60
C THR E 216 -57.39 -34.39 -12.67
N SER E 217 -57.28 -33.29 -13.41
CA SER E 217 -56.20 -33.14 -14.39
C SER E 217 -54.83 -33.04 -13.69
N LYS E 218 -53.86 -33.79 -14.17
CA LYS E 218 -52.54 -33.81 -13.53
C LYS E 218 -51.52 -32.88 -14.18
N VAL E 219 -51.82 -32.39 -15.39
CA VAL E 219 -50.88 -31.62 -16.21
C VAL E 219 -51.48 -30.33 -16.74
N ALA E 220 -50.70 -29.25 -16.65
CA ALA E 220 -50.99 -28.02 -17.34
C ALA E 220 -50.15 -27.97 -18.61
N LEU E 221 -50.76 -27.57 -19.74
CA LEU E 221 -50.07 -27.43 -21.03
C LEU E 221 -49.83 -25.99 -21.45
N VAL E 222 -48.63 -25.75 -21.98
CA VAL E 222 -48.22 -24.44 -22.43
C VAL E 222 -47.59 -24.62 -23.80
N TYR E 223 -48.19 -23.99 -24.80
CA TYR E 223 -47.76 -24.18 -26.18
C TYR E 223 -47.18 -22.91 -26.81
N GLY E 224 -45.93 -23.01 -27.25
CA GLY E 224 -45.31 -21.99 -28.11
C GLY E 224 -45.15 -22.61 -29.49
N GLN E 225 -46.16 -22.44 -30.33
CA GLN E 225 -46.23 -23.14 -31.62
C GLN E 225 -45.26 -22.58 -32.65
N MET E 226 -44.96 -23.39 -33.64
CA MET E 226 -43.89 -23.06 -34.59
C MET E 226 -44.10 -21.82 -35.42
N ASN E 227 -45.37 -21.53 -35.73
CA ASN E 227 -45.70 -20.36 -36.53
C ASN E 227 -45.73 -19.03 -35.76
N GLU E 228 -45.37 -19.09 -34.48
CA GLU E 228 -45.29 -17.89 -33.62
C GLU E 228 -43.90 -17.28 -33.81
N PRO E 229 -43.75 -15.96 -33.52
CA PRO E 229 -42.46 -15.28 -33.68
C PRO E 229 -41.38 -15.77 -32.71
N PRO E 230 -40.10 -15.55 -33.03
CA PRO E 230 -38.99 -15.98 -32.16
C PRO E 230 -39.21 -15.66 -30.68
N GLY E 231 -39.63 -14.43 -30.38
CA GLY E 231 -39.85 -14.01 -28.99
C GLY E 231 -40.80 -14.91 -28.21
N ALA E 232 -41.88 -15.35 -28.86
CA ALA E 232 -42.86 -16.23 -28.22
C ALA E 232 -42.27 -17.60 -27.96
N ARG E 233 -41.61 -18.17 -28.96
CA ARG E 233 -41.01 -19.49 -28.82
C ARG E 233 -39.86 -19.48 -27.82
N ALA E 234 -39.20 -18.33 -27.69
CA ALA E 234 -38.09 -18.17 -26.74
C ALA E 234 -38.58 -18.13 -25.30
N ARG E 235 -39.76 -17.54 -25.09
CA ARG E 235 -40.26 -17.30 -23.73
C ARG E 235 -41.18 -18.37 -23.16
N VAL E 236 -41.80 -19.20 -24.02
CA VAL E 236 -42.71 -20.25 -23.53
C VAL E 236 -42.13 -21.19 -22.50
N ALA E 237 -40.84 -21.53 -22.63
CA ALA E 237 -40.18 -22.33 -21.62
C ALA E 237 -40.39 -21.69 -20.27
N LEU E 238 -40.25 -20.36 -20.24
CA LEU E 238 -40.35 -19.60 -18.99
C LEU E 238 -41.77 -19.59 -18.46
N THR E 239 -42.74 -19.45 -19.36
CA THR E 239 -44.15 -19.50 -18.98
C THR E 239 -44.46 -20.85 -18.32
N GLY E 240 -44.08 -21.93 -19.00
CA GLY E 240 -44.24 -23.29 -18.46
C GLY E 240 -43.57 -23.40 -17.11
N LEU E 241 -42.31 -22.99 -17.06
CA LEU E 241 -41.53 -23.00 -15.82
C LEU E 241 -42.21 -22.25 -14.67
N THR E 242 -42.79 -21.09 -14.98
CA THR E 242 -43.49 -20.28 -13.99
C THR E 242 -44.68 -21.02 -13.39
N VAL E 243 -45.44 -21.71 -14.24
CA VAL E 243 -46.56 -22.55 -13.78
C VAL E 243 -46.08 -23.64 -12.81
N ALA E 244 -44.98 -24.30 -13.14
CA ALA E 244 -44.38 -25.33 -12.30
C ALA E 244 -43.93 -24.77 -10.96
N GLU E 245 -43.33 -23.58 -10.99
CA GLU E 245 -42.81 -22.94 -9.78
C GLU E 245 -43.87 -22.67 -8.72
N TYR E 246 -45.11 -22.40 -9.14
CA TYR E 246 -46.22 -22.24 -8.19
C TYR E 246 -46.44 -23.51 -7.36
N PHE E 247 -46.42 -24.66 -8.03
CA PHE E 247 -46.59 -25.95 -7.36
C PHE E 247 -45.45 -26.30 -6.42
N ARG E 248 -44.21 -25.97 -6.81
CA ARG E 248 -43.08 -26.13 -5.88
C ARG E 248 -43.18 -25.16 -4.71
N ASP E 249 -43.28 -23.86 -4.99
CA ASP E 249 -43.12 -22.82 -3.96
C ASP E 249 -44.35 -22.61 -3.06
N GLN E 250 -45.54 -22.68 -3.66
CA GLN E 250 -46.76 -22.33 -2.94
C GLN E 250 -47.45 -23.56 -2.36
N GLU E 251 -47.19 -24.72 -2.95
CA GLU E 251 -47.83 -25.97 -2.51
C GLU E 251 -46.83 -27.06 -2.08
N GLY E 252 -45.54 -26.71 -2.05
CA GLY E 252 -44.51 -27.61 -1.55
C GLY E 252 -44.34 -28.92 -2.30
N GLN E 253 -44.73 -28.93 -3.58
CA GLN E 253 -44.77 -30.16 -4.37
C GLN E 253 -43.44 -30.53 -5.02
N ASP E 254 -43.31 -31.81 -5.36
CA ASP E 254 -42.26 -32.29 -6.26
C ASP E 254 -42.86 -32.39 -7.65
N VAL E 255 -42.55 -31.38 -8.46
CA VAL E 255 -43.21 -31.13 -9.75
C VAL E 255 -42.40 -31.71 -10.92
N LEU E 256 -43.11 -32.02 -12.00
CA LEU E 256 -42.51 -32.43 -13.26
C LEU E 256 -42.71 -31.34 -14.31
N LEU E 257 -41.62 -30.92 -14.94
CA LEU E 257 -41.71 -30.03 -16.10
C LEU E 257 -41.08 -30.67 -17.33
N PHE E 258 -41.90 -30.85 -18.37
CA PHE E 258 -41.39 -31.31 -19.66
C PHE E 258 -41.14 -30.11 -20.55
N ILE E 259 -39.94 -30.08 -21.11
CA ILE E 259 -39.61 -29.10 -22.15
C ILE E 259 -39.36 -29.84 -23.45
N ASP E 260 -40.27 -29.64 -24.41
CA ASP E 260 -40.17 -30.26 -25.72
C ASP E 260 -40.21 -29.20 -26.83
N ASN E 261 -39.06 -28.91 -27.43
CA ASN E 261 -37.80 -29.45 -26.96
C ASN E 261 -36.74 -28.38 -26.75
N ILE E 262 -35.66 -28.72 -26.06
CA ILE E 262 -34.71 -27.72 -25.64
C ILE E 262 -33.91 -27.08 -26.78
N PHE E 263 -33.61 -27.85 -27.82
CA PHE E 263 -32.93 -27.28 -28.97
C PHE E 263 -33.73 -26.15 -29.59
N ARG E 264 -35.05 -26.24 -29.57
CA ARG E 264 -35.91 -25.20 -30.14
C ARG E 264 -36.02 -23.96 -29.22
N PHE E 265 -35.78 -24.15 -27.92
CA PHE E 265 -35.60 -23.04 -26.97
C PHE E 265 -34.30 -22.25 -27.30
N THR E 266 -33.21 -22.98 -27.47
CA THR E 266 -31.92 -22.41 -27.88
C THR E 266 -32.03 -21.66 -29.21
N GLN E 267 -32.64 -22.33 -30.20
CA GLN E 267 -32.80 -21.76 -31.53
C GLN E 267 -33.67 -20.49 -31.58
N ALA E 268 -34.70 -20.45 -30.74
CA ALA E 268 -35.54 -19.25 -30.63
C ALA E 268 -34.78 -18.05 -30.03
N GLY E 269 -33.96 -18.31 -29.01
CA GLY E 269 -33.02 -17.32 -28.49
C GLY E 269 -31.97 -16.88 -29.51
N SER E 270 -31.52 -17.80 -30.36
CA SER E 270 -30.57 -17.45 -31.42
C SER E 270 -31.21 -16.51 -32.44
N GLU E 271 -32.47 -16.76 -32.74
CA GLU E 271 -33.24 -15.95 -33.67
C GLU E 271 -33.53 -14.55 -33.10
N VAL E 272 -34.01 -14.48 -31.87
CA VAL E 272 -34.20 -13.20 -31.18
C VAL E 272 -32.89 -12.41 -31.13
N SER E 273 -31.80 -13.08 -30.79
CA SER E 273 -30.49 -12.41 -30.71
C SER E 273 -30.09 -11.82 -32.05
N ALA E 274 -30.40 -12.54 -33.12
CA ALA E 274 -30.11 -12.08 -34.48
C ALA E 274 -30.94 -10.83 -34.80
N LEU E 275 -32.23 -10.87 -34.42
CA LEU E 275 -33.18 -9.80 -34.69
C LEU E 275 -32.73 -8.48 -34.03
N LEU E 276 -32.16 -8.62 -32.83
CA LEU E 276 -31.63 -7.49 -32.06
C LEU E 276 -30.28 -6.96 -32.52
N GLY E 277 -29.71 -7.60 -33.54
CA GLY E 277 -28.48 -7.12 -34.16
C GLY E 277 -27.18 -7.50 -33.46
N ARG E 278 -27.28 -8.35 -32.45
CA ARG E 278 -26.12 -8.90 -31.76
C ARG E 278 -25.31 -9.79 -32.69
N ILE E 279 -24.00 -9.59 -32.65
CA ILE E 279 -23.05 -10.39 -33.41
C ILE E 279 -23.18 -11.84 -32.99
N PRO E 280 -23.45 -12.75 -33.95
CA PRO E 280 -23.49 -14.16 -33.57
C PRO E 280 -22.14 -14.72 -33.11
N SER E 281 -22.19 -15.78 -32.33
CA SER E 281 -21.01 -16.48 -31.82
C SER E 281 -20.68 -17.70 -32.71
N ALA E 282 -19.92 -18.65 -32.18
CA ALA E 282 -19.49 -19.82 -32.93
C ALA E 282 -20.66 -20.66 -33.44
N VAL E 283 -20.58 -21.07 -34.71
CA VAL E 283 -21.63 -21.86 -35.39
C VAL E 283 -22.96 -21.08 -35.54
N GLY E 284 -22.93 -19.78 -35.24
CA GLY E 284 -24.10 -18.93 -35.42
C GLY E 284 -25.00 -18.77 -34.21
N TYR E 285 -24.67 -19.39 -33.09
CA TYR E 285 -25.51 -19.24 -31.91
C TYR E 285 -25.41 -17.82 -31.31
N GLN E 286 -26.39 -17.47 -30.49
CA GLN E 286 -26.36 -16.21 -29.78
C GLN E 286 -25.08 -16.12 -28.91
N PRO E 287 -24.51 -14.92 -28.79
CA PRO E 287 -23.33 -14.84 -27.91
C PRO E 287 -23.70 -15.19 -26.46
N THR E 288 -24.99 -15.00 -26.12
CA THR E 288 -25.54 -15.29 -24.78
C THR E 288 -26.00 -16.73 -24.62
N LEU E 289 -25.46 -17.64 -25.43
CA LEU E 289 -25.94 -19.02 -25.44
C LEU E 289 -26.00 -19.61 -24.02
N ALA E 290 -24.89 -19.49 -23.29
CA ALA E 290 -24.73 -20.11 -21.97
C ALA E 290 -25.57 -19.45 -20.88
N THR E 291 -25.76 -18.14 -20.96
CA THR E 291 -26.57 -17.45 -19.95
C THR E 291 -28.08 -17.58 -20.20
N ASP E 292 -28.49 -17.52 -21.47
CA ASP E 292 -29.87 -17.86 -21.84
C ASP E 292 -30.29 -19.20 -21.28
N MET E 293 -29.43 -20.21 -21.43
CA MET E 293 -29.68 -21.55 -20.90
C MET E 293 -29.62 -21.54 -19.36
N GLY E 294 -28.65 -20.83 -18.80
CA GLY E 294 -28.38 -20.85 -17.36
C GLY E 294 -29.45 -20.16 -16.54
N THR E 295 -29.89 -18.98 -16.97
CA THR E 295 -30.95 -18.26 -16.28
C THR E 295 -32.26 -19.06 -16.30
N MET E 296 -32.45 -19.90 -17.32
CA MET E 296 -33.64 -20.74 -17.37
C MET E 296 -33.47 -21.97 -16.49
N GLN E 297 -32.44 -22.76 -16.78
CA GLN E 297 -32.22 -24.06 -16.14
C GLN E 297 -32.09 -23.96 -14.62
N GLU E 298 -31.52 -22.87 -14.14
CA GLU E 298 -31.21 -22.75 -12.72
C GLU E 298 -32.47 -22.59 -11.88
N ARG E 299 -33.56 -22.25 -12.54
CA ARG E 299 -34.86 -22.17 -11.89
C ARG E 299 -35.40 -23.58 -11.57
N ILE E 300 -34.96 -24.56 -12.34
CA ILE E 300 -35.31 -25.97 -12.11
C ILE E 300 -34.32 -26.51 -11.09
N THR E 301 -34.80 -26.88 -9.90
CA THR E 301 -33.95 -27.32 -8.81
C THR E 301 -34.78 -27.78 -7.59
N THR E 302 -34.09 -28.34 -6.59
CA THR E 302 -34.71 -28.63 -5.30
C THR E 302 -34.41 -27.49 -4.35
N THR E 303 -35.47 -26.92 -3.81
CA THR E 303 -35.33 -25.91 -2.77
C THR E 303 -35.68 -26.56 -1.45
N LYS E 304 -35.72 -25.78 -0.40
CA LYS E 304 -36.13 -26.26 0.91
C LYS E 304 -37.65 -26.50 0.98
N LYS E 305 -38.38 -25.90 0.05
CA LYS E 305 -39.83 -25.98 0.03
C LYS E 305 -40.35 -27.08 -0.89
N GLY E 306 -39.52 -27.54 -1.83
CA GLY E 306 -39.92 -28.59 -2.78
C GLY E 306 -38.97 -28.69 -3.97
N SER E 307 -39.48 -29.20 -5.10
CA SER E 307 -38.64 -29.35 -6.28
C SER E 307 -39.38 -29.25 -7.62
N ILE E 308 -38.61 -28.92 -8.66
CA ILE E 308 -39.04 -29.08 -10.03
C ILE E 308 -38.01 -29.99 -10.69
N THR E 309 -38.49 -31.10 -11.25
CA THR E 309 -37.64 -32.01 -12.00
C THR E 309 -38.07 -31.92 -13.47
N SER E 310 -37.09 -31.74 -14.35
CA SER E 310 -37.33 -31.51 -15.78
C SER E 310 -36.84 -32.62 -16.72
N VAL E 311 -37.77 -33.11 -17.52
CA VAL E 311 -37.48 -34.05 -18.59
C VAL E 311 -37.47 -33.23 -19.89
N GLN E 312 -36.35 -33.24 -20.61
CA GLN E 312 -36.14 -32.32 -21.73
C GLN E 312 -35.77 -33.08 -23.00
N ALA E 313 -36.67 -33.06 -23.98
CA ALA E 313 -36.42 -33.70 -25.27
C ALA E 313 -35.24 -33.00 -25.94
N ILE E 314 -34.27 -33.78 -26.42
CA ILE E 314 -33.04 -33.23 -27.00
C ILE E 314 -32.95 -33.53 -28.50
N TYR E 315 -32.72 -32.50 -29.29
CA TYR E 315 -32.36 -32.69 -30.69
C TYR E 315 -30.90 -32.32 -30.87
N VAL E 316 -30.12 -33.23 -31.43
CA VAL E 316 -28.69 -33.06 -31.65
C VAL E 316 -28.39 -32.67 -33.10
N PRO E 317 -28.11 -31.38 -33.36
CA PRO E 317 -27.83 -30.90 -34.70
C PRO E 317 -26.69 -31.66 -35.38
N ALA E 318 -26.89 -32.00 -36.65
CA ALA E 318 -25.87 -32.69 -37.44
C ALA E 318 -25.32 -33.95 -36.78
N ASP E 319 -26.05 -34.48 -35.80
CA ASP E 319 -25.58 -35.57 -34.94
C ASP E 319 -24.22 -35.28 -34.27
N ASP E 320 -24.01 -34.00 -34.01
CA ASP E 320 -22.76 -33.53 -33.44
C ASP E 320 -22.95 -33.18 -31.97
N LEU E 321 -22.55 -34.09 -31.08
CA LEU E 321 -22.64 -33.88 -29.66
C LEU E 321 -21.76 -32.71 -29.18
N THR E 322 -20.77 -32.32 -29.97
CA THR E 322 -19.89 -31.20 -29.64
C THR E 322 -20.42 -29.86 -30.17
N ASP E 323 -21.58 -29.90 -30.85
CA ASP E 323 -22.23 -28.68 -31.29
C ASP E 323 -22.52 -27.81 -30.06
N PRO E 324 -22.31 -26.49 -30.17
CA PRO E 324 -22.60 -25.61 -29.03
C PRO E 324 -23.97 -25.87 -28.35
N ALA E 325 -25.00 -26.21 -29.12
CA ALA E 325 -26.34 -26.35 -28.53
C ALA E 325 -26.45 -27.54 -27.56
N PRO E 326 -26.18 -28.78 -28.02
CA PRO E 326 -26.15 -29.89 -27.05
C PRO E 326 -25.07 -29.74 -25.97
N ALA E 327 -23.87 -29.28 -26.35
CA ALA E 327 -22.80 -29.11 -25.35
C ALA E 327 -23.22 -28.20 -24.19
N THR E 328 -23.89 -27.09 -24.51
CA THR E 328 -24.41 -26.15 -23.52
C THR E 328 -25.51 -26.81 -22.69
N THR E 329 -26.38 -27.56 -23.33
CA THR E 329 -27.45 -28.23 -22.61
C THR E 329 -26.93 -29.29 -21.65
N PHE E 330 -25.94 -30.06 -22.11
CA PHE E 330 -25.43 -31.21 -21.36
C PHE E 330 -24.78 -30.82 -20.05
N ALA E 331 -24.28 -29.60 -19.96
CA ALA E 331 -23.74 -29.11 -18.70
C ALA E 331 -24.80 -29.20 -17.60
N HIS E 332 -26.08 -29.11 -17.99
CA HIS E 332 -27.19 -29.05 -17.02
C HIS E 332 -27.85 -30.39 -16.67
N LEU E 333 -27.65 -31.40 -17.51
CA LEU E 333 -28.37 -32.68 -17.38
C LEU E 333 -27.76 -33.58 -16.31
N ASP E 334 -28.61 -34.22 -15.53
CA ASP E 334 -28.14 -35.15 -14.50
C ASP E 334 -28.38 -36.58 -14.96
N ALA E 335 -29.11 -36.73 -16.06
CA ALA E 335 -29.48 -38.04 -16.56
C ALA E 335 -29.87 -38.00 -18.03
N THR E 336 -29.86 -39.18 -18.66
CA THR E 336 -30.47 -39.36 -19.96
C THR E 336 -31.37 -40.59 -19.97
N THR E 337 -32.51 -40.45 -20.62
CA THR E 337 -33.36 -41.55 -20.96
C THR E 337 -33.30 -41.68 -22.46
N VAL E 338 -32.73 -42.79 -22.94
CA VAL E 338 -32.59 -43.01 -24.38
C VAL E 338 -33.64 -44.03 -24.86
N LEU E 339 -34.58 -43.55 -25.67
CA LEU E 339 -35.57 -44.42 -26.28
C LEU E 339 -35.04 -44.88 -27.64
N SER E 340 -35.13 -46.18 -27.88
CA SER E 340 -34.47 -46.80 -29.03
C SER E 340 -35.46 -47.61 -29.86
N ARG E 341 -35.41 -47.44 -31.18
CA ARG E 341 -36.26 -48.19 -32.11
C ARG E 341 -35.92 -49.68 -32.13
N ALA E 342 -34.62 -50.00 -32.03
CA ALA E 342 -34.16 -51.38 -31.92
C ALA E 342 -34.80 -52.09 -30.74
N ILE E 343 -34.82 -51.41 -29.59
CA ILE E 343 -35.42 -51.95 -28.37
C ILE E 343 -36.94 -52.15 -28.53
N ALA E 344 -37.60 -51.22 -29.23
CA ALA E 344 -39.05 -51.30 -29.47
C ALA E 344 -39.43 -52.47 -30.37
N GLU E 345 -38.58 -52.76 -31.34
CA GLU E 345 -38.78 -53.86 -32.29
C GLU E 345 -38.53 -55.23 -31.63
N LEU E 346 -37.90 -55.22 -30.46
CA LEU E 346 -37.77 -56.42 -29.64
C LEU E 346 -38.99 -56.59 -28.73
N GLY E 347 -39.95 -55.67 -28.86
CA GLY E 347 -41.17 -55.71 -28.06
C GLY E 347 -40.99 -55.25 -26.62
N ILE E 348 -39.81 -54.72 -26.32
CA ILE E 348 -39.53 -54.18 -24.99
C ILE E 348 -40.16 -52.80 -24.85
N TYR E 349 -41.12 -52.68 -23.92
CA TYR E 349 -41.75 -51.41 -23.60
C TYR E 349 -41.70 -51.21 -22.09
N PRO E 350 -41.28 -50.01 -21.63
CA PRO E 350 -40.86 -48.86 -22.44
C PRO E 350 -39.58 -49.16 -23.21
N ALA E 351 -39.45 -48.59 -24.40
CA ALA E 351 -38.32 -48.85 -25.29
C ALA E 351 -36.99 -48.20 -24.86
N VAL E 352 -36.72 -48.19 -23.56
CA VAL E 352 -35.51 -47.56 -23.02
C VAL E 352 -34.29 -48.45 -23.26
N ASP E 353 -33.25 -47.88 -23.84
CA ASP E 353 -31.97 -48.57 -23.98
C ASP E 353 -31.27 -48.61 -22.63
N PRO E 354 -31.08 -49.83 -22.07
CA PRO E 354 -30.59 -50.05 -20.71
C PRO E 354 -29.10 -49.75 -20.56
N LEU E 355 -28.35 -49.74 -21.66
CA LEU E 355 -26.91 -49.46 -21.62
C LEU E 355 -26.61 -48.04 -22.05
N ASP E 356 -27.49 -47.49 -22.89
CA ASP E 356 -27.28 -46.17 -23.45
C ASP E 356 -27.76 -45.06 -22.50
N SER E 357 -28.78 -45.36 -21.70
CA SER E 357 -29.26 -44.44 -20.67
C SER E 357 -28.30 -44.37 -19.47
N THR E 358 -28.07 -43.16 -18.97
CA THR E 358 -27.09 -42.93 -17.92
C THR E 358 -27.64 -41.98 -16.87
N SER E 359 -27.07 -42.02 -15.67
CA SER E 359 -27.43 -41.08 -14.62
C SER E 359 -26.21 -40.69 -13.80
N ARG E 360 -26.10 -39.41 -13.49
CA ARG E 360 -25.00 -38.86 -12.69
C ARG E 360 -25.08 -39.32 -11.22
N ILE E 361 -26.30 -39.63 -10.76
CA ILE E 361 -26.49 -40.06 -9.38
C ILE E 361 -26.41 -41.58 -9.22
N MET E 362 -26.07 -42.29 -10.30
CA MET E 362 -25.74 -43.70 -10.18
C MET E 362 -24.36 -43.79 -9.53
N ASP E 363 -24.37 -43.63 -8.20
CA ASP E 363 -23.17 -43.49 -7.41
C ASP E 363 -23.49 -44.07 -6.03
N PRO E 364 -22.60 -44.90 -5.47
CA PRO E 364 -22.91 -45.53 -4.18
C PRO E 364 -23.07 -44.50 -3.04
N ASN E 365 -22.39 -43.36 -3.17
CA ASN E 365 -22.47 -42.30 -2.18
C ASN E 365 -23.78 -41.50 -2.23
N ILE E 366 -24.63 -41.80 -3.21
CA ILE E 366 -25.91 -41.10 -3.37
C ILE E 366 -27.11 -42.06 -3.29
N VAL E 367 -27.08 -43.14 -4.07
CA VAL E 367 -28.19 -44.12 -4.13
C VAL E 367 -27.98 -45.33 -3.23
N GLY E 368 -26.81 -45.40 -2.59
CA GLY E 368 -26.46 -46.54 -1.75
C GLY E 368 -25.66 -47.60 -2.48
N SER E 369 -24.86 -48.34 -1.74
CA SER E 369 -23.99 -49.37 -2.28
C SER E 369 -24.78 -50.54 -2.87
N GLU E 370 -25.96 -50.83 -2.31
CA GLU E 370 -26.78 -51.95 -2.77
C GLU E 370 -27.41 -51.68 -4.13
N HIS E 371 -28.11 -50.54 -4.24
CA HIS E 371 -28.65 -50.08 -5.50
C HIS E 371 -27.54 -50.02 -6.54
N TYR E 372 -26.39 -49.47 -6.16
CA TYR E 372 -25.26 -49.33 -7.06
C TYR E 372 -24.73 -50.69 -7.55
N ASP E 373 -24.55 -51.65 -6.64
CA ASP E 373 -24.03 -52.97 -6.99
C ASP E 373 -24.99 -53.80 -7.85
N VAL E 374 -26.30 -53.61 -7.67
CA VAL E 374 -27.30 -54.30 -8.48
C VAL E 374 -27.39 -53.69 -9.90
N ALA E 375 -27.46 -52.36 -9.97
CA ALA E 375 -27.46 -51.67 -11.26
C ALA E 375 -26.22 -52.08 -12.06
N ARG E 376 -25.03 -51.93 -11.45
CA ARG E 376 -23.76 -52.32 -12.06
C ARG E 376 -23.68 -53.78 -12.46
N GLY E 377 -24.41 -54.63 -11.73
CA GLY E 377 -24.51 -56.05 -12.03
C GLY E 377 -25.38 -56.32 -13.23
N VAL E 378 -26.44 -55.54 -13.38
CA VAL E 378 -27.33 -55.62 -14.53
C VAL E 378 -26.63 -55.12 -15.79
N GLN E 379 -25.95 -53.98 -15.67
CA GLN E 379 -25.16 -53.44 -16.79
C GLN E 379 -24.10 -54.42 -17.28
N LYS E 380 -23.34 -54.99 -16.35
CA LYS E 380 -22.26 -55.93 -16.67
C LYS E 380 -22.80 -57.15 -17.45
N ILE E 381 -23.83 -57.79 -16.91
CA ILE E 381 -24.43 -58.98 -17.52
C ILE E 381 -24.96 -58.72 -18.93
N LEU E 382 -25.60 -57.56 -19.11
CA LEU E 382 -26.08 -57.08 -20.42
C LEU E 382 -24.94 -56.81 -21.41
N GLN E 383 -23.90 -56.13 -20.94
CA GLN E 383 -22.65 -55.99 -21.69
C GLN E 383 -22.05 -57.36 -22.07
N ASP E 384 -21.94 -58.25 -21.09
CA ASP E 384 -21.40 -59.61 -21.30
C ASP E 384 -22.22 -60.41 -22.31
N TYR E 385 -23.54 -60.29 -22.25
CA TYR E 385 -24.46 -60.98 -23.17
C TYR E 385 -24.27 -60.52 -24.60
N LYS E 386 -23.93 -59.25 -24.76
CA LYS E 386 -23.65 -58.66 -26.06
C LYS E 386 -22.38 -59.24 -26.67
N SER E 387 -21.40 -59.55 -25.81
CA SER E 387 -20.14 -60.16 -26.23
C SER E 387 -20.28 -61.60 -26.71
N LEU E 388 -21.31 -62.29 -26.22
CA LEU E 388 -21.56 -63.69 -26.57
C LEU E 388 -22.39 -63.86 -27.83
N GLN E 389 -23.13 -62.81 -28.20
CA GLN E 389 -24.06 -62.87 -29.34
C GLN E 389 -23.41 -63.21 -30.69
N ASP E 390 -22.16 -62.77 -30.88
CA ASP E 390 -21.38 -63.15 -32.07
C ASP E 390 -21.06 -64.64 -32.06
N ILE E 391 -20.74 -65.16 -30.88
CA ILE E 391 -20.39 -66.57 -30.71
C ILE E 391 -21.62 -67.49 -30.87
N ILE E 392 -22.80 -66.97 -30.53
CA ILE E 392 -24.07 -67.69 -30.74
C ILE E 392 -24.36 -67.84 -32.23
N ALA E 393 -24.12 -66.77 -32.98
CA ALA E 393 -24.36 -66.76 -34.42
C ALA E 393 -23.35 -67.62 -35.18
N ILE E 394 -22.29 -68.04 -34.49
CA ILE E 394 -21.20 -68.81 -35.10
C ILE E 394 -21.15 -70.27 -34.62
N LEU E 395 -21.06 -70.46 -33.30
CA LEU E 395 -20.85 -71.79 -32.71
C LEU E 395 -22.13 -72.46 -32.19
N GLY E 396 -23.12 -71.66 -31.84
CA GLY E 396 -24.37 -72.18 -31.28
C GLY E 396 -24.38 -72.10 -29.77
N MET E 397 -25.59 -72.15 -29.20
CA MET E 397 -25.77 -71.92 -27.77
C MET E 397 -25.46 -73.15 -26.88
N ASP E 398 -25.27 -74.30 -27.52
CA ASP E 398 -24.92 -75.52 -26.79
C ASP E 398 -23.41 -75.76 -26.72
N GLU E 399 -22.65 -74.77 -27.16
CA GLU E 399 -21.18 -74.82 -27.15
C GLU E 399 -20.59 -73.79 -26.18
N LEU E 400 -21.42 -73.28 -25.26
CA LEU E 400 -20.99 -72.31 -24.26
C LEU E 400 -20.68 -73.00 -22.94
N SER E 401 -19.66 -72.50 -22.24
CA SER E 401 -19.33 -72.98 -20.90
C SER E 401 -20.54 -72.81 -19.97
N GLU E 402 -20.61 -73.64 -18.94
CA GLU E 402 -21.76 -73.65 -18.03
C GLU E 402 -21.96 -72.33 -17.26
N GLU E 403 -20.93 -71.47 -17.28
CA GLU E 403 -21.04 -70.13 -16.75
C GLU E 403 -21.66 -69.19 -17.79
N ASP E 404 -21.27 -69.39 -19.06
CA ASP E 404 -21.76 -68.57 -20.17
C ASP E 404 -23.19 -68.89 -20.58
N LYS E 405 -23.56 -70.17 -20.49
CA LYS E 405 -24.95 -70.59 -20.68
C LYS E 405 -25.84 -69.83 -19.70
N LEU E 406 -25.32 -69.67 -18.48
CA LEU E 406 -26.06 -69.09 -17.37
C LEU E 406 -26.23 -67.58 -17.52
N THR E 407 -25.22 -66.90 -18.07
CA THR E 407 -25.31 -65.45 -18.30
C THR E 407 -26.28 -65.08 -19.41
N VAL E 408 -26.43 -65.95 -20.41
CA VAL E 408 -27.41 -65.75 -21.47
C VAL E 408 -28.82 -65.92 -20.91
N SER E 409 -29.03 -66.99 -20.14
CA SER E 409 -30.29 -67.26 -19.47
C SER E 409 -30.73 -66.09 -18.60
N ARG E 410 -29.82 -65.62 -17.75
CA ARG E 410 -30.10 -64.55 -16.81
C ARG E 410 -30.24 -63.18 -17.50
N ALA E 411 -29.31 -62.87 -18.42
CA ALA E 411 -29.37 -61.61 -19.15
C ALA E 411 -30.70 -61.40 -19.87
N ARG E 412 -31.17 -62.46 -20.54
CA ARG E 412 -32.43 -62.45 -21.29
C ARG E 412 -33.66 -62.25 -20.40
N LYS E 413 -33.64 -62.87 -19.22
CA LYS E 413 -34.70 -62.67 -18.23
C LYS E 413 -34.65 -61.22 -17.70
N ILE E 414 -33.44 -60.72 -17.49
CA ILE E 414 -33.25 -59.35 -17.07
C ILE E 414 -33.75 -58.38 -18.14
N GLN E 415 -33.41 -58.65 -19.41
CA GLN E 415 -33.90 -57.85 -20.54
C GLN E 415 -35.41 -57.73 -20.51
N ARG E 416 -36.06 -58.81 -20.14
CA ARG E 416 -37.52 -58.87 -20.12
C ARG E 416 -38.10 -58.22 -18.88
N PHE E 417 -37.49 -58.46 -17.72
CA PHE E 417 -37.95 -57.84 -16.48
C PHE E 417 -37.74 -56.32 -16.45
N LEU E 418 -36.99 -55.80 -17.41
CA LEU E 418 -36.82 -54.36 -17.57
C LEU E 418 -38.02 -53.73 -18.29
N SER E 419 -38.76 -54.57 -19.01
CA SER E 419 -40.05 -54.13 -19.57
C SER E 419 -41.09 -54.10 -18.46
N GLN E 420 -42.23 -53.45 -18.74
CA GLN E 420 -43.21 -53.14 -17.72
C GLN E 420 -44.46 -52.54 -18.37
N PRO E 421 -45.66 -53.05 -17.98
CA PRO E 421 -46.90 -52.47 -18.47
C PRO E 421 -47.23 -51.14 -17.80
N PHE E 422 -47.73 -50.18 -18.59
CA PHE E 422 -48.02 -48.81 -18.15
C PHE E 422 -49.51 -48.58 -17.90
N GLN E 423 -49.81 -47.76 -16.89
CA GLN E 423 -51.21 -47.49 -16.53
C GLN E 423 -51.90 -46.71 -17.63
N VAL E 424 -51.14 -45.80 -18.22
CA VAL E 424 -51.62 -44.88 -19.24
C VAL E 424 -51.94 -45.61 -20.55
N ALA E 425 -51.50 -46.86 -20.66
CA ALA E 425 -51.76 -47.70 -21.82
C ALA E 425 -52.79 -48.81 -21.56
N GLU E 426 -53.54 -48.70 -20.47
CA GLU E 426 -54.55 -49.71 -20.11
C GLU E 426 -55.69 -49.85 -21.13
N VAL E 427 -55.95 -48.77 -21.87
CA VAL E 427 -56.99 -48.76 -22.92
C VAL E 427 -56.56 -49.60 -24.12
N PHE E 428 -55.44 -49.21 -24.74
CA PHE E 428 -54.92 -49.84 -25.96
C PHE E 428 -54.49 -51.30 -25.77
N THR E 429 -54.11 -51.67 -24.56
CA THR E 429 -53.54 -53.01 -24.30
C THR E 429 -54.48 -53.97 -23.58
N GLY E 430 -55.23 -53.45 -22.62
CA GLY E 430 -56.13 -54.28 -21.82
C GLY E 430 -55.52 -54.76 -20.50
N HIS E 431 -54.20 -54.74 -20.41
CA HIS E 431 -53.50 -55.18 -19.20
C HIS E 431 -53.31 -54.06 -18.19
N LEU E 432 -53.27 -54.41 -16.92
CA LEU E 432 -53.17 -53.45 -15.83
C LEU E 432 -51.75 -52.87 -15.74
N GLY E 433 -51.67 -51.55 -15.61
CA GLY E 433 -50.39 -50.86 -15.46
C GLY E 433 -49.76 -51.08 -14.09
N LYS E 434 -48.43 -51.05 -14.06
CA LYS E 434 -47.66 -51.33 -12.84
C LYS E 434 -46.73 -50.18 -12.47
N LEU E 435 -46.86 -49.71 -11.22
CA LEU E 435 -45.94 -48.72 -10.66
C LEU E 435 -45.16 -49.46 -9.58
N VAL E 436 -43.87 -49.65 -9.83
CA VAL E 436 -43.08 -50.54 -8.99
C VAL E 436 -42.17 -49.74 -8.06
N PRO E 437 -42.32 -49.93 -6.74
CA PRO E 437 -41.43 -49.27 -5.76
C PRO E 437 -39.96 -49.64 -5.99
N LEU E 438 -39.08 -48.68 -5.70
CA LEU E 438 -37.65 -48.84 -5.93
C LEU E 438 -37.05 -50.07 -5.26
N LYS E 439 -37.42 -50.31 -4.00
CA LYS E 439 -36.88 -51.45 -3.25
C LYS E 439 -37.27 -52.80 -3.85
N GLU E 440 -38.41 -52.84 -4.53
CA GLU E 440 -38.86 -54.04 -5.22
C GLU E 440 -38.12 -54.22 -6.55
N THR E 441 -37.96 -53.13 -7.31
CA THR E 441 -37.12 -53.12 -8.50
C THR E 441 -35.73 -53.68 -8.16
N ILE E 442 -35.06 -53.06 -7.18
CA ILE E 442 -33.74 -53.50 -6.72
C ILE E 442 -33.74 -54.99 -6.37
N LYS E 443 -34.71 -55.40 -5.54
CA LYS E 443 -34.84 -56.80 -5.10
C LYS E 443 -35.05 -57.78 -6.26
N GLY E 444 -35.95 -57.42 -7.18
CA GLY E 444 -36.24 -58.26 -8.34
C GLY E 444 -35.01 -58.62 -9.14
N PHE E 445 -34.25 -57.59 -9.53
CA PHE E 445 -33.02 -57.76 -10.30
C PHE E 445 -31.87 -58.36 -9.48
N GLN E 446 -31.87 -58.12 -8.17
CA GLN E 446 -30.90 -58.72 -7.26
C GLN E 446 -31.02 -60.26 -7.30
N GLN E 447 -32.26 -60.74 -7.29
CA GLN E 447 -32.57 -62.17 -7.25
C GLN E 447 -32.30 -62.90 -8.58
N ILE E 448 -32.51 -62.22 -9.71
CA ILE E 448 -32.23 -62.83 -11.01
C ILE E 448 -30.72 -62.98 -11.21
N LEU E 449 -29.97 -61.98 -10.77
CA LEU E 449 -28.50 -62.04 -10.79
C LEU E 449 -27.93 -63.15 -9.92
N ALA E 450 -28.53 -63.34 -8.73
CA ALA E 450 -28.07 -64.35 -7.79
C ALA E 450 -28.40 -65.78 -8.26
N GLY E 451 -29.27 -65.87 -9.26
CA GLY E 451 -29.68 -67.14 -9.84
C GLY E 451 -30.81 -67.81 -9.06
N GLU E 452 -31.70 -66.99 -8.51
CA GLU E 452 -32.83 -67.50 -7.74
C GLU E 452 -33.98 -67.98 -8.63
N TYR E 453 -33.95 -67.59 -9.90
CA TYR E 453 -35.02 -67.94 -10.83
C TYR E 453 -34.50 -68.55 -12.13
N ASP E 454 -33.40 -69.28 -12.04
CA ASP E 454 -32.85 -70.03 -13.17
C ASP E 454 -33.84 -71.08 -13.68
N HIS E 455 -34.67 -71.58 -12.77
CA HIS E 455 -35.66 -72.64 -13.07
C HIS E 455 -36.89 -72.12 -13.81
N LEU E 456 -37.21 -70.84 -13.61
CA LEU E 456 -38.37 -70.22 -14.25
C LEU E 456 -38.14 -69.95 -15.74
N PRO E 457 -39.21 -70.05 -16.57
CA PRO E 457 -39.07 -69.74 -17.99
C PRO E 457 -38.85 -68.25 -18.26
N GLU E 458 -38.10 -67.99 -19.33
CA GLU E 458 -37.74 -66.65 -19.78
C GLU E 458 -38.92 -65.68 -19.98
N GLN E 459 -40.01 -66.17 -20.56
CA GLN E 459 -41.17 -65.31 -20.90
C GLN E 459 -42.00 -64.85 -19.69
N ALA E 460 -41.81 -65.48 -18.54
CA ALA E 460 -42.51 -65.10 -17.31
C ALA E 460 -42.15 -63.68 -16.84
N PHE E 461 -40.95 -63.25 -17.19
CA PHE E 461 -40.40 -61.95 -16.78
C PHE E 461 -40.85 -60.82 -17.70
N TYR E 462 -41.43 -61.18 -18.83
CA TYR E 462 -41.93 -60.20 -19.80
C TYR E 462 -43.23 -59.52 -19.33
N MET E 463 -43.34 -58.22 -19.61
CA MET E 463 -44.49 -57.39 -19.22
C MET E 463 -45.12 -57.71 -17.85
N VAL E 464 -44.32 -57.55 -16.82
CA VAL E 464 -44.72 -57.82 -15.44
C VAL E 464 -44.32 -56.60 -14.61
N GLY E 465 -44.88 -56.46 -13.41
CA GLY E 465 -44.46 -55.42 -12.46
C GLY E 465 -43.37 -55.93 -11.53
N PRO E 466 -43.71 -56.21 -10.26
CA PRO E 466 -42.78 -56.79 -9.27
C PRO E 466 -42.44 -58.25 -9.56
N ILE E 467 -41.37 -58.74 -8.94
CA ILE E 467 -40.81 -60.08 -9.21
C ILE E 467 -41.80 -61.22 -8.92
N GLU E 468 -42.70 -61.01 -7.95
CA GLU E 468 -43.71 -62.00 -7.57
C GLU E 468 -44.67 -62.29 -8.73
N GLU E 469 -44.98 -61.26 -9.51
CA GLU E 469 -45.81 -61.40 -10.71
C GLU E 469 -45.17 -62.25 -11.80
N ALA E 470 -43.83 -62.28 -11.82
CA ALA E 470 -43.10 -63.17 -12.73
C ALA E 470 -43.18 -64.63 -12.27
N VAL E 471 -43.19 -64.83 -10.95
CA VAL E 471 -43.40 -66.15 -10.36
C VAL E 471 -44.85 -66.60 -10.65
N ALA E 472 -45.79 -65.67 -10.46
CA ALA E 472 -47.21 -65.94 -10.71
C ALA E 472 -47.53 -66.15 -12.19
N LYS E 473 -46.77 -65.50 -13.07
CA LYS E 473 -46.92 -65.70 -14.51
C LYS E 473 -46.30 -67.03 -14.93
N ALA E 474 -45.22 -67.44 -14.26
CA ALA E 474 -44.60 -68.74 -14.53
C ALA E 474 -45.54 -69.90 -14.17
N ASP E 475 -46.26 -69.74 -13.05
CA ASP E 475 -47.26 -70.70 -12.61
C ASP E 475 -48.46 -70.75 -13.54
N LYS E 476 -48.89 -69.58 -14.02
CA LYS E 476 -50.06 -69.48 -14.91
C LYS E 476 -49.79 -70.08 -16.31
N LEU E 477 -48.52 -70.07 -16.72
CA LEU E 477 -48.12 -70.69 -17.98
C LEU E 477 -48.01 -72.22 -17.92
N ALA E 478 -48.84 -72.84 -17.06
CA ALA E 478 -48.95 -74.29 -16.89
C ALA E 478 -47.62 -75.04 -16.80
N THR F 13 3.75 19.88 -26.82
CA THR F 13 3.88 20.44 -25.43
C THR F 13 3.26 19.49 -24.39
N THR F 14 2.21 19.99 -23.72
CA THR F 14 1.42 19.26 -22.73
C THR F 14 0.04 18.92 -23.31
N GLY F 15 -0.30 17.63 -23.31
CA GLY F 15 -1.59 17.16 -23.82
C GLY F 15 -2.53 16.70 -22.73
N ARG F 16 -3.77 16.38 -23.10
CA ARG F 16 -4.74 15.85 -22.13
C ARG F 16 -5.39 14.58 -22.65
N ILE F 17 -5.59 13.61 -21.76
CA ILE F 17 -6.30 12.38 -22.12
C ILE F 17 -7.77 12.72 -22.41
N VAL F 18 -8.25 12.29 -23.59
CA VAL F 18 -9.66 12.47 -23.92
C VAL F 18 -10.42 11.16 -23.98
N ALA F 19 -9.69 10.04 -24.02
CA ALA F 19 -10.31 8.72 -24.11
C ALA F 19 -9.36 7.61 -23.68
N VAL F 20 -9.91 6.61 -22.99
CA VAL F 20 -9.17 5.43 -22.56
C VAL F 20 -10.00 4.17 -22.77
N ILE F 21 -9.46 3.23 -23.53
CA ILE F 21 -10.02 1.88 -23.59
C ILE F 21 -8.87 0.89 -23.62
N GLY F 22 -8.76 0.12 -22.54
CA GLY F 22 -7.60 -0.73 -22.34
C GLY F 22 -6.33 0.02 -22.68
N ALA F 23 -5.52 -0.59 -23.54
CA ALA F 23 -4.20 -0.09 -23.95
C ALA F 23 -4.24 1.09 -24.90
N VAL F 24 -5.43 1.41 -25.42
CA VAL F 24 -5.58 2.53 -26.36
C VAL F 24 -6.07 3.82 -25.67
N VAL F 25 -5.24 4.86 -25.73
CA VAL F 25 -5.50 6.16 -25.10
C VAL F 25 -5.41 7.26 -26.17
N ASP F 26 -6.43 8.09 -26.26
CA ASP F 26 -6.42 9.24 -27.17
C ASP F 26 -6.04 10.46 -26.36
N VAL F 27 -5.13 11.27 -26.91
CA VAL F 27 -4.62 12.47 -26.23
C VAL F 27 -4.71 13.69 -27.13
N GLN F 28 -5.32 14.76 -26.61
CA GLN F 28 -5.48 16.00 -27.35
C GLN F 28 -4.39 16.99 -26.97
N PHE F 29 -3.75 17.58 -27.98
CA PHE F 29 -2.71 18.60 -27.78
C PHE F 29 -3.12 19.96 -28.34
N ASP F 30 -3.20 20.97 -27.49
CA ASP F 30 -3.55 22.33 -27.93
C ASP F 30 -2.56 22.89 -28.95
N GLU F 31 -1.27 22.81 -28.63
CA GLU F 31 -0.21 23.16 -29.57
C GLU F 31 0.81 22.03 -29.66
N GLY F 32 1.48 21.95 -30.81
CA GLY F 32 2.57 20.99 -31.03
C GLY F 32 2.14 19.56 -30.88
N LEU F 33 1.58 19.02 -31.96
CA LEU F 33 1.19 17.62 -32.01
C LEU F 33 2.44 16.75 -32.17
N PRO F 34 2.61 15.77 -31.26
CA PRO F 34 3.70 14.79 -31.34
C PRO F 34 3.61 13.85 -32.56
N PRO F 35 4.71 13.72 -33.31
CA PRO F 35 4.77 12.77 -34.42
C PRO F 35 4.44 11.33 -34.02
N ILE F 36 4.11 10.52 -35.03
CA ILE F 36 3.88 9.09 -34.86
C ILE F 36 5.16 8.44 -34.35
N LEU F 37 5.00 7.49 -33.41
CA LEU F 37 6.10 6.75 -32.77
C LEU F 37 6.76 7.45 -31.59
N ASN F 38 6.44 8.73 -31.39
CA ASN F 38 6.94 9.42 -30.22
C ASN F 38 6.41 8.81 -28.93
N ALA F 39 7.25 8.86 -27.90
CA ALA F 39 6.88 8.38 -26.57
C ALA F 39 6.34 9.55 -25.74
N LEU F 40 5.15 9.35 -25.21
CA LEU F 40 4.53 10.34 -24.35
C LEU F 40 4.58 9.83 -22.92
N GLU F 41 4.77 10.75 -21.98
CA GLU F 41 4.82 10.42 -20.55
C GLU F 41 3.52 10.91 -19.91
N VAL F 42 2.74 9.99 -19.35
CA VAL F 42 1.55 10.39 -18.57
C VAL F 42 1.97 10.98 -17.21
N GLN F 43 1.42 12.14 -16.86
CA GLN F 43 1.71 12.76 -15.58
C GLN F 43 0.83 12.20 -14.45
N GLY F 44 1.28 12.40 -13.21
CA GLY F 44 0.58 11.93 -12.02
C GLY F 44 0.53 10.42 -11.82
N ARG F 45 1.59 9.71 -12.24
CA ARG F 45 1.68 8.25 -12.01
C ARG F 45 2.88 7.92 -11.12
N GLU F 46 2.72 6.88 -10.30
CA GLU F 46 3.77 6.39 -9.39
C GLU F 46 4.93 5.79 -10.17
N THR F 47 4.62 4.94 -11.16
CA THR F 47 5.66 4.38 -12.02
C THR F 47 5.48 4.96 -13.42
N ARG F 48 6.55 4.94 -14.21
CA ARG F 48 6.55 5.57 -15.53
C ARG F 48 5.52 4.91 -16.47
N LEU F 49 4.61 5.72 -17.00
CA LEU F 49 3.63 5.23 -17.95
C LEU F 49 3.83 5.89 -19.31
N VAL F 50 4.38 5.12 -20.25
CA VAL F 50 4.65 5.60 -21.60
C VAL F 50 3.47 5.30 -22.56
N LEU F 51 3.07 6.29 -23.34
CA LEU F 51 2.12 6.10 -24.46
C LEU F 51 2.82 6.40 -25.78
N GLU F 52 2.81 5.44 -26.69
CA GLU F 52 3.45 5.57 -28.00
C GLU F 52 2.42 6.04 -29.05
N VAL F 53 2.71 7.17 -29.70
CA VAL F 53 1.81 7.70 -30.74
C VAL F 53 1.70 6.71 -31.89
N ALA F 54 0.47 6.34 -32.23
CA ALA F 54 0.20 5.40 -33.33
C ALA F 54 -0.45 6.08 -34.54
N GLN F 55 -1.30 7.08 -34.29
CA GLN F 55 -2.09 7.71 -35.35
C GLN F 55 -2.39 9.16 -35.01
N HIS F 56 -2.46 10.00 -36.04
CA HIS F 56 -3.03 11.34 -35.90
C HIS F 56 -4.49 11.26 -36.38
N LEU F 57 -5.42 11.28 -35.43
CA LEU F 57 -6.85 11.16 -35.67
C LEU F 57 -7.50 12.36 -36.33
N GLY F 58 -6.85 13.52 -36.26
CA GLY F 58 -7.50 14.78 -36.62
C GLY F 58 -7.87 15.58 -35.38
N GLU F 59 -8.31 16.82 -35.60
CA GLU F 59 -8.72 17.72 -34.52
C GLU F 59 -7.72 17.72 -33.35
N SER F 60 -6.43 17.78 -33.69
CA SER F 60 -5.34 17.89 -32.71
C SER F 60 -5.32 16.77 -31.68
N THR F 61 -5.81 15.60 -32.08
CA THR F 61 -5.88 14.44 -31.20
C THR F 61 -5.02 13.32 -31.79
N VAL F 62 -4.24 12.67 -30.93
CA VAL F 62 -3.41 11.52 -31.35
C VAL F 62 -3.92 10.25 -30.69
N ARG F 63 -3.78 9.13 -31.38
CA ARG F 63 -4.12 7.84 -30.83
C ARG F 63 -2.83 7.16 -30.43
N THR F 64 -2.80 6.63 -29.20
CA THR F 64 -1.60 6.08 -28.59
C THR F 64 -1.79 4.67 -28.04
N ILE F 65 -0.68 3.94 -27.91
CA ILE F 65 -0.66 2.62 -27.27
C ILE F 65 0.13 2.68 -25.95
N ALA F 66 -0.53 2.29 -24.85
CA ALA F 66 0.08 2.24 -23.53
C ALA F 66 1.12 1.13 -23.39
N MET F 67 2.24 1.44 -22.72
CA MET F 67 3.28 0.44 -22.45
C MET F 67 3.12 -0.27 -21.11
N ASP F 68 2.14 0.16 -20.31
CA ASP F 68 1.79 -0.51 -19.06
C ASP F 68 0.29 -0.31 -18.82
N GLY F 69 -0.23 -0.81 -17.71
CA GLY F 69 -1.65 -0.74 -17.38
C GLY F 69 -2.21 0.66 -17.34
N THR F 70 -3.46 0.79 -17.81
CA THR F 70 -4.13 2.10 -17.88
C THR F 70 -5.17 2.35 -16.77
N GLU F 71 -5.34 1.39 -15.85
CA GLU F 71 -6.18 1.62 -14.66
C GLU F 71 -5.76 2.91 -13.93
N GLY F 72 -6.73 3.65 -13.41
CA GLY F 72 -6.45 4.87 -12.65
C GLY F 72 -6.42 6.13 -13.48
N LEU F 73 -6.40 5.98 -14.80
CA LEU F 73 -6.37 7.12 -15.71
C LEU F 73 -7.72 7.84 -15.73
N VAL F 74 -7.65 9.17 -15.79
CA VAL F 74 -8.82 10.02 -15.79
C VAL F 74 -8.78 10.86 -17.06
N ARG F 75 -9.92 11.07 -17.69
CA ARG F 75 -10.03 12.02 -18.79
C ARG F 75 -9.62 13.41 -18.26
N GLY F 76 -8.78 14.10 -19.04
CA GLY F 76 -8.25 15.40 -18.64
C GLY F 76 -6.82 15.30 -18.11
N GLN F 77 -6.39 14.08 -17.77
CA GLN F 77 -5.06 13.87 -17.19
C GLN F 77 -3.97 14.33 -18.16
N LYS F 78 -2.94 14.96 -17.63
CA LYS F 78 -1.88 15.55 -18.44
C LYS F 78 -0.87 14.55 -18.98
N VAL F 79 -0.43 14.81 -20.20
CA VAL F 79 0.56 14.00 -20.89
C VAL F 79 1.63 14.90 -21.45
N LEU F 80 2.89 14.51 -21.29
CA LEU F 80 4.01 15.26 -21.87
C LEU F 80 4.67 14.50 -23.01
N ASP F 81 4.96 15.19 -24.10
CA ASP F 81 5.72 14.65 -25.22
C ASP F 81 7.21 14.59 -24.85
N SER F 82 7.82 13.41 -24.93
CA SER F 82 9.27 13.29 -24.66
C SER F 82 10.12 13.85 -25.81
N GLY F 83 9.52 13.99 -26.99
CA GLY F 83 10.23 14.56 -28.14
C GLY F 83 10.97 13.53 -28.95
N ALA F 84 10.74 12.24 -28.63
CA ALA F 84 11.37 11.11 -29.31
C ALA F 84 10.57 9.82 -29.09
N PRO F 85 10.86 8.75 -29.89
CA PRO F 85 10.34 7.43 -29.55
C PRO F 85 10.95 6.88 -28.26
N ILE F 86 10.41 5.76 -27.78
CA ILE F 86 11.01 5.02 -26.67
C ILE F 86 12.50 4.79 -26.92
N ARG F 87 13.32 5.13 -25.94
CA ARG F 87 14.78 5.00 -26.06
C ARG F 87 15.27 4.21 -24.86
N ILE F 88 16.14 3.25 -25.14
CA ILE F 88 16.60 2.33 -24.13
C ILE F 88 18.11 2.36 -24.04
N PRO F 89 18.67 2.03 -22.86
CA PRO F 89 20.10 1.81 -22.74
C PRO F 89 20.58 0.76 -23.71
N VAL F 90 21.71 1.01 -24.36
CA VAL F 90 22.36 0.02 -25.20
C VAL F 90 23.84 -0.02 -24.86
N GLY F 91 24.50 -1.14 -25.13
CA GLY F 91 25.93 -1.26 -24.87
C GLY F 91 26.27 -2.16 -23.71
N PRO F 92 27.54 -2.12 -23.25
CA PRO F 92 28.11 -3.05 -22.30
C PRO F 92 27.38 -3.17 -20.96
N GLU F 93 26.79 -2.08 -20.45
CA GLU F 93 26.11 -2.17 -19.15
C GLU F 93 24.70 -2.75 -19.20
N THR F 94 24.25 -3.19 -20.38
CA THR F 94 23.02 -3.96 -20.46
C THR F 94 23.33 -5.41 -20.13
N LEU F 95 24.61 -5.78 -20.22
CA LEU F 95 25.07 -7.16 -20.02
C LEU F 95 24.94 -7.59 -18.56
N GLY F 96 24.24 -8.70 -18.34
CA GLY F 96 24.01 -9.21 -17.00
C GLY F 96 22.79 -8.60 -16.32
N ARG F 97 22.17 -7.63 -17.01
CA ARG F 97 20.99 -6.92 -16.50
C ARG F 97 19.70 -7.42 -17.16
N ILE F 98 18.59 -7.26 -16.44
CA ILE F 98 17.27 -7.48 -16.98
C ILE F 98 16.57 -6.13 -17.10
N MET F 99 16.08 -5.83 -18.29
CA MET F 99 15.30 -4.63 -18.55
C MET F 99 13.92 -4.97 -19.11
N ASN F 100 12.99 -4.03 -18.97
CA ASN F 100 11.66 -4.16 -19.51
C ASN F 100 11.55 -3.44 -20.86
N VAL F 101 10.33 -3.35 -21.38
CA VAL F 101 10.04 -2.80 -22.72
C VAL F 101 10.54 -1.36 -22.91
N ILE F 102 10.49 -0.56 -21.85
CA ILE F 102 10.95 0.83 -21.94
C ILE F 102 12.36 1.03 -21.36
N GLY F 103 13.10 -0.08 -21.19
CA GLY F 103 14.50 -0.03 -20.81
C GLY F 103 14.83 0.23 -19.35
N GLU F 104 13.83 0.15 -18.47
CA GLU F 104 14.06 0.20 -17.02
C GLU F 104 14.60 -1.12 -16.50
N PRO F 105 15.52 -1.06 -15.51
CA PRO F 105 15.98 -2.28 -14.84
C PRO F 105 14.85 -2.95 -14.08
N ILE F 106 14.73 -4.27 -14.24
CA ILE F 106 13.73 -5.03 -13.50
C ILE F 106 14.40 -6.17 -12.70
N ASP F 107 15.62 -5.91 -12.27
CA ASP F 107 16.41 -6.90 -11.53
C ASP F 107 16.83 -6.44 -10.13
N GLU F 108 16.37 -5.24 -9.73
CA GLU F 108 16.62 -4.66 -8.41
C GLU F 108 18.11 -4.39 -8.14
N ARG F 109 18.84 -4.03 -9.20
CA ARG F 109 20.28 -3.77 -9.12
C ARG F 109 20.65 -2.32 -9.44
N GLY F 110 19.64 -1.45 -9.45
CA GLY F 110 19.84 -0.01 -9.60
C GLY F 110 19.81 0.44 -11.04
N PRO F 111 20.29 1.68 -11.30
CA PRO F 111 20.33 2.24 -12.64
C PRO F 111 21.24 1.46 -13.59
N ILE F 112 20.92 1.53 -14.89
CA ILE F 112 21.80 1.05 -15.94
C ILE F 112 22.49 2.28 -16.47
N LYS F 113 23.72 2.52 -16.03
CA LYS F 113 24.42 3.78 -16.37
C LYS F 113 25.26 3.69 -17.66
N THR F 114 24.54 3.69 -18.77
CA THR F 114 25.12 3.65 -20.10
C THR F 114 25.39 5.06 -20.56
N LYS F 115 26.30 5.15 -21.52
CA LYS F 115 26.56 6.40 -22.22
C LYS F 115 25.64 6.51 -23.46
N GLN F 116 25.21 5.36 -23.99
CA GLN F 116 24.36 5.34 -25.18
C GLN F 116 22.95 4.90 -24.88
N PHE F 117 22.02 5.55 -25.56
CA PHE F 117 20.66 5.09 -25.66
C PHE F 117 20.34 5.00 -27.13
N ALA F 118 19.39 4.12 -27.47
CA ALA F 118 18.95 3.96 -28.85
C ALA F 118 17.44 3.84 -28.85
N ALA F 119 16.81 4.34 -29.91
CA ALA F 119 15.38 4.19 -30.13
C ALA F 119 15.03 2.74 -30.48
N ILE F 120 13.92 2.24 -29.96
CA ILE F 120 13.48 0.87 -30.29
C ILE F 120 12.90 0.77 -31.70
N HIS F 121 12.64 1.93 -32.32
CA HIS F 121 12.24 1.98 -33.72
C HIS F 121 13.40 2.42 -34.61
N ALA F 122 13.55 1.74 -35.73
CA ALA F 122 14.62 2.00 -36.66
C ALA F 122 14.25 1.34 -37.95
N GLU F 123 14.68 1.91 -39.06
CA GLU F 123 14.43 1.26 -40.35
C GLU F 123 15.34 0.05 -40.51
N ALA F 124 14.86 -0.95 -41.24
CA ALA F 124 15.62 -2.17 -41.44
C ALA F 124 16.86 -1.86 -42.27
N PRO F 125 17.97 -2.60 -42.05
CA PRO F 125 19.13 -2.45 -42.93
C PRO F 125 18.77 -2.51 -44.43
N GLU F 126 19.40 -1.63 -45.22
CA GLU F 126 19.13 -1.52 -46.65
C GLU F 126 19.63 -2.76 -47.40
N PHE F 127 19.23 -2.85 -48.66
CA PHE F 127 19.56 -4.00 -49.49
C PHE F 127 21.06 -4.16 -49.69
N VAL F 128 21.79 -3.04 -49.73
CA VAL F 128 23.26 -3.07 -49.88
C VAL F 128 23.98 -3.56 -48.62
N GLU F 129 23.27 -3.60 -47.49
CA GLU F 129 23.87 -3.97 -46.22
C GLU F 129 23.88 -5.49 -46.01
N MET F 130 23.19 -6.21 -46.90
CA MET F 130 22.99 -7.65 -46.77
C MET F 130 24.28 -8.42 -46.99
N SER F 131 24.42 -9.52 -46.26
CA SER F 131 25.49 -10.48 -46.44
C SER F 131 24.99 -11.70 -47.22
N VAL F 132 25.88 -12.31 -48.00
CA VAL F 132 25.51 -13.48 -48.82
C VAL F 132 26.29 -14.75 -48.43
N GLU F 133 27.05 -14.68 -47.34
CA GLU F 133 27.86 -15.82 -46.90
C GLU F 133 27.02 -16.88 -46.22
N GLN F 134 27.15 -18.13 -46.69
CA GLN F 134 26.41 -19.26 -46.14
C GLN F 134 27.35 -20.31 -45.56
N GLU F 135 27.27 -20.47 -44.23
CA GLU F 135 28.14 -21.40 -43.51
C GLU F 135 27.34 -22.13 -42.42
N ILE F 136 27.58 -23.42 -42.30
CA ILE F 136 26.81 -24.27 -41.41
C ILE F 136 27.14 -23.99 -39.94
N LEU F 137 26.10 -23.99 -39.11
CA LEU F 137 26.28 -23.97 -37.68
C LEU F 137 25.84 -25.34 -37.17
N VAL F 138 26.82 -26.15 -36.79
CA VAL F 138 26.56 -27.49 -36.27
C VAL F 138 26.05 -27.36 -34.83
N THR F 139 24.88 -27.97 -34.57
CA THR F 139 24.21 -27.88 -33.27
C THR F 139 24.52 -29.08 -32.36
N GLY F 140 24.88 -30.20 -32.97
CA GLY F 140 25.03 -31.47 -32.25
C GLY F 140 23.71 -32.23 -32.16
N ILE F 141 22.65 -31.64 -32.71
CA ILE F 141 21.32 -32.26 -32.71
C ILE F 141 21.12 -32.93 -34.06
N LYS F 142 21.01 -34.26 -34.03
CA LYS F 142 20.98 -35.09 -35.24
C LYS F 142 20.00 -34.60 -36.30
N VAL F 143 18.74 -34.47 -35.92
CA VAL F 143 17.68 -34.18 -36.90
C VAL F 143 17.85 -32.84 -37.61
N VAL F 144 18.31 -31.84 -36.87
CA VAL F 144 18.59 -30.51 -37.39
C VAL F 144 19.83 -30.55 -38.30
N ASP F 145 20.94 -31.03 -37.75
CA ASP F 145 22.20 -31.09 -38.48
C ASP F 145 22.08 -31.88 -39.78
N LEU F 146 21.39 -33.02 -39.75
CA LEU F 146 21.24 -33.81 -40.96
C LEU F 146 20.29 -33.19 -41.97
N LEU F 147 19.06 -32.89 -41.57
CA LEU F 147 17.99 -32.59 -42.53
C LEU F 147 17.77 -31.11 -42.81
N ALA F 148 17.91 -30.27 -41.80
CA ALA F 148 17.62 -28.85 -41.96
C ALA F 148 18.62 -27.98 -41.20
N PRO F 149 19.92 -28.06 -41.58
CA PRO F 149 20.99 -27.42 -40.81
C PRO F 149 20.84 -25.90 -40.67
N TYR F 150 21.26 -25.40 -39.51
CA TYR F 150 21.28 -23.98 -39.23
C TYR F 150 22.53 -23.38 -39.87
N ALA F 151 22.52 -22.07 -40.05
CA ALA F 151 23.62 -21.36 -40.66
C ALA F 151 24.07 -20.29 -39.69
N LYS F 152 25.38 -20.08 -39.63
CA LYS F 152 25.97 -19.03 -38.82
C LYS F 152 25.51 -17.67 -39.35
N GLY F 153 25.07 -16.81 -38.44
CA GLY F 153 24.48 -15.53 -38.78
C GLY F 153 23.17 -15.65 -39.53
N GLY F 154 22.54 -16.84 -39.47
CA GLY F 154 21.26 -17.09 -40.16
C GLY F 154 20.02 -16.92 -39.29
N LYS F 155 18.85 -16.97 -39.91
CA LYS F 155 17.63 -16.85 -39.17
C LYS F 155 17.00 -18.24 -38.98
N ILE F 156 16.81 -18.61 -37.73
CA ILE F 156 16.32 -19.91 -37.34
C ILE F 156 14.98 -19.72 -36.63
N GLY F 157 13.97 -20.49 -37.04
CA GLY F 157 12.66 -20.48 -36.40
C GLY F 157 12.26 -21.87 -35.93
N LEU F 158 11.71 -21.95 -34.71
CA LEU F 158 11.25 -23.18 -34.09
C LEU F 158 9.72 -23.13 -33.89
N PHE F 159 9.00 -23.85 -34.75
CA PHE F 159 7.53 -23.84 -34.77
C PHE F 159 6.99 -24.92 -33.84
N GLY F 160 6.03 -24.57 -32.99
CA GLY F 160 5.37 -25.58 -32.18
C GLY F 160 4.06 -25.14 -31.55
N GLY F 161 3.09 -26.05 -31.58
CA GLY F 161 1.87 -25.86 -30.80
C GLY F 161 2.18 -25.96 -29.31
N ALA F 162 1.15 -25.77 -28.49
CA ALA F 162 1.30 -25.72 -27.04
C ALA F 162 1.93 -26.99 -26.47
N GLY F 163 3.13 -26.85 -25.91
CA GLY F 163 3.73 -27.90 -25.08
C GLY F 163 4.48 -29.01 -25.77
N VAL F 164 4.90 -28.77 -27.01
CA VAL F 164 5.53 -29.81 -27.84
C VAL F 164 7.05 -29.77 -27.81
N GLY F 165 7.61 -28.64 -27.38
CA GLY F 165 9.05 -28.57 -27.06
C GLY F 165 9.86 -27.37 -27.53
N LYS F 166 9.19 -26.25 -27.78
CA LYS F 166 9.85 -25.02 -28.27
C LYS F 166 10.93 -24.53 -27.32
N THR F 167 10.57 -24.37 -26.06
CA THR F 167 11.46 -23.79 -25.05
C THR F 167 12.62 -24.70 -24.70
N VAL F 168 12.35 -26.00 -24.54
CA VAL F 168 13.38 -26.99 -24.29
C VAL F 168 14.42 -26.94 -25.41
N LEU F 169 13.95 -26.84 -26.65
CA LEU F 169 14.83 -26.77 -27.81
C LEU F 169 15.68 -25.51 -27.78
N ILE F 170 15.04 -24.38 -27.52
CA ILE F 170 15.77 -23.13 -27.45
C ILE F 170 16.81 -23.16 -26.32
N MET F 171 16.47 -23.81 -25.19
CA MET F 171 17.41 -23.94 -24.08
C MET F 171 18.56 -24.90 -24.40
N GLU F 172 18.28 -26.01 -25.08
CA GLU F 172 19.35 -26.93 -25.51
C GLU F 172 20.33 -26.24 -26.47
N LEU F 173 19.80 -25.46 -27.42
CA LEU F 173 20.63 -24.66 -28.32
C LEU F 173 21.48 -23.60 -27.59
N ILE F 174 20.90 -22.95 -26.58
CA ILE F 174 21.68 -22.03 -25.75
C ILE F 174 22.83 -22.82 -25.09
N ASN F 175 22.50 -24.00 -24.59
CA ASN F 175 23.47 -24.91 -23.99
C ASN F 175 24.55 -25.41 -24.96
N ASN F 176 24.18 -25.57 -26.23
CA ASN F 176 25.06 -26.20 -27.22
C ASN F 176 25.84 -25.24 -28.11
N VAL F 177 25.22 -24.12 -28.45
CA VAL F 177 25.83 -23.16 -29.37
C VAL F 177 26.39 -21.99 -28.58
N ALA F 178 25.62 -21.53 -27.60
CA ALA F 178 25.98 -20.33 -26.85
C ALA F 178 27.13 -20.54 -25.89
N LYS F 179 27.17 -21.68 -25.21
CA LYS F 179 28.28 -22.05 -24.29
C LYS F 179 29.66 -21.77 -24.88
N ALA F 180 29.89 -22.26 -26.10
CA ALA F 180 31.14 -22.04 -26.81
C ALA F 180 30.98 -20.91 -27.83
N HIS F 181 30.87 -19.69 -27.31
CA HIS F 181 30.65 -18.50 -28.16
C HIS F 181 31.44 -17.32 -27.62
N GLY F 182 32.33 -16.80 -28.46
CA GLY F 182 33.17 -15.66 -28.10
C GLY F 182 32.56 -14.36 -28.55
N GLY F 183 31.35 -14.09 -28.08
CA GLY F 183 30.61 -12.86 -28.38
C GLY F 183 29.56 -12.56 -27.33
N TYR F 184 28.63 -11.69 -27.65
CA TYR F 184 27.56 -11.37 -26.72
C TYR F 184 26.27 -12.03 -27.16
N SER F 185 25.35 -12.21 -26.22
CA SER F 185 24.06 -12.80 -26.46
C SER F 185 22.96 -11.92 -25.91
N VAL F 186 21.80 -11.99 -26.55
CA VAL F 186 20.62 -11.32 -26.07
C VAL F 186 19.51 -12.37 -26.03
N PHE F 187 18.83 -12.47 -24.89
CA PHE F 187 17.61 -13.28 -24.79
C PHE F 187 16.46 -12.34 -24.54
N ALA F 188 15.42 -12.43 -25.37
CA ALA F 188 14.24 -11.62 -25.17
C ALA F 188 13.07 -12.52 -24.86
N GLY F 189 12.53 -12.35 -23.66
CA GLY F 189 11.30 -13.01 -23.26
C GLY F 189 10.16 -12.15 -23.73
N VAL F 190 9.34 -12.71 -24.63
CA VAL F 190 8.22 -12.00 -25.22
C VAL F 190 6.94 -12.79 -25.02
N GLY F 191 6.07 -12.24 -24.17
CA GLY F 191 4.79 -12.87 -23.84
C GLY F 191 4.79 -14.28 -23.32
N GLU F 192 5.89 -14.70 -22.68
CA GLU F 192 6.00 -16.06 -22.15
C GLU F 192 5.88 -16.13 -20.63
N ARG F 193 6.41 -17.18 -20.01
CA ARG F 193 6.20 -17.40 -18.58
C ARG F 193 7.19 -16.59 -17.75
N THR F 194 6.69 -15.81 -16.80
CA THR F 194 7.60 -15.06 -15.94
C THR F 194 8.55 -15.97 -15.18
N ARG F 195 8.07 -17.13 -14.73
CA ARG F 195 8.93 -18.03 -13.94
C ARG F 195 10.02 -18.67 -14.80
N GLU F 196 9.77 -18.78 -16.10
CA GLU F 196 10.79 -19.21 -17.06
C GLU F 196 11.91 -18.20 -17.16
N GLY F 197 11.57 -16.91 -16.98
CA GLY F 197 12.56 -15.85 -16.90
C GLY F 197 13.39 -15.98 -15.64
N ASN F 198 12.72 -16.32 -14.53
CA ASN F 198 13.39 -16.55 -13.26
C ASN F 198 14.32 -17.78 -13.31
N ASP F 199 13.84 -18.87 -13.91
CA ASP F 199 14.70 -20.05 -14.17
C ASP F 199 15.95 -19.66 -14.95
N LEU F 200 15.75 -19.00 -16.08
CA LEU F 200 16.86 -18.71 -16.98
C LEU F 200 17.90 -17.82 -16.28
N TYR F 201 17.41 -16.77 -15.62
CA TYR F 201 18.26 -15.83 -14.90
C TYR F 201 19.17 -16.55 -13.91
N HIS F 202 18.59 -17.44 -13.11
CA HIS F 202 19.34 -18.08 -12.04
C HIS F 202 20.22 -19.22 -12.54
N GLU F 203 19.86 -19.78 -13.69
CA GLU F 203 20.72 -20.75 -14.34
C GLU F 203 21.98 -20.08 -14.89
N MET F 204 21.82 -18.91 -15.50
CA MET F 204 22.95 -18.16 -16.05
C MET F 204 23.89 -17.60 -14.98
N ILE F 205 23.35 -17.30 -13.81
CA ILE F 205 24.16 -16.91 -12.65
C ILE F 205 24.99 -18.10 -12.18
N GLU F 206 24.35 -19.27 -12.15
CA GLU F 206 24.98 -20.51 -11.69
C GLU F 206 26.12 -20.92 -12.62
N SER F 207 25.90 -20.79 -13.92
CA SER F 207 26.91 -21.14 -14.92
C SER F 207 27.98 -20.06 -15.04
N GLY F 208 27.64 -18.85 -14.59
CA GLY F 208 28.55 -17.73 -14.69
C GLY F 208 28.51 -16.99 -16.01
N VAL F 209 27.54 -17.29 -16.87
CA VAL F 209 27.40 -16.49 -18.10
C VAL F 209 26.84 -15.09 -17.72
N ILE F 210 26.11 -15.04 -16.61
CA ILE F 210 25.81 -13.77 -15.94
C ILE F 210 26.62 -13.75 -14.64
N ASN F 211 27.39 -12.69 -14.44
CA ASN F 211 28.13 -12.51 -13.19
C ASN F 211 27.70 -11.23 -12.48
N LEU F 212 27.27 -11.37 -11.24
CA LEU F 212 26.75 -10.25 -10.48
C LEU F 212 27.82 -9.39 -9.81
N LYS F 213 29.08 -9.82 -9.90
CA LYS F 213 30.20 -9.12 -9.24
C LYS F 213 31.26 -8.62 -10.22
N ASP F 214 31.46 -9.35 -11.31
CA ASP F 214 32.40 -9.00 -12.39
C ASP F 214 31.74 -8.13 -13.44
N ALA F 215 32.54 -7.72 -14.42
CA ALA F 215 32.03 -7.09 -15.64
C ALA F 215 32.01 -8.12 -16.78
N THR F 216 32.11 -9.40 -16.42
CA THR F 216 32.25 -10.48 -17.40
C THR F 216 30.93 -11.13 -17.86
N SER F 217 29.79 -10.50 -17.56
CA SER F 217 28.51 -11.01 -18.07
C SER F 217 28.47 -10.94 -19.60
N LYS F 218 28.06 -12.04 -20.23
CA LYS F 218 28.01 -12.13 -21.68
C LYS F 218 26.61 -12.08 -22.28
N VAL F 219 25.58 -12.02 -21.43
CA VAL F 219 24.18 -11.98 -21.91
C VAL F 219 23.45 -10.73 -21.44
N ALA F 220 22.66 -10.14 -22.36
CA ALA F 220 21.69 -9.10 -22.00
C ALA F 220 20.27 -9.69 -21.94
N LEU F 221 19.52 -9.37 -20.89
CA LEU F 221 18.15 -9.87 -20.76
C LEU F 221 17.09 -8.77 -20.91
N VAL F 222 16.04 -9.09 -21.66
CA VAL F 222 14.94 -8.17 -21.93
C VAL F 222 13.64 -9.01 -21.84
N TYR F 223 12.69 -8.54 -21.03
CA TYR F 223 11.49 -9.32 -20.77
C TYR F 223 10.23 -8.48 -20.75
N GLY F 224 9.19 -9.04 -21.38
CA GLY F 224 7.85 -8.51 -21.28
C GLY F 224 6.96 -9.71 -21.48
N GLN F 225 6.57 -10.33 -20.37
CA GLN F 225 5.97 -11.65 -20.40
C GLN F 225 4.44 -11.63 -20.42
N MET F 226 3.81 -12.78 -20.29
CA MET F 226 2.34 -12.87 -20.43
C MET F 226 1.51 -12.23 -19.28
N ASN F 227 2.19 -11.61 -18.32
CA ASN F 227 1.55 -10.75 -17.29
C ASN F 227 1.40 -9.28 -17.72
N GLU F 228 1.95 -8.97 -18.90
CA GLU F 228 2.03 -7.61 -19.39
C GLU F 228 0.85 -7.28 -20.27
N PRO F 229 0.40 -6.01 -20.26
CA PRO F 229 -0.69 -5.65 -21.18
C PRO F 229 -0.20 -5.67 -22.64
N PRO F 230 -1.12 -5.65 -23.61
CA PRO F 230 -0.70 -5.89 -25.02
C PRO F 230 0.34 -4.93 -25.62
N GLY F 231 0.31 -3.66 -25.24
CA GLY F 231 1.24 -2.69 -25.80
C GLY F 231 2.68 -3.04 -25.49
N ALA F 232 2.94 -3.45 -24.24
CA ALA F 232 4.26 -3.90 -23.81
C ALA F 232 4.71 -5.17 -24.53
N ARG F 233 3.81 -6.15 -24.66
CA ARG F 233 4.11 -7.38 -25.39
C ARG F 233 4.35 -7.12 -26.89
N ALA F 234 3.67 -6.11 -27.45
CA ALA F 234 3.84 -5.83 -28.86
C ALA F 234 5.16 -5.08 -29.12
N ARG F 235 5.78 -4.53 -28.07
CA ARG F 235 7.02 -3.78 -28.25
C ARG F 235 8.32 -4.36 -27.69
N VAL F 236 8.23 -5.26 -26.70
CA VAL F 236 9.46 -5.79 -26.09
C VAL F 236 10.36 -6.48 -27.08
N ALA F 237 9.78 -7.04 -28.13
CA ALA F 237 10.59 -7.67 -29.17
C ALA F 237 11.49 -6.60 -29.83
N LEU F 238 10.95 -5.40 -30.04
CA LEU F 238 11.74 -4.31 -30.62
C LEU F 238 12.86 -3.92 -29.66
N THR F 239 12.53 -3.90 -28.37
CA THR F 239 13.47 -3.57 -27.30
C THR F 239 14.66 -4.52 -27.23
N GLY F 240 14.38 -5.83 -27.24
CA GLY F 240 15.45 -6.82 -27.17
C GLY F 240 16.28 -6.77 -28.43
N LEU F 241 15.59 -6.62 -29.55
CA LEU F 241 16.22 -6.57 -30.87
C LEU F 241 17.14 -5.35 -30.99
N THR F 242 16.71 -4.22 -30.44
CA THR F 242 17.50 -2.99 -30.36
C THR F 242 18.81 -3.20 -29.62
N VAL F 243 18.75 -3.87 -28.46
CA VAL F 243 19.96 -4.25 -27.73
C VAL F 243 20.91 -5.06 -28.63
N ALA F 244 20.37 -6.03 -29.36
CA ALA F 244 21.18 -6.87 -30.26
C ALA F 244 21.83 -6.07 -31.41
N GLU F 245 21.07 -5.13 -31.97
CA GLU F 245 21.57 -4.26 -33.05
C GLU F 245 22.83 -3.50 -32.67
N TYR F 246 22.86 -2.94 -31.46
CA TYR F 246 24.03 -2.20 -30.98
C TYR F 246 25.24 -3.13 -31.01
N PHE F 247 25.11 -4.30 -30.42
CA PHE F 247 26.22 -5.25 -30.37
C PHE F 247 26.70 -5.64 -31.77
N ARG F 248 25.75 -5.77 -32.69
CA ARG F 248 26.06 -6.14 -34.08
C ARG F 248 26.86 -5.04 -34.76
N ASP F 249 26.41 -3.79 -34.60
CA ASP F 249 27.00 -2.65 -35.31
C ASP F 249 28.13 -1.97 -34.57
N GLN F 250 27.86 -1.60 -33.32
CA GLN F 250 28.76 -0.75 -32.53
C GLN F 250 29.79 -1.58 -31.75
N GLU F 251 30.02 -2.79 -32.25
CA GLU F 251 31.11 -3.63 -31.82
C GLU F 251 31.52 -4.48 -33.03
N GLY F 252 30.69 -4.42 -34.07
CA GLY F 252 30.87 -5.21 -35.30
C GLY F 252 30.72 -6.70 -35.09
N GLN F 253 30.32 -7.11 -33.89
CA GLN F 253 30.60 -8.45 -33.40
C GLN F 253 29.56 -9.53 -33.67
N ASP F 254 29.94 -10.78 -33.37
CA ASP F 254 29.05 -11.93 -33.58
C ASP F 254 28.11 -12.02 -32.40
N VAL F 255 26.84 -11.76 -32.68
CA VAL F 255 25.80 -11.69 -31.68
C VAL F 255 24.90 -12.90 -31.83
N LEU F 256 24.44 -13.45 -30.71
CA LEU F 256 23.32 -14.38 -30.71
C LEU F 256 22.07 -13.68 -30.18
N LEU F 257 20.93 -13.92 -30.84
CA LEU F 257 19.65 -13.39 -30.41
C LEU F 257 18.64 -14.54 -30.27
N PHE F 258 18.22 -14.79 -29.03
CA PHE F 258 17.19 -15.78 -28.76
C PHE F 258 15.89 -15.07 -28.38
N ILE F 259 14.79 -15.46 -29.01
CA ILE F 259 13.49 -14.92 -28.66
C ILE F 259 12.50 -16.02 -28.34
N ASP F 260 11.92 -15.97 -27.15
CA ASP F 260 10.80 -16.83 -26.80
C ASP F 260 9.72 -15.92 -26.18
N ASN F 261 8.62 -15.63 -26.88
CA ASN F 261 8.19 -16.29 -28.11
C ASN F 261 7.66 -15.25 -29.08
N ILE F 262 8.22 -15.21 -30.29
CA ILE F 262 7.88 -14.17 -31.27
C ILE F 262 6.40 -14.09 -31.71
N PHE F 263 5.66 -15.20 -31.61
CA PHE F 263 4.24 -15.17 -31.93
C PHE F 263 3.48 -14.18 -31.07
N ARG F 264 3.92 -14.04 -29.82
CA ARG F 264 3.23 -13.22 -28.83
C ARG F 264 3.21 -11.73 -29.21
N PHE F 265 4.18 -11.32 -30.03
CA PHE F 265 4.21 -9.99 -30.66
C PHE F 265 3.01 -9.77 -31.61
N THR F 266 2.72 -10.79 -32.41
CA THR F 266 1.63 -10.72 -33.37
C THR F 266 0.29 -10.75 -32.63
N GLN F 267 0.16 -11.72 -31.72
CA GLN F 267 -0.99 -11.82 -30.83
C GLN F 267 -1.25 -10.50 -30.09
N ALA F 268 -0.21 -9.88 -29.53
CA ALA F 268 -0.39 -8.60 -28.83
C ALA F 268 -0.90 -7.52 -29.78
N GLY F 269 -0.38 -7.49 -31.00
CA GLY F 269 -0.85 -6.53 -31.99
C GLY F 269 -2.31 -6.76 -32.35
N SER F 270 -2.72 -8.02 -32.32
CA SER F 270 -4.11 -8.39 -32.54
C SER F 270 -5.06 -7.80 -31.51
N GLU F 271 -4.65 -7.80 -30.24
CA GLU F 271 -5.46 -7.28 -29.13
C GLU F 271 -5.68 -5.75 -29.19
N VAL F 272 -4.69 -4.99 -29.66
CA VAL F 272 -4.88 -3.53 -29.72
C VAL F 272 -5.48 -3.05 -31.04
N SER F 273 -5.40 -3.89 -32.07
CA SER F 273 -5.84 -3.50 -33.40
C SER F 273 -7.34 -3.16 -33.48
N ALA F 274 -8.17 -3.87 -32.73
CA ALA F 274 -9.60 -3.54 -32.68
C ALA F 274 -9.79 -2.21 -32.01
N LEU F 275 -9.08 -2.05 -30.89
CA LEU F 275 -9.12 -0.81 -30.13
C LEU F 275 -8.58 0.38 -30.94
N LEU F 276 -7.77 0.08 -31.95
CA LEU F 276 -7.26 1.09 -32.86
C LEU F 276 -8.25 1.51 -33.97
N GLY F 277 -9.34 0.77 -34.12
CA GLY F 277 -10.34 1.08 -35.15
C GLY F 277 -10.13 0.45 -36.52
N ARG F 278 -9.21 -0.50 -36.64
CA ARG F 278 -9.01 -1.17 -37.93
C ARG F 278 -10.11 -2.18 -38.22
N ILE F 279 -10.52 -2.30 -39.49
CA ILE F 279 -11.33 -3.43 -39.92
C ILE F 279 -10.51 -4.72 -39.81
N PRO F 280 -11.05 -5.74 -39.09
CA PRO F 280 -10.31 -7.02 -38.93
C PRO F 280 -10.03 -7.73 -40.26
N SER F 281 -8.96 -8.51 -40.28
CA SER F 281 -8.59 -9.29 -41.43
C SER F 281 -8.93 -10.76 -41.12
N ALA F 282 -8.39 -11.70 -41.90
CA ALA F 282 -8.73 -13.12 -41.74
C ALA F 282 -8.46 -13.66 -40.32
N VAL F 283 -9.35 -14.53 -39.85
CA VAL F 283 -9.29 -15.12 -38.49
C VAL F 283 -9.27 -14.06 -37.39
N GLY F 284 -9.82 -12.88 -37.67
CA GLY F 284 -9.90 -11.80 -36.71
C GLY F 284 -8.61 -11.03 -36.44
N TYR F 285 -7.55 -11.31 -37.19
CA TYR F 285 -6.26 -10.62 -37.01
C TYR F 285 -6.24 -9.19 -37.57
N GLN F 286 -5.30 -8.38 -37.08
CA GLN F 286 -4.96 -7.06 -37.65
C GLN F 286 -4.72 -7.13 -39.16
N PRO F 287 -5.23 -6.14 -39.93
CA PRO F 287 -4.93 -6.16 -41.37
C PRO F 287 -3.46 -5.88 -41.66
N THR F 288 -2.73 -5.42 -40.64
CA THR F 288 -1.32 -5.05 -40.77
C THR F 288 -0.37 -6.18 -40.35
N LEU F 289 -0.92 -7.38 -40.19
CA LEU F 289 -0.17 -8.51 -39.66
C LEU F 289 1.20 -8.67 -40.32
N ALA F 290 1.22 -8.71 -41.65
CA ALA F 290 2.44 -8.99 -42.38
C ALA F 290 3.41 -7.81 -42.42
N THR F 291 2.89 -6.59 -42.55
CA THR F 291 3.80 -5.43 -42.55
C THR F 291 4.36 -5.11 -41.17
N ASP F 292 3.56 -5.29 -40.10
CA ASP F 292 4.06 -5.20 -38.73
C ASP F 292 5.15 -6.23 -38.55
N MET F 293 4.91 -7.46 -39.04
CA MET F 293 5.89 -8.52 -38.93
C MET F 293 7.15 -8.24 -39.74
N GLY F 294 6.95 -7.70 -40.95
CA GLY F 294 8.05 -7.38 -41.85
C GLY F 294 9.02 -6.35 -41.27
N THR F 295 8.50 -5.24 -40.79
CA THR F 295 9.36 -4.15 -40.30
C THR F 295 10.07 -4.48 -38.99
N MET F 296 9.52 -5.44 -38.24
CA MET F 296 10.21 -6.01 -37.09
C MET F 296 11.24 -7.10 -37.50
N GLN F 297 10.82 -8.08 -38.29
CA GLN F 297 11.73 -9.19 -38.65
C GLN F 297 12.98 -8.74 -39.45
N GLU F 298 12.80 -7.76 -40.34
CA GLU F 298 13.87 -7.32 -41.22
C GLU F 298 15.03 -6.61 -40.50
N ARG F 299 14.81 -6.24 -39.24
CA ARG F 299 15.87 -5.74 -38.37
C ARG F 299 16.65 -6.88 -37.72
N ILE F 300 16.03 -8.05 -37.66
CA ILE F 300 16.67 -9.23 -37.07
C ILE F 300 17.44 -9.88 -38.18
N THR F 301 18.69 -9.47 -38.32
CA THR F 301 19.47 -9.83 -39.49
C THR F 301 20.96 -9.57 -39.35
N THR F 302 21.72 -10.42 -40.00
CA THR F 302 23.13 -10.22 -40.25
C THR F 302 23.26 -9.14 -41.32
N THR F 303 24.25 -8.27 -41.15
CA THR F 303 24.61 -7.29 -42.17
C THR F 303 26.10 -7.39 -42.46
N LYS F 304 26.58 -6.63 -43.44
CA LYS F 304 28.00 -6.55 -43.74
C LYS F 304 28.85 -6.09 -42.56
N LYS F 305 28.20 -5.43 -41.59
CA LYS F 305 28.87 -4.84 -40.44
C LYS F 305 29.07 -5.83 -39.31
N GLY F 306 28.22 -6.85 -39.26
CA GLY F 306 28.20 -7.82 -38.17
C GLY F 306 27.14 -8.89 -38.32
N SER F 307 27.35 -9.99 -37.61
CA SER F 307 26.51 -11.17 -37.71
C SER F 307 25.52 -11.27 -36.54
N ILE F 308 24.26 -11.56 -36.87
CA ILE F 308 23.31 -12.01 -35.84
C ILE F 308 22.80 -13.40 -36.19
N THR F 309 23.13 -14.37 -35.34
CA THR F 309 22.49 -15.67 -35.39
C THR F 309 21.28 -15.59 -34.47
N SER F 310 20.09 -15.60 -35.06
CA SER F 310 18.86 -15.47 -34.30
C SER F 310 18.09 -16.78 -34.25
N VAL F 311 17.57 -17.11 -33.07
CA VAL F 311 16.75 -18.28 -32.85
C VAL F 311 15.44 -17.84 -32.20
N GLN F 312 14.34 -18.08 -32.90
CA GLN F 312 13.03 -17.62 -32.47
C GLN F 312 12.10 -18.81 -32.29
N ALA F 313 11.50 -18.91 -31.11
CA ALA F 313 10.44 -19.87 -30.87
C ALA F 313 9.14 -19.22 -31.37
N ILE F 314 8.33 -20.02 -32.06
CA ILE F 314 7.16 -19.53 -32.77
C ILE F 314 6.01 -20.45 -32.38
N TYR F 315 5.16 -19.95 -31.49
CA TYR F 315 3.97 -20.68 -31.05
C TYR F 315 2.99 -20.86 -32.21
N VAL F 316 2.37 -22.04 -32.30
CA VAL F 316 1.40 -22.34 -33.36
C VAL F 316 -0.01 -22.50 -32.79
N PRO F 317 -0.85 -21.45 -32.97
CA PRO F 317 -2.20 -21.40 -32.42
C PRO F 317 -3.06 -22.55 -32.91
N ALA F 318 -3.57 -23.34 -31.96
CA ALA F 318 -4.47 -24.44 -32.25
C ALA F 318 -3.80 -25.49 -33.13
N ASP F 319 -2.47 -25.58 -33.04
CA ASP F 319 -1.68 -26.49 -33.86
C ASP F 319 -1.83 -26.23 -35.38
N ASP F 320 -2.46 -25.12 -35.75
CA ASP F 320 -2.73 -24.83 -37.16
C ASP F 320 -1.59 -24.01 -37.79
N LEU F 321 -0.71 -24.69 -38.52
CA LEU F 321 0.38 -24.02 -39.22
C LEU F 321 -0.09 -23.09 -40.35
N THR F 322 -1.34 -23.26 -40.81
CA THR F 322 -1.90 -22.36 -41.85
C THR F 322 -2.43 -21.06 -41.24
N ASP F 323 -2.45 -20.97 -39.91
CA ASP F 323 -2.92 -19.76 -39.24
C ASP F 323 -2.04 -18.57 -39.67
N PRO F 324 -2.67 -17.42 -39.99
CA PRO F 324 -1.93 -16.25 -40.45
C PRO F 324 -0.60 -15.94 -39.77
N ALA F 325 -0.52 -16.06 -38.44
CA ALA F 325 0.73 -15.72 -37.74
C ALA F 325 1.92 -16.64 -38.08
N PRO F 326 1.77 -17.97 -37.86
CA PRO F 326 2.89 -18.82 -38.31
C PRO F 326 3.07 -18.84 -39.83
N ALA F 327 1.97 -18.88 -40.58
CA ALA F 327 2.05 -18.91 -42.04
C ALA F 327 2.92 -17.80 -42.59
N THR F 328 2.79 -16.60 -42.02
CA THR F 328 3.50 -15.41 -42.48
C THR F 328 4.96 -15.42 -42.03
N THR F 329 5.25 -16.17 -40.98
CA THR F 329 6.57 -16.21 -40.37
C THR F 329 7.63 -16.98 -41.19
N PHE F 330 7.22 -18.03 -41.91
CA PHE F 330 8.11 -18.93 -42.70
C PHE F 330 9.07 -18.19 -43.64
N ALA F 331 8.60 -17.15 -44.31
CA ALA F 331 9.40 -16.39 -45.28
C ALA F 331 10.50 -15.51 -44.65
N HIS F 332 10.54 -15.42 -43.32
CA HIS F 332 11.56 -14.64 -42.65
C HIS F 332 12.74 -15.48 -42.16
N LEU F 333 12.78 -16.74 -42.55
CA LEU F 333 13.73 -17.67 -41.95
C LEU F 333 14.64 -18.35 -42.95
N ASP F 334 15.84 -18.68 -42.49
CA ASP F 334 16.81 -19.44 -43.27
C ASP F 334 16.74 -20.94 -42.93
N ALA F 335 16.38 -21.27 -41.69
CA ALA F 335 16.16 -22.66 -41.30
C ALA F 335 14.91 -22.71 -40.47
N THR F 336 14.03 -23.66 -40.76
CA THR F 336 12.85 -23.83 -39.93
C THR F 336 12.90 -25.19 -39.27
N THR F 337 12.64 -25.20 -37.95
CA THR F 337 12.51 -26.45 -37.23
C THR F 337 11.04 -26.50 -36.79
N VAL F 338 10.28 -27.40 -37.42
CA VAL F 338 8.83 -27.50 -37.18
C VAL F 338 8.55 -28.70 -36.26
N LEU F 339 8.09 -28.42 -35.05
CA LEU F 339 7.76 -29.48 -34.06
C LEU F 339 6.33 -29.94 -34.21
N SER F 340 6.10 -31.23 -34.04
CA SER F 340 4.79 -31.81 -34.28
C SER F 340 4.26 -32.50 -33.02
N ARG F 341 3.03 -32.17 -32.62
CA ARG F 341 2.40 -32.86 -31.48
C ARG F 341 2.30 -34.37 -31.69
N ALA F 342 1.89 -34.80 -32.87
CA ALA F 342 1.75 -36.24 -33.14
C ALA F 342 3.06 -36.97 -32.86
N ILE F 343 4.17 -36.32 -33.17
CA ILE F 343 5.48 -36.93 -33.04
C ILE F 343 5.92 -36.94 -31.58
N ALA F 344 5.66 -35.83 -30.90
CA ALA F 344 5.90 -35.72 -29.47
C ALA F 344 5.15 -36.80 -28.73
N GLU F 345 3.91 -37.07 -29.16
CA GLU F 345 3.04 -38.03 -28.49
C GLU F 345 3.44 -39.47 -28.76
N LEU F 346 4.27 -39.70 -29.78
CA LEU F 346 4.86 -41.01 -30.00
C LEU F 346 6.15 -41.20 -29.18
N GLY F 347 6.48 -40.21 -28.36
CA GLY F 347 7.70 -40.25 -27.55
C GLY F 347 8.96 -39.83 -28.30
N ILE F 348 8.80 -39.38 -29.54
CA ILE F 348 9.94 -38.92 -30.32
C ILE F 348 10.27 -37.46 -29.96
N TYR F 349 11.41 -37.26 -29.30
CA TYR F 349 11.92 -35.94 -28.90
C TYR F 349 13.37 -35.78 -29.33
N PRO F 350 13.75 -34.57 -29.81
CA PRO F 350 12.92 -33.39 -30.11
C PRO F 350 11.89 -33.79 -31.17
N ALA F 351 10.67 -33.27 -31.08
CA ALA F 351 9.56 -33.74 -31.88
C ALA F 351 9.54 -33.13 -33.27
N VAL F 352 10.69 -33.16 -33.94
CA VAL F 352 10.87 -32.45 -35.21
C VAL F 352 10.19 -33.22 -36.32
N ASP F 353 9.39 -32.50 -37.12
CA ASP F 353 8.86 -33.07 -38.35
C ASP F 353 9.98 -33.07 -39.38
N PRO F 354 10.46 -34.27 -39.76
CA PRO F 354 11.61 -34.35 -40.66
C PRO F 354 11.27 -34.04 -42.13
N LEU F 355 9.98 -33.95 -42.44
CA LEU F 355 9.50 -33.57 -43.78
C LEU F 355 8.89 -32.16 -43.85
N ASP F 356 8.88 -31.41 -42.76
CA ASP F 356 8.31 -30.06 -42.73
C ASP F 356 9.36 -29.05 -42.26
N SER F 357 10.54 -29.56 -41.92
CA SER F 357 11.65 -28.72 -41.52
C SER F 357 12.58 -28.64 -42.71
N THR F 358 12.97 -27.41 -43.06
CA THR F 358 13.79 -27.14 -44.24
C THR F 358 14.89 -26.11 -43.93
N SER F 359 15.91 -26.05 -44.78
CA SER F 359 17.01 -25.09 -44.62
C SER F 359 17.49 -24.57 -45.99
N ARG F 360 17.82 -23.29 -46.05
CA ARG F 360 18.23 -22.65 -47.29
C ARG F 360 19.66 -23.08 -47.70
N ILE F 361 20.37 -23.72 -46.76
CA ILE F 361 21.72 -24.23 -47.03
C ILE F 361 21.77 -25.76 -47.26
N MET F 362 20.60 -26.43 -47.33
CA MET F 362 20.52 -27.83 -47.75
C MET F 362 20.75 -27.89 -49.27
N ASP F 363 22.02 -28.04 -49.63
CA ASP F 363 22.53 -27.81 -50.97
C ASP F 363 23.90 -28.47 -51.04
N PRO F 364 24.11 -29.36 -52.03
CA PRO F 364 25.37 -30.14 -52.07
C PRO F 364 26.63 -29.28 -52.14
N ASN F 365 26.53 -28.11 -52.75
CA ASN F 365 27.66 -27.18 -52.86
C ASN F 365 28.05 -26.52 -51.55
N ILE F 366 27.15 -26.56 -50.58
CA ILE F 366 27.43 -25.99 -49.27
C ILE F 366 27.78 -27.08 -48.24
N VAL F 367 26.93 -28.10 -48.14
CA VAL F 367 27.13 -29.14 -47.13
C VAL F 367 27.90 -30.36 -47.64
N GLY F 368 28.18 -30.39 -48.94
CA GLY F 368 28.83 -31.56 -49.56
C GLY F 368 27.78 -32.53 -50.07
N SER F 369 28.15 -33.31 -51.09
CA SER F 369 27.24 -34.31 -51.69
C SER F 369 26.85 -35.43 -50.74
N GLU F 370 27.77 -35.88 -49.90
CA GLU F 370 27.52 -36.96 -48.96
C GLU F 370 26.43 -36.57 -47.96
N HIS F 371 26.63 -35.44 -47.28
CA HIS F 371 25.64 -34.90 -46.37
C HIS F 371 24.29 -34.74 -47.09
N TYR F 372 24.33 -34.15 -48.28
CA TYR F 372 23.13 -33.86 -49.06
C TYR F 372 22.36 -35.12 -49.46
N ASP F 373 23.09 -36.15 -49.90
CA ASP F 373 22.49 -37.42 -50.36
C ASP F 373 21.89 -38.25 -49.22
N VAL F 374 22.59 -38.35 -48.10
CA VAL F 374 22.03 -39.07 -46.94
C VAL F 374 20.72 -38.44 -46.50
N ALA F 375 20.73 -37.10 -46.41
CA ALA F 375 19.57 -36.32 -46.01
C ALA F 375 18.37 -36.58 -46.91
N ARG F 376 18.54 -36.43 -48.22
CA ARG F 376 17.46 -36.71 -49.18
C ARG F 376 17.01 -38.17 -49.16
N GLY F 377 17.94 -39.07 -48.87
CA GLY F 377 17.63 -40.49 -48.83
C GLY F 377 16.83 -40.84 -47.57
N VAL F 378 17.14 -40.17 -46.47
CA VAL F 378 16.36 -40.30 -45.25
C VAL F 378 14.94 -39.78 -45.50
N GLN F 379 14.83 -38.63 -46.17
CA GLN F 379 13.53 -38.03 -46.37
C GLN F 379 12.68 -38.84 -47.35
N LYS F 380 13.32 -39.45 -48.33
CA LYS F 380 12.63 -40.32 -49.27
C LYS F 380 11.97 -41.53 -48.58
N ILE F 381 12.73 -42.22 -47.74
CA ILE F 381 12.21 -43.38 -47.07
C ILE F 381 11.09 -43.02 -46.07
N LEU F 382 11.28 -41.89 -45.37
CA LEU F 382 10.23 -41.34 -44.50
C LEU F 382 8.98 -40.98 -45.29
N GLN F 383 9.15 -40.37 -46.46
CA GLN F 383 8.03 -40.07 -47.33
C GLN F 383 7.37 -41.35 -47.84
N ASP F 384 8.18 -42.32 -48.27
CA ASP F 384 7.64 -43.60 -48.74
C ASP F 384 6.89 -44.35 -47.63
N TYR F 385 7.42 -44.28 -46.41
CA TYR F 385 6.75 -44.85 -45.25
C TYR F 385 5.38 -44.20 -45.01
N LYS F 386 5.36 -42.87 -45.01
CA LYS F 386 4.15 -42.07 -44.79
C LYS F 386 3.03 -42.44 -45.74
N SER F 387 3.39 -42.66 -47.00
CA SER F 387 2.44 -43.04 -48.05
C SER F 387 1.85 -44.43 -47.84
N LEU F 388 2.55 -45.26 -47.07
CA LEU F 388 2.12 -46.63 -46.81
C LEU F 388 1.21 -46.73 -45.58
N GLN F 389 1.03 -45.61 -44.87
CA GLN F 389 0.39 -45.62 -43.56
C GLN F 389 -1.14 -45.75 -43.55
N ASP F 390 -1.81 -45.36 -44.63
CA ASP F 390 -3.26 -45.59 -44.75
C ASP F 390 -3.58 -47.08 -44.87
N ILE F 391 -2.78 -47.79 -45.66
CA ILE F 391 -2.93 -49.25 -45.80
C ILE F 391 -2.66 -49.95 -44.47
N ILE F 392 -1.54 -49.59 -43.85
CA ILE F 392 -1.13 -50.16 -42.57
C ILE F 392 -2.21 -49.96 -41.50
N ALA F 393 -2.80 -48.77 -41.48
CA ALA F 393 -3.84 -48.43 -40.53
C ALA F 393 -4.98 -49.46 -40.55
N ILE F 394 -5.50 -49.74 -41.74
CA ILE F 394 -6.61 -50.69 -41.88
C ILE F 394 -6.16 -52.16 -41.79
N LEU F 395 -5.20 -52.54 -42.64
CA LEU F 395 -4.84 -53.96 -42.77
C LEU F 395 -3.57 -54.41 -42.05
N GLY F 396 -2.74 -53.47 -41.61
CA GLY F 396 -1.49 -53.80 -40.91
C GLY F 396 -0.33 -54.29 -41.77
N MET F 397 0.74 -54.72 -41.11
CA MET F 397 2.00 -55.12 -41.77
C MET F 397 1.85 -56.28 -42.75
N ASP F 398 1.06 -57.27 -42.37
CA ASP F 398 1.06 -58.57 -43.03
C ASP F 398 0.56 -58.54 -44.47
N GLU F 399 -0.14 -57.46 -44.84
CA GLU F 399 -0.65 -57.30 -46.20
C GLU F 399 0.32 -56.56 -47.11
N LEU F 400 1.48 -56.17 -46.57
CA LEU F 400 2.49 -55.47 -47.38
C LEU F 400 3.43 -56.46 -48.05
N SER F 401 3.97 -56.06 -49.21
CA SER F 401 5.02 -56.81 -49.89
C SER F 401 6.30 -56.76 -49.07
N GLU F 402 7.19 -57.73 -49.29
CA GLU F 402 8.42 -57.82 -48.51
C GLU F 402 9.29 -56.58 -48.67
N GLU F 403 9.24 -55.99 -49.86
CA GLU F 403 9.95 -54.76 -50.19
C GLU F 403 9.41 -53.58 -49.37
N ASP F 404 8.09 -53.57 -49.18
CA ASP F 404 7.41 -52.55 -48.37
C ASP F 404 7.67 -52.68 -46.88
N LYS F 405 7.74 -53.92 -46.39
CA LYS F 405 8.06 -54.19 -44.99
C LYS F 405 9.46 -53.67 -44.67
N LEU F 406 10.36 -53.75 -45.65
CA LEU F 406 11.72 -53.30 -45.47
C LEU F 406 11.81 -51.77 -45.36
N THR F 407 11.07 -51.05 -46.21
CA THR F 407 11.07 -49.59 -46.11
C THR F 407 10.42 -49.15 -44.81
N VAL F 408 9.37 -49.87 -44.41
CA VAL F 408 8.71 -49.65 -43.11
C VAL F 408 9.67 -49.87 -41.94
N SER F 409 10.33 -51.02 -41.90
CA SER F 409 11.22 -51.32 -40.76
C SER F 409 12.40 -50.34 -40.66
N ARG F 410 13.01 -50.02 -41.80
CA ARG F 410 14.09 -49.04 -41.87
C ARG F 410 13.64 -47.63 -41.53
N ALA F 411 12.48 -47.22 -42.08
CA ALA F 411 11.89 -45.92 -41.78
C ALA F 411 11.62 -45.76 -40.29
N ARG F 412 11.13 -46.82 -39.67
CA ARG F 412 10.86 -46.79 -38.23
C ARG F 412 12.15 -46.74 -37.40
N LYS F 413 13.21 -47.33 -37.93
CA LYS F 413 14.51 -47.25 -37.27
C LYS F 413 15.12 -45.85 -37.40
N ILE F 414 14.94 -45.25 -38.58
CA ILE F 414 15.37 -43.88 -38.85
C ILE F 414 14.61 -42.87 -37.98
N GLN F 415 13.28 -42.98 -37.94
CA GLN F 415 12.44 -42.12 -37.10
C GLN F 415 12.91 -42.12 -35.66
N ARG F 416 13.34 -43.28 -35.19
CA ARG F 416 13.84 -43.44 -33.82
C ARG F 416 15.25 -42.90 -33.67
N PHE F 417 16.08 -43.07 -34.70
CA PHE F 417 17.46 -42.57 -34.61
C PHE F 417 17.55 -41.04 -34.72
N LEU F 418 16.45 -40.40 -35.12
CA LEU F 418 16.35 -38.93 -35.12
C LEU F 418 16.04 -38.37 -33.72
N SER F 419 15.58 -39.24 -32.82
CA SER F 419 15.37 -38.85 -31.42
C SER F 419 16.71 -38.75 -30.68
N GLN F 420 16.73 -38.05 -29.55
CA GLN F 420 17.97 -37.69 -28.89
C GLN F 420 17.73 -37.20 -27.48
N PRO F 421 18.54 -37.66 -26.51
CA PRO F 421 18.36 -37.16 -25.14
C PRO F 421 19.01 -35.79 -25.00
N PHE F 422 18.22 -34.79 -24.60
CA PHE F 422 18.72 -33.44 -24.38
C PHE F 422 19.18 -33.30 -22.92
N GLN F 423 20.34 -32.66 -22.71
CA GLN F 423 20.82 -32.32 -21.36
C GLN F 423 19.75 -31.60 -20.54
N VAL F 424 19.13 -30.62 -21.19
CA VAL F 424 18.05 -29.82 -20.63
C VAL F 424 16.77 -30.63 -20.31
N ALA F 425 16.64 -31.84 -20.87
CA ALA F 425 15.44 -32.66 -20.68
C ALA F 425 15.64 -33.96 -19.89
N GLU F 426 16.69 -34.03 -19.09
CA GLU F 426 17.08 -35.29 -18.44
C GLU F 426 16.03 -35.83 -17.45
N VAL F 427 15.25 -34.93 -16.85
CA VAL F 427 14.21 -35.31 -15.89
C VAL F 427 13.05 -36.02 -16.59
N PHE F 428 12.79 -35.63 -17.84
CA PHE F 428 11.66 -36.19 -18.59
C PHE F 428 12.02 -37.45 -19.37
N THR F 429 13.26 -37.52 -19.86
CA THR F 429 13.73 -38.66 -20.64
C THR F 429 14.22 -39.82 -19.78
N GLY F 430 14.80 -39.50 -18.63
CA GLY F 430 15.51 -40.50 -17.83
C GLY F 430 16.85 -40.93 -18.45
N HIS F 431 17.31 -40.19 -19.46
CA HIS F 431 18.62 -40.45 -20.08
C HIS F 431 19.55 -39.25 -19.96
N LEU F 432 20.84 -39.52 -19.92
CA LEU F 432 21.87 -38.47 -19.95
C LEU F 432 21.90 -37.79 -21.32
N GLY F 433 21.92 -36.45 -21.32
CA GLY F 433 21.96 -35.68 -22.57
C GLY F 433 23.11 -36.04 -23.51
N LYS F 434 22.84 -36.03 -24.82
CA LYS F 434 23.85 -36.39 -25.83
C LYS F 434 24.00 -35.36 -26.96
N LEU F 435 25.23 -35.21 -27.42
CA LEU F 435 25.60 -34.29 -28.48
C LEU F 435 26.43 -35.08 -29.50
N VAL F 436 25.93 -35.13 -30.75
CA VAL F 436 26.53 -35.94 -31.80
C VAL F 436 27.19 -35.06 -32.87
N PRO F 437 28.49 -35.29 -33.13
CA PRO F 437 29.20 -34.56 -34.20
C PRO F 437 28.59 -34.85 -35.55
N LEU F 438 28.62 -33.86 -36.45
CA LEU F 438 27.96 -33.96 -37.75
C LEU F 438 28.32 -35.22 -38.54
N LYS F 439 29.62 -35.51 -38.62
CA LYS F 439 30.12 -36.65 -39.42
C LYS F 439 29.59 -37.98 -38.91
N GLU F 440 29.36 -38.07 -37.60
CA GLU F 440 28.78 -39.25 -36.98
C GLU F 440 27.29 -39.42 -37.28
N THR F 441 26.58 -38.29 -37.31
CA THR F 441 25.18 -38.24 -37.68
C THR F 441 25.02 -38.76 -39.10
N ILE F 442 25.79 -38.20 -40.04
CA ILE F 442 25.78 -38.64 -41.42
C ILE F 442 26.05 -40.15 -41.51
N LYS F 443 27.15 -40.58 -40.89
CA LYS F 443 27.55 -41.99 -40.85
C LYS F 443 26.41 -42.89 -40.36
N GLY F 444 25.82 -42.53 -39.22
CA GLY F 444 24.76 -43.32 -38.61
C GLY F 444 23.58 -43.56 -39.54
N PHE F 445 23.06 -42.48 -40.13
CA PHE F 445 21.91 -42.58 -41.04
C PHE F 445 22.28 -43.23 -42.38
N GLN F 446 23.51 -43.01 -42.82
CA GLN F 446 24.06 -43.63 -44.02
C GLN F 446 24.05 -45.16 -43.87
N GLN F 447 24.48 -45.61 -42.69
CA GLN F 447 24.56 -47.04 -42.38
C GLN F 447 23.19 -47.70 -42.28
N ILE F 448 22.22 -47.01 -41.65
CA ILE F 448 20.86 -47.55 -41.57
C ILE F 448 20.29 -47.72 -42.98
N LEU F 449 20.38 -46.67 -43.80
CA LEU F 449 19.92 -46.70 -45.20
C LEU F 449 20.56 -47.81 -46.05
N ALA F 450 21.82 -48.13 -45.77
CA ALA F 450 22.53 -49.18 -46.53
C ALA F 450 22.14 -50.58 -46.07
N GLY F 451 21.21 -50.65 -45.12
CA GLY F 451 20.70 -51.91 -44.58
C GLY F 451 21.58 -52.57 -43.53
N GLU F 452 22.59 -51.85 -43.05
CA GLU F 452 23.59 -52.41 -42.13
C GLU F 452 23.04 -52.88 -40.78
N TYR F 453 21.86 -52.39 -40.39
CA TYR F 453 21.28 -52.72 -39.08
C TYR F 453 19.86 -53.27 -39.17
N ASP F 454 19.55 -53.92 -40.29
CA ASP F 454 18.22 -54.51 -40.51
C ASP F 454 17.88 -55.63 -39.53
N HIS F 455 18.92 -56.24 -38.96
CA HIS F 455 18.78 -57.30 -37.96
C HIS F 455 18.50 -56.75 -36.54
N LEU F 456 18.75 -55.46 -36.32
CA LEU F 456 18.56 -54.84 -35.02
C LEU F 456 17.10 -54.45 -34.76
N PRO F 457 16.65 -54.54 -33.49
CA PRO F 457 15.29 -54.08 -33.18
C PRO F 457 15.15 -52.55 -33.08
N GLU F 458 14.05 -52.02 -33.62
CA GLU F 458 13.68 -50.58 -33.57
C GLU F 458 14.12 -49.87 -32.30
N GLN F 459 13.67 -50.41 -31.17
CA GLN F 459 13.86 -49.80 -29.86
C GLN F 459 15.32 -49.47 -29.54
N ALA F 460 16.27 -50.17 -30.16
CA ALA F 460 17.70 -49.92 -29.94
C ALA F 460 18.13 -48.52 -30.40
N PHE F 461 17.38 -47.97 -31.37
CA PHE F 461 17.73 -46.70 -32.00
C PHE F 461 17.10 -45.50 -31.30
N TYR F 462 16.18 -45.77 -30.38
CA TYR F 462 15.47 -44.73 -29.63
C TYR F 462 16.32 -44.12 -28.51
N MET F 463 16.28 -42.79 -28.41
CA MET F 463 16.95 -42.02 -27.35
C MET F 463 18.43 -42.32 -27.13
N VAL F 464 19.18 -42.41 -28.23
CA VAL F 464 20.61 -42.64 -28.12
C VAL F 464 21.32 -41.49 -28.78
N GLY F 465 22.66 -41.52 -28.74
CA GLY F 465 23.48 -40.52 -29.38
C GLY F 465 23.98 -41.03 -30.70
N PRO F 466 25.27 -41.41 -30.77
CA PRO F 466 25.86 -41.93 -32.00
C PRO F 466 25.38 -43.35 -32.25
N ILE F 467 25.55 -43.82 -33.48
CA ILE F 467 25.09 -45.14 -33.88
C ILE F 467 25.61 -46.28 -32.98
N GLU F 468 26.83 -46.12 -32.44
CA GLU F 468 27.47 -47.14 -31.61
C GLU F 468 26.69 -47.42 -30.34
N GLU F 469 25.95 -46.40 -29.87
CA GLU F 469 25.11 -46.53 -28.69
C GLU F 469 23.87 -47.36 -29.02
N ALA F 470 23.41 -47.26 -30.26
CA ALA F 470 22.30 -48.08 -30.75
C ALA F 470 22.69 -49.56 -30.78
N VAL F 471 23.93 -49.83 -31.21
CA VAL F 471 24.45 -51.20 -31.22
C VAL F 471 24.57 -51.74 -29.78
N ALA F 472 25.14 -50.92 -28.88
CA ALA F 472 25.29 -51.32 -27.47
C ALA F 472 23.94 -51.56 -26.80
N LYS F 473 22.95 -50.73 -27.13
CA LYS F 473 21.58 -50.88 -26.64
C LYS F 473 20.92 -52.17 -27.16
N ALA F 474 21.21 -52.51 -28.41
CA ALA F 474 20.72 -53.77 -29.00
C ALA F 474 21.35 -54.99 -28.33
N ASP F 475 22.62 -54.86 -27.95
CA ASP F 475 23.37 -55.93 -27.27
C ASP F 475 22.90 -56.10 -25.83
N LYS F 476 22.63 -54.98 -25.15
CA LYS F 476 22.12 -54.99 -23.78
C LYS F 476 20.71 -55.56 -23.73
N LEU F 477 19.95 -55.36 -24.81
CA LEU F 477 18.64 -55.98 -24.96
C LEU F 477 18.75 -57.48 -25.21
N ALA F 478 19.92 -57.90 -25.69
CA ALA F 478 20.30 -59.31 -25.86
C ALA F 478 19.20 -60.19 -26.45
N ALA G 1 -9.04 -32.64 -44.87
CA ALA G 1 -8.89 -31.17 -45.06
C ALA G 1 -10.25 -30.49 -45.27
N THR G 2 -10.93 -30.85 -46.35
CA THR G 2 -12.20 -30.26 -46.75
C THR G 2 -13.36 -31.20 -46.44
N LEU G 3 -14.55 -30.63 -46.22
CA LEU G 3 -15.74 -31.41 -45.90
C LEU G 3 -16.04 -32.49 -46.93
N LYS G 4 -15.84 -32.16 -48.20
CA LYS G 4 -16.09 -33.08 -49.30
C LYS G 4 -15.15 -34.27 -49.23
N ASP G 5 -13.86 -34.01 -49.00
CA ASP G 5 -12.88 -35.07 -48.79
C ASP G 5 -13.34 -36.01 -47.68
N ILE G 6 -13.53 -35.44 -46.49
CA ILE G 6 -13.90 -36.18 -45.28
C ILE G 6 -15.13 -37.06 -45.52
N THR G 7 -16.19 -36.46 -46.08
CA THR G 7 -17.40 -37.21 -46.46
C THR G 7 -17.13 -38.45 -47.32
N ARG G 8 -16.21 -38.34 -48.28
CA ARG G 8 -15.92 -39.45 -49.19
C ARG G 8 -15.03 -40.51 -48.56
N ARG G 9 -14.03 -40.07 -47.78
CA ARG G 9 -13.21 -40.97 -46.98
C ARG G 9 -14.05 -41.75 -45.98
N LEU G 10 -14.98 -41.05 -45.33
CA LEU G 10 -15.92 -41.67 -44.39
C LEU G 10 -16.86 -42.67 -45.05
N LYS G 11 -17.30 -42.38 -46.28
CA LYS G 11 -18.20 -43.28 -47.01
C LYS G 11 -17.59 -44.66 -47.21
N SER G 12 -16.32 -44.69 -47.67
CA SER G 12 -15.66 -45.94 -47.97
C SER G 12 -15.25 -46.72 -46.73
N ILE G 13 -14.70 -46.03 -45.74
CA ILE G 13 -14.24 -46.70 -44.51
C ILE G 13 -15.41 -47.31 -43.73
N LYS G 14 -16.60 -46.71 -43.84
CA LYS G 14 -17.82 -47.29 -43.27
C LYS G 14 -18.21 -48.57 -44.01
N ASN G 15 -17.89 -48.62 -45.30
CA ASN G 15 -18.12 -49.81 -46.11
C ASN G 15 -17.12 -50.90 -45.75
N ILE G 16 -15.85 -50.50 -45.71
CA ILE G 16 -14.75 -51.41 -45.35
C ILE G 16 -14.99 -52.06 -44.00
N GLN G 17 -15.50 -51.30 -43.04
CA GLN G 17 -15.83 -51.81 -41.71
C GLN G 17 -16.85 -52.96 -41.74
N LYS G 18 -17.88 -52.81 -42.55
CA LYS G 18 -18.93 -53.82 -42.68
C LYS G 18 -18.46 -55.06 -43.45
N ILE G 19 -17.68 -54.83 -44.51
CA ILE G 19 -17.12 -55.92 -45.29
C ILE G 19 -16.16 -56.79 -44.47
N THR G 20 -15.24 -56.14 -43.76
CA THR G 20 -14.27 -56.89 -42.95
C THR G 20 -14.98 -57.63 -41.81
N LYS G 21 -16.08 -57.07 -41.31
CA LYS G 21 -16.88 -57.69 -40.25
C LYS G 21 -17.58 -58.96 -40.74
N SER G 22 -18.11 -58.91 -41.96
CA SER G 22 -18.79 -60.05 -42.56
C SER G 22 -17.80 -61.16 -42.86
N MET G 23 -16.65 -60.77 -43.40
CA MET G 23 -15.54 -61.69 -43.64
C MET G 23 -15.07 -62.37 -42.37
N LYS G 24 -14.95 -61.60 -41.29
CA LYS G 24 -14.61 -62.16 -39.98
C LYS G 24 -15.57 -63.26 -39.56
N MET G 25 -16.86 -63.08 -39.87
CA MET G 25 -17.92 -64.03 -39.49
C MET G 25 -17.99 -65.28 -40.38
N VAL G 26 -17.70 -65.11 -41.67
CA VAL G 26 -17.58 -66.22 -42.61
C VAL G 26 -16.37 -67.10 -42.24
N ALA G 27 -15.24 -66.46 -41.97
CA ALA G 27 -14.04 -67.13 -41.53
C ALA G 27 -14.23 -67.85 -40.19
N ALA G 28 -14.99 -67.23 -39.29
CA ALA G 28 -15.34 -67.81 -37.99
C ALA G 28 -16.11 -69.12 -38.14
N ALA G 29 -17.04 -69.14 -39.11
CA ALA G 29 -17.83 -70.32 -39.45
C ALA G 29 -16.97 -71.45 -40.03
N LYS G 30 -16.07 -71.11 -40.95
CA LYS G 30 -15.17 -72.11 -41.56
C LYS G 30 -14.18 -72.67 -40.54
N TYR G 31 -13.60 -71.79 -39.74
CA TYR G 31 -12.68 -72.17 -38.67
C TYR G 31 -13.33 -73.09 -37.64
N ALA G 32 -14.57 -72.79 -37.24
CA ALA G 32 -15.30 -73.60 -36.27
C ALA G 32 -15.46 -75.04 -36.74
N ARG G 33 -15.87 -75.21 -37.99
CA ARG G 33 -15.98 -76.54 -38.61
C ARG G 33 -14.62 -77.14 -38.90
N ALA G 34 -13.60 -76.29 -39.03
CA ALA G 34 -12.24 -76.77 -39.29
C ALA G 34 -11.57 -77.31 -38.02
N GLU G 35 -11.82 -76.67 -36.88
CA GLU G 35 -11.22 -77.12 -35.62
C GLU G 35 -11.84 -78.44 -35.14
N ARG G 36 -13.16 -78.56 -35.30
CA ARG G 36 -13.89 -79.79 -34.94
C ARG G 36 -13.53 -80.96 -35.86
N GLU G 37 -12.87 -80.65 -36.97
CA GLU G 37 -12.50 -81.63 -38.00
C GLU G 37 -11.01 -81.99 -37.90
N LEU G 38 -10.28 -81.19 -37.13
CA LEU G 38 -8.84 -81.37 -36.96
C LEU G 38 -8.50 -82.42 -35.89
N LYS G 39 -9.43 -82.66 -34.97
CA LYS G 39 -9.26 -83.67 -33.92
C LYS G 39 -9.11 -85.11 -34.46
N PRO G 40 -10.04 -85.57 -35.33
CA PRO G 40 -9.84 -86.90 -35.86
C PRO G 40 -8.95 -86.87 -37.11
N ALA G 41 -7.95 -86.00 -37.10
CA ALA G 41 -6.98 -85.88 -38.20
C ALA G 41 -5.55 -85.76 -37.67
N ARG G 42 -5.42 -85.26 -36.44
CA ARG G 42 -4.11 -85.10 -35.78
C ARG G 42 -3.50 -86.43 -35.34
N VAL G 43 -4.31 -87.26 -34.69
CA VAL G 43 -3.87 -88.61 -34.29
C VAL G 43 -3.67 -89.48 -35.53
N TYR G 44 -4.41 -89.17 -36.60
CA TYR G 44 -4.24 -89.82 -37.91
C TYR G 44 -2.93 -89.37 -38.56
N GLY G 45 -2.44 -88.21 -38.16
CA GLY G 45 -1.20 -87.66 -38.68
C GLY G 45 0.05 -88.35 -38.18
N VAL G 46 -0.09 -89.10 -37.09
CA VAL G 46 0.99 -89.92 -36.53
C VAL G 46 1.32 -91.09 -37.46
N GLY G 47 0.28 -91.72 -38.00
CA GLY G 47 0.45 -92.83 -38.94
C GLY G 47 0.15 -92.42 -40.37
N LEU G 67 13.06 -82.36 -51.84
CA LEU G 67 11.86 -81.73 -52.38
C LEU G 67 11.30 -80.69 -51.41
N ILE G 68 10.89 -79.55 -51.97
CA ILE G 68 10.18 -78.53 -51.19
C ILE G 68 8.71 -78.51 -51.59
N ILE G 69 7.84 -78.87 -50.66
CA ILE G 69 6.39 -78.77 -50.85
C ILE G 69 5.82 -77.70 -49.92
N GLY G 70 5.16 -76.69 -50.50
CA GLY G 70 4.60 -75.58 -49.74
C GLY G 70 3.08 -75.55 -49.71
N VAL G 71 2.51 -75.48 -48.50
CA VAL G 71 1.06 -75.56 -48.30
C VAL G 71 0.46 -74.31 -47.65
N SER G 72 -0.38 -73.59 -48.40
CA SER G 72 -1.23 -72.54 -47.85
C SER G 72 -2.59 -72.53 -48.57
N SER G 73 -2.86 -71.50 -49.35
CA SER G 73 -4.11 -71.38 -50.11
C SER G 73 -4.01 -70.35 -51.24
N ASP G 74 -5.12 -70.11 -51.93
CA ASP G 74 -5.21 -69.10 -52.99
C ASP G 74 -5.53 -67.74 -52.39
N ARG G 75 -6.19 -67.76 -51.24
CA ARG G 75 -6.86 -66.57 -50.70
C ARG G 75 -6.01 -65.80 -49.69
N GLY G 76 -5.81 -64.50 -49.94
CA GLY G 76 -5.08 -63.63 -49.01
C GLY G 76 -5.95 -63.06 -47.90
N LEU G 77 -5.53 -61.92 -47.36
CA LEU G 77 -6.23 -61.27 -46.25
C LEU G 77 -6.33 -62.16 -45.00
N CYS G 78 -5.37 -63.09 -44.87
CA CYS G 78 -5.25 -63.94 -43.69
C CYS G 78 -3.89 -63.72 -43.03
N GLY G 79 -3.51 -62.46 -42.87
CA GLY G 79 -2.26 -62.09 -42.21
C GLY G 79 -1.05 -62.67 -42.91
N ALA G 80 -0.15 -63.26 -42.12
CA ALA G 80 1.14 -63.75 -42.61
C ALA G 80 1.15 -65.26 -42.90
N ILE G 81 -0.02 -65.84 -43.11
CA ILE G 81 -0.16 -67.27 -43.43
C ILE G 81 0.69 -67.68 -44.65
N HIS G 82 0.59 -66.92 -45.73
CA HIS G 82 1.30 -67.26 -46.98
C HIS G 82 2.78 -66.89 -46.93
N SER G 83 3.08 -65.73 -46.35
CA SER G 83 4.46 -65.26 -46.24
C SER G 83 5.27 -66.07 -45.23
N SER G 84 4.58 -66.66 -44.25
CA SER G 84 5.19 -67.52 -43.25
C SER G 84 5.88 -68.73 -43.88
N VAL G 85 5.13 -69.46 -44.71
CA VAL G 85 5.67 -70.67 -45.36
C VAL G 85 6.64 -70.34 -46.48
N ALA G 86 6.46 -69.18 -47.11
CA ALA G 86 7.34 -68.73 -48.19
C ALA G 86 8.72 -68.34 -47.65
N LYS G 87 8.76 -67.94 -46.37
CA LYS G 87 10.01 -67.64 -45.68
C LYS G 87 10.81 -68.93 -45.48
N GLN G 88 10.09 -69.99 -45.12
CA GLN G 88 10.65 -71.32 -44.96
C GLN G 88 10.99 -71.97 -46.31
N MET G 89 10.45 -71.42 -47.38
CA MET G 89 10.55 -72.00 -48.71
C MET G 89 11.95 -71.87 -49.31
N LYS G 90 12.49 -70.64 -49.36
CA LYS G 90 13.78 -70.40 -50.01
C LYS G 90 14.84 -69.97 -49.00
N ILE G 105 10.40 -78.35 -56.35
CA ILE G 105 9.59 -77.26 -55.82
C ILE G 105 8.12 -77.42 -56.21
N ILE G 106 7.26 -77.62 -55.21
CA ILE G 106 5.83 -77.76 -55.44
C ILE G 106 5.03 -76.85 -54.50
N GLY G 107 3.98 -76.24 -55.04
CA GLY G 107 3.10 -75.39 -54.26
C GLY G 107 1.64 -75.78 -54.34
N VAL G 108 1.04 -76.05 -53.18
CA VAL G 108 -0.40 -76.23 -53.09
C VAL G 108 -1.02 -74.99 -52.45
N GLY G 109 -1.81 -74.28 -53.25
CA GLY G 109 -2.25 -72.94 -52.90
C GLY G 109 -1.66 -71.98 -53.89
N ASP G 110 -2.53 -71.23 -54.56
CA ASP G 110 -2.14 -70.32 -55.64
C ASP G 110 -1.28 -69.14 -55.19
N LYS G 111 -1.32 -68.83 -53.89
CA LYS G 111 -0.52 -67.76 -53.33
C LYS G 111 0.97 -68.16 -53.22
N ILE G 112 1.24 -69.47 -53.28
CA ILE G 112 2.61 -69.98 -53.28
C ILE G 112 3.29 -69.77 -54.64
N ARG G 113 2.56 -70.03 -55.72
CA ARG G 113 3.09 -69.84 -57.08
C ARG G 113 3.30 -68.35 -57.42
N SER G 114 2.45 -67.49 -56.87
CA SER G 114 2.48 -66.06 -57.17
C SER G 114 3.59 -65.31 -56.42
N ILE G 115 3.78 -65.65 -55.15
CA ILE G 115 4.84 -65.05 -54.33
C ILE G 115 6.23 -65.51 -54.78
N LEU G 116 6.33 -66.79 -55.13
CA LEU G 116 7.58 -67.38 -55.61
C LEU G 116 7.67 -67.32 -57.13
N THR G 127 2.16 -76.86 -58.78
CA THR G 127 1.12 -75.84 -58.89
C THR G 127 -0.26 -76.46 -58.70
N PHE G 128 -0.99 -75.98 -57.69
CA PHE G 128 -2.37 -76.41 -57.43
C PHE G 128 -3.25 -75.20 -57.11
N LYS G 129 -4.39 -75.13 -57.79
CA LYS G 129 -5.32 -74.02 -57.60
C LYS G 129 -6.62 -74.48 -56.93
N GLU G 130 -7.44 -73.50 -56.56
CA GLU G 130 -8.75 -73.71 -55.91
C GLU G 130 -8.68 -74.53 -54.60
N VAL G 131 -7.63 -74.27 -53.81
CA VAL G 131 -7.53 -74.84 -52.47
C VAL G 131 -7.83 -73.76 -51.43
N GLY G 132 -8.61 -74.12 -50.41
CA GLY G 132 -8.95 -73.19 -49.35
C GLY G 132 -10.43 -72.86 -49.22
N ARG G 133 -11.08 -72.53 -50.34
CA ARG G 133 -12.48 -72.10 -50.34
C ARG G 133 -13.44 -73.17 -49.80
N ARG G 134 -13.15 -74.43 -50.13
CA ARG G 134 -13.86 -75.56 -49.59
C ARG G 134 -12.90 -76.41 -48.74
N PRO G 135 -13.37 -76.94 -47.59
CA PRO G 135 -12.53 -77.73 -46.69
C PRO G 135 -11.86 -78.93 -47.38
N PRO G 136 -10.54 -79.12 -47.14
CA PRO G 136 -9.74 -80.14 -47.81
C PRO G 136 -10.09 -81.56 -47.40
N THR G 137 -10.18 -82.45 -48.39
CA THR G 137 -10.53 -83.86 -48.15
C THR G 137 -9.28 -84.75 -48.35
N PHE G 138 -9.40 -86.02 -47.96
CA PHE G 138 -8.39 -87.02 -48.27
C PHE G 138 -8.28 -87.17 -49.79
N GLY G 139 -9.40 -86.94 -50.48
CA GLY G 139 -9.46 -86.90 -51.94
C GLY G 139 -8.57 -85.83 -52.54
N ASP G 140 -8.49 -84.67 -51.87
CA ASP G 140 -7.58 -83.60 -52.26
C ASP G 140 -6.12 -84.03 -52.06
N ALA G 141 -5.84 -84.70 -50.95
CA ALA G 141 -4.50 -85.21 -50.63
C ALA G 141 -4.04 -86.27 -51.61
N SER G 142 -4.99 -87.08 -52.09
CA SER G 142 -4.68 -88.15 -53.05
C SER G 142 -4.41 -87.61 -54.46
N VAL G 143 -5.18 -86.61 -54.86
CA VAL G 143 -5.00 -85.95 -56.17
C VAL G 143 -3.60 -85.34 -56.30
N ILE G 144 -3.07 -84.83 -55.19
CA ILE G 144 -1.75 -84.21 -55.14
C ILE G 144 -0.64 -85.26 -55.19
N ALA G 145 -0.77 -86.29 -54.35
CA ALA G 145 0.20 -87.39 -54.30
C ALA G 145 0.30 -88.17 -55.62
N LEU G 146 -0.82 -88.25 -56.34
CA LEU G 146 -0.89 -88.95 -57.63
C LEU G 146 -0.07 -88.22 -58.70
N GLU G 147 -0.04 -86.88 -58.60
CA GLU G 147 0.73 -86.04 -59.52
C GLU G 147 2.23 -86.20 -59.29
N LEU G 148 2.61 -86.51 -58.05
CA LEU G 148 4.00 -86.76 -57.67
C LEU G 148 4.30 -88.27 -57.63
N SER G 159 10.60 -82.45 -48.01
CA SER G 159 9.95 -81.80 -46.87
C SER G 159 8.69 -81.02 -47.25
N ILE G 160 7.70 -81.06 -46.36
CA ILE G 160 6.42 -80.36 -46.56
C ILE G 160 6.25 -79.23 -45.52
N ILE G 161 5.99 -78.03 -46.02
CA ILE G 161 5.89 -76.85 -45.13
C ILE G 161 4.45 -76.34 -45.04
N PHE G 162 3.95 -76.28 -43.81
CA PHE G 162 2.56 -75.88 -43.52
C PHE G 162 2.47 -75.20 -42.15
N ASN G 163 1.33 -74.57 -41.89
CA ASN G 163 1.08 -73.89 -40.61
C ASN G 163 0.33 -74.76 -39.60
N ARG G 164 0.98 -75.05 -38.47
CA ARG G 164 0.37 -75.82 -37.39
C ARG G 164 -0.44 -74.92 -36.47
N PHE G 165 -1.72 -75.26 -36.32
CA PHE G 165 -2.66 -74.52 -35.48
C PHE G 165 -2.35 -74.71 -33.99
N ARG G 166 -2.29 -73.61 -33.26
CA ARG G 166 -2.16 -73.66 -31.80
C ARG G 166 -3.44 -73.10 -31.17
N SER G 167 -3.83 -71.91 -31.62
CA SER G 167 -5.03 -71.22 -31.15
C SER G 167 -5.52 -70.25 -32.24
N VAL G 168 -6.61 -69.54 -31.95
CA VAL G 168 -7.10 -68.48 -32.84
C VAL G 168 -6.05 -67.41 -33.12
N ILE G 169 -5.28 -67.09 -32.08
CA ILE G 169 -4.29 -66.02 -32.09
C ILE G 169 -2.95 -66.46 -32.69
N SER G 170 -2.67 -67.77 -32.68
CA SER G 170 -1.33 -68.27 -32.97
C SER G 170 -1.27 -69.48 -33.89
N TYR G 171 -0.18 -69.58 -34.65
CA TYR G 171 0.13 -70.75 -35.46
C TYR G 171 1.66 -70.85 -35.74
N LYS G 172 2.18 -72.07 -35.81
CA LYS G 172 3.59 -72.28 -36.08
C LYS G 172 3.81 -72.91 -37.45
N THR G 173 4.71 -72.31 -38.24
CA THR G 173 5.09 -72.85 -39.54
C THR G 173 5.96 -74.09 -39.38
N LEU G 201 5.73 -102.54 -49.91
CA LEU G 201 6.47 -101.35 -49.49
C LEU G 201 6.25 -100.17 -50.43
N ARG G 202 6.16 -100.45 -51.73
CA ARG G 202 5.93 -99.41 -52.73
C ARG G 202 4.44 -99.06 -52.82
N ASN G 203 3.65 -99.66 -51.93
CA ASN G 203 2.22 -99.38 -51.79
C ASN G 203 1.92 -98.86 -50.38
N TYR G 204 2.88 -99.07 -49.47
CA TYR G 204 2.83 -98.51 -48.12
C TYR G 204 3.38 -97.08 -48.14
N GLN G 205 4.42 -96.87 -48.96
CA GLN G 205 5.03 -95.55 -49.13
C GLN G 205 4.09 -94.59 -49.84
N GLU G 206 3.23 -95.13 -50.71
CA GLU G 206 2.23 -94.33 -51.43
C GLU G 206 1.12 -93.81 -50.50
N TYR G 207 0.79 -94.60 -49.48
CA TYR G 207 -0.27 -94.23 -48.54
C TYR G 207 0.24 -93.25 -47.50
N SER G 208 1.40 -93.52 -46.92
CA SER G 208 2.01 -92.63 -45.92
C SER G 208 2.38 -91.26 -46.49
N LEU G 209 2.54 -91.19 -47.81
CA LEU G 209 2.73 -89.92 -48.51
C LEU G 209 1.44 -89.12 -48.51
N ALA G 210 0.36 -89.74 -48.98
CA ALA G 210 -0.97 -89.11 -48.99
C ALA G 210 -1.41 -88.74 -47.56
N ASN G 211 -1.01 -89.56 -46.60
CA ASN G 211 -1.24 -89.29 -45.17
C ASN G 211 -0.60 -87.97 -44.70
N ILE G 212 0.62 -87.69 -45.19
CA ILE G 212 1.33 -86.46 -44.86
C ILE G 212 0.70 -85.21 -45.51
N ILE G 213 0.31 -85.34 -46.78
CA ILE G 213 -0.35 -84.26 -47.52
C ILE G 213 -1.67 -83.85 -46.86
N TYR G 214 -2.43 -84.85 -46.42
CA TYR G 214 -3.72 -84.64 -45.75
C TYR G 214 -3.60 -83.90 -44.42
N TYR G 215 -2.66 -84.37 -43.59
CA TYR G 215 -2.42 -83.78 -42.27
C TYR G 215 -2.05 -82.29 -42.36
N SER G 216 -1.19 -81.96 -43.34
CA SER G 216 -0.80 -80.57 -43.60
C SER G 216 -2.00 -79.71 -43.99
N LEU G 217 -2.85 -80.26 -44.85
CA LEU G 217 -4.00 -79.58 -45.42
C LEU G 217 -5.04 -79.23 -44.36
N LYS G 218 -5.29 -80.19 -43.47
CA LYS G 218 -6.25 -80.04 -42.37
C LYS G 218 -5.76 -79.03 -41.33
N GLU G 219 -4.44 -78.99 -41.12
CA GLU G 219 -3.82 -77.99 -40.23
C GLU G 219 -3.80 -76.63 -40.91
N SER G 220 -3.45 -76.64 -42.20
CA SER G 220 -3.39 -75.45 -43.04
C SER G 220 -4.64 -74.59 -42.93
N THR G 221 -5.80 -75.20 -43.17
CA THR G 221 -7.08 -74.49 -43.21
C THR G 221 -7.58 -74.01 -41.84
N THR G 222 -7.31 -74.79 -40.79
CA THR G 222 -7.63 -74.35 -39.44
C THR G 222 -6.84 -73.08 -39.10
N SER G 223 -5.55 -73.07 -39.43
CA SER G 223 -4.69 -71.91 -39.19
C SER G 223 -5.12 -70.70 -40.02
N GLU G 224 -5.36 -70.92 -41.31
CA GLU G 224 -5.70 -69.84 -42.25
C GLU G 224 -7.03 -69.14 -41.90
N GLN G 225 -8.06 -69.93 -41.59
CA GLN G 225 -9.40 -69.38 -41.26
C GLN G 225 -9.44 -68.68 -39.91
N SER G 226 -8.69 -69.21 -38.95
CA SER G 226 -8.42 -68.55 -37.68
C SER G 226 -7.71 -67.22 -37.88
N ALA G 227 -6.72 -67.21 -38.78
CA ALA G 227 -5.92 -66.02 -39.05
C ALA G 227 -6.74 -64.95 -39.80
N ARG G 228 -7.54 -65.37 -40.77
CA ARG G 228 -8.37 -64.47 -41.54
C ARG G 228 -9.42 -63.84 -40.63
N MET G 229 -9.96 -64.65 -39.73
CA MET G 229 -10.90 -64.18 -38.72
C MET G 229 -10.26 -63.09 -37.85
N THR G 230 -9.05 -63.35 -37.36
CA THR G 230 -8.32 -62.39 -36.54
C THR G 230 -7.95 -61.12 -37.32
N ALA G 231 -7.42 -61.31 -38.52
CA ALA G 231 -7.04 -60.20 -39.38
C ALA G 231 -8.24 -59.30 -39.66
N MET G 232 -9.34 -59.91 -40.07
CA MET G 232 -10.55 -59.18 -40.42
C MET G 232 -11.20 -58.49 -39.22
N ASP G 233 -11.20 -59.19 -38.08
CA ASP G 233 -11.62 -58.60 -36.81
C ASP G 233 -10.77 -57.38 -36.49
N ASN G 234 -9.46 -57.49 -36.68
CA ASN G 234 -8.55 -56.37 -36.47
C ASN G 234 -8.81 -55.22 -37.45
N ALA G 235 -9.02 -55.54 -38.73
CA ALA G 235 -9.27 -54.54 -39.75
C ALA G 235 -10.59 -53.83 -39.49
N SER G 236 -11.59 -54.60 -39.11
CA SER G 236 -12.92 -54.07 -38.78
C SER G 236 -12.87 -53.08 -37.61
N LYS G 237 -12.14 -53.44 -36.56
CA LYS G 237 -11.97 -52.57 -35.38
C LYS G 237 -11.13 -51.32 -35.70
N ASN G 238 -10.15 -51.46 -36.59
CA ASN G 238 -9.35 -50.34 -37.08
C ASN G 238 -10.19 -49.33 -37.85
N ALA G 239 -10.95 -49.85 -38.81
CA ALA G 239 -11.87 -49.03 -39.62
C ALA G 239 -12.79 -48.28 -38.69
N SER G 240 -13.32 -49.00 -37.71
CA SER G 240 -14.22 -48.47 -36.70
C SER G 240 -13.60 -47.27 -35.97
N GLU G 241 -12.34 -47.41 -35.54
CA GLU G 241 -11.58 -46.31 -34.92
C GLU G 241 -11.33 -45.13 -35.87
N MET G 242 -11.04 -45.43 -37.13
CA MET G 242 -10.82 -44.42 -38.16
C MET G 242 -12.09 -43.63 -38.46
N ILE G 243 -13.24 -44.32 -38.48
CA ILE G 243 -14.56 -43.69 -38.64
C ILE G 243 -14.80 -42.65 -37.56
N ASP G 244 -14.62 -43.05 -36.30
CA ASP G 244 -14.81 -42.16 -35.16
C ASP G 244 -13.96 -40.91 -35.33
N LYS G 245 -12.67 -41.12 -35.59
CA LYS G 245 -11.69 -40.05 -35.70
C LYS G 245 -12.04 -39.06 -36.81
N LEU G 246 -12.40 -39.58 -37.98
CA LEU G 246 -12.83 -38.77 -39.12
C LEU G 246 -14.13 -38.04 -38.87
N THR G 247 -15.00 -38.64 -38.06
CA THR G 247 -16.27 -38.00 -37.71
C THR G 247 -16.04 -36.76 -36.84
N LEU G 248 -15.10 -36.87 -35.90
CA LEU G 248 -14.73 -35.74 -35.05
C LEU G 248 -14.08 -34.65 -35.88
N THR G 249 -13.13 -35.03 -36.70
CA THR G 249 -12.52 -34.10 -37.66
C THR G 249 -13.59 -33.43 -38.51
N PHE G 250 -14.55 -34.21 -39.00
CA PHE G 250 -15.63 -33.67 -39.82
C PHE G 250 -16.38 -32.55 -39.11
N ASN G 251 -16.72 -32.78 -37.84
CA ASN G 251 -17.55 -31.86 -37.10
C ASN G 251 -16.78 -30.63 -36.64
N ARG G 252 -15.48 -30.79 -36.41
CA ARG G 252 -14.63 -29.64 -36.11
C ARG G 252 -14.56 -28.73 -37.32
N THR G 253 -14.35 -29.32 -38.49
CA THR G 253 -14.33 -28.55 -39.74
C THR G 253 -15.69 -27.91 -40.05
N ARG G 254 -16.76 -28.66 -39.85
CA ARG G 254 -18.11 -28.18 -40.12
C ARG G 254 -18.40 -26.91 -39.32
N GLN G 255 -18.09 -26.95 -38.03
CA GLN G 255 -18.28 -25.83 -37.16
C GLN G 255 -17.40 -24.64 -37.59
N ALA G 256 -16.15 -24.91 -37.96
CA ALA G 256 -15.22 -23.86 -38.41
C ALA G 256 -15.72 -23.14 -39.67
N VAL G 257 -16.23 -23.93 -40.60
CA VAL G 257 -16.78 -23.43 -41.87
C VAL G 257 -17.95 -22.48 -41.65
N ILE G 258 -18.87 -22.89 -40.78
CA ILE G 258 -20.04 -22.06 -40.45
C ILE G 258 -19.61 -20.76 -39.80
N THR G 259 -18.69 -20.83 -38.83
CA THR G 259 -18.23 -19.64 -38.15
C THR G 259 -17.45 -18.69 -39.07
N LYS G 260 -16.51 -19.25 -39.83
CA LYS G 260 -15.71 -18.45 -40.79
C LYS G 260 -16.63 -17.68 -41.73
N GLU G 261 -17.58 -18.38 -42.35
CA GLU G 261 -18.54 -17.76 -43.27
C GLU G 261 -19.28 -16.63 -42.59
N LEU G 262 -19.60 -16.83 -41.32
CA LEU G 262 -20.40 -15.87 -40.61
C LEU G 262 -19.55 -14.65 -40.28
N ILE G 263 -18.30 -14.87 -39.90
CA ILE G 263 -17.42 -13.75 -39.62
C ILE G 263 -17.18 -12.89 -40.88
N GLU G 264 -17.03 -13.52 -42.04
CA GLU G 264 -16.89 -12.75 -43.27
C GLU G 264 -18.07 -11.82 -43.49
N ILE G 265 -19.27 -12.32 -43.19
CA ILE G 265 -20.52 -11.56 -43.43
C ILE G 265 -20.60 -10.36 -42.51
N ILE G 266 -20.33 -10.60 -41.23
CA ILE G 266 -20.33 -9.56 -40.18
C ILE G 266 -19.25 -8.52 -40.39
N SER G 267 -18.07 -8.96 -40.82
CA SER G 267 -16.97 -8.03 -41.09
C SER G 267 -17.32 -7.15 -42.28
N GLY G 268 -17.93 -7.76 -43.31
CA GLY G 268 -18.41 -7.04 -44.48
C GLY G 268 -19.47 -6.02 -44.12
N ALA G 269 -20.38 -6.42 -43.24
CA ALA G 269 -21.51 -5.59 -42.79
C ALA G 269 -21.11 -4.44 -41.89
N ALA G 270 -20.24 -4.72 -40.92
CA ALA G 270 -19.84 -3.71 -39.95
C ALA G 270 -18.98 -2.61 -40.60
N ALA G 271 -18.29 -2.95 -41.68
CA ALA G 271 -17.41 -2.01 -42.39
C ALA G 271 -18.16 -0.95 -43.17
N LEU G 272 -19.45 -1.17 -43.39
CA LEU G 272 -20.29 -0.22 -44.13
C LEU G 272 -20.48 1.06 -43.32
N ASP H 24 52.95 -13.81 38.21
CA ASP H 24 52.62 -13.47 39.63
C ASP H 24 51.54 -12.37 39.70
N LEU H 25 50.30 -12.80 39.88
CA LEU H 25 49.16 -11.88 39.92
C LEU H 25 48.83 -11.45 41.35
N GLU H 26 49.76 -11.72 42.27
CA GLU H 26 49.67 -11.28 43.65
C GLU H 26 50.41 -9.95 43.85
N GLU H 27 51.53 -9.78 43.16
CA GLU H 27 52.38 -8.61 43.33
C GLU H 27 52.41 -7.75 42.08
N THR H 28 52.00 -8.31 40.95
CA THR H 28 51.87 -7.54 39.73
C THR H 28 50.45 -7.68 39.19
N GLY H 29 50.10 -6.82 38.25
CA GLY H 29 48.84 -6.92 37.54
C GLY H 29 49.02 -6.54 36.09
N ARG H 30 47.96 -6.70 35.30
CA ARG H 30 47.97 -6.23 33.92
C ARG H 30 46.72 -5.43 33.56
N VAL H 31 46.93 -4.32 32.84
CA VAL H 31 45.84 -3.41 32.51
C VAL H 31 44.79 -4.08 31.63
N LEU H 32 43.56 -4.13 32.13
CA LEU H 32 42.40 -4.57 31.34
C LEU H 32 41.92 -3.47 30.43
N SER H 33 41.80 -2.26 30.99
CA SER H 33 41.28 -1.11 30.26
C SER H 33 41.88 0.18 30.81
N ILE H 34 41.92 1.20 29.95
CA ILE H 34 42.51 2.48 30.31
C ILE H 34 41.86 3.63 29.56
N GLY H 35 41.43 4.63 30.31
CA GLY H 35 40.88 5.84 29.72
C GLY H 35 40.49 6.80 30.81
N ASP H 36 40.50 8.10 30.47
CA ASP H 36 40.06 9.15 31.39
C ASP H 36 40.74 9.04 32.77
N GLY H 37 42.03 8.68 32.76
CA GLY H 37 42.86 8.60 33.96
C GLY H 37 42.54 7.44 34.90
N ILE H 38 41.77 6.47 34.40
CA ILE H 38 41.44 5.28 35.15
C ILE H 38 41.99 4.05 34.44
N ALA H 39 42.88 3.33 35.12
CA ALA H 39 43.31 2.03 34.64
C ALA H 39 42.60 0.94 35.44
N ARG H 40 41.96 0.03 34.72
CA ARG H 40 41.38 -1.14 35.37
C ARG H 40 42.39 -2.27 35.21
N VAL H 41 42.80 -2.86 36.33
CA VAL H 41 43.91 -3.78 36.34
C VAL H 41 43.50 -5.14 36.88
N HIS H 42 43.82 -6.17 36.10
CA HIS H 42 43.70 -7.56 36.52
C HIS H 42 44.85 -7.92 37.47
N GLY H 43 44.57 -8.81 38.44
CA GLY H 43 45.60 -9.20 39.42
C GLY H 43 45.85 -8.15 40.50
N LEU H 44 47.13 -8.00 40.87
CA LEU H 44 47.53 -7.20 42.03
C LEU H 44 46.70 -7.62 43.25
N ARG H 45 46.60 -8.94 43.47
CA ARG H 45 45.76 -9.51 44.51
C ARG H 45 46.16 -9.07 45.92
N ASN H 46 47.43 -8.71 46.08
CA ASN H 46 47.95 -8.30 47.38
C ASN H 46 48.08 -6.79 47.56
N VAL H 47 47.53 -5.99 46.62
CA VAL H 47 47.54 -4.52 46.81
C VAL H 47 46.72 -4.11 48.00
N GLN H 48 47.19 -3.07 48.66
CA GLN H 48 46.46 -2.40 49.71
C GLN H 48 45.61 -1.29 49.09
N ALA H 49 44.52 -0.94 49.77
CA ALA H 49 43.71 0.18 49.35
C ALA H 49 44.49 1.47 49.54
N GLU H 50 44.54 2.28 48.47
CA GLU H 50 45.26 3.56 48.41
C GLU H 50 46.78 3.40 48.25
N GLU H 51 47.24 2.19 47.93
CA GLU H 51 48.66 1.95 47.67
C GLU H 51 49.04 2.45 46.28
N MET H 52 50.20 3.11 46.20
CA MET H 52 50.80 3.52 44.93
C MET H 52 51.50 2.38 44.21
N VAL H 53 51.11 2.18 42.96
CA VAL H 53 51.64 1.14 42.10
C VAL H 53 52.29 1.77 40.87
N GLU H 54 52.85 0.94 39.99
CA GLU H 54 53.67 1.46 38.91
C GLU H 54 53.41 0.75 37.60
N PHE H 55 53.21 1.55 36.56
CA PHE H 55 52.99 1.07 35.20
C PHE H 55 54.32 0.91 34.51
N SER H 56 54.38 0.05 33.50
CA SER H 56 55.62 -0.24 32.76
C SER H 56 56.35 1.00 32.27
N SER H 57 55.60 1.98 31.79
CA SER H 57 56.13 3.27 31.37
C SER H 57 56.81 4.06 32.48
N GLY H 58 56.52 3.73 33.74
CA GLY H 58 57.12 4.44 34.87
C GLY H 58 56.13 5.36 35.58
N LEU H 59 54.99 5.63 34.94
CA LEU H 59 53.93 6.39 35.59
C LEU H 59 53.42 5.67 36.83
N LYS H 60 53.06 6.46 37.84
CA LYS H 60 52.50 5.91 39.07
C LYS H 60 50.97 5.99 39.02
N GLY H 61 50.35 5.13 39.80
CA GLY H 61 48.91 5.20 39.99
C GLY H 61 48.58 4.83 41.42
N MET H 62 47.43 5.29 41.90
CA MET H 62 46.96 4.98 43.24
C MET H 62 45.74 4.09 43.16
N SER H 63 45.77 3.03 43.98
CA SER H 63 44.73 2.00 43.94
C SER H 63 43.51 2.39 44.81
N LEU H 64 42.58 3.11 44.21
CA LEU H 64 41.43 3.62 44.95
C LEU H 64 40.23 2.65 45.06
N ASN H 65 39.93 1.89 44.01
CA ASN H 65 38.92 0.84 44.08
C ASN H 65 39.56 -0.55 44.06
N LEU H 66 39.41 -1.30 45.15
CA LEU H 66 39.73 -2.73 45.15
C LEU H 66 38.43 -3.48 44.95
N GLU H 67 38.31 -4.18 43.82
CA GLU H 67 37.07 -4.87 43.47
C GLU H 67 37.37 -6.35 43.32
N PRO H 68 36.33 -7.22 43.27
CA PRO H 68 36.61 -8.66 43.18
C PRO H 68 37.45 -9.06 41.96
N ASP H 69 37.17 -8.44 40.81
CA ASP H 69 37.77 -8.81 39.52
C ASP H 69 38.75 -7.80 38.94
N ASN H 70 38.95 -6.67 39.62
CA ASN H 70 39.89 -5.63 39.15
C ASN H 70 40.26 -4.63 40.23
N VAL H 71 41.36 -3.91 40.00
CA VAL H 71 41.71 -2.73 40.77
C VAL H 71 41.50 -1.48 39.93
N GLY H 72 40.77 -0.51 40.46
CA GLY H 72 40.61 0.78 39.81
C GLY H 72 41.74 1.72 40.20
N VAL H 73 42.67 1.94 39.27
CA VAL H 73 43.90 2.69 39.54
C VAL H 73 43.82 4.07 38.88
N VAL H 74 43.97 5.07 39.73
CA VAL H 74 43.92 6.47 39.33
C VAL H 74 45.34 6.91 38.90
N VAL H 75 45.43 7.47 37.69
CA VAL H 75 46.70 7.66 36.98
C VAL H 75 47.36 9.03 37.21
N PHE H 76 48.64 9.01 37.58
CA PHE H 76 49.42 10.23 37.81
C PHE H 76 50.18 10.64 36.55
N GLY H 77 49.44 11.06 35.52
CA GLY H 77 50.04 11.46 34.26
C GLY H 77 49.13 11.26 33.07
N ASN H 78 49.73 11.28 31.88
CA ASN H 78 49.00 11.15 30.61
C ASN H 78 48.64 9.68 30.35
N ASP H 79 47.39 9.43 29.99
CA ASP H 79 46.97 8.06 29.66
C ASP H 79 47.70 7.48 28.45
N LYS H 80 48.16 8.33 27.53
CA LYS H 80 48.77 7.87 26.28
C LYS H 80 49.85 6.79 26.54
N LEU H 81 50.51 6.88 27.69
CA LEU H 81 51.59 5.96 28.06
C LEU H 81 51.11 4.61 28.64
N ILE H 82 49.80 4.45 28.77
CA ILE H 82 49.24 3.22 29.31
C ILE H 82 48.37 2.53 28.26
N LYS H 83 48.65 1.25 28.00
CA LYS H 83 47.89 0.46 27.04
C LYS H 83 47.34 -0.83 27.69
N GLU H 84 46.30 -1.39 27.07
CA GLU H 84 45.76 -2.69 27.49
C GLU H 84 46.90 -3.70 27.55
N GLY H 85 46.99 -4.41 28.68
CA GLY H 85 48.00 -5.45 28.83
C GLY H 85 49.31 -5.01 29.47
N ASP H 86 49.49 -3.71 29.65
CA ASP H 86 50.68 -3.18 30.33
C ASP H 86 50.79 -3.75 31.75
N ILE H 87 52.01 -4.14 32.12
CA ILE H 87 52.27 -4.69 33.44
C ILE H 87 52.25 -3.56 34.48
N VAL H 88 51.56 -3.81 35.59
CA VAL H 88 51.46 -2.88 36.72
C VAL H 88 52.08 -3.57 37.94
N LYS H 89 52.93 -2.86 38.69
CA LYS H 89 53.66 -3.45 39.83
C LYS H 89 53.36 -2.79 41.18
N ARG H 90 53.28 -3.61 42.23
CA ARG H 90 53.55 -3.13 43.59
C ARG H 90 55.06 -2.94 43.73
N THR H 91 55.50 -1.89 44.42
CA THR H 91 56.95 -1.66 44.58
C THR H 91 57.43 -1.45 46.03
N GLY H 92 56.52 -1.54 46.99
CA GLY H 92 56.86 -1.22 48.38
C GLY H 92 56.77 0.28 48.56
N ALA H 93 56.07 0.92 47.64
CA ALA H 93 55.86 2.36 47.66
C ALA H 93 54.95 2.78 48.79
N ILE H 94 55.28 3.94 49.34
CA ILE H 94 54.52 4.56 50.40
C ILE H 94 54.31 6.00 49.95
N VAL H 95 53.07 6.49 50.11
CA VAL H 95 52.74 7.85 49.65
C VAL H 95 53.17 8.87 50.70
N ASP H 96 54.44 9.25 50.61
CA ASP H 96 55.00 10.23 51.52
C ASP H 96 55.63 11.37 50.74
N VAL H 97 56.05 12.40 51.46
CA VAL H 97 56.66 13.58 50.89
C VAL H 97 57.87 13.98 51.72
N PRO H 98 58.85 14.67 51.09
CA PRO H 98 59.95 15.26 51.85
C PRO H 98 59.39 16.32 52.80
N VAL H 99 60.07 16.49 53.91
CA VAL H 99 59.59 17.30 55.01
C VAL H 99 60.82 17.95 55.65
N GLY H 100 60.66 19.15 56.21
CA GLY H 100 61.75 19.82 56.92
C GLY H 100 62.02 21.23 56.42
N GLU H 101 63.05 21.86 56.98
CA GLU H 101 63.35 23.27 56.67
C GLU H 101 64.02 23.46 55.31
N GLU H 102 64.46 22.36 54.70
CA GLU H 102 65.08 22.43 53.38
C GLU H 102 64.06 22.63 52.26
N LEU H 103 62.78 22.63 52.62
CA LEU H 103 61.71 22.97 51.68
C LEU H 103 61.50 24.48 51.61
N LEU H 104 61.96 25.20 52.65
CA LEU H 104 61.75 26.64 52.72
C LEU H 104 62.44 27.34 51.56
N GLY H 105 61.74 28.28 50.94
CA GLY H 105 62.26 28.97 49.77
C GLY H 105 62.09 28.23 48.46
N ARG H 106 61.50 27.04 48.53
CA ARG H 106 61.36 26.20 47.34
C ARG H 106 59.93 26.15 46.80
N VAL H 107 59.81 25.98 45.50
CA VAL H 107 58.56 25.64 44.89
C VAL H 107 58.63 24.16 44.49
N VAL H 108 57.71 23.37 45.02
CA VAL H 108 57.61 21.93 44.72
C VAL H 108 56.26 21.57 44.09
N ASP H 109 56.15 20.35 43.52
CA ASP H 109 54.87 19.83 43.06
C ASP H 109 54.18 19.12 44.21
N ALA H 110 53.06 18.44 43.89
CA ALA H 110 52.25 17.78 44.91
C ALA H 110 52.96 16.62 45.64
N LEU H 111 54.00 16.06 45.03
CA LEU H 111 54.74 14.98 45.68
C LEU H 111 56.08 15.43 46.28
N GLY H 112 56.33 16.73 46.27
CA GLY H 112 57.53 17.27 46.87
C GLY H 112 58.71 17.41 45.92
N ASN H 113 58.50 17.11 44.63
CA ASN H 113 59.55 17.35 43.63
C ASN H 113 59.78 18.83 43.36
N ALA H 114 61.04 19.23 43.36
CA ALA H 114 61.41 20.61 42.99
C ALA H 114 60.97 20.93 41.55
N ILE H 115 60.24 22.03 41.40
CA ILE H 115 59.79 22.48 40.08
C ILE H 115 60.27 23.91 39.78
N ASP H 116 61.11 24.43 40.67
CA ASP H 116 61.73 25.75 40.51
C ASP H 116 63.11 25.72 39.85
N GLY H 117 63.55 24.53 39.43
CA GLY H 117 64.79 24.38 38.69
C GLY H 117 66.05 24.68 39.49
N LYS H 118 65.96 24.53 40.80
CA LYS H 118 67.08 24.84 41.70
C LYS H 118 67.70 23.60 42.34
N GLY H 119 67.50 22.46 41.69
CA GLY H 119 68.12 21.21 42.16
C GLY H 119 67.30 20.47 43.20
N PRO H 120 67.84 19.34 43.69
CA PRO H 120 67.15 18.50 44.66
C PRO H 120 66.90 19.21 45.98
N ILE H 121 65.81 18.85 46.65
CA ILE H 121 65.57 19.25 48.02
C ILE H 121 66.57 18.47 48.89
N GLY H 122 67.20 19.15 49.83
CA GLY H 122 68.23 18.50 50.67
C GLY H 122 67.66 17.71 51.82
N SER H 123 66.39 17.32 51.70
CA SER H 123 65.58 16.78 52.79
C SER H 123 66.19 15.56 53.48
N LYS H 124 66.12 15.56 54.81
CA LYS H 124 66.68 14.49 55.63
C LYS H 124 65.59 13.64 56.31
N ALA H 125 64.33 14.06 56.10
CA ALA H 125 63.20 13.37 56.69
C ALA H 125 62.05 13.35 55.70
N ARG H 126 61.15 12.39 55.88
CA ARG H 126 59.92 12.28 55.06
C ARG H 126 58.73 11.98 55.97
N ARG H 127 57.53 12.20 55.44
CA ARG H 127 56.31 11.97 56.21
C ARG H 127 55.18 11.58 55.27
N ARG H 128 54.45 10.54 55.66
CA ARG H 128 53.22 10.14 54.95
C ARG H 128 52.31 11.34 54.76
N VAL H 129 51.72 11.47 53.56
CA VAL H 129 50.73 12.52 53.32
C VAL H 129 49.40 12.20 54.02
N GLY H 130 49.11 10.91 54.18
CA GLY H 130 47.86 10.47 54.79
C GLY H 130 48.07 10.02 56.21
N LEU H 131 47.77 10.91 57.16
CA LEU H 131 47.96 10.66 58.60
C LEU H 131 46.82 11.26 59.42
N LYS H 132 46.49 10.62 60.54
CA LYS H 132 45.43 11.09 61.42
C LYS H 132 45.80 12.39 62.12
N ALA H 133 44.80 13.26 62.28
CA ALA H 133 44.95 14.48 63.06
C ALA H 133 45.19 14.13 64.53
N PRO H 134 45.91 14.99 65.27
CA PRO H 134 45.95 14.74 66.69
C PRO H 134 44.53 14.67 67.24
N GLY H 135 44.35 13.87 68.29
CA GLY H 135 43.05 13.72 68.92
C GLY H 135 42.75 14.84 69.89
N ILE H 136 41.75 14.60 70.73
CA ILE H 136 41.26 15.59 71.70
C ILE H 136 42.29 15.96 72.78
N ILE H 137 43.01 14.97 73.27
CA ILE H 137 43.88 15.13 74.44
C ILE H 137 45.15 15.96 74.20
N PRO H 138 45.92 15.69 73.13
CA PRO H 138 47.21 16.38 72.98
C PRO H 138 47.11 17.88 72.70
N ARG H 139 45.88 18.40 72.59
CA ARG H 139 45.68 19.81 72.25
C ARG H 139 45.44 20.69 73.47
N ILE H 140 45.66 21.98 73.30
CA ILE H 140 45.28 22.98 74.29
C ILE H 140 44.61 24.15 73.57
N SER H 141 43.76 24.90 74.28
CA SER H 141 43.04 26.04 73.71
C SER H 141 43.91 26.96 72.86
N VAL H 142 43.36 27.37 71.72
CA VAL H 142 44.01 28.34 70.82
C VAL H 142 44.11 29.71 71.49
N ARG H 143 45.34 30.24 71.62
CA ARG H 143 45.56 31.44 72.45
C ARG H 143 46.51 32.46 71.84
N GLU H 144 47.48 31.98 71.07
CA GLU H 144 48.52 32.84 70.53
C GLU H 144 48.01 33.51 69.26
N PRO H 145 48.14 34.84 69.17
CA PRO H 145 47.71 35.54 67.96
C PRO H 145 48.45 35.07 66.71
N MET H 146 47.66 34.84 65.65
CA MET H 146 48.19 34.66 64.32
C MET H 146 47.87 35.94 63.54
N GLN H 147 48.87 36.83 63.50
CA GLN H 147 48.72 38.20 62.99
C GLN H 147 48.78 38.30 61.46
N THR H 148 47.67 38.72 60.84
CA THR H 148 47.62 38.87 59.38
C THR H 148 48.22 40.19 58.95
N GLY H 149 48.21 41.17 59.88
CA GLY H 149 48.67 42.51 59.56
C GLY H 149 47.59 43.32 58.88
N ILE H 150 46.44 42.68 58.66
CA ILE H 150 45.28 43.30 57.99
C ILE H 150 44.34 43.78 59.08
N LYS H 151 44.09 45.09 59.09
CA LYS H 151 43.42 45.73 60.23
C LYS H 151 42.06 45.12 60.50
N ALA H 152 41.29 44.93 59.42
CA ALA H 152 39.93 44.39 59.48
C ALA H 152 39.89 43.00 60.08
N VAL H 153 40.90 42.20 59.76
CA VAL H 153 40.96 40.81 60.25
C VAL H 153 41.42 40.82 61.71
N ASP H 154 42.63 41.37 61.95
CA ASP H 154 43.26 41.36 63.27
C ASP H 154 42.40 42.00 64.35
N SER H 155 41.64 43.03 63.99
CA SER H 155 40.68 43.66 64.90
C SER H 155 39.38 42.86 65.04
N LEU H 156 38.73 42.57 63.91
CA LEU H 156 37.34 42.06 63.92
C LEU H 156 37.15 40.58 63.62
N VAL H 157 38.16 39.93 63.04
CA VAL H 157 38.08 38.50 62.75
C VAL H 157 39.38 37.81 63.16
N PRO H 158 39.81 38.00 64.41
CA PRO H 158 41.17 37.59 64.79
C PRO H 158 41.41 36.09 64.71
N ILE H 159 42.62 35.72 64.30
CA ILE H 159 42.99 34.33 64.10
C ILE H 159 44.09 33.94 65.09
N GLY H 160 43.91 32.80 65.74
CA GLY H 160 44.89 32.28 66.67
C GLY H 160 45.64 31.11 66.08
N ARG H 161 46.83 30.85 66.61
CA ARG H 161 47.66 29.74 66.16
C ARG H 161 47.01 28.39 66.43
N GLY H 162 46.73 27.63 65.37
CA GLY H 162 46.01 26.34 65.48
C GLY H 162 44.59 26.42 64.93
N GLN H 163 44.12 27.64 64.70
CA GLN H 163 42.77 27.86 64.19
C GLN H 163 42.66 27.40 62.74
N ARG H 164 41.43 27.09 62.30
CA ARG H 164 41.14 27.01 60.88
C ARG H 164 40.13 28.11 60.58
N GLU H 165 40.54 29.06 59.76
CA GLU H 165 39.71 30.19 59.38
C GLU H 165 39.59 30.26 57.87
N LEU H 166 38.35 30.14 57.38
CA LEU H 166 38.08 30.11 55.95
C LEU H 166 38.10 31.50 55.29
N ILE H 167 38.67 31.55 54.09
CA ILE H 167 38.59 32.72 53.23
C ILE H 167 37.63 32.37 52.08
N ILE H 168 36.50 33.07 52.03
CA ILE H 168 35.42 32.70 51.14
C ILE H 168 34.81 33.93 50.46
N GLY H 169 34.49 33.78 49.19
CA GLY H 169 33.86 34.81 48.38
C GLY H 169 33.84 34.35 46.93
N ASP H 170 33.13 35.12 46.10
CA ASP H 170 33.10 34.88 44.65
C ASP H 170 34.47 35.06 44.02
N ARG H 171 34.61 34.62 42.78
CA ARG H 171 35.85 34.86 42.02
C ARG H 171 36.25 36.34 42.14
N GLN H 172 37.56 36.60 42.25
CA GLN H 172 38.09 37.95 42.00
C GLN H 172 37.68 38.96 43.06
N THR H 173 37.53 38.49 44.31
CA THR H 173 37.08 39.32 45.42
C THR H 173 38.21 39.69 46.40
N GLY H 174 39.39 39.12 46.18
CA GLY H 174 40.54 39.42 47.04
C GLY H 174 40.98 38.29 47.97
N LYS H 175 40.55 37.06 47.68
CA LYS H 175 40.79 35.92 48.57
C LYS H 175 42.28 35.59 48.76
N THR H 176 42.99 35.49 47.65
CA THR H 176 44.40 35.14 47.65
C THR H 176 45.24 36.23 48.31
N SER H 177 44.86 37.49 48.08
CA SER H 177 45.56 38.64 48.65
C SER H 177 45.57 38.65 50.18
N ILE H 178 44.45 38.29 50.82
CA ILE H 178 44.40 38.13 52.28
C ILE H 178 45.51 37.18 52.73
N ALA H 179 45.62 36.03 52.06
CA ALA H 179 46.61 35.01 52.38
C ALA H 179 48.06 35.48 52.12
N ILE H 180 48.28 36.09 50.97
CA ILE H 180 49.57 36.62 50.59
C ILE H 180 50.07 37.67 51.58
N ASP H 181 49.22 38.64 51.89
CA ASP H 181 49.57 39.69 52.83
C ASP H 181 49.89 39.10 54.21
N THR H 182 49.17 38.03 54.58
CA THR H 182 49.39 37.35 55.86
C THR H 182 50.79 36.73 55.92
N ILE H 183 51.17 36.09 54.83
CA ILE H 183 52.49 35.47 54.70
C ILE H 183 53.57 36.55 54.74
N ILE H 184 53.35 37.63 53.99
CA ILE H 184 54.31 38.75 53.97
C ILE H 184 54.52 39.31 55.38
N ASN H 185 53.44 39.34 56.17
CA ASN H 185 53.48 39.92 57.50
C ASN H 185 54.48 39.28 58.43
N GLN H 186 54.70 37.97 58.26
CA GLN H 186 55.47 37.20 59.24
C GLN H 186 56.94 37.54 59.26
N LYS H 187 57.39 38.26 58.24
CA LYS H 187 58.79 38.64 58.14
C LYS H 187 59.22 39.45 59.36
N ARG H 188 58.32 40.27 59.91
CA ARG H 188 58.66 41.05 61.10
C ARG H 188 58.97 40.15 62.32
N PHE H 189 58.42 38.95 62.35
CA PHE H 189 58.66 38.00 63.44
C PHE H 189 59.81 37.06 63.11
N ASN H 190 59.84 36.57 61.87
CA ASN H 190 60.89 35.65 61.46
C ASN H 190 62.27 36.30 61.39
N ASP H 191 62.29 37.62 61.18
CA ASP H 191 63.52 38.41 61.24
C ASP H 191 63.93 38.74 62.68
N GLY H 192 62.96 38.68 63.59
CA GLY H 192 63.17 39.00 65.00
C GLY H 192 64.00 37.99 65.77
N THR H 193 63.98 38.11 67.10
CA THR H 193 64.79 37.24 67.96
C THR H 193 63.94 36.42 68.93
N ASP H 194 62.63 36.66 68.92
CA ASP H 194 61.68 35.85 69.69
C ASP H 194 61.24 34.67 68.85
N GLU H 195 61.77 33.50 69.19
CA GLU H 195 61.50 32.25 68.46
C GLU H 195 60.02 31.82 68.51
N LYS H 196 59.37 32.12 69.65
CA LYS H 196 57.96 31.80 69.89
C LYS H 196 57.05 32.44 68.83
N LYS H 197 57.35 33.68 68.47
CA LYS H 197 56.54 34.46 67.53
C LYS H 197 56.74 34.11 66.05
N LYS H 198 57.75 33.30 65.76
CA LYS H 198 58.05 32.91 64.36
C LYS H 198 56.99 31.98 63.75
N LEU H 199 56.75 32.16 62.46
CA LEU H 199 55.69 31.46 61.73
C LEU H 199 56.13 31.10 60.31
N TYR H 200 56.24 29.80 60.07
CA TYR H 200 56.67 29.29 58.79
C TYR H 200 55.44 29.08 57.94
N CYS H 201 55.56 29.42 56.66
CA CYS H 201 54.37 29.49 55.81
C CYS H 201 54.39 28.48 54.69
N ILE H 202 53.19 28.00 54.35
CA ILE H 202 53.02 27.05 53.27
C ILE H 202 51.82 27.49 52.43
N TYR H 203 52.09 27.76 51.16
CA TYR H 203 51.06 28.09 50.22
C TYR H 203 50.86 26.91 49.25
N VAL H 204 49.67 26.29 49.35
CA VAL H 204 49.26 25.25 48.43
C VAL H 204 48.37 25.86 47.35
N ALA H 205 48.83 25.77 46.10
CA ALA H 205 48.03 26.17 44.94
C ALA H 205 47.45 24.90 44.33
N ILE H 206 46.12 24.83 44.21
CA ILE H 206 45.46 23.70 43.58
C ILE H 206 44.65 24.20 42.38
N GLY H 207 44.96 23.68 41.19
CA GLY H 207 44.16 23.94 39.99
C GLY H 207 44.34 25.29 39.31
N GLN H 208 45.28 26.08 39.82
CA GLN H 208 45.62 27.38 39.26
C GLN H 208 46.48 27.20 38.00
N LYS H 209 46.63 28.27 37.22
CA LYS H 209 47.53 28.24 36.08
C LYS H 209 48.95 28.63 36.49
N ARG H 210 49.94 28.00 35.84
CA ARG H 210 51.35 28.10 36.23
C ARG H 210 51.88 29.53 36.29
N SER H 211 51.50 30.37 35.32
CA SER H 211 51.91 31.77 35.31
C SER H 211 51.34 32.55 36.49
N THR H 212 50.17 32.16 36.97
CA THR H 212 49.61 32.77 38.19
C THR H 212 50.47 32.44 39.42
N VAL H 213 50.86 31.18 39.53
CA VAL H 213 51.71 30.75 40.65
C VAL H 213 53.04 31.50 40.56
N ALA H 214 53.54 31.66 39.34
CA ALA H 214 54.77 32.41 39.08
C ALA H 214 54.69 33.87 39.54
N GLN H 215 53.56 34.53 39.27
CA GLN H 215 53.37 35.92 39.73
C GLN H 215 53.37 35.98 41.26
N LEU H 216 52.74 34.98 41.86
CA LEU H 216 52.61 34.85 43.31
C LEU H 216 53.97 34.69 43.96
N VAL H 217 54.81 33.78 43.45
CA VAL H 217 56.11 33.56 44.08
C VAL H 217 57.07 34.73 43.85
N LYS H 218 56.96 35.39 42.70
CA LYS H 218 57.70 36.63 42.43
C LYS H 218 57.35 37.68 43.47
N ARG H 219 56.06 37.82 43.76
CA ARG H 219 55.57 38.71 44.79
C ARG H 219 56.24 38.42 46.14
N LEU H 220 56.20 37.16 46.57
CA LEU H 220 56.81 36.74 47.82
C LEU H 220 58.35 36.92 47.81
N THR H 221 58.96 36.62 46.66
CA THR H 221 60.38 36.82 46.47
C THR H 221 60.71 38.29 46.68
N ASP H 222 59.94 39.17 46.03
CA ASP H 222 60.13 40.61 46.15
C ASP H 222 59.94 41.13 47.58
N ALA H 223 58.98 40.56 48.30
CA ALA H 223 58.70 40.95 49.66
C ALA H 223 59.66 40.29 50.66
N ASP H 224 60.56 39.44 50.15
CA ASP H 224 61.51 38.68 50.97
C ASP H 224 60.81 37.67 51.89
N ALA H 225 59.69 37.13 51.42
CA ALA H 225 58.93 36.15 52.20
C ALA H 225 59.20 34.70 51.78
N MET H 226 59.78 34.50 50.60
CA MET H 226 60.08 33.14 50.13
C MET H 226 60.97 32.38 51.10
N LYS H 227 61.94 33.08 51.68
CA LYS H 227 62.90 32.46 52.59
C LYS H 227 62.28 31.61 53.71
N TYR H 228 61.04 31.90 54.07
CA TYR H 228 60.32 31.15 55.13
C TYR H 228 59.02 30.49 54.62
N THR H 229 58.90 30.38 53.30
CA THR H 229 57.70 29.85 52.69
C THR H 229 58.01 28.65 51.80
N ILE H 230 57.16 27.64 51.89
CA ILE H 230 57.16 26.53 50.95
C ILE H 230 55.96 26.74 50.03
N VAL H 231 56.18 26.65 48.73
CA VAL H 231 55.07 26.67 47.78
C VAL H 231 54.87 25.25 47.20
N VAL H 232 53.71 24.66 47.49
CA VAL H 232 53.31 23.36 46.97
C VAL H 232 52.30 23.66 45.86
N SER H 233 52.59 23.22 44.64
CA SER H 233 51.81 23.63 43.48
C SER H 233 51.40 22.46 42.61
N ALA H 234 50.09 22.23 42.53
CA ALA H 234 49.52 21.28 41.57
C ALA H 234 48.53 22.02 40.68
N THR H 235 49.01 22.37 39.49
CA THR H 235 48.31 23.29 38.62
C THR H 235 47.30 22.62 37.67
N ALA H 236 46.67 23.43 36.82
CA ALA H 236 45.51 23.01 36.04
C ALA H 236 45.75 21.84 35.07
N SER H 237 47.00 21.67 34.63
CA SER H 237 47.35 20.60 33.69
C SER H 237 47.96 19.38 34.41
N ASP H 238 48.14 19.48 35.72
CA ASP H 238 48.50 18.32 36.53
C ASP H 238 47.27 17.41 36.62
N ALA H 239 47.51 16.10 36.61
CA ALA H 239 46.45 15.11 36.65
C ALA H 239 45.68 15.24 37.97
N ALA H 240 44.41 14.85 37.95
CA ALA H 240 43.49 15.04 39.07
C ALA H 240 43.99 14.47 40.41
N PRO H 241 44.60 13.26 40.43
CA PRO H 241 45.15 12.75 41.70
C PRO H 241 46.23 13.63 42.33
N LEU H 242 47.02 14.32 41.52
CA LEU H 242 48.06 15.24 42.06
C LEU H 242 47.45 16.43 42.79
N GLN H 243 46.39 16.98 42.21
CA GLN H 243 45.68 18.11 42.79
C GLN H 243 44.94 17.67 44.04
N TYR H 244 44.42 16.45 44.01
CA TYR H 244 43.78 15.80 45.15
C TYR H 244 44.72 15.66 46.37
N LEU H 245 45.97 15.28 46.12
CA LEU H 245 46.96 15.03 47.17
C LEU H 245 47.63 16.29 47.72
N ALA H 246 47.74 17.30 46.86
CA ALA H 246 48.53 18.48 47.17
C ALA H 246 48.24 19.11 48.55
N PRO H 247 46.95 19.31 48.89
CA PRO H 247 46.71 19.88 50.22
C PRO H 247 47.22 19.02 51.38
N TYR H 248 47.12 17.70 51.23
CA TYR H 248 47.61 16.77 52.25
C TYR H 248 49.15 16.75 52.34
N SER H 249 49.80 16.88 51.19
CA SER H 249 51.24 16.98 51.07
C SER H 249 51.75 18.24 51.78
N GLY H 250 51.16 19.38 51.43
CA GLY H 250 51.43 20.63 52.11
C GLY H 250 51.21 20.48 53.62
N CYS H 251 50.08 19.88 53.98
CA CYS H 251 49.75 19.65 55.38
C CYS H 251 50.86 18.90 56.14
N SER H 252 51.35 17.80 55.56
CA SER H 252 52.40 17.01 56.20
C SER H 252 53.65 17.84 56.44
N MET H 253 54.00 18.66 55.45
CA MET H 253 55.14 19.55 55.54
C MET H 253 54.97 20.54 56.68
N GLY H 254 53.74 20.99 56.85
CA GLY H 254 53.37 21.87 57.97
C GLY H 254 53.47 21.20 59.32
N GLU H 255 53.11 19.92 59.37
CA GLU H 255 53.07 19.14 60.62
C GLU H 255 54.45 18.85 61.20
N TYR H 256 55.44 18.77 60.33
CA TYR H 256 56.84 18.75 60.75
C TYR H 256 57.12 19.88 61.73
N PHE H 257 56.69 21.10 61.37
CA PHE H 257 56.82 22.25 62.24
C PHE H 257 55.94 22.12 63.50
N ARG H 258 54.65 21.79 63.30
CA ARG H 258 53.71 21.64 64.40
C ARG H 258 54.24 20.71 65.50
N ASP H 259 54.75 19.54 65.11
CA ASP H 259 55.16 18.47 66.03
C ASP H 259 56.57 18.61 66.63
N ASN H 260 57.30 19.63 66.21
CA ASN H 260 58.66 19.85 66.69
C ASN H 260 58.81 21.23 67.35
N GLY H 261 57.74 21.64 68.04
CA GLY H 261 57.74 22.87 68.83
C GLY H 261 57.72 24.20 68.10
N LYS H 262 57.41 24.16 66.81
CA LYS H 262 57.36 25.36 65.97
C LYS H 262 55.95 25.60 65.45
N HIS H 263 55.80 26.70 64.73
CA HIS H 263 54.49 27.12 64.27
C HIS H 263 54.49 27.26 62.77
N ALA H 264 53.43 26.74 62.14
CA ALA H 264 53.25 26.84 60.70
C ALA H 264 51.88 27.39 60.35
N LEU H 265 51.82 28.10 59.24
CA LEU H 265 50.58 28.58 58.65
C LEU H 265 50.51 28.00 57.26
N ILE H 266 49.41 27.33 56.95
CA ILE H 266 49.18 26.72 55.63
C ILE H 266 47.92 27.31 54.98
N ILE H 267 48.02 27.60 53.68
CA ILE H 267 46.90 28.11 52.90
C ILE H 267 46.56 27.09 51.82
N TYR H 268 45.27 26.75 51.69
CA TYR H 268 44.79 25.85 50.66
C TYR H 268 44.03 26.69 49.64
N ASP H 269 44.70 26.98 48.52
CA ASP H 269 44.18 27.88 47.51
C ASP H 269 44.09 27.18 46.16
N ASP H 270 42.95 26.57 45.85
CA ASP H 270 41.78 26.54 46.74
C ASP H 270 41.12 25.14 46.81
N LEU H 271 40.28 24.94 47.82
CA LEU H 271 39.67 23.63 48.09
C LEU H 271 38.49 23.34 47.18
N SER H 272 37.95 24.37 46.52
CA SER H 272 36.90 24.18 45.51
C SER H 272 37.51 23.38 44.36
N LYS H 273 38.67 23.83 43.90
CA LYS H 273 39.40 23.12 42.83
C LYS H 273 39.82 21.70 43.22
N GLN H 274 40.29 21.52 44.45
CA GLN H 274 40.64 20.17 44.93
C GLN H 274 39.43 19.23 44.87
N ALA H 275 38.27 19.73 45.30
CA ALA H 275 37.08 18.89 45.35
C ALA H 275 36.57 18.57 43.94
N VAL H 276 36.77 19.51 43.01
CA VAL H 276 36.52 19.23 41.58
C VAL H 276 37.37 18.06 41.10
N ALA H 277 38.66 18.12 41.40
CA ALA H 277 39.60 17.04 41.06
C ALA H 277 39.11 15.67 41.56
N TYR H 278 38.75 15.61 42.84
CA TYR H 278 38.29 14.36 43.45
C TYR H 278 36.96 13.89 42.89
N ARG H 279 36.06 14.81 42.59
CA ARG H 279 34.78 14.46 41.95
C ARG H 279 35.06 13.80 40.61
N GLN H 280 36.07 14.29 39.89
CA GLN H 280 36.40 13.72 38.60
C GLN H 280 36.79 12.26 38.78
N MET H 281 37.71 12.01 39.72
CA MET H 281 38.17 10.65 40.01
C MET H 281 37.01 9.76 40.46
N SER H 282 36.18 10.27 41.38
CA SER H 282 35.09 9.46 41.91
C SER H 282 34.09 9.08 40.84
N LEU H 283 33.64 10.04 40.05
CA LEU H 283 32.65 9.76 39.02
C LEU H 283 33.20 8.78 38.00
N LEU H 284 34.48 8.93 37.65
CA LEU H 284 35.08 8.05 36.67
C LEU H 284 35.35 6.65 37.24
N LEU H 285 35.51 6.56 38.55
CA LEU H 285 35.56 5.25 39.23
C LEU H 285 34.16 4.65 39.36
N ARG H 286 33.17 5.40 38.88
CA ARG H 286 31.75 5.02 38.97
C ARG H 286 31.24 4.88 40.41
N ARG H 287 31.89 5.59 41.32
CA ARG H 287 31.34 5.77 42.67
C ARG H 287 30.05 6.55 42.52
N PRO H 288 29.11 6.38 43.46
CA PRO H 288 27.80 7.05 43.28
C PRO H 288 27.87 8.57 43.45
N PRO H 289 27.19 9.33 42.57
CA PRO H 289 27.06 10.80 42.63
C PRO H 289 25.95 11.29 43.55
N GLY H 290 26.22 12.34 44.31
CA GLY H 290 25.23 12.97 45.16
C GLY H 290 25.00 14.40 44.75
N ARG H 291 24.71 15.26 45.72
CA ARG H 291 24.46 16.67 45.41
C ARG H 291 25.55 17.26 44.50
N GLU H 292 25.16 17.97 43.45
CA GLU H 292 26.13 18.65 42.55
C GLU H 292 27.13 17.64 41.98
N ALA H 293 26.70 16.37 41.94
CA ALA H 293 27.50 15.24 41.48
C ALA H 293 28.74 14.86 42.34
N TYR H 294 28.84 15.40 43.56
CA TYR H 294 29.89 14.99 44.50
C TYR H 294 29.60 13.66 45.21
N PRO H 295 30.66 12.91 45.57
CA PRO H 295 30.45 11.66 46.27
C PRO H 295 30.18 11.94 47.75
N GLY H 296 29.68 10.94 48.45
CA GLY H 296 29.32 11.05 49.85
C GLY H 296 30.49 11.20 50.83
N ASP H 297 31.73 11.08 50.34
CA ASP H 297 32.91 11.27 51.19
C ASP H 297 33.65 12.59 50.99
N VAL H 298 33.09 13.48 50.18
CA VAL H 298 33.71 14.77 49.92
C VAL H 298 33.76 15.64 51.17
N PHE H 299 32.75 15.52 52.04
CA PHE H 299 32.83 16.19 53.35
C PHE H 299 34.02 15.64 54.12
N TYR H 300 34.05 14.31 54.24
CA TYR H 300 35.16 13.58 54.86
C TYR H 300 36.53 14.00 54.30
N LEU H 301 36.61 14.18 52.99
CA LEU H 301 37.83 14.64 52.30
C LEU H 301 38.43 15.89 52.97
N HIS H 302 37.62 16.93 53.13
CA HIS H 302 38.06 18.20 53.71
C HIS H 302 38.16 18.21 55.24
N SER H 303 37.27 17.47 55.90
CA SER H 303 37.30 17.43 57.37
C SER H 303 38.57 16.82 57.92
N ARG H 304 39.03 15.73 57.30
CA ARG H 304 40.26 15.11 57.75
C ARG H 304 41.47 15.99 57.42
N LEU H 305 41.39 16.75 56.32
CA LEU H 305 42.45 17.71 56.02
C LEU H 305 42.51 18.81 57.08
N LEU H 306 41.36 19.39 57.41
CA LEU H 306 41.29 20.58 58.25
C LEU H 306 41.40 20.34 59.76
N GLU H 307 41.09 19.13 60.22
CA GLU H 307 41.33 18.77 61.62
C GLU H 307 42.81 18.61 61.94
N ARG H 308 43.64 18.51 60.90
CA ARG H 308 45.09 18.33 61.13
C ARG H 308 45.77 19.64 61.52
N ALA H 309 45.12 20.77 61.24
CA ALA H 309 45.49 22.02 61.90
C ALA H 309 45.15 21.90 63.39
N ALA H 310 46.12 22.25 64.24
CA ALA H 310 45.98 22.03 65.68
C ALA H 310 46.97 22.87 66.50
N LYS H 311 46.59 23.16 67.73
CA LYS H 311 47.48 23.73 68.73
C LYS H 311 47.85 22.62 69.70
N MET H 312 49.15 22.31 69.79
CA MET H 312 49.65 21.23 70.63
C MET H 312 49.92 21.74 72.05
N ASN H 313 49.64 20.90 73.04
CA ASN H 313 49.95 21.24 74.44
C ASN H 313 51.46 21.22 74.70
N ASP H 314 51.85 21.65 75.90
CA ASP H 314 53.27 21.74 76.21
C ASP H 314 53.96 20.39 76.18
N ALA H 315 53.27 19.35 76.63
CA ALA H 315 53.83 17.99 76.63
C ALA H 315 54.10 17.47 75.22
N PHE H 316 53.44 18.08 74.22
CA PHE H 316 53.68 17.74 72.81
C PHE H 316 54.52 18.79 72.06
N GLY H 317 55.18 19.68 72.80
CA GLY H 317 56.11 20.65 72.23
C GLY H 317 55.58 22.07 72.05
N GLY H 318 54.27 22.25 72.23
CA GLY H 318 53.67 23.59 72.13
C GLY H 318 53.48 24.17 70.72
N GLY H 319 53.87 23.41 69.70
CA GLY H 319 53.76 23.90 68.33
C GLY H 319 52.33 23.94 67.81
N SER H 320 52.15 24.46 66.61
CA SER H 320 50.83 24.60 66.04
C SER H 320 50.88 24.63 64.52
N LEU H 321 49.75 24.28 63.92
CA LEU H 321 49.54 24.45 62.50
C LEU H 321 48.21 25.17 62.36
N THR H 322 48.27 26.36 61.74
CA THR H 322 47.09 27.18 61.45
C THR H 322 46.78 27.01 59.97
N ALA H 323 45.49 26.93 59.63
CA ALA H 323 45.07 26.71 58.24
C ALA H 323 44.15 27.80 57.73
N LEU H 324 44.47 28.34 56.55
CA LEU H 324 43.58 29.30 55.88
C LEU H 324 43.12 28.71 54.55
N PRO H 325 42.12 27.80 54.59
CA PRO H 325 41.57 27.23 53.37
C PRO H 325 40.84 28.31 52.60
N VAL H 326 40.82 28.19 51.28
CA VAL H 326 40.08 29.12 50.43
C VAL H 326 38.94 28.35 49.75
N ILE H 327 37.77 28.98 49.69
CA ILE H 327 36.64 28.46 48.94
C ILE H 327 36.11 29.57 48.03
N GLU H 328 35.85 29.21 46.78
CA GLU H 328 35.19 30.08 45.80
C GLU H 328 33.67 29.80 45.74
N THR H 329 32.89 30.82 46.03
CA THR H 329 31.45 30.69 45.91
C THR H 329 31.06 31.09 44.49
N GLN H 330 29.85 30.71 44.12
CA GLN H 330 29.26 31.06 42.86
C GLN H 330 28.09 31.97 43.12
N ALA H 331 28.17 33.20 42.63
CA ALA H 331 27.16 34.25 42.84
C ALA H 331 26.73 34.33 44.33
N GLY H 332 27.69 34.19 45.22
CA GLY H 332 27.46 34.43 46.65
C GLY H 332 26.68 33.36 47.38
N ASP H 333 26.55 32.18 46.76
CA ASP H 333 25.82 31.07 47.36
C ASP H 333 26.66 30.32 48.41
N VAL H 334 26.63 30.78 49.65
CA VAL H 334 27.38 30.16 50.74
C VAL H 334 26.76 28.83 51.19
N SER H 335 25.58 28.51 50.64
CA SER H 335 24.88 27.29 50.97
C SER H 335 24.97 26.23 49.88
N ALA H 336 25.86 26.45 48.90
CA ALA H 336 26.21 25.41 47.93
C ALA H 336 26.96 24.31 48.69
N TYR H 337 27.03 23.13 48.10
CA TYR H 337 27.49 21.93 48.80
C TYR H 337 28.90 21.99 49.42
N ILE H 338 29.90 22.37 48.64
CA ILE H 338 31.28 22.43 49.17
C ILE H 338 31.52 23.62 50.13
N PRO H 339 31.01 24.84 49.81
CA PRO H 339 31.05 25.92 50.80
C PRO H 339 30.35 25.55 52.13
N THR H 340 29.22 24.85 52.04
CA THR H 340 28.51 24.35 53.23
C THR H 340 29.41 23.48 54.09
N ASN H 341 30.02 22.48 53.45
CA ASN H 341 30.94 21.58 54.11
C ASN H 341 32.06 22.36 54.78
N VAL H 342 32.71 23.23 54.03
CA VAL H 342 33.92 23.88 54.54
C VAL H 342 33.65 24.99 55.56
N ILE H 343 32.53 25.71 55.40
CA ILE H 343 32.05 26.61 56.47
C ILE H 343 31.83 25.84 57.78
N SER H 344 31.19 24.68 57.69
CA SER H 344 30.82 23.95 58.89
C SER H 344 32.05 23.39 59.61
N ILE H 345 33.01 22.89 58.84
CA ILE H 345 34.27 22.35 59.40
C ILE H 345 35.10 23.39 60.18
N THR H 346 35.24 24.59 59.62
CA THR H 346 36.19 25.57 60.14
C THR H 346 35.70 26.28 61.41
N ASP H 347 36.59 27.10 62.01
CA ASP H 347 36.33 27.83 63.24
C ASP H 347 35.77 29.23 63.00
N GLY H 348 35.58 29.59 61.74
CA GLY H 348 35.13 30.92 61.38
C GLY H 348 35.41 31.19 59.92
N GLN H 349 34.94 32.32 59.42
CA GLN H 349 35.00 32.63 58.00
C GLN H 349 35.20 34.12 57.79
N ILE H 350 36.08 34.44 56.85
CA ILE H 350 36.25 35.81 56.33
C ILE H 350 35.51 35.86 54.98
N PHE H 351 34.34 36.49 54.95
CA PHE H 351 33.53 36.61 53.74
C PHE H 351 33.90 37.87 52.93
N LEU H 352 34.19 37.69 51.65
CA LEU H 352 34.43 38.82 50.74
C LEU H 352 33.30 38.99 49.75
N GLU H 353 33.00 40.23 49.38
CA GLU H 353 31.92 40.50 48.44
C GLU H 353 32.35 41.44 47.31
N THR H 354 31.81 41.18 46.12
CA THR H 354 32.03 42.02 44.94
C THR H 354 31.56 43.46 45.14
N GLU H 355 30.37 43.62 45.72
CA GLU H 355 29.73 44.93 45.87
C GLU H 355 30.52 45.84 46.79
N LEU H 356 31.07 45.28 47.86
CA LEU H 356 31.94 46.01 48.77
C LEU H 356 33.20 46.46 48.03
N PHE H 357 33.81 45.52 47.29
CA PHE H 357 35.02 45.79 46.52
C PHE H 357 34.88 47.04 45.64
N TYR H 358 33.81 47.09 44.85
CA TYR H 358 33.61 48.19 43.91
C TYR H 358 33.10 49.48 44.56
N LYS H 359 32.54 49.37 45.76
CA LYS H 359 32.22 50.56 46.57
C LYS H 359 33.48 51.23 47.13
N GLY H 360 34.62 50.56 47.00
CA GLY H 360 35.89 51.07 47.57
C GLY H 360 36.34 50.40 48.87
N ILE H 361 35.51 49.50 49.39
CA ILE H 361 35.84 48.71 50.58
C ILE H 361 36.82 47.60 50.21
N ARG H 362 38.11 47.90 50.37
CA ARG H 362 39.18 46.95 50.06
C ARG H 362 40.18 46.99 51.20
N PRO H 363 40.40 45.83 51.87
CA PRO H 363 39.90 44.49 51.56
C PRO H 363 38.38 44.39 51.69
N ALA H 364 37.76 43.62 50.78
CA ALA H 364 36.31 43.56 50.66
C ALA H 364 35.60 42.69 51.71
N ILE H 365 35.99 42.85 52.97
CA ILE H 365 35.52 41.98 54.04
C ILE H 365 34.16 42.45 54.55
N ASN H 366 33.19 41.54 54.55
CA ASN H 366 31.90 41.80 55.17
C ASN H 366 32.09 41.54 56.64
N VAL H 367 32.12 42.63 57.39
CA VAL H 367 32.51 42.63 58.80
C VAL H 367 31.34 42.22 59.69
N GLY H 368 30.12 42.36 59.18
CA GLY H 368 28.94 41.94 59.91
C GLY H 368 28.78 40.44 59.87
N LEU H 369 29.12 39.84 58.72
CA LEU H 369 29.00 38.39 58.55
C LEU H 369 30.23 37.61 58.98
N SER H 370 31.43 38.16 58.75
CA SER H 370 32.66 37.44 59.06
C SER H 370 32.70 37.10 60.55
N VAL H 371 33.27 35.95 60.88
CA VAL H 371 33.30 35.50 62.27
C VAL H 371 34.60 34.77 62.62
N SER H 372 35.07 35.00 63.82
CA SER H 372 36.08 34.15 64.43
C SER H 372 35.58 33.67 65.80
N ARG H 373 35.37 32.36 65.94
CA ARG H 373 34.85 31.80 67.18
C ARG H 373 35.92 31.69 68.26
N VAL H 374 37.18 31.69 67.86
CA VAL H 374 38.27 31.86 68.82
C VAL H 374 38.22 33.31 69.36
N GLY H 375 37.95 34.27 68.48
CA GLY H 375 37.70 35.66 68.91
C GLY H 375 38.80 36.27 69.77
N SER H 376 38.39 36.96 70.84
CA SER H 376 39.28 37.64 71.78
C SER H 376 40.47 36.82 72.26
N ALA H 377 40.25 35.53 72.47
CA ALA H 377 41.29 34.62 72.98
C ALA H 377 42.58 34.68 72.15
N ALA H 378 42.44 35.10 70.90
CA ALA H 378 43.57 35.22 69.97
C ALA H 378 44.04 36.66 69.75
N GLN H 379 43.64 37.58 70.62
CA GLN H 379 44.03 38.99 70.48
C GLN H 379 44.93 39.46 71.61
N THR H 380 45.86 40.35 71.30
CA THR H 380 46.65 41.05 72.31
C THR H 380 45.74 42.03 73.07
N ARG H 381 46.12 42.37 74.30
CA ARG H 381 45.33 43.29 75.12
C ARG H 381 45.08 44.61 74.40
N ALA H 382 46.13 45.15 73.78
CA ALA H 382 46.06 46.42 73.07
C ALA H 382 44.97 46.43 72.00
N MET H 383 45.01 45.44 71.11
CA MET H 383 43.98 45.33 70.07
C MET H 383 42.60 45.06 70.68
N LYS H 384 42.55 44.20 71.70
CA LYS H 384 41.30 43.81 72.36
C LYS H 384 40.48 45.04 72.78
N GLN H 385 41.16 45.99 73.39
CA GLN H 385 40.61 47.29 73.77
C GLN H 385 39.84 47.99 72.63
N VAL H 386 40.57 48.49 71.64
CA VAL H 386 39.99 49.32 70.58
C VAL H 386 39.07 48.57 69.62
N ALA H 387 39.32 47.28 69.42
CA ALA H 387 38.56 46.47 68.48
C ALA H 387 37.16 46.19 69.00
N GLY H 388 37.07 46.01 70.32
CA GLY H 388 35.79 45.85 71.01
C GLY H 388 34.87 47.06 70.82
N THR H 389 35.42 48.25 71.07
CA THR H 389 34.72 49.51 70.85
C THR H 389 34.32 49.66 69.37
N MET H 390 35.26 49.34 68.48
CA MET H 390 35.02 49.48 67.06
C MET H 390 33.90 48.58 66.57
N LYS H 391 33.94 47.31 67.01
CA LYS H 391 32.92 46.31 66.67
C LYS H 391 31.53 46.80 67.04
N LEU H 392 31.38 47.25 68.28
CA LEU H 392 30.11 47.77 68.79
C LEU H 392 29.60 48.92 67.94
N GLU H 393 30.46 49.90 67.70
CA GLU H 393 30.11 51.12 66.97
C GLU H 393 29.78 50.89 65.49
N LEU H 394 30.44 49.90 64.89
CA LEU H 394 30.12 49.50 63.54
C LEU H 394 28.77 48.77 63.46
N ALA H 395 28.46 47.98 64.49
CA ALA H 395 27.17 47.32 64.61
C ALA H 395 26.03 48.33 64.74
N GLN H 396 26.25 49.37 65.55
CA GLN H 396 25.24 50.43 65.71
C GLN H 396 25.05 51.23 64.43
N TYR H 397 26.15 51.46 63.72
CA TYR H 397 26.12 52.08 62.39
C TYR H 397 25.30 51.26 61.40
N ARG H 398 25.58 49.95 61.33
CA ARG H 398 24.90 49.02 60.44
C ARG H 398 23.38 49.03 60.58
N GLU H 399 22.90 49.19 61.82
CA GLU H 399 21.47 49.26 62.11
C GLU H 399 20.81 50.47 61.45
N VAL H 400 21.59 51.55 61.34
CA VAL H 400 21.12 52.84 60.85
C VAL H 400 21.58 53.14 59.41
N ALA H 401 22.42 52.26 58.86
CA ALA H 401 23.13 52.51 57.59
C ALA H 401 22.28 52.92 56.39
N ALA H 402 21.11 52.31 56.24
CA ALA H 402 20.21 52.60 55.12
C ALA H 402 19.52 53.98 55.24
N PHE H 403 19.61 54.60 56.41
CA PHE H 403 19.00 55.91 56.65
C PHE H 403 20.04 57.04 56.51
N ALA H 404 21.16 56.74 55.86
CA ALA H 404 22.25 57.70 55.66
C ALA H 404 21.98 58.60 54.45
N GLN H 405 21.83 57.97 53.28
CA GLN H 405 21.58 58.68 52.03
C GLN H 405 20.11 59.08 51.86
N PHE H 406 19.31 58.86 52.91
CA PHE H 406 17.91 59.24 52.94
C PHE H 406 17.55 59.92 54.26
N GLY H 407 18.57 60.49 54.91
CA GLY H 407 18.38 61.13 56.21
C GLY H 407 18.67 62.61 56.17
N SER H 408 17.60 63.39 56.07
CA SER H 408 17.71 64.85 56.09
C SER H 408 17.44 65.40 57.50
N ASP H 409 16.43 64.84 58.16
CA ASP H 409 16.00 65.32 59.48
C ASP H 409 16.19 64.25 60.56
N LEU H 410 17.43 63.80 60.74
CA LEU H 410 17.74 62.83 61.80
C LEU H 410 18.16 63.53 63.07
N ASP H 411 17.87 62.90 64.19
CA ASP H 411 18.30 63.39 65.51
C ASP H 411 19.81 63.36 65.62
N ALA H 412 20.35 64.17 66.53
CA ALA H 412 21.79 64.30 66.73
C ALA H 412 22.46 62.95 66.99
N ALA H 413 21.80 62.09 67.74
CA ALA H 413 22.33 60.76 68.09
C ALA H 413 22.58 59.88 66.86
N THR H 414 21.57 59.76 66.00
CA THR H 414 21.67 58.92 64.81
C THR H 414 22.61 59.52 63.77
N GLN H 415 22.67 60.84 63.72
CA GLN H 415 23.64 61.54 62.86
C GLN H 415 25.08 61.18 63.27
N GLN H 416 25.31 61.01 64.57
CA GLN H 416 26.64 60.71 65.10
C GLN H 416 27.05 59.26 64.82
N LEU H 417 26.09 58.34 64.96
CA LEU H 417 26.32 56.92 64.69
C LEU H 417 26.78 56.72 63.26
N LEU H 418 26.15 57.46 62.34
CA LEU H 418 26.50 57.46 60.92
C LEU H 418 27.90 58.00 60.71
N SER H 419 28.18 59.19 61.25
CA SER H 419 29.49 59.84 61.20
C SER H 419 30.60 58.91 61.67
N ARG H 420 30.44 58.33 62.86
CA ARG H 420 31.45 57.44 63.42
C ARG H 420 31.63 56.21 62.51
N GLY H 421 30.52 55.65 62.06
CA GLY H 421 30.53 54.45 61.23
C GLY H 421 31.28 54.60 59.92
N VAL H 422 31.01 55.68 59.19
CA VAL H 422 31.67 55.90 57.90
C VAL H 422 33.17 56.06 58.09
N ARG H 423 33.57 56.65 59.21
CA ARG H 423 34.98 56.92 59.48
C ARG H 423 35.73 55.67 59.92
N LEU H 424 35.11 54.87 60.78
CA LEU H 424 35.64 53.56 61.14
C LEU H 424 35.77 52.67 59.92
N THR H 425 34.74 52.67 59.07
CA THR H 425 34.75 51.91 57.83
C THR H 425 35.93 52.32 56.94
N GLU H 426 36.19 53.62 56.82
CA GLU H 426 37.33 54.12 56.06
C GLU H 426 38.66 53.63 56.66
N LEU H 427 38.72 53.54 57.98
CA LEU H 427 39.91 53.05 58.69
C LEU H 427 40.16 51.54 58.51
N LEU H 428 39.15 50.82 58.04
CA LEU H 428 39.27 49.39 57.75
C LEU H 428 39.73 49.14 56.31
N LYS H 429 39.76 50.19 55.50
CA LYS H 429 40.37 50.13 54.19
C LYS H 429 41.87 49.94 54.33
N GLN H 430 42.44 49.14 53.44
CA GLN H 430 43.88 48.89 53.46
C GLN H 430 44.43 48.55 52.08
N GLY H 431 45.55 49.16 51.74
CA GLY H 431 46.29 48.85 50.53
C GLY H 431 46.83 47.43 50.60
N GLN H 432 47.05 46.86 49.42
CA GLN H 432 47.64 45.54 49.30
C GLN H 432 49.15 45.59 49.58
N TYR H 433 49.71 44.45 50.01
CA TYR H 433 51.16 44.23 50.18
C TYR H 433 51.78 45.09 51.27
N SER H 434 50.96 45.60 52.17
CA SER H 434 51.43 46.47 53.25
C SER H 434 50.80 46.10 54.60
N PRO H 435 51.05 44.86 55.08
CA PRO H 435 50.56 44.43 56.39
C PRO H 435 51.20 45.24 57.51
N MET H 436 50.43 45.47 58.58
CA MET H 436 50.82 46.40 59.64
C MET H 436 51.15 45.72 60.97
N ALA H 437 52.19 46.21 61.65
CA ALA H 437 52.49 45.80 63.04
C ALA H 437 51.27 46.08 63.90
N ILE H 438 51.04 45.27 64.92
CA ILE H 438 49.81 45.38 65.71
C ILE H 438 49.60 46.77 66.35
N GLU H 439 50.69 47.38 66.82
CA GLU H 439 50.63 48.67 67.50
C GLU H 439 50.31 49.83 66.53
N GLU H 440 50.75 49.68 65.29
CA GLU H 440 50.39 50.62 64.23
C GLU H 440 48.88 50.55 64.02
N GLN H 441 48.35 49.33 64.00
CA GLN H 441 46.91 49.11 63.80
C GLN H 441 46.09 49.74 64.91
N VAL H 442 46.54 49.58 66.16
CA VAL H 442 45.76 50.13 67.28
C VAL H 442 45.79 51.66 67.31
N ALA H 443 46.96 52.25 66.99
CA ALA H 443 47.10 53.71 66.91
C ALA H 443 46.16 54.33 65.85
N VAL H 444 46.05 53.65 64.70
CA VAL H 444 45.11 54.04 63.65
C VAL H 444 43.66 53.92 64.14
N ILE H 445 43.30 52.77 64.70
CA ILE H 445 41.93 52.52 65.16
C ILE H 445 41.57 53.48 66.30
N TYR H 446 42.54 53.71 67.18
CA TYR H 446 42.41 54.67 68.27
C TYR H 446 41.89 56.04 67.79
N ALA H 447 42.54 56.60 66.77
CA ALA H 447 42.14 57.87 66.20
C ALA H 447 40.66 57.91 65.84
N GLY H 448 40.13 56.77 65.37
CA GLY H 448 38.74 56.68 64.97
C GLY H 448 37.78 56.48 66.12
N VAL H 449 38.08 55.51 67.00
CA VAL H 449 37.18 55.18 68.12
C VAL H 449 37.18 56.23 69.23
N ARG H 450 38.20 57.10 69.24
CA ARG H 450 38.24 58.22 70.18
C ARG H 450 37.59 59.49 69.64
N GLY H 451 37.15 59.44 68.39
CA GLY H 451 36.36 60.52 67.80
C GLY H 451 37.13 61.63 67.11
N TYR H 452 38.45 61.49 67.03
CA TYR H 452 39.31 62.55 66.50
C TYR H 452 39.08 62.85 65.02
N LEU H 453 38.46 61.90 64.31
CA LEU H 453 38.22 62.03 62.86
C LEU H 453 36.78 62.36 62.50
N ASP H 454 35.94 62.52 63.51
CA ASP H 454 34.49 62.70 63.34
C ASP H 454 34.06 63.89 62.47
N LYS H 455 34.96 64.87 62.36
CA LYS H 455 34.68 66.10 61.61
C LYS H 455 35.57 66.24 60.37
N LEU H 456 36.33 65.18 60.09
CA LEU H 456 37.12 65.09 58.86
C LEU H 456 36.25 64.51 57.75
N GLU H 457 36.30 65.12 56.58
CA GLU H 457 35.65 64.57 55.38
C GLU H 457 36.11 63.15 55.11
N PRO H 458 35.15 62.21 54.99
CA PRO H 458 35.45 60.78 54.85
C PRO H 458 36.40 60.44 53.70
N SER H 459 36.34 61.19 52.60
CA SER H 459 37.19 60.90 51.43
C SER H 459 38.67 61.17 51.69
N LYS H 460 38.96 61.91 52.76
CA LYS H 460 40.32 62.31 53.13
C LYS H 460 40.96 61.36 54.12
N ILE H 461 40.18 60.43 54.66
CA ILE H 461 40.64 59.54 55.74
C ILE H 461 41.85 58.69 55.35
N THR H 462 41.77 58.00 54.21
CA THR H 462 42.86 57.12 53.79
C THR H 462 44.14 57.91 53.58
N LYS H 463 43.99 59.14 53.09
CA LYS H 463 45.09 60.09 52.98
C LYS H 463 45.61 60.47 54.38
N PHE H 464 44.69 60.76 55.29
CA PHE H 464 45.06 61.08 56.67
C PHE H 464 45.84 59.94 57.30
N GLU H 465 45.27 58.73 57.24
CA GLU H 465 45.91 57.57 57.87
C GLU H 465 47.34 57.33 57.37
N ASN H 466 47.48 57.30 56.04
CA ASN H 466 48.77 57.07 55.42
C ASN H 466 49.86 58.02 55.92
N ALA H 467 49.54 59.32 55.97
CA ALA H 467 50.48 60.34 56.44
C ALA H 467 50.66 60.29 57.96
N PHE H 468 49.56 60.13 58.68
CA PHE H 468 49.57 60.01 60.14
C PHE H 468 50.50 58.88 60.59
N LEU H 469 50.34 57.72 59.96
CA LEU H 469 51.10 56.53 60.30
C LEU H 469 52.59 56.67 59.95
N SER H 470 52.90 57.19 58.76
CA SER H 470 54.28 57.53 58.40
C SER H 470 54.93 58.47 59.41
N HIS H 471 54.14 59.38 59.98
CA HIS H 471 54.66 60.33 60.96
C HIS H 471 54.94 59.68 62.31
N VAL H 472 54.03 58.82 62.78
CA VAL H 472 54.24 58.17 64.09
C VAL H 472 55.36 57.14 64.01
N ILE H 473 55.45 56.41 62.90
CA ILE H 473 56.58 55.49 62.67
C ILE H 473 57.94 56.23 62.65
N SER H 474 57.97 57.41 62.04
CA SER H 474 59.20 58.18 61.93
C SER H 474 59.59 58.88 63.25
N GLN H 475 58.66 59.66 63.79
CA GLN H 475 58.94 60.51 64.95
C GLN H 475 58.50 59.93 66.28
N HIS H 476 57.70 58.87 66.26
CA HIS H 476 57.16 58.33 67.51
C HIS H 476 57.35 56.82 67.68
N GLN H 477 58.57 56.37 67.39
CA GLN H 477 58.95 54.99 67.60
C GLN H 477 58.76 54.56 69.06
N ALA H 478 59.14 55.45 69.98
CA ALA H 478 59.03 55.19 71.43
C ALA H 478 57.60 55.00 71.92
N LEU H 479 56.67 55.75 71.33
CA LEU H 479 55.25 55.62 71.66
C LEU H 479 54.70 54.29 71.15
N LEU H 480 55.11 53.89 69.95
CA LEU H 480 54.65 52.64 69.35
C LEU H 480 55.21 51.45 70.11
N SER H 481 56.45 51.58 70.57
CA SER H 481 57.08 50.59 71.45
C SER H 481 56.31 50.38 72.73
N LYS H 482 55.89 51.48 73.34
CA LYS H 482 55.15 51.43 74.61
C LYS H 482 53.75 50.80 74.48
N ILE H 483 53.09 51.03 73.34
CA ILE H 483 51.81 50.36 73.06
C ILE H 483 52.01 48.84 72.92
N ARG H 484 53.17 48.46 72.39
CA ARG H 484 53.53 47.05 72.22
C ARG H 484 53.90 46.42 73.56
N THR H 485 54.82 47.06 74.28
CA THR H 485 55.36 46.58 75.56
C THR H 485 54.32 46.48 76.68
N ASP H 486 53.57 47.57 76.90
CA ASP H 486 52.63 47.67 78.02
C ASP H 486 51.46 46.73 77.91
N GLY H 487 51.28 46.15 76.72
CA GLY H 487 50.19 45.22 76.47
C GLY H 487 48.92 45.95 76.06
N LYS H 488 48.67 47.08 76.73
CA LYS H 488 47.50 47.92 76.47
C LYS H 488 47.91 49.35 76.07
N ILE H 489 46.98 50.28 76.20
CA ILE H 489 47.25 51.71 76.04
C ILE H 489 47.10 52.41 77.40
N SER H 490 48.22 52.85 77.96
CA SER H 490 48.23 53.48 79.27
C SER H 490 47.68 54.91 79.22
N GLU H 491 47.50 55.51 80.39
CA GLU H 491 47.08 56.92 80.48
C GLU H 491 48.12 57.84 79.84
N GLU H 492 49.38 57.43 79.91
CA GLU H 492 50.46 58.17 79.30
C GLU H 492 50.43 58.11 77.77
N SER H 493 50.28 56.90 77.22
CA SER H 493 50.18 56.73 75.77
C SER H 493 48.94 57.41 75.23
N ASP H 494 47.88 57.38 76.02
CA ASP H 494 46.65 58.09 75.75
C ASP H 494 46.88 59.60 75.68
N ALA H 495 47.71 60.12 76.57
CA ALA H 495 48.00 61.56 76.58
C ALA H 495 48.89 61.97 75.40
N LYS H 496 49.81 61.08 75.01
CA LYS H 496 50.72 61.37 73.90
C LYS H 496 49.98 61.36 72.56
N LEU H 497 49.11 60.37 72.38
CA LEU H 497 48.30 60.22 71.18
C LEU H 497 47.31 61.36 70.98
N LYS H 498 46.65 61.77 72.07
CA LYS H 498 45.72 62.89 72.02
C LYS H 498 46.41 64.11 71.42
N GLU H 499 47.63 64.39 71.89
CA GLU H 499 48.35 65.56 71.42
C GLU H 499 48.94 65.39 70.02
N ILE H 500 49.45 64.20 69.69
CA ILE H 500 49.89 63.91 68.33
C ILE H 500 48.75 64.08 67.32
N VAL H 501 47.62 63.43 67.58
CA VAL H 501 46.48 63.42 66.65
C VAL H 501 45.85 64.80 66.45
N THR H 502 45.53 65.51 67.53
CA THR H 502 44.89 66.84 67.43
C THR H 502 45.74 67.89 66.71
N ASN H 503 47.04 67.90 67.01
CA ASN H 503 47.98 68.81 66.36
C ASN H 503 48.25 68.43 64.90
N PHE H 504 48.33 67.12 64.64
CA PHE H 504 48.55 66.62 63.28
C PHE H 504 47.35 66.92 62.40
N LEU H 505 46.14 66.70 62.94
CA LEU H 505 44.90 66.86 62.16
C LEU H 505 44.65 68.32 61.78
N ALA H 506 44.98 69.24 62.69
CA ALA H 506 44.87 70.67 62.42
C ALA H 506 45.84 71.07 61.31
N GLY H 507 47.04 70.47 61.33
CA GLY H 507 48.03 70.68 60.28
C GLY H 507 47.58 70.12 58.95
N PHE H 508 46.92 68.97 59.01
CA PHE H 508 46.40 68.26 57.85
C PHE H 508 45.27 69.03 57.19
N GLU H 509 44.40 69.63 58.01
CA GLU H 509 43.26 70.41 57.53
C GLU H 509 43.60 71.86 57.18
N ALA H 510 44.86 72.26 57.39
CA ALA H 510 45.30 73.65 57.20
C ALA H 510 45.27 74.10 55.74
N VAL I 23 13.08 -27.58 49.69
CA VAL I 23 12.86 -28.70 48.72
C VAL I 23 11.61 -28.52 47.84
N ASP I 24 10.75 -27.57 48.22
CA ASP I 24 9.55 -27.26 47.45
C ASP I 24 9.57 -25.80 47.00
N LEU I 25 10.14 -25.55 45.82
CA LEU I 25 10.29 -24.19 45.33
C LEU I 25 9.01 -23.62 44.70
N GLU I 26 7.94 -24.41 44.70
CA GLU I 26 6.63 -23.95 44.23
C GLU I 26 5.86 -23.19 45.30
N GLU I 27 5.85 -23.72 46.53
CA GLU I 27 5.14 -23.09 47.65
C GLU I 27 6.08 -22.32 48.58
N THR I 28 7.37 -22.46 48.32
CA THR I 28 8.42 -22.01 49.23
C THR I 28 9.55 -21.37 48.41
N GLY I 29 10.23 -20.39 49.01
CA GLY I 29 11.42 -19.79 48.41
C GLY I 29 12.54 -19.63 49.41
N ARG I 30 13.68 -19.14 48.93
CA ARG I 30 14.82 -18.82 49.79
C ARG I 30 15.36 -17.43 49.43
N VAL I 31 15.78 -16.67 50.44
CA VAL I 31 16.25 -15.29 50.19
C VAL I 31 17.59 -15.27 49.44
N LEU I 32 17.58 -14.65 48.26
CA LEU I 32 18.79 -14.44 47.47
C LEU I 32 19.60 -13.24 47.95
N SER I 33 18.91 -12.16 48.28
CA SER I 33 19.53 -10.94 48.79
C SER I 33 18.50 -10.07 49.52
N ILE I 34 19.01 -9.17 50.35
CA ILE I 34 18.20 -8.25 51.14
C ILE I 34 19.07 -7.05 51.57
N GLY I 35 18.53 -5.85 51.49
CA GLY I 35 19.26 -4.68 51.99
C GLY I 35 18.89 -3.31 51.45
N ASP I 36 18.04 -3.28 50.43
CA ASP I 36 17.44 -2.04 49.94
C ASP I 36 15.97 -1.98 50.38
N GLY I 37 15.64 -2.64 51.48
CA GLY I 37 14.24 -2.77 51.93
C GLY I 37 13.42 -3.75 51.09
N ILE I 38 14.11 -4.36 50.11
CA ILE I 38 13.52 -5.37 49.23
C ILE I 38 14.24 -6.70 49.36
N ALA I 39 13.48 -7.75 49.60
CA ALA I 39 14.04 -9.08 49.65
C ALA I 39 13.89 -9.71 48.27
N ARG I 40 14.97 -10.25 47.74
CA ARG I 40 14.89 -10.97 46.47
C ARG I 40 14.85 -12.44 46.81
N VAL I 41 13.83 -13.11 46.30
CA VAL I 41 13.56 -14.50 46.66
C VAL I 41 13.55 -15.42 45.46
N HIS I 42 14.39 -16.45 45.54
CA HIS I 42 14.41 -17.57 44.59
C HIS I 42 13.29 -18.55 44.90
N GLY I 43 12.66 -19.10 43.85
CA GLY I 43 11.56 -20.05 44.03
C GLY I 43 10.22 -19.34 44.14
N LEU I 44 9.39 -19.78 45.08
CA LEU I 44 8.00 -19.31 45.21
C LEU I 44 7.28 -19.34 43.84
N ARG I 45 7.43 -20.43 43.10
CA ARG I 45 6.93 -20.49 41.72
C ARG I 45 5.43 -20.31 41.59
N ASN I 46 4.70 -20.62 42.65
CA ASN I 46 3.24 -20.52 42.61
C ASN I 46 2.65 -19.27 43.29
N VAL I 47 3.49 -18.33 43.77
CA VAL I 47 2.94 -17.07 44.33
C VAL I 47 2.20 -16.25 43.31
N GLN I 48 1.17 -15.58 43.80
CA GLN I 48 0.45 -14.61 43.04
C GLN I 48 1.10 -13.26 43.25
N ALA I 49 0.85 -12.32 42.34
CA ALA I 49 1.15 -10.89 42.56
C ALA I 49 0.31 -10.39 43.75
N GLU I 50 0.97 -9.70 44.66
CA GLU I 50 0.34 -9.05 45.81
C GLU I 50 -0.09 -10.04 46.91
N GLU I 51 0.39 -11.29 46.79
CA GLU I 51 0.17 -12.27 47.83
C GLU I 51 1.10 -12.01 49.00
N MET I 52 0.55 -12.13 50.20
CA MET I 52 1.34 -12.04 51.43
C MET I 52 2.19 -13.31 51.55
N VAL I 53 3.46 -13.13 51.88
CA VAL I 53 4.37 -14.24 52.15
C VAL I 53 4.91 -14.10 53.59
N GLU I 54 5.51 -15.16 54.11
CA GLU I 54 5.93 -15.16 55.50
C GLU I 54 7.39 -15.60 55.62
N PHE I 55 8.19 -14.75 56.25
CA PHE I 55 9.61 -15.05 56.49
C PHE I 55 9.78 -15.92 57.73
N SER I 56 10.80 -16.79 57.70
CA SER I 56 11.08 -17.73 58.80
C SER I 56 11.12 -17.05 60.16
N SER I 57 11.58 -15.80 60.17
CA SER I 57 11.67 -15.01 61.41
C SER I 57 10.33 -14.44 61.89
N GLY I 58 9.24 -14.82 61.23
CA GLY I 58 7.89 -14.34 61.59
C GLY I 58 7.42 -13.12 60.83
N LEU I 59 8.33 -12.41 60.18
CA LEU I 59 7.98 -11.25 59.33
C LEU I 59 7.11 -11.60 58.13
N LYS I 60 6.18 -10.71 57.81
CA LYS I 60 5.35 -10.82 56.62
C LYS I 60 5.89 -9.89 55.55
N GLY I 61 5.73 -10.30 54.29
CA GLY I 61 6.07 -9.46 53.15
C GLY I 61 5.02 -9.60 52.05
N MET I 62 5.14 -8.75 51.03
CA MET I 62 4.23 -8.76 49.89
C MET I 62 4.98 -9.04 48.59
N SER I 63 4.56 -10.08 47.88
CA SER I 63 5.00 -10.33 46.50
C SER I 63 4.66 -9.14 45.60
N LEU I 64 5.67 -8.39 45.21
CA LEU I 64 5.48 -7.22 44.37
C LEU I 64 5.89 -7.49 42.94
N ASN I 65 7.16 -7.88 42.75
CA ASN I 65 7.71 -8.15 41.44
C ASN I 65 7.80 -9.64 41.22
N LEU I 66 7.04 -10.17 40.28
CA LEU I 66 7.23 -11.57 39.85
C LEU I 66 8.13 -11.56 38.61
N GLU I 67 9.35 -12.03 38.77
CA GLU I 67 10.29 -12.03 37.67
C GLU I 67 10.66 -13.48 37.31
N PRO I 68 11.11 -13.72 36.07
CA PRO I 68 11.47 -15.08 35.63
C PRO I 68 12.36 -15.89 36.60
N ASP I 69 13.23 -15.24 37.37
CA ASP I 69 14.19 -15.93 38.22
C ASP I 69 14.19 -15.52 39.70
N ASN I 70 13.26 -14.64 40.07
CA ASN I 70 13.09 -14.20 41.46
C ASN I 70 11.73 -13.57 41.73
N VAL I 71 11.36 -13.53 43.00
CA VAL I 71 10.25 -12.72 43.46
C VAL I 71 10.81 -11.56 44.30
N GLY I 72 10.31 -10.35 44.03
CA GLY I 72 10.71 -9.18 44.80
C GLY I 72 9.69 -8.93 45.87
N VAL I 73 10.12 -8.96 47.13
CA VAL I 73 9.21 -8.91 48.27
C VAL I 73 9.38 -7.63 49.12
N VAL I 74 8.30 -6.85 49.22
CA VAL I 74 8.25 -5.73 50.13
C VAL I 74 8.02 -6.28 51.55
N VAL I 75 8.84 -5.82 52.49
CA VAL I 75 8.86 -6.33 53.87
C VAL I 75 8.06 -5.44 54.82
N PHE I 76 7.08 -6.03 55.49
CA PHE I 76 6.30 -5.29 56.48
C PHE I 76 6.92 -5.35 57.87
N GLY I 77 8.12 -4.79 58.00
CA GLY I 77 8.86 -4.73 59.26
C GLY I 77 10.32 -4.47 58.98
N ASN I 78 11.15 -4.70 59.99
CA ASN I 78 12.60 -4.50 59.91
C ASN I 78 13.27 -5.58 59.06
N ASP I 79 13.91 -5.20 57.97
CA ASP I 79 14.51 -6.20 57.07
C ASP I 79 15.87 -6.71 57.56
N LYS I 80 16.41 -6.04 58.58
CA LYS I 80 17.52 -6.56 59.40
C LYS I 80 17.28 -7.99 59.88
N LEU I 81 16.02 -8.31 60.11
CA LEU I 81 15.61 -9.61 60.62
C LEU I 81 15.57 -10.66 59.50
N ILE I 82 16.09 -10.31 58.33
CA ILE I 82 16.09 -11.21 57.17
C ILE I 82 17.51 -11.37 56.64
N LYS I 83 17.91 -12.62 56.41
CA LYS I 83 19.25 -12.94 55.91
C LYS I 83 19.19 -13.72 54.60
N GLU I 84 20.25 -13.64 53.80
CA GLU I 84 20.40 -14.51 52.63
C GLU I 84 20.26 -15.96 53.08
N GLY I 85 19.39 -16.69 52.38
CA GLY I 85 19.17 -18.11 52.67
C GLY I 85 17.93 -18.41 53.48
N ASP I 86 17.35 -17.39 54.13
CA ASP I 86 16.12 -17.57 54.90
C ASP I 86 14.97 -18.17 54.08
N ILE I 87 14.21 -19.08 54.69
CA ILE I 87 13.04 -19.67 54.05
C ILE I 87 11.86 -18.67 54.03
N VAL I 88 11.19 -18.60 52.88
CA VAL I 88 10.00 -17.77 52.70
C VAL I 88 8.86 -18.71 52.31
N LYS I 89 7.69 -18.54 52.92
CA LYS I 89 6.54 -19.41 52.61
C LYS I 89 5.36 -18.60 52.06
N ARG I 90 4.61 -19.21 51.14
CA ARG I 90 3.36 -18.65 50.67
C ARG I 90 2.33 -18.64 51.80
N THR I 91 1.45 -17.63 51.81
CA THR I 91 0.22 -17.73 52.61
C THR I 91 -0.98 -18.17 51.78
N GLY I 92 -0.89 -18.03 50.45
CA GLY I 92 -2.01 -18.29 49.57
C GLY I 92 -2.95 -17.11 49.43
N ALA I 93 -2.73 -16.07 50.23
CA ALA I 93 -3.66 -14.93 50.32
C ALA I 93 -3.10 -13.60 49.84
N ILE I 94 -3.85 -12.94 48.97
CA ILE I 94 -3.56 -11.55 48.60
C ILE I 94 -3.66 -10.70 49.87
N VAL I 95 -2.71 -9.78 50.05
CA VAL I 95 -2.65 -8.98 51.27
C VAL I 95 -4.06 -8.56 51.74
N ASP I 96 -4.38 -8.92 52.97
CA ASP I 96 -5.64 -8.58 53.59
C ASP I 96 -5.43 -8.35 55.09
N VAL I 97 -6.47 -7.89 55.78
CA VAL I 97 -6.42 -7.62 57.20
C VAL I 97 -7.69 -8.12 57.87
N PRO I 98 -7.65 -8.33 59.21
CA PRO I 98 -8.87 -8.61 59.96
C PRO I 98 -9.82 -7.41 59.94
N VAL I 99 -11.10 -7.69 60.11
CA VAL I 99 -12.17 -6.74 59.84
C VAL I 99 -13.38 -7.15 60.70
N GLY I 100 -14.18 -6.18 61.11
CA GLY I 100 -15.34 -6.47 61.95
C GLY I 100 -15.41 -5.62 63.22
N GLU I 101 -16.44 -5.84 64.02
CA GLU I 101 -16.68 -4.99 65.18
C GLU I 101 -15.77 -5.31 66.37
N GLU I 102 -15.05 -6.43 66.28
CA GLU I 102 -14.07 -6.80 67.30
C GLU I 102 -12.88 -5.86 67.34
N LEU I 103 -12.67 -5.09 66.28
CA LEU I 103 -11.57 -4.10 66.25
C LEU I 103 -11.87 -2.85 67.06
N LEU I 104 -13.16 -2.59 67.29
CA LEU I 104 -13.60 -1.43 68.05
C LEU I 104 -13.01 -1.46 69.44
N GLY I 105 -12.45 -0.34 69.87
CA GLY I 105 -11.81 -0.25 71.16
C GLY I 105 -10.38 -0.73 71.18
N ARG I 106 -9.91 -1.27 70.05
CA ARG I 106 -8.55 -1.81 69.96
C ARG I 106 -7.56 -0.89 69.27
N VAL I 107 -6.29 -0.99 69.68
CA VAL I 107 -5.19 -0.35 68.96
C VAL I 107 -4.40 -1.45 68.26
N VAL I 108 -4.26 -1.32 66.95
CA VAL I 108 -3.58 -2.31 66.11
C VAL I 108 -2.44 -1.71 65.25
N ASP I 109 -1.53 -2.55 64.76
CA ASP I 109 -0.52 -2.12 63.81
C ASP I 109 -1.08 -2.24 62.39
N ALA I 110 -0.28 -1.88 61.40
CA ALA I 110 -0.74 -1.86 60.00
C ALA I 110 -1.25 -3.21 59.50
N LEU I 111 -0.76 -4.32 60.09
CA LEU I 111 -1.20 -5.66 59.66
C LEU I 111 -2.43 -6.11 60.42
N GLY I 112 -2.81 -5.36 61.45
CA GLY I 112 -4.01 -5.66 62.21
C GLY I 112 -3.72 -6.47 63.47
N ASN I 113 -2.45 -6.59 63.85
CA ASN I 113 -2.09 -7.24 65.10
C ASN I 113 -2.29 -6.26 66.26
N ALA I 114 -2.88 -6.73 67.34
CA ALA I 114 -3.04 -5.92 68.56
C ALA I 114 -1.70 -5.46 69.09
N ILE I 115 -1.66 -4.20 69.54
CA ILE I 115 -0.46 -3.62 70.14
C ILE I 115 -0.77 -2.95 71.48
N ASP I 116 -2.01 -3.10 71.93
CA ASP I 116 -2.49 -2.50 73.19
C ASP I 116 -2.33 -3.44 74.39
N GLY I 117 -1.79 -4.64 74.15
CA GLY I 117 -1.59 -5.64 75.21
C GLY I 117 -2.88 -6.27 75.72
N LYS I 118 -3.98 -6.16 74.96
CA LYS I 118 -5.28 -6.66 75.41
C LYS I 118 -5.67 -8.00 74.76
N GLY I 119 -4.67 -8.75 74.31
CA GLY I 119 -4.91 -10.07 73.73
C GLY I 119 -5.32 -10.01 72.27
N PRO I 120 -5.73 -11.17 71.72
CA PRO I 120 -6.06 -11.26 70.30
C PRO I 120 -7.31 -10.46 69.95
N ILE I 121 -7.35 -9.99 68.71
CA ILE I 121 -8.59 -9.52 68.13
C ILE I 121 -9.39 -10.81 67.88
N GLY I 122 -10.65 -10.82 68.27
CA GLY I 122 -11.44 -12.02 68.04
C GLY I 122 -12.14 -11.91 66.71
N SER I 123 -11.39 -11.56 65.67
CA SER I 123 -11.98 -11.27 64.37
C SER I 123 -12.38 -12.52 63.61
N LYS I 124 -13.52 -12.40 62.94
CA LYS I 124 -14.14 -13.51 62.22
C LYS I 124 -14.12 -13.32 60.70
N ALA I 125 -13.91 -12.10 60.26
CA ALA I 125 -13.82 -11.82 58.82
C ALA I 125 -12.50 -11.12 58.47
N ARG I 126 -12.14 -11.18 57.19
CA ARG I 126 -10.95 -10.50 56.65
C ARG I 126 -11.29 -9.83 55.32
N ARG I 127 -10.49 -8.85 54.94
CA ARG I 127 -10.78 -8.09 53.73
C ARG I 127 -9.49 -7.59 53.10
N ARG I 128 -9.38 -7.80 51.79
CA ARG I 128 -8.21 -7.34 51.04
C ARG I 128 -7.97 -5.85 51.25
N VAL I 129 -6.70 -5.48 51.42
CA VAL I 129 -6.35 -4.05 51.59
C VAL I 129 -6.44 -3.26 50.28
N GLY I 130 -6.43 -3.94 49.14
CA GLY I 130 -6.40 -3.26 47.84
C GLY I 130 -7.64 -3.31 46.96
N LEU I 131 -8.80 -3.60 47.55
CA LEU I 131 -10.05 -3.63 46.80
C LEU I 131 -10.36 -2.29 46.15
N LYS I 132 -10.80 -2.35 44.89
CA LYS I 132 -11.22 -1.21 44.10
C LYS I 132 -12.45 -0.56 44.76
N ALA I 133 -12.46 0.77 44.79
CA ALA I 133 -13.61 1.53 45.23
C ALA I 133 -14.88 1.15 44.47
N PRO I 134 -16.06 1.31 45.09
CA PRO I 134 -17.31 1.09 44.38
C PRO I 134 -17.43 1.98 43.15
N GLY I 135 -18.08 1.46 42.11
CA GLY I 135 -18.23 2.19 40.87
C GLY I 135 -19.36 3.19 40.95
N ILE I 136 -19.92 3.53 39.79
CA ILE I 136 -20.93 4.55 39.65
C ILE I 136 -22.29 4.18 40.22
N ILE I 137 -22.82 3.03 39.81
CA ILE I 137 -24.21 2.64 40.15
C ILE I 137 -24.51 2.52 41.67
N PRO I 138 -23.60 1.89 42.45
CA PRO I 138 -23.90 1.65 43.86
C PRO I 138 -24.03 2.92 44.74
N ARG I 139 -23.59 4.07 44.23
CA ARG I 139 -23.48 5.29 45.04
C ARG I 139 -24.71 6.17 44.97
N ILE I 140 -24.80 7.12 45.89
CA ILE I 140 -25.76 8.21 45.79
C ILE I 140 -25.13 9.41 46.47
N SER I 141 -25.55 10.61 46.10
CA SER I 141 -24.95 11.82 46.68
C SER I 141 -25.11 11.84 48.19
N VAL I 142 -24.07 12.27 48.90
CA VAL I 142 -24.10 12.38 50.36
C VAL I 142 -25.27 13.26 50.80
N ARG I 143 -25.92 12.89 51.90
CA ARG I 143 -27.22 13.44 52.28
C ARG I 143 -27.51 13.38 53.77
N GLU I 144 -26.65 12.71 54.53
CA GLU I 144 -26.77 12.69 55.98
C GLU I 144 -25.59 13.44 56.59
N PRO I 145 -25.83 14.22 57.65
CA PRO I 145 -24.76 15.02 58.21
C PRO I 145 -23.73 14.17 58.91
N MET I 146 -22.48 14.53 58.73
CA MET I 146 -21.42 14.00 59.57
C MET I 146 -21.04 15.20 60.43
N GLN I 147 -21.58 15.22 61.65
CA GLN I 147 -21.41 16.36 62.55
C GLN I 147 -20.05 16.28 63.27
N THR I 148 -19.30 17.36 63.20
CA THR I 148 -18.00 17.41 63.88
C THR I 148 -18.18 17.91 65.30
N GLY I 149 -19.24 18.68 65.51
CA GLY I 149 -19.46 19.31 66.81
C GLY I 149 -18.68 20.60 66.90
N ILE I 150 -18.08 20.99 65.77
CA ILE I 150 -17.25 22.20 65.68
C ILE I 150 -18.05 23.26 64.91
N LYS I 151 -18.35 24.36 65.58
CA LYS I 151 -19.23 25.40 65.05
C LYS I 151 -18.82 25.87 63.64
N ALA I 152 -17.54 26.19 63.51
CA ALA I 152 -16.99 26.66 62.25
C ALA I 152 -17.11 25.65 61.12
N VAL I 153 -16.81 24.38 61.39
CA VAL I 153 -16.96 23.34 60.37
C VAL I 153 -18.44 23.07 60.07
N ASP I 154 -19.23 22.79 61.11
CA ASP I 154 -20.63 22.37 60.91
C ASP I 154 -21.51 23.42 60.23
N SER I 155 -21.22 24.70 60.48
CA SER I 155 -21.94 25.80 59.85
C SER I 155 -21.40 26.18 58.47
N LEU I 156 -20.07 26.38 58.38
CA LEU I 156 -19.45 26.95 57.17
C LEU I 156 -18.93 25.92 56.17
N VAL I 157 -18.53 24.75 56.66
CA VAL I 157 -17.97 23.71 55.81
C VAL I 157 -18.63 22.36 56.07
N PRO I 158 -19.98 22.28 55.91
CA PRO I 158 -20.69 21.07 56.36
C PRO I 158 -20.16 19.81 55.67
N ILE I 159 -20.00 18.74 56.43
CA ILE I 159 -19.55 17.48 55.87
C ILE I 159 -20.71 16.51 55.89
N GLY I 160 -20.93 15.83 54.76
CA GLY I 160 -21.92 14.76 54.69
C GLY I 160 -21.30 13.38 54.75
N ARG I 161 -22.11 12.39 55.14
CA ARG I 161 -21.67 11.00 55.29
C ARG I 161 -21.38 10.36 53.94
N GLY I 162 -20.13 9.95 53.75
CA GLY I 162 -19.63 9.40 52.51
C GLY I 162 -18.72 10.35 51.75
N GLN I 163 -18.65 11.61 52.20
CA GLN I 163 -17.80 12.65 51.61
C GLN I 163 -16.34 12.43 51.99
N ARG I 164 -15.43 12.95 51.17
CA ARG I 164 -14.00 13.10 51.53
C ARG I 164 -13.71 14.58 51.74
N GLU I 165 -13.25 14.93 52.93
CA GLU I 165 -12.96 16.33 53.19
C GLU I 165 -11.55 16.50 53.76
N LEU I 166 -10.70 17.17 52.99
CA LEU I 166 -9.32 17.33 53.39
C LEU I 166 -9.17 18.30 54.56
N ILE I 167 -8.31 17.94 55.51
CA ILE I 167 -7.82 18.88 56.53
C ILE I 167 -6.37 19.15 56.16
N ILE I 168 -6.08 20.41 55.85
CA ILE I 168 -4.80 20.79 55.30
C ILE I 168 -4.29 22.03 56.06
N GLY I 169 -2.98 22.09 56.32
CA GLY I 169 -2.35 23.22 57.00
C GLY I 169 -0.92 22.91 57.46
N ASP I 170 -0.17 23.95 57.79
CA ASP I 170 1.20 23.82 58.31
C ASP I 170 1.20 22.99 59.60
N ARG I 171 2.37 22.52 60.02
CA ARG I 171 2.51 21.81 61.29
C ARG I 171 1.94 22.65 62.44
N GLN I 172 1.40 21.97 63.46
CA GLN I 172 0.87 22.65 64.65
C GLN I 172 -0.15 23.75 64.33
N THR I 173 -1.11 23.46 63.47
CA THR I 173 -2.18 24.44 63.22
C THR I 173 -3.55 23.99 63.75
N GLY I 174 -3.59 22.80 64.36
CA GLY I 174 -4.83 22.28 64.93
C GLY I 174 -5.53 21.20 64.11
N LYS I 175 -4.82 20.58 63.18
CA LYS I 175 -5.42 19.66 62.21
C LYS I 175 -5.97 18.40 62.86
N THR I 176 -5.15 17.75 63.66
CA THR I 176 -5.54 16.53 64.37
C THR I 176 -6.70 16.81 65.34
N SER I 177 -6.68 17.99 65.96
CA SER I 177 -7.74 18.39 66.90
C SER I 177 -9.12 18.38 66.28
N ILE I 178 -9.24 18.87 65.05
CA ILE I 178 -10.48 18.76 64.28
C ILE I 178 -10.95 17.28 64.27
N ALA I 179 -10.03 16.39 63.90
CA ALA I 179 -10.35 14.97 63.78
C ALA I 179 -10.74 14.35 65.13
N ILE I 180 -10.04 14.75 66.18
CA ILE I 180 -10.28 14.21 67.51
C ILE I 180 -11.62 14.68 68.09
N ASP I 181 -11.90 15.98 67.97
CA ASP I 181 -13.19 16.52 68.40
C ASP I 181 -14.35 15.89 67.63
N THR I 182 -14.13 15.62 66.34
CA THR I 182 -15.10 14.90 65.52
C THR I 182 -15.38 13.50 66.05
N ILE I 183 -14.33 12.79 66.48
CA ILE I 183 -14.47 11.43 66.96
C ILE I 183 -15.22 11.43 68.30
N ILE I 184 -14.81 12.34 69.18
CA ILE I 184 -15.42 12.49 70.50
C ILE I 184 -16.88 12.89 70.37
N ASN I 185 -17.21 13.67 69.33
CA ASN I 185 -18.58 14.13 69.09
C ASN I 185 -19.61 13.01 68.88
N GLN I 186 -19.15 11.86 68.39
CA GLN I 186 -20.04 10.78 67.96
C GLN I 186 -20.67 10.00 69.14
N LYS I 187 -20.13 10.19 70.34
CA LYS I 187 -20.69 9.53 71.51
C LYS I 187 -22.20 9.78 71.67
N ARG I 188 -22.66 11.00 71.35
CA ARG I 188 -24.08 11.34 71.51
C ARG I 188 -25.02 10.46 70.69
N PHE I 189 -24.60 10.09 69.48
CA PHE I 189 -25.36 9.21 68.60
C PHE I 189 -25.11 7.74 68.95
N ASN I 190 -23.84 7.40 69.19
CA ASN I 190 -23.45 6.03 69.51
C ASN I 190 -24.05 5.52 70.83
N ASP I 191 -24.32 6.45 71.75
CA ASP I 191 -25.03 6.16 73.01
C ASP I 191 -26.56 6.13 72.88
N GLY I 192 -27.07 6.21 71.65
CA GLY I 192 -28.50 5.94 71.37
C GLY I 192 -28.65 4.51 70.89
N THR I 193 -29.80 4.19 70.28
CA THR I 193 -30.00 2.87 69.65
C THR I 193 -30.48 3.00 68.20
N ASP I 194 -30.72 4.24 67.77
CA ASP I 194 -30.98 4.58 66.37
C ASP I 194 -29.70 4.29 65.62
N GLU I 195 -29.64 3.12 65.00
CA GLU I 195 -28.41 2.63 64.35
C GLU I 195 -27.98 3.43 63.11
N LYS I 196 -28.89 4.24 62.59
CA LYS I 196 -28.66 4.98 61.36
C LYS I 196 -27.87 6.26 61.63
N LYS I 197 -27.96 6.76 62.85
CA LYS I 197 -27.21 7.94 63.26
C LYS I 197 -25.85 7.61 63.86
N LYS I 198 -25.60 6.32 64.10
CA LYS I 198 -24.33 5.92 64.67
C LYS I 198 -23.19 6.12 63.66
N LEU I 199 -21.98 6.30 64.18
CA LEU I 199 -20.80 6.48 63.35
C LEU I 199 -19.57 5.91 64.06
N TYR I 200 -19.01 4.87 63.46
CA TYR I 200 -17.86 4.16 63.99
C TYR I 200 -16.60 4.79 63.45
N CYS I 201 -15.62 4.96 64.32
CA CYS I 201 -14.49 5.76 63.95
C CYS I 201 -13.23 4.94 63.78
N ILE I 202 -12.39 5.36 62.83
CA ILE I 202 -11.10 4.75 62.57
C ILE I 202 -10.07 5.86 62.42
N TYR I 203 -9.07 5.83 63.30
CA TYR I 203 -7.99 6.79 63.26
C TYR I 203 -6.73 6.06 62.86
N VAL I 204 -6.20 6.43 61.70
CA VAL I 204 -4.95 5.90 61.23
C VAL I 204 -3.84 6.90 61.48
N ALA I 205 -2.90 6.52 62.34
CA ALA I 205 -1.66 7.29 62.54
C ALA I 205 -0.56 6.80 61.63
N ILE I 206 -0.02 7.71 60.83
CA ILE I 206 1.07 7.40 59.90
C ILE I 206 2.26 8.33 60.14
N GLY I 207 3.38 7.77 60.60
CA GLY I 207 4.63 8.51 60.78
C GLY I 207 4.76 9.37 62.04
N GLN I 208 3.70 9.40 62.83
CA GLN I 208 3.65 10.18 64.07
C GLN I 208 4.60 9.59 65.12
N LYS I 209 4.87 10.35 66.15
CA LYS I 209 5.47 9.77 67.36
C LYS I 209 4.48 8.80 67.99
N ARG I 210 5.00 7.69 68.49
CA ARG I 210 4.20 6.67 69.16
C ARG I 210 3.64 7.16 70.49
N SER I 211 4.29 8.12 71.14
CA SER I 211 3.80 8.69 72.42
C SER I 211 2.57 9.54 72.19
N THR I 212 2.49 10.13 71.00
CA THR I 212 1.34 10.91 70.57
C THR I 212 0.12 10.04 70.36
N VAL I 213 0.33 8.86 69.76
CA VAL I 213 -0.75 7.92 69.57
C VAL I 213 -1.24 7.40 70.93
N ALA I 214 -0.30 7.06 71.81
CA ALA I 214 -0.62 6.57 73.16
C ALA I 214 -1.41 7.60 73.95
N GLN I 215 -0.97 8.87 73.86
CA GLN I 215 -1.62 9.96 74.56
C GLN I 215 -3.02 10.16 74.03
N LEU I 216 -3.12 10.08 72.71
CA LEU I 216 -4.38 10.19 72.00
C LEU I 216 -5.38 9.11 72.42
N VAL I 217 -4.92 7.86 72.55
CA VAL I 217 -5.80 6.75 72.91
C VAL I 217 -6.31 6.95 74.34
N LYS I 218 -5.44 7.49 75.20
CA LYS I 218 -5.81 7.82 76.58
C LYS I 218 -6.90 8.88 76.62
N ARG I 219 -6.76 9.88 75.76
CA ARG I 219 -7.71 10.98 75.64
C ARG I 219 -9.05 10.47 75.12
N LEU I 220 -9.00 9.55 74.16
CA LEU I 220 -10.21 8.92 73.64
C LEU I 220 -10.86 8.00 74.67
N THR I 221 -10.03 7.34 75.48
CA THR I 221 -10.52 6.48 76.56
C THR I 221 -11.25 7.32 77.61
N ASP I 222 -10.61 8.39 78.07
CA ASP I 222 -11.22 9.33 79.04
C ASP I 222 -12.55 9.88 78.57
N ALA I 223 -12.65 10.23 77.29
CA ALA I 223 -13.89 10.77 76.72
C ALA I 223 -14.91 9.66 76.46
N ASP I 224 -14.49 8.41 76.65
CA ASP I 224 -15.33 7.23 76.41
C ASP I 224 -15.72 7.13 74.93
N ALA I 225 -14.76 7.48 74.07
CA ALA I 225 -14.90 7.40 72.62
C ALA I 225 -14.16 6.18 72.03
N MET I 226 -13.26 5.60 72.81
CA MET I 226 -12.40 4.54 72.32
C MET I 226 -13.19 3.26 72.04
N LYS I 227 -14.35 3.14 72.70
CA LYS I 227 -15.22 1.98 72.54
C LYS I 227 -15.73 1.81 71.09
N TYR I 228 -15.83 2.92 70.36
CA TYR I 228 -16.36 2.87 69.00
C TYR I 228 -15.33 3.28 67.94
N THR I 229 -14.05 3.20 68.33
CA THR I 229 -12.95 3.60 67.48
C THR I 229 -11.91 2.51 67.33
N ILE I 230 -11.46 2.31 66.10
CA ILE I 230 -10.28 1.50 65.81
C ILE I 230 -9.11 2.45 65.55
N VAL I 231 -7.99 2.22 66.23
CA VAL I 231 -6.75 2.96 65.96
C VAL I 231 -5.76 2.06 65.22
N VAL I 232 -5.41 2.45 64.00
CA VAL I 232 -4.34 1.75 63.25
C VAL I 232 -3.08 2.61 63.36
N SER I 233 -1.97 2.01 63.79
CA SER I 233 -0.76 2.78 64.13
C SER I 233 0.50 2.24 63.44
N ALA I 234 1.06 3.07 62.58
CA ALA I 234 2.34 2.82 61.90
C ALA I 234 3.11 4.11 62.11
N THR I 235 3.97 4.11 63.13
CA THR I 235 4.61 5.34 63.62
C THR I 235 6.05 5.55 63.11
N ALA I 236 6.69 6.61 63.61
CA ALA I 236 7.97 7.12 63.04
C ALA I 236 9.08 6.07 62.98
N SER I 237 9.06 5.09 63.89
CA SER I 237 10.08 4.05 63.86
C SER I 237 9.64 2.74 63.17
N ASP I 238 8.40 2.70 62.70
CA ASP I 238 7.92 1.59 61.90
C ASP I 238 8.45 1.72 60.48
N ALA I 239 8.76 0.59 59.86
CA ALA I 239 9.37 0.58 58.55
C ALA I 239 8.43 1.24 57.55
N ALA I 240 9.01 1.95 56.57
CA ALA I 240 8.21 2.66 55.54
C ALA I 240 7.03 1.86 54.98
N PRO I 241 7.26 0.59 54.56
CA PRO I 241 6.15 -0.24 54.07
C PRO I 241 4.96 -0.39 55.03
N LEU I 242 5.19 -0.36 56.34
CA LEU I 242 4.08 -0.39 57.28
C LEU I 242 3.25 0.92 57.21
N GLN I 243 3.95 2.06 57.21
CA GLN I 243 3.32 3.38 57.04
C GLN I 243 2.56 3.47 55.72
N TYR I 244 3.17 3.00 54.64
CA TYR I 244 2.51 2.88 53.35
C TYR I 244 1.19 2.06 53.44
N LEU I 245 1.24 0.95 54.17
CA LEU I 245 0.14 -0.01 54.24
C LEU I 245 -1.04 0.46 55.09
N ALA I 246 -0.72 1.10 56.22
CA ALA I 246 -1.71 1.44 57.27
C ALA I 246 -3.01 2.13 56.81
N PRO I 247 -2.92 3.16 55.94
CA PRO I 247 -4.17 3.75 55.44
C PRO I 247 -5.10 2.75 54.74
N TYR I 248 -4.55 1.83 53.95
CA TYR I 248 -5.35 0.79 53.27
C TYR I 248 -5.96 -0.24 54.21
N SER I 249 -5.17 -0.67 55.19
CA SER I 249 -5.65 -1.54 56.26
C SER I 249 -6.84 -0.88 56.95
N GLY I 250 -6.63 0.36 57.39
CA GLY I 250 -7.68 1.12 58.06
C GLY I 250 -8.92 1.31 57.20
N CYS I 251 -8.73 1.63 55.93
CA CYS I 251 -9.82 1.77 54.96
C CYS I 251 -10.66 0.51 54.81
N SER I 252 -10.01 -0.65 54.66
CA SER I 252 -10.71 -1.96 54.61
C SER I 252 -11.59 -2.22 55.84
N MET I 253 -11.04 -1.94 57.03
CA MET I 253 -11.79 -1.98 58.28
C MET I 253 -13.00 -1.05 58.24
N GLY I 254 -12.83 0.10 57.59
CA GLY I 254 -13.93 1.06 57.42
C GLY I 254 -15.00 0.57 56.47
N GLU I 255 -14.58 -0.10 55.40
CA GLU I 255 -15.49 -0.65 54.40
C GLU I 255 -16.36 -1.76 54.94
N TYR I 256 -15.91 -2.40 56.02
CA TYR I 256 -16.76 -3.38 56.71
C TYR I 256 -18.09 -2.74 57.10
N PHE I 257 -18.04 -1.53 57.64
CA PHE I 257 -19.24 -0.79 58.01
C PHE I 257 -19.93 -0.24 56.77
N ARG I 258 -19.15 0.37 55.87
CA ARG I 258 -19.69 0.96 54.64
C ARG I 258 -20.65 0.00 53.94
N ASP I 259 -20.22 -1.25 53.74
CA ASP I 259 -20.97 -2.24 52.97
C ASP I 259 -22.03 -3.04 53.75
N ASN I 260 -22.06 -2.89 55.08
CA ASN I 260 -23.04 -3.60 55.90
C ASN I 260 -24.12 -2.70 56.49
N GLY I 261 -24.53 -1.70 55.72
CA GLY I 261 -25.56 -0.76 56.16
C GLY I 261 -25.19 0.14 57.32
N LYS I 262 -23.91 0.25 57.63
CA LYS I 262 -23.47 1.13 58.72
C LYS I 262 -22.58 2.26 58.23
N HIS I 263 -22.12 3.08 59.17
CA HIS I 263 -21.46 4.31 58.84
C HIS I 263 -20.17 4.42 59.63
N ALA I 264 -19.09 4.63 58.89
CA ALA I 264 -17.78 4.77 59.48
C ALA I 264 -17.12 6.06 59.02
N LEU I 265 -16.23 6.53 59.88
CA LEU I 265 -15.43 7.70 59.64
C LEU I 265 -13.98 7.31 59.78
N ILE I 266 -13.18 7.61 58.75
CA ILE I 266 -11.75 7.37 58.80
C ILE I 266 -10.91 8.65 58.69
N ILE I 267 -9.88 8.73 59.53
CA ILE I 267 -8.90 9.80 59.51
C ILE I 267 -7.54 9.21 59.11
N TYR I 268 -6.94 9.80 58.08
CA TYR I 268 -5.59 9.45 57.68
C TYR I 268 -4.62 10.52 58.17
N ASP I 269 -4.02 10.27 59.33
CA ASP I 269 -3.22 11.27 60.02
C ASP I 269 -1.74 10.86 60.10
N ASP I 270 -0.94 11.18 59.07
CA ASP I 270 -1.38 12.00 57.95
C ASP I 270 -0.87 11.45 56.61
N LEU I 271 -1.41 11.97 55.50
CA LEU I 271 -1.06 11.48 54.18
C LEU I 271 0.25 12.06 53.60
N SER I 272 0.70 13.19 54.14
CA SER I 272 2.02 13.71 53.82
C SER I 272 3.11 12.72 54.23
N LYS I 273 2.96 12.14 55.42
CA LYS I 273 3.95 11.20 55.91
C LYS I 273 3.88 9.84 55.18
N GLN I 274 2.66 9.42 54.80
CA GLN I 274 2.50 8.21 53.98
C GLN I 274 3.20 8.35 52.63
N ALA I 275 3.05 9.51 51.99
CA ALA I 275 3.71 9.76 50.71
C ALA I 275 5.24 9.79 50.85
N VAL I 276 5.76 10.34 51.95
CA VAL I 276 7.21 10.33 52.19
C VAL I 276 7.70 8.87 52.27
N ALA I 277 6.95 8.01 52.97
CA ALA I 277 7.28 6.60 53.11
C ALA I 277 7.20 5.88 51.78
N TYR I 278 6.24 6.26 50.94
CA TYR I 278 6.13 5.64 49.61
C TYR I 278 7.24 6.10 48.68
N ARG I 279 7.62 7.38 48.80
CA ARG I 279 8.80 7.90 48.12
C ARG I 279 10.09 7.15 48.48
N GLN I 280 10.28 6.86 49.78
CA GLN I 280 11.44 6.08 50.23
C GLN I 280 11.47 4.73 49.50
N MET I 281 10.35 4.01 49.53
CA MET I 281 10.25 2.69 48.93
C MET I 281 10.53 2.75 47.44
N SER I 282 9.98 3.77 46.80
CA SER I 282 10.12 3.92 45.34
C SER I 282 11.53 4.21 44.91
N LEU I 283 12.21 5.08 45.64
CA LEU I 283 13.61 5.45 45.33
C LEU I 283 14.56 4.29 45.62
N LEU I 284 14.31 3.57 46.70
CA LEU I 284 15.04 2.34 46.97
C LEU I 284 14.78 1.28 45.90
N LEU I 285 13.59 1.29 45.30
CA LEU I 285 13.29 0.40 44.16
C LEU I 285 13.87 0.95 42.85
N ARG I 286 14.45 2.15 42.93
CA ARG I 286 15.09 2.84 41.80
C ARG I 286 14.09 3.24 40.72
N ARG I 287 12.87 3.55 41.16
CA ARG I 287 11.87 4.11 40.27
C ARG I 287 12.28 5.55 39.94
N PRO I 288 11.96 6.04 38.72
CA PRO I 288 12.43 7.37 38.37
C PRO I 288 11.77 8.49 39.16
N PRO I 289 12.56 9.34 39.82
CA PRO I 289 11.98 10.44 40.58
C PRO I 289 11.50 11.60 39.69
N GLY I 290 10.46 12.27 40.15
CA GLY I 290 9.90 13.36 39.38
C GLY I 290 9.83 14.58 40.25
N ARG I 291 8.68 15.24 40.22
CA ARG I 291 8.50 16.50 40.92
C ARG I 291 8.67 16.26 42.43
N GLU I 292 9.53 17.06 43.07
CA GLU I 292 9.96 16.83 44.46
C GLU I 292 10.50 15.43 44.75
N ALA I 293 11.05 14.77 43.72
CA ALA I 293 11.58 13.41 43.82
C ALA I 293 10.54 12.31 44.11
N TYR I 294 9.26 12.65 44.03
CA TYR I 294 8.20 11.65 44.16
C TYR I 294 8.06 10.85 42.85
N PRO I 295 7.53 9.62 42.94
CA PRO I 295 7.29 8.83 41.73
C PRO I 295 5.99 9.26 41.06
N GLY I 296 5.85 8.98 39.77
CA GLY I 296 4.64 9.33 39.03
C GLY I 296 3.33 8.70 39.50
N ASP I 297 3.41 7.73 40.41
CA ASP I 297 2.21 7.05 40.90
C ASP I 297 1.83 7.52 42.31
N VAL I 298 2.38 8.66 42.70
CA VAL I 298 2.12 9.23 44.02
C VAL I 298 0.70 9.81 44.10
N PHE I 299 0.19 10.34 42.98
CA PHE I 299 -1.25 10.75 42.94
C PHE I 299 -2.15 9.53 43.14
N TYR I 300 -1.92 8.48 42.34
CA TYR I 300 -2.68 7.21 42.40
C TYR I 300 -2.64 6.56 43.79
N LEU I 301 -1.50 6.66 44.47
CA LEU I 301 -1.38 6.18 45.86
C LEU I 301 -2.55 6.72 46.68
N HIS I 302 -2.83 8.01 46.55
CA HIS I 302 -3.86 8.64 47.37
C HIS I 302 -5.25 8.51 46.76
N SER I 303 -5.33 8.49 45.43
CA SER I 303 -6.61 8.58 44.73
C SER I 303 -7.41 7.29 44.92
N ARG I 304 -6.74 6.14 44.78
CA ARG I 304 -7.44 4.86 44.93
C ARG I 304 -7.92 4.68 46.37
N LEU I 305 -7.12 5.16 47.32
CA LEU I 305 -7.50 5.09 48.74
C LEU I 305 -8.73 5.97 49.04
N LEU I 306 -8.70 7.21 48.58
CA LEU I 306 -9.79 8.12 48.93
C LEU I 306 -11.10 7.82 48.17
N GLU I 307 -11.00 7.24 46.99
CA GLU I 307 -12.18 6.81 46.23
C GLU I 307 -13.04 5.82 47.01
N ARG I 308 -12.44 5.18 48.01
CA ARG I 308 -13.10 4.09 48.74
C ARG I 308 -14.07 4.59 49.81
N ALA I 309 -13.85 5.82 50.29
CA ALA I 309 -14.86 6.55 51.03
C ALA I 309 -15.98 6.88 50.02
N ALA I 310 -17.22 6.61 50.43
CA ALA I 310 -18.33 6.58 49.50
C ALA I 310 -19.64 6.50 50.26
N LYS I 311 -20.69 7.04 49.63
CA LYS I 311 -22.06 6.92 50.12
C LYS I 311 -22.78 5.91 49.23
N MET I 312 -23.23 4.82 49.84
CA MET I 312 -23.93 3.75 49.16
C MET I 312 -25.40 4.07 49.08
N ASN I 313 -26.04 3.72 47.97
CA ASN I 313 -27.48 3.88 47.87
C ASN I 313 -28.18 2.77 48.70
N ASP I 314 -29.51 2.86 48.79
CA ASP I 314 -30.27 1.94 49.64
C ASP I 314 -30.18 0.50 49.16
N ALA I 315 -30.02 0.31 47.85
CA ALA I 315 -29.93 -1.03 47.24
C ALA I 315 -28.61 -1.72 47.58
N PHE I 316 -27.70 -0.97 48.17
CA PHE I 316 -26.41 -1.49 48.57
C PHE I 316 -26.24 -1.35 50.10
N GLY I 317 -27.38 -1.25 50.78
CA GLY I 317 -27.41 -1.22 52.24
C GLY I 317 -27.55 0.16 52.82
N GLY I 318 -27.25 1.20 52.04
CA GLY I 318 -27.36 2.58 52.50
C GLY I 318 -26.24 3.08 53.41
N GLY I 319 -25.17 2.31 53.59
CA GLY I 319 -24.08 2.69 54.48
C GLY I 319 -23.12 3.68 53.86
N SER I 320 -22.11 4.09 54.63
CA SER I 320 -21.13 5.06 54.15
C SER I 320 -19.79 4.96 54.84
N LEU I 321 -18.76 5.43 54.15
CA LEU I 321 -17.46 5.68 54.75
C LEU I 321 -17.05 7.10 54.43
N THR I 322 -16.83 7.90 55.47
CA THR I 322 -16.40 9.27 55.34
C THR I 322 -14.91 9.29 55.64
N ALA I 323 -14.14 10.07 54.87
CA ALA I 323 -12.70 10.15 55.07
C ALA I 323 -12.26 11.58 55.37
N LEU I 324 -11.47 11.73 56.44
CA LEU I 324 -10.75 12.99 56.67
C LEU I 324 -9.24 12.78 56.54
N PRO I 325 -8.70 12.89 55.32
CA PRO I 325 -7.25 12.85 55.17
C PRO I 325 -6.65 14.15 55.67
N VAL I 326 -5.45 14.04 56.24
CA VAL I 326 -4.70 15.18 56.68
C VAL I 326 -3.46 15.38 55.79
N ILE I 327 -3.20 16.63 55.42
CA ILE I 327 -1.99 16.97 54.65
C ILE I 327 -1.30 18.14 55.33
N GLU I 328 0.03 18.03 55.44
CA GLU I 328 0.81 19.06 56.06
C GLU I 328 1.46 19.88 54.97
N THR I 329 1.16 21.18 54.97
CA THR I 329 1.80 22.09 54.03
C THR I 329 3.14 22.61 54.59
N GLN I 330 3.98 23.09 53.68
CA GLN I 330 5.19 23.83 54.07
C GLN I 330 4.92 25.32 53.86
N ALA I 331 4.95 26.07 54.96
CA ALA I 331 4.77 27.52 54.98
C ALA I 331 3.58 28.00 54.14
N GLY I 332 2.46 27.30 54.28
CA GLY I 332 1.23 27.70 53.60
C GLY I 332 1.16 27.49 52.10
N ASP I 333 2.05 26.66 51.57
CA ASP I 333 2.11 26.47 50.11
C ASP I 333 1.16 25.38 49.65
N VAL I 334 -0.07 25.78 49.34
CA VAL I 334 -1.07 24.81 48.90
C VAL I 334 -0.89 24.37 47.44
N SER I 335 -0.01 25.07 46.74
CA SER I 335 0.31 24.83 45.34
C SER I 335 1.31 23.70 45.16
N ALA I 336 1.89 23.22 46.26
CA ALA I 336 2.90 22.18 46.18
C ALA I 336 2.28 20.89 45.62
N TYR I 337 3.14 19.96 45.19
CA TYR I 337 2.72 18.77 44.46
C TYR I 337 1.71 17.89 45.21
N ILE I 338 2.04 17.56 46.45
CA ILE I 338 1.20 16.63 47.19
C ILE I 338 -0.12 17.25 47.68
N PRO I 339 -0.09 18.48 48.25
CA PRO I 339 -1.33 19.20 48.55
C PRO I 339 -2.28 19.30 47.35
N THR I 340 -1.78 19.71 46.19
CA THR I 340 -2.62 19.81 45.00
C THR I 340 -3.20 18.45 44.57
N ASN I 341 -2.38 17.40 44.57
CA ASN I 341 -2.85 16.03 44.32
C ASN I 341 -4.10 15.71 45.14
N VAL I 342 -4.01 15.88 46.45
CA VAL I 342 -5.09 15.52 47.37
C VAL I 342 -6.32 16.44 47.25
N ILE I 343 -6.11 17.75 47.18
CA ILE I 343 -7.20 18.67 46.84
C ILE I 343 -7.92 18.17 45.57
N SER I 344 -7.13 17.68 44.60
CA SER I 344 -7.67 17.19 43.32
C SER I 344 -8.39 15.84 43.45
N ILE I 345 -8.43 15.30 44.68
CA ILE I 345 -9.10 14.04 44.97
C ILE I 345 -10.34 14.22 45.86
N THR I 346 -10.21 15.02 46.92
CA THR I 346 -11.24 15.08 47.97
C THR I 346 -12.40 15.95 47.51
N ASP I 347 -13.45 16.06 48.31
CA ASP I 347 -14.62 16.88 47.93
C ASP I 347 -14.60 18.24 48.67
N GLY I 348 -13.45 18.91 48.64
CA GLY I 348 -13.25 20.14 49.40
C GLY I 348 -12.18 19.98 50.47
N GLN I 349 -11.85 21.09 51.12
CA GLN I 349 -10.81 21.12 52.16
C GLN I 349 -11.18 22.10 53.27
N ILE I 350 -10.66 21.82 54.47
CA ILE I 350 -10.61 22.78 55.54
C ILE I 350 -9.17 23.23 55.64
N PHE I 351 -8.91 24.50 55.34
CA PHE I 351 -7.55 25.03 55.41
C PHE I 351 -7.32 25.79 56.70
N LEU I 352 -6.27 25.40 57.42
CA LEU I 352 -5.90 26.05 58.68
C LEU I 352 -4.64 26.88 58.52
N GLU I 353 -4.71 28.14 58.96
CA GLU I 353 -3.61 29.11 58.79
C GLU I 353 -2.77 29.32 60.04
N THR I 354 -1.45 29.16 59.89
CA THR I 354 -0.51 29.54 60.94
C THR I 354 -0.82 30.95 61.51
N GLU I 355 -1.04 31.93 60.63
CA GLU I 355 -1.38 33.29 61.06
C GLU I 355 -2.56 33.39 62.03
N LEU I 356 -3.69 32.74 61.69
CA LEU I 356 -4.87 32.71 62.55
C LEU I 356 -4.66 31.97 63.85
N PHE I 357 -3.92 30.86 63.79
CA PHE I 357 -3.65 30.01 64.94
C PHE I 357 -2.80 30.79 65.93
N TYR I 358 -1.74 31.42 65.41
CA TYR I 358 -0.89 32.30 66.21
C TYR I 358 -1.70 33.39 66.92
N LYS I 359 -2.60 34.04 66.19
CA LYS I 359 -3.45 35.10 66.77
C LYS I 359 -4.46 34.59 67.82
N GLY I 360 -4.55 33.27 67.97
CA GLY I 360 -5.50 32.66 68.90
C GLY I 360 -6.91 32.46 68.36
N ILE I 361 -7.10 32.67 67.06
CA ILE I 361 -8.35 32.33 66.41
C ILE I 361 -8.29 30.82 66.18
N ARG I 362 -8.99 30.07 67.02
CA ARG I 362 -8.94 28.62 67.00
C ARG I 362 -10.34 28.04 67.17
N PRO I 363 -10.75 27.10 66.29
CA PRO I 363 -10.04 26.55 65.13
C PRO I 363 -9.63 27.59 64.09
N ALA I 364 -8.37 27.49 63.65
CA ALA I 364 -7.76 28.46 62.76
C ALA I 364 -8.18 28.28 61.30
N ILE I 365 -9.48 28.20 61.08
CA ILE I 365 -10.01 27.94 59.74
C ILE I 365 -9.99 29.20 58.88
N ASN I 366 -9.29 29.14 57.75
CA ASN I 366 -9.39 30.17 56.73
C ASN I 366 -10.65 29.91 55.90
N VAL I 367 -11.66 30.73 56.13
CA VAL I 367 -13.01 30.49 55.61
C VAL I 367 -13.06 30.59 54.09
N GLY I 368 -12.46 31.65 53.54
CA GLY I 368 -12.41 31.84 52.10
C GLY I 368 -11.75 30.70 51.34
N LEU I 369 -10.74 30.08 51.94
CA LEU I 369 -9.96 29.04 51.25
C LEU I 369 -10.52 27.64 51.47
N SER I 370 -11.56 27.55 52.30
CA SER I 370 -12.20 26.30 52.63
C SER I 370 -13.51 26.17 51.87
N VAL I 371 -13.85 24.92 51.52
CA VAL I 371 -15.10 24.52 50.89
C VAL I 371 -15.45 23.09 51.21
N SER I 372 -16.75 22.83 51.18
CA SER I 372 -17.29 21.49 51.12
C SER I 372 -18.04 21.46 49.81
N ARG I 373 -17.60 20.61 48.88
CA ARG I 373 -18.19 20.59 47.54
C ARG I 373 -19.57 19.93 47.55
N VAL I 374 -19.83 19.07 48.53
CA VAL I 374 -21.01 18.23 48.52
C VAL I 374 -21.78 18.22 49.85
N GLY I 375 -21.24 18.88 50.87
CA GLY I 375 -21.84 18.82 52.19
C GLY I 375 -23.14 19.60 52.39
N SER I 376 -23.35 20.65 51.60
CA SER I 376 -24.52 21.51 51.76
C SER I 376 -25.82 20.69 51.79
N ALA I 377 -25.95 19.74 50.86
CA ALA I 377 -27.12 18.88 50.79
C ALA I 377 -27.29 18.00 52.03
N ALA I 378 -26.26 17.93 52.87
CA ALA I 378 -26.31 17.11 54.09
C ALA I 378 -26.21 17.96 55.36
N GLN I 379 -26.54 19.23 55.27
CA GLN I 379 -26.61 20.10 56.44
C GLN I 379 -28.07 20.20 56.91
N THR I 380 -28.28 20.10 58.22
CA THR I 380 -29.62 20.25 58.77
C THR I 380 -30.18 21.61 58.42
N ARG I 381 -31.49 21.65 58.17
CA ARG I 381 -32.23 22.89 57.92
C ARG I 381 -32.00 23.89 59.04
N ALA I 382 -32.06 23.42 60.29
CA ALA I 382 -31.83 24.27 61.47
C ALA I 382 -30.55 25.09 61.32
N MET I 383 -29.46 24.41 61.00
CA MET I 383 -28.18 25.06 60.75
C MET I 383 -28.23 25.96 59.51
N LYS I 384 -28.80 25.47 58.41
CA LYS I 384 -28.98 26.29 57.20
C LYS I 384 -29.72 27.60 57.48
N GLN I 385 -30.65 27.57 58.43
CA GLN I 385 -31.45 28.75 58.81
C GLN I 385 -30.66 29.85 59.54
N VAL I 386 -29.48 29.52 60.06
CA VAL I 386 -28.63 30.53 60.73
C VAL I 386 -27.28 30.75 60.05
N ALA I 387 -26.75 29.71 59.40
CA ALA I 387 -25.41 29.71 58.85
C ALA I 387 -25.30 30.35 57.47
N GLY I 388 -26.38 30.31 56.69
CA GLY I 388 -26.42 30.89 55.35
C GLY I 388 -26.23 32.39 55.42
N THR I 389 -26.91 33.03 56.37
CA THR I 389 -26.77 34.47 56.61
C THR I 389 -25.46 34.82 57.31
N MET I 390 -24.91 33.87 58.07
CA MET I 390 -23.57 34.03 58.66
C MET I 390 -22.44 33.90 57.63
N LYS I 391 -22.53 32.91 56.75
CA LYS I 391 -21.58 32.78 55.65
C LYS I 391 -21.61 34.10 54.87
N LEU I 392 -22.84 34.60 54.65
CA LEU I 392 -23.05 35.85 53.93
C LEU I 392 -22.42 37.08 54.64
N GLU I 393 -22.64 37.18 55.95
CA GLU I 393 -22.09 38.30 56.74
C GLU I 393 -20.59 38.20 57.00
N LEU I 394 -20.03 36.98 56.88
CA LEU I 394 -18.57 36.77 56.96
C LEU I 394 -17.87 37.09 55.65
N ALA I 395 -18.55 36.88 54.53
CA ALA I 395 -18.02 37.23 53.21
C ALA I 395 -18.00 38.75 53.00
N GLN I 396 -18.97 39.44 53.62
CA GLN I 396 -19.03 40.91 53.62
C GLN I 396 -17.96 41.48 54.55
N TYR I 397 -17.65 40.74 55.62
CA TYR I 397 -16.61 41.11 56.58
C TYR I 397 -15.21 41.06 55.96
N ARG I 398 -15.00 40.08 55.09
CA ARG I 398 -13.70 39.90 54.43
C ARG I 398 -13.35 40.95 53.38
N GLU I 399 -14.37 41.63 52.86
CA GLU I 399 -14.18 42.68 51.87
C GLU I 399 -13.74 44.01 52.50
N VAL I 400 -14.02 44.17 53.79
CA VAL I 400 -13.82 45.46 54.46
C VAL I 400 -12.85 45.45 55.65
N ALA I 401 -12.25 44.30 55.95
CA ALA I 401 -11.39 44.16 57.13
C ALA I 401 -10.07 44.93 57.04
N LEU I 410 -15.77 55.38 57.31
CA LEU I 410 -16.44 55.08 58.57
C LEU I 410 -17.98 55.04 58.44
N ASP I 411 -18.47 55.06 57.20
CA ASP I 411 -19.91 55.12 56.93
C ASP I 411 -20.71 54.00 57.61
N ALA I 412 -21.89 54.36 58.10
CA ALA I 412 -22.74 53.46 58.90
C ALA I 412 -23.11 52.15 58.20
N ALA I 413 -22.99 52.12 56.87
CA ALA I 413 -23.26 50.93 56.08
C ALA I 413 -22.18 49.86 56.24
N THR I 414 -20.93 50.23 55.97
CA THR I 414 -19.79 49.31 56.07
C THR I 414 -19.25 49.15 57.50
N GLN I 415 -19.66 50.06 58.38
CA GLN I 415 -19.26 50.01 59.80
C GLN I 415 -19.99 48.86 60.51
N GLN I 416 -21.24 48.64 60.12
CA GLN I 416 -22.06 47.55 60.64
C GLN I 416 -21.52 46.18 60.20
N LEU I 417 -20.91 46.15 59.01
CA LEU I 417 -20.33 44.92 58.46
C LEU I 417 -19.06 44.51 59.22
N LEU I 418 -18.29 45.50 59.66
CA LEU I 418 -17.12 45.24 60.49
C LEU I 418 -17.49 44.86 61.93
N SER I 419 -18.51 45.53 62.46
CA SER I 419 -19.01 45.27 63.81
C SER I 419 -19.56 43.86 63.96
N ARG I 420 -20.34 43.43 62.96
CA ARG I 420 -20.92 42.08 62.94
C ARG I 420 -19.85 41.01 62.74
N GLY I 421 -18.93 41.27 61.82
CA GLY I 421 -17.87 40.34 61.48
C GLY I 421 -16.94 39.98 62.62
N VAL I 422 -16.50 40.97 63.40
CA VAL I 422 -15.58 40.70 64.51
C VAL I 422 -16.28 39.83 65.55
N ARG I 423 -17.60 40.01 65.65
CA ARG I 423 -18.40 39.36 66.67
C ARG I 423 -18.72 37.91 66.30
N LEU I 424 -19.12 37.70 65.05
CA LEU I 424 -19.31 36.34 64.51
C LEU I 424 -17.99 35.57 64.55
N THR I 425 -16.89 36.25 64.25
CA THR I 425 -15.56 35.67 64.33
C THR I 425 -15.30 35.08 65.71
N GLU I 426 -15.66 35.85 66.75
CA GLU I 426 -15.52 35.42 68.14
C GLU I 426 -16.38 34.20 68.42
N LEU I 427 -17.60 34.23 67.89
CA LEU I 427 -18.57 33.15 68.05
C LEU I 427 -17.99 31.81 67.62
N LEU I 428 -17.16 31.84 66.59
CA LEU I 428 -16.66 30.64 65.95
C LEU I 428 -15.37 30.10 66.58
N LYS I 429 -14.84 30.84 67.56
CA LYS I 429 -13.76 30.31 68.37
C LYS I 429 -14.32 29.17 69.21
N GLN I 430 -13.51 28.16 69.45
CA GLN I 430 -13.96 26.99 70.21
C GLN I 430 -12.78 26.28 70.83
N GLY I 431 -12.93 25.88 72.08
CA GLY I 431 -11.88 25.11 72.75
C GLY I 431 -11.92 23.67 72.31
N GLN I 432 -10.89 22.91 72.70
CA GLN I 432 -10.80 21.50 72.40
C GLN I 432 -11.63 20.65 73.36
N TYR I 433 -12.13 19.52 72.86
CA TYR I 433 -12.68 18.43 73.67
C TYR I 433 -14.11 18.63 74.14
N SER I 434 -14.74 19.72 73.71
CA SER I 434 -16.15 19.96 73.98
C SER I 434 -16.96 20.17 72.68
N PRO I 435 -17.07 19.12 71.85
CA PRO I 435 -17.91 19.25 70.66
C PRO I 435 -19.37 19.51 71.02
N MET I 436 -20.03 20.31 70.19
CA MET I 436 -21.37 20.79 70.49
C MET I 436 -22.43 20.09 69.66
N ALA I 437 -23.50 19.65 70.33
CA ALA I 437 -24.70 19.15 69.67
C ALA I 437 -25.20 20.24 68.73
N ILE I 438 -25.79 19.81 67.62
CA ILE I 438 -26.16 20.75 66.54
C ILE I 438 -27.08 21.88 67.00
N GLU I 439 -28.12 21.55 67.76
CA GLU I 439 -29.07 22.54 68.24
C GLU I 439 -28.45 23.60 69.17
N GLU I 440 -27.43 23.20 69.93
CA GLU I 440 -26.64 24.14 70.72
C GLU I 440 -25.80 25.07 69.84
N GLN I 441 -25.28 24.54 68.72
CA GLN I 441 -24.58 25.35 67.73
C GLN I 441 -25.53 26.37 67.08
N VAL I 442 -26.71 25.92 66.65
CA VAL I 442 -27.65 26.87 66.02
C VAL I 442 -28.13 27.95 66.99
N ALA I 443 -28.35 27.56 68.24
CA ALA I 443 -28.79 28.49 69.27
C ALA I 443 -27.78 29.61 69.48
N VAL I 444 -26.51 29.26 69.50
CA VAL I 444 -25.42 30.19 69.71
C VAL I 444 -25.23 31.11 68.51
N ILE I 445 -25.17 30.51 67.31
CA ILE I 445 -25.05 31.26 66.05
C ILE I 445 -26.22 32.24 65.85
N TYR I 446 -27.42 31.76 66.19
CA TYR I 446 -28.65 32.55 66.15
C TYR I 446 -28.43 33.92 66.81
N ALA I 447 -27.94 33.90 68.05
CA ALA I 447 -27.68 35.12 68.82
C ALA I 447 -26.86 36.12 68.00
N GLY I 448 -25.82 35.61 67.35
CA GLY I 448 -24.95 36.42 66.50
C GLY I 448 -25.60 36.99 65.26
N VAL I 449 -26.16 36.10 64.43
CA VAL I 449 -26.72 36.48 63.13
C VAL I 449 -28.03 37.28 63.23
N ARG I 450 -28.64 37.33 64.41
CA ARG I 450 -29.87 38.09 64.61
C ARG I 450 -29.63 39.45 65.29
N GLY I 451 -28.36 39.74 65.62
CA GLY I 451 -27.97 41.07 66.08
C GLY I 451 -27.68 41.23 67.56
N TYR I 452 -27.92 40.19 68.34
CA TYR I 452 -27.88 40.29 69.80
C TYR I 452 -26.49 40.52 70.40
N LEU I 453 -25.44 40.27 69.62
CA LEU I 453 -24.06 40.48 70.09
C LEU I 453 -23.49 41.85 69.73
N ASP I 454 -24.20 42.57 68.87
CA ASP I 454 -23.72 43.83 68.28
C ASP I 454 -23.30 44.92 69.27
N LYS I 455 -24.06 45.06 70.36
CA LYS I 455 -23.79 46.13 71.34
C LYS I 455 -22.80 45.70 72.45
N LEU I 456 -22.37 44.44 72.39
CA LEU I 456 -21.37 43.90 73.30
C LEU I 456 -19.96 44.14 72.77
N GLU I 457 -19.03 44.46 73.67
CA GLU I 457 -17.63 44.56 73.30
C GLU I 457 -17.15 43.18 72.87
N PRO I 458 -16.37 43.10 71.76
CA PRO I 458 -15.92 41.82 71.21
C PRO I 458 -15.15 40.93 72.19
N SER I 459 -14.44 41.54 73.13
CA SER I 459 -13.74 40.77 74.17
C SER I 459 -14.68 40.05 75.15
N LYS I 460 -15.97 40.36 75.06
CA LYS I 460 -16.98 39.78 75.95
C LYS I 460 -17.81 38.66 75.33
N ILE I 461 -17.66 38.45 74.01
CA ILE I 461 -18.49 37.52 73.24
C ILE I 461 -18.37 36.06 73.70
N THR I 462 -17.15 35.60 73.93
CA THR I 462 -16.96 34.22 74.37
C THR I 462 -17.62 34.01 75.74
N LYS I 463 -17.47 34.99 76.62
CA LYS I 463 -18.06 34.95 77.96
C LYS I 463 -19.57 34.86 77.86
N PHE I 464 -20.15 35.70 77.00
CA PHE I 464 -21.59 35.67 76.73
C PHE I 464 -22.04 34.30 76.23
N GLU I 465 -21.36 33.79 75.21
CA GLU I 465 -21.73 32.51 74.61
C GLU I 465 -21.80 31.39 75.64
N ASN I 466 -20.71 31.23 76.39
CA ASN I 466 -20.65 30.19 77.42
C ASN I 466 -21.74 30.34 78.47
N ALA I 467 -21.99 31.58 78.91
CA ALA I 467 -23.02 31.87 79.90
C ALA I 467 -24.42 31.69 79.31
N PHE I 468 -24.58 32.03 78.04
CA PHE I 468 -25.86 31.90 77.35
C PHE I 468 -26.19 30.44 77.12
N LEU I 469 -25.20 29.68 76.67
CA LEU I 469 -25.34 28.26 76.37
C LEU I 469 -25.70 27.44 77.61
N SER I 470 -24.94 27.59 78.68
CA SER I 470 -25.21 26.83 79.90
C SER I 470 -26.62 27.14 80.43
N HIS I 471 -27.10 28.35 80.16
CA HIS I 471 -28.44 28.79 80.55
C HIS I 471 -29.54 28.02 79.80
N VAL I 472 -29.45 27.98 78.46
CA VAL I 472 -30.46 27.27 77.67
C VAL I 472 -30.43 25.77 77.89
N ILE I 473 -29.25 25.20 78.13
CA ILE I 473 -29.11 23.79 78.45
C ILE I 473 -29.74 23.48 79.82
N SER I 474 -29.74 24.48 80.70
CA SER I 474 -30.30 24.32 82.05
C SER I 474 -31.80 24.60 82.09
N GLN I 475 -32.21 25.76 81.61
CA GLN I 475 -33.59 26.21 81.76
C GLN I 475 -34.49 25.94 80.54
N HIS I 476 -33.88 25.64 79.38
CA HIS I 476 -34.65 25.48 78.14
C HIS I 476 -34.26 24.25 77.29
N GLN I 477 -34.09 23.11 77.96
CA GLN I 477 -33.88 21.82 77.26
C GLN I 477 -34.99 21.51 76.27
N ALA I 478 -36.22 21.86 76.63
CA ALA I 478 -37.41 21.60 75.81
C ALA I 478 -37.35 22.28 74.44
N LEU I 479 -36.80 23.50 74.41
CA LEU I 479 -36.62 24.25 73.17
C LEU I 479 -35.53 23.63 72.29
N LEU I 480 -34.38 23.32 72.89
CA LEU I 480 -33.29 22.65 72.19
C LEU I 480 -33.76 21.30 71.65
N SER I 481 -34.42 20.53 72.52
CA SER I 481 -35.00 19.24 72.14
C SER I 481 -35.90 19.33 70.92
N LYS I 482 -36.75 20.35 70.89
CA LYS I 482 -37.69 20.58 69.78
C LYS I 482 -36.97 20.86 68.48
N ILE I 483 -35.94 21.70 68.53
CA ILE I 483 -35.12 22.02 67.37
C ILE I 483 -34.38 20.78 66.84
N ARG I 484 -33.84 19.98 67.77
CA ARG I 484 -33.19 18.72 67.44
C ARG I 484 -34.16 17.72 66.80
N THR I 485 -35.40 17.69 67.30
CA THR I 485 -36.45 16.81 66.80
C THR I 485 -36.95 17.24 65.42
N ASP I 486 -37.39 18.49 65.30
CA ASP I 486 -37.86 19.05 64.03
C ASP I 486 -36.74 19.18 62.99
N GLY I 487 -35.49 19.26 63.48
CA GLY I 487 -34.32 19.47 62.62
C GLY I 487 -34.33 20.84 61.97
N LYS I 488 -35.12 21.74 62.56
CA LYS I 488 -35.48 23.02 61.95
C LYS I 488 -35.86 24.01 63.06
N ILE I 489 -35.69 25.29 62.77
CA ILE I 489 -36.25 26.34 63.62
C ILE I 489 -37.61 26.70 63.04
N SER I 490 -38.67 26.26 63.73
CA SER I 490 -40.03 26.60 63.34
C SER I 490 -40.34 28.05 63.71
N GLU I 491 -41.54 28.52 63.36
CA GLU I 491 -41.97 29.88 63.72
C GLU I 491 -42.19 29.99 65.24
N GLU I 492 -42.62 28.88 65.84
CA GLU I 492 -42.73 28.71 67.29
C GLU I 492 -41.37 28.78 67.98
N SER I 493 -40.41 28.04 67.46
CA SER I 493 -39.06 27.98 68.02
C SER I 493 -38.28 29.28 67.82
N ASP I 494 -38.52 29.95 66.70
CA ASP I 494 -37.90 31.25 66.43
C ASP I 494 -38.35 32.29 67.46
N ALA I 495 -39.66 32.36 67.68
CA ALA I 495 -40.23 33.29 68.66
C ALA I 495 -39.70 33.03 70.07
N LYS I 496 -39.69 31.75 70.47
CA LYS I 496 -39.22 31.35 71.80
C LYS I 496 -37.73 31.62 71.98
N LEU I 497 -36.98 31.52 70.87
CA LEU I 497 -35.55 31.81 70.85
C LEU I 497 -35.33 33.31 71.05
N LYS I 498 -36.06 34.12 70.31
CA LYS I 498 -36.03 35.58 70.45
C LYS I 498 -36.27 36.02 71.91
N GLU I 499 -37.32 35.47 72.54
CA GLU I 499 -37.65 35.77 73.92
C GLU I 499 -36.50 35.46 74.88
N ILE I 500 -35.91 34.28 74.74
CA ILE I 500 -34.79 33.83 75.56
C ILE I 500 -33.54 34.71 75.41
N VAL I 501 -33.11 34.94 74.17
CA VAL I 501 -31.90 35.74 73.91
C VAL I 501 -32.04 37.17 74.42
N THR I 502 -33.21 37.77 74.16
CA THR I 502 -33.50 39.15 74.57
C THR I 502 -33.48 39.28 76.09
N ASN I 503 -34.05 38.29 76.77
CA ASN I 503 -34.10 38.26 78.23
C ASN I 503 -32.74 38.00 78.86
N PHE I 504 -32.00 37.03 78.33
CA PHE I 504 -30.68 36.72 78.87
C PHE I 504 -29.69 37.86 78.69
N LEU I 505 -29.72 38.48 77.51
CA LEU I 505 -28.84 39.61 77.17
C LEU I 505 -29.08 40.82 78.08
N ALA I 506 -30.34 41.08 78.43
CA ALA I 506 -30.71 42.20 79.29
C ALA I 506 -30.17 42.04 80.72
N GLY I 507 -30.04 40.79 81.17
CA GLY I 507 -29.54 40.47 82.50
C GLY I 507 -28.07 40.13 82.58
N PHE I 508 -27.44 39.99 81.41
CA PHE I 508 -26.01 39.75 81.30
C PHE I 508 -25.20 41.01 81.65
N GLU I 509 -24.17 40.84 82.47
CA GLU I 509 -23.36 41.97 82.96
C GLU I 509 -21.99 42.17 82.29
N ILE J 16 19.31 -32.29 -6.56
CA ILE J 16 19.84 -31.18 -5.72
C ILE J 16 19.54 -29.83 -6.39
N LEU J 17 18.54 -29.12 -5.86
CA LEU J 17 18.18 -27.79 -6.40
C LEU J 17 18.88 -26.65 -5.66
N GLY J 18 18.94 -25.50 -6.32
CA GLY J 18 19.67 -24.34 -5.82
C GLY J 18 19.04 -23.72 -4.58
N ALA J 19 19.88 -23.44 -3.58
CA ALA J 19 19.44 -22.84 -2.34
C ALA J 19 18.92 -21.42 -2.57
N ASP J 20 18.01 -21.01 -1.70
CA ASP J 20 17.52 -19.63 -1.69
C ASP J 20 18.51 -18.74 -0.93
N THR J 21 19.20 -17.87 -1.66
CA THR J 21 20.20 -16.97 -1.08
C THR J 21 19.67 -15.57 -0.93
N SER J 22 18.37 -15.38 -1.16
CA SER J 22 17.75 -14.05 -1.13
C SER J 22 17.82 -13.36 0.23
N VAL J 23 18.07 -14.14 1.29
CA VAL J 23 17.94 -13.65 2.65
C VAL J 23 19.23 -13.75 3.50
N ASP J 24 20.39 -13.55 2.86
CA ASP J 24 21.68 -13.57 3.56
C ASP J 24 21.79 -12.45 4.61
N LEU J 25 22.56 -12.68 5.65
CA LEU J 25 22.58 -11.74 6.77
C LEU J 25 23.49 -10.53 6.55
N GLU J 26 24.01 -10.39 5.33
CA GLU J 26 24.84 -9.24 4.98
C GLU J 26 23.98 -8.11 4.38
N GLU J 27 23.06 -8.48 3.50
CA GLU J 27 22.21 -7.50 2.85
C GLU J 27 20.85 -7.38 3.55
N THR J 28 20.56 -8.34 4.40
CA THR J 28 19.27 -8.34 5.08
C THR J 28 19.45 -8.66 6.55
N GLY J 29 18.41 -8.43 7.33
CA GLY J 29 18.43 -8.73 8.75
C GLY J 29 17.08 -9.22 9.23
N ARG J 30 17.02 -9.55 10.52
CA ARG J 30 15.78 -9.97 11.14
C ARG J 30 15.58 -9.24 12.46
N VAL J 31 14.34 -8.80 12.70
CA VAL J 31 13.99 -8.08 13.93
C VAL J 31 14.17 -8.97 15.15
N LEU J 32 15.02 -8.52 16.07
CA LEU J 32 15.23 -9.15 17.37
C LEU J 32 14.18 -8.68 18.38
N SER J 33 13.89 -7.38 18.33
CA SER J 33 12.93 -6.75 19.22
C SER J 33 12.41 -5.48 18.57
N ILE J 34 11.21 -5.07 18.98
CA ILE J 34 10.60 -3.85 18.48
C ILE J 34 9.70 -3.22 19.55
N GLY J 35 9.97 -1.95 19.85
CA GLY J 35 9.17 -1.21 20.82
C GLY J 35 9.40 0.27 20.64
N ASP J 36 8.34 1.05 20.83
CA ASP J 36 8.42 2.52 20.77
C ASP J 36 9.22 3.04 19.56
N GLY J 37 8.98 2.45 18.40
CA GLY J 37 9.60 2.91 17.15
C GLY J 37 11.07 2.54 16.99
N ILE J 38 11.60 1.76 17.92
CA ILE J 38 12.98 1.27 17.84
C ILE J 38 13.00 -0.23 17.51
N ALA J 39 13.55 -0.58 16.35
CA ALA J 39 13.79 -1.98 15.97
C ALA J 39 15.25 -2.34 16.20
N ARG J 40 15.48 -3.44 16.89
CA ARG J 40 16.82 -3.99 17.03
C ARG J 40 16.91 -5.13 16.04
N VAL J 41 17.86 -5.05 15.11
CA VAL J 41 17.97 -5.98 13.99
C VAL J 41 19.25 -6.81 13.98
N HIS J 42 19.07 -8.13 13.98
CA HIS J 42 20.15 -9.10 13.84
C HIS J 42 20.61 -9.06 12.39
N GLY J 43 21.91 -9.26 12.18
CA GLY J 43 22.46 -9.29 10.82
C GLY J 43 22.65 -7.90 10.22
N LEU J 44 22.18 -7.73 8.97
CA LEU J 44 22.41 -6.51 8.19
C LEU J 44 23.88 -6.13 8.25
N ARG J 45 24.77 -7.09 8.00
CA ARG J 45 26.20 -6.88 8.28
C ARG J 45 26.89 -5.83 7.41
N ASN J 46 26.33 -5.58 6.22
CA ASN J 46 26.85 -4.58 5.31
C ASN J 46 26.18 -3.20 5.37
N VAL J 47 25.18 -2.99 6.25
CA VAL J 47 24.54 -1.64 6.36
C VAL J 47 25.54 -0.58 6.77
N GLN J 48 25.36 0.61 6.20
CA GLN J 48 26.10 1.79 6.59
C GLN J 48 25.35 2.50 7.71
N ALA J 49 26.08 3.30 8.48
CA ALA J 49 25.48 4.28 9.38
C ALA J 49 24.62 5.29 8.61
N GLU J 50 23.38 5.47 9.08
CA GLU J 50 22.43 6.43 8.52
C GLU J 50 21.78 5.98 7.20
N GLU J 51 21.97 4.72 6.87
CA GLU J 51 21.33 4.10 5.73
C GLU J 51 19.85 3.84 5.99
N MET J 52 19.04 4.07 4.95
CA MET J 52 17.65 3.69 4.93
C MET J 52 17.49 2.15 4.77
N VAL J 53 16.67 1.55 5.64
CA VAL J 53 16.28 0.15 5.49
C VAL J 53 14.76 0.02 5.26
N GLU J 54 14.35 -1.18 4.83
CA GLU J 54 12.95 -1.47 4.54
C GLU J 54 12.48 -2.66 5.35
N PHE J 55 11.28 -2.54 5.89
CA PHE J 55 10.63 -3.63 6.58
C PHE J 55 9.66 -4.31 5.63
N SER J 56 9.41 -5.61 5.86
CA SER J 56 8.49 -6.39 5.01
C SER J 56 7.16 -5.67 4.83
N SER J 57 6.71 -5.01 5.89
CA SER J 57 5.47 -4.24 5.91
C SER J 57 5.43 -3.02 4.97
N GLY J 58 6.58 -2.61 4.44
CA GLY J 58 6.66 -1.42 3.56
C GLY J 58 7.08 -0.15 4.29
N LEU J 59 7.22 -0.25 5.61
CA LEU J 59 7.79 0.85 6.39
C LEU J 59 9.26 1.00 6.11
N LYS J 60 9.71 2.24 6.17
CA LYS J 60 11.12 2.52 6.12
C LYS J 60 11.65 2.91 7.49
N GLY J 61 12.96 2.79 7.65
CA GLY J 61 13.64 3.20 8.88
C GLY J 61 15.09 3.54 8.61
N MET J 62 15.75 4.11 9.61
CA MET J 62 17.12 4.56 9.47
C MET J 62 18.03 3.85 10.45
N SER J 63 19.16 3.37 9.94
CA SER J 63 20.18 2.72 10.75
C SER J 63 21.04 3.78 11.44
N LEU J 64 20.91 3.87 12.75
CA LEU J 64 21.56 4.93 13.52
C LEU J 64 22.61 4.37 14.50
N ASN J 65 22.29 3.25 15.15
CA ASN J 65 23.19 2.54 16.03
C ASN J 65 23.72 1.29 15.32
N LEU J 66 25.04 1.21 15.14
CA LEU J 66 25.67 0.02 14.59
C LEU J 66 26.44 -0.60 15.72
N GLU J 67 25.90 -1.69 16.26
CA GLU J 67 26.51 -2.36 17.40
C GLU J 67 27.06 -3.73 16.98
N PRO J 68 28.00 -4.29 17.77
CA PRO J 68 28.54 -5.61 17.46
C PRO J 68 27.50 -6.66 17.07
N ASP J 69 26.37 -6.70 17.78
CA ASP J 69 25.42 -7.79 17.62
C ASP J 69 24.01 -7.37 17.17
N ASN J 70 23.83 -6.08 16.90
CA ASN J 70 22.54 -5.56 16.49
C ASN J 70 22.64 -4.19 15.84
N VAL J 71 21.71 -3.89 14.95
CA VAL J 71 21.55 -2.55 14.43
C VAL J 71 20.34 -1.93 15.10
N GLY J 72 20.52 -0.73 15.66
CA GLY J 72 19.42 0.01 16.23
C GLY J 72 18.79 0.84 15.15
N VAL J 73 17.59 0.45 14.75
CA VAL J 73 16.86 1.08 13.66
C VAL J 73 15.72 1.95 14.18
N VAL J 74 15.67 3.17 13.66
CA VAL J 74 14.63 4.13 13.95
C VAL J 74 13.52 4.11 12.85
N VAL J 75 12.25 3.94 13.24
CA VAL J 75 11.13 3.69 12.29
C VAL J 75 10.35 4.94 11.76
N PHE J 76 10.36 5.15 10.44
CA PHE J 76 9.66 6.29 9.83
C PHE J 76 8.17 6.10 9.66
N GLY J 77 7.51 5.77 10.76
CA GLY J 77 6.08 5.50 10.75
C GLY J 77 5.69 4.69 11.97
N ASN J 78 4.50 4.07 11.89
CA ASN J 78 3.94 3.28 12.97
C ASN J 78 4.69 1.95 13.10
N ASP J 79 4.95 1.51 14.32
CA ASP J 79 5.71 0.27 14.52
C ASP J 79 4.83 -0.97 14.70
N LYS J 80 3.51 -0.79 14.71
CA LYS J 80 2.58 -1.86 15.05
C LYS J 80 2.59 -3.08 14.11
N LEU J 81 3.07 -2.86 12.88
CA LEU J 81 3.11 -3.93 11.87
C LEU J 81 4.45 -4.66 11.91
N ILE J 82 5.44 -4.08 12.58
CA ILE J 82 6.73 -4.75 12.78
C ILE J 82 6.63 -5.76 13.93
N LYS J 83 7.11 -6.97 13.67
CA LYS J 83 7.11 -8.05 14.65
C LYS J 83 8.50 -8.66 14.74
N GLU J 84 8.80 -9.27 15.88
CA GLU J 84 9.99 -10.12 16.02
C GLU J 84 10.14 -11.08 14.82
N GLY J 85 11.37 -11.23 14.34
CA GLY J 85 11.64 -12.11 13.22
C GLY J 85 11.39 -11.55 11.81
N ASP J 86 10.72 -10.41 11.72
CA ASP J 86 10.44 -9.75 10.43
C ASP J 86 11.74 -9.47 9.68
N ILE J 87 11.68 -9.59 8.36
CA ILE J 87 12.84 -9.34 7.50
C ILE J 87 13.07 -7.83 7.27
N VAL J 88 14.33 -7.42 7.37
CA VAL J 88 14.72 -6.01 7.15
C VAL J 88 15.76 -5.97 6.02
N LYS J 89 15.53 -5.10 5.04
CA LYS J 89 16.39 -5.07 3.85
C LYS J 89 17.20 -3.79 3.78
N ARG J 90 18.45 -3.96 3.36
CA ARG J 90 19.27 -2.82 2.96
C ARG J 90 18.63 -2.12 1.78
N THR J 91 18.81 -0.81 1.75
CA THR J 91 18.39 0.01 0.63
C THR J 91 19.65 0.39 -0.17
N GLY J 92 20.80 0.36 0.51
CA GLY J 92 22.08 0.84 -0.03
C GLY J 92 22.32 2.35 0.03
N ALA J 93 21.29 3.10 0.39
CA ALA J 93 21.33 4.56 0.29
C ALA J 93 21.20 5.26 1.63
N ILE J 94 22.10 6.22 1.85
CA ILE J 94 21.98 7.17 2.96
C ILE J 94 20.69 7.94 2.75
N VAL J 95 19.94 8.18 3.82
CA VAL J 95 18.63 8.81 3.75
C VAL J 95 18.62 10.08 2.87
N ASP J 96 17.68 10.11 1.92
CA ASP J 96 17.49 11.24 1.02
C ASP J 96 16.01 11.55 0.74
N VAL J 97 15.73 12.66 0.05
CA VAL J 97 14.34 13.05 -0.25
C VAL J 97 14.23 13.56 -1.68
N PRO J 98 13.01 13.55 -2.26
CA PRO J 98 12.85 14.20 -3.56
C PRO J 98 13.01 15.71 -3.41
N VAL J 99 13.36 16.35 -4.53
CA VAL J 99 13.81 17.72 -4.54
C VAL J 99 13.54 18.28 -5.93
N GLY J 100 13.37 19.60 -6.02
CA GLY J 100 13.11 20.27 -7.29
C GLY J 100 11.87 21.11 -7.29
N GLU J 101 11.62 21.77 -8.42
CA GLU J 101 10.48 22.68 -8.56
C GLU J 101 9.13 21.98 -8.63
N GLU J 102 9.13 20.67 -8.84
CA GLU J 102 7.89 19.88 -8.87
C GLU J 102 7.20 19.90 -7.51
N LEU J 103 7.94 20.26 -6.47
CA LEU J 103 7.41 20.33 -5.11
C LEU J 103 6.62 21.61 -4.83
N LEU J 104 6.83 22.65 -5.64
CA LEU J 104 6.15 23.93 -5.38
C LEU J 104 4.63 23.79 -5.51
N GLY J 105 3.90 24.39 -4.57
CA GLY J 105 2.45 24.28 -4.55
C GLY J 105 1.94 23.01 -3.87
N ARG J 106 2.87 22.19 -3.40
CA ARG J 106 2.51 20.90 -2.86
C ARG J 106 2.71 20.86 -1.35
N VAL J 107 1.94 19.97 -0.71
CA VAL J 107 2.14 19.62 0.69
C VAL J 107 2.61 18.17 0.73
N VAL J 108 3.73 17.95 1.42
CA VAL J 108 4.38 16.64 1.50
C VAL J 108 4.69 16.27 2.95
N ASP J 109 4.86 14.97 3.20
CA ASP J 109 5.31 14.54 4.53
C ASP J 109 6.84 14.65 4.64
N ALA J 110 7.42 14.29 5.79
CA ALA J 110 8.86 14.43 6.03
C ALA J 110 9.72 13.65 5.06
N LEU J 111 9.12 12.64 4.42
CA LEU J 111 9.87 11.85 3.42
C LEU J 111 9.67 12.36 1.99
N GLY J 112 8.87 13.40 1.83
CA GLY J 112 8.62 13.96 0.51
C GLY J 112 7.47 13.35 -0.25
N ASN J 113 6.64 12.54 0.42
CA ASN J 113 5.44 11.98 -0.20
C ASN J 113 4.31 12.99 -0.15
N ALA J 114 3.59 13.16 -1.27
CA ALA J 114 2.42 14.04 -1.31
C ALA J 114 1.41 13.66 -0.23
N ILE J 115 0.86 14.66 0.46
CA ILE J 115 -0.25 14.43 1.40
C ILE J 115 -1.43 15.35 1.13
N ASP J 116 -1.36 16.09 0.02
CA ASP J 116 -2.39 17.06 -0.34
C ASP J 116 -3.47 16.47 -1.25
N GLY J 117 -3.37 15.16 -1.52
CA GLY J 117 -4.34 14.45 -2.38
C GLY J 117 -4.30 14.77 -3.86
N LYS J 118 -3.22 15.39 -4.31
CA LYS J 118 -3.10 15.86 -5.70
C LYS J 118 -2.14 15.03 -6.54
N GLY J 119 -1.95 13.76 -6.16
CA GLY J 119 -1.18 12.83 -6.97
C GLY J 119 0.30 12.87 -6.68
N PRO J 120 1.07 12.00 -7.34
CA PRO J 120 2.52 11.91 -7.09
C PRO J 120 3.25 13.18 -7.53
N ILE J 121 4.27 13.56 -6.78
CA ILE J 121 5.20 14.60 -7.22
C ILE J 121 6.06 14.00 -8.36
N GLY J 122 6.15 14.70 -9.48
CA GLY J 122 6.95 14.18 -10.58
C GLY J 122 8.41 14.59 -10.51
N SER J 123 9.01 14.56 -9.31
CA SER J 123 10.39 15.06 -9.13
C SER J 123 11.40 14.11 -9.80
N LYS J 124 12.46 14.70 -10.31
CA LYS J 124 13.43 13.98 -11.12
C LYS J 124 14.82 14.00 -10.49
N ALA J 125 14.91 14.63 -9.32
CA ALA J 125 16.16 14.74 -8.59
C ALA J 125 15.95 14.39 -7.11
N ARG J 126 16.98 13.85 -6.48
CA ARG J 126 16.96 13.57 -5.04
C ARG J 126 18.18 14.19 -4.38
N ARG J 127 18.09 14.35 -3.06
CA ARG J 127 19.15 14.97 -2.30
C ARG J 127 19.21 14.38 -0.89
N ARG J 128 20.42 14.04 -0.45
CA ARG J 128 20.68 13.62 0.93
C ARG J 128 20.25 14.66 1.96
N VAL J 129 19.67 14.20 3.06
CA VAL J 129 19.15 15.10 4.09
C VAL J 129 20.24 15.60 5.03
N GLY J 130 21.36 14.88 5.08
CA GLY J 130 22.42 15.19 6.06
C GLY J 130 23.68 15.81 5.50
N LEU J 131 23.58 16.36 4.30
CA LEU J 131 24.70 17.04 3.65
C LEU J 131 25.19 18.23 4.47
N LYS J 132 26.51 18.32 4.56
CA LYS J 132 27.18 19.36 5.30
C LYS J 132 26.96 20.72 4.69
N ALA J 133 26.76 21.71 5.54
CA ALA J 133 26.76 23.09 5.12
C ALA J 133 27.98 23.43 4.24
N PRO J 134 27.78 24.33 3.26
CA PRO J 134 28.92 24.85 2.50
C PRO J 134 29.99 25.44 3.42
N GLY J 135 31.25 25.24 3.07
CA GLY J 135 32.36 25.76 3.86
C GLY J 135 32.58 27.25 3.66
N ILE J 136 33.81 27.68 3.87
CA ILE J 136 34.17 29.09 3.79
C ILE J 136 34.23 29.59 2.33
N ILE J 137 34.79 28.80 1.44
CA ILE J 137 35.12 29.31 0.10
C ILE J 137 33.90 29.54 -0.80
N PRO J 138 32.92 28.60 -0.79
CA PRO J 138 31.74 28.72 -1.68
C PRO J 138 30.79 29.89 -1.39
N ARG J 139 31.04 30.63 -0.31
CA ARG J 139 30.14 31.65 0.18
C ARG J 139 30.66 33.05 -0.11
N ILE J 140 29.76 34.02 0.04
CA ILE J 140 30.09 35.43 0.08
C ILE J 140 29.18 36.14 1.10
N SER J 141 29.63 37.28 1.62
CA SER J 141 28.85 38.09 2.56
C SER J 141 27.38 38.27 2.17
N VAL J 142 26.47 38.12 3.16
CA VAL J 142 25.06 38.45 2.99
C VAL J 142 24.92 39.94 2.66
N ARG J 143 24.34 40.23 1.49
CA ARG J 143 24.27 41.60 0.93
C ARG J 143 22.90 41.96 0.35
N GLU J 144 22.06 40.96 0.10
CA GLU J 144 20.79 41.20 -0.61
C GLU J 144 19.63 41.14 0.38
N PRO J 145 18.72 42.13 0.31
CA PRO J 145 17.64 42.19 1.29
C PRO J 145 16.68 41.02 1.09
N MET J 146 16.18 40.48 2.19
CA MET J 146 15.11 39.51 2.16
C MET J 146 14.00 40.25 2.90
N GLN J 147 13.14 40.92 2.14
CA GLN J 147 12.15 41.82 2.71
C GLN J 147 11.01 41.04 3.31
N THR J 148 10.74 41.28 4.60
CA THR J 148 9.57 40.69 5.25
C THR J 148 8.31 41.51 4.95
N GLY J 149 8.48 42.81 4.74
CA GLY J 149 7.35 43.72 4.61
C GLY J 149 6.78 44.11 5.96
N ILE J 150 7.47 43.72 7.03
CA ILE J 150 7.13 44.14 8.38
C ILE J 150 8.08 45.28 8.78
N LYS J 151 7.54 46.49 8.91
CA LYS J 151 8.36 47.66 9.21
C LYS J 151 9.40 47.44 10.32
N ALA J 152 8.97 46.86 11.44
CA ALA J 152 9.81 46.63 12.59
C ALA J 152 10.99 45.69 12.31
N VAL J 153 10.75 44.65 11.52
CA VAL J 153 11.83 43.73 11.15
C VAL J 153 12.76 44.39 10.13
N ASP J 154 12.16 44.95 9.08
CA ASP J 154 12.93 45.45 7.93
C ASP J 154 13.75 46.69 8.30
N SER J 155 13.27 47.45 9.29
CA SER J 155 14.01 48.63 9.76
C SER J 155 15.01 48.32 10.89
N LEU J 156 14.57 47.58 11.92
CA LEU J 156 15.36 47.38 13.14
C LEU J 156 16.23 46.12 13.21
N VAL J 157 15.73 45.02 12.65
CA VAL J 157 16.40 43.73 12.70
C VAL J 157 16.41 43.11 11.29
N PRO J 158 17.03 43.81 10.33
CA PRO J 158 16.89 43.44 8.92
C PRO J 158 17.48 42.09 8.57
N ILE J 159 16.83 41.39 7.67
CA ILE J 159 17.27 40.06 7.24
C ILE J 159 17.76 40.14 5.79
N GLY J 160 18.87 39.48 5.49
CA GLY J 160 19.40 39.38 4.13
C GLY J 160 19.28 37.97 3.58
N ARG J 161 19.55 37.81 2.28
CA ARG J 161 19.46 36.50 1.63
C ARG J 161 20.69 35.65 1.96
N GLY J 162 20.43 34.58 2.69
CA GLY J 162 21.47 33.65 3.10
C GLY J 162 21.60 33.69 4.60
N GLN J 163 20.81 34.54 5.25
CA GLN J 163 20.85 34.75 6.70
C GLN J 163 19.96 33.75 7.47
N ARG J 164 20.31 33.52 8.74
CA ARG J 164 19.40 32.82 9.67
C ARG J 164 18.93 33.81 10.72
N GLU J 165 17.62 33.91 10.92
CA GLU J 165 17.07 34.83 11.89
C GLU J 165 15.96 34.13 12.69
N LEU J 166 16.17 34.04 14.00
CA LEU J 166 15.28 33.26 14.84
C LEU J 166 14.04 34.08 15.18
N ILE J 167 12.88 33.41 15.17
CA ILE J 167 11.64 33.98 15.72
C ILE J 167 11.37 33.25 17.04
N ILE J 168 11.25 34.00 18.12
CA ILE J 168 11.25 33.39 19.45
C ILE J 168 10.34 34.14 20.42
N GLY J 169 9.63 33.37 21.26
CA GLY J 169 8.69 33.89 22.24
C GLY J 169 7.71 32.82 22.75
N ASP J 170 7.01 33.15 23.83
CA ASP J 170 5.98 32.29 24.40
C ASP J 170 4.93 31.85 23.36
N ARG J 171 4.09 30.88 23.74
CA ARG J 171 2.95 30.53 22.93
C ARG J 171 2.11 31.77 22.60
N GLN J 172 1.55 31.81 21.40
CA GLN J 172 0.59 32.85 21.00
C GLN J 172 1.08 34.32 21.11
N THR J 173 2.37 34.53 20.84
CA THR J 173 2.92 35.90 20.79
C THR J 173 2.99 36.48 19.37
N GLY J 174 2.72 35.64 18.37
CA GLY J 174 2.74 36.08 16.96
C GLY J 174 3.91 35.56 16.12
N LYS J 175 4.52 34.45 16.55
CA LYS J 175 5.68 33.86 15.85
C LYS J 175 5.35 33.39 14.43
N THR J 176 4.34 32.53 14.29
CA THR J 176 3.97 32.02 12.96
C THR J 176 3.53 33.13 11.99
N SER J 177 2.90 34.17 12.54
CA SER J 177 2.39 35.29 11.75
C SER J 177 3.50 36.11 11.07
N ILE J 178 4.64 36.27 11.74
CA ILE J 178 5.82 36.89 11.11
C ILE J 178 6.21 36.06 9.86
N ALA J 179 6.37 34.75 10.04
CA ALA J 179 6.70 33.85 8.93
C ALA J 179 5.70 33.91 7.76
N ILE J 180 4.41 33.89 8.09
CA ILE J 180 3.38 33.95 7.06
C ILE J 180 3.41 35.25 6.27
N ASP J 181 3.42 36.40 6.96
CA ASP J 181 3.50 37.71 6.29
C ASP J 181 4.70 37.80 5.34
N THR J 182 5.84 37.27 5.79
CA THR J 182 7.07 37.23 5.00
C THR J 182 6.91 36.41 3.72
N ILE J 183 6.33 35.22 3.83
CA ILE J 183 6.01 34.40 2.67
C ILE J 183 5.08 35.15 1.69
N ILE J 184 3.97 35.70 2.21
CA ILE J 184 2.98 36.42 1.41
C ILE J 184 3.61 37.63 0.70
N ASN J 185 4.54 38.29 1.39
CA ASN J 185 5.26 39.43 0.83
C ASN J 185 6.03 39.17 -0.47
N GLN J 186 6.47 37.94 -0.70
CA GLN J 186 7.34 37.62 -1.84
C GLN J 186 6.60 37.61 -3.18
N LYS J 187 5.27 37.67 -3.13
CA LYS J 187 4.42 37.63 -4.31
C LYS J 187 4.77 38.75 -5.29
N ARG J 188 5.13 39.93 -4.77
CA ARG J 188 5.42 41.06 -5.65
C ARG J 188 6.70 40.86 -6.46
N PHE J 189 7.63 40.08 -5.92
CA PHE J 189 8.84 39.73 -6.64
C PHE J 189 8.58 38.51 -7.53
N ASN J 190 7.81 37.56 -7.01
CA ASN J 190 7.52 36.32 -7.73
C ASN J 190 6.56 36.47 -8.91
N ASP J 191 5.75 37.53 -8.89
CA ASP J 191 4.85 37.85 -10.00
C ASP J 191 5.56 38.75 -11.01
N GLY J 192 6.74 39.22 -10.63
CA GLY J 192 7.47 40.21 -11.40
C GLY J 192 8.39 39.62 -12.45
N THR J 193 9.25 40.46 -13.02
CA THR J 193 10.10 40.07 -14.15
C THR J 193 11.61 40.07 -13.86
N ASP J 194 12.00 40.52 -12.66
CA ASP J 194 13.39 40.35 -12.22
C ASP J 194 13.57 38.98 -11.54
N GLU J 195 14.06 38.01 -12.32
CA GLU J 195 14.24 36.64 -11.84
C GLU J 195 15.09 36.53 -10.57
N LYS J 196 16.01 37.49 -10.41
CA LYS J 196 16.98 37.47 -9.32
C LYS J 196 16.35 37.86 -7.99
N LYS J 197 15.26 38.62 -8.05
CA LYS J 197 14.58 39.08 -6.85
C LYS J 197 13.58 38.04 -6.33
N LYS J 198 13.32 37.01 -7.13
CA LYS J 198 12.34 36.00 -6.73
C LYS J 198 12.80 35.19 -5.52
N LEU J 199 11.84 34.77 -4.72
CA LEU J 199 12.13 34.01 -3.51
C LEU J 199 11.11 32.89 -3.33
N TYR J 200 11.56 31.65 -3.48
CA TYR J 200 10.73 30.48 -3.26
C TYR J 200 10.69 30.12 -1.79
N CYS J 201 9.53 29.67 -1.32
CA CYS J 201 9.31 29.51 0.10
C CYS J 201 9.03 28.07 0.49
N ILE J 202 9.49 27.72 1.69
CA ILE J 202 9.30 26.39 2.25
C ILE J 202 8.87 26.55 3.69
N TYR J 203 7.71 26.00 4.02
CA TYR J 203 7.20 26.02 5.38
C TYR J 203 7.22 24.61 5.95
N VAL J 204 8.10 24.42 6.93
CA VAL J 204 8.20 23.13 7.61
C VAL J 204 7.44 23.19 8.92
N ALA J 205 6.43 22.33 9.03
CA ALA J 205 5.61 22.21 10.25
C ALA J 205 6.08 20.99 11.01
N ILE J 206 6.43 21.17 12.29
CA ILE J 206 6.87 20.06 13.13
C ILE J 206 6.10 20.05 14.46
N GLY J 207 5.43 18.95 14.76
CA GLY J 207 4.74 18.77 16.05
C GLY J 207 3.38 19.40 16.17
N GLN J 208 3.01 20.21 15.18
CA GLN J 208 1.73 20.92 15.13
C GLN J 208 0.57 19.97 14.90
N LYS J 209 -0.66 20.46 15.16
CA LYS J 209 -1.85 19.71 14.77
C LYS J 209 -2.24 19.92 13.30
N ARG J 210 -2.73 18.85 12.68
CA ARG J 210 -3.00 18.80 11.25
C ARG J 210 -4.01 19.86 10.82
N SER J 211 -5.00 20.14 11.64
CA SER J 211 -6.02 21.14 11.26
C SER J 211 -5.45 22.56 11.22
N THR J 212 -4.46 22.83 12.06
CA THR J 212 -3.73 24.10 12.06
C THR J 212 -2.91 24.30 10.78
N VAL J 213 -2.28 23.22 10.32
CA VAL J 213 -1.48 23.26 9.11
C VAL J 213 -2.42 23.49 7.93
N ALA J 214 -3.58 22.83 7.94
CA ALA J 214 -4.56 23.01 6.88
C ALA J 214 -5.07 24.45 6.82
N GLN J 215 -5.38 25.06 7.96
CA GLN J 215 -5.75 26.49 7.96
C GLN J 215 -4.65 27.35 7.35
N LEU J 216 -3.40 26.93 7.57
CA LEU J 216 -2.24 27.68 7.13
C LEU J 216 -2.14 27.62 5.61
N VAL J 217 -2.23 26.41 5.02
CA VAL J 217 -2.16 26.33 3.56
C VAL J 217 -3.38 27.02 2.92
N LYS J 218 -4.55 26.91 3.55
CA LYS J 218 -5.73 27.68 3.11
C LYS J 218 -5.44 29.18 3.04
N ARG J 219 -4.79 29.71 4.08
CA ARG J 219 -4.36 31.10 4.14
C ARG J 219 -3.39 31.46 2.99
N LEU J 220 -2.41 30.58 2.75
CA LEU J 220 -1.41 30.78 1.70
C LEU J 220 -2.03 30.66 0.31
N THR J 221 -3.04 29.81 0.17
CA THR J 221 -3.73 29.63 -1.10
C THR J 221 -4.59 30.86 -1.43
N ASP J 222 -5.43 31.30 -0.50
CA ASP J 222 -6.23 32.51 -0.66
C ASP J 222 -5.36 33.73 -0.95
N ALA J 223 -4.11 33.70 -0.49
CA ALA J 223 -3.19 34.81 -0.72
C ALA J 223 -2.41 34.63 -2.00
N ASP J 224 -2.68 33.51 -2.70
CA ASP J 224 -1.96 33.12 -3.92
C ASP J 224 -0.43 32.98 -3.71
N ALA J 225 -0.06 32.42 -2.57
CA ALA J 225 1.34 32.19 -2.23
C ALA J 225 1.75 30.71 -2.22
N MET J 226 0.77 29.80 -2.24
CA MET J 226 1.08 28.36 -2.32
C MET J 226 1.89 28.05 -3.58
N LYS J 227 1.58 28.74 -4.68
CA LYS J 227 2.21 28.46 -5.96
C LYS J 227 3.74 28.49 -5.94
N TYR J 228 4.30 29.23 -5.00
CA TYR J 228 5.75 29.34 -4.86
C TYR J 228 6.23 28.86 -3.49
N THR J 229 5.39 28.05 -2.86
CA THR J 229 5.70 27.49 -1.56
C THR J 229 5.65 25.95 -1.57
N ILE J 230 6.61 25.33 -0.90
CA ILE J 230 6.54 23.92 -0.51
C ILE J 230 6.19 23.81 0.98
N VAL J 231 5.21 22.98 1.32
CA VAL J 231 4.92 22.71 2.71
C VAL J 231 5.37 21.29 3.07
N VAL J 232 6.33 21.19 4.00
CA VAL J 232 6.75 19.90 4.55
C VAL J 232 6.15 19.73 5.94
N SER J 233 5.30 18.71 6.11
CA SER J 233 4.53 18.56 7.34
C SER J 233 4.79 17.25 8.09
N ALA J 234 5.39 17.36 9.28
CA ALA J 234 5.49 16.22 10.20
C ALA J 234 4.77 16.58 11.49
N THR J 235 3.47 16.24 11.53
CA THR J 235 2.58 16.75 12.54
C THR J 235 2.58 15.93 13.83
N ALA J 236 1.75 16.31 14.80
CA ALA J 236 1.80 15.71 16.14
C ALA J 236 1.61 14.19 16.21
N SER J 237 0.85 13.62 15.26
CA SER J 237 0.63 12.14 15.25
C SER J 237 1.63 11.37 14.36
N ASP J 238 2.48 12.09 13.64
CA ASP J 238 3.61 11.49 12.95
C ASP J 238 4.65 11.06 13.99
N ALA J 239 5.35 9.97 13.69
CA ALA J 239 6.29 9.37 14.63
C ALA J 239 7.50 10.27 14.82
N ALA J 240 8.11 10.17 16.00
CA ALA J 240 9.23 11.06 16.37
C ALA J 240 10.34 11.15 15.32
N PRO J 241 10.80 10.02 14.75
CA PRO J 241 11.80 10.09 13.67
C PRO J 241 11.39 10.93 12.46
N LEU J 242 10.09 10.94 12.16
CA LEU J 242 9.56 11.75 11.06
C LEU J 242 9.64 13.25 11.39
N GLN J 243 9.24 13.61 12.61
CA GLN J 243 9.30 14.99 13.11
C GLN J 243 10.76 15.45 13.22
N TYR J 244 11.63 14.56 13.70
CA TYR J 244 13.07 14.81 13.79
C TYR J 244 13.68 15.14 12.42
N LEU J 245 13.19 14.47 11.37
CA LEU J 245 13.77 14.57 10.02
C LEU J 245 13.24 15.73 9.22
N ALA J 246 12.01 16.14 9.52
CA ALA J 246 11.29 17.10 8.68
C ALA J 246 12.09 18.37 8.37
N PRO J 247 12.77 18.95 9.38
CA PRO J 247 13.56 20.15 9.04
C PRO J 247 14.66 19.91 8.02
N TYR J 248 15.33 18.75 8.10
CA TYR J 248 16.45 18.47 7.21
C TYR J 248 15.95 18.18 5.80
N SER J 249 14.85 17.44 5.71
CA SER J 249 14.20 17.20 4.42
C SER J 249 13.89 18.52 3.71
N GLY J 250 13.16 19.40 4.39
CA GLY J 250 12.85 20.74 3.88
C GLY J 250 14.13 21.48 3.49
N CYS J 251 15.14 21.42 4.35
CA CYS J 251 16.41 22.10 4.08
C CYS J 251 17.06 21.69 2.76
N SER J 252 17.08 20.38 2.48
CA SER J 252 17.55 19.83 1.20
C SER J 252 16.76 20.36 0.00
N MET J 253 15.44 20.39 0.15
CA MET J 253 14.54 20.94 -0.87
C MET J 253 14.86 22.40 -1.14
N GLY J 254 15.24 23.11 -0.08
CA GLY J 254 15.69 24.49 -0.15
C GLY J 254 17.06 24.61 -0.77
N GLU J 255 17.93 23.65 -0.48
CA GLU J 255 19.29 23.64 -1.06
C GLU J 255 19.28 23.48 -2.57
N TYR J 256 18.26 22.80 -3.12
CA TYR J 256 18.09 22.70 -4.56
C TYR J 256 18.10 24.07 -5.24
N PHE J 257 17.39 25.03 -4.67
CA PHE J 257 17.39 26.42 -5.17
C PHE J 257 18.72 27.14 -4.92
N ARG J 258 19.21 27.01 -3.69
CA ARG J 258 20.47 27.59 -3.23
C ARG J 258 21.66 27.30 -4.17
N ASP J 259 21.71 26.07 -4.66
CA ASP J 259 22.86 25.61 -5.44
C ASP J 259 22.64 25.74 -6.93
N ASN J 260 21.46 26.18 -7.33
CA ASN J 260 21.12 26.36 -8.74
C ASN J 260 20.73 27.79 -9.12
N GLY J 261 21.41 28.76 -8.51
CA GLY J 261 21.26 30.17 -8.89
C GLY J 261 20.00 30.87 -8.44
N LYS J 262 19.19 30.23 -7.58
CA LYS J 262 17.92 30.79 -7.11
C LYS J 262 17.94 30.96 -5.60
N HIS J 263 16.92 31.66 -5.10
CA HIS J 263 16.85 32.04 -3.71
C HIS J 263 15.61 31.44 -3.05
N ALA J 264 15.82 30.82 -1.89
CA ALA J 264 14.71 30.19 -1.15
C ALA J 264 14.66 30.63 0.30
N LEU J 265 13.46 30.58 0.86
CA LEU J 265 13.24 30.93 2.25
C LEU J 265 12.65 29.74 2.96
N ILE J 266 13.25 29.37 4.10
CA ILE J 266 12.74 28.23 4.86
C ILE J 266 12.31 28.57 6.28
N ILE J 267 11.14 28.09 6.66
CA ILE J 267 10.61 28.31 8.00
C ILE J 267 10.58 26.99 8.71
N TYR J 268 11.17 26.94 9.90
CA TYR J 268 11.10 25.74 10.71
C TYR J 268 10.23 26.04 11.91
N ASP J 269 8.98 25.58 11.83
CA ASP J 269 7.95 25.90 12.80
C ASP J 269 7.36 24.60 13.41
N ASP J 270 7.94 24.12 14.52
CA ASP J 270 9.05 24.79 15.21
C ASP J 270 10.13 23.85 15.71
N LEU J 271 11.29 24.42 16.08
CA LEU J 271 12.46 23.62 16.47
C LEU J 271 12.42 23.21 17.93
N SER J 272 11.47 23.77 18.68
CA SER J 272 11.18 23.32 20.06
C SER J 272 10.65 21.89 20.01
N LYS J 273 9.61 21.69 19.20
CA LYS J 273 8.97 20.38 19.03
C LYS J 273 9.90 19.37 18.32
N GLN J 274 10.73 19.84 17.40
CA GLN J 274 11.72 18.98 16.76
C GLN J 274 12.71 18.44 17.80
N ALA J 275 13.19 19.32 18.69
CA ALA J 275 14.14 18.91 19.73
C ALA J 275 13.49 17.97 20.74
N VAL J 276 12.18 18.13 20.94
CA VAL J 276 11.41 17.21 21.78
C VAL J 276 11.33 15.79 21.18
N ALA J 277 11.14 15.72 19.85
CA ALA J 277 11.12 14.46 19.11
C ALA J 277 12.51 13.80 19.07
N TYR J 278 13.56 14.60 18.94
CA TYR J 278 14.93 14.10 18.96
C TYR J 278 15.22 13.50 20.35
N ARG J 279 14.83 14.23 21.38
CA ARG J 279 14.92 13.73 22.75
C ARG J 279 14.25 12.36 22.91
N GLN J 280 12.99 12.23 22.48
CA GLN J 280 12.27 10.95 22.53
C GLN J 280 13.11 9.86 21.87
N MET J 281 13.50 10.12 20.64
CA MET J 281 14.16 9.15 19.79
C MET J 281 15.46 8.70 20.43
N SER J 282 16.24 9.68 20.88
CA SER J 282 17.53 9.45 21.49
C SER J 282 17.41 8.62 22.77
N LEU J 283 16.43 8.93 23.62
CA LEU J 283 16.29 8.20 24.87
C LEU J 283 15.86 6.75 24.61
N LEU J 284 15.08 6.54 23.56
CA LEU J 284 14.59 5.22 23.25
C LEU J 284 15.68 4.35 22.62
N LEU J 285 16.69 4.99 22.04
CA LEU J 285 17.91 4.32 21.58
C LEU J 285 18.89 4.07 22.73
N ARG J 286 18.49 4.45 23.94
CA ARG J 286 19.29 4.27 25.19
C ARG J 286 20.54 5.16 25.29
N ARG J 287 20.58 6.21 24.47
CA ARG J 287 21.61 7.23 24.60
C ARG J 287 21.33 8.04 25.86
N PRO J 288 22.31 8.13 26.75
CA PRO J 288 22.02 8.70 28.05
C PRO J 288 21.65 10.17 27.93
N PRO J 289 20.65 10.62 28.73
CA PRO J 289 20.19 12.00 28.71
C PRO J 289 21.20 12.94 29.35
N GLY J 290 21.15 14.19 28.91
CA GLY J 290 21.99 15.25 29.44
C GLY J 290 21.09 16.30 30.04
N ARG J 291 21.52 17.56 29.93
CA ARG J 291 20.79 18.68 30.53
C ARG J 291 19.34 18.75 30.09
N GLU J 292 18.44 18.84 31.08
CA GLU J 292 16.99 18.92 30.84
C GLU J 292 16.40 17.70 30.12
N ALA J 293 17.12 16.58 30.22
CA ALA J 293 16.82 15.29 29.58
C ALA J 293 17.03 15.25 28.06
N TYR J 294 17.48 16.35 27.46
CA TYR J 294 17.83 16.37 26.03
C TYR J 294 19.18 15.71 25.88
N PRO J 295 19.49 15.18 24.67
CA PRO J 295 20.85 14.61 24.46
C PRO J 295 21.90 15.70 24.61
N GLY J 296 23.16 15.30 24.86
CA GLY J 296 24.26 16.26 25.02
C GLY J 296 24.47 17.14 23.80
N ASP J 297 24.20 16.61 22.62
CA ASP J 297 24.44 17.33 21.37
C ASP J 297 23.22 18.02 20.75
N VAL J 298 22.24 18.38 21.59
CA VAL J 298 21.06 19.13 21.12
C VAL J 298 21.40 20.47 20.43
N PHE J 299 22.52 21.09 20.79
CA PHE J 299 22.99 22.29 20.06
C PHE J 299 23.30 21.92 18.61
N TYR J 300 24.09 20.85 18.43
CA TYR J 300 24.53 20.34 17.15
C TYR J 300 23.37 19.90 16.21
N LEU J 301 22.35 19.31 16.80
CA LEU J 301 21.13 19.02 16.07
C LEU J 301 20.71 20.25 15.28
N HIS J 302 20.62 21.38 15.98
CA HIS J 302 20.22 22.63 15.34
C HIS J 302 21.31 23.35 14.57
N SER J 303 22.56 23.27 15.06
CA SER J 303 23.66 23.99 14.44
C SER J 303 23.95 23.50 13.03
N ARG J 304 23.90 22.18 12.83
CA ARG J 304 24.19 21.61 11.52
C ARG J 304 23.08 21.95 10.55
N LEU J 305 21.84 21.96 11.03
CA LEU J 305 20.67 22.33 10.22
C LEU J 305 20.79 23.75 9.68
N LEU J 306 21.03 24.70 10.58
CA LEU J 306 20.94 26.12 10.25
C LEU J 306 22.17 26.67 9.53
N GLU J 307 23.33 26.02 9.70
CA GLU J 307 24.53 26.39 8.94
C GLU J 307 24.34 26.26 7.42
N ARG J 308 23.35 25.45 7.04
CA ARG J 308 23.04 25.14 5.65
C ARG J 308 22.24 26.24 4.95
N ALA J 309 21.57 27.11 5.71
CA ALA J 309 21.14 28.37 5.14
C ALA J 309 22.40 29.18 4.91
N ALA J 310 22.59 29.63 3.68
CA ALA J 310 23.86 30.23 3.25
C ALA J 310 23.67 31.08 2.00
N LYS J 311 24.58 32.04 1.81
CA LYS J 311 24.67 32.83 0.58
C LYS J 311 25.88 32.33 -0.22
N MET J 312 25.64 31.93 -1.46
CA MET J 312 26.71 31.38 -2.33
C MET J 312 27.41 32.48 -3.14
N ASN J 313 28.73 32.37 -3.33
CA ASN J 313 29.41 33.28 -4.24
C ASN J 313 29.02 33.00 -5.69
N ASP J 314 29.36 33.93 -6.58
CA ASP J 314 28.96 33.83 -7.99
C ASP J 314 29.53 32.62 -8.70
N ALA J 315 30.67 32.11 -8.24
CA ALA J 315 31.26 30.90 -8.80
C ALA J 315 30.35 29.68 -8.55
N PHE J 316 29.61 29.71 -7.44
CA PHE J 316 28.66 28.65 -7.09
C PHE J 316 27.21 29.00 -7.46
N GLY J 317 27.04 29.98 -8.35
CA GLY J 317 25.75 30.35 -8.88
C GLY J 317 25.08 31.53 -8.21
N GLY J 318 25.61 31.97 -7.07
CA GLY J 318 25.11 33.18 -6.39
C GLY J 318 23.76 33.04 -5.69
N GLY J 319 23.24 31.80 -5.66
CA GLY J 319 21.95 31.51 -5.00
C GLY J 319 22.07 31.57 -3.49
N SER J 320 20.95 31.43 -2.79
CA SER J 320 20.97 31.50 -1.34
C SER J 320 19.84 30.69 -0.72
N LEU J 321 19.98 30.44 0.59
CA LEU J 321 18.92 29.83 1.40
C LEU J 321 18.86 30.59 2.70
N THR J 322 17.71 31.16 3.00
CA THR J 322 17.50 31.98 4.18
C THR J 322 16.62 31.15 5.10
N ALA J 323 16.89 31.17 6.40
CA ALA J 323 16.08 30.39 7.35
C ALA J 323 15.48 31.23 8.48
N LEU J 324 14.23 30.93 8.80
CA LEU J 324 13.59 31.52 9.97
C LEU J 324 13.12 30.38 10.86
N PRO J 325 14.04 29.88 11.71
CA PRO J 325 13.61 28.89 12.67
C PRO J 325 12.74 29.56 13.75
N VAL J 326 11.84 28.77 14.35
CA VAL J 326 10.95 29.25 15.42
C VAL J 326 11.24 28.50 16.72
N ILE J 327 11.33 29.22 17.83
CA ILE J 327 11.52 28.61 19.15
C ILE J 327 10.47 29.12 20.10
N GLU J 328 9.88 28.22 20.87
CA GLU J 328 8.93 28.58 21.90
C GLU J 328 9.57 28.61 23.27
N THR J 329 9.48 29.77 23.92
CA THR J 329 9.95 29.93 25.27
C THR J 329 8.81 29.59 26.22
N GLN J 330 9.16 29.39 27.49
CA GLN J 330 8.22 29.20 28.56
C GLN J 330 8.35 30.43 29.47
N ALA J 331 7.23 31.09 29.76
CA ALA J 331 7.20 32.21 30.69
C ALA J 331 8.21 33.31 30.37
N GLY J 332 8.43 33.53 29.08
CA GLY J 332 9.19 34.67 28.59
C GLY J 332 10.68 34.59 28.80
N ASP J 333 11.19 33.39 29.08
CA ASP J 333 12.59 33.24 29.42
C ASP J 333 13.49 33.02 28.19
N VAL J 334 13.87 34.11 27.51
CA VAL J 334 14.78 34.01 26.36
C VAL J 334 16.17 33.57 26.75
N SER J 335 16.50 33.70 28.03
CA SER J 335 17.82 33.37 28.52
C SER J 335 18.01 31.92 28.97
N ALA J 336 16.99 31.08 28.76
CA ALA J 336 17.09 29.67 29.15
C ALA J 336 18.05 28.90 28.24
N TYR J 337 18.35 27.65 28.63
CA TYR J 337 19.29 26.79 27.93
C TYR J 337 18.96 26.63 26.43
N ILE J 338 17.84 25.97 26.10
CA ILE J 338 17.53 25.74 24.68
C ILE J 338 17.42 27.01 23.83
N PRO J 339 16.67 28.03 24.30
CA PRO J 339 16.66 29.30 23.56
C PRO J 339 18.05 29.88 23.28
N THR J 340 18.92 29.93 24.30
CA THR J 340 20.26 30.50 24.09
C THR J 340 21.07 29.66 23.11
N ASN J 341 20.93 28.34 23.17
CA ASN J 341 21.52 27.45 22.17
C ASN J 341 21.27 27.94 20.76
N VAL J 342 20.00 28.22 20.45
CA VAL J 342 19.58 28.52 19.08
C VAL J 342 19.89 29.95 18.68
N ILE J 343 19.78 30.87 19.63
CA ILE J 343 20.33 32.23 19.47
C ILE J 343 21.82 32.15 19.16
N SER J 344 22.54 31.25 19.86
CA SER J 344 23.99 31.08 19.63
C SER J 344 24.35 30.49 18.26
N ILE J 345 23.33 30.23 17.44
CA ILE J 345 23.52 29.74 16.07
C ILE J 345 23.19 30.77 14.99
N THR J 346 22.02 31.40 15.13
CA THR J 346 21.44 32.21 14.08
C THR J 346 22.10 33.60 13.97
N ASP J 347 21.81 34.30 12.88
CA ASP J 347 22.35 35.64 12.71
C ASP J 347 21.38 36.68 13.25
N GLY J 348 20.92 36.46 14.48
CA GLY J 348 19.94 37.35 15.11
C GLY J 348 18.68 36.67 15.53
N GLN J 349 17.85 37.41 16.28
CA GLN J 349 16.56 36.94 16.76
C GLN J 349 15.54 38.05 16.85
N ILE J 350 14.29 37.70 16.58
CA ILE J 350 13.13 38.56 16.79
C ILE J 350 12.44 37.99 18.00
N PHE J 351 12.51 38.71 19.12
CA PHE J 351 11.92 38.23 20.39
C PHE J 351 10.56 38.89 20.62
N LEU J 352 9.53 38.06 20.74
CA LEU J 352 8.18 38.53 20.97
C LEU J 352 7.72 38.25 22.40
N GLU J 353 6.97 39.19 22.98
CA GLU J 353 6.46 39.10 24.37
C GLU J 353 4.96 39.43 24.51
N THR J 354 4.25 38.69 25.37
CA THR J 354 2.79 38.83 25.54
C THR J 354 2.43 40.18 26.14
N GLU J 355 3.25 40.64 27.08
CA GLU J 355 3.12 41.98 27.65
C GLU J 355 2.99 43.03 26.54
N LEU J 356 3.96 43.06 25.63
CA LEU J 356 3.92 43.98 24.51
C LEU J 356 2.68 43.75 23.64
N PHE J 357 2.42 42.49 23.32
CA PHE J 357 1.25 42.12 22.54
C PHE J 357 -0.04 42.74 23.10
N TYR J 358 -0.32 42.54 24.39
CA TYR J 358 -1.56 43.05 24.99
C TYR J 358 -1.61 44.56 25.23
N LYS J 359 -0.46 45.18 25.43
CA LYS J 359 -0.39 46.65 25.48
C LYS J 359 -0.68 47.24 24.10
N GLY J 360 -0.69 46.42 23.06
CA GLY J 360 -0.98 46.90 21.71
C GLY J 360 0.24 47.06 20.82
N ILE J 361 1.42 46.75 21.36
CA ILE J 361 2.62 46.68 20.53
C ILE J 361 2.50 45.38 19.73
N ARG J 362 2.08 45.51 18.49
CA ARG J 362 1.96 44.37 17.58
C ARG J 362 2.45 44.82 16.20
N PRO J 363 3.45 44.12 15.61
CA PRO J 363 4.08 42.90 16.13
C PRO J 363 4.78 43.16 17.47
N ALA J 364 4.72 42.17 18.37
CA ALA J 364 5.13 42.33 19.77
C ALA J 364 6.64 42.21 20.01
N ILE J 365 7.40 42.96 19.21
CA ILE J 365 8.86 42.81 19.18
C ILE J 365 9.53 43.57 20.30
N ASN J 366 10.38 42.88 21.05
CA ASN J 366 11.21 43.53 22.03
C ASN J 366 12.48 44.00 21.35
N VAL J 367 12.65 45.32 21.25
CA VAL J 367 13.72 45.92 20.43
C VAL J 367 15.09 45.69 21.06
N GLY J 368 15.20 45.96 22.35
CA GLY J 368 16.46 45.79 23.08
C GLY J 368 17.00 44.37 23.05
N LEU J 369 16.08 43.39 23.06
CA LEU J 369 16.47 41.98 23.09
C LEU J 369 16.51 41.32 21.70
N SER J 370 16.04 42.03 20.68
CA SER J 370 16.16 41.54 19.32
C SER J 370 17.44 42.07 18.68
N VAL J 371 18.03 41.32 17.74
CA VAL J 371 19.09 41.83 16.87
C VAL J 371 19.10 41.24 15.48
N SER J 372 19.72 41.96 14.57
CA SER J 372 20.22 41.40 13.32
C SER J 372 21.73 41.41 13.41
N ARG J 373 22.34 40.31 12.98
CA ARG J 373 23.80 40.19 12.95
C ARG J 373 24.41 40.59 11.58
N VAL J 374 23.56 40.90 10.62
CA VAL J 374 24.00 41.40 9.31
C VAL J 374 23.79 42.92 9.23
N GLY J 375 22.75 43.42 9.90
CA GLY J 375 22.40 44.85 9.89
C GLY J 375 22.22 45.42 8.50
N SER J 376 22.72 46.65 8.30
CA SER J 376 22.37 47.46 7.13
C SER J 376 22.87 46.89 5.82
N ALA J 377 23.89 46.04 5.89
CA ALA J 377 24.33 45.26 4.72
C ALA J 377 23.15 44.56 4.04
N ALA J 378 22.09 44.30 4.80
CA ALA J 378 20.93 43.60 4.28
C ALA J 378 19.77 44.55 3.98
N GLN J 379 20.01 45.84 4.07
CA GLN J 379 18.99 46.85 3.78
C GLN J 379 19.30 47.58 2.48
N THR J 380 18.27 48.07 1.81
CA THR J 380 18.48 49.02 0.72
C THR J 380 19.05 50.32 1.30
N ARG J 381 19.72 51.08 0.44
CA ARG J 381 20.25 52.39 0.85
C ARG J 381 19.16 53.27 1.49
N ALA J 382 17.97 53.26 0.90
CA ALA J 382 16.86 54.09 1.36
C ALA J 382 16.45 53.76 2.79
N MET J 383 16.31 52.47 3.07
CA MET J 383 15.90 52.02 4.41
C MET J 383 17.01 52.37 5.41
N LYS J 384 18.25 52.15 4.99
CA LYS J 384 19.40 52.50 5.81
C LYS J 384 19.36 54.00 6.12
N GLN J 385 19.00 54.80 5.12
CA GLN J 385 18.92 56.26 5.31
C GLN J 385 17.95 56.67 6.43
N VAL J 386 16.83 55.96 6.54
CA VAL J 386 15.82 56.31 7.54
C VAL J 386 15.95 55.57 8.87
N ALA J 387 16.51 54.36 8.85
CA ALA J 387 16.50 53.46 10.01
C ALA J 387 17.87 53.22 10.63
N GLY J 388 18.94 53.71 9.97
CA GLY J 388 20.34 53.48 10.35
C GLY J 388 20.75 53.58 11.82
N THR J 389 20.19 54.54 12.56
CA THR J 389 20.56 54.74 13.97
C THR J 389 19.40 54.44 14.91
N MET J 390 18.27 54.02 14.35
CA MET J 390 17.03 53.88 15.09
C MET J 390 17.07 52.82 16.19
N LYS J 391 17.70 51.67 15.92
CA LYS J 391 17.73 50.58 16.91
C LYS J 391 18.43 50.95 18.20
N LEU J 392 19.60 51.58 18.09
CA LEU J 392 20.28 52.07 19.29
C LEU J 392 19.45 53.17 19.96
N GLU J 393 18.90 54.07 19.16
CA GLU J 393 18.08 55.18 19.67
C GLU J 393 16.90 54.70 20.49
N LEU J 394 16.21 53.67 20.00
CA LEU J 394 15.02 53.16 20.69
C LEU J 394 15.38 52.47 22.01
N ALA J 395 16.50 51.76 22.03
CA ALA J 395 17.01 51.14 23.25
C ALA J 395 17.28 52.19 24.31
N GLN J 396 17.94 53.28 23.89
CA GLN J 396 18.19 54.39 24.81
C GLN J 396 16.89 55.07 25.25
N TYR J 397 15.96 55.21 24.30
CA TYR J 397 14.66 55.83 24.62
C TYR J 397 13.93 55.07 25.73
N ARG J 398 13.84 53.74 25.59
CA ARG J 398 13.11 52.91 26.55
C ARG J 398 13.74 52.98 27.93
N GLU J 399 15.06 53.10 27.99
CA GLU J 399 15.79 53.23 29.27
C GLU J 399 15.43 54.52 30.00
N VAL J 400 15.44 55.64 29.28
CA VAL J 400 15.17 56.94 29.89
C VAL J 400 13.68 57.09 30.22
N ALA J 401 12.82 56.52 29.37
CA ALA J 401 11.38 56.44 29.66
C ALA J 401 11.11 55.74 30.99
N ALA J 402 11.87 54.68 31.26
CA ALA J 402 11.81 53.97 32.54
C ALA J 402 12.39 54.82 33.68
N PHE J 403 13.54 55.44 33.45
CA PHE J 403 14.18 56.29 34.45
C PHE J 403 13.44 57.61 34.74
N ALA J 404 12.71 58.13 33.77
CA ALA J 404 11.96 59.38 33.95
C ALA J 404 10.58 59.15 34.56
N GLN J 405 10.22 57.88 34.76
CA GLN J 405 8.88 57.46 35.20
C GLN J 405 8.20 58.39 36.20
N PHE J 406 8.95 58.84 37.20
CA PHE J 406 8.47 59.84 38.17
C PHE J 406 8.54 61.25 37.60
N GLY J 407 7.51 61.60 36.82
CA GLY J 407 7.46 62.84 36.04
C GLY J 407 7.79 64.14 36.76
N SER J 408 9.08 64.46 36.82
CA SER J 408 9.58 65.69 37.44
C SER J 408 10.72 66.27 36.62
N ASP J 409 10.74 67.60 36.49
CA ASP J 409 11.69 68.37 35.65
C ASP J 409 12.70 67.58 34.79
N LEU J 410 12.37 67.47 33.51
CA LEU J 410 13.25 66.84 32.53
C LEU J 410 13.83 67.91 31.63
N ASP J 411 15.13 67.84 31.37
CA ASP J 411 15.80 68.78 30.46
C ASP J 411 15.27 68.68 29.02
N ALA J 412 15.73 69.59 28.16
CA ALA J 412 15.24 69.64 26.77
C ALA J 412 15.58 68.39 25.95
N ALA J 413 16.77 67.83 26.18
CA ALA J 413 17.27 66.69 25.39
C ALA J 413 16.49 65.39 25.62
N THR J 414 16.22 65.06 26.88
CA THR J 414 15.51 63.82 27.21
C THR J 414 14.04 63.89 26.79
N GLN J 415 13.43 65.08 26.96
CA GLN J 415 12.04 65.28 26.58
C GLN J 415 11.85 65.12 25.08
N GLN J 416 12.82 65.62 24.31
CA GLN J 416 12.87 65.37 22.87
C GLN J 416 13.05 63.88 22.54
N LEU J 417 13.92 63.20 23.29
CA LEU J 417 14.16 61.77 23.12
C LEU J 417 12.86 60.99 23.36
N LEU J 418 12.14 61.37 24.41
CA LEU J 418 10.87 60.74 24.78
C LEU J 418 9.79 60.96 23.72
N SER J 419 9.67 62.21 23.26
CA SER J 419 8.71 62.58 22.20
C SER J 419 8.93 61.80 20.92
N ARG J 420 10.17 61.72 20.47
CA ARG J 420 10.52 60.91 19.28
C ARG J 420 10.21 59.43 19.48
N GLY J 421 10.66 58.89 20.60
CA GLY J 421 10.53 57.48 20.91
C GLY J 421 9.10 56.99 20.98
N VAL J 422 8.25 57.72 21.68
CA VAL J 422 6.83 57.35 21.81
C VAL J 422 6.15 57.30 20.44
N ARG J 423 6.60 58.16 19.53
CA ARG J 423 6.00 58.27 18.21
C ARG J 423 6.55 57.26 17.19
N LEU J 424 7.84 56.94 17.29
CA LEU J 424 8.43 55.87 16.50
C LEU J 424 7.79 54.52 16.83
N THR J 425 7.55 54.28 18.11
CA THR J 425 6.85 53.10 18.60
C THR J 425 5.51 52.91 17.89
N GLU J 426 4.76 54.00 17.70
CA GLU J 426 3.48 53.97 17.01
C GLU J 426 3.67 53.62 15.54
N LEU J 427 4.77 54.09 14.96
CA LEU J 427 5.02 53.85 13.55
C LEU J 427 5.45 52.43 13.21
N LEU J 428 5.99 51.70 14.19
CA LEU J 428 6.45 50.33 13.99
C LEU J 428 5.37 49.29 14.31
N LYS J 429 4.19 49.78 14.70
CA LYS J 429 2.99 48.96 14.84
C LYS J 429 2.48 48.67 13.45
N GLN J 430 2.00 47.45 13.26
CA GLN J 430 1.51 47.02 11.97
C GLN J 430 0.46 45.92 12.15
N GLY J 431 -0.50 45.89 11.24
CA GLY J 431 -1.52 44.86 11.23
C GLY J 431 -0.95 43.62 10.54
N GLN J 432 -1.83 42.66 10.30
CA GLN J 432 -1.43 41.39 9.74
C GLN J 432 -1.93 41.26 8.29
N TYR J 433 -1.26 40.42 7.50
CA TYR J 433 -1.67 40.01 6.15
C TYR J 433 -1.54 41.05 5.03
N SER J 434 -1.05 42.25 5.34
CA SER J 434 -0.69 43.22 4.30
C SER J 434 0.79 43.66 4.42
N PRO J 435 1.73 42.76 4.11
CA PRO J 435 3.14 43.21 4.17
C PRO J 435 3.44 44.35 3.18
N MET J 436 4.35 45.24 3.58
CA MET J 436 4.53 46.53 2.93
C MET J 436 5.73 46.58 1.97
N ALA J 437 5.50 47.11 0.78
CA ALA J 437 6.59 47.40 -0.17
C ALA J 437 7.63 48.31 0.50
N ILE J 438 8.91 48.02 0.28
CA ILE J 438 10.01 48.74 0.94
C ILE J 438 9.87 50.26 0.87
N GLU J 439 9.51 50.79 -0.30
CA GLU J 439 9.46 52.24 -0.51
C GLU J 439 8.39 52.93 0.35
N GLU J 440 7.29 52.23 0.59
CA GLU J 440 6.21 52.69 1.48
C GLU J 440 6.65 52.64 2.96
N GLN J 441 7.39 51.60 3.35
CA GLN J 441 8.01 51.55 4.68
C GLN J 441 8.96 52.74 4.92
N VAL J 442 9.74 53.08 3.90
CA VAL J 442 10.73 54.15 4.01
C VAL J 442 10.01 55.50 4.13
N ALA J 443 8.97 55.69 3.32
CA ALA J 443 8.14 56.89 3.35
C ALA J 443 7.59 57.17 4.73
N VAL J 444 6.98 56.16 5.36
CA VAL J 444 6.37 56.35 6.68
C VAL J 444 7.43 56.53 7.79
N ILE J 445 8.46 55.68 7.82
CA ILE J 445 9.57 55.83 8.78
C ILE J 445 10.17 57.25 8.67
N TYR J 446 10.31 57.72 7.43
CA TYR J 446 10.88 59.03 7.13
C TYR J 446 10.17 60.15 7.87
N ALA J 447 8.84 60.15 7.84
CA ALA J 447 8.07 61.21 8.47
C ALA J 447 8.37 61.32 9.97
N GLY J 448 8.65 60.18 10.59
CA GLY J 448 8.96 60.11 12.02
C GLY J 448 10.39 60.47 12.40
N VAL J 449 11.36 59.81 11.76
CA VAL J 449 12.77 60.00 12.11
C VAL J 449 13.28 61.40 11.77
N ARG J 450 12.61 62.04 10.82
CA ARG J 450 12.89 63.42 10.44
C ARG J 450 12.19 64.44 11.33
N GLY J 451 11.32 63.94 12.20
CA GLY J 451 10.75 64.75 13.28
C GLY J 451 9.49 65.51 12.92
N TYR J 452 8.94 65.21 11.74
CA TYR J 452 7.78 65.95 11.24
C TYR J 452 6.50 65.66 12.01
N LEU J 453 6.54 64.61 12.82
CA LEU J 453 5.39 64.17 13.60
C LEU J 453 5.58 64.47 15.09
N ASP J 454 6.68 65.11 15.46
CA ASP J 454 7.01 65.34 16.88
C ASP J 454 5.97 66.12 17.67
N LYS J 455 5.12 66.89 16.98
CA LYS J 455 4.03 67.63 17.63
C LYS J 455 2.66 67.00 17.41
N LEU J 456 2.61 65.88 16.69
CA LEU J 456 1.36 65.15 16.50
C LEU J 456 1.09 64.27 17.70
N GLU J 457 -0.13 64.36 18.24
CA GLU J 457 -0.56 63.50 19.37
C GLU J 457 -0.36 62.04 19.01
N PRO J 458 0.42 61.30 19.83
CA PRO J 458 0.82 59.92 19.50
C PRO J 458 -0.33 58.97 19.15
N SER J 459 -1.49 59.15 19.76
CA SER J 459 -2.66 58.30 19.44
C SER J 459 -3.22 58.51 18.02
N LYS J 460 -2.76 59.55 17.33
CA LYS J 460 -3.20 59.86 15.97
C LYS J 460 -2.26 59.32 14.90
N ILE J 461 -1.08 58.86 15.32
CA ILE J 461 -0.02 58.42 14.41
C ILE J 461 -0.49 57.30 13.47
N THR J 462 -1.16 56.30 14.02
CA THR J 462 -1.67 55.18 13.22
C THR J 462 -2.67 55.64 12.14
N LYS J 463 -3.64 56.47 12.54
CA LYS J 463 -4.60 57.04 11.60
C LYS J 463 -3.88 57.93 10.57
N PHE J 464 -2.89 58.71 11.03
CA PHE J 464 -2.05 59.49 10.13
C PHE J 464 -1.34 58.63 9.10
N GLU J 465 -0.63 57.60 9.58
CA GLU J 465 0.12 56.72 8.69
C GLU J 465 -0.73 56.21 7.53
N ASN J 466 -1.89 55.66 7.85
CA ASN J 466 -2.75 55.05 6.83
C ASN J 466 -3.33 56.05 5.81
N ALA J 467 -3.67 57.25 6.27
CA ALA J 467 -4.09 58.32 5.37
C ALA J 467 -2.92 58.86 4.54
N PHE J 468 -1.75 59.01 5.18
CA PHE J 468 -0.53 59.47 4.48
C PHE J 468 -0.17 58.50 3.36
N LEU J 469 -0.23 57.20 3.66
CA LEU J 469 0.11 56.15 2.71
C LEU J 469 -0.85 56.16 1.52
N SER J 470 -2.16 56.26 1.77
CA SER J 470 -3.12 56.28 0.67
C SER J 470 -2.92 57.50 -0.21
N HIS J 471 -2.51 58.61 0.39
CA HIS J 471 -2.19 59.83 -0.34
C HIS J 471 -1.01 59.65 -1.29
N VAL J 472 0.14 59.22 -0.77
CA VAL J 472 1.33 59.05 -1.61
C VAL J 472 1.13 57.96 -2.65
N ILE J 473 0.48 56.85 -2.29
CA ILE J 473 0.22 55.79 -3.27
C ILE J 473 -0.61 56.29 -4.46
N SER J 474 -1.64 57.07 -4.20
CA SER J 474 -2.52 57.54 -5.27
C SER J 474 -1.97 58.75 -6.02
N GLN J 475 -1.26 59.62 -5.30
CA GLN J 475 -0.88 60.93 -5.83
C GLN J 475 0.61 61.04 -6.17
N HIS J 476 1.45 60.26 -5.50
CA HIS J 476 2.91 60.39 -5.66
C HIS J 476 3.59 59.06 -5.98
N GLN J 477 2.98 58.32 -6.89
CA GLN J 477 3.47 57.01 -7.33
C GLN J 477 4.84 57.13 -8.03
N ALA J 478 5.09 58.30 -8.60
CA ALA J 478 6.34 58.57 -9.28
C ALA J 478 7.50 58.79 -8.29
N LEU J 479 7.20 59.43 -7.15
CA LEU J 479 8.17 59.54 -6.05
C LEU J 479 8.55 58.14 -5.52
N LEU J 480 7.53 57.35 -5.20
CA LEU J 480 7.70 56.00 -4.65
C LEU J 480 8.37 55.07 -5.64
N SER J 481 8.04 55.24 -6.92
CA SER J 481 8.68 54.51 -8.01
C SER J 481 10.17 54.80 -8.04
N LYS J 482 10.51 56.08 -7.91
CA LYS J 482 11.89 56.55 -7.93
C LYS J 482 12.68 55.97 -6.77
N ILE J 483 12.10 56.03 -5.56
CA ILE J 483 12.74 55.47 -4.37
C ILE J 483 12.97 53.95 -4.51
N ARG J 484 11.98 53.23 -5.03
CA ARG J 484 12.04 51.78 -5.20
C ARG J 484 13.09 51.36 -6.23
N THR J 485 13.08 52.05 -7.37
CA THR J 485 13.98 51.76 -8.48
C THR J 485 15.41 52.18 -8.14
N ASP J 486 15.58 53.38 -7.57
CA ASP J 486 16.90 53.89 -7.25
C ASP J 486 17.48 53.28 -5.98
N GLY J 487 16.63 52.65 -5.17
CA GLY J 487 17.02 51.99 -3.92
C GLY J 487 17.46 52.97 -2.85
N LYS J 488 17.16 54.25 -3.05
CA LYS J 488 17.62 55.31 -2.16
C LYS J 488 16.72 56.53 -2.19
N ILE J 489 16.91 57.41 -1.20
CA ILE J 489 16.30 58.73 -1.19
C ILE J 489 17.35 59.74 -1.66
N SER J 490 17.18 60.21 -2.90
CA SER J 490 18.02 61.26 -3.48
C SER J 490 17.66 62.62 -2.88
N GLU J 491 18.49 63.62 -3.16
CA GLU J 491 18.25 64.98 -2.65
C GLU J 491 16.94 65.52 -3.18
N GLU J 492 16.63 65.18 -4.43
CA GLU J 492 15.37 65.53 -5.07
C GLU J 492 14.19 64.82 -4.39
N SER J 493 14.32 63.51 -4.17
CA SER J 493 13.28 62.73 -3.49
C SER J 493 13.03 63.25 -2.08
N ASP J 494 14.13 63.58 -1.38
CA ASP J 494 14.08 64.14 -0.03
C ASP J 494 13.27 65.43 -0.01
N ALA J 495 13.58 66.33 -0.94
CA ALA J 495 12.90 67.61 -1.05
C ALA J 495 11.40 67.44 -1.32
N LYS J 496 11.05 66.46 -2.16
CA LYS J 496 9.65 66.12 -2.43
C LYS J 496 8.93 65.55 -1.21
N LEU J 497 9.57 64.63 -0.49
CA LEU J 497 8.96 64.00 0.69
C LEU J 497 8.63 65.00 1.79
N LYS J 498 9.60 65.86 2.10
CA LYS J 498 9.46 66.94 3.09
C LYS J 498 8.24 67.83 2.82
N GLU J 499 8.08 68.25 1.56
CA GLU J 499 6.94 69.04 1.11
C GLU J 499 5.61 68.31 1.30
N ILE J 500 5.59 67.02 0.98
CA ILE J 500 4.38 66.23 1.12
C ILE J 500 3.98 66.07 2.59
N VAL J 501 4.90 65.57 3.43
CA VAL J 501 4.49 65.28 4.81
C VAL J 501 4.12 66.54 5.62
N THR J 502 4.91 67.61 5.51
CA THR J 502 4.63 68.80 6.28
C THR J 502 3.25 69.40 5.95
N ASN J 503 2.96 69.53 4.64
CA ASN J 503 1.67 70.07 4.19
C ASN J 503 0.48 69.16 4.46
N PHE J 504 0.65 67.87 4.18
CA PHE J 504 -0.38 66.86 4.45
C PHE J 504 -0.72 66.81 5.93
N LEU J 505 0.31 66.76 6.78
CA LEU J 505 0.11 66.71 8.23
C LEU J 505 -0.75 67.88 8.67
N ALA J 506 -0.44 69.07 8.15
CA ALA J 506 -1.17 70.31 8.50
C ALA J 506 -2.65 70.22 8.12
N GLY J 507 -2.93 69.67 6.94
CA GLY J 507 -4.28 69.33 6.54
C GLY J 507 -4.89 68.34 7.51
N PHE J 508 -4.17 67.24 7.77
CA PHE J 508 -4.60 66.19 8.70
C PHE J 508 -4.99 66.72 10.07
N GLU J 509 -4.29 67.75 10.53
CA GLU J 509 -4.51 68.34 11.85
C GLU J 509 -5.51 69.49 11.91
N ALA J 510 -6.12 69.84 10.78
CA ALA J 510 -7.06 70.98 10.69
C ALA J 510 -8.24 70.87 11.66
N THR K 13 49.50 -1.11 11.58
CA THR K 13 48.55 -2.24 11.86
C THR K 13 47.12 -1.91 11.40
N THR K 14 46.38 -2.96 11.02
CA THR K 14 45.03 -2.82 10.50
C THR K 14 43.97 -3.25 11.53
N GLY K 15 42.97 -2.39 11.72
CA GLY K 15 41.85 -2.69 12.59
C GLY K 15 40.55 -2.74 11.82
N ARG K 16 39.46 -3.00 12.55
CA ARG K 16 38.13 -3.15 11.96
C ARG K 16 37.09 -2.44 12.81
N ILE K 17 36.22 -1.67 12.17
CA ILE K 17 35.12 -1.07 12.91
C ILE K 17 34.18 -2.18 13.45
N VAL K 18 33.87 -2.12 14.74
CA VAL K 18 32.93 -3.04 15.36
C VAL K 18 31.64 -2.34 15.87
N ALA K 19 31.72 -1.03 16.10
CA ALA K 19 30.54 -0.26 16.46
C ALA K 19 30.64 1.18 16.00
N VAL K 20 29.49 1.72 15.56
CA VAL K 20 29.32 3.14 15.26
C VAL K 20 28.05 3.69 15.93
N ILE K 21 28.21 4.69 16.80
CA ILE K 21 27.09 5.43 17.34
C ILE K 21 27.48 6.90 17.30
N GLY K 22 26.82 7.66 16.44
CA GLY K 22 27.19 9.08 16.22
C GLY K 22 28.67 9.28 15.98
N ALA K 23 29.29 10.20 16.71
CA ALA K 23 30.73 10.52 16.55
C ALA K 23 31.68 9.47 17.10
N VAL K 24 31.12 8.48 17.82
CA VAL K 24 31.95 7.53 18.55
C VAL K 24 31.99 6.18 17.82
N VAL K 25 33.22 5.74 17.53
CA VAL K 25 33.46 4.53 16.74
C VAL K 25 34.42 3.62 17.50
N ASP K 26 34.06 2.35 17.60
CA ASP K 26 34.87 1.35 18.25
C ASP K 26 35.57 0.55 17.18
N VAL K 27 36.86 0.33 17.36
CA VAL K 27 37.69 -0.35 16.37
C VAL K 27 38.49 -1.49 17.04
N GLN K 28 38.40 -2.69 16.49
CA GLN K 28 39.15 -3.82 17.03
C GLN K 28 40.44 -4.02 16.26
N PHE K 29 41.53 -4.26 16.99
CA PHE K 29 42.82 -4.55 16.39
C PHE K 29 43.29 -5.94 16.76
N ASP K 30 43.73 -6.71 15.77
CA ASP K 30 44.16 -8.08 16.01
C ASP K 30 45.60 -8.19 16.50
N GLU K 31 46.41 -7.17 16.20
CA GLU K 31 47.82 -7.18 16.61
C GLU K 31 48.12 -6.05 17.59
N GLY K 32 48.81 -5.00 17.13
CA GLY K 32 49.26 -3.92 18.01
C GLY K 32 48.24 -2.82 18.22
N LEU K 33 47.81 -2.64 19.46
CA LEU K 33 46.79 -1.64 19.79
C LEU K 33 47.37 -0.22 19.72
N PRO K 34 46.70 0.69 19.00
CA PRO K 34 47.22 2.06 18.93
C PRO K 34 47.07 2.77 20.27
N PRO K 35 48.12 3.47 20.74
CA PRO K 35 47.97 4.20 22.00
C PRO K 35 46.84 5.24 21.97
N ILE K 36 46.37 5.59 23.15
CA ILE K 36 45.46 6.70 23.31
C ILE K 36 46.06 7.94 22.64
N LEU K 37 45.17 8.72 22.00
CA LEU K 37 45.48 9.96 21.25
C LEU K 37 46.00 9.72 19.84
N ASN K 38 46.24 8.46 19.46
CA ASN K 38 46.69 8.18 18.07
C ASN K 38 45.62 8.53 17.04
N ALA K 39 46.08 8.92 15.86
CA ALA K 39 45.20 9.15 14.73
C ALA K 39 45.09 7.87 13.92
N LEU K 40 43.87 7.48 13.61
CA LEU K 40 43.63 6.31 12.78
C LEU K 40 42.98 6.80 11.50
N GLU K 41 43.32 6.16 10.39
CA GLU K 41 42.80 6.52 9.07
C GLU K 41 41.78 5.47 8.62
N VAL K 42 40.55 5.91 8.38
CA VAL K 42 39.52 5.01 7.89
C VAL K 42 39.69 4.77 6.41
N GLN K 43 39.72 3.49 6.03
CA GLN K 43 39.89 3.09 4.66
C GLN K 43 38.55 3.11 3.93
N GLY K 44 38.60 3.18 2.61
CA GLY K 44 37.39 3.13 1.79
C GLY K 44 36.52 4.38 1.89
N ARG K 45 37.14 5.52 2.20
CA ARG K 45 36.44 6.81 2.23
C ARG K 45 36.89 7.70 1.07
N GLU K 46 36.01 8.61 0.66
CA GLU K 46 36.30 9.55 -0.42
C GLU K 46 37.22 10.66 0.09
N THR K 47 36.86 11.26 1.22
CA THR K 47 37.70 12.26 1.88
C THR K 47 38.25 11.66 3.16
N ARG K 48 39.45 12.09 3.54
CA ARG K 48 40.12 11.57 4.73
C ARG K 48 39.25 11.64 6.02
N LEU K 49 39.00 10.45 6.61
CA LEU K 49 38.28 10.33 7.86
C LEU K 49 39.22 9.86 8.96
N VAL K 50 39.56 10.78 9.85
CA VAL K 50 40.44 10.48 10.98
C VAL K 50 39.63 10.09 12.23
N LEU K 51 40.04 9.02 12.89
CA LEU K 51 39.54 8.65 14.21
C LEU K 51 40.65 8.84 15.23
N GLU K 52 40.34 9.47 16.36
CA GLU K 52 41.36 9.65 17.41
C GLU K 52 41.09 8.70 18.57
N VAL K 53 42.11 7.97 19.00
CA VAL K 53 41.94 7.00 20.08
C VAL K 53 41.68 7.70 21.40
N ALA K 54 40.56 7.35 22.04
CA ALA K 54 40.15 7.96 23.31
C ALA K 54 40.36 7.02 24.51
N GLN K 55 40.01 5.74 24.33
CA GLN K 55 40.08 4.74 25.40
C GLN K 55 40.47 3.38 24.86
N HIS K 56 41.15 2.61 25.69
CA HIS K 56 41.27 1.17 25.49
C HIS K 56 40.17 0.48 26.29
N LEU K 57 39.21 -0.12 25.58
CA LEU K 57 38.03 -0.73 26.18
C LEU K 57 38.30 -2.09 26.80
N GLY K 58 39.44 -2.68 26.48
CA GLY K 58 39.69 -4.08 26.76
C GLY K 58 39.36 -4.93 25.55
N GLU K 59 39.80 -6.19 25.56
CA GLU K 59 39.52 -7.12 24.48
C GLU K 59 39.96 -6.61 23.10
N SER K 60 41.15 -5.97 23.06
CA SER K 60 41.78 -5.49 21.82
C SER K 60 40.93 -4.49 21.05
N THR K 61 40.06 -3.79 21.76
CA THR K 61 39.15 -2.85 21.14
C THR K 61 39.42 -1.45 21.70
N VAL K 62 39.52 -0.47 20.81
CA VAL K 62 39.67 0.92 21.24
C VAL K 62 38.41 1.74 20.95
N ARG K 63 38.14 2.73 21.79
CA ARG K 63 37.04 3.67 21.53
C ARG K 63 37.63 4.96 20.98
N THR K 64 37.04 5.44 19.87
CA THR K 64 37.54 6.63 19.19
C THR K 64 36.45 7.67 19.03
N ILE K 65 36.90 8.92 18.79
CA ILE K 65 36.04 9.98 18.30
C ILE K 65 36.46 10.32 16.88
N ALA K 66 35.48 10.42 15.98
CA ALA K 66 35.71 10.76 14.59
C ALA K 66 35.98 12.27 14.42
N MET K 67 36.78 12.62 13.41
CA MET K 67 37.08 14.03 13.12
C MET K 67 36.21 14.61 12.01
N ASP K 68 35.30 13.78 11.50
CA ASP K 68 34.32 14.15 10.48
C ASP K 68 33.11 13.20 10.61
N GLY K 69 32.12 13.34 9.74
CA GLY K 69 30.90 12.53 9.79
C GLY K 69 31.15 11.03 9.71
N THR K 70 30.33 10.26 10.41
CA THR K 70 30.41 8.79 10.39
C THR K 70 29.36 8.12 9.48
N GLU K 71 28.53 8.93 8.82
CA GLU K 71 27.59 8.37 7.84
C GLU K 71 28.36 7.58 6.77
N GLY K 72 27.77 6.46 6.34
CA GLY K 72 28.40 5.58 5.36
C GLY K 72 29.33 4.51 5.91
N LEU K 73 29.70 4.61 7.20
CA LEU K 73 30.56 3.60 7.83
C LEU K 73 29.85 2.26 8.02
N VAL K 74 30.63 1.18 7.86
CA VAL K 74 30.12 -0.18 7.88
C VAL K 74 30.94 -0.96 8.90
N ARG K 75 30.25 -1.75 9.72
CA ARG K 75 30.93 -2.66 10.65
C ARG K 75 31.75 -3.65 9.83
N GLY K 76 33.04 -3.71 10.14
CA GLY K 76 34.00 -4.52 9.39
C GLY K 76 34.93 -3.69 8.49
N GLN K 77 34.64 -2.39 8.38
CA GLN K 77 35.42 -1.47 7.54
C GLN K 77 36.82 -1.28 8.14
N LYS K 78 37.82 -1.22 7.26
CA LYS K 78 39.21 -1.24 7.69
C LYS K 78 39.73 0.11 8.14
N VAL K 79 40.66 0.08 9.09
CA VAL K 79 41.17 1.29 9.74
C VAL K 79 42.65 1.07 10.02
N LEU K 80 43.48 2.03 9.62
CA LEU K 80 44.92 1.93 9.78
C LEU K 80 45.39 2.85 10.90
N ASP K 81 46.31 2.33 11.71
CA ASP K 81 46.99 3.13 12.72
C ASP K 81 48.07 3.97 12.03
N SER K 82 47.99 5.29 12.17
CA SER K 82 48.99 6.17 11.56
C SER K 82 50.33 6.14 12.32
N GLY K 83 50.29 5.77 13.59
CA GLY K 83 51.49 5.65 14.42
C GLY K 83 51.80 6.88 15.25
N ALA K 84 50.95 7.89 15.13
CA ALA K 84 51.13 9.15 15.87
C ALA K 84 49.76 9.80 16.11
N PRO K 85 49.68 10.78 17.03
CA PRO K 85 48.50 11.65 17.10
C PRO K 85 48.31 12.45 15.82
N ILE K 86 47.24 13.23 15.74
CA ILE K 86 46.98 14.07 14.57
C ILE K 86 48.17 15.03 14.40
N ARG K 87 48.76 15.04 13.20
CA ARG K 87 49.90 15.92 12.91
C ARG K 87 49.50 16.89 11.83
N ILE K 88 49.92 18.14 11.99
CA ILE K 88 49.52 19.19 11.09
C ILE K 88 50.71 20.03 10.60
N PRO K 89 50.56 20.73 9.45
CA PRO K 89 51.58 21.65 9.00
C PRO K 89 51.73 22.83 9.96
N VAL K 90 52.98 23.13 10.33
CA VAL K 90 53.31 24.34 11.07
C VAL K 90 54.41 25.06 10.31
N GLY K 91 54.55 26.36 10.51
CA GLY K 91 55.57 27.14 9.81
C GLY K 91 55.00 28.31 9.01
N PRO K 92 55.87 29.08 8.34
CA PRO K 92 55.43 30.19 7.48
C PRO K 92 54.47 29.79 6.35
N GLU K 93 54.50 28.53 5.90
CA GLU K 93 53.60 28.11 4.82
C GLU K 93 52.12 28.05 5.24
N THR K 94 51.86 28.12 6.54
CA THR K 94 50.50 28.22 7.04
C THR K 94 49.94 29.65 6.96
N LEU K 95 50.81 30.64 6.75
CA LEU K 95 50.35 32.03 6.72
C LEU K 95 49.57 32.37 5.44
N GLY K 96 48.39 32.95 5.64
CA GLY K 96 47.47 33.25 4.53
C GLY K 96 46.60 32.06 4.14
N ARG K 97 46.84 30.91 4.75
CA ARG K 97 46.09 29.69 4.45
C ARG K 97 44.96 29.47 5.45
N ILE K 98 43.93 28.73 5.00
CA ILE K 98 42.91 28.22 5.93
C ILE K 98 43.07 26.72 6.04
N MET K 99 43.19 26.25 7.28
CA MET K 99 43.29 24.82 7.62
C MET K 99 42.09 24.31 8.43
N ASN K 100 41.83 23.01 8.34
CA ASN K 100 40.84 22.35 9.18
C ASN K 100 41.52 21.57 10.33
N VAL K 101 40.74 20.88 11.17
CA VAL K 101 41.27 20.22 12.38
C VAL K 101 42.51 19.41 12.08
N ILE K 102 42.48 18.70 10.96
CA ILE K 102 43.52 17.73 10.64
C ILE K 102 44.57 18.33 9.71
N GLY K 103 44.55 19.65 9.56
CA GLY K 103 45.61 20.35 8.83
C GLY K 103 45.58 20.26 7.32
N GLU K 104 44.42 19.91 6.77
CA GLU K 104 44.23 19.95 5.33
C GLU K 104 43.86 21.38 4.94
N PRO K 105 44.31 21.85 3.77
CA PRO K 105 43.84 23.15 3.29
C PRO K 105 42.35 23.11 2.92
N ILE K 106 41.63 24.16 3.29
CA ILE K 106 40.23 24.29 2.93
C ILE K 106 39.94 25.63 2.25
N ASP K 107 40.99 26.23 1.68
CA ASP K 107 40.87 27.46 0.92
C ASP K 107 40.95 27.27 -0.60
N GLU K 108 40.98 26.00 -1.03
CA GLU K 108 41.09 25.63 -2.45
C GLU K 108 42.36 26.13 -3.15
N ARG K 109 43.44 26.26 -2.38
CA ARG K 109 44.68 26.83 -2.92
C ARG K 109 45.84 25.84 -2.99
N GLY K 110 45.52 24.56 -2.80
CA GLY K 110 46.49 23.48 -3.01
C GLY K 110 47.28 23.14 -1.77
N PRO K 111 48.30 22.27 -1.90
CA PRO K 111 49.08 21.75 -0.78
C PRO K 111 49.68 22.83 0.11
N ILE K 112 49.88 22.50 1.38
CA ILE K 112 50.62 23.38 2.29
C ILE K 112 52.02 22.77 2.38
N LYS K 113 52.98 23.44 1.76
CA LYS K 113 54.31 22.87 1.56
C LYS K 113 55.27 23.17 2.71
N THR K 114 54.91 22.77 3.93
CA THR K 114 55.79 22.94 5.09
C THR K 114 56.92 21.92 5.10
N LYS K 115 58.05 22.33 5.67
CA LYS K 115 59.16 21.44 5.91
C LYS K 115 58.85 20.53 7.09
N GLN K 116 57.95 20.99 7.98
CA GLN K 116 57.69 20.29 9.24
C GLN K 116 56.23 20.27 9.70
N PHE K 117 55.89 19.19 10.40
CA PHE K 117 54.57 18.96 10.98
C PHE K 117 54.70 18.90 12.49
N ALA K 118 53.56 19.04 13.19
CA ALA K 118 53.54 18.94 14.64
C ALA K 118 52.25 18.27 15.10
N ALA K 119 52.35 17.51 16.19
CA ALA K 119 51.20 16.82 16.81
C ALA K 119 50.36 17.86 17.55
N ILE K 120 49.05 17.82 17.35
CA ILE K 120 48.18 18.75 18.05
C ILE K 120 48.09 18.50 19.57
N HIS K 121 48.56 17.34 20.01
CA HIS K 121 48.68 17.08 21.45
C HIS K 121 50.12 17.29 21.91
N ALA K 122 50.31 18.10 22.95
CA ALA K 122 51.65 18.37 23.51
C ALA K 122 51.57 18.66 24.99
N GLU K 123 52.70 18.55 25.69
CA GLU K 123 52.78 18.90 27.10
C GLU K 123 52.81 20.41 27.26
N ALA K 124 52.19 20.91 28.33
CA ALA K 124 52.19 22.32 28.63
C ALA K 124 53.58 22.74 29.11
N PRO K 125 54.00 23.99 28.80
CA PRO K 125 55.25 24.53 29.31
C PRO K 125 55.35 24.40 30.83
N GLU K 126 56.55 24.09 31.33
CA GLU K 126 56.80 23.89 32.77
C GLU K 126 56.77 25.22 33.48
N PHE K 127 56.56 25.17 34.80
CA PHE K 127 56.59 26.34 35.68
C PHE K 127 57.85 27.18 35.47
N VAL K 128 59.01 26.52 35.30
CA VAL K 128 60.27 27.26 35.14
C VAL K 128 60.31 28.04 33.83
N GLU K 129 59.36 27.74 32.94
CA GLU K 129 59.29 28.38 31.63
C GLU K 129 58.43 29.64 31.65
N MET K 130 57.81 29.91 32.79
CA MET K 130 56.87 31.04 32.88
C MET K 130 57.56 32.38 32.88
N SER K 131 56.87 33.38 32.34
CA SER K 131 57.30 34.78 32.41
C SER K 131 56.37 35.61 33.29
N VAL K 132 56.91 36.64 33.93
CA VAL K 132 56.12 37.48 34.83
C VAL K 132 56.05 38.93 34.33
N GLU K 133 56.72 39.21 33.21
CA GLU K 133 56.62 40.48 32.53
C GLU K 133 55.18 40.73 32.13
N GLN K 134 54.72 41.96 32.39
CA GLN K 134 53.37 42.37 32.01
C GLN K 134 53.35 43.87 31.81
N GLU K 135 53.10 44.29 30.58
CA GLU K 135 52.99 45.70 30.26
C GLU K 135 51.73 45.93 29.46
N ILE K 136 51.12 47.09 29.64
CA ILE K 136 49.85 47.40 28.99
C ILE K 136 49.86 47.23 27.46
N LEU K 137 48.79 46.65 26.94
CA LEU K 137 48.52 46.66 25.51
C LEU K 137 47.28 47.54 25.34
N VAL K 138 47.49 48.74 24.80
CA VAL K 138 46.41 49.70 24.60
C VAL K 138 45.56 49.28 23.40
N THR K 139 44.23 49.31 23.55
CA THR K 139 43.29 48.84 22.53
C THR K 139 42.56 49.96 21.78
N GLY K 140 42.53 51.16 22.36
CA GLY K 140 41.70 52.24 21.83
C GLY K 140 40.23 52.12 22.19
N ILE K 141 39.91 51.14 23.04
CA ILE K 141 38.55 50.90 23.52
C ILE K 141 38.51 51.39 24.96
N LYS K 142 37.65 52.37 25.20
CA LYS K 142 37.64 53.12 26.46
C LYS K 142 37.43 52.24 27.69
N VAL K 143 36.37 51.44 27.65
CA VAL K 143 35.99 50.69 28.85
C VAL K 143 37.09 49.69 29.23
N VAL K 144 37.67 49.03 28.21
CA VAL K 144 38.75 48.07 28.43
C VAL K 144 39.98 48.79 28.97
N ASP K 145 40.48 49.77 28.22
CA ASP K 145 41.70 50.47 28.59
C ASP K 145 41.62 51.11 29.97
N LEU K 146 40.47 51.72 30.30
CA LEU K 146 40.31 52.39 31.59
C LEU K 146 40.22 51.41 32.77
N LEU K 147 39.24 50.51 32.73
CA LEU K 147 38.88 49.71 33.90
C LEU K 147 39.63 48.39 34.03
N ALA K 148 39.93 47.75 32.90
CA ALA K 148 40.50 46.41 32.92
C ALA K 148 41.36 46.15 31.70
N PRO K 149 42.52 46.85 31.61
CA PRO K 149 43.36 46.84 30.42
C PRO K 149 44.04 45.49 30.18
N TYR K 150 44.30 45.20 28.90
CA TYR K 150 45.01 43.99 28.50
C TYR K 150 46.53 44.16 28.63
N ALA K 151 47.22 43.03 28.76
CA ALA K 151 48.68 43.01 28.85
C ALA K 151 49.27 42.31 27.64
N LYS K 152 50.40 42.82 27.15
CA LYS K 152 51.11 42.16 26.04
C LYS K 152 51.62 40.81 26.55
N GLY K 153 51.38 39.75 25.78
CA GLY K 153 51.74 38.40 26.21
C GLY K 153 50.80 37.82 27.26
N GLY K 154 49.70 38.53 27.53
CA GLY K 154 48.72 38.10 28.53
C GLY K 154 47.62 37.22 27.97
N LYS K 155 46.84 36.62 28.88
CA LYS K 155 45.70 35.79 28.49
C LYS K 155 44.41 36.58 28.72
N ILE K 156 43.73 36.89 27.63
CA ILE K 156 42.54 37.72 27.64
C ILE K 156 41.30 36.86 27.35
N GLY K 157 40.24 37.10 28.10
CA GLY K 157 38.97 36.43 27.88
C GLY K 157 37.84 37.42 27.74
N LEU K 158 36.97 37.15 26.77
CA LEU K 158 35.77 37.92 26.51
C LEU K 158 34.55 37.05 26.75
N PHE K 159 33.91 37.23 27.90
CA PHE K 159 32.79 36.40 28.30
C PHE K 159 31.51 37.07 27.82
N GLY K 160 30.55 36.26 27.39
CA GLY K 160 29.24 36.82 27.08
C GLY K 160 28.22 35.78 26.71
N GLY K 161 26.97 36.04 27.06
CA GLY K 161 25.86 35.17 26.65
C GLY K 161 25.62 35.32 25.16
N ALA K 162 24.62 34.59 24.64
CA ALA K 162 24.33 34.56 23.21
C ALA K 162 23.97 35.93 22.64
N GLY K 163 24.83 36.44 21.76
CA GLY K 163 24.53 37.64 21.01
C GLY K 163 24.72 38.94 21.76
N VAL K 164 25.62 38.96 22.76
CA VAL K 164 25.87 40.18 23.51
C VAL K 164 27.05 41.01 22.99
N GLY K 165 27.86 40.41 22.10
CA GLY K 165 28.95 41.16 21.46
C GLY K 165 30.38 40.64 21.49
N LYS K 166 30.57 39.37 21.87
CA LYS K 166 31.91 38.74 21.96
C LYS K 166 32.71 38.82 20.65
N THR K 167 32.04 38.51 19.54
CA THR K 167 32.69 38.39 18.23
C THR K 167 32.97 39.76 17.64
N VAL K 168 32.05 40.71 17.83
CA VAL K 168 32.24 42.07 17.33
C VAL K 168 33.45 42.72 18.01
N LEU K 169 33.58 42.48 19.31
CA LEU K 169 34.71 42.97 20.11
C LEU K 169 36.03 42.34 19.69
N ILE K 170 36.04 41.02 19.46
CA ILE K 170 37.25 40.35 19.01
C ILE K 170 37.67 40.86 17.61
N MET K 171 36.72 41.19 16.75
CA MET K 171 37.04 41.73 15.41
C MET K 171 37.55 43.16 15.53
N GLU K 172 36.99 43.95 16.45
CA GLU K 172 37.50 45.30 16.70
C GLU K 172 38.93 45.22 17.21
N LEU K 173 39.20 44.23 18.06
CA LEU K 173 40.54 43.99 18.57
C LEU K 173 41.52 43.58 17.45
N ILE K 174 41.06 42.71 16.56
CA ILE K 174 41.83 42.32 15.37
C ILE K 174 42.09 43.58 14.52
N ASN K 175 41.04 44.37 14.31
CA ASN K 175 41.12 45.67 13.64
C ASN K 175 42.14 46.61 14.26
N ASN K 176 42.08 46.77 15.58
CA ASN K 176 42.87 47.78 16.27
C ASN K 176 44.30 47.38 16.59
N VAL K 177 44.52 46.11 16.89
CA VAL K 177 45.80 45.64 17.42
C VAL K 177 46.59 44.78 16.42
N ALA K 178 45.88 43.99 15.63
CA ALA K 178 46.49 42.97 14.78
C ALA K 178 46.90 43.46 13.40
N LYS K 179 46.16 44.44 12.86
CA LYS K 179 46.47 44.97 11.53
C LYS K 179 47.86 45.59 11.49
N ALA K 180 48.23 46.29 12.56
CA ALA K 180 49.54 46.95 12.66
C ALA K 180 50.53 46.16 13.52
N HIS K 181 50.24 44.89 13.75
CA HIS K 181 51.13 44.01 14.52
C HIS K 181 52.37 43.63 13.72
N GLY K 182 53.52 43.64 14.40
CA GLY K 182 54.82 43.36 13.74
C GLY K 182 55.07 41.89 13.45
N GLY K 183 54.46 41.01 14.25
CA GLY K 183 54.69 39.59 14.11
C GLY K 183 53.52 38.90 13.44
N TYR K 184 53.30 37.66 13.87
CA TYR K 184 52.30 36.79 13.29
C TYR K 184 51.08 36.63 14.17
N SER K 185 49.96 36.31 13.55
CA SER K 185 48.72 36.03 14.26
C SER K 185 48.14 34.70 13.80
N VAL K 186 47.47 34.00 14.72
CA VAL K 186 46.63 32.86 14.38
C VAL K 186 45.21 33.19 14.79
N PHE K 187 44.25 32.96 13.90
CA PHE K 187 42.84 32.98 14.28
C PHE K 187 42.29 31.57 14.17
N ALA K 188 41.81 31.06 15.30
CA ALA K 188 41.16 29.77 15.37
C ALA K 188 39.65 29.92 15.52
N GLY K 189 38.91 29.51 14.50
CA GLY K 189 37.45 29.46 14.55
C GLY K 189 37.04 28.11 15.07
N VAL K 190 36.48 28.10 16.28
CA VAL K 190 36.12 26.86 16.95
C VAL K 190 34.62 26.89 17.22
N GLY K 191 33.88 26.06 16.50
CA GLY K 191 32.44 25.84 16.73
C GLY K 191 31.55 27.06 16.51
N GLU K 192 31.97 27.98 15.65
CA GLU K 192 31.19 29.18 15.41
C GLU K 192 30.59 29.25 14.02
N ARG K 193 30.27 30.45 13.53
CA ARG K 193 29.53 30.55 12.27
C ARG K 193 30.50 30.54 11.10
N THR K 194 30.27 29.61 10.17
CA THR K 194 31.01 29.56 8.90
C THR K 194 30.95 30.89 8.14
N ARG K 195 29.77 31.49 8.06
CA ARG K 195 29.58 32.84 7.49
C ARG K 195 30.60 33.84 8.05
N GLU K 196 30.89 33.76 9.35
CA GLU K 196 31.85 34.67 10.00
C GLU K 196 33.28 34.39 9.55
N GLY K 197 33.56 33.13 9.22
CA GLY K 197 34.86 32.72 8.68
C GLY K 197 35.09 33.28 7.29
N ASN K 198 34.08 33.15 6.44
CA ASN K 198 34.10 33.79 5.10
C ASN K 198 34.19 35.31 5.22
N ASP K 199 33.39 35.93 6.10
CA ASP K 199 33.50 37.38 6.35
C ASP K 199 34.94 37.77 6.70
N LEU K 200 35.49 37.14 7.74
CA LEU K 200 36.83 37.49 8.22
C LEU K 200 37.90 37.36 7.13
N TYR K 201 37.81 36.26 6.37
CA TYR K 201 38.76 35.92 5.32
C TYR K 201 38.90 37.04 4.28
N HIS K 202 37.78 37.39 3.67
CA HIS K 202 37.76 38.42 2.65
C HIS K 202 38.08 39.79 3.22
N GLU K 203 37.71 40.03 4.47
CA GLU K 203 38.10 41.27 5.14
C GLU K 203 39.63 41.34 5.27
N MET K 204 40.27 40.24 5.62
CA MET K 204 41.73 40.20 5.76
C MET K 204 42.50 40.27 4.43
N ILE K 205 41.91 39.73 3.38
CA ILE K 205 42.48 39.89 2.04
C ILE K 205 42.40 41.37 1.67
N GLU K 206 41.27 41.99 1.98
CA GLU K 206 41.01 43.40 1.66
C GLU K 206 42.03 44.32 2.36
N SER K 207 42.29 44.09 3.63
CA SER K 207 43.23 44.92 4.37
C SER K 207 44.68 44.54 4.10
N GLY K 208 44.88 43.35 3.51
CA GLY K 208 46.20 42.88 3.13
C GLY K 208 47.00 42.14 4.20
N VAL K 209 46.39 41.86 5.35
CA VAL K 209 47.06 41.02 6.35
C VAL K 209 47.13 39.57 5.85
N ILE K 210 46.19 39.22 4.96
CA ILE K 210 46.32 38.04 4.12
C ILE K 210 46.57 38.53 2.69
N ASN K 211 47.62 38.00 2.07
CA ASN K 211 47.96 38.27 0.68
C ASN K 211 48.06 36.98 -0.12
N LEU K 212 47.16 36.82 -1.08
CA LEU K 212 47.04 35.58 -1.85
C LEU K 212 47.98 35.56 -3.05
N LYS K 213 48.84 36.57 -3.16
CA LYS K 213 49.64 36.75 -4.36
C LYS K 213 51.14 36.77 -4.07
N ASP K 214 51.50 37.10 -2.83
CA ASP K 214 52.90 37.07 -2.41
C ASP K 214 53.05 36.39 -1.06
N ALA K 215 54.21 36.56 -0.43
CA ALA K 215 54.51 35.88 0.83
C ALA K 215 54.40 36.80 2.06
N THR K 216 53.65 37.89 1.91
CA THR K 216 53.53 38.89 2.99
C THR K 216 52.38 38.69 4.01
N SER K 217 51.73 37.52 3.98
CA SER K 217 50.63 37.25 4.91
C SER K 217 51.09 37.17 6.37
N LYS K 218 50.32 37.77 7.27
CA LYS K 218 50.68 37.83 8.69
C LYS K 218 49.84 36.91 9.58
N VAL K 219 48.78 36.33 9.02
CA VAL K 219 47.85 35.53 9.79
C VAL K 219 47.58 34.15 9.17
N ALA K 220 47.58 33.14 10.05
CA ALA K 220 47.13 31.80 9.67
C ALA K 220 45.73 31.58 10.21
N LEU K 221 44.92 30.92 9.40
CA LEU K 221 43.54 30.64 9.74
C LEU K 221 43.34 29.15 9.93
N VAL K 222 42.61 28.78 10.98
CA VAL K 222 42.28 27.39 11.28
C VAL K 222 40.81 27.39 11.69
N TYR K 223 39.99 26.62 10.97
CA TYR K 223 38.54 26.63 11.22
C TYR K 223 37.97 25.25 11.36
N GLY K 224 37.09 25.09 12.36
CA GLY K 224 36.24 23.91 12.51
C GLY K 224 34.96 24.38 13.15
N GLN K 225 33.96 24.70 12.33
CA GLN K 225 32.78 25.45 12.79
C GLN K 225 31.59 24.57 13.17
N MET K 226 30.45 25.20 13.47
CA MET K 226 29.30 24.46 14.01
C MET K 226 28.51 23.59 13.01
N ASN K 227 28.97 23.57 11.75
CA ASN K 227 28.52 22.57 10.77
C ASN K 227 29.31 21.26 10.91
N GLU K 228 30.29 21.25 11.81
CA GLU K 228 31.14 20.09 12.04
C GLU K 228 30.65 19.24 13.22
N PRO K 229 30.89 17.91 13.13
CA PRO K 229 30.62 16.99 14.24
C PRO K 229 31.53 17.26 15.44
N PRO K 230 31.13 16.81 16.65
CA PRO K 230 31.84 17.16 17.89
C PRO K 230 33.35 16.89 17.93
N GLY K 231 33.80 15.79 17.35
CA GLY K 231 35.24 15.48 17.33
C GLY K 231 36.09 16.59 16.77
N ALA K 232 35.62 17.18 15.67
CA ALA K 232 36.36 18.21 14.98
C ALA K 232 36.40 19.46 15.86
N ARG K 233 35.25 19.83 16.39
CA ARG K 233 35.13 20.96 17.29
C ARG K 233 35.89 20.78 18.60
N ALA K 234 36.08 19.52 19.03
CA ALA K 234 36.84 19.23 20.26
C ALA K 234 38.35 19.29 20.07
N ARG K 235 38.79 19.15 18.82
CA ARG K 235 40.21 19.15 18.51
C ARG K 235 40.73 20.39 17.78
N VAL K 236 39.84 21.13 17.10
CA VAL K 236 40.28 22.23 16.22
C VAL K 236 40.99 23.38 16.97
N ALA K 237 40.64 23.56 18.25
CA ALA K 237 41.30 24.57 19.10
C ALA K 237 42.77 24.21 19.32
N LEU K 238 43.04 22.92 19.44
CA LEU K 238 44.41 22.41 19.56
C LEU K 238 45.19 22.56 18.25
N THR K 239 44.56 22.27 17.12
CA THR K 239 45.16 22.54 15.81
C THR K 239 45.66 23.98 15.75
N GLY K 240 44.76 24.94 16.01
CA GLY K 240 45.08 26.37 15.98
C GLY K 240 46.16 26.74 16.98
N LEU K 241 46.01 26.25 18.21
CA LEU K 241 46.98 26.48 19.27
C LEU K 241 48.39 25.96 18.92
N THR K 242 48.43 24.81 18.24
CA THR K 242 49.68 24.19 17.79
C THR K 242 50.42 25.05 16.75
N VAL K 243 49.66 25.72 15.88
CA VAL K 243 50.24 26.59 14.88
C VAL K 243 50.94 27.75 15.59
N ALA K 244 50.28 28.29 16.62
CA ALA K 244 50.82 29.41 17.40
C ALA K 244 52.05 28.99 18.22
N GLU K 245 52.05 27.77 18.75
CA GLU K 245 53.18 27.31 19.55
C GLU K 245 54.44 27.32 18.71
N TYR K 246 54.33 26.84 17.46
CA TYR K 246 55.44 26.85 16.53
C TYR K 246 55.98 28.26 16.36
N PHE K 247 55.11 29.20 16.03
CA PHE K 247 55.52 30.59 15.88
C PHE K 247 56.16 31.14 17.15
N ARG K 248 55.57 30.82 18.31
CA ARG K 248 56.10 31.25 19.61
C ARG K 248 57.51 30.72 19.87
N ASP K 249 57.75 29.45 19.56
CA ASP K 249 58.98 28.73 19.92
C ASP K 249 60.05 28.69 18.83
N GLN K 250 59.64 28.24 17.63
CA GLN K 250 60.56 28.00 16.51
C GLN K 250 60.77 29.25 15.64
N GLU K 251 60.43 30.39 16.24
CA GLU K 251 60.75 31.72 15.74
C GLU K 251 60.86 32.69 16.92
N GLY K 252 60.73 32.14 18.13
CA GLY K 252 60.76 32.92 19.38
C GLY K 252 59.86 34.14 19.42
N GLN K 253 58.92 34.22 18.48
CA GLN K 253 58.27 35.50 18.11
C GLN K 253 57.03 35.97 18.87
N ASP K 254 56.66 37.22 18.60
CA ASP K 254 55.49 37.83 19.20
C ASP K 254 54.25 37.42 18.41
N VAL K 255 53.45 36.57 19.06
CA VAL K 255 52.32 35.93 18.43
C VAL K 255 51.00 36.46 19.01
N LEU K 256 50.03 36.67 18.13
CA LEU K 256 48.65 36.93 18.55
C LEU K 256 47.81 35.70 18.25
N LEU K 257 47.06 35.24 19.23
CA LEU K 257 46.19 34.10 19.02
C LEU K 257 44.79 34.51 19.41
N PHE K 258 43.91 34.59 18.41
CA PHE K 258 42.50 34.87 18.65
C PHE K 258 41.71 33.57 18.50
N ILE K 259 40.86 33.27 19.48
CA ILE K 259 40.02 32.06 19.42
C ILE K 259 38.57 32.45 19.61
N ASP K 260 37.74 32.08 18.64
CA ASP K 260 36.31 32.27 18.74
C ASP K 260 35.69 30.95 18.28
N ASN K 261 35.15 30.12 19.19
CA ASN K 261 34.92 30.41 20.60
C ASN K 261 35.40 29.24 21.47
N ILE K 262 36.16 29.53 22.53
CA ILE K 262 36.81 28.44 23.28
C ILE K 262 35.82 27.58 24.07
N PHE K 263 34.65 28.12 24.39
CA PHE K 263 33.58 27.29 25.00
C PHE K 263 33.21 26.06 24.17
N ARG K 264 33.33 26.18 22.85
CA ARG K 264 32.88 25.14 21.93
C ARG K 264 33.71 23.86 22.02
N PHE K 265 34.97 23.99 22.47
CA PHE K 265 35.83 22.85 22.81
C PHE K 265 35.25 22.01 23.98
N THR K 266 34.75 22.70 25.00
CA THR K 266 34.17 22.03 26.16
C THR K 266 32.81 21.43 25.78
N GLN K 267 31.99 22.22 25.07
CA GLN K 267 30.70 21.75 24.59
C GLN K 267 30.87 20.50 23.74
N ALA K 268 31.82 20.50 22.81
CA ALA K 268 31.99 19.33 21.96
C ALA K 268 32.24 18.06 22.81
N GLY K 269 33.13 18.18 23.80
CA GLY K 269 33.38 17.09 24.76
C GLY K 269 32.11 16.61 25.50
N SER K 270 31.21 17.54 25.81
CA SER K 270 29.95 17.20 26.47
C SER K 270 29.01 16.44 25.55
N GLU K 271 29.12 16.65 24.23
CA GLU K 271 28.29 15.93 23.28
C GLU K 271 28.62 14.44 23.23
N VAL K 272 29.90 14.10 23.40
CA VAL K 272 30.35 12.70 23.27
C VAL K 272 30.51 11.99 24.62
N SER K 273 30.48 12.76 25.69
CA SER K 273 30.82 12.26 27.01
C SER K 273 30.05 10.99 27.41
N ALA K 274 28.73 10.97 27.17
CA ALA K 274 27.91 9.83 27.54
C ALA K 274 28.30 8.56 26.75
N LEU K 275 28.56 8.72 25.45
CA LEU K 275 29.01 7.61 24.60
C LEU K 275 30.43 7.14 24.92
N LEU K 276 31.19 7.96 25.65
CA LEU K 276 32.47 7.53 26.18
C LEU K 276 32.31 6.88 27.56
N GLY K 277 31.06 6.68 27.97
CA GLY K 277 30.75 5.91 29.19
C GLY K 277 30.78 6.65 30.52
N ARG K 278 30.80 7.97 30.52
CA ARG K 278 30.88 8.72 31.77
C ARG K 278 29.53 8.97 32.44
N ILE K 279 29.52 8.85 33.76
CA ILE K 279 28.47 9.42 34.59
C ILE K 279 28.59 10.94 34.46
N PRO K 280 27.47 11.65 34.25
CA PRO K 280 27.64 13.11 34.11
C PRO K 280 27.98 13.79 35.43
N SER K 281 28.69 14.91 35.36
CA SER K 281 28.84 15.78 36.50
C SER K 281 27.63 16.75 36.51
N ALA K 282 27.72 17.82 37.31
CA ALA K 282 26.63 18.79 37.38
C ALA K 282 26.40 19.54 36.05
N VAL K 283 25.15 19.89 35.78
CA VAL K 283 24.74 20.73 34.63
C VAL K 283 25.03 20.05 33.30
N GLY K 284 24.92 18.72 33.29
CA GLY K 284 25.11 17.91 32.07
C GLY K 284 26.53 17.87 31.52
N TYR K 285 27.51 18.24 32.32
CA TYR K 285 28.89 18.31 31.81
C TYR K 285 29.73 17.07 32.12
N GLN K 286 30.71 16.81 31.27
CA GLN K 286 31.70 15.78 31.52
C GLN K 286 32.42 15.97 32.86
N PRO K 287 32.71 14.86 33.58
CA PRO K 287 33.43 14.89 34.86
C PRO K 287 34.84 15.47 34.71
N THR K 288 35.41 15.33 33.51
CA THR K 288 36.78 15.73 33.19
C THR K 288 36.88 17.18 32.72
N LEU K 289 35.82 17.97 32.90
CA LEU K 289 35.76 19.33 32.33
C LEU K 289 37.02 20.16 32.61
N ALA K 290 37.44 20.17 33.86
CA ALA K 290 38.49 21.06 34.33
C ALA K 290 39.88 20.64 33.93
N THR K 291 40.16 19.33 33.97
CA THR K 291 41.45 18.81 33.53
C THR K 291 41.58 18.96 32.03
N ASP K 292 40.54 18.57 31.30
CA ASP K 292 40.49 18.77 29.84
C ASP K 292 40.82 20.21 29.49
N MET K 293 40.14 21.16 30.13
CA MET K 293 40.42 22.57 29.96
C MET K 293 41.85 22.95 30.39
N GLY K 294 42.28 22.45 31.56
CA GLY K 294 43.62 22.71 32.08
C GLY K 294 44.74 22.32 31.14
N THR K 295 44.63 21.15 30.52
CA THR K 295 45.74 20.69 29.69
C THR K 295 45.79 21.40 28.34
N MET K 296 44.66 21.96 27.93
CA MET K 296 44.58 22.76 26.73
C MET K 296 45.03 24.19 27.05
N GLN K 297 44.46 24.79 28.09
CA GLN K 297 44.74 26.20 28.42
C GLN K 297 46.20 26.47 28.80
N GLU K 298 46.83 25.52 29.49
CA GLU K 298 48.21 25.71 29.93
C GLU K 298 49.22 25.71 28.77
N ARG K 299 48.78 25.30 27.59
CA ARG K 299 49.62 25.43 26.38
C ARG K 299 49.44 26.79 25.76
N ILE K 300 48.31 27.43 26.06
CA ILE K 300 48.02 28.78 25.55
C ILE K 300 48.70 29.80 26.46
N THR K 301 49.96 30.08 26.17
CA THR K 301 50.76 30.86 27.10
C THR K 301 52.06 31.45 26.52
N THR K 302 52.40 32.62 27.03
CA THR K 302 53.74 33.18 26.92
C THR K 302 54.71 32.32 27.73
N THR K 303 55.90 32.11 27.17
CA THR K 303 56.99 31.46 27.90
C THR K 303 58.22 32.35 27.83
N LYS K 304 59.32 31.91 28.44
CA LYS K 304 60.61 32.61 28.27
C LYS K 304 61.11 32.64 26.81
N LYS K 305 60.73 31.65 26.01
CA LYS K 305 61.11 31.55 24.60
C LYS K 305 60.42 32.57 23.71
N GLY K 306 59.16 32.86 24.00
CA GLY K 306 58.36 33.76 23.17
C GLY K 306 57.00 34.06 23.75
N SER K 307 56.38 35.08 23.20
CA SER K 307 55.19 35.67 23.78
C SER K 307 53.95 35.34 22.92
N ILE K 308 52.84 35.03 23.58
CA ILE K 308 51.55 34.91 22.91
C ILE K 308 50.60 35.83 23.63
N THR K 309 50.05 36.81 22.92
CA THR K 309 48.91 37.54 23.44
C THR K 309 47.67 36.79 22.97
N SER K 310 46.98 36.15 23.90
CA SER K 310 45.83 35.34 23.52
C SER K 310 44.51 36.02 23.86
N VAL K 311 43.62 36.11 22.87
CA VAL K 311 42.27 36.64 23.09
C VAL K 311 41.25 35.56 22.76
N GLN K 312 40.51 35.13 23.79
CA GLN K 312 39.54 34.05 23.63
C GLN K 312 38.13 34.54 23.93
N ALA K 313 37.24 34.35 22.95
CA ALA K 313 35.82 34.57 23.15
C ALA K 313 35.27 33.38 23.93
N ILE K 314 34.52 33.68 24.99
CA ILE K 314 34.05 32.68 25.94
C ILE K 314 32.53 32.76 26.13
N TYR K 315 31.83 31.79 25.56
CA TYR K 315 30.36 31.77 25.57
C TYR K 315 29.84 31.42 26.94
N VAL K 316 28.72 32.04 27.33
CA VAL K 316 28.08 31.85 28.65
C VAL K 316 26.69 31.24 28.50
N PRO K 317 26.59 29.92 28.69
CA PRO K 317 25.30 29.28 28.43
C PRO K 317 24.22 29.84 29.36
N ALA K 318 23.04 30.09 28.80
CA ALA K 318 21.88 30.57 29.55
C ALA K 318 22.16 31.85 30.33
N ASP K 319 23.14 32.63 29.85
CA ASP K 319 23.59 33.87 30.50
C ASP K 319 24.12 33.66 31.94
N ASP K 320 24.29 32.42 32.36
CA ASP K 320 24.70 32.13 33.74
C ASP K 320 26.21 32.01 33.86
N LEU K 321 26.86 33.03 34.42
CA LEU K 321 28.32 33.04 34.55
C LEU K 321 28.81 31.93 35.49
N THR K 322 27.90 31.38 36.30
CA THR K 322 28.25 30.28 37.22
C THR K 322 28.18 28.90 36.54
N ASP K 323 27.81 28.88 35.24
CA ASP K 323 27.84 27.65 34.44
C ASP K 323 29.27 27.13 34.53
N PRO K 324 29.44 25.82 34.77
CA PRO K 324 30.78 25.24 34.93
C PRO K 324 31.79 25.62 33.87
N ALA K 325 31.37 25.68 32.60
CA ALA K 325 32.31 25.99 31.52
C ALA K 325 32.93 27.39 31.71
N PRO K 326 32.11 28.46 31.69
CA PRO K 326 32.75 29.77 31.93
C PRO K 326 33.36 29.90 33.33
N ALA K 327 32.71 29.32 34.34
CA ALA K 327 33.19 29.47 35.71
C ALA K 327 34.61 28.91 35.85
N THR K 328 34.86 27.75 35.25
CA THR K 328 36.19 27.12 35.26
C THR K 328 37.24 27.86 34.41
N THR K 329 36.76 28.70 33.49
CA THR K 329 37.66 29.40 32.56
C THR K 329 38.38 30.61 33.18
N PHE K 330 37.68 31.34 34.06
CA PHE K 330 38.18 32.57 34.69
C PHE K 330 39.62 32.48 35.21
N ALA K 331 39.93 31.42 35.95
CA ALA K 331 41.26 31.26 36.57
C ALA K 331 42.42 31.14 35.55
N HIS K 332 42.10 30.92 34.29
CA HIS K 332 43.11 30.80 33.24
C HIS K 332 43.48 32.14 32.61
N LEU K 333 42.87 33.21 33.09
CA LEU K 333 43.01 34.50 32.43
C LEU K 333 43.79 35.53 33.24
N ASP K 334 44.33 36.52 32.52
CA ASP K 334 45.01 37.65 33.14
C ASP K 334 44.18 38.92 33.09
N ALA K 335 43.34 39.02 32.07
CA ALA K 335 42.33 40.08 31.99
C ALA K 335 41.03 39.44 31.54
N THR K 336 39.93 39.86 32.14
CA THR K 336 38.60 39.39 31.77
C THR K 336 37.69 40.57 31.42
N THR K 337 37.08 40.51 30.24
CA THR K 337 36.08 41.46 29.79
C THR K 337 34.73 40.74 29.82
N VAL K 338 33.87 41.11 30.75
CA VAL K 338 32.55 40.51 30.87
C VAL K 338 31.48 41.39 30.25
N LEU K 339 30.77 40.81 29.30
CA LEU K 339 29.72 41.46 28.54
C LEU K 339 28.36 41.08 29.12
N SER K 340 27.38 42.00 29.04
CA SER K 340 26.10 41.78 29.71
C SER K 340 24.91 42.08 28.82
N ARG K 341 23.93 41.16 28.78
CA ARG K 341 22.73 41.34 27.95
C ARG K 341 21.92 42.55 28.40
N ALA K 342 21.80 42.72 29.71
CA ALA K 342 21.11 43.84 30.35
C ALA K 342 21.74 45.18 29.99
N ILE K 343 23.03 45.18 29.69
CA ILE K 343 23.72 46.39 29.23
C ILE K 343 23.51 46.56 27.71
N ALA K 344 23.71 45.48 26.97
CA ALA K 344 23.41 45.46 25.54
C ALA K 344 21.98 45.93 25.25
N GLU K 345 21.05 45.52 26.11
CA GLU K 345 19.62 45.80 25.97
C GLU K 345 19.34 47.30 26.04
N LEU K 346 20.25 48.03 26.69
CA LEU K 346 20.13 49.49 26.85
C LEU K 346 20.67 50.25 25.65
N GLY K 347 21.35 49.53 24.74
CA GLY K 347 22.02 50.17 23.61
C GLY K 347 23.44 50.55 23.93
N ILE K 348 23.92 50.18 25.11
CA ILE K 348 25.27 50.51 25.51
C ILE K 348 26.21 49.48 24.94
N TYR K 349 26.92 49.87 23.88
CA TYR K 349 27.93 49.03 23.24
C TYR K 349 29.30 49.71 23.26
N PRO K 350 30.37 48.92 23.48
CA PRO K 350 30.40 47.50 23.81
C PRO K 350 29.75 47.26 25.19
N ALA K 351 29.03 46.14 25.31
CA ALA K 351 28.19 45.87 26.46
C ALA K 351 28.99 45.41 27.69
N VAL K 352 30.11 46.08 27.97
CA VAL K 352 30.98 45.65 29.04
C VAL K 352 30.41 45.99 30.40
N ASP K 353 30.36 45.01 31.30
CA ASP K 353 29.96 45.24 32.66
C ASP K 353 31.17 45.81 33.36
N PRO K 354 31.12 47.11 33.71
CA PRO K 354 32.24 47.79 34.33
C PRO K 354 32.53 47.30 35.77
N LEU K 355 31.56 46.60 36.36
CA LEU K 355 31.70 46.08 37.73
C LEU K 355 31.89 44.58 37.74
N ASP K 356 32.35 44.04 36.62
CA ASP K 356 32.62 42.60 36.54
C ASP K 356 33.75 42.28 35.55
N SER K 357 34.55 43.29 35.21
CA SER K 357 35.69 43.13 34.33
C SER K 357 36.95 43.43 35.11
N THR K 358 37.93 42.54 35.02
CA THR K 358 39.14 42.69 35.84
C THR K 358 40.41 42.62 35.02
N SER K 359 41.49 43.11 35.59
CA SER K 359 42.81 42.90 35.00
C SER K 359 43.90 42.83 36.05
N ARG K 360 44.76 41.83 35.91
CA ARG K 360 45.93 41.63 36.77
C ARG K 360 46.84 42.88 36.84
N ILE K 361 46.85 43.68 35.78
CA ILE K 361 47.70 44.87 35.76
C ILE K 361 46.99 46.14 36.23
N MET K 362 45.73 46.03 36.68
CA MET K 362 45.05 47.17 37.28
C MET K 362 45.59 47.35 38.70
N ASP K 363 46.64 48.16 38.79
CA ASP K 363 47.53 48.25 39.94
C ASP K 363 48.28 49.59 39.80
N PRO K 364 48.29 50.42 40.86
CA PRO K 364 48.92 51.75 40.75
C PRO K 364 50.39 51.68 40.38
N ASN K 365 51.06 50.60 40.80
CA ASN K 365 52.47 50.38 40.51
C ASN K 365 52.78 50.01 39.06
N ILE K 366 51.76 49.57 38.31
CA ILE K 366 51.92 49.18 36.90
C ILE K 366 51.30 50.20 35.94
N VAL K 367 50.03 50.55 36.15
CA VAL K 367 49.35 51.52 35.28
C VAL K 367 49.52 52.97 35.72
N GLY K 368 50.08 53.16 36.92
CA GLY K 368 50.32 54.51 37.47
C GLY K 368 49.12 54.95 38.27
N SER K 369 49.33 55.84 39.24
CA SER K 369 48.29 56.13 40.23
C SER K 369 47.08 56.89 39.65
N GLU K 370 47.32 57.73 38.65
CA GLU K 370 46.26 58.48 37.97
C GLU K 370 45.28 57.53 37.26
N HIS K 371 45.82 56.57 36.52
CA HIS K 371 45.02 55.61 35.78
C HIS K 371 44.24 54.73 36.76
N TYR K 372 44.94 54.26 37.80
CA TYR K 372 44.31 53.48 38.86
C TYR K 372 43.21 54.27 39.59
N ASP K 373 43.52 55.47 40.07
CA ASP K 373 42.54 56.29 40.77
C ASP K 373 41.28 56.59 39.95
N VAL K 374 41.45 56.96 38.69
CA VAL K 374 40.30 57.25 37.80
C VAL K 374 39.41 56.00 37.59
N ALA K 375 40.06 54.87 37.32
CA ALA K 375 39.38 53.57 37.18
C ALA K 375 38.51 53.26 38.39
N ARG K 376 39.12 53.27 39.56
CA ARG K 376 38.40 52.92 40.79
C ARG K 376 37.31 53.92 41.15
N GLY K 377 37.55 55.21 40.85
CA GLY K 377 36.54 56.27 40.99
C GLY K 377 35.32 55.99 40.11
N VAL K 378 35.58 55.66 38.85
CA VAL K 378 34.51 55.27 37.91
C VAL K 378 33.71 54.08 38.45
N GLN K 379 34.42 53.06 38.93
CA GLN K 379 33.75 51.88 39.49
C GLN K 379 32.97 52.20 40.76
N LYS K 380 33.50 53.12 41.56
CA LYS K 380 32.81 53.52 42.80
C LYS K 380 31.49 54.24 42.50
N ILE K 381 31.54 55.27 41.65
CA ILE K 381 30.32 56.00 41.30
C ILE K 381 29.26 55.09 40.65
N LEU K 382 29.73 54.09 39.89
CA LEU K 382 28.83 53.16 39.19
C LEU K 382 28.20 52.16 40.15
N GLN K 383 28.98 51.70 41.13
CA GLN K 383 28.44 50.86 42.18
C GLN K 383 27.44 51.64 43.02
N ASP K 384 27.84 52.84 43.46
CA ASP K 384 26.95 53.72 44.23
C ASP K 384 25.60 53.93 43.52
N TYR K 385 25.66 54.20 42.21
CA TYR K 385 24.44 54.36 41.42
C TYR K 385 23.58 53.10 41.43
N LYS K 386 24.22 51.96 41.20
CA LYS K 386 23.56 50.66 41.09
C LYS K 386 22.78 50.31 42.36
N SER K 387 23.35 50.63 43.52
CA SER K 387 22.70 50.35 44.79
C SER K 387 21.57 51.34 45.09
N LEU K 388 21.61 52.51 44.45
CA LEU K 388 20.52 53.48 44.55
C LEU K 388 19.35 53.20 43.60
N GLN K 389 19.67 52.69 42.41
CA GLN K 389 18.67 52.43 41.36
C GLN K 389 17.32 51.98 41.90
N ASP K 390 17.22 50.69 42.20
CA ASP K 390 15.99 50.02 42.64
C ASP K 390 15.28 50.76 43.78
N ILE K 391 16.07 51.40 44.64
CA ILE K 391 15.56 52.20 45.76
C ILE K 391 14.83 53.45 45.31
N ILE K 392 15.44 54.21 44.41
CA ILE K 392 14.83 55.47 43.93
C ILE K 392 13.81 55.25 42.82
N ALA K 393 13.80 54.05 42.25
CA ALA K 393 12.81 53.62 41.25
C ALA K 393 11.43 53.44 41.86
N ILE K 394 11.39 53.31 43.19
CA ILE K 394 10.13 53.20 43.94
C ILE K 394 9.85 54.45 44.78
N LEU K 395 10.85 54.93 45.50
CA LEU K 395 10.68 56.06 46.42
C LEU K 395 10.86 57.44 45.79
N GLY K 396 11.33 57.47 44.56
CA GLY K 396 11.43 58.72 43.80
C GLY K 396 12.79 59.40 43.82
N MET K 397 13.00 60.27 42.84
CA MET K 397 14.24 61.04 42.71
C MET K 397 14.30 62.17 43.73
N ASP K 398 13.18 62.88 43.91
CA ASP K 398 13.12 64.12 44.69
C ASP K 398 13.46 63.97 46.17
N GLU K 399 13.56 62.73 46.64
CA GLU K 399 13.95 62.46 48.02
C GLU K 399 15.49 62.39 48.19
N LEU K 400 16.22 62.48 47.08
CA LEU K 400 17.68 62.45 47.10
C LEU K 400 18.30 63.75 47.57
N SER K 401 19.46 63.64 48.20
CA SER K 401 20.29 64.79 48.56
C SER K 401 20.87 65.42 47.30
N GLU K 402 21.14 66.72 47.34
CA GLU K 402 21.64 67.45 46.17
C GLU K 402 23.07 67.03 45.75
N GLU K 403 23.67 66.11 46.49
CA GLU K 403 24.97 65.53 46.14
C GLU K 403 24.82 64.06 45.75
N ASP K 404 23.79 63.42 46.30
CA ASP K 404 23.41 62.06 45.91
C ASP K 404 22.90 62.01 44.48
N LYS K 405 22.08 62.99 44.10
CA LYS K 405 21.56 63.06 42.75
C LYS K 405 22.60 63.62 41.78
N LEU K 406 23.70 64.12 42.33
CA LEU K 406 24.84 64.56 41.53
C LEU K 406 25.70 63.37 41.11
N THR K 407 25.74 62.31 41.92
CA THR K 407 26.40 61.07 41.52
C THR K 407 25.51 60.28 40.56
N VAL K 408 24.19 60.44 40.68
CA VAL K 408 23.25 59.80 39.76
C VAL K 408 23.44 60.35 38.35
N SER K 409 23.45 61.68 38.21
CA SER K 409 23.66 62.32 36.92
C SER K 409 25.04 62.00 36.35
N ARG K 410 26.08 62.11 37.18
CA ARG K 410 27.44 61.80 36.75
C ARG K 410 27.60 60.33 36.38
N ALA K 411 27.01 59.44 37.18
CA ALA K 411 27.08 58.01 36.88
C ALA K 411 26.43 57.68 35.54
N ARG K 412 25.26 58.28 35.30
CA ARG K 412 24.51 58.04 34.05
C ARG K 412 25.23 58.57 32.81
N LYS K 413 26.01 59.65 33.00
CA LYS K 413 26.89 60.18 31.95
C LYS K 413 28.13 59.30 31.72
N ILE K 414 28.70 58.79 32.81
CA ILE K 414 29.82 57.85 32.73
C ILE K 414 29.42 56.52 32.06
N GLN K 415 28.21 56.02 32.34
CA GLN K 415 27.70 54.80 31.71
C GLN K 415 27.71 54.92 30.18
N ARG K 416 27.40 56.12 29.71
CA ARG K 416 27.27 56.41 28.29
C ARG K 416 28.64 56.67 27.66
N PHE K 417 29.51 57.37 28.39
CA PHE K 417 30.82 57.72 27.84
C PHE K 417 31.69 56.47 27.75
N LEU K 418 31.29 55.41 28.44
CA LEU K 418 31.89 54.08 28.24
C LEU K 418 31.45 53.38 26.96
N SER K 419 30.31 53.81 26.38
CA SER K 419 29.92 53.29 25.07
C SER K 419 30.81 53.89 23.98
N GLN K 420 30.85 53.27 22.82
CA GLN K 420 31.79 53.66 21.77
C GLN K 420 31.40 53.04 20.43
N PRO K 421 31.35 53.86 19.36
CA PRO K 421 31.19 53.32 18.00
C PRO K 421 32.44 52.54 17.55
N PHE K 422 32.25 51.26 17.21
CA PHE K 422 33.34 50.42 16.69
C PHE K 422 33.44 50.56 15.16
N GLN K 423 34.64 50.43 14.62
CA GLN K 423 34.82 50.46 13.17
C GLN K 423 34.11 49.26 12.51
N VAL K 424 34.22 48.11 13.15
CA VAL K 424 33.58 46.88 12.64
C VAL K 424 32.08 46.84 12.89
N ALA K 425 31.55 47.83 13.61
CA ALA K 425 30.14 47.85 13.97
C ALA K 425 29.33 48.93 13.27
N GLU K 426 29.92 49.54 12.25
CA GLU K 426 29.24 50.58 11.48
C GLU K 426 27.92 50.08 10.86
N VAL K 427 27.92 48.84 10.39
CA VAL K 427 26.70 48.20 9.84
C VAL K 427 25.55 48.14 10.84
N PHE K 428 25.87 48.26 12.14
CA PHE K 428 24.91 48.17 13.23
C PHE K 428 24.58 49.53 13.89
N THR K 429 25.53 50.46 13.92
CA THR K 429 25.35 51.72 14.65
C THR K 429 24.88 52.89 13.77
N GLY K 430 25.33 52.90 12.53
CA GLY K 430 25.15 54.07 11.68
C GLY K 430 26.11 55.18 12.07
N HIS K 431 27.05 54.88 12.96
CA HIS K 431 28.06 55.84 13.36
C HIS K 431 29.40 55.38 12.84
N LEU K 432 30.27 56.34 12.58
CA LEU K 432 31.64 56.06 12.17
C LEU K 432 32.44 55.57 13.36
N GLY K 433 33.34 54.61 13.11
CA GLY K 433 34.15 54.01 14.16
C GLY K 433 35.11 54.98 14.84
N LYS K 434 35.29 54.81 16.15
CA LYS K 434 36.17 55.67 16.92
C LYS K 434 37.21 54.89 17.72
N LEU K 435 38.41 55.45 17.80
CA LEU K 435 39.51 54.87 18.55
C LEU K 435 40.10 55.97 19.46
N VAL K 436 40.10 55.72 20.77
CA VAL K 436 40.50 56.71 21.77
C VAL K 436 41.79 56.32 22.49
N PRO K 437 42.84 57.16 22.39
CA PRO K 437 44.10 56.86 23.05
C PRO K 437 43.95 56.84 24.57
N LEU K 438 44.79 56.05 25.24
CA LEU K 438 44.74 55.86 26.69
C LEU K 438 44.62 57.17 27.50
N LYS K 439 45.51 58.12 27.24
CA LYS K 439 45.51 59.39 27.99
C LYS K 439 44.19 60.15 27.82
N GLU K 440 43.61 60.07 26.63
CA GLU K 440 42.38 60.77 26.32
C GLU K 440 41.20 60.18 27.10
N THR K 441 41.20 58.85 27.23
CA THR K 441 40.20 58.12 28.00
C THR K 441 40.24 58.53 29.46
N ILE K 442 41.44 58.45 30.06
CA ILE K 442 41.65 58.82 31.46
C ILE K 442 41.15 60.24 31.74
N LYS K 443 41.60 61.20 30.93
CA LYS K 443 41.24 62.63 31.10
C LYS K 443 39.72 62.83 31.06
N GLY K 444 39.07 62.17 30.09
CA GLY K 444 37.62 62.28 29.92
C GLY K 444 36.81 61.83 31.13
N PHE K 445 37.10 60.63 31.62
CA PHE K 445 36.44 60.10 32.81
C PHE K 445 36.84 60.90 34.07
N GLN K 446 38.09 61.35 34.13
CA GLN K 446 38.59 62.21 35.19
C GLN K 446 37.81 63.53 35.27
N GLN K 447 37.55 64.12 34.09
CA GLN K 447 36.80 65.37 33.95
C GLN K 447 35.34 65.24 34.39
N ILE K 448 34.65 64.21 33.90
CA ILE K 448 33.25 63.94 34.31
C ILE K 448 33.11 63.82 35.82
N LEU K 449 34.01 63.04 36.43
CA LEU K 449 34.02 62.80 37.87
C LEU K 449 34.27 64.07 38.71
N ALA K 450 35.01 65.01 38.13
CA ALA K 450 35.34 66.28 38.80
C ALA K 450 34.22 67.31 38.66
N GLY K 451 33.17 66.96 37.93
CA GLY K 451 32.01 67.85 37.77
C GLY K 451 32.07 68.83 36.61
N GLU K 452 33.06 68.66 35.73
CA GLU K 452 33.30 69.61 34.63
C GLU K 452 32.21 69.65 33.56
N TYR K 453 31.29 68.69 33.58
CA TYR K 453 30.25 68.57 32.56
C TYR K 453 28.84 68.34 33.11
N ASP K 454 28.60 68.78 34.35
CA ASP K 454 27.27 68.60 34.96
C ASP K 454 26.18 69.37 34.21
N HIS K 455 26.60 70.32 33.37
CA HIS K 455 25.67 71.15 32.61
C HIS K 455 25.24 70.51 31.29
N LEU K 456 26.06 69.58 30.77
CA LEU K 456 25.79 68.90 29.50
C LEU K 456 24.75 67.80 29.69
N PRO K 457 23.91 67.57 28.67
CA PRO K 457 22.91 66.49 28.76
C PRO K 457 23.54 65.09 28.64
N GLU K 458 22.94 64.14 29.35
CA GLU K 458 23.26 62.72 29.29
C GLU K 458 23.62 62.23 27.88
N GLN K 459 22.67 62.41 26.95
CA GLN K 459 22.79 61.91 25.59
C GLN K 459 24.05 62.35 24.86
N ALA K 460 24.59 63.50 25.22
CA ALA K 460 25.82 64.02 24.60
C ALA K 460 26.97 63.06 24.75
N PHE K 461 26.98 62.30 25.85
CA PHE K 461 28.03 61.32 26.15
C PHE K 461 27.80 59.96 25.49
N TYR K 462 26.60 59.77 24.93
CA TYR K 462 26.25 58.47 24.35
C TYR K 462 26.84 58.28 22.96
N MET K 463 27.61 57.21 22.80
CA MET K 463 28.07 56.70 21.50
C MET K 463 28.99 57.71 20.77
N VAL K 464 30.03 58.15 21.48
CA VAL K 464 31.07 59.00 20.87
C VAL K 464 32.46 58.46 21.19
N GLY K 465 33.49 59.12 20.65
CA GLY K 465 34.88 58.75 20.91
C GLY K 465 35.45 59.50 22.09
N PRO K 466 36.35 60.49 21.82
CA PRO K 466 36.95 61.32 22.86
C PRO K 466 35.96 62.34 23.43
N ILE K 467 36.25 62.85 24.62
CA ILE K 467 35.33 63.71 25.38
C ILE K 467 34.87 64.93 24.60
N GLU K 468 35.77 65.50 23.80
CA GLU K 468 35.47 66.67 22.97
C GLU K 468 34.28 66.42 22.06
N GLU K 469 34.08 65.16 21.67
CA GLU K 469 32.95 64.77 20.82
C GLU K 469 31.63 64.86 21.58
N ALA K 470 31.67 64.62 22.88
CA ALA K 470 30.51 64.80 23.74
C ALA K 470 30.15 66.27 23.89
N VAL K 471 31.16 67.13 23.95
CA VAL K 471 30.98 68.59 23.97
C VAL K 471 30.33 69.06 22.66
N ALA K 472 30.89 68.62 21.53
CA ALA K 472 30.38 68.96 20.20
C ALA K 472 28.96 68.46 20.00
N LYS K 473 28.69 67.23 20.45
CA LYS K 473 27.37 66.63 20.30
C LYS K 473 26.33 67.41 21.09
N ALA K 474 26.69 67.83 22.31
CA ALA K 474 25.84 68.67 23.14
C ALA K 474 25.37 69.92 22.40
N ASP K 475 26.23 70.46 21.54
CA ASP K 475 25.88 71.60 20.70
C ASP K 475 24.91 71.22 19.59
N LYS K 476 25.24 70.19 18.81
CA LYS K 476 24.34 69.68 17.77
C LYS K 476 22.92 69.53 18.34
N LEU K 477 22.84 68.89 19.50
CA LEU K 477 21.58 68.63 20.20
C LEU K 477 20.81 69.90 20.61
N ALA K 478 21.54 70.98 20.89
CA ALA K 478 20.93 72.27 21.27
C ALA K 478 19.96 72.80 20.21
N GLU K 479 20.31 72.60 18.94
CA GLU K 479 19.39 72.82 17.82
C GLU K 479 20.02 72.39 16.50
N THR L 13 31.85 -16.54 62.97
CA THR L 13 32.70 -16.99 61.82
C THR L 13 33.62 -15.91 61.25
N THR L 14 34.51 -16.34 60.35
CA THR L 14 35.54 -15.50 59.75
C THR L 14 35.29 -15.33 58.25
N GLY L 15 35.16 -14.09 57.80
CA GLY L 15 35.02 -13.78 56.39
C GLY L 15 36.27 -13.16 55.81
N ARG L 16 36.23 -12.91 54.49
CA ARG L 16 37.32 -12.27 53.77
C ARG L 16 36.84 -11.03 53.04
N ILE L 17 37.64 -9.97 53.08
CA ILE L 17 37.35 -8.77 52.31
C ILE L 17 37.44 -9.11 50.83
N VAL L 18 36.37 -8.84 50.09
CA VAL L 18 36.37 -9.03 48.64
C VAL L 18 36.42 -7.72 47.84
N ALA L 19 36.05 -6.61 48.47
CA ALA L 19 36.12 -5.28 47.86
C ALA L 19 36.27 -4.16 48.88
N VAL L 20 36.96 -3.11 48.47
CA VAL L 20 37.15 -1.90 49.27
C VAL L 20 37.04 -0.70 48.33
N ILE L 21 36.08 0.17 48.62
CA ILE L 21 35.84 1.36 47.81
C ILE L 21 35.50 2.51 48.77
N GLY L 22 36.52 3.25 49.19
CA GLY L 22 36.34 4.26 50.23
C GLY L 22 35.91 3.57 51.52
N ALA L 23 34.88 4.10 52.16
CA ALA L 23 34.40 3.56 53.42
C ALA L 23 33.37 2.45 53.24
N VAL L 24 33.26 1.93 52.01
CA VAL L 24 32.41 0.77 51.78
C VAL L 24 33.24 -0.51 51.53
N VAL L 25 33.06 -1.48 52.43
CA VAL L 25 33.80 -2.73 52.38
C VAL L 25 32.87 -3.94 52.23
N ASP L 26 33.13 -4.76 51.21
CA ASP L 26 32.40 -5.98 50.98
C ASP L 26 33.17 -7.18 51.53
N VAL L 27 32.47 -8.06 52.25
CA VAL L 27 33.09 -9.19 52.94
C VAL L 27 32.33 -10.48 52.63
N GLN L 28 33.06 -11.53 52.27
CA GLN L 28 32.45 -12.82 51.94
C GLN L 28 32.66 -13.81 53.08
N PHE L 29 31.59 -14.50 53.45
CA PHE L 29 31.61 -15.52 54.49
C PHE L 29 31.27 -16.89 53.89
N ASP L 30 31.96 -17.92 54.36
CA ASP L 30 31.77 -19.28 53.83
C ASP L 30 30.57 -20.02 54.43
N GLU L 31 30.23 -19.72 55.68
CA GLU L 31 29.10 -20.35 56.33
C GLU L 31 27.97 -19.34 56.56
N GLY L 32 27.51 -19.23 57.81
CA GLY L 32 26.47 -18.27 58.18
C GLY L 32 26.92 -16.83 58.05
N LEU L 33 26.05 -16.00 57.47
CA LEU L 33 26.31 -14.58 57.30
C LEU L 33 25.93 -13.81 58.56
N PRO L 34 26.71 -12.75 58.87
CA PRO L 34 26.27 -11.78 59.87
C PRO L 34 25.04 -11.04 59.38
N PRO L 35 23.97 -11.00 60.20
CA PRO L 35 22.80 -10.19 59.86
C PRO L 35 23.16 -8.72 59.71
N ILE L 36 22.31 -7.99 59.00
CA ILE L 36 22.46 -6.55 58.86
C ILE L 36 22.56 -5.91 60.25
N LEU L 37 23.39 -4.86 60.35
CA LEU L 37 23.67 -4.11 61.59
C LEU L 37 24.70 -4.78 62.51
N ASN L 38 25.09 -6.01 62.17
CA ASN L 38 26.17 -6.69 62.90
C ASN L 38 27.51 -5.98 62.77
N ALA L 39 28.26 -5.96 63.86
CA ALA L 39 29.60 -5.40 63.92
C ALA L 39 30.64 -6.46 63.52
N LEU L 40 31.54 -6.09 62.61
CA LEU L 40 32.62 -6.97 62.18
C LEU L 40 33.93 -6.31 62.55
N GLU L 41 34.86 -7.13 63.04
CA GLU L 41 36.18 -6.68 63.45
C GLU L 41 37.17 -7.13 62.40
N VAL L 42 37.83 -6.16 61.76
CA VAL L 42 38.86 -6.49 60.77
C VAL L 42 40.15 -6.91 61.47
N GLN L 43 40.72 -8.02 61.00
CA GLN L 43 41.93 -8.56 61.56
C GLN L 43 43.17 -7.94 60.94
N GLY L 44 44.28 -7.99 61.68
CA GLY L 44 45.58 -7.55 61.20
C GLY L 44 45.71 -6.05 61.06
N ARG L 45 45.11 -5.31 61.99
CA ARG L 45 45.23 -3.85 61.97
C ARG L 45 45.73 -3.28 63.29
N GLU L 46 46.46 -2.16 63.20
CA GLU L 46 47.07 -1.54 64.37
C GLU L 46 46.03 -1.03 65.36
N THR L 47 44.93 -0.51 64.84
CA THR L 47 43.82 -0.08 65.69
C THR L 47 42.53 -0.74 65.25
N ARG L 48 41.52 -0.73 66.14
CA ARG L 48 40.24 -1.37 65.86
C ARG L 48 39.55 -0.77 64.64
N LEU L 49 39.27 -1.61 63.66
CA LEU L 49 38.46 -1.24 62.52
C LEU L 49 37.14 -2.02 62.53
N VAL L 50 36.06 -1.34 62.93
CA VAL L 50 34.73 -1.96 62.93
C VAL L 50 34.03 -1.66 61.61
N LEU L 51 33.50 -2.72 60.97
CA LEU L 51 32.60 -2.55 59.83
C LEU L 51 31.18 -2.89 60.28
N GLU L 52 30.21 -2.12 59.82
CA GLU L 52 28.81 -2.39 60.14
C GLU L 52 28.10 -2.90 58.92
N VAL L 53 27.51 -4.09 59.03
CA VAL L 53 26.82 -4.70 57.89
C VAL L 53 25.60 -3.88 57.50
N ALA L 54 25.54 -3.52 56.22
CA ALA L 54 24.43 -2.72 55.70
C ALA L 54 23.49 -3.54 54.82
N GLN L 55 24.04 -4.45 54.02
CA GLN L 55 23.24 -5.21 53.06
C GLN L 55 23.75 -6.63 52.90
N HIS L 56 22.86 -7.50 52.44
CA HIS L 56 23.22 -8.83 51.99
C HIS L 56 23.11 -8.80 50.48
N LEU L 57 24.28 -8.81 49.83
CA LEU L 57 24.35 -8.69 48.38
C LEU L 57 23.98 -9.96 47.59
N GLY L 58 23.84 -11.08 48.30
CA GLY L 58 23.73 -12.37 47.65
C GLY L 58 25.10 -13.00 47.54
N GLU L 59 25.16 -14.26 47.11
CA GLU L 59 26.43 -14.96 46.92
C GLU L 59 27.36 -14.93 48.13
N SER L 60 26.76 -15.06 49.31
CA SER L 60 27.46 -15.09 50.60
C SER L 60 28.26 -13.82 50.94
N THR L 61 27.85 -12.69 50.35
CA THR L 61 28.61 -11.46 50.50
C THR L 61 27.76 -10.36 51.16
N VAL L 62 28.35 -9.72 52.16
CA VAL L 62 27.77 -8.56 52.84
C VAL L 62 28.47 -7.26 52.43
N ARG L 63 27.67 -6.20 52.27
CA ARG L 63 28.19 -4.85 52.07
C ARG L 63 28.16 -4.16 53.42
N THR L 64 29.26 -3.50 53.77
CA THR L 64 29.37 -2.84 55.08
C THR L 64 29.82 -1.40 54.94
N ILE L 65 29.62 -0.63 56.01
CA ILE L 65 30.14 0.73 56.13
C ILE L 65 31.19 0.74 57.24
N ALA L 66 32.31 1.43 56.96
CA ALA L 66 33.48 1.41 57.84
C ALA L 66 33.40 2.49 58.91
N MET L 67 33.78 2.14 60.14
CA MET L 67 33.78 3.12 61.24
C MET L 67 35.09 3.88 61.36
N ASP L 68 36.10 3.45 60.60
CA ASP L 68 37.36 4.19 60.52
C ASP L 68 37.90 4.10 59.08
N GLY L 69 39.01 4.78 58.80
CA GLY L 69 39.59 4.77 57.46
C GLY L 69 39.96 3.38 56.99
N THR L 70 40.00 3.20 55.67
CA THR L 70 40.12 1.88 55.06
C THR L 70 41.42 1.69 54.30
N GLU L 71 42.30 2.69 54.35
CA GLU L 71 43.61 2.60 53.71
C GLU L 71 44.38 1.43 54.31
N GLY L 72 45.07 0.69 53.42
CA GLY L 72 45.87 -0.45 53.86
C GLY L 72 45.20 -1.81 53.80
N LEU L 73 43.87 -1.83 53.67
CA LEU L 73 43.15 -3.10 53.55
C LEU L 73 43.46 -3.85 52.27
N VAL L 74 43.52 -5.18 52.37
CA VAL L 74 43.86 -6.06 51.26
C VAL L 74 42.70 -7.03 51.04
N ARG L 75 42.37 -7.30 49.79
CA ARG L 75 41.40 -8.32 49.44
C ARG L 75 41.88 -9.68 49.99
N GLY L 76 40.99 -10.40 50.67
CA GLY L 76 41.36 -11.65 51.34
C GLY L 76 41.69 -11.48 52.82
N GLN L 77 41.82 -10.23 53.27
CA GLN L 77 42.07 -9.93 54.69
C GLN L 77 40.91 -10.46 55.53
N LYS L 78 41.25 -11.00 56.69
CA LYS L 78 40.31 -11.70 57.57
C LYS L 78 39.42 -10.71 58.31
N VAL L 79 38.15 -11.07 58.42
CA VAL L 79 37.16 -10.26 59.12
C VAL L 79 36.34 -11.17 60.05
N LEU L 80 36.31 -10.82 61.33
CA LEU L 80 35.60 -11.58 62.35
C LEU L 80 34.20 -11.00 62.51
N ASP L 81 33.21 -11.88 62.52
CA ASP L 81 31.84 -11.51 62.89
C ASP L 81 31.73 -11.52 64.42
N SER L 82 31.38 -10.38 65.01
CA SER L 82 31.26 -10.28 66.47
C SER L 82 30.03 -11.02 67.01
N GLY L 83 29.03 -11.22 66.17
CA GLY L 83 27.80 -11.90 66.56
C GLY L 83 26.70 -10.96 67.01
N ALA L 84 26.97 -9.65 66.94
CA ALA L 84 26.05 -8.64 67.46
C ALA L 84 26.31 -7.25 66.85
N PRO L 85 25.34 -6.32 66.97
CA PRO L 85 25.69 -4.94 66.58
C PRO L 85 26.82 -4.39 67.44
N ILE L 86 27.29 -3.19 67.07
CA ILE L 86 28.27 -2.47 67.85
C ILE L 86 27.77 -2.46 69.30
N ARG L 87 28.60 -3.01 70.18
CA ARG L 87 28.32 -3.03 71.61
C ARG L 87 29.34 -2.17 72.36
N ILE L 88 28.83 -1.32 73.25
CA ILE L 88 29.63 -0.32 73.95
C ILE L 88 29.47 -0.48 75.48
N PRO L 89 30.44 0.01 76.28
CA PRO L 89 30.28 -0.03 77.75
C PRO L 89 29.14 0.87 78.22
N VAL L 90 28.30 0.34 79.10
CA VAL L 90 27.25 1.15 79.72
C VAL L 90 27.28 1.03 81.25
N GLY L 91 26.98 2.14 81.91
CA GLY L 91 26.95 2.17 83.36
C GLY L 91 27.52 3.46 83.92
N PRO L 92 27.58 3.55 85.26
CA PRO L 92 28.12 4.73 85.93
C PRO L 92 29.58 4.99 85.60
N GLU L 93 30.28 3.96 85.12
CA GLU L 93 31.70 4.10 84.76
C GLU L 93 31.94 4.90 83.49
N THR L 94 30.87 5.21 82.75
CA THR L 94 30.98 6.05 81.54
C THR L 94 31.00 7.53 81.91
N LEU L 95 30.52 7.83 83.12
CA LEU L 95 30.34 9.21 83.58
C LEU L 95 31.68 9.90 83.81
N GLY L 96 31.88 11.04 83.15
CA GLY L 96 33.15 11.74 83.17
C GLY L 96 34.15 11.23 82.15
N ARG L 97 33.77 10.17 81.44
CA ARG L 97 34.61 9.58 80.41
C ARG L 97 34.22 10.05 79.01
N ILE L 98 35.18 10.01 78.09
CA ILE L 98 34.91 10.28 76.68
C ILE L 98 35.12 8.98 75.90
N MET L 99 34.09 8.54 75.17
CA MET L 99 34.20 7.39 74.28
C MET L 99 33.91 7.77 72.83
N ASN L 100 34.31 6.90 71.90
CA ASN L 100 34.01 7.10 70.50
C ASN L 100 32.78 6.28 70.11
N VAL L 101 32.45 6.22 68.82
CA VAL L 101 31.25 5.50 68.33
C VAL L 101 31.24 4.00 68.72
N ILE L 102 32.43 3.40 68.81
CA ILE L 102 32.50 1.97 69.10
C ILE L 102 32.81 1.67 70.58
N GLY L 103 32.75 2.70 71.43
CA GLY L 103 32.82 2.54 72.87
C GLY L 103 34.22 2.47 73.46
N GLU L 104 35.23 2.81 72.66
CA GLU L 104 36.61 2.92 73.13
C GLU L 104 36.82 4.25 73.84
N PRO L 105 37.58 4.26 74.95
CA PRO L 105 37.93 5.54 75.57
C PRO L 105 38.85 6.32 74.66
N ILE L 106 38.61 7.62 74.55
CA ILE L 106 39.48 8.51 73.79
C ILE L 106 40.03 9.63 74.68
N ASP L 107 39.90 9.46 75.99
CA ASP L 107 40.36 10.46 76.95
C ASP L 107 41.71 10.11 77.56
N GLU L 108 42.28 8.99 77.10
CA GLU L 108 43.60 8.49 77.56
C GLU L 108 43.64 8.12 79.04
N ARG L 109 42.47 7.89 79.65
CA ARG L 109 42.39 7.50 81.07
C ARG L 109 42.12 6.00 81.28
N GLY L 110 42.62 5.17 80.36
CA GLY L 110 42.53 3.71 80.49
C GLY L 110 41.15 3.15 80.19
N PRO L 111 40.95 1.83 80.43
CA PRO L 111 39.70 1.12 80.13
C PRO L 111 38.50 1.66 80.86
N ILE L 112 37.31 1.52 80.25
CA ILE L 112 36.05 1.84 80.92
C ILE L 112 35.47 0.55 81.51
N LYS L 113 35.72 0.35 82.80
CA LYS L 113 35.45 -0.92 83.47
C LYS L 113 34.01 -1.08 83.96
N THR L 114 33.07 -1.07 83.01
CA THR L 114 31.67 -1.38 83.31
C THR L 114 31.49 -2.89 83.35
N LYS L 115 30.43 -3.34 83.99
CA LYS L 115 30.10 -4.77 84.02
C LYS L 115 29.05 -5.13 82.96
N GLN L 116 28.45 -4.11 82.36
CA GLN L 116 27.51 -4.28 81.26
C GLN L 116 28.01 -3.61 79.99
N PHE L 117 27.74 -4.26 78.88
CA PHE L 117 27.85 -3.65 77.58
C PHE L 117 26.45 -3.63 76.95
N ALA L 118 26.25 -2.79 75.92
CA ALA L 118 24.96 -2.73 75.24
C ALA L 118 25.07 -2.45 73.73
N ALA L 119 24.19 -3.09 72.95
CA ALA L 119 24.09 -2.87 71.51
C ALA L 119 23.59 -1.46 71.19
N ILE L 120 24.21 -0.80 70.22
CA ILE L 120 23.83 0.58 69.91
C ILE L 120 22.52 0.67 69.13
N HIS L 121 22.15 -0.43 68.47
CA HIS L 121 20.88 -0.48 67.74
C HIS L 121 19.84 -1.20 68.59
N ALA L 122 18.73 -0.52 68.86
CA ALA L 122 17.63 -1.10 69.60
C ALA L 122 16.36 -0.52 69.03
N GLU L 123 15.30 -1.32 69.06
CA GLU L 123 13.99 -0.84 68.64
C GLU L 123 13.47 0.09 69.72
N ALA L 124 12.68 1.07 69.29
CA ALA L 124 12.01 2.00 70.21
C ALA L 124 11.11 1.23 71.19
N PRO L 125 10.88 1.79 72.40
CA PRO L 125 9.94 1.18 73.36
C PRO L 125 8.57 0.94 72.72
N GLU L 126 7.98 -0.24 72.98
CA GLU L 126 6.70 -0.62 72.39
C GLU L 126 5.55 0.25 72.93
N PHE L 127 4.43 0.25 72.21
CA PHE L 127 3.24 1.04 72.56
C PHE L 127 2.81 0.86 74.02
N VAL L 128 2.80 -0.39 74.49
CA VAL L 128 2.44 -0.71 75.89
C VAL L 128 3.43 -0.13 76.92
N GLU L 129 4.64 0.22 76.48
CA GLU L 129 5.69 0.75 77.36
C GLU L 129 5.66 2.27 77.50
N MET L 130 4.74 2.92 76.78
CA MET L 130 4.66 4.38 76.73
C MET L 130 3.91 4.96 77.92
N SER L 131 4.45 6.04 78.49
CA SER L 131 3.68 6.85 79.42
C SER L 131 2.63 7.63 78.65
N VAL L 132 1.37 7.52 79.08
CA VAL L 132 0.25 8.23 78.45
C VAL L 132 0.11 9.63 79.03
N GLU L 133 1.00 9.98 79.95
CA GLU L 133 0.99 11.28 80.61
C GLU L 133 2.07 12.21 80.09
N GLN L 134 1.83 13.51 80.20
CA GLN L 134 2.81 14.52 79.80
C GLN L 134 3.10 15.41 81.00
N GLU L 135 4.38 15.43 81.39
CA GLU L 135 4.84 16.18 82.55
C GLU L 135 5.98 17.12 82.18
N ILE L 136 6.00 18.29 82.81
CA ILE L 136 7.15 19.16 82.76
C ILE L 136 8.36 18.46 83.39
N LEU L 137 9.49 18.56 82.70
CA LEU L 137 10.77 18.25 83.33
C LEU L 137 11.29 19.60 83.81
N VAL L 138 11.14 19.85 85.11
CA VAL L 138 11.57 21.12 85.69
C VAL L 138 13.10 21.28 85.58
N THR L 139 13.54 22.40 85.02
CA THR L 139 14.95 22.69 84.81
C THR L 139 15.49 23.62 85.89
N GLY L 140 14.59 24.31 86.57
CA GLY L 140 14.98 25.29 87.59
C GLY L 140 15.50 26.58 86.99
N ILE L 141 15.36 26.71 85.67
CA ILE L 141 15.73 27.91 84.95
C ILE L 141 14.44 28.65 84.61
N LYS L 142 14.28 29.85 85.19
CA LYS L 142 13.02 30.61 85.12
C LYS L 142 12.38 30.75 83.70
N VAL L 143 13.11 31.34 82.73
CA VAL L 143 12.61 31.53 81.35
C VAL L 143 12.01 30.24 80.82
N VAL L 144 12.84 29.21 80.79
CA VAL L 144 12.47 27.92 80.22
C VAL L 144 11.24 27.41 80.93
N ASP L 145 11.33 27.21 82.25
CA ASP L 145 10.25 26.58 83.01
C ASP L 145 8.93 27.32 82.86
N LEU L 146 8.96 28.66 82.90
CA LEU L 146 7.77 29.48 82.75
C LEU L 146 7.20 29.47 81.33
N LEU L 147 8.01 29.88 80.36
CA LEU L 147 7.48 30.28 79.03
C LEU L 147 7.54 29.20 77.94
N ALA L 148 8.57 28.36 77.99
CA ALA L 148 8.72 27.24 77.05
C ALA L 148 9.28 26.01 77.77
N PRO L 149 8.49 25.38 78.66
CA PRO L 149 9.03 24.31 79.47
C PRO L 149 9.27 23.01 78.70
N TYR L 150 10.20 22.23 79.23
CA TYR L 150 10.61 20.96 78.66
C TYR L 150 9.63 19.88 79.09
N ALA L 151 9.18 19.08 78.13
CA ALA L 151 8.37 17.90 78.42
C ALA L 151 9.29 16.73 78.70
N LYS L 152 9.04 16.04 79.81
CA LYS L 152 9.75 14.82 80.16
C LYS L 152 9.62 13.80 79.03
N GLY L 153 10.75 13.33 78.52
CA GLY L 153 10.76 12.40 77.40
C GLY L 153 10.58 13.10 76.05
N GLY L 154 10.70 14.43 76.04
CA GLY L 154 10.55 15.19 74.82
C GLY L 154 11.86 15.59 74.19
N LYS L 155 11.78 16.14 72.98
CA LYS L 155 12.94 16.68 72.26
C LYS L 155 12.86 18.18 72.16
N ILE L 156 13.96 18.86 72.47
CA ILE L 156 14.01 20.31 72.49
C ILE L 156 15.01 20.80 71.45
N GLY L 157 14.56 21.70 70.58
CA GLY L 157 15.43 22.28 69.55
C GLY L 157 16.15 23.51 70.09
N LEU L 158 17.46 23.42 70.24
CA LEU L 158 18.25 24.52 70.74
C LEU L 158 18.86 25.32 69.59
N PHE L 159 18.47 26.58 69.47
CA PHE L 159 18.97 27.48 68.42
C PHE L 159 19.92 28.49 69.03
N GLY L 160 20.97 28.83 68.28
CA GLY L 160 21.90 29.86 68.72
C GLY L 160 23.29 29.79 68.13
N GLY L 161 24.06 28.78 68.54
CA GLY L 161 25.46 28.69 68.13
C GLY L 161 26.38 29.38 69.11
N ALA L 162 27.33 30.14 68.58
CA ALA L 162 28.42 30.68 69.40
C ALA L 162 28.14 32.06 69.99
N GLY L 163 28.81 32.35 71.11
CA GLY L 163 28.76 33.65 71.76
C GLY L 163 27.46 33.98 72.46
N VAL L 164 26.64 32.97 72.71
CA VAL L 164 25.34 33.17 73.35
C VAL L 164 25.12 32.33 74.63
N GLY L 165 26.20 31.90 75.26
CA GLY L 165 26.14 31.09 76.49
C GLY L 165 25.57 29.69 76.32
N LYS L 166 25.85 29.05 75.19
CA LYS L 166 25.29 27.73 74.89
C LYS L 166 25.85 26.62 75.79
N THR L 167 27.17 26.54 75.89
CA THR L 167 27.84 25.53 76.70
C THR L 167 27.44 25.67 78.16
N VAL L 168 27.45 26.91 78.65
CA VAL L 168 27.06 27.24 80.02
C VAL L 168 25.63 26.76 80.31
N LEU L 169 24.75 26.89 79.32
CA LEU L 169 23.37 26.42 79.46
C LEU L 169 23.31 24.89 79.53
N ILE L 170 24.01 24.25 78.60
CA ILE L 170 24.16 22.78 78.57
C ILE L 170 24.69 22.27 79.92
N MET L 171 25.77 22.87 80.40
CA MET L 171 26.37 22.47 81.67
C MET L 171 25.42 22.70 82.85
N GLU L 172 24.66 23.79 82.81
CA GLU L 172 23.72 24.09 83.89
C GLU L 172 22.52 23.13 83.88
N LEU L 173 22.09 22.72 82.68
CA LEU L 173 21.04 21.71 82.57
C LEU L 173 21.46 20.38 83.18
N ILE L 174 22.69 19.97 82.88
CA ILE L 174 23.30 18.77 83.46
C ILE L 174 23.30 18.89 84.99
N ASN L 175 23.78 20.04 85.48
CA ASN L 175 23.84 20.33 86.90
C ASN L 175 22.47 20.28 87.59
N ASN L 176 21.49 20.97 87.01
CA ASN L 176 20.14 21.06 87.58
C ASN L 176 19.31 19.79 87.53
N VAL L 177 19.46 19.01 86.46
CA VAL L 177 18.72 17.76 86.35
C VAL L 177 19.27 16.72 87.33
N ALA L 178 20.59 16.72 87.52
CA ALA L 178 21.21 15.84 88.51
C ALA L 178 20.77 16.19 89.93
N LYS L 179 20.76 17.49 90.25
CA LYS L 179 20.35 18.00 91.54
C LYS L 179 18.84 17.82 91.80
N ALA L 180 18.01 18.27 90.86
CA ALA L 180 16.56 18.27 91.07
C ALA L 180 15.86 16.92 90.82
N HIS L 181 16.45 16.06 89.99
CA HIS L 181 15.78 14.81 89.61
C HIS L 181 16.60 13.54 89.81
N GLY L 182 17.83 13.69 90.27
CA GLY L 182 18.76 12.57 90.38
C GLY L 182 19.16 11.91 89.05
N GLY L 183 18.97 12.61 87.93
CA GLY L 183 19.23 12.05 86.60
C GLY L 183 20.57 12.48 86.03
N TYR L 184 21.30 11.52 85.46
CA TYR L 184 22.57 11.83 84.82
C TYR L 184 22.33 12.31 83.39
N SER L 185 23.40 12.79 82.75
CA SER L 185 23.31 13.29 81.37
C SER L 185 24.30 12.61 80.46
N VAL L 186 24.01 12.64 79.17
CA VAL L 186 24.92 12.15 78.14
C VAL L 186 25.05 13.24 77.10
N PHE L 187 26.28 13.54 76.72
CA PHE L 187 26.50 14.50 75.64
C PHE L 187 27.02 13.75 74.43
N ALA L 188 26.26 13.82 73.33
CA ALA L 188 26.64 13.21 72.06
C ALA L 188 27.07 14.27 71.05
N GLY L 189 28.37 14.34 70.80
CA GLY L 189 28.93 15.27 69.83
C GLY L 189 28.97 14.62 68.47
N VAL L 190 28.02 14.97 67.63
CA VAL L 190 27.92 14.40 66.28
C VAL L 190 28.54 15.37 65.30
N GLY L 191 29.67 14.97 64.71
CA GLY L 191 30.50 15.90 63.95
C GLY L 191 31.14 16.93 64.90
N GLU L 192 31.71 16.45 66.00
CA GLU L 192 32.38 17.33 66.94
C GLU L 192 33.67 17.82 66.33
N ARG L 193 33.90 19.13 66.34
CA ARG L 193 35.20 19.65 65.92
C ARG L 193 36.19 19.37 67.05
N THR L 194 37.29 18.72 66.70
CA THR L 194 38.27 18.27 67.70
C THR L 194 38.69 19.37 68.70
N ARG L 195 38.92 20.58 68.19
CA ARG L 195 39.30 21.73 69.02
C ARG L 195 38.21 22.04 70.06
N GLU L 196 36.98 22.16 69.59
CA GLU L 196 35.82 22.42 70.45
C GLU L 196 35.51 21.27 71.41
N GLY L 197 35.69 20.03 70.96
CA GLY L 197 35.50 18.86 71.82
C GLY L 197 36.48 18.84 73.00
N ASN L 198 37.70 19.27 72.72
CA ASN L 198 38.72 19.38 73.75
C ASN L 198 38.35 20.49 74.71
N ASP L 199 37.96 21.65 74.19
CA ASP L 199 37.59 22.79 75.02
C ASP L 199 36.36 22.50 75.88
N LEU L 200 35.37 21.81 75.30
CA LEU L 200 34.13 21.50 76.02
C LEU L 200 34.44 20.62 77.23
N TYR L 201 35.33 19.66 77.02
CA TYR L 201 35.75 18.69 78.02
C TYR L 201 36.38 19.38 79.22
N HIS L 202 37.34 20.27 78.97
CA HIS L 202 37.98 21.04 80.06
C HIS L 202 37.06 22.07 80.73
N GLU L 203 36.14 22.66 79.96
CA GLU L 203 35.08 23.51 80.51
C GLU L 203 34.18 22.76 81.48
N MET L 204 33.92 21.48 81.19
CA MET L 204 33.05 20.67 82.05
C MET L 204 33.80 20.27 83.31
N ILE L 205 35.11 20.09 83.17
CA ILE L 205 36.00 19.85 84.30
C ILE L 205 36.02 21.09 85.19
N GLU L 206 36.25 22.26 84.57
CA GLU L 206 36.27 23.54 85.29
C GLU L 206 34.98 23.85 86.04
N SER L 207 33.81 23.63 85.43
CA SER L 207 32.53 23.85 86.11
C SER L 207 32.15 22.76 87.15
N GLY L 208 32.79 21.59 87.05
CA GLY L 208 32.57 20.51 88.00
C GLY L 208 31.53 19.47 87.62
N VAL L 209 30.93 19.59 86.45
CA VAL L 209 29.96 18.58 86.01
C VAL L 209 30.67 17.31 85.55
N ILE L 210 31.96 17.45 85.22
CA ILE L 210 32.88 16.34 85.14
C ILE L 210 33.87 16.47 86.30
N ASN L 211 34.13 15.36 87.00
CA ASN L 211 35.21 15.33 87.99
C ASN L 211 36.22 14.19 87.74
N LEU L 212 37.49 14.57 87.55
CA LEU L 212 38.55 13.58 87.28
C LEU L 212 39.05 12.83 88.53
N LYS L 213 38.70 13.31 89.72
CA LYS L 213 39.32 12.86 90.98
C LYS L 213 38.42 11.92 91.78
N ASP L 214 37.11 12.09 91.65
CA ASP L 214 36.14 11.23 92.32
C ASP L 214 35.11 10.66 91.33
N ALA L 215 34.03 10.12 91.88
CA ALA L 215 33.01 9.48 91.07
C ALA L 215 31.74 10.33 90.94
N THR L 216 31.87 11.65 91.08
CA THR L 216 30.71 12.54 91.03
C THR L 216 30.48 13.22 89.67
N SER L 217 31.04 12.66 88.59
CA SER L 217 30.78 13.16 87.23
C SER L 217 29.32 12.93 86.84
N LYS L 218 28.70 13.96 86.29
CA LYS L 218 27.27 13.91 85.97
C LYS L 218 27.00 13.53 84.52
N VAL L 219 28.02 13.68 83.67
CA VAL L 219 27.88 13.51 82.21
C VAL L 219 28.86 12.53 81.61
N ALA L 220 28.34 11.62 80.79
CA ALA L 220 29.18 10.80 79.92
C ALA L 220 29.30 11.52 78.58
N LEU L 221 30.50 11.51 78.00
CA LEU L 221 30.74 12.14 76.70
C LEU L 221 30.97 11.11 75.61
N VAL L 222 30.39 11.37 74.43
CA VAL L 222 30.54 10.49 73.26
C VAL L 222 30.78 11.37 72.04
N TYR L 223 31.95 11.18 71.42
CA TYR L 223 32.37 12.07 70.35
C TYR L 223 32.49 11.36 69.01
N GLY L 224 31.77 11.87 68.03
CA GLY L 224 31.96 11.46 66.65
C GLY L 224 32.52 12.66 65.91
N GLN L 225 33.84 12.71 65.83
CA GLN L 225 34.54 13.90 65.33
C GLN L 225 34.42 14.06 63.82
N MET L 226 34.62 15.28 63.34
CA MET L 226 34.37 15.59 61.94
C MET L 226 35.24 14.84 60.92
N ASN L 227 36.46 14.50 61.33
CA ASN L 227 37.39 13.83 60.44
C ASN L 227 37.18 12.30 60.37
N GLU L 228 36.09 11.85 60.98
CA GLU L 228 35.72 10.44 60.97
C GLU L 228 34.81 10.17 59.78
N PRO L 229 34.80 8.91 59.28
CA PRO L 229 33.99 8.62 58.10
C PRO L 229 32.49 8.76 58.36
N PRO L 230 31.68 8.86 57.29
CA PRO L 230 30.24 9.11 57.45
C PRO L 230 29.57 8.10 58.40
N GLY L 231 29.87 6.81 58.23
CA GLY L 231 29.35 5.75 59.10
C GLY L 231 29.56 6.00 60.59
N ALA L 232 30.74 6.48 60.96
CA ALA L 232 31.04 6.80 62.36
C ALA L 232 30.19 7.98 62.81
N ARG L 233 30.18 9.05 62.03
CA ARG L 233 29.36 10.21 62.38
C ARG L 233 27.84 9.92 62.42
N ALA L 234 27.37 8.97 61.60
CA ALA L 234 25.93 8.61 61.58
C ALA L 234 25.53 7.81 62.81
N ARG L 235 26.43 6.96 63.28
CA ARG L 235 26.12 6.06 64.41
C ARG L 235 26.34 6.64 65.81
N VAL L 236 27.19 7.66 65.99
CA VAL L 236 27.45 8.23 67.33
C VAL L 236 26.23 8.66 68.14
N ALA L 237 25.22 9.20 67.48
CA ALA L 237 23.97 9.52 68.19
C ALA L 237 23.48 8.28 68.91
N LEU L 238 23.53 7.13 68.23
CA LEU L 238 23.01 5.88 68.76
C LEU L 238 23.87 5.40 69.91
N THR L 239 25.18 5.58 69.77
CA THR L 239 26.11 5.27 70.85
C THR L 239 25.74 6.09 72.09
N GLY L 240 25.60 7.40 71.92
CA GLY L 240 25.24 8.29 73.02
C GLY L 240 23.91 7.88 73.61
N LEU L 241 22.94 7.71 72.72
CA LEU L 241 21.60 7.25 73.08
C LEU L 241 21.61 5.98 73.95
N THR L 242 22.46 5.01 73.58
CA THR L 242 22.54 3.74 74.30
C THR L 242 23.06 3.93 75.74
N VAL L 243 24.02 4.83 75.93
CA VAL L 243 24.48 5.17 77.28
C VAL L 243 23.34 5.75 78.11
N ALA L 244 22.55 6.64 77.50
CA ALA L 244 21.38 7.23 78.17
C ALA L 244 20.37 6.16 78.56
N GLU L 245 20.10 5.21 77.65
CA GLU L 245 19.13 4.14 77.90
C GLU L 245 19.44 3.32 79.15
N TYR L 246 20.71 3.06 79.43
CA TYR L 246 21.06 2.34 80.66
C TYR L 246 20.52 3.07 81.88
N PHE L 247 20.70 4.39 81.93
CA PHE L 247 20.22 5.17 83.05
C PHE L 247 18.69 5.21 83.17
N ARG L 248 17.98 5.28 82.04
CA ARG L 248 16.51 5.19 82.08
C ARG L 248 16.04 3.78 82.46
N ASP L 249 16.50 2.79 81.70
CA ASP L 249 15.98 1.42 81.80
C ASP L 249 16.42 0.67 83.06
N GLN L 250 17.71 0.73 83.38
CA GLN L 250 18.28 -0.07 84.45
C GLN L 250 18.38 0.67 85.79
N GLU L 251 18.26 1.99 85.76
CA GLU L 251 18.33 2.78 86.99
C GLU L 251 17.06 3.63 87.24
N GLY L 252 16.09 3.54 86.33
CA GLY L 252 14.83 4.25 86.46
C GLY L 252 14.95 5.76 86.49
N GLN L 253 16.01 6.29 85.89
CA GLN L 253 16.32 7.72 85.97
C GLN L 253 15.61 8.56 84.91
N ASP L 254 15.51 9.86 85.18
CA ASP L 254 15.08 10.84 84.20
C ASP L 254 16.34 11.50 83.64
N VAL L 255 16.80 10.95 82.51
CA VAL L 255 18.09 11.26 81.86
C VAL L 255 17.99 12.46 80.90
N LEU L 256 19.12 13.15 80.74
CA LEU L 256 19.30 14.18 79.72
C LEU L 256 20.24 13.72 78.60
N LEU L 257 19.79 13.84 77.36
CA LEU L 257 20.65 13.55 76.21
C LEU L 257 20.82 14.75 75.30
N PHE L 258 22.03 15.28 75.26
CA PHE L 258 22.34 16.33 74.28
C PHE L 258 22.85 15.68 73.01
N ILE L 259 22.27 16.12 71.89
CA ILE L 259 22.81 15.78 70.58
C ILE L 259 23.20 17.07 69.92
N ASP L 260 24.51 17.22 69.75
CA ASP L 260 25.09 18.40 69.08
C ASP L 260 25.97 17.97 67.90
N ASN L 261 25.46 18.12 66.68
CA ASN L 261 24.09 18.56 66.47
C ASN L 261 23.32 17.70 65.46
N ILE L 262 22.03 17.92 65.39
CA ILE L 262 21.14 16.99 64.71
C ILE L 262 21.21 17.09 63.18
N PHE L 263 21.55 18.28 62.69
CA PHE L 263 21.73 18.46 61.25
C PHE L 263 22.85 17.56 60.73
N ARG L 264 23.87 17.39 61.57
CA ARG L 264 25.07 16.64 61.24
C ARG L 264 24.82 15.14 61.34
N PHE L 265 23.85 14.76 62.16
CA PHE L 265 23.34 13.39 62.20
C PHE L 265 22.64 13.08 60.87
N THR L 266 21.84 14.03 60.38
CA THR L 266 21.11 13.90 59.14
C THR L 266 22.05 13.77 57.93
N GLN L 267 23.05 14.65 57.90
CA GLN L 267 23.98 14.74 56.78
C GLN L 267 24.90 13.55 56.69
N ALA L 268 25.27 13.00 57.85
CA ALA L 268 26.08 11.79 57.87
C ALA L 268 25.29 10.60 57.30
N GLY L 269 24.00 10.50 57.65
CA GLY L 269 23.09 9.51 57.05
C GLY L 269 22.94 9.71 55.54
N SER L 270 22.90 10.98 55.12
CA SER L 270 22.83 11.30 53.69
C SER L 270 24.08 10.83 52.96
N GLU L 271 25.24 10.95 53.62
CA GLU L 271 26.53 10.62 53.05
C GLU L 271 26.71 9.10 52.92
N VAL L 272 26.39 8.39 54.00
CA VAL L 272 26.29 6.93 54.00
C VAL L 272 25.32 6.44 52.93
N SER L 273 24.14 7.04 52.87
CA SER L 273 23.15 6.68 51.85
C SER L 273 23.74 6.83 50.45
N ALA L 274 24.46 7.94 50.20
CA ALA L 274 25.12 8.14 48.90
C ALA L 274 26.17 7.07 48.61
N LEU L 275 26.98 6.74 49.62
CA LEU L 275 28.06 5.78 49.48
C LEU L 275 27.52 4.40 49.12
N LEU L 276 26.32 4.10 49.60
CA LEU L 276 25.66 2.81 49.35
C LEU L 276 24.97 2.68 47.99
N GLY L 277 24.93 3.77 47.23
CA GLY L 277 24.38 3.74 45.87
C GLY L 277 22.90 4.09 45.77
N ARG L 278 22.30 4.33 46.92
CA ARG L 278 20.89 4.74 47.01
C ARG L 278 20.61 6.07 46.32
N ILE L 279 19.57 6.06 45.48
CA ILE L 279 19.13 7.26 44.77
C ILE L 279 18.71 8.36 45.76
N PRO L 280 19.31 9.56 45.65
CA PRO L 280 18.91 10.59 46.63
C PRO L 280 17.48 11.09 46.41
N SER L 281 16.90 11.61 47.48
CA SER L 281 15.56 12.17 47.48
C SER L 281 15.67 13.69 47.18
N ALA L 282 14.59 14.43 47.45
CA ALA L 282 14.51 15.87 47.23
C ALA L 282 15.60 16.62 47.99
N VAL L 283 16.27 17.54 47.28
CA VAL L 283 17.37 18.35 47.83
C VAL L 283 18.61 17.51 48.19
N GLY L 284 18.65 16.27 47.70
CA GLY L 284 19.82 15.44 47.87
C GLY L 284 19.89 14.69 49.19
N TYR L 285 18.82 14.76 49.97
CA TYR L 285 18.77 14.01 51.21
C TYR L 285 18.54 12.52 50.92
N GLN L 286 18.92 11.66 51.85
CA GLN L 286 18.71 10.22 51.69
C GLN L 286 17.23 9.94 51.52
N PRO L 287 16.88 8.89 50.75
CA PRO L 287 15.44 8.57 50.63
C PRO L 287 14.83 8.16 51.98
N THR L 288 15.69 7.70 52.90
CA THR L 288 15.30 7.22 54.25
C THR L 288 15.36 8.32 55.30
N LEU L 289 15.29 9.57 54.86
CA LEU L 289 15.41 10.70 55.76
C LEU L 289 14.54 10.57 57.00
N ALA L 290 13.26 10.24 56.80
CA ALA L 290 12.27 10.23 57.89
C ALA L 290 12.37 9.00 58.80
N THR L 291 12.74 7.85 58.24
CA THR L 291 12.91 6.64 59.04
C THR L 291 14.26 6.65 59.76
N ASP L 292 15.31 7.17 59.13
CA ASP L 292 16.60 7.43 59.83
C ASP L 292 16.37 8.23 61.09
N MET L 293 15.57 9.29 60.97
CA MET L 293 15.28 10.20 62.09
C MET L 293 14.37 9.50 63.11
N GLY L 294 13.36 8.79 62.60
CA GLY L 294 12.35 8.13 63.42
C GLY L 294 12.88 6.99 64.26
N THR L 295 13.71 6.14 63.67
CA THR L 295 14.26 5.00 64.41
C THR L 295 15.18 5.49 65.55
N MET L 296 15.77 6.67 65.38
CA MET L 296 16.56 7.27 66.46
C MET L 296 15.67 7.99 67.48
N GLN L 297 14.89 8.97 67.02
CA GLN L 297 14.08 9.83 67.93
C GLN L 297 13.11 9.08 68.83
N GLU L 298 12.53 8.00 68.30
CA GLU L 298 11.52 7.26 69.05
C GLU L 298 12.11 6.54 70.27
N ARG L 299 13.41 6.33 70.29
CA ARG L 299 14.06 5.74 71.44
C ARG L 299 14.05 6.71 72.62
N ILE L 300 14.04 8.00 72.30
CA ILE L 300 14.00 9.07 73.29
C ILE L 300 12.55 9.29 73.68
N THR L 301 12.20 8.91 74.91
CA THR L 301 10.82 9.03 75.41
C THR L 301 10.67 8.72 76.90
N THR L 302 9.44 8.82 77.41
CA THR L 302 9.10 8.40 78.77
C THR L 302 8.50 7.00 78.70
N THR L 303 9.12 6.07 79.42
CA THR L 303 8.62 4.73 79.55
C THR L 303 7.86 4.66 80.87
N LYS L 304 7.44 3.47 81.28
CA LYS L 304 6.88 3.29 82.61
C LYS L 304 8.01 3.27 83.65
N LYS L 305 9.23 3.02 83.18
CA LYS L 305 10.39 2.85 84.02
C LYS L 305 11.18 4.14 84.28
N GLY L 306 11.11 5.08 83.34
CA GLY L 306 11.82 6.37 83.45
C GLY L 306 11.74 7.18 82.15
N SER L 307 12.72 8.06 81.92
CA SER L 307 12.71 8.87 80.70
C SER L 307 14.09 9.31 80.19
N ILE L 308 14.16 9.57 78.89
CA ILE L 308 15.28 10.29 78.29
C ILE L 308 14.69 11.56 77.68
N THR L 309 15.21 12.72 78.10
CA THR L 309 14.81 14.00 77.54
C THR L 309 16.00 14.58 76.78
N SER L 310 15.75 15.00 75.54
CA SER L 310 16.84 15.36 74.66
C SER L 310 16.82 16.80 74.15
N VAL L 311 17.95 17.48 74.34
CA VAL L 311 18.18 18.82 73.85
C VAL L 311 19.06 18.70 72.62
N GLN L 312 18.55 19.16 71.48
CA GLN L 312 19.24 18.96 70.22
C GLN L 312 19.53 20.30 69.54
N ALA L 313 20.82 20.58 69.41
CA ALA L 313 21.26 21.78 68.71
C ALA L 313 20.81 21.67 67.25
N ILE L 314 20.15 22.71 66.75
CA ILE L 314 19.61 22.69 65.38
C ILE L 314 20.37 23.66 64.48
N TYR L 315 20.86 23.17 63.36
CA TYR L 315 21.36 24.04 62.32
C TYR L 315 20.37 24.03 61.16
N VAL L 316 19.96 25.22 60.71
CA VAL L 316 18.97 25.37 59.65
C VAL L 316 19.60 25.71 58.29
N PRO L 317 19.73 24.73 57.39
CA PRO L 317 20.43 25.00 56.13
C PRO L 317 19.75 26.11 55.34
N ALA L 318 20.55 27.03 54.78
CA ALA L 318 20.05 28.09 53.91
C ALA L 318 19.06 29.01 54.65
N ASP L 319 19.00 28.88 55.97
CA ASP L 319 17.98 29.54 56.81
C ASP L 319 16.57 29.25 56.28
N ASP L 320 16.40 28.05 55.73
CA ASP L 320 15.13 27.60 55.16
C ASP L 320 14.49 26.55 56.07
N LEU L 321 13.49 26.98 56.83
CA LEU L 321 12.81 26.11 57.79
C LEU L 321 12.02 25.00 57.10
N THR L 322 11.77 25.18 55.80
CA THR L 322 11.04 24.20 55.01
C THR L 322 11.97 23.19 54.35
N ASP L 323 13.27 23.37 54.56
CA ASP L 323 14.25 22.42 54.06
C ASP L 323 13.96 21.03 54.65
N PRO L 324 14.05 19.96 53.82
CA PRO L 324 13.74 18.64 54.36
C PRO L 324 14.38 18.33 55.71
N ALA L 325 15.62 18.77 55.97
CA ALA L 325 16.26 18.41 57.25
C ALA L 325 15.63 19.02 58.52
N PRO L 326 15.46 20.36 58.59
CA PRO L 326 14.71 20.85 59.76
C PRO L 326 13.22 20.43 59.76
N ALA L 327 12.58 20.40 58.61
CA ALA L 327 11.19 19.93 58.55
C ALA L 327 11.03 18.54 59.19
N THR L 328 11.92 17.62 58.85
CA THR L 328 11.89 16.26 59.37
C THR L 328 12.19 16.26 60.88
N THR L 329 13.13 17.11 61.30
CA THR L 329 13.48 17.20 62.71
C THR L 329 12.36 17.78 63.57
N PHE L 330 11.75 18.86 63.07
CA PHE L 330 10.64 19.55 63.76
C PHE L 330 9.44 18.67 64.08
N ALA L 331 9.18 17.68 63.25
CA ALA L 331 8.12 16.71 63.53
C ALA L 331 8.26 16.10 64.93
N HIS L 332 9.49 16.07 65.45
CA HIS L 332 9.81 15.39 66.69
C HIS L 332 9.94 16.31 67.90
N LEU L 333 10.15 17.61 67.64
CA LEU L 333 10.41 18.59 68.68
C LEU L 333 9.16 18.96 69.49
N ASP L 334 9.31 18.96 70.82
CA ASP L 334 8.24 19.34 71.73
C ASP L 334 8.43 20.76 72.24
N ALA L 335 9.64 21.29 72.07
CA ALA L 335 9.97 22.65 72.50
C ALA L 335 11.14 23.20 71.70
N THR L 336 11.32 24.51 71.79
CA THR L 336 12.53 25.18 71.33
C THR L 336 13.07 26.11 72.41
N THR L 337 14.38 26.08 72.57
CA THR L 337 15.07 27.09 73.37
C THR L 337 15.90 27.93 72.39
N VAL L 338 15.54 29.20 72.24
CA VAL L 338 16.24 30.09 71.31
C VAL L 338 17.14 31.05 72.06
N LEU L 339 18.45 30.83 71.97
CA LEU L 339 19.44 31.74 72.50
C LEU L 339 19.70 32.82 71.48
N SER L 340 19.87 34.06 71.94
CA SER L 340 19.90 35.23 71.07
C SER L 340 21.03 36.20 71.43
N ARG L 341 21.76 36.65 70.42
CA ARG L 341 22.83 37.65 70.61
C ARG L 341 22.27 38.99 71.10
N ALA L 342 21.12 39.39 70.57
CA ALA L 342 20.41 40.59 71.00
C ALA L 342 20.12 40.57 72.49
N ILE L 343 19.67 39.41 72.99
CA ILE L 343 19.34 39.24 74.41
C ILE L 343 20.60 39.29 75.28
N ALA L 344 21.68 38.68 74.80
CA ALA L 344 22.96 38.67 75.54
C ALA L 344 23.61 40.07 75.65
N GLU L 345 23.44 40.89 74.60
CA GLU L 345 23.91 42.28 74.56
C GLU L 345 23.14 43.19 75.51
N LEU L 346 21.97 42.73 75.96
CA LEU L 346 21.21 43.41 77.00
C LEU L 346 21.64 42.94 78.38
N GLY L 347 22.62 42.04 78.42
CA GLY L 347 23.13 41.49 79.68
C GLY L 347 22.20 40.47 80.34
N ILE L 348 21.17 40.06 79.62
CA ILE L 348 20.26 39.04 80.13
C ILE L 348 20.87 37.65 79.93
N TYR L 349 21.13 36.97 81.05
CA TYR L 349 21.66 35.61 81.04
C TYR L 349 20.80 34.71 81.92
N PRO L 350 20.46 33.49 81.44
CA PRO L 350 20.77 32.95 80.11
C PRO L 350 20.13 33.75 78.98
N ALA L 351 20.79 33.79 77.83
CA ALA L 351 20.37 34.63 76.70
C ALA L 351 19.16 34.09 75.91
N VAL L 352 18.16 33.60 76.63
CA VAL L 352 16.97 33.01 76.01
C VAL L 352 16.00 34.10 75.56
N ASP L 353 15.59 34.05 74.30
CA ASP L 353 14.54 34.93 73.79
C ASP L 353 13.20 34.43 74.31
N PRO L 354 12.55 35.22 75.19
CA PRO L 354 11.32 34.80 75.88
C PRO L 354 10.08 34.69 75.00
N LEU L 355 10.12 35.33 73.83
CA LEU L 355 8.99 35.31 72.89
C LEU L 355 9.20 34.33 71.75
N ASP L 356 10.47 34.12 71.41
CA ASP L 356 10.84 33.27 70.27
C ASP L 356 10.90 31.80 70.65
N SER L 357 11.14 31.53 71.93
CA SER L 357 11.13 30.17 72.45
C SER L 357 9.70 29.72 72.71
N THR L 358 9.40 28.50 72.31
CA THR L 358 8.04 27.96 72.34
C THR L 358 8.03 26.53 72.92
N SER L 359 6.85 26.10 73.38
CA SER L 359 6.68 24.74 73.90
C SER L 359 5.31 24.21 73.57
N ARG L 360 5.27 22.98 73.05
CA ARG L 360 4.01 22.29 72.76
C ARG L 360 3.16 22.05 74.01
N ILE L 361 3.82 21.94 75.16
CA ILE L 361 3.08 21.63 76.39
C ILE L 361 2.61 22.87 77.17
N MET L 362 2.89 24.06 76.63
CA MET L 362 2.33 25.30 77.16
C MET L 362 0.85 25.30 76.84
N ASP L 363 0.10 24.55 77.65
CA ASP L 363 -1.30 24.26 77.41
C ASP L 363 -1.94 24.09 78.78
N PRO L 364 -3.12 24.70 79.00
CA PRO L 364 -3.76 24.60 80.33
C PRO L 364 -4.09 23.15 80.70
N ASN L 365 -4.35 22.32 79.70
CA ASN L 365 -4.66 20.91 79.91
C ASN L 365 -3.45 20.05 80.27
N ILE L 366 -2.24 20.61 80.18
CA ILE L 366 -1.04 19.85 80.54
C ILE L 366 -0.32 20.43 81.74
N VAL L 367 -0.07 21.74 81.72
CA VAL L 367 0.70 22.41 82.79
C VAL L 367 -0.18 23.11 83.82
N GLY L 368 -1.49 23.08 83.60
CA GLY L 368 -2.44 23.71 84.51
C GLY L 368 -2.83 25.09 84.05
N SER L 369 -4.05 25.50 84.42
CA SER L 369 -4.59 26.80 84.02
C SER L 369 -3.79 27.96 84.61
N GLU L 370 -3.26 27.78 85.81
CA GLU L 370 -2.53 28.85 86.49
C GLU L 370 -1.19 29.14 85.81
N HIS L 371 -0.38 28.10 85.63
CA HIS L 371 0.90 28.22 84.92
C HIS L 371 0.63 28.86 83.57
N TYR L 372 -0.40 28.38 82.88
CA TYR L 372 -0.74 28.85 81.54
C TYR L 372 -1.07 30.35 81.52
N ASP L 373 -1.85 30.79 82.50
CA ASP L 373 -2.31 32.19 82.57
C ASP L 373 -1.20 33.17 82.93
N VAL L 374 -0.23 32.73 83.73
CA VAL L 374 0.91 33.56 84.09
C VAL L 374 1.89 33.62 82.91
N ALA L 375 2.11 32.48 82.26
CA ALA L 375 2.99 32.45 81.10
C ALA L 375 2.46 33.37 80.01
N ARG L 376 1.19 33.16 79.65
CA ARG L 376 0.54 33.97 78.60
C ARG L 376 0.48 35.45 78.97
N GLY L 377 0.41 35.73 80.27
CA GLY L 377 0.43 37.09 80.78
C GLY L 377 1.78 37.76 80.63
N VAL L 378 2.84 36.97 80.79
CA VAL L 378 4.20 37.47 80.60
C VAL L 378 4.48 37.67 79.10
N GLN L 379 4.06 36.74 78.27
CA GLN L 379 4.17 36.89 76.82
C GLN L 379 3.44 38.14 76.30
N LYS L 380 2.20 38.32 76.76
CA LYS L 380 1.36 39.47 76.38
C LYS L 380 2.07 40.78 76.69
N ILE L 381 2.50 40.93 77.95
CA ILE L 381 3.10 42.18 78.44
C ILE L 381 4.40 42.53 77.71
N LEU L 382 5.19 41.50 77.38
CA LEU L 382 6.42 41.67 76.60
C LEU L 382 6.11 42.08 75.17
N GLN L 383 5.12 41.44 74.55
CA GLN L 383 4.61 41.85 73.23
C GLN L 383 4.13 43.31 73.28
N ASP L 384 3.32 43.63 74.29
CA ASP L 384 2.78 44.97 74.47
C ASP L 384 3.91 46.01 74.65
N TYR L 385 4.99 45.59 75.32
CA TYR L 385 6.14 46.47 75.57
C TYR L 385 6.90 46.77 74.29
N LYS L 386 6.97 45.79 73.40
CA LYS L 386 7.55 45.99 72.07
C LYS L 386 6.77 47.01 71.26
N SER L 387 5.44 46.99 71.41
CA SER L 387 4.55 47.94 70.72
C SER L 387 4.74 49.38 71.15
N LEU L 388 5.19 49.58 72.39
CA LEU L 388 5.35 50.93 72.94
C LEU L 388 6.73 51.52 72.66
N GLN L 389 7.71 50.66 72.35
CA GLN L 389 9.09 51.11 72.19
C GLN L 389 9.32 52.09 71.04
N ASP L 390 8.50 52.00 69.99
CA ASP L 390 8.50 52.99 68.92
C ASP L 390 7.98 54.34 69.42
N ILE L 391 6.95 54.30 70.27
CA ILE L 391 6.34 55.51 70.83
C ILE L 391 7.27 56.20 71.84
N ILE L 392 8.12 55.43 72.51
CA ILE L 392 9.11 55.98 73.45
C ILE L 392 10.21 56.73 72.68
N ALA L 393 10.62 56.16 71.55
CA ALA L 393 11.63 56.77 70.70
C ALA L 393 11.13 58.04 70.00
N ILE L 394 9.82 58.24 70.01
CA ILE L 394 9.19 59.39 69.34
C ILE L 394 8.63 60.42 70.31
N LEU L 395 7.74 59.97 71.21
CA LEU L 395 7.01 60.88 72.11
C LEU L 395 7.63 61.04 73.49
N GLY L 396 8.33 60.01 73.96
CA GLY L 396 8.92 60.02 75.30
C GLY L 396 8.07 59.28 76.31
N MET L 397 8.69 58.86 77.41
CA MET L 397 8.02 58.03 78.42
C MET L 397 7.06 58.76 79.36
N ASP L 398 7.09 60.09 79.33
CA ASP L 398 6.18 60.88 80.17
C ASP L 398 4.90 61.30 79.41
N GLU L 399 4.72 60.73 78.21
CA GLU L 399 3.52 60.97 77.41
C GLU L 399 2.67 59.70 77.26
N LEU L 400 2.92 58.72 78.11
CA LEU L 400 2.18 57.47 78.08
C LEU L 400 1.05 57.50 79.11
N SER L 401 -0.10 56.93 78.73
CA SER L 401 -1.22 56.77 79.65
C SER L 401 -0.78 56.00 80.91
N GLU L 402 -1.45 56.24 82.03
CA GLU L 402 -1.07 55.65 83.30
C GLU L 402 -1.12 54.11 83.32
N GLU L 403 -1.80 53.54 82.33
CA GLU L 403 -1.80 52.09 82.11
C GLU L 403 -0.55 51.67 81.33
N ASP L 404 -0.15 52.51 80.36
CA ASP L 404 1.02 52.25 79.52
C ASP L 404 2.34 52.48 80.24
N LYS L 405 2.37 53.48 81.13
CA LYS L 405 3.50 53.68 82.04
C LYS L 405 3.74 52.41 82.84
N LEU L 406 2.66 51.81 83.30
CA LEU L 406 2.69 50.65 84.17
C LEU L 406 3.14 49.38 83.44
N THR L 407 2.78 49.29 82.16
CA THR L 407 3.17 48.17 81.28
C THR L 407 4.68 48.12 81.07
N VAL L 408 5.30 49.29 80.87
CA VAL L 408 6.74 49.39 80.66
C VAL L 408 7.49 49.08 81.94
N SER L 409 7.01 49.64 83.05
CA SER L 409 7.58 49.38 84.38
C SER L 409 7.63 47.88 84.69
N ARG L 410 6.50 47.19 84.46
CA ARG L 410 6.35 45.78 84.80
C ARG L 410 7.08 44.87 83.81
N ALA L 411 6.94 45.16 82.52
CA ALA L 411 7.62 44.40 81.46
C ALA L 411 9.13 44.38 81.66
N ARG L 412 9.70 45.55 81.94
CA ARG L 412 11.15 45.70 82.17
C ARG L 412 11.63 44.96 83.42
N LYS L 413 10.81 44.93 84.46
CA LYS L 413 11.10 44.15 85.67
C LYS L 413 10.99 42.66 85.37
N ILE L 414 9.97 42.30 84.60
CA ILE L 414 9.79 40.93 84.15
C ILE L 414 10.96 40.49 83.27
N GLN L 415 11.40 41.35 82.35
CA GLN L 415 12.56 41.06 81.51
C GLN L 415 13.76 40.70 82.35
N ARG L 416 13.95 41.45 83.43
CA ARG L 416 15.08 41.25 84.31
C ARG L 416 14.92 40.02 85.21
N PHE L 417 13.70 39.75 85.65
CA PHE L 417 13.45 38.58 86.51
C PHE L 417 13.52 37.25 85.72
N LEU L 418 13.55 37.36 84.39
CA LEU L 418 13.78 36.20 83.54
C LEU L 418 15.25 35.79 83.54
N SER L 419 16.13 36.75 83.81
CA SER L 419 17.55 36.47 83.99
C SER L 419 17.77 35.78 85.34
N GLN L 420 18.94 35.16 85.49
CA GLN L 420 19.18 34.20 86.56
C GLN L 420 20.67 33.84 86.62
N PRO L 421 21.28 33.89 87.82
CA PRO L 421 22.64 33.39 87.97
C PRO L 421 22.70 31.87 87.98
N PHE L 422 23.71 31.30 87.32
CA PHE L 422 23.88 29.84 87.22
C PHE L 422 24.97 29.32 88.15
N GLN L 423 24.80 28.08 88.64
CA GLN L 423 25.78 27.46 89.54
C GLN L 423 27.08 27.17 88.81
N VAL L 424 26.95 26.75 87.56
CA VAL L 424 28.05 26.41 86.67
C VAL L 424 28.97 27.61 86.40
N ALA L 425 28.44 28.81 86.60
CA ALA L 425 29.19 30.04 86.36
C ALA L 425 29.67 30.71 87.67
N GLU L 426 29.65 29.97 88.77
CA GLU L 426 30.09 30.50 90.08
C GLU L 426 31.57 30.91 90.13
N VAL L 427 32.39 30.27 89.30
CA VAL L 427 33.82 30.59 89.24
C VAL L 427 34.07 31.92 88.53
N PHE L 428 33.58 32.03 87.29
CA PHE L 428 33.79 33.21 86.45
C PHE L 428 33.13 34.48 86.99
N THR L 429 32.05 34.33 87.76
CA THR L 429 31.24 35.48 88.20
C THR L 429 31.42 35.83 89.67
N GLY L 430 31.54 34.82 90.53
CA GLY L 430 31.65 35.03 91.97
C GLY L 430 30.32 34.96 92.72
N HIS L 431 29.22 35.03 91.97
CA HIS L 431 27.88 35.00 92.56
C HIS L 431 27.31 33.58 92.65
N LEU L 432 26.54 33.33 93.70
CA LEU L 432 25.95 32.01 93.95
C LEU L 432 24.82 31.72 92.96
N GLY L 433 24.86 30.53 92.36
CA GLY L 433 23.88 30.14 91.36
C GLY L 433 22.55 29.75 91.97
N LYS L 434 21.48 29.83 91.17
CA LYS L 434 20.11 29.60 91.67
C LYS L 434 19.29 28.60 90.85
N LEU L 435 18.78 27.58 91.54
CA LEU L 435 17.87 26.62 90.96
C LEU L 435 16.49 26.89 91.55
N VAL L 436 15.57 27.33 90.71
CA VAL L 436 14.32 27.89 91.17
C VAL L 436 13.16 26.94 90.94
N PRO L 437 12.49 26.49 92.03
CA PRO L 437 11.33 25.62 91.85
C PRO L 437 10.27 26.28 90.96
N LEU L 438 9.55 25.44 90.23
CA LEU L 438 8.52 25.90 89.29
C LEU L 438 7.47 26.78 89.98
N LYS L 439 6.93 26.32 91.11
CA LYS L 439 5.90 27.04 91.84
C LYS L 439 6.36 28.44 92.27
N GLU L 440 7.66 28.59 92.50
CA GLU L 440 8.22 29.90 92.84
C GLU L 440 8.37 30.79 91.61
N THR L 441 8.89 30.22 90.52
CA THR L 441 8.89 30.89 89.20
C THR L 441 7.49 31.45 88.89
N ILE L 442 6.49 30.58 88.96
CA ILE L 442 5.10 30.95 88.69
C ILE L 442 4.65 32.11 89.58
N LYS L 443 4.80 31.94 90.89
CA LYS L 443 4.44 32.95 91.90
C LYS L 443 5.16 34.28 91.68
N GLY L 444 6.48 34.22 91.48
CA GLY L 444 7.28 35.42 91.23
C GLY L 444 6.69 36.30 90.13
N PHE L 445 6.50 35.70 88.96
CA PHE L 445 5.95 36.40 87.78
C PHE L 445 4.47 36.74 87.92
N GLN L 446 3.74 35.92 88.68
CA GLN L 446 2.34 36.17 89.00
C GLN L 446 2.22 37.51 89.72
N GLN L 447 3.15 37.73 90.65
CA GLN L 447 3.15 38.89 91.54
C GLN L 447 3.54 40.21 90.85
N ILE L 448 4.54 40.17 89.96
CA ILE L 448 4.92 41.35 89.19
C ILE L 448 3.78 41.78 88.26
N LEU L 449 3.11 40.81 87.65
CA LEU L 449 1.96 41.09 86.79
C LEU L 449 0.81 41.75 87.56
N ALA L 450 0.63 41.33 88.81
CA ALA L 450 -0.45 41.84 89.66
C ALA L 450 -0.15 43.25 90.21
N GLY L 451 1.08 43.71 89.97
CA GLY L 451 1.52 45.03 90.44
C GLY L 451 1.87 45.04 91.91
N GLU L 452 2.36 43.91 92.41
CA GLU L 452 2.74 43.81 93.81
C GLU L 452 4.11 44.41 94.11
N TYR L 453 4.89 44.68 93.05
CA TYR L 453 6.23 45.23 93.20
C TYR L 453 6.48 46.46 92.33
N ASP L 454 5.43 47.25 92.12
CA ASP L 454 5.53 48.51 91.40
C ASP L 454 6.45 49.50 92.12
N HIS L 455 6.47 49.40 93.46
CA HIS L 455 7.27 50.28 94.31
C HIS L 455 8.77 49.99 94.29
N LEU L 456 9.14 48.74 94.05
CA LEU L 456 10.55 48.33 94.00
C LEU L 456 11.22 48.80 92.71
N PRO L 457 12.53 49.11 92.77
CA PRO L 457 13.23 49.49 91.54
C PRO L 457 13.49 48.32 90.59
N GLU L 458 13.57 48.65 89.31
CA GLU L 458 13.76 47.68 88.22
C GLU L 458 15.02 46.80 88.35
N GLN L 459 16.12 47.37 88.84
CA GLN L 459 17.38 46.62 88.94
C GLN L 459 17.41 45.55 90.04
N ALA L 460 16.42 45.56 90.93
CA ALA L 460 16.32 44.58 92.00
C ALA L 460 16.03 43.16 91.47
N PHE L 461 15.36 43.12 90.32
CA PHE L 461 14.92 41.87 89.70
C PHE L 461 16.01 41.26 88.79
N TYR L 462 17.07 42.02 88.54
CA TYR L 462 18.19 41.55 87.73
C TYR L 462 19.07 40.57 88.49
N MET L 463 19.51 39.53 87.78
CA MET L 463 20.34 38.44 88.32
C MET L 463 19.99 37.96 89.75
N VAL L 464 18.74 37.56 89.95
CA VAL L 464 18.32 36.94 91.21
C VAL L 464 17.66 35.58 90.96
N GLY L 465 17.42 34.84 92.03
CA GLY L 465 16.70 33.58 91.93
C GLY L 465 15.21 33.77 92.14
N PRO L 466 14.70 33.39 93.34
CA PRO L 466 13.30 33.59 93.70
C PRO L 466 12.95 35.05 93.96
N ILE L 467 11.65 35.37 93.96
CA ILE L 467 11.16 36.75 94.13
C ILE L 467 11.59 37.42 95.46
N GLU L 468 11.77 36.62 96.51
CA GLU L 468 12.26 37.11 97.80
C GLU L 468 13.61 37.82 97.64
N GLU L 469 14.50 37.22 96.87
CA GLU L 469 15.82 37.79 96.61
C GLU L 469 15.78 39.15 95.91
N ALA L 470 14.70 39.41 95.17
CA ALA L 470 14.49 40.73 94.56
C ALA L 470 14.03 41.76 95.59
N VAL L 471 13.24 41.32 96.57
CA VAL L 471 12.87 42.17 97.71
C VAL L 471 14.12 42.45 98.53
N ALA L 472 14.91 41.40 98.78
CA ALA L 472 16.16 41.50 99.54
C ALA L 472 17.22 42.35 98.84
N LYS L 473 17.28 42.27 97.51
CA LYS L 473 18.19 43.13 96.73
C LYS L 473 17.71 44.58 96.73
N ALA L 474 16.40 44.79 96.69
CA ALA L 474 15.83 46.13 96.75
C ALA L 474 16.20 46.83 98.07
N ASP L 475 16.15 46.06 99.16
CA ASP L 475 16.54 46.51 100.49
C ASP L 475 18.04 46.78 100.59
N LYS L 476 18.85 45.95 99.93
CA LYS L 476 20.30 46.09 99.97
C LYS L 476 20.79 47.30 99.17
N LEU L 477 20.03 47.69 98.15
CA LEU L 477 20.35 48.87 97.34
C LEU L 477 20.00 50.19 98.05
N ALA L 478 20.05 50.18 99.39
CA ALA L 478 19.82 51.35 100.25
C ALA L 478 18.58 52.18 99.88
N THR M 13 -1.28 -17.85 19.51
CA THR M 13 -2.06 -18.97 20.14
C THR M 13 -2.25 -18.72 21.65
N THR M 14 -1.73 -19.66 22.46
CA THR M 14 -1.77 -19.61 23.91
C THR M 14 -0.39 -19.23 24.50
N GLY M 15 -0.34 -18.12 25.22
CA GLY M 15 0.90 -17.66 25.87
C GLY M 15 0.92 -17.94 27.36
N ARG M 16 2.06 -17.65 27.99
CA ARG M 16 2.23 -17.85 29.44
C ARG M 16 2.84 -16.61 30.06
N ILE M 17 2.32 -16.21 31.21
CA ILE M 17 2.89 -15.09 31.97
C ILE M 17 4.29 -15.48 32.47
N VAL M 18 5.28 -14.65 32.17
CA VAL M 18 6.64 -14.86 32.69
C VAL M 18 7.08 -13.85 33.73
N ALA M 19 6.36 -12.72 33.81
CA ALA M 19 6.70 -11.61 34.72
C ALA M 19 5.53 -10.67 34.97
N VAL M 20 5.40 -10.20 36.20
CA VAL M 20 4.36 -9.24 36.58
C VAL M 20 4.93 -8.18 37.50
N ILE M 21 4.86 -6.91 37.08
CA ILE M 21 5.08 -5.80 37.99
C ILE M 21 4.01 -4.73 37.80
N GLY M 22 3.10 -4.63 38.77
CA GLY M 22 1.93 -3.78 38.65
C GLY M 22 1.24 -4.03 37.32
N ALA M 23 1.02 -2.97 36.56
CA ALA M 23 0.25 -3.00 35.32
C ALA M 23 0.99 -3.62 34.13
N VAL M 24 2.29 -3.87 34.29
CA VAL M 24 3.13 -4.40 33.21
C VAL M 24 3.40 -5.90 33.37
N VAL M 25 2.97 -6.67 32.37
CA VAL M 25 2.98 -8.13 32.38
C VAL M 25 3.68 -8.64 31.11
N ASP M 26 4.71 -9.46 31.29
CA ASP M 26 5.41 -10.07 30.14
C ASP M 26 4.86 -11.46 29.87
N VAL M 27 4.60 -11.74 28.60
CA VAL M 27 3.99 -13.00 28.21
C VAL M 27 4.81 -13.67 27.10
N GLN M 28 5.07 -14.97 27.27
CA GLN M 28 5.87 -15.73 26.32
C GLN M 28 4.96 -16.63 25.48
N PHE M 29 5.09 -16.53 24.15
CA PHE M 29 4.33 -17.36 23.22
C PHE M 29 5.24 -18.34 22.48
N ASP M 30 4.94 -19.63 22.56
CA ASP M 30 5.72 -20.67 21.86
C ASP M 30 5.61 -20.58 20.34
N GLU M 31 4.39 -20.39 19.85
CA GLU M 31 4.12 -20.16 18.43
C GLU M 31 3.20 -18.94 18.29
N GLY M 32 3.29 -18.29 17.14
CA GLY M 32 2.45 -17.14 16.81
C GLY M 32 2.52 -16.02 17.82
N LEU M 33 3.41 -15.07 17.58
CA LEU M 33 3.53 -13.90 18.43
C LEU M 33 2.48 -12.85 18.06
N PRO M 34 1.68 -12.39 19.04
CA PRO M 34 0.67 -11.36 18.80
C PRO M 34 1.29 -9.98 18.51
N PRO M 35 0.86 -9.33 17.41
CA PRO M 35 1.37 -8.00 17.10
C PRO M 35 1.11 -6.95 18.18
N ILE M 36 1.83 -5.84 18.08
CA ILE M 36 1.67 -4.70 18.96
C ILE M 36 0.22 -4.17 18.88
N LEU M 37 -0.34 -3.83 20.05
CA LEU M 37 -1.70 -3.27 20.21
C LEU M 37 -2.82 -4.33 20.29
N ASN M 38 -2.48 -5.58 20.00
CA ASN M 38 -3.43 -6.65 20.16
C ASN M 38 -3.86 -6.80 21.61
N ALA M 39 -5.13 -7.14 21.80
CA ALA M 39 -5.66 -7.43 23.13
C ALA M 39 -5.56 -8.94 23.41
N LEU M 40 -4.92 -9.24 24.54
CA LEU M 40 -4.79 -10.61 25.01
C LEU M 40 -5.72 -10.77 26.20
N GLU M 41 -6.27 -11.97 26.35
CA GLU M 41 -7.17 -12.34 27.43
C GLU M 41 -6.42 -13.26 28.38
N VAL M 42 -6.31 -12.84 29.64
CA VAL M 42 -5.75 -13.71 30.68
C VAL M 42 -6.80 -14.71 31.12
N GLN M 43 -6.43 -16.00 31.09
CA GLN M 43 -7.33 -17.08 31.51
C GLN M 43 -7.35 -17.25 33.02
N GLY M 44 -8.38 -17.93 33.52
CA GLY M 44 -8.53 -18.21 34.95
C GLY M 44 -8.85 -16.97 35.78
N ARG M 45 -9.61 -16.03 35.20
CA ARG M 45 -10.07 -14.84 35.96
C ARG M 45 -11.59 -14.80 36.00
N GLU M 46 -12.13 -14.32 37.12
CA GLU M 46 -13.59 -14.17 37.30
C GLU M 46 -14.15 -13.12 36.36
N THR M 47 -13.47 -11.97 36.32
CA THR M 47 -13.83 -10.88 35.42
C THR M 47 -12.78 -10.81 34.31
N ARG M 48 -13.15 -10.24 33.15
CA ARG M 48 -12.25 -10.15 32.00
C ARG M 48 -11.02 -9.27 32.29
N LEU M 49 -9.82 -9.83 32.11
CA LEU M 49 -8.58 -9.09 32.26
C LEU M 49 -7.83 -9.04 30.93
N VAL M 50 -7.84 -7.86 30.30
CA VAL M 50 -7.20 -7.64 29.01
C VAL M 50 -5.76 -7.14 29.20
N LEU M 51 -4.80 -7.74 28.49
CA LEU M 51 -3.46 -7.19 28.34
C LEU M 51 -3.28 -6.71 26.91
N GLU M 52 -2.91 -5.45 26.75
CA GLU M 52 -2.62 -4.85 25.44
C GLU M 52 -1.13 -4.96 25.14
N VAL M 53 -0.79 -5.59 24.01
CA VAL M 53 0.61 -5.77 23.62
C VAL M 53 1.25 -4.42 23.33
N ALA M 54 2.39 -4.15 23.98
CA ALA M 54 3.08 -2.86 23.87
C ALA M 54 4.42 -2.94 23.13
N GLN M 55 5.12 -4.07 23.27
CA GLN M 55 6.49 -4.24 22.80
C GLN M 55 6.74 -5.71 22.50
N HIS M 56 7.63 -5.99 21.56
CA HIS M 56 8.16 -7.34 21.37
C HIS M 56 9.58 -7.31 21.92
N LEU M 57 9.78 -8.01 23.03
CA LEU M 57 11.04 -7.92 23.80
C LEU M 57 12.16 -8.77 23.22
N GLY M 58 11.79 -9.65 22.29
CA GLY M 58 12.70 -10.69 21.83
C GLY M 58 12.36 -12.01 22.47
N GLU M 59 13.01 -13.07 21.99
CA GLU M 59 12.92 -14.41 22.59
C GLU M 59 11.47 -14.83 22.82
N SER M 60 10.62 -14.55 21.83
CA SER M 60 9.21 -14.94 21.81
C SER M 60 8.37 -14.41 22.98
N THR M 61 8.78 -13.26 23.53
CA THR M 61 8.12 -12.64 24.69
C THR M 61 7.61 -11.24 24.34
N VAL M 62 6.40 -10.94 24.77
CA VAL M 62 5.79 -9.63 24.51
C VAL M 62 5.61 -8.94 25.85
N ARG M 63 5.78 -7.61 25.83
CA ARG M 63 5.52 -6.78 27.00
C ARG M 63 4.15 -6.14 26.83
N THR M 64 3.35 -6.19 27.90
CA THR M 64 1.95 -5.79 27.82
C THR M 64 1.55 -4.90 28.98
N ILE M 65 0.46 -4.16 28.78
CA ILE M 65 -0.14 -3.30 29.78
C ILE M 65 -1.54 -3.80 30.13
N ALA M 66 -1.76 -4.06 31.41
CA ALA M 66 -3.05 -4.59 31.88
C ALA M 66 -4.13 -3.53 31.90
N MET M 67 -5.37 -3.94 31.59
CA MET M 67 -6.50 -3.01 31.66
C MET M 67 -7.25 -3.04 33.01
N ASP M 68 -6.84 -3.95 33.89
CA ASP M 68 -7.40 -4.01 35.24
C ASP M 68 -6.31 -4.53 36.17
N GLY M 69 -6.63 -4.75 37.44
CA GLY M 69 -5.62 -5.09 38.45
C GLY M 69 -4.94 -6.41 38.16
N THR M 70 -3.66 -6.51 38.51
CA THR M 70 -2.89 -7.75 38.26
C THR M 70 -2.68 -8.64 39.50
N GLU M 71 -3.25 -8.24 40.64
CA GLU M 71 -3.26 -9.08 41.83
C GLU M 71 -3.83 -10.47 41.47
N GLY M 72 -3.27 -11.51 42.08
CA GLY M 72 -3.74 -12.86 41.84
C GLY M 72 -3.01 -13.60 40.72
N LEU M 73 -2.35 -12.87 39.83
CA LEU M 73 -1.64 -13.48 38.71
C LEU M 73 -0.44 -14.32 39.12
N VAL M 74 -0.27 -15.45 38.45
CA VAL M 74 0.81 -16.38 38.76
C VAL M 74 1.67 -16.51 37.51
N ARG M 75 2.99 -16.61 37.68
CA ARG M 75 3.86 -16.94 36.54
C ARG M 75 3.42 -18.31 36.00
N GLY M 76 3.29 -18.43 34.68
CA GLY M 76 2.81 -19.68 34.08
C GLY M 76 1.35 -19.58 33.66
N GLN M 77 0.63 -18.59 34.21
CA GLN M 77 -0.79 -18.43 33.90
C GLN M 77 -1.01 -18.27 32.39
N LYS M 78 -2.06 -18.89 31.87
CA LYS M 78 -2.29 -18.88 30.43
C LYS M 78 -2.93 -17.59 29.92
N VAL M 79 -2.55 -17.22 28.71
CA VAL M 79 -3.00 -16.00 28.09
C VAL M 79 -3.29 -16.29 26.64
N LEU M 80 -4.49 -15.89 26.19
CA LEU M 80 -4.90 -16.07 24.79
C LEU M 80 -4.87 -14.74 24.01
N ASP M 81 -4.37 -14.80 22.77
CA ASP M 81 -4.44 -13.68 21.83
C ASP M 81 -5.85 -13.60 21.24
N SER M 82 -6.51 -12.45 21.39
CA SER M 82 -7.85 -12.24 20.80
C SER M 82 -7.80 -12.13 19.27
N GLY M 83 -6.62 -11.81 18.74
CA GLY M 83 -6.45 -11.65 17.29
C GLY M 83 -6.73 -10.24 16.80
N ALA M 84 -7.03 -9.33 17.73
CA ALA M 84 -7.28 -7.91 17.43
C ALA M 84 -6.93 -6.98 18.61
N PRO M 85 -6.88 -5.66 18.37
CA PRO M 85 -6.85 -4.72 19.50
C PRO M 85 -8.15 -4.71 20.28
N ILE M 86 -8.15 -4.07 21.45
CA ILE M 86 -9.37 -3.85 22.22
C ILE M 86 -10.47 -3.31 21.31
N ARG M 87 -11.64 -3.95 21.33
CA ARG M 87 -12.74 -3.53 20.48
C ARG M 87 -13.98 -3.29 21.33
N ILE M 88 -14.68 -2.21 21.03
CA ILE M 88 -15.79 -1.77 21.88
C ILE M 88 -17.06 -1.60 21.06
N PRO M 89 -18.23 -1.68 21.71
CA PRO M 89 -19.47 -1.38 21.00
C PRO M 89 -19.49 0.08 20.56
N VAL M 90 -19.93 0.32 19.33
CA VAL M 90 -20.17 1.68 18.84
C VAL M 90 -21.56 1.75 18.20
N GLY M 91 -22.05 2.97 17.97
CA GLY M 91 -23.40 3.14 17.44
C GLY M 91 -24.43 3.47 18.49
N PRO M 92 -25.72 3.48 18.09
CA PRO M 92 -26.86 3.99 18.87
C PRO M 92 -27.11 3.33 20.23
N GLU M 93 -26.77 2.05 20.39
CA GLU M 93 -26.98 1.42 21.70
C GLU M 93 -25.96 1.82 22.77
N THR M 94 -24.97 2.63 22.41
CA THR M 94 -24.05 3.15 23.43
C THR M 94 -24.74 4.28 24.17
N LEU M 95 -25.77 4.86 23.53
CA LEU M 95 -26.47 6.03 24.03
C LEU M 95 -27.27 5.68 25.28
N GLY M 96 -27.05 6.43 26.34
CA GLY M 96 -27.73 6.19 27.60
C GLY M 96 -27.01 5.20 28.47
N ARG M 97 -25.98 4.55 27.91
CA ARG M 97 -25.22 3.51 28.62
C ARG M 97 -23.89 4.04 29.15
N ILE M 98 -23.41 3.40 30.20
CA ILE M 98 -22.08 3.65 30.71
C ILE M 98 -21.23 2.42 30.39
N MET M 99 -20.12 2.63 29.68
CA MET M 99 -19.15 1.58 29.44
C MET M 99 -17.81 1.91 30.09
N ASN M 100 -16.98 0.88 30.31
CA ASN M 100 -15.60 1.05 30.77
C ASN M 100 -14.60 1.00 29.61
N VAL M 101 -13.30 0.96 29.92
CA VAL M 101 -12.21 0.94 28.92
C VAL M 101 -12.34 -0.07 27.83
N ILE M 102 -12.78 -1.27 28.20
CA ILE M 102 -12.84 -2.39 27.25
C ILE M 102 -14.26 -2.61 26.73
N GLY M 103 -15.12 -1.61 26.91
CA GLY M 103 -16.46 -1.61 26.32
C GLY M 103 -17.52 -2.43 27.04
N GLU M 104 -17.26 -2.83 28.27
CA GLU M 104 -18.25 -3.53 29.08
C GLU M 104 -19.24 -2.56 29.72
N PRO M 105 -20.53 -2.94 29.76
CA PRO M 105 -21.50 -2.13 30.50
C PRO M 105 -21.15 -2.06 31.99
N ILE M 106 -21.14 -0.85 32.53
CA ILE M 106 -20.92 -0.68 33.97
C ILE M 106 -22.08 0.06 34.66
N ASP M 107 -23.29 -0.14 34.11
CA ASP M 107 -24.50 0.49 34.64
C ASP M 107 -25.55 -0.53 35.10
N GLU M 108 -25.18 -1.82 35.09
CA GLU M 108 -26.06 -2.89 35.54
C GLU M 108 -27.34 -3.01 34.72
N ARG M 109 -27.25 -2.66 33.43
CA ARG M 109 -28.40 -2.70 32.55
C ARG M 109 -28.27 -3.76 31.44
N GLY M 110 -27.40 -4.73 31.66
CA GLY M 110 -27.25 -5.87 30.75
C GLY M 110 -26.34 -5.59 29.57
N PRO M 111 -26.38 -6.49 28.56
CA PRO M 111 -25.50 -6.36 27.40
C PRO M 111 -25.78 -5.11 26.58
N ILE M 112 -24.76 -4.62 25.89
CA ILE M 112 -24.92 -3.58 24.88
C ILE M 112 -24.94 -4.30 23.55
N LYS M 113 -26.14 -4.52 23.02
CA LYS M 113 -26.26 -5.36 21.81
C LYS M 113 -26.17 -4.54 20.52
N THR M 114 -24.94 -4.21 20.17
CA THR M 114 -24.61 -3.48 18.95
C THR M 114 -24.42 -4.43 17.80
N LYS M 115 -24.64 -3.90 16.61
CA LYS M 115 -24.21 -4.53 15.37
C LYS M 115 -22.72 -4.25 15.13
N GLN M 116 -22.27 -3.06 15.49
CA GLN M 116 -20.90 -2.65 15.18
C GLN M 116 -20.01 -2.64 16.40
N PHE M 117 -18.77 -3.05 16.18
CA PHE M 117 -17.69 -2.84 17.11
C PHE M 117 -16.59 -2.09 16.39
N ALA M 118 -15.76 -1.39 17.15
CA ALA M 118 -14.61 -0.68 16.61
C ALA M 118 -13.40 -0.84 17.52
N ALA M 119 -12.21 -0.89 16.91
CA ALA M 119 -10.95 -0.83 17.64
C ALA M 119 -10.75 0.56 18.24
N ILE M 120 -10.26 0.61 19.48
CA ILE M 120 -9.99 1.89 20.15
C ILE M 120 -8.70 2.52 19.63
N HIS M 121 -7.90 1.75 18.89
CA HIS M 121 -6.74 2.31 18.18
C HIS M 121 -7.07 2.49 16.72
N ALA M 122 -6.70 3.63 16.18
CA ALA M 122 -6.95 3.95 14.77
C ALA M 122 -6.02 5.08 14.44
N GLU M 123 -5.62 5.15 13.17
CA GLU M 123 -4.77 6.24 12.74
C GLU M 123 -5.61 7.49 12.64
N ALA M 124 -4.98 8.62 12.95
CA ALA M 124 -5.64 9.91 12.95
C ALA M 124 -6.05 10.26 11.51
N PRO M 125 -7.20 10.97 11.36
CA PRO M 125 -7.61 11.47 10.03
C PRO M 125 -6.48 12.16 9.26
N GLU M 126 -6.37 11.85 7.97
CA GLU M 126 -5.33 12.40 7.12
C GLU M 126 -5.48 13.88 6.92
N PHE M 127 -4.45 14.51 6.36
CA PHE M 127 -4.40 15.94 6.14
C PHE M 127 -5.50 16.44 5.19
N VAL M 128 -5.87 15.61 4.19
CA VAL M 128 -6.91 15.96 3.22
C VAL M 128 -8.32 15.87 3.80
N GLU M 129 -8.42 15.32 5.01
CA GLU M 129 -9.69 15.14 5.69
C GLU M 129 -10.05 16.35 6.54
N MET M 130 -9.13 17.31 6.61
CA MET M 130 -9.25 18.41 7.54
C MET M 130 -10.26 19.43 7.05
N SER M 131 -11.00 20.02 8.00
CA SER M 131 -11.87 21.17 7.70
C SER M 131 -11.19 22.50 8.00
N VAL M 132 -11.59 23.52 7.27
CA VAL M 132 -11.02 24.87 7.47
C VAL M 132 -12.10 25.92 7.80
N GLU M 133 -13.33 25.46 8.02
CA GLU M 133 -14.46 26.34 8.36
C GLU M 133 -14.34 26.84 9.80
N GLN M 134 -14.41 28.15 9.98
CA GLN M 134 -14.30 28.76 11.30
C GLN M 134 -15.54 29.58 11.63
N GLU M 135 -16.23 29.16 12.69
CA GLU M 135 -17.51 29.71 13.06
C GLU M 135 -17.71 29.71 14.57
N ILE M 136 -18.08 30.87 15.11
CA ILE M 136 -18.16 31.08 16.56
C ILE M 136 -19.25 30.22 17.20
N LEU M 137 -18.93 29.66 18.36
CA LEU M 137 -19.90 28.99 19.20
C LEU M 137 -20.08 29.86 20.42
N VAL M 138 -21.21 30.55 20.47
CA VAL M 138 -21.55 31.44 21.57
C VAL M 138 -21.91 30.58 22.79
N THR M 139 -21.23 30.81 23.92
CA THR M 139 -21.47 30.04 25.14
C THR M 139 -22.43 30.74 26.13
N GLY M 140 -22.49 32.07 26.09
CA GLY M 140 -23.25 32.84 27.09
C GLY M 140 -22.37 33.27 28.27
N ILE M 141 -21.12 32.82 28.25
CA ILE M 141 -20.13 33.18 29.27
C ILE M 141 -19.28 34.34 28.76
N LYS M 142 -19.41 35.48 29.44
CA LYS M 142 -18.78 36.73 29.06
C LYS M 142 -17.29 36.62 28.70
N VAL M 143 -16.45 36.18 29.66
CA VAL M 143 -14.98 36.09 29.41
C VAL M 143 -14.65 35.33 28.16
N VAL M 144 -15.28 34.17 28.01
CA VAL M 144 -14.99 33.25 26.92
C VAL M 144 -15.40 33.91 25.59
N ASP M 145 -16.67 34.30 25.50
CA ASP M 145 -17.25 34.91 24.30
C ASP M 145 -16.58 36.23 23.86
N LEU M 146 -16.23 37.08 24.81
CA LEU M 146 -15.53 38.30 24.48
C LEU M 146 -14.09 38.04 24.05
N LEU M 147 -13.33 37.38 24.93
CA LEU M 147 -11.86 37.39 24.82
C LEU M 147 -11.26 36.23 24.04
N ALA M 148 -11.80 35.03 24.24
CA ALA M 148 -11.24 33.86 23.59
C ALA M 148 -12.36 32.89 23.15
N PRO M 149 -13.18 33.31 22.18
CA PRO M 149 -14.39 32.55 21.83
C PRO M 149 -14.11 31.13 21.31
N TYR M 150 -15.02 30.22 21.63
CA TYR M 150 -14.97 28.85 21.17
C TYR M 150 -15.49 28.79 19.73
N ALA M 151 -15.10 27.76 18.99
CA ALA M 151 -15.61 27.59 17.64
C ALA M 151 -16.36 26.28 17.50
N LYS M 152 -17.43 26.32 16.70
CA LYS M 152 -18.16 25.13 16.34
C LYS M 152 -17.21 24.14 15.67
N GLY M 153 -17.22 22.89 16.12
CA GLY M 153 -16.32 21.89 15.61
C GLY M 153 -14.87 22.14 15.96
N GLY M 154 -14.61 23.06 16.90
CA GLY M 154 -13.24 23.39 17.29
C GLY M 154 -12.78 22.60 18.52
N LYS M 155 -11.50 22.75 18.84
CA LYS M 155 -10.97 22.08 20.02
C LYS M 155 -10.78 23.09 21.15
N ILE M 156 -11.46 22.83 22.25
CA ILE M 156 -11.47 23.70 23.41
C ILE M 156 -10.78 23.00 24.58
N GLY M 157 -9.88 23.70 25.26
CA GLY M 157 -9.23 23.14 26.45
C GLY M 157 -9.39 24.07 27.63
N LEU M 158 -9.65 23.48 28.80
CA LEU M 158 -9.86 24.22 30.05
C LEU M 158 -8.75 23.84 31.03
N PHE M 159 -7.81 24.77 31.25
CA PHE M 159 -6.65 24.53 32.10
C PHE M 159 -6.93 25.00 33.51
N GLY M 160 -6.68 24.13 34.49
CA GLY M 160 -6.64 24.59 35.87
C GLY M 160 -5.95 23.68 36.84
N GLY M 161 -5.28 24.27 37.84
CA GLY M 161 -4.71 23.51 38.95
C GLY M 161 -5.84 23.00 39.81
N ALA M 162 -5.48 22.42 40.95
CA ALA M 162 -6.44 21.72 41.80
C ALA M 162 -7.50 22.63 42.39
N GLY M 163 -8.76 22.35 42.05
CA GLY M 163 -9.90 22.99 42.72
C GLY M 163 -10.25 24.39 42.29
N VAL M 164 -9.76 24.81 41.11
CA VAL M 164 -9.93 26.20 40.65
C VAL M 164 -11.19 26.42 39.78
N GLY M 165 -11.73 25.34 39.22
CA GLY M 165 -13.05 25.39 38.56
C GLY M 165 -13.23 24.66 37.23
N LYS M 166 -12.33 23.73 36.92
CA LYS M 166 -12.39 22.97 35.66
C LYS M 166 -13.75 22.33 35.43
N THR M 167 -14.18 21.52 36.41
CA THR M 167 -15.38 20.70 36.30
C THR M 167 -16.68 21.53 36.29
N VAL M 168 -16.77 22.53 37.18
CA VAL M 168 -17.91 23.44 37.16
C VAL M 168 -18.06 24.09 35.79
N LEU M 169 -16.94 24.51 35.20
CA LEU M 169 -16.93 25.08 33.84
C LEU M 169 -17.44 24.10 32.80
N ILE M 170 -16.90 22.89 32.83
CA ILE M 170 -17.36 21.87 31.90
C ILE M 170 -18.87 21.59 32.06
N MET M 171 -19.33 21.52 33.31
CA MET M 171 -20.75 21.29 33.56
C MET M 171 -21.62 22.48 33.11
N GLU M 172 -21.16 23.72 33.33
CA GLU M 172 -21.92 24.88 32.82
C GLU M 172 -22.03 24.85 31.29
N LEU M 173 -20.93 24.52 30.62
CA LEU M 173 -20.91 24.37 29.17
C LEU M 173 -21.86 23.29 28.64
N ILE M 174 -21.88 22.12 29.30
CA ILE M 174 -22.86 21.09 28.97
C ILE M 174 -24.28 21.68 29.09
N ASN M 175 -24.52 22.43 30.17
CA ASN M 175 -25.80 23.11 30.40
C ASN M 175 -26.14 24.16 29.33
N ASN M 176 -25.13 24.84 28.82
CA ASN M 176 -25.33 25.97 27.91
C ASN M 176 -25.30 25.61 26.42
N VAL M 177 -24.38 24.74 26.05
CA VAL M 177 -24.17 24.39 24.65
C VAL M 177 -24.91 23.11 24.31
N ALA M 178 -24.81 22.11 25.19
CA ALA M 178 -25.31 20.77 24.91
C ALA M 178 -26.84 20.67 24.97
N LYS M 179 -27.45 21.34 25.95
CA LYS M 179 -28.91 21.38 26.10
C LYS M 179 -29.64 21.70 24.78
N ALA M 180 -29.16 22.74 24.08
CA ALA M 180 -29.70 23.09 22.77
C ALA M 180 -28.80 22.55 21.65
N HIS M 181 -28.75 21.22 21.54
CA HIS M 181 -27.92 20.54 20.54
C HIS M 181 -28.70 19.42 19.87
N GLY M 182 -28.74 19.46 18.54
CA GLY M 182 -29.51 18.49 17.78
C GLY M 182 -28.66 17.36 17.25
N GLY M 183 -27.85 16.77 18.12
CA GLY M 183 -27.04 15.62 17.77
C GLY M 183 -26.69 14.78 18.99
N TYR M 184 -25.59 14.06 18.88
CA TYR M 184 -25.18 13.18 19.95
C TYR M 184 -24.02 13.75 20.75
N SER M 185 -23.85 13.24 21.97
CA SER M 185 -22.80 13.68 22.85
C SER M 185 -22.10 12.49 23.47
N VAL M 186 -20.80 12.64 23.72
CA VAL M 186 -20.02 11.64 24.44
C VAL M 186 -19.37 12.37 25.62
N PHE M 187 -19.56 11.86 26.83
CA PHE M 187 -18.80 12.32 27.98
C PHE M 187 -17.86 11.21 28.43
N ALA M 188 -16.55 11.50 28.45
CA ALA M 188 -15.55 10.54 28.93
C ALA M 188 -14.96 10.97 30.25
N GLY M 189 -15.17 10.16 31.27
CA GLY M 189 -14.56 10.35 32.60
C GLY M 189 -13.20 9.67 32.61
N VAL M 190 -12.14 10.48 32.67
CA VAL M 190 -10.78 9.98 32.60
C VAL M 190 -10.04 10.37 33.88
N GLY M 191 -9.78 9.38 34.73
CA GLY M 191 -9.01 9.56 35.96
C GLY M 191 -9.58 10.52 36.99
N GLU M 192 -10.90 10.76 36.93
CA GLU M 192 -11.51 11.72 37.84
C GLU M 192 -12.30 11.06 38.98
N ARG M 193 -13.25 11.80 39.56
CA ARG M 193 -13.96 11.28 40.73
C ARG M 193 -15.09 10.33 40.33
N THR M 194 -15.11 9.13 40.90
CA THR M 194 -16.19 8.19 40.58
C THR M 194 -17.55 8.80 40.91
N ARG M 195 -17.60 9.61 41.97
CA ARG M 195 -18.89 10.13 42.43
C ARG M 195 -19.38 11.27 41.54
N GLU M 196 -18.46 11.97 40.88
CA GLU M 196 -18.81 12.93 39.84
C GLU M 196 -19.48 12.19 38.68
N GLY M 197 -19.03 10.98 38.40
CA GLY M 197 -19.70 10.12 37.43
C GLY M 197 -21.13 9.82 37.86
N ASN M 198 -21.28 9.45 39.13
CA ASN M 198 -22.59 9.24 39.70
C ASN M 198 -23.48 10.49 39.65
N ASP M 199 -22.91 11.65 40.02
CA ASP M 199 -23.61 12.94 39.94
C ASP M 199 -24.12 13.17 38.53
N LEU M 200 -23.22 13.07 37.56
CA LEU M 200 -23.56 13.37 36.17
C LEU M 200 -24.65 12.44 35.66
N TYR M 201 -24.46 11.14 35.86
CA TYR M 201 -25.45 10.14 35.42
C TYR M 201 -26.87 10.46 35.91
N HIS M 202 -27.01 10.76 37.19
CA HIS M 202 -28.34 11.00 37.73
C HIS M 202 -28.90 12.36 37.37
N GLU M 203 -28.01 13.32 37.14
CA GLU M 203 -28.38 14.62 36.60
C GLU M 203 -29.02 14.47 35.21
N MET M 204 -28.41 13.66 34.36
CA MET M 204 -28.91 13.43 33.00
C MET M 204 -30.19 12.59 32.95
N ILE M 205 -30.35 11.69 33.91
CA ILE M 205 -31.57 10.91 34.05
C ILE M 205 -32.71 11.86 34.40
N GLU M 206 -32.43 12.78 35.32
CA GLU M 206 -33.42 13.75 35.79
C GLU M 206 -33.84 14.73 34.69
N SER M 207 -32.86 15.21 33.92
CA SER M 207 -33.12 16.13 32.81
C SER M 207 -33.74 15.43 31.60
N GLY M 208 -33.55 14.12 31.52
CA GLY M 208 -34.10 13.33 30.42
C GLY M 208 -33.17 13.24 29.23
N VAL M 209 -31.94 13.74 29.36
CA VAL M 209 -30.98 13.59 28.25
C VAL M 209 -30.49 12.14 28.18
N ILE M 210 -30.49 11.46 29.31
CA ILE M 210 -30.50 10.00 29.34
C ILE M 210 -31.91 9.55 29.71
N ASN M 211 -32.45 8.60 28.94
CA ASN M 211 -33.73 7.99 29.25
C ASN M 211 -33.58 6.49 29.40
N LEU M 212 -34.01 5.98 30.55
CA LEU M 212 -33.85 4.58 30.86
C LEU M 212 -34.93 3.68 30.24
N LYS M 213 -36.01 4.30 29.72
CA LYS M 213 -37.18 3.58 29.19
C LYS M 213 -37.34 3.74 27.68
N ASP M 214 -36.99 4.93 27.17
CA ASP M 214 -37.05 5.30 25.75
C ASP M 214 -35.83 4.82 24.99
N ALA M 215 -35.83 5.11 23.69
CA ALA M 215 -34.64 5.00 22.85
C ALA M 215 -34.06 6.40 22.60
N THR M 216 -34.50 7.38 23.38
CA THR M 216 -34.21 8.80 23.12
C THR M 216 -33.01 9.37 23.88
N SER M 217 -32.14 8.50 24.41
CA SER M 217 -30.91 9.00 25.04
C SER M 217 -29.99 9.64 24.01
N LYS M 218 -29.51 10.85 24.30
CA LYS M 218 -28.65 11.59 23.37
C LYS M 218 -27.18 11.68 23.81
N VAL M 219 -26.82 11.02 24.93
CA VAL M 219 -25.42 10.98 25.38
C VAL M 219 -24.90 9.55 25.63
N ALA M 220 -23.67 9.28 25.19
CA ALA M 220 -22.95 8.07 25.57
C ALA M 220 -21.91 8.35 26.66
N LEU M 221 -21.90 7.52 27.71
CA LEU M 221 -20.95 7.68 28.83
C LEU M 221 -19.88 6.60 28.82
N VAL M 222 -18.64 7.03 29.05
CA VAL M 222 -17.49 6.14 29.15
C VAL M 222 -16.65 6.61 30.34
N TYR M 223 -16.32 5.68 31.24
CA TYR M 223 -15.62 6.00 32.48
C TYR M 223 -14.46 5.09 32.85
N GLY M 224 -13.39 5.73 33.27
CA GLY M 224 -12.21 5.07 33.82
C GLY M 224 -11.63 6.06 34.80
N GLN M 225 -12.14 6.03 36.03
CA GLN M 225 -11.83 7.06 37.03
C GLN M 225 -10.59 6.76 37.86
N MET M 226 -10.35 7.55 38.90
CA MET M 226 -9.10 7.48 39.66
C MET M 226 -9.00 6.30 40.64
N ASN M 227 -9.98 5.41 40.59
CA ASN M 227 -9.90 4.09 41.24
C ASN M 227 -9.31 3.00 40.33
N GLU M 228 -9.11 3.33 39.06
CA GLU M 228 -8.60 2.40 38.05
C GLU M 228 -7.07 2.34 38.06
N PRO M 229 -6.49 1.16 37.72
CA PRO M 229 -5.02 1.14 37.59
C PRO M 229 -4.57 1.88 36.31
N PRO M 230 -3.26 2.20 36.17
CA PRO M 230 -2.81 3.10 35.09
C PRO M 230 -3.13 2.69 33.64
N GLY M 231 -3.12 1.39 33.33
CA GLY M 231 -3.45 0.95 31.98
C GLY M 231 -4.85 1.35 31.54
N ALA M 232 -5.81 1.23 32.46
CA ALA M 232 -7.20 1.61 32.21
C ALA M 232 -7.32 3.12 32.00
N ARG M 233 -6.72 3.89 32.90
CA ARG M 233 -6.69 5.34 32.78
C ARG M 233 -5.98 5.81 31.50
N ALA M 234 -4.91 5.11 31.08
CA ALA M 234 -4.16 5.49 29.87
C ALA M 234 -4.96 5.21 28.61
N ARG M 235 -5.96 4.36 28.71
CA ARG M 235 -6.71 3.91 27.54
C ARG M 235 -8.14 4.41 27.40
N VAL M 236 -8.82 4.70 28.53
CA VAL M 236 -10.24 5.14 28.46
C VAL M 236 -10.52 6.33 27.57
N ALA M 237 -9.58 7.26 27.49
CA ALA M 237 -9.76 8.40 26.58
C ALA M 237 -9.90 7.91 25.14
N LEU M 238 -9.12 6.90 24.77
CA LEU M 238 -9.22 6.28 23.44
C LEU M 238 -10.61 5.68 23.24
N THR M 239 -11.11 5.01 24.28
CA THR M 239 -12.43 4.38 24.25
C THR M 239 -13.54 5.39 24.02
N GLY M 240 -13.52 6.49 24.78
CA GLY M 240 -14.56 7.52 24.68
C GLY M 240 -14.51 8.15 23.30
N LEU M 241 -13.29 8.46 22.87
CA LEU M 241 -13.00 9.08 21.60
C LEU M 241 -13.45 8.20 20.43
N THR M 242 -13.21 6.89 20.55
CA THR M 242 -13.70 5.90 19.59
C THR M 242 -15.22 5.94 19.43
N VAL M 243 -15.95 6.04 20.54
CA VAL M 243 -17.40 6.21 20.49
C VAL M 243 -17.78 7.47 19.69
N ALA M 244 -17.11 8.59 19.97
CA ALA M 244 -17.38 9.88 19.30
C ALA M 244 -17.11 9.83 17.81
N GLU M 245 -16.01 9.14 17.43
CA GLU M 245 -15.63 8.95 16.04
C GLU M 245 -16.72 8.30 15.19
N TYR M 246 -17.36 7.24 15.70
CA TYR M 246 -18.46 6.58 14.97
C TYR M 246 -19.55 7.60 14.67
N PHE M 247 -20.01 8.29 15.70
CA PHE M 247 -21.06 9.29 15.54
C PHE M 247 -20.68 10.35 14.52
N ARG M 248 -19.41 10.77 14.56
CA ARG M 248 -18.92 11.77 13.60
C ARG M 248 -18.97 11.25 12.16
N ASP M 249 -18.54 10.00 11.96
CA ASP M 249 -18.40 9.44 10.60
C ASP M 249 -19.62 8.67 10.13
N GLN M 250 -20.05 7.69 10.93
CA GLN M 250 -21.08 6.73 10.54
C GLN M 250 -22.47 7.26 10.85
N GLU M 251 -22.56 8.58 10.97
CA GLU M 251 -23.79 9.33 11.01
C GLU M 251 -23.53 10.64 10.25
N GLY M 252 -22.24 10.96 10.10
CA GLY M 252 -21.79 12.22 9.50
C GLY M 252 -22.08 13.45 10.35
N GLN M 253 -22.50 13.22 11.60
CA GLN M 253 -23.22 14.24 12.38
C GLN M 253 -22.39 15.14 13.27
N ASP M 254 -23.08 16.11 13.90
CA ASP M 254 -22.44 17.03 14.81
C ASP M 254 -22.41 16.42 16.20
N VAL M 255 -21.20 16.12 16.63
CA VAL M 255 -20.95 15.44 17.89
C VAL M 255 -20.35 16.45 18.86
N LEU M 256 -20.74 16.32 20.12
CA LEU M 256 -20.03 16.95 21.22
C LEU M 256 -19.28 15.88 21.98
N LEU M 257 -18.04 16.20 22.32
CA LEU M 257 -17.20 15.34 23.13
C LEU M 257 -16.65 16.13 24.30
N PHE M 258 -17.01 15.69 25.50
CA PHE M 258 -16.54 16.28 26.72
C PHE M 258 -15.65 15.26 27.42
N ILE M 259 -14.48 15.72 27.88
CA ILE M 259 -13.53 14.86 28.61
C ILE M 259 -13.04 15.55 29.89
N ASP M 260 -13.24 14.89 31.02
CA ASP M 260 -12.71 15.30 32.32
C ASP M 260 -12.06 14.04 32.92
N ASN M 261 -10.73 13.93 32.92
CA ASN M 261 -9.78 14.99 32.64
C ASN M 261 -8.59 14.45 31.83
N ILE M 262 -8.34 15.05 30.67
CA ILE M 262 -7.33 14.50 29.74
C ILE M 262 -5.89 14.43 30.28
N PHE M 263 -5.55 15.26 31.27
CA PHE M 263 -4.24 15.17 31.91
C PHE M 263 -3.97 13.77 32.46
N ARG M 264 -5.02 13.13 32.94
CA ARG M 264 -4.92 11.86 33.66
C ARG M 264 -4.44 10.71 32.76
N PHE M 265 -4.66 10.87 31.45
CA PHE M 265 -4.12 10.01 30.40
C PHE M 265 -2.58 10.04 30.36
N THR M 266 -2.04 11.26 30.42
CA THR M 266 -0.58 11.50 30.40
C THR M 266 0.04 11.03 31.73
N GLN M 267 -0.59 11.40 32.83
CA GLN M 267 -0.17 10.93 34.16
C GLN M 267 -0.20 9.39 34.22
N ALA M 268 -1.26 8.75 33.69
CA ALA M 268 -1.31 7.29 33.67
C ALA M 268 -0.14 6.69 32.90
N GLY M 269 0.21 7.30 31.77
CA GLY M 269 1.30 6.83 30.93
C GLY M 269 2.61 6.95 31.66
N SER M 270 2.70 7.97 32.49
CA SER M 270 3.86 8.21 33.32
C SER M 270 4.08 7.04 34.27
N GLU M 271 3.00 6.54 34.86
CA GLU M 271 3.06 5.44 35.82
C GLU M 271 3.57 4.14 35.22
N VAL M 272 3.21 3.84 33.96
CA VAL M 272 3.60 2.55 33.36
C VAL M 272 4.94 2.59 32.62
N SER M 273 5.36 3.82 32.28
CA SER M 273 6.53 4.06 31.44
C SER M 273 7.82 3.56 32.08
N ALA M 274 7.95 3.77 33.39
CA ALA M 274 9.08 3.24 34.15
C ALA M 274 9.07 1.73 34.10
N LEU M 275 7.91 1.16 34.44
CA LEU M 275 7.69 -0.29 34.37
C LEU M 275 7.92 -0.89 32.98
N LEU M 276 7.88 -0.04 31.93
CA LEU M 276 8.13 -0.50 30.56
C LEU M 276 9.62 -0.54 30.22
N GLY M 277 10.42 0.10 31.06
CA GLY M 277 11.86 0.14 30.87
C GLY M 277 12.41 1.31 30.08
N ARG M 278 11.63 2.39 29.94
CA ARG M 278 12.10 3.61 29.28
C ARG M 278 12.98 4.41 30.19
N ILE M 279 14.06 4.97 29.63
CA ILE M 279 14.78 6.06 30.30
C ILE M 279 13.83 7.27 30.43
N PRO M 280 13.65 7.78 31.67
CA PRO M 280 12.74 8.91 31.88
C PRO M 280 13.20 10.20 31.22
N SER M 281 12.23 11.05 30.94
CA SER M 281 12.49 12.34 30.37
C SER M 281 12.34 13.40 31.47
N ALA M 282 12.19 14.66 31.08
CA ALA M 282 12.15 15.76 32.03
C ALA M 282 11.02 15.66 33.06
N VAL M 283 11.33 16.06 34.30
CA VAL M 283 10.39 15.97 35.46
C VAL M 283 9.84 14.55 35.66
N GLY M 284 10.62 13.55 35.27
CA GLY M 284 10.27 12.14 35.44
C GLY M 284 9.22 11.56 34.49
N TYR M 285 8.76 12.36 33.53
CA TYR M 285 7.78 11.85 32.56
C TYR M 285 8.35 10.85 31.54
N GLN M 286 7.43 10.14 30.89
CA GLN M 286 7.72 9.26 29.76
C GLN M 286 8.36 10.05 28.63
N PRO M 287 9.35 9.46 27.93
CA PRO M 287 10.01 10.17 26.83
C PRO M 287 9.10 10.28 25.60
N THR M 288 8.02 9.50 25.60
CA THR M 288 7.04 9.47 24.52
C THR M 288 5.81 10.39 24.80
N LEU M 289 5.94 11.27 25.79
CA LEU M 289 4.81 12.10 26.23
C LEU M 289 4.10 12.82 25.07
N ALA M 290 4.89 13.44 24.21
CA ALA M 290 4.35 14.25 23.11
C ALA M 290 3.78 13.40 21.97
N THR M 291 4.47 12.31 21.59
CA THR M 291 3.90 11.43 20.56
C THR M 291 2.69 10.66 21.06
N ASP M 292 2.71 10.16 22.30
CA ASP M 292 1.52 9.57 22.93
C ASP M 292 0.36 10.55 22.83
N MET M 293 0.58 11.80 23.28
CA MET M 293 -0.46 12.84 23.21
C MET M 293 -0.93 13.09 21.77
N GLY M 294 0.03 13.15 20.84
CA GLY M 294 -0.25 13.45 19.43
C GLY M 294 -1.16 12.42 18.76
N THR M 295 -0.82 11.15 18.90
CA THR M 295 -1.59 10.08 18.28
C THR M 295 -3.01 10.00 18.85
N MET M 296 -3.16 10.43 20.10
CA MET M 296 -4.48 10.49 20.72
C MET M 296 -5.24 11.77 20.35
N GLN M 297 -4.59 12.94 20.44
CA GLN M 297 -5.31 14.22 20.23
C GLN M 297 -5.74 14.39 18.77
N GLU M 298 -4.95 13.88 17.85
CA GLU M 298 -5.21 14.12 16.41
C GLU M 298 -6.42 13.37 15.89
N ARG M 299 -6.92 12.43 16.71
CA ARG M 299 -8.21 11.78 16.43
C ARG M 299 -9.37 12.60 16.98
N ILE M 300 -9.08 13.48 17.94
CA ILE M 300 -10.11 14.33 18.52
C ILE M 300 -10.22 15.54 17.61
N THR M 301 -11.06 15.42 16.58
CA THR M 301 -11.09 16.41 15.52
C THR M 301 -12.33 16.31 14.63
N THR M 302 -12.71 17.47 14.12
CA THR M 302 -13.64 17.63 13.00
C THR M 302 -12.94 17.21 11.71
N THR M 303 -13.67 16.54 10.83
CA THR M 303 -13.19 16.23 9.49
C THR M 303 -14.25 16.67 8.48
N LYS M 304 -13.93 16.54 7.18
CA LYS M 304 -14.88 16.84 6.11
C LYS M 304 -16.14 15.98 6.17
N LYS M 305 -16.08 14.91 6.94
CA LYS M 305 -17.18 13.95 7.05
C LYS M 305 -18.13 14.34 8.18
N GLY M 306 -17.66 15.14 9.12
CA GLY M 306 -18.45 15.46 10.30
C GLY M 306 -17.68 16.25 11.35
N SER M 307 -18.45 16.88 12.23
CA SER M 307 -17.95 17.85 13.16
C SER M 307 -17.93 17.27 14.58
N ILE M 308 -16.79 17.44 15.25
CA ILE M 308 -16.70 17.22 16.70
C ILE M 308 -16.30 18.53 17.38
N THR M 309 -17.20 19.06 18.22
CA THR M 309 -16.85 20.11 19.15
C THR M 309 -16.44 19.44 20.45
N SER M 310 -15.16 19.56 20.78
CA SER M 310 -14.61 18.87 21.94
C SER M 310 -14.20 19.85 23.01
N VAL M 311 -14.51 19.47 24.25
CA VAL M 311 -14.12 20.23 25.42
C VAL M 311 -13.40 19.33 26.39
N GLN M 312 -12.14 19.68 26.65
CA GLN M 312 -11.29 18.87 27.52
C GLN M 312 -10.82 19.67 28.72
N ALA M 313 -11.11 19.15 29.91
CA ALA M 313 -10.57 19.73 31.12
C ALA M 313 -9.14 19.21 31.25
N ILE M 314 -8.23 20.12 31.60
CA ILE M 314 -6.80 19.84 31.63
C ILE M 314 -6.21 20.27 32.99
N TYR M 315 -5.97 19.28 33.83
CA TYR M 315 -5.35 19.50 35.14
C TYR M 315 -3.91 19.99 35.02
N VAL M 316 -3.58 21.00 35.84
CA VAL M 316 -2.25 21.59 35.85
C VAL M 316 -1.50 21.20 37.16
N PRO M 317 -0.51 20.29 37.03
CA PRO M 317 0.27 19.80 38.18
C PRO M 317 1.00 20.92 38.92
N ALA M 318 0.74 21.03 40.22
CA ALA M 318 1.40 22.00 41.09
C ALA M 318 1.27 23.42 40.57
N ASP M 319 0.16 23.69 39.88
CA ASP M 319 -0.15 25.00 39.32
C ASP M 319 0.87 25.47 38.28
N ASP M 320 1.67 24.54 37.78
CA ASP M 320 2.78 24.89 36.92
C ASP M 320 2.37 24.63 35.45
N LEU M 321 2.03 25.69 34.75
CA LEU M 321 1.62 25.61 33.33
C LEU M 321 2.77 25.24 32.40
N THR M 322 4.00 25.36 32.88
CA THR M 322 5.19 24.97 32.10
C THR M 322 5.54 23.49 32.30
N ASP M 323 4.82 22.80 33.18
CA ASP M 323 4.99 21.36 33.35
C ASP M 323 4.77 20.72 31.99
N PRO M 324 5.63 19.73 31.63
CA PRO M 324 5.52 19.04 30.34
C PRO M 324 4.11 18.66 29.91
N ALA M 325 3.26 18.15 30.82
CA ALA M 325 1.91 17.72 30.40
C ALA M 325 1.01 18.85 29.87
N PRO M 326 0.75 19.92 30.67
CA PRO M 326 -0.08 21.01 30.08
C PRO M 326 0.63 21.77 28.98
N ALA M 327 1.96 21.89 29.08
CA ALA M 327 2.72 22.64 28.08
C ALA M 327 2.59 22.03 26.70
N THR M 328 2.51 20.71 26.64
CA THR M 328 2.42 20.04 25.36
C THR M 328 0.99 20.08 24.83
N THR M 329 0.03 20.23 25.74
CA THR M 329 -1.38 20.21 25.39
C THR M 329 -1.82 21.43 24.59
N PHE M 330 -1.20 22.60 24.84
CA PHE M 330 -1.61 23.90 24.24
C PHE M 330 -1.74 23.90 22.70
N ALA M 331 -0.81 23.25 22.01
CA ALA M 331 -0.79 23.26 20.54
C ALA M 331 -1.84 22.34 19.89
N HIS M 332 -2.66 21.69 20.70
CA HIS M 332 -3.74 20.83 20.21
C HIS M 332 -5.09 21.53 20.22
N LEU M 333 -5.11 22.79 20.60
CA LEU M 333 -6.36 23.49 20.86
C LEU M 333 -6.58 24.68 19.95
N ASP M 334 -7.85 24.91 19.61
CA ASP M 334 -8.28 26.12 18.90
C ASP M 334 -8.69 27.24 19.84
N ALA M 335 -9.10 26.87 21.05
CA ALA M 335 -9.48 27.83 22.09
C ALA M 335 -9.03 27.29 23.43
N THR M 336 -8.35 28.14 24.20
CA THR M 336 -7.92 27.74 25.52
C THR M 336 -8.61 28.61 26.57
N THR M 337 -9.08 27.98 27.64
CA THR M 337 -9.61 28.72 28.77
C THR M 337 -8.72 28.38 29.96
N VAL M 338 -7.85 29.33 30.32
CA VAL M 338 -6.87 29.10 31.39
C VAL M 338 -7.34 29.69 32.72
N LEU M 339 -7.69 28.82 33.66
CA LEU M 339 -8.12 29.24 34.99
C LEU M 339 -6.93 29.49 35.91
N SER M 340 -7.06 30.49 36.75
CA SER M 340 -6.00 30.87 37.68
C SER M 340 -6.43 30.75 39.12
N ARG M 341 -5.63 30.08 39.94
CA ARG M 341 -5.89 30.02 41.38
C ARG M 341 -5.98 31.42 42.03
N ALA M 342 -5.05 32.31 41.68
CA ALA M 342 -5.04 33.66 42.29
C ALA M 342 -6.34 34.41 42.00
N ILE M 343 -6.86 34.25 40.79
CA ILE M 343 -8.11 34.87 40.41
C ILE M 343 -9.28 34.26 41.22
N ALA M 344 -9.33 32.93 41.28
CA ALA M 344 -10.34 32.22 42.07
C ALA M 344 -10.32 32.69 43.51
N GLU M 345 -9.12 32.92 44.05
CA GLU M 345 -8.96 33.31 45.45
C GLU M 345 -9.38 34.76 45.71
N LEU M 346 -9.53 35.54 44.64
CA LEU M 346 -10.06 36.90 44.75
C LEU M 346 -11.59 36.91 44.58
N GLY M 347 -12.17 35.72 44.41
CA GLY M 347 -13.61 35.59 44.30
C GLY M 347 -14.15 35.74 42.89
N ILE M 348 -13.24 35.89 41.94
CA ILE M 348 -13.61 36.01 40.53
C ILE M 348 -13.85 34.62 39.95
N TYR M 349 -15.11 34.35 39.60
CA TYR M 349 -15.53 33.09 38.98
C TYR M 349 -16.41 33.38 37.78
N PRO M 350 -16.22 32.63 36.66
CA PRO M 350 -15.22 31.58 36.47
C PRO M 350 -13.85 32.25 36.52
N ALA M 351 -12.84 31.55 37.01
CA ALA M 351 -11.55 32.18 37.33
C ALA M 351 -10.61 32.23 36.12
N VAL M 352 -11.11 32.81 35.03
CA VAL M 352 -10.38 32.81 33.78
C VAL M 352 -9.32 33.90 33.79
N ASP M 353 -8.10 33.52 33.43
CA ASP M 353 -7.06 34.51 33.14
C ASP M 353 -7.33 35.15 31.78
N PRO M 354 -7.67 36.45 31.76
CA PRO M 354 -8.09 37.14 30.53
C PRO M 354 -6.93 37.43 29.58
N LEU M 355 -5.72 37.26 30.10
CA LEU M 355 -4.48 37.52 29.38
C LEU M 355 -3.69 36.24 29.07
N ASP M 356 -4.25 35.08 29.41
CA ASP M 356 -3.58 33.80 29.14
C ASP M 356 -4.53 32.87 28.42
N SER M 357 -5.74 33.35 28.17
CA SER M 357 -6.72 32.59 27.42
C SER M 357 -6.78 33.20 26.02
N THR M 358 -6.71 32.34 25.00
CA THR M 358 -6.63 32.75 23.60
C THR M 358 -7.52 31.88 22.68
N SER M 359 -7.77 32.38 21.47
CA SER M 359 -8.60 31.68 20.50
C SER M 359 -8.13 31.94 19.08
N ARG M 360 -8.18 30.90 18.26
CA ARG M 360 -7.68 30.98 16.90
C ARG M 360 -8.64 31.76 16.01
N ILE M 361 -9.85 32.01 16.52
CA ILE M 361 -10.83 32.79 15.77
C ILE M 361 -11.00 34.24 16.26
N MET M 362 -10.20 34.65 17.25
CA MET M 362 -10.13 36.04 17.64
C MET M 362 -9.41 36.82 16.52
N ASP M 363 -10.22 37.21 15.55
CA ASP M 363 -9.79 37.76 14.26
C ASP M 363 -10.92 38.66 13.74
N PRO M 364 -10.61 39.95 13.42
CA PRO M 364 -11.69 40.87 12.96
C PRO M 364 -12.50 40.37 11.75
N ASN M 365 -11.93 39.49 10.95
CA ASN M 365 -12.62 38.99 9.76
C ASN M 365 -13.59 37.87 10.06
N ILE M 366 -13.52 37.36 11.29
CA ILE M 366 -14.38 36.28 11.75
C ILE M 366 -15.43 36.82 12.74
N VAL M 367 -14.97 37.51 13.78
CA VAL M 367 -15.89 38.03 14.80
C VAL M 367 -16.38 39.45 14.52
N GLY M 368 -15.82 40.12 13.51
CA GLY M 368 -16.14 41.51 13.25
C GLY M 368 -15.20 42.43 13.99
N SER M 369 -15.00 43.63 13.44
CA SER M 369 -14.12 44.65 14.03
C SER M 369 -14.56 45.14 15.42
N GLU M 370 -15.86 45.29 15.63
CA GLU M 370 -16.37 45.74 16.93
C GLU M 370 -16.03 44.76 18.06
N HIS M 371 -16.36 43.49 17.87
CA HIS M 371 -16.00 42.44 18.83
C HIS M 371 -14.49 42.43 19.08
N TYR M 372 -13.71 42.34 18.00
CA TYR M 372 -12.26 42.32 18.08
C TYR M 372 -11.66 43.53 18.82
N ASP M 373 -12.18 44.72 18.56
CA ASP M 373 -11.66 45.97 19.18
C ASP M 373 -11.93 46.08 20.69
N VAL M 374 -13.15 45.76 21.09
CA VAL M 374 -13.52 45.74 22.51
C VAL M 374 -12.63 44.73 23.26
N ALA M 375 -12.51 43.53 22.70
CA ALA M 375 -11.68 42.49 23.29
C ALA M 375 -10.25 42.96 23.47
N ARG M 376 -9.62 43.45 22.40
CA ARG M 376 -8.27 43.99 22.50
C ARG M 376 -8.18 45.19 23.44
N GLY M 377 -9.24 45.99 23.50
CA GLY M 377 -9.31 47.12 24.42
C GLY M 377 -9.37 46.69 25.88
N VAL M 378 -10.11 45.62 26.15
CA VAL M 378 -10.22 45.07 27.50
C VAL M 378 -8.86 44.49 27.93
N GLN M 379 -8.18 43.80 27.03
CA GLN M 379 -6.89 43.21 27.37
C GLN M 379 -5.79 44.26 27.56
N LYS M 380 -5.86 45.34 26.80
CA LYS M 380 -4.89 46.41 26.97
C LYS M 380 -4.97 47.03 28.36
N ILE M 381 -6.17 47.41 28.76
CA ILE M 381 -6.37 48.01 30.07
C ILE M 381 -6.04 47.06 31.24
N LEU M 382 -6.41 45.79 31.08
CA LEU M 382 -6.00 44.75 32.02
C LEU M 382 -4.47 44.56 32.08
N GLN M 383 -3.80 44.56 30.93
CA GLN M 383 -2.33 44.54 30.90
C GLN M 383 -1.71 45.80 31.51
N ASP M 384 -2.28 46.97 31.20
CA ASP M 384 -1.78 48.24 31.75
C ASP M 384 -1.88 48.28 33.28
N TYR M 385 -3.00 47.77 33.80
CA TYR M 385 -3.23 47.65 35.22
C TYR M 385 -2.20 46.72 35.89
N LYS M 386 -1.97 45.57 35.25
CA LYS M 386 -1.05 44.54 35.73
C LYS M 386 0.33 45.13 35.91
N SER M 387 0.78 45.89 34.91
CA SER M 387 2.06 46.60 34.97
C SER M 387 2.17 47.60 36.14
N LEU M 388 1.04 48.15 36.57
CA LEU M 388 1.03 49.13 37.66
C LEU M 388 1.04 48.51 39.07
N GLN M 389 1.08 47.18 39.13
CA GLN M 389 0.79 46.46 40.38
C GLN M 389 1.95 46.26 41.35
N ASP M 390 3.20 46.39 40.88
CA ASP M 390 4.33 46.39 41.81
C ASP M 390 4.40 47.71 42.57
N ILE M 391 4.13 48.82 41.87
CA ILE M 391 4.05 50.15 42.49
C ILE M 391 2.92 50.22 43.53
N ILE M 392 1.73 49.79 43.13
CA ILE M 392 0.55 49.76 44.01
C ILE M 392 0.82 48.91 45.26
N ALA M 393 1.53 47.80 45.07
CA ALA M 393 1.88 46.88 46.15
C ALA M 393 2.64 47.55 47.29
N ILE M 394 3.68 48.32 46.96
CA ILE M 394 4.47 49.02 47.95
C ILE M 394 3.83 50.33 48.40
N LEU M 395 3.56 51.23 47.46
CA LEU M 395 3.11 52.59 47.79
C LEU M 395 1.59 52.84 47.77
N GLY M 396 0.82 51.97 47.11
CA GLY M 396 -0.62 52.11 47.05
C GLY M 396 -1.10 53.11 46.01
N MET M 397 -2.40 53.35 46.01
CA MET M 397 -3.06 54.17 44.98
C MET M 397 -2.62 55.63 44.97
N ASP M 398 -2.45 56.21 46.16
CA ASP M 398 -2.25 57.66 46.28
C ASP M 398 -0.98 58.19 45.61
N GLU M 399 -0.09 57.28 45.24
CA GLU M 399 1.14 57.66 44.55
C GLU M 399 1.03 57.51 43.04
N LEU M 400 -0.16 57.20 42.55
CA LEU M 400 -0.40 57.14 41.11
C LEU M 400 -0.89 58.48 40.59
N SER M 401 -0.57 58.77 39.33
CA SER M 401 -1.13 59.92 38.61
C SER M 401 -2.62 59.70 38.41
N GLU M 402 -3.34 60.77 38.10
CA GLU M 402 -4.79 60.69 37.91
C GLU M 402 -5.16 59.79 36.72
N GLU M 403 -4.32 59.81 35.68
CA GLU M 403 -4.49 58.95 34.51
C GLU M 403 -4.42 57.47 34.88
N ASP M 404 -3.46 57.14 35.74
CA ASP M 404 -3.23 55.77 36.17
C ASP M 404 -4.32 55.26 37.12
N LYS M 405 -4.83 56.16 37.96
CA LYS M 405 -5.94 55.83 38.85
C LYS M 405 -7.15 55.42 38.03
N LEU M 406 -7.34 56.08 36.89
CA LEU M 406 -8.46 55.81 36.00
C LEU M 406 -8.33 54.46 35.31
N THR M 407 -7.12 54.14 34.84
CA THR M 407 -6.88 52.82 34.25
C THR M 407 -7.09 51.75 35.32
N VAL M 408 -6.60 52.01 36.54
CA VAL M 408 -6.81 51.08 37.65
C VAL M 408 -8.30 50.88 37.96
N SER M 409 -9.06 51.98 38.07
CA SER M 409 -10.46 51.87 38.46
C SER M 409 -11.35 51.21 37.40
N ARG M 410 -11.09 51.49 36.13
CA ARG M 410 -11.78 50.82 35.03
C ARG M 410 -11.38 49.35 34.91
N ALA M 411 -10.09 49.09 34.99
CA ALA M 411 -9.57 47.72 34.96
C ALA M 411 -10.23 46.87 36.03
N ARG M 412 -10.38 47.44 37.22
CA ARG M 412 -11.00 46.75 38.34
C ARG M 412 -12.48 46.49 38.10
N LYS M 413 -13.14 47.41 37.40
CA LYS M 413 -14.53 47.23 37.04
C LYS M 413 -14.70 46.17 35.96
N ILE M 414 -13.75 46.14 35.02
CA ILE M 414 -13.72 45.14 33.96
C ILE M 414 -13.48 43.72 34.51
N GLN M 415 -12.47 43.58 35.36
CA GLN M 415 -12.20 42.31 36.06
C GLN M 415 -13.47 41.81 36.70
N ARG M 416 -14.16 42.69 37.40
CA ARG M 416 -15.41 42.32 38.04
C ARG M 416 -16.53 41.98 37.04
N PHE M 417 -16.65 42.73 35.95
CA PHE M 417 -17.70 42.45 34.95
C PHE M 417 -17.45 41.15 34.15
N LEU M 418 -16.23 40.61 34.24
CA LEU M 418 -15.92 39.30 33.63
C LEU M 418 -16.36 38.11 34.52
N SER M 419 -16.64 38.37 35.80
CA SER M 419 -17.17 37.34 36.67
C SER M 419 -18.64 37.08 36.33
N GLN M 420 -19.16 35.92 36.69
CA GLN M 420 -20.50 35.52 36.26
C GLN M 420 -21.07 34.44 37.16
N PRO M 421 -22.37 34.56 37.53
CA PRO M 421 -22.99 33.52 38.32
C PRO M 421 -23.38 32.36 37.41
N PHE M 422 -22.86 31.18 37.70
CA PHE M 422 -23.17 29.97 36.93
C PHE M 422 -24.36 29.25 37.56
N GLN M 423 -25.32 28.83 36.71
CA GLN M 423 -26.41 27.94 37.14
C GLN M 423 -25.91 26.75 37.97
N VAL M 424 -24.81 26.18 37.50
CA VAL M 424 -24.19 25.00 38.10
C VAL M 424 -23.51 25.30 39.46
N ALA M 425 -23.28 26.59 39.74
CA ALA M 425 -22.57 27.01 40.96
C ALA M 425 -23.40 27.82 41.97
N GLU M 426 -24.71 27.77 41.84
CA GLU M 426 -25.63 28.58 42.65
C GLU M 426 -25.44 28.41 44.17
N VAL M 427 -25.05 27.21 44.60
CA VAL M 427 -24.83 26.93 46.03
C VAL M 427 -23.59 27.67 46.54
N PHE M 428 -22.61 27.91 45.67
CA PHE M 428 -21.38 28.56 46.10
C PHE M 428 -21.43 30.08 45.95
N THR M 429 -22.15 30.55 44.94
CA THR M 429 -22.23 31.99 44.69
C THR M 429 -23.32 32.67 45.52
N GLY M 430 -24.41 31.95 45.78
CA GLY M 430 -25.63 32.54 46.34
C GLY M 430 -26.37 33.43 45.34
N HIS M 431 -26.06 33.30 44.05
CA HIS M 431 -26.75 34.04 43.00
C HIS M 431 -27.32 33.08 41.97
N LEU M 432 -28.49 33.44 41.43
CA LEU M 432 -29.08 32.70 40.31
C LEU M 432 -28.17 32.79 39.09
N GLY M 433 -27.97 31.66 38.41
CA GLY M 433 -27.13 31.63 37.22
C GLY M 433 -27.57 32.54 36.08
N LYS M 434 -26.60 33.04 35.32
CA LYS M 434 -26.90 33.95 34.22
C LYS M 434 -26.16 33.57 32.94
N LEU M 435 -26.82 33.82 31.81
CA LEU M 435 -26.29 33.58 30.48
C LEU M 435 -26.48 34.87 29.68
N VAL M 436 -25.36 35.44 29.22
CA VAL M 436 -25.38 36.75 28.53
C VAL M 436 -25.21 36.56 27.02
N PRO M 437 -26.16 37.08 26.22
CA PRO M 437 -25.96 37.04 24.77
C PRO M 437 -24.73 37.85 24.34
N LEU M 438 -24.07 37.40 23.27
CA LEU M 438 -22.81 38.00 22.83
C LEU M 438 -22.85 39.52 22.63
N LYS M 439 -23.87 40.04 21.94
CA LYS M 439 -23.93 41.47 21.65
C LYS M 439 -24.03 42.30 22.93
N GLU M 440 -24.65 41.73 23.96
CA GLU M 440 -24.75 42.39 25.25
C GLU M 440 -23.42 42.42 26.00
N THR M 441 -22.68 41.32 25.91
CA THR M 441 -21.30 41.25 26.41
C THR M 441 -20.43 42.33 25.76
N ILE M 442 -20.44 42.41 24.44
CA ILE M 442 -19.68 43.45 23.71
C ILE M 442 -20.05 44.84 24.24
N LYS M 443 -21.35 45.15 24.22
CA LYS M 443 -21.89 46.43 24.68
C LYS M 443 -21.49 46.79 26.11
N GLY M 444 -21.63 45.84 27.03
CA GLY M 444 -21.24 46.05 28.41
C GLY M 444 -19.78 46.48 28.57
N PHE M 445 -18.86 45.72 27.98
CA PHE M 445 -17.44 46.06 28.10
C PHE M 445 -17.07 47.30 27.28
N GLN M 446 -17.80 47.54 26.20
CA GLN M 446 -17.63 48.71 25.37
C GLN M 446 -17.97 49.98 26.17
N GLN M 447 -19.08 49.92 26.89
CA GLN M 447 -19.56 51.03 27.71
C GLN M 447 -18.64 51.32 28.89
N ILE M 448 -18.09 50.28 29.52
CA ILE M 448 -17.12 50.50 30.62
C ILE M 448 -15.85 51.18 30.10
N LEU M 449 -15.32 50.68 28.98
CA LEU M 449 -14.14 51.27 28.33
C LEU M 449 -14.30 52.75 27.95
N ALA M 450 -15.49 53.12 27.48
CA ALA M 450 -15.78 54.50 27.07
C ALA M 450 -15.95 55.48 28.24
N GLY M 451 -15.83 54.96 29.45
CA GLY M 451 -15.93 55.77 30.66
C GLY M 451 -17.35 55.95 31.16
N GLU M 452 -18.29 55.24 30.55
CA GLU M 452 -19.71 55.43 30.83
C GLU M 452 -20.14 55.13 32.27
N TYR M 453 -19.35 54.32 33.00
CA TYR M 453 -19.69 53.91 34.36
C TYR M 453 -18.62 54.23 35.41
N ASP M 454 -17.82 55.26 35.15
CA ASP M 454 -16.75 55.71 36.04
C ASP M 454 -17.27 56.15 37.41
N HIS M 455 -18.55 56.52 37.47
CA HIS M 455 -19.19 56.97 38.71
C HIS M 455 -19.75 55.84 39.56
N LEU M 456 -19.83 54.63 39.00
CA LEU M 456 -20.37 53.47 39.72
C LEU M 456 -19.29 52.78 40.54
N PRO M 457 -19.68 52.22 41.70
CA PRO M 457 -18.73 51.46 42.53
C PRO M 457 -18.40 50.05 41.99
N GLU M 458 -17.12 49.69 42.07
CA GLU M 458 -16.59 48.37 41.67
C GLU M 458 -17.56 47.23 41.88
N GLN M 459 -18.09 47.16 43.11
CA GLN M 459 -18.81 45.99 43.57
C GLN M 459 -20.10 45.73 42.81
N ALA M 460 -20.59 46.76 42.11
CA ALA M 460 -21.80 46.64 41.31
C ALA M 460 -21.62 45.73 40.09
N PHE M 461 -20.38 45.58 39.64
CA PHE M 461 -20.07 44.80 38.44
C PHE M 461 -19.77 43.33 38.75
N TYR M 462 -19.64 43.04 40.04
CA TYR M 462 -19.30 41.71 40.51
C TYR M 462 -20.52 40.79 40.47
N MET M 463 -20.36 39.62 39.84
CA MET M 463 -21.36 38.55 39.83
C MET M 463 -22.73 38.98 39.33
N VAL M 464 -22.75 39.57 38.15
CA VAL M 464 -24.00 39.97 37.51
C VAL M 464 -24.03 39.35 36.12
N GLY M 465 -25.14 39.56 35.40
CA GLY M 465 -25.25 39.12 34.03
C GLY M 465 -24.91 40.27 33.08
N PRO M 466 -25.95 40.81 32.41
CA PRO M 466 -25.76 41.94 31.50
C PRO M 466 -25.44 43.20 32.28
N ILE M 467 -24.94 44.21 31.58
CA ILE M 467 -24.56 45.49 32.18
C ILE M 467 -25.70 46.17 32.98
N GLU M 468 -26.95 45.98 32.53
CA GLU M 468 -28.12 46.57 33.21
C GLU M 468 -28.31 46.06 34.63
N GLU M 469 -27.75 44.89 34.92
CA GLU M 469 -27.80 44.33 36.25
C GLU M 469 -26.76 44.99 37.13
N ALA M 470 -25.71 45.53 36.51
CA ALA M 470 -24.66 46.24 37.24
C ALA M 470 -25.17 47.61 37.66
N VAL M 471 -25.95 48.25 36.78
CA VAL M 471 -26.55 49.55 37.07
C VAL M 471 -27.58 49.41 38.20
N ALA M 472 -28.38 48.35 38.14
CA ALA M 472 -29.39 48.07 39.16
C ALA M 472 -28.75 47.72 40.51
N LYS M 473 -27.63 47.00 40.48
CA LYS M 473 -26.90 46.68 41.71
C LYS M 473 -26.34 47.96 42.36
N ALA M 474 -25.82 48.86 41.53
CA ALA M 474 -25.30 50.13 42.01
C ALA M 474 -26.41 50.97 42.65
N ASP M 475 -27.60 50.93 42.07
CA ASP M 475 -28.79 51.62 42.57
C ASP M 475 -29.29 51.02 43.89
N LYS M 476 -29.30 49.69 43.96
CA LYS M 476 -29.69 48.96 45.17
C LYS M 476 -28.73 49.25 46.32
N LEU M 477 -27.46 49.47 45.98
CA LEU M 477 -26.44 49.90 46.93
C LEU M 477 -26.62 51.34 47.39
N ALA M 478 -27.34 52.12 46.59
CA ALA M 478 -27.74 53.52 46.90
C ALA M 478 -26.59 54.38 47.43
N ALA N 1 11.09 34.18 39.20
CA ALA N 1 11.33 33.10 38.20
C ALA N 1 12.62 32.35 38.51
N THR N 2 13.75 33.04 38.36
CA THR N 2 15.06 32.43 38.62
C THR N 2 15.66 32.96 39.92
N LEU N 3 16.59 32.20 40.48
CA LEU N 3 17.23 32.56 41.75
C LEU N 3 17.93 33.92 41.69
N LYS N 4 18.50 34.24 40.53
CA LYS N 4 19.20 35.50 40.35
C LYS N 4 18.25 36.71 40.39
N ASP N 5 17.09 36.58 39.74
CA ASP N 5 16.02 37.59 39.81
C ASP N 5 15.60 37.82 41.26
N ILE N 6 15.10 36.74 41.88
CA ILE N 6 14.58 36.76 43.25
C ILE N 6 15.59 37.41 44.20
N THR N 7 16.85 36.97 44.13
CA THR N 7 17.91 37.56 44.94
C THR N 7 18.01 39.09 44.78
N ARG N 8 17.90 39.58 43.56
CA ARG N 8 18.02 41.02 43.31
C ARG N 8 16.76 41.79 43.74
N ARG N 9 15.58 41.20 43.49
CA ARG N 9 14.31 41.77 43.92
C ARG N 9 14.28 41.87 45.44
N LEU N 10 14.74 40.82 46.11
CA LEU N 10 14.85 40.79 47.56
C LEU N 10 15.79 41.87 48.09
N LYS N 11 16.91 42.08 47.40
CA LYS N 11 17.90 43.09 47.81
C LYS N 11 17.29 44.49 47.92
N SER N 12 16.54 44.89 46.89
CA SER N 12 15.95 46.21 46.84
C SER N 12 14.80 46.39 47.83
N ILE N 13 13.87 45.43 47.84
CA ILE N 13 12.72 45.49 48.74
C ILE N 13 13.14 45.49 50.22
N LYS N 14 14.23 44.81 50.55
CA LYS N 14 14.76 44.83 51.92
C LYS N 14 15.32 46.22 52.25
N ASN N 15 15.85 46.90 51.25
CA ASN N 15 16.29 48.29 51.37
C ASN N 15 15.11 49.24 51.52
N ILE N 16 14.09 49.07 50.67
CA ILE N 16 12.86 49.87 50.67
C ILE N 16 12.16 49.85 52.03
N GLN N 17 12.10 48.66 52.63
CA GLN N 17 11.51 48.46 53.95
C GLN N 17 12.16 49.35 55.02
N LYS N 18 13.49 49.36 55.04
CA LYS N 18 14.24 50.10 56.04
C LYS N 18 14.09 51.61 55.85
N ILE N 19 14.18 52.05 54.59
CA ILE N 19 14.04 53.46 54.26
C ILE N 19 12.65 54.00 54.60
N THR N 20 11.61 53.25 54.25
CA THR N 20 10.24 53.66 54.58
C THR N 20 10.01 53.70 56.10
N LYS N 21 10.70 52.80 56.82
CA LYS N 21 10.63 52.72 58.29
C LYS N 21 11.26 53.95 58.94
N SER N 22 12.37 54.40 58.38
CA SER N 22 13.09 55.56 58.90
C SER N 22 12.33 56.85 58.59
N MET N 23 11.77 56.92 57.39
CA MET N 23 10.89 58.01 57.00
C MET N 23 9.65 58.07 57.88
N LYS N 24 9.09 56.91 58.22
CA LYS N 24 7.96 56.85 59.13
C LYS N 24 8.27 57.54 60.46
N MET N 25 9.49 57.32 60.96
CA MET N 25 9.90 57.80 62.27
C MET N 25 10.30 59.28 62.27
N VAL N 26 10.91 59.74 61.18
CA VAL N 26 11.19 61.16 60.98
C VAL N 26 9.88 61.96 60.92
N ALA N 27 8.93 61.47 60.12
CA ALA N 27 7.59 62.06 60.01
C ALA N 27 6.83 62.01 61.34
N ALA N 28 7.05 60.93 62.09
CA ALA N 28 6.47 60.77 63.43
C ALA N 28 6.94 61.86 64.39
N ALA N 29 8.22 62.22 64.30
CA ALA N 29 8.83 63.25 65.13
C ALA N 29 8.29 64.63 64.77
N LYS N 30 8.19 64.91 63.48
CA LYS N 30 7.66 66.18 62.99
C LYS N 30 6.18 66.33 63.33
N TYR N 31 5.44 65.23 63.18
CA TYR N 31 4.01 65.22 63.50
C TYR N 31 3.76 65.53 64.99
N ALA N 32 4.54 64.90 65.87
CA ALA N 32 4.39 65.09 67.31
C ALA N 32 4.60 66.54 67.71
N ARG N 33 5.66 67.15 67.17
CA ARG N 33 5.97 68.56 67.40
C ARG N 33 4.93 69.49 66.74
N ALA N 34 4.33 69.02 65.66
CA ALA N 34 3.30 69.79 64.94
C ALA N 34 1.94 69.76 65.63
N GLU N 35 1.62 68.65 66.28
CA GLU N 35 0.34 68.51 66.98
C GLU N 35 0.32 69.29 68.29
N ARG N 36 1.47 69.33 68.96
CA ARG N 36 1.67 70.12 70.18
C ARG N 36 1.70 71.62 69.90
N GLU N 37 1.84 71.97 68.62
CA GLU N 37 1.97 73.36 68.17
C GLU N 37 0.68 73.86 67.53
N LEU N 38 -0.24 72.94 67.26
CA LEU N 38 -1.52 73.25 66.63
C LEU N 38 -2.59 73.71 67.64
N LYS N 39 -2.42 73.33 68.91
CA LYS N 39 -3.32 73.75 69.98
C LYS N 39 -3.38 75.27 70.19
N PRO N 40 -2.22 75.93 70.40
CA PRO N 40 -2.27 77.39 70.52
C PRO N 40 -2.27 78.06 69.14
N ALA N 41 -2.98 77.46 68.18
CA ALA N 41 -3.08 77.98 66.82
C ALA N 41 -4.49 77.88 66.28
N ARG N 42 -5.26 76.90 66.77
CA ARG N 42 -6.65 76.69 66.34
C ARG N 42 -7.61 77.72 66.93
N VAL N 43 -7.46 77.99 68.22
CA VAL N 43 -8.21 79.06 68.89
C VAL N 43 -7.81 80.42 68.31
N TYR N 44 -6.55 80.53 67.91
CA TYR N 44 -6.01 81.70 67.23
C TYR N 44 -6.60 81.83 65.82
N GLY N 45 -7.01 80.70 65.24
CA GLY N 45 -7.62 80.66 63.92
C GLY N 45 -9.02 81.24 63.85
N VAL N 46 -9.65 81.37 65.01
CA VAL N 46 -10.98 81.98 65.14
C VAL N 46 -10.91 83.49 64.87
N GLY N 47 -9.86 84.13 65.40
CA GLY N 47 -9.64 85.56 65.18
C GLY N 47 -8.53 85.81 64.18
N LEU N 67 -10.50 84.42 44.42
CA LEU N 67 -9.15 83.87 44.34
C LEU N 67 -9.11 82.44 44.88
N ILE N 68 -8.29 81.60 44.23
CA ILE N 68 -8.02 80.23 44.70
C ILE N 68 -6.61 80.15 45.29
N ILE N 69 -6.54 79.87 46.59
CA ILE N 69 -5.25 79.65 47.27
C ILE N 69 -5.14 78.18 47.70
N GLY N 70 -4.10 77.51 47.23
CA GLY N 70 -3.90 76.09 47.54
C GLY N 70 -2.70 75.82 48.43
N VAL N 71 -2.94 75.09 49.52
CA VAL N 71 -1.93 74.85 50.56
C VAL N 71 -1.60 73.36 50.76
N SER N 72 -0.38 72.97 50.41
CA SER N 72 0.14 71.64 50.79
C SER N 72 1.64 71.75 51.15
N SER N 73 2.50 71.22 50.28
CA SER N 73 3.96 71.28 50.45
C SER N 73 4.68 70.90 49.17
N ASP N 74 6.00 70.77 49.27
CA ASP N 74 6.86 70.38 48.15
C ASP N 74 7.03 68.87 48.09
N ARG N 75 6.88 68.23 49.25
CA ARG N 75 7.29 66.85 49.45
C ARG N 75 6.14 65.87 49.33
N GLY N 76 6.31 64.86 48.49
CA GLY N 76 5.33 63.79 48.31
C GLY N 76 5.50 62.65 49.30
N LEU N 77 5.03 61.47 48.90
CA LEU N 77 5.02 60.28 49.75
C LEU N 77 4.20 60.46 51.04
N CYS N 78 3.16 61.29 50.94
CA CYS N 78 2.26 61.56 52.06
C CYS N 78 0.82 61.26 51.65
N GLY N 79 0.64 60.19 50.89
CA GLY N 79 -0.68 59.78 50.43
C GLY N 79 -1.31 60.82 49.51
N ALA N 80 -2.58 61.09 49.76
CA ALA N 80 -3.39 61.97 48.91
C ALA N 80 -3.48 63.43 49.43
N ILE N 81 -2.48 63.85 50.21
CA ILE N 81 -2.42 65.24 50.71
C ILE N 81 -2.49 66.26 49.58
N HIS N 82 -1.60 66.14 48.60
CA HIS N 82 -1.51 67.09 47.50
C HIS N 82 -2.67 66.98 46.51
N SER N 83 -3.03 65.75 46.14
CA SER N 83 -4.15 65.50 45.22
C SER N 83 -5.49 65.94 45.82
N SER N 84 -5.62 65.79 47.14
CA SER N 84 -6.83 66.17 47.86
C SER N 84 -7.23 67.62 47.60
N VAL N 85 -6.28 68.54 47.78
CA VAL N 85 -6.53 69.97 47.59
C VAL N 85 -6.57 70.37 46.12
N ALA N 86 -5.84 69.62 45.28
CA ALA N 86 -5.85 69.84 43.84
C ALA N 86 -7.20 69.49 43.22
N LYS N 87 -7.93 68.59 43.90
CA LYS N 87 -9.28 68.18 43.52
C LYS N 87 -10.26 69.34 43.76
N GLN N 88 -10.09 70.00 44.91
CA GLN N 88 -10.88 71.17 45.28
C GLN N 88 -10.45 72.41 44.50
N MET N 89 -9.27 72.36 43.88
CA MET N 89 -8.68 73.49 43.19
C MET N 89 -9.42 73.88 41.91
N LYS N 90 -9.60 72.92 41.00
CA LYS N 90 -10.21 73.20 39.70
C LYS N 90 -11.57 72.50 39.56
N ILE N 105 -5.22 82.58 41.21
CA ILE N 105 -4.71 81.23 41.37
C ILE N 105 -3.30 81.23 41.97
N ILE N 106 -3.21 80.85 43.25
CA ILE N 106 -1.93 80.85 43.98
C ILE N 106 -1.69 79.53 44.70
N GLY N 107 -0.45 79.04 44.64
CA GLY N 107 -0.07 77.80 45.32
C GLY N 107 1.08 77.97 46.30
N VAL N 108 0.84 77.58 47.55
CA VAL N 108 1.90 77.46 48.54
C VAL N 108 2.20 75.98 48.75
N GLY N 109 3.40 75.59 48.32
CA GLY N 109 3.77 74.19 48.20
C GLY N 109 4.04 73.90 46.74
N ASP N 110 5.25 73.42 46.46
CA ASP N 110 5.70 73.19 45.09
C ASP N 110 4.97 72.07 44.36
N LYS N 111 4.31 71.19 45.11
CA LYS N 111 3.52 70.11 44.52
C LYS N 111 2.20 70.63 43.93
N ILE N 112 1.82 71.85 44.33
CA ILE N 112 0.63 72.50 43.77
C ILE N 112 0.93 73.07 42.37
N ARG N 113 2.09 73.69 42.21
CA ARG N 113 2.49 74.24 40.91
C ARG N 113 2.72 73.15 39.86
N SER N 114 3.25 72.00 40.29
CA SER N 114 3.61 70.90 39.37
C SER N 114 2.40 70.09 38.91
N ILE N 115 1.48 69.79 39.84
CA ILE N 115 0.26 69.05 39.50
C ILE N 115 -0.67 69.89 38.61
N LEU N 116 -0.75 71.19 38.91
CA LEU N 116 -1.54 72.13 38.13
C LEU N 116 -0.69 72.82 37.05
N THR N 127 3.03 80.93 43.53
CA THR N 127 4.13 79.99 43.56
C THR N 127 5.01 80.22 44.79
N PHE N 128 5.07 79.22 45.66
CA PHE N 128 5.94 79.24 46.84
C PHE N 128 6.68 77.93 47.02
N LYS N 129 8.00 78.01 47.20
CA LYS N 129 8.83 76.82 47.36
C LYS N 129 9.42 76.73 48.77
N GLU N 130 10.04 75.59 49.06
CA GLU N 130 10.67 75.28 50.35
C GLU N 130 9.73 75.37 51.55
N VAL N 131 8.49 74.93 51.35
CA VAL N 131 7.50 74.83 52.42
C VAL N 131 7.25 73.38 52.79
N GLY N 132 7.34 73.08 54.09
CA GLY N 132 7.12 71.73 54.61
C GLY N 132 8.27 71.16 55.43
N ARG N 133 9.48 71.23 54.89
CA ARG N 133 10.68 70.65 55.53
C ARG N 133 10.89 71.17 56.94
N ARG N 134 10.64 72.46 57.13
CA ARG N 134 10.72 73.10 58.43
C ARG N 134 9.33 73.61 58.83
N PRO N 135 8.98 73.54 60.14
CA PRO N 135 7.65 73.92 60.62
C PRO N 135 7.29 75.37 60.25
N PRO N 136 6.04 75.60 59.77
CA PRO N 136 5.63 76.92 59.29
C PRO N 136 5.45 77.92 60.43
N THR N 137 5.93 79.14 60.22
CA THR N 137 5.81 80.22 61.22
C THR N 137 4.83 81.30 60.76
N PHE N 138 4.52 82.23 61.66
CA PHE N 138 3.73 83.41 61.30
C PHE N 138 4.50 84.27 60.30
N GLY N 139 5.83 84.28 60.43
CA GLY N 139 6.72 84.90 59.44
C GLY N 139 6.55 84.34 58.04
N ASP N 140 6.28 83.05 57.93
CA ASP N 140 5.97 82.42 56.65
C ASP N 140 4.62 82.90 56.11
N ALA N 141 3.64 83.02 57.00
CA ALA N 141 2.31 83.50 56.63
C ALA N 141 2.33 84.95 56.20
N SER N 142 3.22 85.74 56.82
CA SER N 142 3.37 87.15 56.49
C SER N 142 4.06 87.38 55.14
N VAL N 143 5.09 86.59 54.85
CA VAL N 143 5.81 86.67 53.57
C VAL N 143 4.88 86.39 52.38
N ILE N 144 3.89 85.51 52.61
CA ILE N 144 2.92 85.16 51.57
C ILE N 144 1.90 86.28 51.37
N ALA N 145 1.34 86.77 52.47
CA ALA N 145 0.34 87.85 52.44
C ALA N 145 0.91 89.16 51.87
N LEU N 146 2.19 89.39 52.10
CA LEU N 146 2.92 90.56 51.58
C LEU N 146 2.99 90.53 50.05
N GLU N 147 3.13 89.34 49.49
CA GLU N 147 3.18 89.15 48.04
C GLU N 147 1.81 89.39 47.41
N LEU N 148 0.76 89.18 48.20
CA LEU N 148 -0.62 89.42 47.78
C LEU N 148 -1.16 90.75 48.30
N SER N 159 -10.77 82.22 48.29
CA SER N 159 -10.81 81.04 49.16
C SER N 159 -9.43 80.36 49.33
N ILE N 160 -9.19 79.85 50.54
CA ILE N 160 -7.96 79.12 50.86
C ILE N 160 -8.26 77.63 51.12
N ILE N 161 -7.58 76.75 50.37
CA ILE N 161 -7.82 75.30 50.48
C ILE N 161 -6.65 74.57 51.15
N PHE N 162 -6.96 73.89 52.24
CA PHE N 162 -5.97 73.20 53.07
C PHE N 162 -6.57 71.95 53.71
N ASN N 163 -5.71 71.09 54.27
CA ASN N 163 -6.15 69.87 54.94
C ASN N 163 -6.28 70.06 56.46
N ARG N 164 -7.51 69.90 56.97
CA ARG N 164 -7.76 70.00 58.41
C ARG N 164 -7.53 68.66 59.10
N PHE N 165 -6.63 68.67 60.08
CA PHE N 165 -6.26 67.48 60.85
C PHE N 165 -7.38 67.03 61.79
N ARG N 166 -7.72 65.75 61.72
CA ARG N 166 -8.65 65.13 62.67
C ARG N 166 -7.88 64.18 63.57
N SER N 167 -7.14 63.27 62.95
CA SER N 167 -6.35 62.25 63.63
C SER N 167 -5.15 61.86 62.76
N VAL N 168 -4.33 60.94 63.27
CA VAL N 168 -3.23 60.35 62.49
C VAL N 168 -3.74 59.68 61.21
N ILE N 169 -4.92 59.08 61.30
CA ILE N 169 -5.53 58.30 60.23
C ILE N 169 -6.34 59.16 59.25
N SER N 170 -6.85 60.29 59.71
CA SER N 170 -7.80 61.09 58.92
C SER N 170 -7.48 62.57 58.80
N TYR N 171 -7.92 63.16 57.68
CA TYR N 171 -7.87 64.61 57.45
C TYR N 171 -8.93 65.06 56.44
N LYS N 172 -9.53 66.23 56.69
CA LYS N 172 -10.55 66.77 55.79
C LYS N 172 -10.04 68.00 55.05
N THR N 173 -10.19 67.98 53.72
CA THR N 173 -9.84 69.11 52.87
C THR N 173 -10.84 70.26 53.07
N LEU N 201 -9.00 99.95 59.21
CA LEU N 201 -9.67 98.86 58.50
C LEU N 201 -8.79 98.22 57.44
N ARG N 202 -8.03 99.03 56.70
CA ARG N 202 -7.09 98.51 55.71
C ARG N 202 -5.79 98.09 56.37
N ASN N 203 -5.80 98.08 57.70
CA ASN N 203 -4.72 97.52 58.51
C ASN N 203 -5.21 96.38 59.39
N TYR N 204 -6.53 96.30 59.55
CA TYR N 204 -7.19 95.17 60.21
C TYR N 204 -7.36 94.01 59.22
N GLN N 205 -7.71 94.35 57.98
CA GLN N 205 -7.87 93.36 56.90
C GLN N 205 -6.53 92.70 56.56
N GLU N 206 -5.45 93.46 56.64
CA GLU N 206 -4.09 92.94 56.37
C GLU N 206 -3.63 91.92 57.41
N TYR N 207 -4.08 92.07 58.65
CA TYR N 207 -3.70 91.16 59.73
C TYR N 207 -4.55 89.89 59.75
N SER N 208 -5.87 90.03 59.55
CA SER N 208 -6.77 88.87 59.50
C SER N 208 -6.52 88.00 58.26
N LEU N 209 -5.89 88.58 57.25
CA LEU N 209 -5.43 87.85 56.07
C LEU N 209 -4.27 86.93 56.46
N ALA N 210 -3.23 87.52 57.06
CA ALA N 210 -2.08 86.77 57.55
C ALA N 210 -2.50 85.73 58.60
N ASN N 211 -3.55 86.04 59.34
CA ASN N 211 -4.15 85.12 60.31
C ASN N 211 -4.72 83.84 59.67
N ILE N 212 -5.33 83.98 58.50
CA ILE N 212 -5.90 82.84 57.77
C ILE N 212 -4.82 81.97 57.12
N ILE N 213 -3.79 82.61 56.55
CA ILE N 213 -2.66 81.90 55.93
C ILE N 213 -1.93 81.02 56.96
N TYR N 214 -1.70 81.56 58.16
CA TYR N 214 -1.02 80.86 59.25
C TYR N 214 -1.80 79.64 59.74
N TYR N 215 -3.11 79.80 59.93
CA TYR N 215 -3.97 78.73 60.42
C TYR N 215 -3.98 77.52 59.47
N SER N 216 -4.05 77.80 58.17
CA SER N 216 -4.01 76.75 57.14
C SER N 216 -2.66 76.04 57.14
N LEU N 217 -1.59 76.83 57.28
CA LEU N 217 -0.22 76.35 57.26
C LEU N 217 0.06 75.39 58.42
N LYS N 218 -0.40 75.77 59.61
CA LYS N 218 -0.23 74.98 60.83
C LYS N 218 -1.07 73.71 60.80
N GLU N 219 -2.22 73.77 60.13
CA GLU N 219 -3.08 72.60 59.91
C GLU N 219 -2.49 71.67 58.85
N SER N 220 -2.00 72.29 57.77
CA SER N 220 -1.43 71.58 56.63
C SER N 220 -0.30 70.62 57.03
N THR N 221 0.65 71.10 57.82
CA THR N 221 1.82 70.31 58.20
C THR N 221 1.51 69.19 59.21
N THR N 222 0.55 69.42 60.10
CA THR N 222 0.10 68.37 61.01
C THR N 222 -0.55 67.24 60.20
N SER N 223 -1.42 67.60 59.26
CA SER N 223 -2.05 66.64 58.36
C SER N 223 -1.02 65.91 57.50
N GLU N 224 -0.08 66.67 56.93
CA GLU N 224 0.95 66.15 56.04
C GLU N 224 1.85 65.11 56.73
N GLN N 225 2.38 65.47 57.90
CA GLN N 225 3.37 64.64 58.59
C GLN N 225 2.75 63.37 59.16
N SER N 226 1.50 63.45 59.60
CA SER N 226 0.76 62.29 60.08
C SER N 226 0.39 61.36 58.93
N ALA N 227 0.07 61.94 57.77
CA ALA N 227 -0.23 61.18 56.57
C ALA N 227 1.00 60.51 55.95
N ARG N 228 2.14 61.21 55.98
CA ARG N 228 3.42 60.65 55.52
C ARG N 228 3.87 59.52 56.44
N MET N 229 3.64 59.70 57.74
CA MET N 229 3.90 58.67 58.74
C MET N 229 3.08 57.41 58.44
N THR N 230 1.77 57.59 58.24
CA THR N 230 0.87 56.50 57.91
C THR N 230 1.26 55.84 56.58
N ALA N 231 1.55 56.66 55.57
CA ALA N 231 1.90 56.17 54.25
C ALA N 231 3.13 55.27 54.33
N MET N 232 4.15 55.75 55.04
CA MET N 232 5.41 55.02 55.14
C MET N 232 5.28 53.81 56.04
N ASP N 233 4.44 53.93 57.06
CA ASP N 233 4.10 52.82 57.94
C ASP N 233 3.50 51.70 57.09
N ASN N 234 2.61 52.07 56.18
CA ASN N 234 1.97 51.11 55.29
C ASN N 234 2.95 50.52 54.27
N ALA N 235 3.79 51.36 53.67
CA ALA N 235 4.78 50.93 52.71
C ALA N 235 5.75 49.95 53.36
N SER N 236 6.26 50.32 54.53
CA SER N 236 7.19 49.50 55.30
C SER N 236 6.59 48.12 55.60
N LYS N 237 5.35 48.10 56.06
CA LYS N 237 4.62 46.85 56.30
C LYS N 237 4.40 46.02 55.02
N ASN N 238 4.09 46.68 53.91
CA ASN N 238 3.95 46.01 52.61
C ASN N 238 5.25 45.40 52.10
N ALA N 239 6.33 46.16 52.17
CA ALA N 239 7.67 45.65 51.85
C ALA N 239 7.95 44.39 52.67
N SER N 240 7.70 44.51 53.97
CA SER N 240 7.90 43.43 54.93
C SER N 240 7.19 42.16 54.46
N GLU N 241 5.91 42.29 54.10
CA GLU N 241 5.12 41.17 53.55
C GLU N 241 5.67 40.62 52.23
N MET N 242 6.18 41.51 51.38
CA MET N 242 6.74 41.13 50.08
C MET N 242 8.03 40.32 50.27
N ILE N 243 8.86 40.75 51.22
CA ILE N 243 10.12 40.10 51.54
C ILE N 243 9.86 38.66 51.97
N ASP N 244 8.87 38.50 52.85
CA ASP N 244 8.42 37.20 53.32
C ASP N 244 8.04 36.28 52.16
N LYS N 245 7.17 36.78 51.29
CA LYS N 245 6.63 36.03 50.17
C LYS N 245 7.72 35.62 49.17
N LEU N 246 8.58 36.58 48.81
CA LEU N 246 9.70 36.31 47.90
C LEU N 246 10.74 35.36 48.49
N THR N 247 10.90 35.38 49.81
CA THR N 247 11.81 34.49 50.49
C THR N 247 11.34 33.03 50.40
N LEU N 248 10.03 32.82 50.54
CA LEU N 248 9.46 31.47 50.42
C LEU N 248 9.55 30.99 48.99
N THR N 249 9.32 31.89 48.04
CA THR N 249 9.49 31.60 46.62
C THR N 249 10.95 31.26 46.35
N PHE N 250 11.86 32.01 46.94
CA PHE N 250 13.29 31.74 46.78
C PHE N 250 13.59 30.30 47.17
N ASN N 251 13.10 29.89 48.34
CA ASN N 251 13.44 28.59 48.87
C ASN N 251 12.75 27.43 48.15
N ARG N 252 11.54 27.68 47.63
CA ARG N 252 10.89 26.68 46.80
C ARG N 252 11.66 26.49 45.50
N THR N 253 12.09 27.59 44.90
CA THR N 253 12.93 27.52 43.70
C THR N 253 14.30 26.87 43.97
N ARG N 254 14.94 27.25 45.08
CA ARG N 254 16.24 26.70 45.48
C ARG N 254 16.17 25.17 45.57
N GLN N 255 15.14 24.65 46.23
CA GLN N 255 15.05 23.22 46.45
C GLN N 255 14.77 22.49 45.13
N ALA N 256 13.97 23.12 44.28
CA ALA N 256 13.65 22.55 42.95
C ALA N 256 14.92 22.43 42.10
N VAL N 257 15.72 23.49 42.10
CA VAL N 257 16.98 23.54 41.34
C VAL N 257 17.93 22.42 41.75
N ILE N 258 18.08 22.20 43.05
CA ILE N 258 19.01 21.18 43.55
C ILE N 258 18.48 19.80 43.16
N THR N 259 17.18 19.59 43.37
CA THR N 259 16.56 18.31 42.99
C THR N 259 16.66 18.02 41.49
N LYS N 260 16.28 19.01 40.67
CA LYS N 260 16.36 18.90 39.20
C LYS N 260 17.77 18.50 38.74
N GLU N 261 18.77 19.23 39.23
CA GLU N 261 20.18 18.98 38.89
C GLU N 261 20.59 17.56 39.20
N LEU N 262 20.05 17.05 40.30
CA LEU N 262 20.36 15.73 40.79
C LEU N 262 19.69 14.64 39.97
N ILE N 263 18.42 14.82 39.63
CA ILE N 263 17.71 13.89 38.75
C ILE N 263 18.39 13.79 37.40
N GLU N 264 18.86 14.91 36.85
CA GLU N 264 19.61 14.86 35.59
C GLU N 264 20.87 13.99 35.72
N ILE N 265 21.58 14.14 36.85
CA ILE N 265 22.81 13.39 37.08
C ILE N 265 22.48 11.91 37.21
N ILE N 266 21.46 11.61 38.00
CA ILE N 266 20.98 10.23 38.26
C ILE N 266 20.46 9.52 37.01
N SER N 267 19.71 10.26 36.17
CA SER N 267 19.20 9.73 34.92
C SER N 267 20.33 9.44 33.95
N GLY N 268 21.29 10.36 33.89
CA GLY N 268 22.47 10.18 33.05
C GLY N 268 23.24 8.95 33.47
N ALA N 269 23.40 8.78 34.79
CA ALA N 269 24.18 7.68 35.35
C ALA N 269 23.51 6.33 35.16
N ALA N 270 22.20 6.27 35.41
CA ALA N 270 21.47 4.98 35.37
C ALA N 270 21.29 4.48 33.95
N ALA N 271 21.43 5.38 32.98
CA ALA N 271 21.27 5.04 31.57
C ALA N 271 22.52 4.41 30.97
N LEU N 272 23.60 4.36 31.74
CA LEU N 272 24.84 3.72 31.31
C LEU N 272 24.74 2.18 31.38
#